data_9B9G
#
_entry.id   9B9G
#
_cell.length_a   1.00
_cell.length_b   1.00
_cell.length_c   1.00
_cell.angle_alpha   90.00
_cell.angle_beta   90.00
_cell.angle_gamma   90.00
#
_symmetry.space_group_name_H-M   'P 1'
#
loop_
_entity.id
_entity.type
_entity.pdbx_description
1 polymer 'Phosphatidylinositol 4-kinase alpha'
2 polymer 'Tetratricopeptide repeat protein 7B'
3 polymer Hyccin
4 polymer 'Calcineurin subunit B type 1'
5 polymer 'Protein phosphatase 3 catalytic subunit alpha'
6 non-polymer 'CALCIUM ION'
#
loop_
_entity_poly.entity_id
_entity_poly.type
_entity_poly.pdbx_seq_one_letter_code
_entity_poly.pdbx_strand_id
1 'polypeptide(L)'
;MAAAPARGGGGGGGGGGGCSGSGSSASRGFYFNTVLSLARSLAVQRPASLEKVQKLLCMCPVDFHGIFQLDERRRDAVIA
LGIFLIESDLQHKDCVVPYLLRLLKGLPKVYWVEESTARKGRGALPVAESFSFCLVTLLSDVAYRDPSLRDEILEVLLQV
LHVLLGMCQALEIQDKEYLCKYAIPCLIGISRAFGRYSNMEESLLSKLFPKIPPHSLRVLEELEGVRRRSFNDFRSILPS
NLLTVCQEGTLKRKTSSVSSISQVSPERGMPPPSSPGGSAFHYFEASCLPDGTALEPEYYFSTISSSFSVSPLFNGVTYK
EFNIPLEMLRELLNLVKKIVEEAVLKSLDAIVASVMEANPSADLYYTSFSDPLYLTMFKMLRDTLYYMKDLPTSFVKEIH
DFVLEQFNTSQGELQKILHDADRIHNELSPLKLRCQANAACVDLMVWAVKDEQGAENLCIKLSEKLQSKTSSKVIIAHLP
LLICCLQGLGRLCERFPVVVHSVTPSLRDFLVIPSPVLVKLYKYHSQYHTVAGNDIKISVTNEHSESTLNVMSGKKSQPS
MYEQLRDIAIDNICRCLKAGLTVDPVIVEAFLASLSNRLYISQESDKDAHLIPDHTIRALGHIAVALRDTPKVMEPILQI
LQQKFCQPPSPLDVLIIDQLGCLVITGNQYIYQEVWNLFQQISVKASSVVYSATKDYKDHGYRHCSLAVINALANIAANI
QDEHLVDELLMNLLELFVQLGLEGKRASERASEKGPALKASSSAGNLGVLIPVIAVLTRRLPPIKEAKPRLQKLFRDFWL
YSVLMGFAVEGSGLWPEEWYEGVCEIATKSPLLTFPSKEPLRSVLQYNSAMKNDTVTPAELSELRSTIINLLDPPPEVSA
LINKLDFAMSTYLLSVYRLEYMRVLRSTDPDRFQVMFCYFEDKAIQKDKSGMMQCVIAVADKVFDAFLNMMADKAKTKEN
EEELERHAQFLLVNFNHIHKRIRRVADKYLSGLVDKFPHLLWSGTVLKTMLDILQTLSLSLSADIHKDQPYYDIPDAPYR
ITVPDTYEARESIVKDFAARCGMILQEAMKWAPTVTKSHLQEYLNKHQNWVSGLSQHTGLAMATESILHFAGYNKQNTTL
GATQLSERPACVKKDYSNFMASLNLRNRYAGEVYGMIRFSGTTGQMSDLNKMMVQDLHSALDRSHPQHYTQAMFKLTAML
ISSKDCDPQLLHHLCWGPLRMFNEHGMETALACWEWLLAGKDGVEVPFMREMAGAWHMTVEQKFGLFSAEIKEADPLAAS
EASQPKPCPPEVTPHYIWIDFLVQRFEIAKYCSSDQVEIFSSLLQRSMSLNIGGAKGSMNRHVAAIGPRFKLLTLGLSLL
HADVVPNATIRNVLREKIYSTAFDYFSCPPKFPTQGEKRLREDISIMIKFWTAMFSDKKYLTASQLVPPDNQDTRSNLDI
TVGSRQQATQGWINTYPLSSGMSTISKKSGMSKKTNRGSQLHKYYMKRRTLLLSLLATEIERLITWYNPLSAPELELDQA
GENSVANWRSKYISLSEKQWKDNVNLAWSISPYLAVQLPARFKNTEAIGNEVTRLVRLDPGAVSDVPEAIKFLVTWHTID
ADAPELSHVLCWAPTDPPTGLSYFSSMYPPHPLTAQYGVKVLRSFPPDAILFYIPQIVQALRYDKMGYVREYILWAASKS
QLLAHQFIWNMKTNIYLDEEGHQKDPDIGDLLDQLVEEITGSLSGPAKDFYQREFDFFNKITNVSAIIKPYPKGDERKKA
CLSALSEVKVQPGCYLPSNPEAIVLDIDYKSGTPMQSAAKAPYLAKFKVKRCGVSELEKEGLRCRSDSEDECSTQEADGQ
KISWQAAIFKVGDDCRQDMLALQIIDLFKNIFQLVGLDLFVFPYRVVATAPGCGVIECIPDCTSRDQLGRQTDFGMYDYF
TRQYGDESTLAFQQARYNFIRSMAAYSLLLFLLQIKDRHNGNIMLDKKGHIIHIDFGFMFESSPGGNLGWEPDIKLTDEM
VMIMGGKMEATPFKWFMEMCVRGYLAVRPYMDAVVSLVTLMLDTGLPCFRGQTIKLLKHRFSPNMTEREAANFIMKVIQS
CFLSNRSRTYDMIQYYQNDIPY
;
A,B
2 'polypeptide(L)'
;MATKKAGSRLETEIERCRSECQWERIPELVKQLSAKLIANDDMAELLLGESKLEQYLKEHPLRQGASPRGPKPQLTEVRK
HLTAALDRGNLKSEFLQESNLIMAKLNYVEGDYKEALNIYARVGLDDLPLTAVPPYRLRVIAEAYATKGLCLEKLPISSS
TSNLHVDREQDVITCYEKAGDIALLYLQEIERVILSNIQNRSPKPGPAPHDQELGFFLETGLQRAHVLYFKNGNLTRGVG
RFRELLRAVETRTTQNLRMTIARQLAEILLRGMCEQSYWNPLEDPPCQSPLDDPLRKGANTKTYTLTRRARVYSGENIFC
PQENTEEALLLLLISESMANRDAVLSRIPEHKSDRLISLQSASVVYDLLTIALGRRGQYEMLSECLERAMKFAFEEFHLW
YQFALSLMAAGKSARAVKVLKECIRLKPDDATIPLLAAKLCMGSLHWLEEAEKFAKTVVDVGEKTSEFKAKGYLALGLTY
SLQATDASLRGMQEVLQRKALLAFQRAHSLSPTDHQAAFYLALQLAISRQIPEALGYVRQALQLQGDDANSLHLLALLLS
AQKHYHDALNIIDMALSEYPENFILLFSKVKLQSLCRGPDEALLTCKHMLQIWKSCYNLTNPSDSGRGSSLLDRTIADRR
QLNTITLPDFSDPETGSVHATSVAASRVEQALSEVASSLQSSAPKQGPLHPWMTLAQIWLHAAEVYIGIGKPAEATACTQ
EAANLFPMSHNVLYMRGQIAELRGSMDEARRWYEEALAISPTHVKSMQRLALILHQLGRYSLAEKILRDAVQVNSTAHEV
WNGLGEVLQAQGNDAAATECFLTALELEASSPAVPFTIIPRVL
;
D,F
3 'polypeptide(L)'
;MFTSEKGVVEEWLSEFKTLPETSLPNYATNLKDKSSLVSSLYKVIQEPQSELLEPVCHQLFEFYRSGEEQLLQFTLQFLP
ELIWCYLAVSASRNVHSSGCIEALLLGVYNLEIVDKQGHTKVLSFTIPSLSKPSVYHEPSSIGSMALTESALSQHGLSKV
VYSGPHPQREMLTAQNRFEVLTFLLLCYNAALTYMPSVSLQSLCQICSRICVCGYPRQHVRKYKGISSRIPVSSGFMVQM
LTGIYFAFYNGEWDLAQKALDDIIYRAQLELYPEPLLVANAIKASLPHGPMKSNKEGTRCIQVEITPT
;
E,G
4 'polypeptide(L)'
;MGNEASYPLEMCSHFDADEIKRLGKRFKKLDLDNSGSLSVEEFMSLPELQQNPLVQRVIDIFDTDGNGEVDFKEFIEGVS
QFSVKGDKEQKLRFAFRIYDMDKDGYISNGELFQVLKMMVGNNLKDTQLQQIVDKTIINADKDGDGRISFEEFCAVVGGL
DIHKKMVVDV
;
H,J
5 'polypeptide(L)'
;SEPKAIDPKLSTTDRVVKAVPFPPSHRLTAKEVFDNDGKPRVDILKAHLMKEGRLEESVALRIITEGASILRQEKNLLDI
DAPVTVCGDIHGQFFDLMKLFEVGGSPANTRYLFLGDYVDRGYFSIECVLYLWALKILYPKTLFLLRGNHECRHLTEYFT
FKQECKIKYSERVYDACMDAFDCLPLAALMNQQFLCVHGGLSPEINTLDDIRKLDRFKEPPAYGPMCDILWSDPPENFGN
EKTQEHFTHNTVRGCSYFYSYPAVCEFLQHNNLLSILRAHEAQDAGYRMYRKSQTTGFPSLITIFSAPNYLDVYNNKAAV
LKYENNVMNIRQFNCSPHPYWLPNFMDVFTWSLPFVGEKVTEMLVNVLNICSDDELGSEEDGFDGATAAAFKQECKIKYS
ERVYDACMDAFDCLPLAALMNQQFLCVHGGLSPEINTLDDIRKLDRFKEPPAYGPMCDILWSDPPEDFGNEKTQEHFTHN
TVRGCSYFYSYPAVCEFLQHNNLLSILRAHEAQDAGYRMYRKSQTTGFPSLITIFSAPNYLDVYNNKAAVLKYENNVMNI
RQFNCSPHPYWLPNFMDVFTWSLPFVGEKVTEMLVNVLNICSDDELGSEEDGFDGATAAA
;
I,K
#
loop_
_chem_comp.id
_chem_comp.type
_chem_comp.name
_chem_comp.formula
CA non-polymer 'CALCIUM ION' 'Ca 2'
#
# COMPACT_ATOMS: atom_id res chain seq x y z
N SER A 27 -14.31 -58.76 -21.12
CA SER A 27 -15.01 -60.02 -20.85
C SER A 27 -14.77 -60.48 -19.42
N ARG A 28 -13.94 -59.73 -18.69
CA ARG A 28 -13.67 -60.06 -17.29
C ARG A 28 -14.95 -59.96 -16.45
N GLY A 29 -15.76 -58.94 -16.70
CA GLY A 29 -16.97 -58.69 -15.95
C GLY A 29 -16.94 -57.33 -15.27
N PHE A 30 -17.60 -57.26 -14.12
CA PHE A 30 -17.58 -56.06 -13.29
C PHE A 30 -17.00 -56.32 -11.91
N TYR A 31 -17.45 -57.38 -11.23
CA TYR A 31 -16.96 -57.69 -9.90
C TYR A 31 -15.46 -57.98 -9.92
N PHE A 32 -15.02 -58.81 -10.85
CA PHE A 32 -13.60 -59.15 -10.94
C PHE A 32 -12.76 -57.91 -11.22
N ASN A 33 -13.20 -57.07 -12.17
CA ASN A 33 -12.42 -55.91 -12.54
C ASN A 33 -12.31 -54.91 -11.40
N THR A 34 -13.40 -54.65 -10.69
CA THR A 34 -13.34 -53.69 -9.60
C THR A 34 -12.55 -54.25 -8.41
N VAL A 35 -12.64 -55.56 -8.18
CA VAL A 35 -11.83 -56.16 -7.11
C VAL A 35 -10.34 -56.04 -7.43
N LEU A 36 -9.97 -56.32 -8.69
CA LEU A 36 -8.58 -56.17 -9.08
C LEU A 36 -8.12 -54.72 -9.00
N SER A 37 -8.99 -53.79 -9.38
CA SER A 37 -8.65 -52.37 -9.27
C SER A 37 -8.42 -51.97 -7.82
N LEU A 38 -9.29 -52.45 -6.92
CA LEU A 38 -9.11 -52.16 -5.50
C LEU A 38 -7.81 -52.72 -4.98
N ALA A 39 -7.49 -53.96 -5.35
CA ALA A 39 -6.26 -54.58 -4.89
C ALA A 39 -5.04 -53.83 -5.40
N ARG A 40 -5.05 -53.45 -6.68
CA ARG A 40 -3.90 -52.77 -7.26
C ARG A 40 -3.74 -51.36 -6.70
N SER A 41 -4.85 -50.68 -6.39
CA SER A 41 -4.76 -49.39 -5.73
C SER A 41 -4.26 -49.53 -4.30
N LEU A 42 -4.61 -50.64 -3.63
CA LEU A 42 -4.10 -50.89 -2.29
C LEU A 42 -2.59 -51.14 -2.31
N ALA A 43 -2.11 -51.92 -3.27
CA ALA A 43 -0.70 -52.30 -3.30
C ALA A 43 0.24 -51.14 -3.55
N VAL A 44 -0.25 -50.00 -4.05
CA VAL A 44 0.62 -48.87 -4.33
C VAL A 44 0.74 -47.92 -3.14
N GLN A 45 -0.16 -48.02 -2.16
CA GLN A 45 -0.15 -47.13 -0.99
C GLN A 45 0.74 -47.77 0.07
N ARG A 46 1.97 -47.28 0.19
CA ARG A 46 2.95 -47.84 1.12
C ARG A 46 3.30 -46.80 2.18
N PRO A 47 3.05 -47.08 3.47
CA PRO A 47 2.43 -48.33 3.94
C PRO A 47 0.91 -48.32 3.83
N ALA A 48 0.32 -49.50 3.78
CA ALA A 48 -1.13 -49.65 3.73
C ALA A 48 -1.65 -50.09 5.09
N SER A 49 -2.78 -49.51 5.49
CA SER A 49 -3.35 -49.83 6.80
C SER A 49 -3.76 -51.30 6.86
N LEU A 50 -3.56 -51.91 8.03
CA LEU A 50 -3.79 -53.34 8.16
C LEU A 50 -5.27 -53.70 8.09
N GLU A 51 -6.16 -52.77 8.49
CA GLU A 51 -7.58 -53.09 8.51
C GLU A 51 -8.14 -53.33 7.10
N LYS A 52 -7.62 -52.65 6.08
CA LYS A 52 -8.05 -52.92 4.73
C LYS A 52 -7.68 -54.34 4.30
N VAL A 53 -6.46 -54.78 4.62
CA VAL A 53 -6.07 -56.14 4.31
C VAL A 53 -6.89 -57.14 5.12
N GLN A 54 -7.24 -56.79 6.35
CA GLN A 54 -8.12 -57.65 7.14
C GLN A 54 -9.48 -57.79 6.47
N LYS A 55 -10.02 -56.70 5.94
CA LYS A 55 -11.25 -56.77 5.16
C LYS A 55 -11.08 -57.69 3.96
N LEU A 56 -9.99 -57.49 3.21
CA LEU A 56 -9.73 -58.32 2.03
C LEU A 56 -9.72 -59.79 2.39
N LEU A 57 -9.10 -60.15 3.51
CA LEU A 57 -9.19 -61.52 3.99
C LEU A 57 -10.59 -61.88 4.43
N CYS A 58 -11.38 -60.89 4.87
CA CYS A 58 -12.75 -61.17 5.27
C CYS A 58 -13.61 -61.63 4.09
N MET A 59 -13.48 -61.00 2.92
CA MET A 59 -14.19 -61.62 1.80
C MET A 59 -13.48 -62.87 1.29
N CYS A 60 -12.24 -63.11 1.68
CA CYS A 60 -11.60 -64.39 1.36
C CYS A 60 -12.27 -65.51 2.15
N PRO A 61 -12.24 -66.73 1.64
CA PRO A 61 -12.91 -67.84 2.32
C PRO A 61 -12.30 -68.14 3.68
N VAL A 62 -13.03 -68.92 4.48
CA VAL A 62 -12.62 -69.31 5.82
C VAL A 62 -12.76 -70.83 5.94
N ASP A 63 -12.19 -71.36 7.01
CA ASP A 63 -12.16 -72.81 7.22
C ASP A 63 -13.44 -73.30 7.86
N PHE A 64 -13.93 -74.44 7.39
CA PHE A 64 -15.11 -75.11 7.96
C PHE A 64 -14.71 -76.54 8.31
N HIS A 65 -14.41 -76.79 9.58
CA HIS A 65 -14.07 -78.11 10.12
C HIS A 65 -12.94 -78.79 9.36
N GLY A 66 -12.10 -78.02 8.66
CA GLY A 66 -11.07 -78.59 7.82
C GLY A 66 -11.48 -78.87 6.39
N ILE A 67 -12.75 -78.65 6.05
CA ILE A 67 -13.26 -78.87 4.71
C ILE A 67 -13.67 -77.52 4.14
N PHE A 68 -13.11 -77.17 3.00
CA PHE A 68 -13.35 -75.88 2.37
C PHE A 68 -14.39 -76.00 1.26
N GLN A 69 -14.89 -74.85 0.82
CA GLN A 69 -15.78 -74.74 -0.33
C GLN A 69 -15.22 -73.68 -1.26
N LEU A 70 -15.62 -73.77 -2.54
CA LEU A 70 -15.08 -72.84 -3.53
C LEU A 70 -16.14 -72.49 -4.56
N ASP A 71 -16.25 -71.20 -4.86
CA ASP A 71 -17.00 -70.68 -5.99
C ASP A 71 -16.12 -69.68 -6.73
N GLU A 72 -16.67 -69.11 -7.81
CA GLU A 72 -15.87 -68.22 -8.65
C GLU A 72 -15.41 -66.98 -7.88
N ARG A 73 -16.31 -66.40 -7.08
CA ARG A 73 -15.98 -65.16 -6.38
C ARG A 73 -14.89 -65.37 -5.34
N ARG A 74 -14.93 -66.49 -4.61
CA ARG A 74 -13.89 -66.76 -3.62
C ARG A 74 -12.53 -66.96 -4.28
N ARG A 75 -12.50 -67.68 -5.41
CA ARG A 75 -11.26 -67.83 -6.15
C ARG A 75 -10.74 -66.48 -6.63
N ASP A 76 -11.64 -65.62 -7.11
CA ASP A 76 -11.22 -64.29 -7.55
C ASP A 76 -10.65 -63.49 -6.39
N ALA A 77 -11.27 -63.58 -5.21
CA ALA A 77 -10.76 -62.88 -4.05
C ALA A 77 -9.37 -63.39 -3.66
N VAL A 78 -9.17 -64.71 -3.69
CA VAL A 78 -7.87 -65.28 -3.37
C VAL A 78 -6.82 -64.79 -4.36
N ILE A 79 -7.17 -64.78 -5.65
CA ILE A 79 -6.23 -64.33 -6.66
C ILE A 79 -5.88 -62.86 -6.45
N ALA A 80 -6.89 -62.03 -6.15
CA ALA A 80 -6.65 -60.60 -5.95
C ALA A 80 -5.77 -60.36 -4.74
N LEU A 81 -6.01 -61.09 -3.64
CA LEU A 81 -5.12 -60.99 -2.48
C LEU A 81 -3.71 -61.38 -2.84
N GLY A 82 -3.56 -62.43 -3.66
CA GLY A 82 -2.23 -62.84 -4.09
C GLY A 82 -1.51 -61.76 -4.88
N ILE A 83 -2.22 -61.12 -5.83
CA ILE A 83 -1.60 -60.06 -6.61
C ILE A 83 -1.24 -58.88 -5.72
N PHE A 84 -2.11 -58.55 -4.76
CA PHE A 84 -1.80 -57.45 -3.85
C PHE A 84 -0.54 -57.75 -3.04
N LEU A 85 -0.43 -58.97 -2.52
CA LEU A 85 0.76 -59.35 -1.76
C LEU A 85 2.00 -59.31 -2.64
N ILE A 86 1.88 -59.74 -3.89
CA ILE A 86 3.02 -59.75 -4.80
C ILE A 86 3.50 -58.33 -5.07
N GLU A 87 2.57 -57.42 -5.37
CA GLU A 87 2.95 -56.05 -5.71
C GLU A 87 3.21 -55.18 -4.50
N SER A 88 2.88 -55.64 -3.29
CA SER A 88 2.97 -54.81 -2.10
C SER A 88 4.39 -54.67 -1.56
N ASP A 89 5.40 -55.04 -2.34
CA ASP A 89 6.80 -55.01 -1.89
C ASP A 89 7.00 -55.86 -0.64
N LEU A 90 6.28 -56.98 -0.56
CA LEU A 90 6.38 -57.93 0.54
C LEU A 90 6.09 -57.26 1.89
N GLN A 91 4.84 -56.81 2.02
CA GLN A 91 4.36 -56.19 3.25
C GLN A 91 3.30 -57.06 3.91
N HIS A 92 3.38 -57.15 5.24
CA HIS A 92 2.40 -57.88 6.05
C HIS A 92 2.27 -59.34 5.61
N LYS A 93 3.40 -59.96 5.26
CA LYS A 93 3.38 -61.37 4.88
C LYS A 93 3.08 -62.26 6.08
N ASP A 94 3.40 -61.80 7.29
CA ASP A 94 3.23 -62.62 8.49
C ASP A 94 1.77 -63.01 8.71
N CYS A 95 0.83 -62.24 8.15
CA CYS A 95 -0.59 -62.54 8.32
C CYS A 95 -1.15 -63.35 7.16
N VAL A 96 -0.71 -63.07 5.93
CA VAL A 96 -1.30 -63.72 4.77
C VAL A 96 -0.68 -65.09 4.52
N VAL A 97 0.66 -65.18 4.64
CA VAL A 97 1.34 -66.45 4.32
C VAL A 97 0.81 -67.62 5.13
N PRO A 98 0.58 -67.51 6.45
CA PRO A 98 -0.06 -68.63 7.16
C PRO A 98 -1.43 -69.00 6.61
N TYR A 99 -2.22 -68.01 6.21
CA TYR A 99 -3.52 -68.31 5.60
C TYR A 99 -3.32 -69.12 4.32
N LEU A 100 -2.35 -68.73 3.49
CA LEU A 100 -2.10 -69.44 2.24
C LEU A 100 -1.61 -70.87 2.50
N LEU A 101 -0.72 -71.08 3.48
CA LEU A 101 -0.23 -72.43 3.63
C LEU A 101 -1.29 -73.33 4.27
N ARG A 102 -2.13 -72.77 5.15
CA ARG A 102 -3.27 -73.55 5.63
C ARG A 102 -4.21 -73.92 4.49
N LEU A 103 -4.46 -72.98 3.58
CA LEU A 103 -5.32 -73.26 2.44
C LEU A 103 -4.73 -74.36 1.55
N LEU A 104 -3.44 -74.28 1.26
CA LEU A 104 -2.84 -75.32 0.43
C LEU A 104 -2.80 -76.66 1.16
N LYS A 105 -2.65 -76.65 2.48
CA LYS A 105 -2.73 -77.89 3.23
C LYS A 105 -4.13 -78.51 3.15
N GLY A 106 -5.17 -77.67 3.22
CA GLY A 106 -6.53 -78.14 3.08
C GLY A 106 -6.99 -78.38 1.66
N LEU A 107 -6.17 -78.03 0.68
CA LEU A 107 -6.53 -78.19 -0.72
C LEU A 107 -7.01 -79.58 -1.12
N PRO A 108 -6.38 -80.69 -0.72
CA PRO A 108 -6.78 -82.00 -1.28
C PRO A 108 -8.24 -82.35 -1.07
N LYS A 109 -8.89 -81.83 -0.03
CA LYS A 109 -10.30 -82.12 0.22
C LYS A 109 -11.16 -80.87 0.14
N VAL A 110 -10.84 -79.97 -0.81
CA VAL A 110 -11.62 -78.76 -1.01
C VAL A 110 -12.81 -79.08 -1.91
N TYR A 111 -14.01 -78.74 -1.44
CA TYR A 111 -15.22 -78.99 -2.22
C TYR A 111 -15.26 -78.09 -3.45
N TRP A 112 -15.66 -78.66 -4.58
CA TRP A 112 -15.79 -77.94 -5.83
C TRP A 112 -17.25 -77.79 -6.18
N VAL A 113 -17.66 -76.56 -6.50
CA VAL A 113 -19.04 -76.28 -6.86
C VAL A 113 -19.14 -75.91 -8.33
N LEU A 125 -10.68 -76.66 -20.33
CA LEU A 125 -9.72 -76.95 -19.27
C LEU A 125 -10.40 -76.95 -17.90
N PRO A 126 -10.04 -77.93 -17.06
CA PRO A 126 -10.59 -77.95 -15.70
C PRO A 126 -10.19 -76.70 -14.92
N VAL A 127 -11.08 -76.27 -14.04
CA VAL A 127 -10.82 -75.08 -13.23
C VAL A 127 -9.78 -75.37 -12.15
N ALA A 128 -9.80 -76.59 -11.60
CA ALA A 128 -8.92 -76.92 -10.49
C ALA A 128 -7.45 -76.82 -10.89
N GLU A 129 -7.10 -77.35 -12.06
CA GLU A 129 -5.70 -77.31 -12.49
C GLU A 129 -5.23 -75.87 -12.70
N SER A 130 -6.08 -75.02 -13.28
CA SER A 130 -5.70 -73.63 -13.48
C SER A 130 -5.54 -72.90 -12.15
N PHE A 131 -6.45 -73.14 -11.20
CA PHE A 131 -6.35 -72.50 -9.90
C PHE A 131 -5.06 -72.93 -9.19
N SER A 132 -4.76 -74.23 -9.23
CA SER A 132 -3.52 -74.71 -8.64
C SER A 132 -2.31 -74.12 -9.33
N PHE A 133 -2.38 -73.97 -10.65
CA PHE A 133 -1.29 -73.35 -11.40
C PHE A 133 -1.04 -71.94 -10.88
N CYS A 134 -2.12 -71.15 -10.74
CA CYS A 134 -1.97 -69.77 -10.27
C CYS A 134 -1.41 -69.71 -8.86
N LEU A 135 -1.92 -70.56 -7.95
CA LEU A 135 -1.47 -70.48 -6.57
C LEU A 135 -0.03 -70.97 -6.43
N VAL A 136 0.36 -72.02 -7.16
CA VAL A 136 1.74 -72.44 -7.13
C VAL A 136 2.64 -71.36 -7.71
N THR A 137 2.16 -70.65 -8.73
CA THR A 137 2.96 -69.57 -9.33
C THR A 137 3.20 -68.44 -8.33
N LEU A 138 2.14 -67.98 -7.65
CA LEU A 138 2.33 -66.85 -6.75
C LEU A 138 3.16 -67.29 -5.54
N LEU A 139 2.99 -68.54 -5.11
CA LEU A 139 3.82 -69.05 -4.02
C LEU A 139 5.29 -69.13 -4.43
N SER A 140 5.57 -69.57 -5.67
CA SER A 140 6.94 -69.65 -6.13
C SER A 140 7.57 -68.27 -6.24
N ASP A 141 6.82 -67.29 -6.75
CA ASP A 141 7.35 -65.93 -6.83
C ASP A 141 7.64 -65.38 -5.43
N VAL A 142 6.72 -65.62 -4.48
CA VAL A 142 6.95 -65.19 -3.10
C VAL A 142 8.20 -65.85 -2.54
N ALA A 143 8.38 -67.15 -2.80
CA ALA A 143 9.54 -67.87 -2.32
C ALA A 143 10.83 -67.29 -2.88
N TYR A 144 10.84 -66.95 -4.18
CA TYR A 144 12.03 -66.36 -4.77
C TYR A 144 12.31 -64.98 -4.17
N ARG A 145 11.26 -64.19 -3.92
CA ARG A 145 11.47 -62.82 -3.45
C ARG A 145 12.18 -62.78 -2.10
N ASP A 146 11.77 -63.65 -1.17
CA ASP A 146 12.33 -63.64 0.17
C ASP A 146 12.99 -64.97 0.49
N PRO A 147 14.24 -64.98 0.95
CA PRO A 147 14.92 -66.26 1.20
C PRO A 147 14.65 -66.86 2.56
N SER A 148 14.15 -66.08 3.53
CA SER A 148 14.01 -66.58 4.89
C SER A 148 12.99 -67.71 5.02
N LEU A 149 12.05 -67.83 4.09
CA LEU A 149 10.99 -68.82 4.17
C LEU A 149 11.13 -69.96 3.17
N ARG A 150 12.19 -69.96 2.35
CA ARG A 150 12.31 -70.91 1.26
C ARG A 150 12.24 -72.35 1.76
N ASP A 151 12.90 -72.65 2.88
CA ASP A 151 12.87 -74.01 3.41
C ASP A 151 11.45 -74.41 3.80
N GLU A 152 10.72 -73.51 4.45
CA GLU A 152 9.35 -73.82 4.87
C GLU A 152 8.44 -74.06 3.67
N ILE A 153 8.52 -73.18 2.67
CA ILE A 153 7.65 -73.34 1.50
C ILE A 153 8.01 -74.62 0.74
N LEU A 154 9.30 -74.88 0.56
CA LEU A 154 9.70 -76.10 -0.10
C LEU A 154 9.24 -77.33 0.66
N GLU A 155 9.37 -77.32 1.99
CA GLU A 155 9.04 -78.50 2.79
C GLU A 155 7.54 -78.77 2.77
N VAL A 156 6.71 -77.72 2.86
CA VAL A 156 5.28 -77.96 2.74
C VAL A 156 4.94 -78.42 1.33
N LEU A 157 5.70 -77.97 0.32
CA LEU A 157 5.48 -78.43 -1.05
C LEU A 157 5.72 -79.94 -1.16
N LEU A 158 6.89 -80.42 -0.71
CA LEU A 158 7.09 -81.86 -0.80
C LEU A 158 6.11 -82.60 0.09
N GLN A 159 5.68 -82.01 1.20
CA GLN A 159 4.70 -82.68 2.05
C GLN A 159 3.39 -82.89 1.31
N VAL A 160 2.90 -81.87 0.60
CA VAL A 160 1.61 -81.99 -0.07
C VAL A 160 1.71 -82.95 -1.26
N LEU A 161 2.80 -82.91 -2.03
CA LEU A 161 2.94 -83.94 -3.06
C LEU A 161 3.14 -85.34 -2.47
N HIS A 162 3.75 -85.45 -1.30
CA HIS A 162 3.84 -86.76 -0.66
C HIS A 162 2.46 -87.28 -0.31
N VAL A 163 1.60 -86.41 0.20
CA VAL A 163 0.23 -86.81 0.53
C VAL A 163 -0.54 -87.20 -0.72
N LEU A 164 -0.37 -86.41 -1.80
CA LEU A 164 -1.04 -86.73 -3.06
C LEU A 164 -0.58 -88.08 -3.59
N LEU A 165 0.73 -88.34 -3.55
CA LEU A 165 1.26 -89.65 -3.86
C LEU A 165 0.68 -90.71 -2.92
N GLY A 166 0.35 -90.29 -1.69
CA GLY A 166 -0.25 -91.21 -0.73
C GLY A 166 -1.59 -91.74 -1.20
N MET A 167 -2.48 -90.85 -1.63
CA MET A 167 -3.80 -91.40 -2.00
C MET A 167 -4.01 -91.64 -3.49
N CYS A 168 -3.04 -91.31 -4.36
CA CYS A 168 -3.27 -91.63 -5.77
C CYS A 168 -3.21 -93.13 -6.00
N GLN A 169 -2.34 -93.83 -5.27
CA GLN A 169 -2.17 -95.27 -5.37
C GLN A 169 -2.66 -95.98 -4.11
N ALA A 170 -3.71 -95.45 -3.49
CA ALA A 170 -4.23 -96.01 -2.25
C ALA A 170 -4.91 -97.35 -2.50
N ASP A 175 -13.58 -94.81 -4.12
CA ASP A 175 -14.25 -93.96 -5.11
C ASP A 175 -13.33 -93.65 -6.28
N LYS A 176 -13.93 -93.45 -7.46
CA LYS A 176 -13.19 -93.12 -8.67
C LYS A 176 -13.59 -91.81 -9.30
N GLU A 177 -14.84 -91.36 -9.09
CA GLU A 177 -15.31 -90.15 -9.75
C GLU A 177 -14.55 -88.92 -9.27
N TYR A 178 -14.49 -88.72 -7.95
CA TYR A 178 -13.82 -87.53 -7.42
C TYR A 178 -12.33 -87.54 -7.71
N LEU A 179 -11.68 -88.69 -7.54
CA LEU A 179 -10.25 -88.78 -7.77
C LEU A 179 -9.91 -88.44 -9.22
N CYS A 180 -10.65 -89.04 -10.16
CA CYS A 180 -10.39 -88.75 -11.57
C CYS A 180 -10.72 -87.31 -11.92
N LYS A 181 -11.80 -86.78 -11.36
CA LYS A 181 -12.28 -85.46 -11.78
C LYS A 181 -11.44 -84.32 -11.20
N TYR A 182 -10.96 -84.45 -9.96
CA TYR A 182 -10.38 -83.31 -9.26
C TYR A 182 -9.04 -83.58 -8.59
N ALA A 183 -8.58 -84.82 -8.51
CA ALA A 183 -7.31 -85.11 -7.83
C ALA A 183 -6.14 -85.10 -8.80
N ILE A 184 -6.17 -85.98 -9.80
CA ILE A 184 -5.11 -85.99 -10.82
C ILE A 184 -5.04 -84.68 -11.59
N PRO A 185 -6.16 -84.06 -12.01
CA PRO A 185 -6.03 -82.74 -12.63
C PRO A 185 -5.36 -81.71 -11.73
N CYS A 186 -5.61 -81.76 -10.43
CA CYS A 186 -4.89 -80.88 -9.51
C CYS A 186 -3.40 -81.20 -9.51
N LEU A 187 -3.06 -82.50 -9.59
CA LEU A 187 -1.65 -82.88 -9.68
C LEU A 187 -1.01 -82.30 -10.93
N ILE A 188 -1.70 -82.37 -12.06
CA ILE A 188 -1.15 -81.81 -13.30
C ILE A 188 -1.00 -80.30 -13.17
N GLY A 189 -2.00 -79.63 -12.58
CA GLY A 189 -1.94 -78.19 -12.43
C GLY A 189 -0.76 -77.75 -11.58
N ILE A 190 -0.54 -78.42 -10.44
CA ILE A 190 0.62 -78.10 -9.63
C ILE A 190 1.91 -78.57 -10.29
N SER A 191 1.84 -79.53 -11.21
CA SER A 191 3.03 -79.99 -11.91
C SER A 191 3.49 -78.99 -12.95
N ARG A 192 2.55 -78.23 -13.54
CA ARG A 192 2.91 -77.34 -14.62
C ARG A 192 3.86 -76.23 -14.21
N ALA A 193 3.96 -75.92 -12.92
CA ALA A 193 4.77 -74.79 -12.46
C ALA A 193 5.52 -75.13 -11.16
N PHE A 194 6.18 -76.28 -11.10
CA PHE A 194 6.93 -76.65 -9.90
C PHE A 194 7.93 -75.59 -9.45
N GLY A 195 8.97 -75.35 -10.25
CA GLY A 195 10.04 -74.47 -9.81
C GLY A 195 10.36 -73.33 -10.75
N ARG A 196 9.62 -73.23 -11.85
CA ARG A 196 9.85 -72.15 -12.80
C ARG A 196 9.60 -70.80 -12.14
N TYR A 197 10.53 -69.88 -12.34
CA TYR A 197 10.44 -68.56 -11.75
C TYR A 197 11.06 -67.56 -12.70
N SER A 198 10.76 -66.28 -12.47
CA SER A 198 11.18 -65.19 -13.34
C SER A 198 12.18 -64.31 -12.61
N ASN A 199 13.17 -63.81 -13.37
CA ASN A 199 14.08 -62.77 -12.89
C ASN A 199 13.87 -61.55 -13.78
N MET A 200 12.81 -60.79 -13.47
CA MET A 200 12.43 -59.58 -14.18
C MET A 200 12.18 -58.47 -13.17
N GLU A 201 12.16 -57.23 -13.68
CA GLU A 201 11.77 -56.10 -12.85
C GLU A 201 10.29 -56.15 -12.47
N GLU A 202 9.47 -56.84 -13.27
CA GLU A 202 8.05 -57.02 -12.99
C GLU A 202 7.79 -58.47 -12.65
N SER A 203 6.96 -58.70 -11.63
CA SER A 203 6.70 -60.05 -11.16
C SER A 203 6.04 -60.88 -12.26
N LEU A 204 6.00 -62.20 -12.04
CA LEU A 204 5.58 -63.12 -13.09
C LEU A 204 4.06 -63.13 -13.24
N LEU A 205 3.34 -63.30 -12.13
CA LEU A 205 1.87 -63.31 -12.19
C LEU A 205 1.32 -61.98 -12.66
N SER A 206 2.07 -60.89 -12.43
CA SER A 206 1.63 -59.58 -12.90
C SER A 206 1.47 -59.55 -14.42
N LYS A 207 2.42 -60.17 -15.14
CA LYS A 207 2.30 -60.29 -16.58
C LYS A 207 1.15 -61.22 -16.98
N LEU A 208 0.73 -62.12 -16.09
CA LEU A 208 -0.36 -63.03 -16.42
C LEU A 208 -1.70 -62.31 -16.44
N PHE A 209 -1.89 -61.30 -15.60
CA PHE A 209 -3.13 -60.53 -15.52
C PHE A 209 -2.81 -59.06 -15.76
N PRO A 210 -2.92 -58.59 -17.01
CA PRO A 210 -2.58 -57.18 -17.30
C PRO A 210 -3.64 -56.23 -16.77
N LYS A 211 -3.42 -54.92 -16.98
CA LYS A 211 -4.29 -53.88 -16.45
C LYS A 211 -4.89 -53.06 -17.60
N ILE A 212 -6.00 -53.54 -18.15
CA ILE A 212 -6.73 -52.82 -19.17
C ILE A 212 -8.12 -53.42 -19.34
N GLU A 296 -1.84 -63.35 -25.24
CA GLU A 296 -0.77 -64.25 -24.83
C GLU A 296 -1.06 -65.04 -23.55
N PRO A 297 -1.53 -64.39 -22.47
CA PRO A 297 -1.85 -65.17 -21.27
C PRO A 297 -2.90 -66.24 -21.50
N GLU A 298 -3.92 -65.95 -22.32
CA GLU A 298 -4.97 -66.93 -22.58
C GLU A 298 -4.42 -68.19 -23.22
N TYR A 299 -3.29 -68.07 -23.95
CA TYR A 299 -2.65 -69.24 -24.51
C TYR A 299 -2.26 -70.22 -23.42
N TYR A 300 -1.69 -69.71 -22.32
CA TYR A 300 -1.35 -70.56 -21.18
C TYR A 300 -2.57 -71.28 -20.62
N PHE A 301 -3.77 -70.77 -20.87
CA PHE A 301 -5.00 -71.37 -20.39
C PHE A 301 -5.71 -72.19 -21.45
N SER A 302 -5.07 -72.47 -22.59
CA SER A 302 -5.72 -73.18 -23.67
C SER A 302 -4.99 -74.44 -24.11
N THR A 303 -3.74 -74.64 -23.73
CA THR A 303 -2.97 -75.80 -24.15
C THR A 303 -3.11 -76.93 -23.13
N ILE A 304 -2.26 -77.94 -23.26
CA ILE A 304 -2.29 -79.10 -22.38
C ILE A 304 -1.08 -79.14 -21.45
N SER A 305 0.11 -78.87 -21.97
CA SER A 305 1.34 -78.98 -21.19
C SER A 305 2.28 -77.82 -21.46
N SER A 306 1.74 -76.60 -21.53
CA SER A 306 2.61 -75.44 -21.67
C SER A 306 3.19 -75.05 -20.31
N SER A 307 4.20 -74.18 -20.34
CA SER A 307 4.86 -73.72 -19.12
C SER A 307 5.44 -72.34 -19.40
N PHE A 308 6.29 -71.88 -18.49
CA PHE A 308 6.85 -70.53 -18.54
C PHE A 308 8.32 -70.63 -18.93
N SER A 309 8.65 -70.18 -20.14
CA SER A 309 10.00 -70.24 -20.68
C SER A 309 10.56 -71.67 -20.64
N TYR A 319 20.00 -64.69 -10.60
CA TYR A 319 20.67 -65.98 -10.68
C TYR A 319 21.27 -66.35 -9.33
N LYS A 320 20.42 -66.44 -8.32
CA LYS A 320 20.89 -66.66 -6.95
C LYS A 320 21.00 -68.14 -6.57
N GLU A 321 20.53 -69.06 -7.44
CA GLU A 321 20.80 -70.49 -7.29
C GLU A 321 20.28 -71.01 -5.95
N PHE A 322 18.95 -71.06 -5.84
CA PHE A 322 18.25 -71.49 -4.63
C PHE A 322 18.98 -72.63 -3.94
N ASN A 323 19.20 -72.47 -2.63
CA ASN A 323 19.91 -73.45 -1.83
C ASN A 323 18.93 -74.53 -1.39
N ILE A 324 18.58 -75.39 -2.34
CA ILE A 324 17.77 -76.57 -2.03
C ILE A 324 18.70 -77.67 -1.54
N PRO A 325 18.54 -78.15 -0.31
CA PRO A 325 19.41 -79.21 0.19
C PRO A 325 19.24 -80.48 -0.64
N LEU A 326 20.32 -81.28 -0.69
CA LEU A 326 20.34 -82.45 -1.55
C LEU A 326 19.25 -83.45 -1.19
N GLU A 327 18.79 -83.45 0.07
CA GLU A 327 17.77 -84.40 0.48
C GLU A 327 16.46 -84.16 -0.25
N MET A 328 16.05 -82.90 -0.37
CA MET A 328 14.82 -82.58 -1.10
C MET A 328 14.92 -82.95 -2.57
N LEU A 329 16.05 -82.66 -3.21
CA LEU A 329 16.22 -83.04 -4.61
C LEU A 329 16.20 -84.54 -4.78
N ARG A 330 16.83 -85.27 -3.86
CA ARG A 330 16.81 -86.73 -3.93
C ARG A 330 15.41 -87.28 -3.74
N GLU A 331 14.64 -86.70 -2.82
CA GLU A 331 13.24 -87.10 -2.67
C GLU A 331 12.44 -86.84 -3.93
N LEU A 332 12.66 -85.68 -4.56
CA LEU A 332 11.96 -85.36 -5.80
C LEU A 332 12.32 -86.35 -6.91
N LEU A 333 13.60 -86.72 -7.00
CA LEU A 333 14.02 -87.73 -7.97
C LEU A 333 13.34 -89.07 -7.67
N ASN A 334 13.20 -89.42 -6.39
CA ASN A 334 12.52 -90.65 -6.03
C ASN A 334 11.06 -90.62 -6.48
N LEU A 335 10.38 -89.49 -6.28
CA LEU A 335 9.01 -89.39 -6.75
C LEU A 335 8.94 -89.50 -8.27
N VAL A 336 9.86 -88.85 -8.97
CA VAL A 336 9.86 -88.91 -10.43
C VAL A 336 10.04 -90.36 -10.90
N LYS A 337 10.97 -91.08 -10.28
CA LYS A 337 11.19 -92.48 -10.62
C LYS A 337 9.98 -93.33 -10.27
N LYS A 338 9.26 -92.99 -9.21
CA LYS A 338 8.09 -93.77 -8.82
C LYS A 338 6.94 -93.58 -9.79
N ILE A 339 6.68 -92.34 -10.21
CA ILE A 339 5.51 -92.06 -11.04
C ILE A 339 5.70 -92.51 -12.49
N VAL A 340 6.93 -92.61 -12.98
CA VAL A 340 7.16 -92.96 -14.38
C VAL A 340 6.90 -94.44 -14.62
N GLU A 341 6.45 -95.14 -13.59
CA GLU A 341 6.11 -96.56 -13.73
C GLU A 341 4.98 -96.73 -14.72
N GLU A 342 4.97 -97.89 -15.39
CA GLU A 342 4.02 -98.16 -16.47
C GLU A 342 2.77 -98.88 -15.98
N ALA A 343 2.91 -99.78 -15.01
CA ALA A 343 1.77 -100.54 -14.51
C ALA A 343 0.72 -99.62 -13.90
N VAL A 344 1.16 -98.60 -13.17
CA VAL A 344 0.22 -97.62 -12.64
C VAL A 344 -0.50 -96.91 -13.77
N LEU A 345 0.21 -96.65 -14.88
CA LEU A 345 -0.43 -96.02 -16.03
C LEU A 345 -1.51 -96.92 -16.62
N LYS A 346 -1.23 -98.22 -16.75
CA LYS A 346 -2.26 -99.13 -17.25
C LYS A 346 -3.46 -99.16 -16.31
N SER A 347 -3.20 -99.21 -14.99
CA SER A 347 -4.29 -99.26 -14.03
C SER A 347 -5.15 -98.01 -14.09
N LEU A 348 -4.53 -96.83 -14.17
CA LEU A 348 -5.30 -95.60 -14.23
C LEU A 348 -6.07 -95.48 -15.54
N ASP A 349 -5.47 -95.93 -16.64
CA ASP A 349 -6.20 -95.93 -17.91
C ASP A 349 -7.41 -96.86 -17.84
N ALA A 350 -7.24 -98.03 -17.22
CA ALA A 350 -8.36 -98.96 -17.10
C ALA A 350 -9.47 -98.38 -16.24
N ILE A 351 -9.13 -97.77 -15.11
CA ILE A 351 -10.17 -97.21 -14.25
C ILE A 351 -10.83 -96.01 -14.91
N VAL A 352 -10.08 -95.20 -15.67
CA VAL A 352 -10.67 -94.09 -16.41
C VAL A 352 -11.65 -94.61 -17.44
N ALA A 353 -11.28 -95.68 -18.16
CA ALA A 353 -12.19 -96.27 -19.14
C ALA A 353 -13.45 -96.81 -18.45
N SER A 354 -13.28 -97.45 -17.29
CA SER A 354 -14.43 -97.96 -16.55
C SER A 354 -15.36 -96.83 -16.14
N VAL A 355 -14.80 -95.72 -15.65
CA VAL A 355 -15.63 -94.58 -15.26
C VAL A 355 -16.35 -94.00 -16.48
N MET A 356 -15.63 -93.87 -17.60
CA MET A 356 -16.24 -93.32 -18.81
C MET A 356 -17.39 -94.19 -19.30
N GLU A 357 -17.20 -95.51 -19.31
CA GLU A 357 -18.28 -96.40 -19.74
C GLU A 357 -19.41 -96.48 -18.71
N ALA A 358 -19.12 -96.22 -17.44
CA ALA A 358 -20.18 -96.21 -16.43
C ALA A 358 -21.21 -95.13 -16.70
N ASN A 359 -20.77 -93.94 -17.08
CA ASN A 359 -21.67 -92.84 -17.37
C ASN A 359 -21.04 -91.84 -18.33
N LEU A 364 -16.17 -86.08 -18.35
CA LEU A 364 -14.85 -85.53 -18.13
C LEU A 364 -14.21 -85.07 -19.43
N TYR A 365 -13.10 -84.34 -19.32
CA TYR A 365 -12.39 -83.80 -20.47
C TYR A 365 -11.14 -84.59 -20.83
N TYR A 366 -10.44 -85.14 -19.84
CA TYR A 366 -9.30 -86.01 -20.13
C TYR A 366 -9.79 -87.33 -20.73
N THR A 367 -8.92 -87.94 -21.54
CA THR A 367 -9.20 -89.25 -22.12
C THR A 367 -8.17 -90.29 -21.71
N SER A 368 -6.88 -89.98 -21.83
CA SER A 368 -5.81 -90.87 -21.42
C SER A 368 -4.76 -90.05 -20.68
N PHE A 369 -4.53 -90.38 -19.41
CA PHE A 369 -3.63 -89.59 -18.59
C PHE A 369 -2.16 -89.96 -18.78
N SER A 370 -1.87 -91.11 -19.39
CA SER A 370 -0.50 -91.62 -19.39
C SER A 370 0.44 -90.70 -20.15
N ASP A 371 0.10 -90.36 -21.39
CA ASP A 371 0.98 -89.52 -22.19
C ASP A 371 1.12 -88.11 -21.61
N PRO A 372 0.05 -87.39 -21.26
CA PRO A 372 0.24 -86.06 -20.67
C PRO A 372 1.05 -86.09 -19.39
N LEU A 373 0.81 -87.06 -18.52
CA LEU A 373 1.61 -87.20 -17.31
C LEU A 373 3.07 -87.38 -17.68
N TYR A 374 3.38 -88.50 -18.35
CA TYR A 374 4.73 -88.81 -18.81
C TYR A 374 5.45 -87.57 -19.31
N LEU A 375 4.81 -86.84 -20.21
CA LEU A 375 5.38 -85.59 -20.71
C LEU A 375 5.60 -84.60 -19.57
N THR A 376 4.65 -84.50 -18.64
CA THR A 376 4.75 -83.50 -17.59
C THR A 376 5.92 -83.77 -16.64
N MET A 377 6.03 -85.01 -16.15
CA MET A 377 7.14 -85.26 -15.23
C MET A 377 8.49 -85.15 -15.94
N PHE A 378 8.63 -85.65 -17.17
CA PHE A 378 9.93 -85.46 -17.82
C PHE A 378 10.22 -83.97 -18.09
N LYS A 379 9.20 -83.20 -18.47
CA LYS A 379 9.40 -81.77 -18.72
C LYS A 379 9.90 -81.06 -17.48
N MET A 380 9.21 -81.23 -16.34
CA MET A 380 9.64 -80.44 -15.19
C MET A 380 10.88 -81.04 -14.53
N LEU A 381 11.16 -82.33 -14.77
CA LEU A 381 12.46 -82.88 -14.36
C LEU A 381 13.60 -82.21 -15.11
N ARG A 382 13.42 -81.96 -16.41
CA ARG A 382 14.43 -81.19 -17.14
C ARG A 382 14.49 -79.76 -16.61
N ASP A 383 13.33 -79.12 -16.44
CA ASP A 383 13.30 -77.69 -16.17
C ASP A 383 13.83 -77.36 -14.78
N THR A 384 13.46 -78.15 -13.77
CA THR A 384 13.88 -77.86 -12.40
C THR A 384 15.38 -77.98 -12.24
N LEU A 385 15.99 -78.97 -12.89
CA LEU A 385 17.42 -79.22 -12.78
C LEU A 385 18.21 -78.64 -13.95
N TYR A 386 17.58 -77.79 -14.77
CA TYR A 386 18.27 -77.24 -15.94
C TYR A 386 19.48 -76.39 -15.54
N TYR A 387 19.36 -75.60 -14.47
CA TYR A 387 20.38 -74.60 -14.18
C TYR A 387 20.97 -74.73 -12.78
N MET A 388 21.34 -75.94 -12.38
CA MET A 388 22.03 -76.18 -11.12
C MET A 388 23.51 -76.46 -11.37
N LYS A 389 24.35 -75.98 -10.45
CA LYS A 389 25.79 -76.14 -10.56
C LYS A 389 26.36 -76.58 -9.21
N ASP A 390 27.55 -77.19 -9.27
CA ASP A 390 28.28 -77.61 -8.08
C ASP A 390 27.47 -78.61 -7.24
N LEU A 391 27.21 -79.77 -7.85
CA LEU A 391 26.50 -80.85 -7.19
C LEU A 391 27.41 -82.07 -7.04
N PRO A 392 27.15 -82.93 -6.06
CA PRO A 392 27.97 -84.15 -5.92
C PRO A 392 27.89 -85.01 -7.17
N THR A 393 29.02 -85.63 -7.51
CA THR A 393 29.13 -86.39 -8.75
C THR A 393 28.27 -87.64 -8.73
N SER A 394 27.99 -88.19 -7.54
CA SER A 394 27.16 -89.39 -7.47
C SER A 394 25.74 -89.12 -7.98
N PHE A 395 25.17 -87.98 -7.58
CA PHE A 395 23.84 -87.63 -8.04
C PHE A 395 23.82 -87.41 -9.56
N VAL A 396 24.86 -86.76 -10.09
CA VAL A 396 24.93 -86.54 -11.54
C VAL A 396 25.02 -87.87 -12.27
N LYS A 397 25.86 -88.79 -11.77
CA LYS A 397 25.99 -90.09 -12.41
C LYS A 397 24.68 -90.85 -12.35
N GLU A 398 23.99 -90.81 -11.21
CA GLU A 398 22.73 -91.53 -11.07
C GLU A 398 21.67 -91.00 -12.02
N ILE A 399 21.52 -89.67 -12.09
CA ILE A 399 20.52 -89.11 -12.99
C ILE A 399 20.89 -89.36 -14.44
N HIS A 400 22.19 -89.34 -14.76
CA HIS A 400 22.62 -89.65 -16.12
C HIS A 400 22.26 -91.08 -16.50
N ASP A 401 22.50 -92.03 -15.59
CA ASP A 401 22.13 -93.41 -15.84
C ASP A 401 20.62 -93.55 -16.03
N PHE A 402 19.84 -92.90 -15.18
CA PHE A 402 18.39 -92.99 -15.29
C PHE A 402 17.91 -92.44 -16.63
N VAL A 403 18.42 -91.27 -17.03
CA VAL A 403 17.92 -90.64 -18.24
C VAL A 403 18.37 -91.41 -19.47
N LEU A 404 19.59 -91.94 -19.48
CA LEU A 404 20.03 -92.74 -20.63
C LEU A 404 19.23 -94.04 -20.72
N GLU A 405 18.95 -94.68 -19.58
CA GLU A 405 18.12 -95.88 -19.60
C GLU A 405 16.74 -95.60 -20.17
N GLN A 406 16.10 -94.53 -19.67
CA GLN A 406 14.77 -94.18 -20.17
C GLN A 406 14.81 -93.86 -21.65
N PHE A 407 15.82 -93.10 -22.10
CA PHE A 407 15.90 -92.71 -23.50
C PHE A 407 16.09 -93.92 -24.39
N ASN A 408 16.99 -94.84 -24.03
CA ASN A 408 17.23 -95.98 -24.90
C ASN A 408 16.03 -96.92 -24.92
N THR A 409 15.37 -97.10 -23.77
CA THR A 409 14.16 -97.93 -23.77
C THR A 409 13.08 -97.32 -24.66
N SER A 410 12.84 -96.01 -24.51
CA SER A 410 11.81 -95.36 -25.32
C SER A 410 12.17 -95.40 -26.80
N GLN A 411 13.44 -95.17 -27.14
CA GLN A 411 13.86 -95.20 -28.53
C GLN A 411 13.69 -96.59 -29.13
N GLY A 412 14.02 -97.64 -28.36
CA GLY A 412 13.79 -98.99 -28.84
C GLY A 412 12.33 -99.31 -29.03
N GLU A 413 11.47 -98.82 -28.12
CA GLU A 413 10.05 -99.10 -28.24
C GLU A 413 9.41 -98.35 -29.41
N LEU A 414 9.89 -97.14 -29.71
CA LEU A 414 9.23 -96.26 -30.66
C LEU A 414 9.62 -96.52 -32.11
N GLN A 415 10.31 -97.62 -32.42
CA GLN A 415 10.66 -97.97 -33.79
C GLN A 415 9.63 -98.88 -34.45
N LYS A 416 8.45 -99.03 -33.85
CA LYS A 416 7.43 -99.91 -34.41
C LYS A 416 6.89 -99.37 -35.74
N LYS A 432 3.03 -89.83 -30.25
CA LYS A 432 3.34 -88.51 -30.75
C LYS A 432 3.92 -87.62 -29.66
N LEU A 433 3.25 -87.59 -28.51
CA LEU A 433 3.69 -86.74 -27.41
C LEU A 433 5.01 -87.21 -26.80
N ARG A 434 5.43 -88.44 -27.08
CA ARG A 434 6.68 -88.94 -26.55
C ARG A 434 7.91 -88.31 -27.19
N CYS A 435 7.75 -87.67 -28.35
CA CYS A 435 8.89 -87.02 -29.01
C CYS A 435 9.43 -85.87 -28.17
N GLN A 436 8.55 -85.07 -27.56
CA GLN A 436 9.00 -84.01 -26.68
C GLN A 436 9.74 -84.57 -25.48
N ALA A 437 9.28 -85.70 -24.95
CA ALA A 437 9.97 -86.32 -23.83
C ALA A 437 11.34 -86.85 -24.26
N ASN A 438 11.44 -87.39 -25.49
CA ASN A 438 12.75 -87.79 -25.99
C ASN A 438 13.68 -86.60 -26.12
N ALA A 439 13.16 -85.46 -26.59
CA ALA A 439 13.96 -84.25 -26.63
C ALA A 439 14.42 -83.82 -25.25
N ALA A 440 13.52 -83.93 -24.26
CA ALA A 440 13.88 -83.61 -22.88
C ALA A 440 14.99 -84.52 -22.37
N CYS A 441 14.88 -85.82 -22.67
CA CYS A 441 15.92 -86.77 -22.26
C CYS A 441 17.25 -86.44 -22.94
N VAL A 442 17.22 -86.06 -24.21
CA VAL A 442 18.44 -85.69 -24.92
C VAL A 442 19.07 -84.47 -24.27
N ASP A 443 18.26 -83.46 -23.94
CA ASP A 443 18.79 -82.27 -23.28
C ASP A 443 19.39 -82.61 -21.92
N LEU A 444 18.72 -83.50 -21.17
CA LEU A 444 19.26 -83.92 -19.88
C LEU A 444 20.60 -84.64 -20.05
N MET A 445 20.71 -85.48 -21.09
CA MET A 445 21.97 -86.16 -21.35
C MET A 445 23.07 -85.17 -21.70
N VAL A 446 22.75 -84.16 -22.52
CA VAL A 446 23.75 -83.14 -22.84
C VAL A 446 24.19 -82.39 -21.59
N TRP A 447 23.23 -82.08 -20.71
CA TRP A 447 23.60 -81.44 -19.44
C TRP A 447 24.42 -82.38 -18.55
N ALA A 448 24.26 -83.69 -18.74
CA ALA A 448 24.92 -84.69 -17.89
C ALA A 448 26.23 -85.18 -18.48
N VAL A 449 26.94 -84.33 -19.23
CA VAL A 449 28.21 -84.67 -19.84
C VAL A 449 29.28 -83.79 -19.21
N LYS A 450 30.30 -84.40 -18.62
CA LYS A 450 31.38 -83.67 -17.97
C LYS A 450 32.75 -83.97 -18.54
N ASP A 451 32.90 -85.02 -19.34
CA ASP A 451 34.18 -85.43 -19.88
C ASP A 451 34.18 -85.30 -21.40
N GLU A 452 35.36 -85.03 -21.96
CA GLU A 452 35.49 -84.88 -23.40
C GLU A 452 35.16 -86.18 -24.13
N GLN A 453 35.62 -87.31 -23.59
CA GLN A 453 35.42 -88.60 -24.26
C GLN A 453 33.94 -88.88 -24.49
N GLY A 454 33.14 -88.77 -23.43
CA GLY A 454 31.70 -88.89 -23.59
C GLY A 454 31.13 -87.85 -24.52
N ALA A 455 31.75 -86.66 -24.57
CA ALA A 455 31.28 -85.61 -25.47
C ALA A 455 31.37 -86.05 -26.92
N GLU A 456 32.55 -86.53 -27.35
CA GLU A 456 32.62 -86.93 -28.75
C GLU A 456 31.90 -88.25 -29.00
N ASN A 457 31.76 -89.12 -28.00
CA ASN A 457 30.92 -90.30 -28.19
C ASN A 457 29.48 -89.90 -28.48
N LEU A 458 28.95 -88.95 -27.70
CA LEU A 458 27.61 -88.44 -27.95
C LEU A 458 27.52 -87.76 -29.32
N CYS A 459 28.55 -87.00 -29.68
CA CYS A 459 28.56 -86.36 -30.99
C CYS A 459 28.50 -87.38 -32.12
N ILE A 460 29.24 -88.47 -31.98
CA ILE A 460 29.21 -89.54 -32.97
C ILE A 460 27.82 -90.17 -33.04
N LYS A 461 27.22 -90.40 -31.87
CA LYS A 461 25.87 -90.99 -31.85
C LYS A 461 24.87 -90.11 -32.59
N LEU A 462 24.87 -88.81 -32.29
CA LEU A 462 23.97 -87.90 -33.00
C LEU A 462 24.32 -87.80 -34.48
N SER A 463 25.61 -87.84 -34.82
CA SER A 463 26.00 -87.78 -36.22
C SER A 463 25.47 -88.98 -37.00
N GLU A 464 25.51 -90.16 -36.39
CA GLU A 464 24.89 -91.32 -37.01
C GLU A 464 23.38 -91.14 -37.12
N LYS A 465 22.77 -90.50 -36.11
CA LYS A 465 21.32 -90.30 -36.15
C LYS A 465 20.90 -89.36 -37.27
N LEU A 466 21.66 -88.28 -37.49
CA LEU A 466 21.23 -87.27 -38.46
C LEU A 466 21.11 -87.82 -39.86
N GLN A 467 22.05 -88.67 -40.30
CA GLN A 467 22.09 -89.11 -41.69
C GLN A 467 21.33 -90.41 -41.90
N SER A 468 20.25 -90.62 -41.13
CA SER A 468 19.39 -91.78 -41.32
C SER A 468 18.67 -91.74 -42.65
N HIS A 478 8.89 -85.97 -34.48
CA HIS A 478 10.26 -86.29 -34.87
C HIS A 478 11.01 -85.05 -35.31
N LEU A 479 10.29 -84.11 -35.94
CA LEU A 479 10.92 -82.85 -36.34
C LEU A 479 11.43 -82.05 -35.14
N PRO A 480 10.65 -81.82 -34.08
CA PRO A 480 11.23 -81.18 -32.89
C PRO A 480 12.35 -81.98 -32.28
N LEU A 481 12.31 -83.32 -32.40
CA LEU A 481 13.42 -84.13 -31.93
C LEU A 481 14.69 -83.81 -32.69
N LEU A 482 14.60 -83.66 -34.02
CA LEU A 482 15.77 -83.28 -34.80
C LEU A 482 16.25 -81.88 -34.47
N ILE A 483 15.31 -80.95 -34.24
CA ILE A 483 15.70 -79.59 -33.86
C ILE A 483 16.46 -79.61 -32.53
N CYS A 484 15.97 -80.38 -31.56
CA CYS A 484 16.66 -80.49 -30.29
C CYS A 484 18.00 -81.22 -30.42
N CYS A 485 18.09 -82.16 -31.36
CA CYS A 485 19.38 -82.80 -31.63
C CYS A 485 20.39 -81.79 -32.15
N LEU A 486 19.97 -80.92 -33.06
CA LEU A 486 20.85 -79.86 -33.54
C LEU A 486 21.24 -78.91 -32.41
N GLN A 487 20.27 -78.56 -31.56
CA GLN A 487 20.57 -77.68 -30.43
C GLN A 487 21.57 -78.33 -29.48
N GLY A 488 21.41 -79.63 -29.21
CA GLY A 488 22.36 -80.32 -28.34
C GLY A 488 23.73 -80.43 -28.95
N LEU A 489 23.81 -80.66 -30.26
CA LEU A 489 25.10 -80.66 -30.94
C LEU A 489 25.79 -79.31 -30.81
N GLY A 490 25.02 -78.22 -31.01
CA GLY A 490 25.58 -76.90 -30.80
C GLY A 490 26.03 -76.67 -29.37
N ARG A 491 25.26 -77.17 -28.41
CA ARG A 491 25.63 -77.04 -27.00
C ARG A 491 26.94 -77.75 -26.71
N LEU A 492 27.09 -78.99 -27.22
CA LEU A 492 28.34 -79.72 -27.02
C LEU A 492 29.50 -79.00 -27.68
N CYS A 493 29.30 -78.49 -28.90
CA CYS A 493 30.37 -77.80 -29.60
C CYS A 493 30.81 -76.54 -28.87
N GLU A 494 29.85 -75.78 -28.33
CA GLU A 494 30.23 -74.55 -27.63
C GLU A 494 30.82 -74.84 -26.26
N ARG A 495 30.39 -75.93 -25.59
CA ARG A 495 30.94 -76.23 -24.28
C ARG A 495 32.32 -76.87 -24.36
N PHE A 496 32.64 -77.57 -25.44
CA PHE A 496 33.94 -78.21 -25.59
C PHE A 496 34.55 -77.78 -26.92
N PRO A 497 35.73 -77.13 -26.92
CA PRO A 497 36.29 -76.62 -28.18
C PRO A 497 37.00 -77.67 -29.02
N VAL A 498 37.42 -78.80 -28.42
CA VAL A 498 38.14 -79.81 -29.19
C VAL A 498 37.23 -80.46 -30.23
N VAL A 499 35.95 -80.64 -29.89
CA VAL A 499 35.02 -81.37 -30.74
C VAL A 499 34.61 -80.54 -31.94
N VAL A 500 35.14 -79.33 -32.06
CA VAL A 500 34.80 -78.47 -33.19
C VAL A 500 35.25 -79.12 -34.50
N HIS A 501 36.48 -79.61 -34.54
CA HIS A 501 37.02 -80.23 -35.74
C HIS A 501 36.22 -81.45 -36.17
N SER A 502 35.47 -82.07 -35.25
CA SER A 502 34.62 -83.19 -35.59
C SER A 502 33.20 -82.78 -35.94
N VAL A 503 32.70 -81.69 -35.36
CA VAL A 503 31.31 -81.32 -35.60
C VAL A 503 31.14 -80.46 -36.85
N THR A 504 32.11 -79.60 -37.19
CA THR A 504 31.95 -78.78 -38.40
C THR A 504 31.78 -79.59 -39.68
N PRO A 505 32.54 -80.67 -39.94
CA PRO A 505 32.33 -81.37 -41.22
C PRO A 505 30.93 -81.95 -41.37
N SER A 506 30.40 -82.55 -40.30
CA SER A 506 29.09 -83.18 -40.40
C SER A 506 27.99 -82.16 -40.68
N LEU A 507 27.98 -81.06 -39.93
CA LEU A 507 26.97 -80.03 -40.14
C LEU A 507 27.14 -79.37 -41.51
N ARG A 508 28.38 -79.12 -41.94
CA ARG A 508 28.58 -78.51 -43.25
C ARG A 508 28.11 -79.42 -44.37
N ASP A 509 28.40 -80.72 -44.28
CA ASP A 509 27.93 -81.66 -45.28
C ASP A 509 26.41 -81.77 -45.25
N PHE A 510 25.81 -81.74 -44.06
CA PHE A 510 24.35 -81.76 -43.98
C PHE A 510 23.75 -80.55 -44.67
N LEU A 511 24.34 -79.37 -44.47
CA LEU A 511 23.82 -78.16 -45.09
C LEU A 511 23.99 -78.20 -46.61
N VAL A 512 25.15 -78.62 -47.09
CA VAL A 512 25.45 -78.52 -48.52
C VAL A 512 24.89 -79.68 -49.33
N ILE A 513 24.56 -80.80 -48.70
CA ILE A 513 24.07 -81.96 -49.44
C ILE A 513 22.56 -82.09 -49.31
N SER A 515 22.02 -83.09 -46.44
CA SER A 515 21.27 -84.33 -46.27
C SER A 515 19.98 -84.30 -47.11
N PRO A 516 19.55 -85.47 -47.58
CA PRO A 516 18.32 -85.53 -48.38
C PRO A 516 17.08 -85.07 -47.64
N VAL A 517 17.10 -85.06 -46.30
CA VAL A 517 15.92 -84.64 -45.54
C VAL A 517 15.60 -83.18 -45.85
N LEU A 518 16.63 -82.34 -46.00
CA LEU A 518 16.41 -80.95 -46.36
C LEU A 518 15.74 -80.82 -47.73
N VAL A 519 16.18 -81.63 -48.69
CA VAL A 519 15.59 -81.60 -50.02
C VAL A 519 14.13 -82.05 -49.97
N LYS A 520 13.85 -83.12 -49.20
CA LYS A 520 12.47 -83.58 -49.07
C LYS A 520 11.60 -82.51 -48.42
N LEU A 521 12.13 -81.82 -47.40
CA LEU A 521 11.38 -80.74 -46.77
C LEU A 521 11.11 -79.62 -47.77
N TYR A 522 12.11 -79.30 -48.61
CA TYR A 522 11.87 -78.38 -49.72
C TYR A 522 10.88 -78.96 -50.71
N LYS A 523 10.96 -80.26 -50.97
CA LYS A 523 10.06 -80.93 -51.89
C LYS A 523 8.62 -80.87 -51.41
N LYS A 537 4.46 -84.60 -60.17
CA LYS A 537 5.55 -83.69 -60.50
C LYS A 537 5.10 -82.24 -60.38
N ILE A 538 6.07 -81.33 -60.32
CA ILE A 538 5.81 -79.90 -60.22
C ILE A 538 6.45 -79.27 -61.46
N SER A 539 5.64 -79.10 -62.51
CA SER A 539 6.12 -78.56 -63.78
C SER A 539 5.25 -77.38 -64.19
N VAL A 540 5.89 -76.29 -64.60
CA VAL A 540 5.20 -75.10 -65.08
C VAL A 540 5.76 -74.74 -66.45
N THR A 541 4.87 -74.57 -67.42
CA THR A 541 5.29 -74.21 -68.77
C THR A 541 4.72 -72.85 -69.17
N TYR A 562 11.90 -75.64 -43.47
CA TYR A 562 12.97 -75.57 -44.45
C TYR A 562 13.92 -74.44 -44.08
N GLU A 563 13.38 -73.21 -43.99
CA GLU A 563 14.20 -72.08 -43.58
C GLU A 563 14.47 -72.08 -42.09
N GLN A 564 13.56 -72.66 -41.29
CA GLN A 564 13.78 -72.74 -39.85
C GLN A 564 15.01 -73.58 -39.54
N LEU A 565 15.06 -74.80 -40.07
CA LEU A 565 16.23 -75.64 -39.88
C LEU A 565 17.46 -75.01 -40.52
N ARG A 566 17.28 -74.34 -41.65
CA ARG A 566 18.39 -73.69 -42.34
C ARG A 566 19.07 -72.66 -41.45
N ASP A 567 18.32 -71.65 -41.01
CA ASP A 567 18.94 -70.61 -40.20
C ASP A 567 19.28 -71.09 -38.80
N ILE A 568 18.62 -72.13 -38.29
CA ILE A 568 19.05 -72.73 -37.03
C ILE A 568 20.44 -73.33 -37.19
N ALA A 569 20.66 -74.06 -38.28
CA ALA A 569 21.98 -74.62 -38.54
C ALA A 569 23.02 -73.51 -38.76
N ILE A 570 22.61 -72.43 -39.43
CA ILE A 570 23.54 -71.32 -39.66
C ILE A 570 23.95 -70.67 -38.35
N ASP A 571 22.98 -70.45 -37.45
CA ASP A 571 23.30 -69.90 -36.13
C ASP A 571 24.17 -70.86 -35.34
N ASN A 572 23.93 -72.16 -35.47
CA ASN A 572 24.81 -73.14 -34.83
C ASN A 572 26.22 -73.05 -35.37
N ILE A 573 26.36 -72.84 -36.69
CA ILE A 573 27.68 -72.66 -37.28
C ILE A 573 28.37 -71.42 -36.71
N CYS A 574 27.61 -70.33 -36.59
CA CYS A 574 28.18 -69.10 -36.06
C CYS A 574 28.63 -69.29 -34.60
N ARG A 575 27.80 -69.93 -33.79
CA ARG A 575 28.19 -70.23 -32.41
C ARG A 575 29.43 -71.12 -32.38
N CYS A 576 29.48 -72.09 -33.28
CA CYS A 576 30.61 -73.01 -33.33
C CYS A 576 31.91 -72.27 -33.62
N LEU A 577 31.92 -71.42 -34.65
CA LEU A 577 33.18 -70.79 -34.99
C LEU A 577 33.54 -69.68 -34.02
N LYS A 578 32.55 -69.00 -33.42
CA LYS A 578 32.86 -68.01 -32.41
C LYS A 578 33.33 -68.65 -31.10
N ALA A 579 33.00 -69.93 -30.87
CA ALA A 579 33.54 -70.63 -29.72
C ALA A 579 34.91 -71.21 -30.02
N GLY A 580 35.12 -71.68 -31.25
CA GLY A 580 36.40 -72.27 -31.62
C GLY A 580 37.48 -71.29 -32.03
N LEU A 581 37.13 -70.01 -32.23
CA LEU A 581 38.12 -69.01 -32.56
C LEU A 581 39.04 -68.68 -31.39
N THR A 582 38.69 -69.09 -30.18
CA THR A 582 39.54 -68.83 -29.02
C THR A 582 40.82 -69.64 -29.07
N VAL A 583 40.76 -70.85 -29.64
CA VAL A 583 41.93 -71.73 -29.66
C VAL A 583 42.64 -71.64 -30.99
N ASP A 584 41.95 -71.96 -32.08
CA ASP A 584 42.56 -71.98 -33.40
C ASP A 584 42.18 -70.73 -34.16
N PRO A 585 43.12 -69.83 -34.44
CA PRO A 585 42.79 -68.62 -35.21
C PRO A 585 42.69 -68.85 -36.70
N VAL A 586 43.28 -69.93 -37.23
CA VAL A 586 43.29 -70.17 -38.67
C VAL A 586 42.17 -71.09 -39.12
N ILE A 587 41.28 -71.51 -38.22
CA ILE A 587 40.23 -72.44 -38.60
C ILE A 587 39.21 -71.77 -39.52
N VAL A 588 38.89 -70.49 -39.27
CA VAL A 588 37.90 -69.81 -40.08
C VAL A 588 38.43 -69.53 -41.48
N GLU A 589 39.74 -69.34 -41.62
CA GLU A 589 40.33 -69.15 -42.95
C GLU A 589 40.11 -70.38 -43.83
N ALA A 590 40.50 -71.55 -43.33
CA ALA A 590 40.25 -72.79 -44.07
C ALA A 590 38.76 -73.02 -44.26
N PHE A 591 37.95 -72.60 -43.28
CA PHE A 591 36.51 -72.81 -43.39
C PHE A 591 35.93 -72.04 -44.57
N LEU A 592 36.19 -70.73 -44.64
CA LEU A 592 35.59 -69.98 -45.75
C LEU A 592 36.31 -70.30 -47.06
N ALA A 593 37.54 -70.81 -47.00
CA ALA A 593 38.15 -71.36 -48.20
C ALA A 593 37.34 -72.54 -48.73
N SER A 594 36.92 -73.44 -47.83
CA SER A 594 36.10 -74.57 -48.24
C SER A 594 34.74 -74.12 -48.76
N LEU A 595 34.13 -73.13 -48.09
CA LEU A 595 32.86 -72.60 -48.60
C LEU A 595 33.01 -71.96 -49.97
N SER A 596 34.10 -71.21 -50.19
CA SER A 596 34.33 -70.63 -51.51
C SER A 596 34.55 -71.72 -52.55
N ASN A 597 35.28 -72.78 -52.19
CA ASN A 597 35.48 -73.90 -53.11
C ASN A 597 34.15 -74.53 -53.49
N ARG A 598 33.27 -74.75 -52.50
CA ARG A 598 31.93 -75.24 -52.80
C ARG A 598 31.19 -74.25 -53.69
N LEU A 599 31.45 -72.96 -53.51
CA LEU A 599 30.78 -71.94 -54.34
C LEU A 599 31.18 -72.07 -55.80
N TYR A 600 32.49 -72.18 -56.08
CA TYR A 600 32.89 -72.33 -57.48
C TYR A 600 32.43 -73.67 -58.04
N ILE A 601 32.49 -74.73 -57.24
CA ILE A 601 32.01 -76.03 -57.70
C ILE A 601 30.50 -76.14 -57.44
N LEU A 611 20.54 -73.12 -56.72
CA LEU A 611 19.84 -73.51 -55.51
C LEU A 611 20.79 -73.56 -54.32
N ILE A 612 21.74 -74.50 -54.38
CA ILE A 612 22.79 -74.63 -53.37
C ILE A 612 23.62 -73.34 -53.28
N PRO A 613 23.97 -72.68 -54.40
CA PRO A 613 24.67 -71.40 -54.27
C PRO A 613 23.90 -70.37 -53.48
N ASP A 614 22.56 -70.40 -53.50
CA ASP A 614 21.78 -69.51 -52.64
C ASP A 614 22.06 -69.79 -51.17
N HIS A 615 22.10 -71.08 -50.80
CA HIS A 615 22.42 -71.45 -49.43
C HIS A 615 23.82 -70.98 -49.05
N THR A 616 24.78 -71.16 -49.96
CA THR A 616 26.15 -70.73 -49.68
C THR A 616 26.22 -69.21 -49.49
N ILE A 617 25.52 -68.47 -50.35
CA ILE A 617 25.53 -67.01 -50.26
C ILE A 617 24.91 -66.55 -48.95
N ARG A 618 23.78 -67.15 -48.57
CA ARG A 618 23.14 -66.77 -47.30
C ARG A 618 24.03 -67.08 -46.11
N ALA A 619 24.67 -68.25 -46.13
CA ALA A 619 25.58 -68.62 -45.05
C ALA A 619 26.75 -67.64 -44.95
N LEU A 620 27.37 -67.33 -46.09
CA LEU A 620 28.50 -66.41 -46.07
C LEU A 620 28.09 -65.03 -45.57
N GLY A 621 26.90 -64.56 -45.99
CA GLY A 621 26.40 -63.30 -45.48
C GLY A 621 26.20 -63.33 -43.98
N HIS A 622 25.66 -64.44 -43.47
CA HIS A 622 25.45 -64.54 -42.03
C HIS A 622 26.77 -64.54 -41.27
N ILE A 623 27.78 -65.27 -41.77
CA ILE A 623 29.08 -65.24 -41.10
C ILE A 623 29.67 -63.84 -41.14
N ALA A 624 29.54 -63.16 -42.29
CA ALA A 624 30.10 -61.81 -42.41
C ALA A 624 29.43 -60.84 -41.45
N VAL A 625 28.11 -60.89 -41.34
CA VAL A 625 27.40 -59.98 -40.45
C VAL A 625 27.68 -60.31 -38.99
N ALA A 626 27.73 -61.60 -38.64
CA ALA A 626 27.86 -61.99 -37.24
C ALA A 626 29.26 -61.74 -36.69
N LEU A 627 30.28 -61.69 -37.54
CA LEU A 627 31.67 -61.56 -37.11
C LEU A 627 32.23 -60.16 -37.36
N ARG A 628 31.45 -59.12 -37.06
CA ARG A 628 31.95 -57.76 -37.22
C ARG A 628 33.16 -57.49 -36.32
N ASP A 629 33.19 -58.12 -35.14
CA ASP A 629 34.27 -57.92 -34.16
C ASP A 629 35.59 -58.59 -34.55
N THR A 630 35.70 -59.11 -35.77
CA THR A 630 36.88 -59.85 -36.21
C THR A 630 37.86 -58.91 -36.89
N PRO A 631 39.07 -59.41 -37.23
CA PRO A 631 39.98 -58.64 -38.08
C PRO A 631 39.47 -58.57 -39.52
N LYS A 632 40.30 -58.10 -40.45
CA LYS A 632 39.82 -57.77 -41.78
C LYS A 632 39.41 -59.03 -42.53
N VAL A 633 38.26 -59.57 -42.14
CA VAL A 633 37.69 -60.74 -42.80
C VAL A 633 36.66 -60.33 -43.85
N MET A 634 36.00 -59.19 -43.66
CA MET A 634 34.96 -58.75 -44.59
C MET A 634 35.53 -58.31 -45.93
N GLU A 635 36.80 -57.92 -46.00
CA GLU A 635 37.38 -57.54 -47.28
C GLU A 635 37.42 -58.72 -48.26
N PRO A 636 37.92 -59.90 -47.88
CA PRO A 636 37.78 -61.05 -48.78
C PRO A 636 36.33 -61.37 -49.13
N ILE A 637 35.40 -61.17 -48.18
CA ILE A 637 33.99 -61.46 -48.44
C ILE A 637 33.47 -60.55 -49.56
N LEU A 638 33.69 -59.24 -49.43
CA LEU A 638 33.25 -58.34 -50.48
C LEU A 638 33.98 -58.63 -51.78
N GLN A 639 35.24 -59.04 -51.70
CA GLN A 639 35.99 -59.38 -52.90
C GLN A 639 35.34 -60.53 -53.65
N ILE A 640 34.97 -61.60 -52.94
CA ILE A 640 34.40 -62.76 -53.62
C ILE A 640 33.00 -62.45 -54.11
N LEU A 641 32.23 -61.66 -53.35
CA LEU A 641 30.91 -61.25 -53.85
C LEU A 641 31.03 -60.41 -55.13
N GLN A 642 32.00 -59.50 -55.20
CA GLN A 642 32.18 -58.72 -56.42
C GLN A 642 32.63 -59.60 -57.57
N GLN A 643 33.55 -60.53 -57.32
CA GLN A 643 34.07 -61.38 -58.39
C GLN A 643 33.13 -62.51 -58.79
N LYS A 644 32.07 -62.76 -58.01
CA LYS A 644 31.17 -63.88 -58.25
C LYS A 644 29.90 -63.46 -58.97
N PHE A 645 30.00 -62.49 -59.88
CA PHE A 645 28.86 -62.07 -60.69
C PHE A 645 28.93 -62.77 -62.04
N CYS A 646 27.89 -63.52 -62.37
CA CYS A 646 27.83 -64.31 -63.60
C CYS A 646 29.01 -65.26 -63.73
N SER A 650 21.37 -63.88 -64.83
CA SER A 650 21.83 -64.14 -63.48
C SER A 650 20.80 -63.68 -62.44
N PRO A 651 19.79 -64.51 -62.19
CA PRO A 651 18.78 -64.15 -61.20
C PRO A 651 19.31 -64.04 -59.78
N LEU A 652 20.47 -64.62 -59.49
CA LEU A 652 21.04 -64.55 -58.15
C LEU A 652 21.55 -63.17 -57.79
N ASP A 653 21.58 -62.24 -58.75
CA ASP A 653 22.03 -60.88 -58.45
C ASP A 653 21.13 -60.21 -57.42
N VAL A 654 19.85 -60.56 -57.37
CA VAL A 654 18.95 -59.98 -56.38
C VAL A 654 19.38 -60.41 -54.98
N LEU A 655 19.65 -61.70 -54.80
CA LEU A 655 20.12 -62.17 -53.50
C LEU A 655 21.46 -61.56 -53.16
N ILE A 656 22.34 -61.42 -54.16
CA ILE A 656 23.66 -60.83 -53.91
C ILE A 656 23.53 -59.38 -53.45
N ILE A 657 22.66 -58.61 -54.11
CA ILE A 657 22.53 -57.20 -53.75
C ILE A 657 21.87 -57.05 -52.39
N ASP A 658 20.89 -57.90 -52.07
CA ASP A 658 20.30 -57.85 -50.74
C ASP A 658 21.34 -58.20 -49.67
N GLN A 659 22.18 -59.20 -49.93
CA GLN A 659 23.22 -59.56 -48.98
C GLN A 659 24.21 -58.42 -48.77
N LEU A 660 24.65 -57.78 -49.87
CA LEU A 660 25.60 -56.68 -49.72
C LEU A 660 24.96 -55.47 -49.06
N GLY A 661 23.66 -55.27 -49.25
CA GLY A 661 22.97 -54.23 -48.50
C GLY A 661 22.95 -54.53 -47.01
N CYS A 662 22.73 -55.81 -46.66
CA CYS A 662 22.81 -56.20 -45.25
C CYS A 662 24.20 -55.95 -44.69
N LEU A 663 25.23 -56.24 -45.47
CA LEU A 663 26.60 -55.93 -45.05
C LEU A 663 26.81 -54.42 -44.90
N VAL A 664 26.22 -53.64 -45.81
CA VAL A 664 26.36 -52.18 -45.76
C VAL A 664 25.72 -51.62 -44.50
N ILE A 665 24.63 -52.24 -44.05
CA ILE A 665 23.98 -51.85 -42.80
C ILE A 665 24.97 -51.75 -41.64
N THR A 666 26.07 -52.52 -41.72
CA THR A 666 27.07 -52.48 -40.65
C THR A 666 27.67 -51.08 -40.49
N GLY A 667 27.97 -50.41 -41.60
CA GLY A 667 28.40 -49.02 -41.53
C GLY A 667 29.90 -48.79 -41.46
N ASN A 668 30.64 -49.32 -42.42
CA ASN A 668 32.08 -49.08 -42.53
C ASN A 668 32.35 -48.16 -43.71
N GLN A 669 33.27 -47.22 -43.53
CA GLN A 669 33.48 -46.16 -44.52
C GLN A 669 33.99 -46.72 -45.85
N TYR A 670 34.96 -47.63 -45.80
CA TYR A 670 35.57 -48.12 -47.04
C TYR A 670 34.58 -48.96 -47.86
N ILE A 671 33.88 -49.87 -47.19
CA ILE A 671 32.89 -50.68 -47.91
C ILE A 671 31.75 -49.79 -48.39
N TYR A 672 31.40 -48.74 -47.63
CA TYR A 672 30.38 -47.80 -48.09
C TYR A 672 30.83 -47.09 -49.36
N GLN A 673 32.09 -46.67 -49.41
CA GLN A 673 32.59 -46.00 -50.61
C GLN A 673 32.57 -46.94 -51.80
N GLU A 674 33.03 -48.18 -51.62
CA GLU A 674 33.05 -49.14 -52.73
C GLU A 674 31.63 -49.45 -53.21
N VAL A 675 30.71 -49.66 -52.27
CA VAL A 675 29.33 -49.97 -52.66
C VAL A 675 28.68 -48.79 -53.34
N TRP A 676 29.01 -47.56 -52.93
CA TRP A 676 28.48 -46.39 -53.63
C TRP A 676 29.04 -46.29 -55.03
N ASN A 677 30.33 -46.61 -55.21
CA ASN A 677 30.89 -46.65 -56.56
C ASN A 677 30.11 -47.64 -57.43
N LEU A 678 29.89 -48.85 -56.92
CA LEU A 678 29.18 -49.86 -57.70
C LEU A 678 27.76 -49.42 -58.03
N PHE A 679 27.04 -48.92 -57.03
CA PHE A 679 25.64 -48.53 -57.25
C PHE A 679 25.54 -47.33 -58.18
N GLN A 680 26.45 -46.37 -58.05
CA GLN A 680 26.45 -45.21 -58.93
C GLN A 680 26.73 -45.62 -60.37
N GLN A 681 27.68 -46.54 -60.57
CA GLN A 681 27.94 -47.04 -61.92
C GLN A 681 26.72 -47.76 -62.48
N ILE A 682 26.06 -48.56 -61.64
CA ILE A 682 24.87 -49.29 -62.10
C ILE A 682 23.78 -48.30 -62.51
N SER A 683 23.54 -47.28 -61.70
CA SER A 683 22.52 -46.29 -62.02
C SER A 683 22.87 -45.50 -63.27
N VAL A 684 24.15 -45.14 -63.43
CA VAL A 684 24.59 -44.42 -64.62
C VAL A 684 24.41 -45.27 -65.87
N LYS A 685 24.60 -46.58 -65.75
CA LYS A 685 24.39 -47.48 -66.89
C LYS A 685 22.99 -47.34 -67.47
N ALA A 686 22.00 -47.03 -66.63
CA ALA A 686 20.63 -46.82 -67.10
C ALA A 686 20.24 -45.35 -67.00
N TYR A 702 20.88 -52.96 -65.96
CA TYR A 702 19.79 -53.78 -66.50
C TYR A 702 18.48 -53.46 -65.80
N ARG A 703 17.36 -53.83 -66.43
CA ARG A 703 16.05 -53.56 -65.85
C ARG A 703 15.84 -54.34 -64.56
N HIS A 704 16.31 -55.59 -64.52
CA HIS A 704 16.14 -56.42 -63.33
C HIS A 704 16.98 -55.94 -62.16
N CYS A 705 17.99 -55.10 -62.40
CA CYS A 705 18.86 -54.58 -61.35
C CYS A 705 18.66 -53.08 -61.16
N SER A 706 17.43 -52.62 -61.26
CA SER A 706 17.06 -51.24 -60.93
C SER A 706 16.10 -51.18 -59.75
N LEU A 707 15.01 -51.94 -59.80
CA LEU A 707 14.15 -52.07 -58.62
C LEU A 707 14.94 -52.63 -57.45
N ALA A 708 15.86 -53.56 -57.74
CA ALA A 708 16.69 -54.12 -56.68
C ALA A 708 17.55 -53.04 -56.02
N VAL A 709 18.19 -52.18 -56.84
CA VAL A 709 19.07 -51.18 -56.26
C VAL A 709 18.27 -50.12 -55.51
N ILE A 710 17.09 -49.74 -56.01
CA ILE A 710 16.30 -48.74 -55.31
C ILE A 710 15.79 -49.30 -53.98
N ASN A 711 15.35 -50.56 -53.96
CA ASN A 711 14.95 -51.17 -52.71
C ASN A 711 16.13 -51.25 -51.75
N ALA A 712 17.30 -51.60 -52.26
CA ALA A 712 18.49 -51.72 -51.42
C ALA A 712 18.84 -50.39 -50.76
N LEU A 713 18.91 -49.31 -51.55
CA LEU A 713 19.32 -48.05 -50.94
C LEU A 713 18.20 -47.46 -50.08
N ALA A 714 16.94 -47.78 -50.38
CA ALA A 714 15.86 -47.39 -49.48
C ALA A 714 16.02 -48.06 -48.12
N ASN A 715 16.32 -49.36 -48.12
CA ASN A 715 16.57 -50.05 -46.85
C ASN A 715 17.78 -49.47 -46.13
N ILE A 716 18.84 -49.15 -46.88
CA ILE A 716 20.04 -48.57 -46.28
C ILE A 716 19.69 -47.26 -45.60
N ALA A 717 19.02 -46.36 -46.32
CA ALA A 717 18.64 -45.08 -45.73
C ALA A 717 17.71 -45.26 -44.55
N ALA A 718 16.91 -46.34 -44.55
CA ALA A 718 16.03 -46.61 -43.42
C ALA A 718 16.81 -47.11 -42.20
N ASN A 719 17.97 -47.73 -42.41
CA ASN A 719 18.67 -48.39 -41.31
C ASN A 719 20.16 -48.03 -41.29
N ILE A 720 20.48 -46.74 -41.37
CA ILE A 720 21.82 -46.24 -41.09
C ILE A 720 21.78 -45.47 -39.77
N GLN A 721 22.81 -45.68 -38.94
CA GLN A 721 22.83 -45.16 -37.59
C GLN A 721 23.80 -44.00 -37.38
N ASP A 722 25.07 -44.17 -37.76
CA ASP A 722 26.06 -43.12 -37.54
C ASP A 722 25.75 -41.90 -38.40
N GLU A 723 25.79 -40.72 -37.77
CA GLU A 723 25.32 -39.51 -38.43
C GLU A 723 26.30 -39.00 -39.48
N HIS A 724 27.60 -39.25 -39.31
CA HIS A 724 28.57 -38.80 -40.29
C HIS A 724 28.28 -39.40 -41.66
N LEU A 725 28.14 -40.72 -41.72
CA LEU A 725 27.77 -41.38 -42.96
C LEU A 725 26.38 -40.96 -43.42
N VAL A 726 25.49 -40.61 -42.48
CA VAL A 726 24.16 -40.14 -42.87
C VAL A 726 24.27 -38.87 -43.71
N ASP A 727 25.00 -37.88 -43.20
CA ASP A 727 25.12 -36.63 -43.94
C ASP A 727 25.92 -36.81 -45.21
N GLU A 728 26.97 -37.64 -45.17
CA GLU A 728 27.77 -37.89 -46.36
C GLU A 728 26.92 -38.51 -47.47
N LEU A 729 26.13 -39.53 -47.12
CA LEU A 729 25.27 -40.16 -48.11
C LEU A 729 24.15 -39.23 -48.57
N LEU A 730 23.68 -38.34 -47.69
CA LEU A 730 22.68 -37.37 -48.11
C LEU A 730 23.23 -36.42 -49.18
N MET A 731 24.39 -35.83 -48.91
CA MET A 731 24.97 -34.91 -49.89
C MET A 731 25.37 -35.65 -51.16
N ASN A 732 25.83 -36.90 -51.06
CA ASN A 732 26.19 -37.64 -52.25
C ASN A 732 24.96 -38.05 -53.05
N LEU A 733 23.83 -38.33 -52.38
CA LEU A 733 22.59 -38.59 -53.09
C LEU A 733 22.12 -37.32 -53.82
N LEU A 734 22.28 -36.17 -53.19
CA LEU A 734 21.97 -34.91 -53.88
C LEU A 734 22.88 -34.72 -55.08
N GLU A 735 24.16 -35.07 -54.94
CA GLU A 735 25.08 -35.01 -56.06
C GLU A 735 24.65 -35.92 -57.21
N LEU A 736 24.21 -37.14 -56.88
CA LEU A 736 23.72 -38.05 -57.90
C LEU A 736 22.47 -37.49 -58.59
N PHE A 737 21.56 -36.92 -57.80
CA PHE A 737 20.35 -36.34 -58.37
C PHE A 737 20.67 -35.20 -59.33
N VAL A 738 21.61 -34.33 -58.95
CA VAL A 738 22.00 -33.24 -59.84
C VAL A 738 22.81 -33.76 -61.03
N GLN A 739 23.47 -34.91 -60.89
CA GLN A 739 24.12 -35.55 -62.02
C GLN A 739 23.10 -36.09 -63.01
N LEU A 740 21.93 -36.51 -62.51
CA LEU A 740 20.83 -36.93 -63.38
C LEU A 740 20.21 -35.78 -64.16
N GLY A 741 20.76 -34.57 -64.08
CA GLY A 741 20.21 -33.41 -64.77
C GLY A 741 20.57 -33.33 -66.24
N LEU A 742 20.75 -34.48 -66.88
CA LEU A 742 21.03 -34.56 -68.32
C LEU A 742 22.30 -33.80 -68.70
N ASN A 766 10.04 -40.90 -64.67
CA ASN A 766 10.84 -42.01 -64.20
C ASN A 766 12.18 -41.52 -63.64
N LEU A 767 12.30 -40.21 -63.48
CA LEU A 767 13.52 -39.59 -62.98
C LEU A 767 13.48 -39.32 -61.48
N GLY A 768 12.33 -38.86 -60.96
CA GLY A 768 12.24 -38.52 -59.55
C GLY A 768 11.86 -39.68 -58.66
N VAL A 769 12.37 -40.87 -58.96
CA VAL A 769 12.07 -42.05 -58.15
C VAL A 769 12.88 -42.10 -56.88
N LEU A 770 13.88 -41.23 -56.73
CA LEU A 770 14.71 -41.20 -55.54
C LEU A 770 14.12 -40.33 -54.42
N ILE A 771 13.15 -39.47 -54.73
CA ILE A 771 12.62 -38.53 -53.76
C ILE A 771 11.88 -39.22 -52.61
N PRO A 772 11.24 -40.39 -52.79
CA PRO A 772 10.75 -41.08 -51.58
C PRO A 772 11.89 -41.47 -50.63
N VAL A 773 13.02 -41.89 -51.19
CA VAL A 773 14.18 -42.23 -50.35
C VAL A 773 14.71 -40.98 -49.67
N ILE A 774 14.75 -39.85 -50.40
CA ILE A 774 15.20 -38.60 -49.80
C ILE A 774 14.30 -38.20 -48.64
N ALA A 775 12.98 -38.31 -48.82
CA ALA A 775 12.05 -37.99 -47.75
C ALA A 775 12.22 -38.92 -46.56
N VAL A 776 12.38 -40.22 -46.82
CA VAL A 776 12.57 -41.19 -45.75
C VAL A 776 13.82 -40.86 -44.95
N LEU A 777 14.90 -40.50 -45.64
CA LEU A 777 16.11 -40.10 -44.93
C LEU A 777 15.88 -38.84 -44.11
N THR A 778 15.35 -37.79 -44.75
CA THR A 778 15.27 -36.49 -44.09
C THR A 778 14.23 -36.44 -42.97
N ARG A 779 13.33 -37.41 -42.90
CA ARG A 779 12.40 -37.42 -41.77
C ARG A 779 13.05 -37.81 -40.46
N ARG A 780 14.37 -38.02 -40.44
CA ARG A 780 15.08 -38.46 -39.24
C ARG A 780 15.97 -37.38 -38.64
N LEU A 781 15.91 -36.15 -39.14
CA LEU A 781 16.77 -35.08 -38.68
C LEU A 781 15.95 -33.83 -38.38
N PRO A 782 16.45 -32.96 -37.50
CA PRO A 782 15.78 -31.68 -37.25
C PRO A 782 15.89 -30.76 -38.44
N PRO A 783 15.17 -29.64 -38.45
CA PRO A 783 15.26 -28.71 -39.58
C PRO A 783 16.67 -28.17 -39.76
N ILE A 784 17.02 -27.93 -41.02
CA ILE A 784 18.34 -27.45 -41.39
C ILE A 784 18.32 -25.92 -41.37
N LYS A 785 19.26 -25.33 -40.62
CA LYS A 785 19.38 -23.88 -40.52
C LYS A 785 20.64 -23.38 -41.22
N GLU A 786 21.80 -23.90 -40.85
CA GLU A 786 23.06 -23.55 -41.49
C GLU A 786 23.83 -24.81 -41.81
N ALA A 787 24.58 -24.79 -42.90
CA ALA A 787 25.33 -25.94 -43.37
C ALA A 787 26.38 -25.47 -44.36
N LYS A 788 27.04 -26.42 -45.01
CA LYS A 788 28.03 -26.09 -46.01
C LYS A 788 27.37 -25.38 -47.20
N PRO A 789 27.99 -24.32 -47.74
CA PRO A 789 27.40 -23.67 -48.91
C PRO A 789 27.28 -24.59 -50.11
N ARG A 790 28.12 -25.63 -50.19
CA ARG A 790 27.96 -26.65 -51.22
C ARG A 790 26.57 -27.27 -51.16
N LEU A 791 26.13 -27.66 -49.96
CA LEU A 791 24.81 -28.27 -49.82
C LEU A 791 23.70 -27.28 -50.17
N GLN A 792 23.89 -26.01 -49.83
CA GLN A 792 22.92 -24.99 -50.24
C GLN A 792 22.83 -24.90 -51.76
N LYS A 793 23.98 -24.97 -52.44
CA LYS A 793 23.96 -24.96 -53.90
C LYS A 793 23.24 -26.17 -54.47
N LEU A 794 23.50 -27.35 -53.90
CA LEU A 794 22.80 -28.55 -54.35
C LEU A 794 21.30 -28.43 -54.15
N PHE A 795 20.88 -27.90 -52.99
CA PHE A 795 19.46 -27.73 -52.74
C PHE A 795 18.83 -26.74 -53.70
N ARG A 796 19.53 -25.64 -54.00
CA ARG A 796 19.02 -24.66 -54.95
C ARG A 796 18.85 -25.28 -56.32
N ASP A 797 19.86 -26.02 -56.79
CA ASP A 797 19.77 -26.66 -58.10
C ASP A 797 18.64 -27.68 -58.13
N PHE A 798 18.50 -28.48 -57.06
CA PHE A 798 17.44 -29.47 -57.01
C PHE A 798 16.08 -28.81 -57.07
N TRP A 799 15.89 -27.71 -56.32
CA TRP A 799 14.61 -27.03 -56.31
C TRP A 799 14.29 -26.44 -57.68
N LEU A 800 15.27 -25.80 -58.31
CA LEU A 800 15.01 -25.20 -59.61
C LEU A 800 14.70 -26.28 -60.66
N TYR A 801 15.42 -27.40 -60.62
CA TYR A 801 15.11 -28.49 -61.54
C TYR A 801 13.72 -29.06 -61.28
N SER A 802 13.36 -29.22 -60.02
CA SER A 802 12.05 -29.77 -59.68
C SER A 802 10.93 -28.86 -60.17
N VAL A 803 11.08 -27.55 -59.99
CA VAL A 803 10.03 -26.64 -60.45
C VAL A 803 10.02 -26.55 -61.97
N LEU A 804 11.18 -26.64 -62.62
CA LEU A 804 11.21 -26.52 -64.07
C LEU A 804 10.61 -27.74 -64.75
N MET A 805 10.86 -28.94 -64.22
CA MET A 805 10.11 -30.11 -64.67
C MET A 805 8.63 -30.04 -64.29
N GLY A 806 8.23 -29.13 -63.41
CA GLY A 806 6.84 -29.02 -63.03
C GLY A 806 6.41 -29.97 -61.94
N PHE A 807 7.36 -30.49 -61.16
CA PHE A 807 7.02 -31.40 -60.06
C PHE A 807 6.46 -30.67 -58.85
N ALA A 808 6.61 -29.35 -58.77
CA ALA A 808 6.14 -28.62 -57.60
C ALA A 808 4.63 -28.51 -57.57
N VAL A 809 4.00 -28.27 -58.72
CA VAL A 809 2.56 -28.10 -58.77
C VAL A 809 1.88 -29.44 -58.52
N GLU A 810 0.97 -29.47 -57.55
CA GLU A 810 0.24 -30.69 -57.19
C GLU A 810 -0.93 -30.85 -58.15
N GLY A 811 -0.73 -31.64 -59.19
CA GLY A 811 -1.76 -31.89 -60.18
C GLY A 811 -1.22 -32.04 -61.59
N TRP A 815 1.35 -39.08 -63.04
CA TRP A 815 2.47 -39.09 -62.11
C TRP A 815 2.06 -39.72 -60.78
N PRO A 816 3.02 -40.37 -60.11
CA PRO A 816 2.72 -40.92 -58.78
C PRO A 816 2.30 -39.82 -57.81
N GLU A 817 1.25 -40.11 -57.04
CA GLU A 817 0.73 -39.12 -56.10
C GLU A 817 1.58 -39.02 -54.85
N GLU A 818 2.21 -40.11 -54.41
CA GLU A 818 3.06 -40.06 -53.23
C GLU A 818 4.29 -39.18 -53.45
N TRP A 819 4.65 -38.91 -54.71
CA TRP A 819 5.76 -38.01 -54.97
C TRP A 819 5.46 -36.61 -54.46
N TYR A 820 4.20 -36.17 -54.58
CA TYR A 820 3.83 -34.85 -54.06
C TYR A 820 3.93 -34.82 -52.53
N GLU A 821 3.53 -35.90 -51.86
CA GLU A 821 3.69 -35.96 -50.41
C GLU A 821 5.16 -35.93 -50.02
N GLY A 822 6.00 -36.64 -50.77
CA GLY A 822 7.44 -36.57 -50.52
C GLY A 822 8.00 -35.18 -50.72
N VAL A 823 7.51 -34.48 -51.75
CA VAL A 823 7.94 -33.11 -52.00
C VAL A 823 7.54 -32.20 -50.85
N CYS A 824 6.31 -32.37 -50.36
CA CYS A 824 5.86 -31.58 -49.20
C CYS A 824 6.73 -31.84 -47.98
N GLU A 825 7.06 -33.11 -47.73
CA GLU A 825 7.88 -33.45 -46.58
C GLU A 825 9.30 -32.91 -46.74
N ILE A 826 9.82 -32.91 -47.97
CA ILE A 826 11.13 -32.30 -48.23
C ILE A 826 11.09 -30.81 -47.94
N ALA A 827 10.06 -30.13 -48.43
CA ALA A 827 9.94 -28.70 -48.21
C ALA A 827 9.75 -28.38 -46.74
N THR A 828 9.20 -29.31 -45.97
CA THR A 828 9.05 -29.12 -44.53
C THR A 828 10.39 -28.99 -43.82
N LYS A 829 11.48 -29.46 -44.44
CA LYS A 829 12.79 -29.42 -43.81
C LYS A 829 13.85 -28.72 -44.66
N SER A 830 13.50 -28.20 -45.82
CA SER A 830 14.48 -27.59 -46.70
C SER A 830 14.98 -26.27 -46.11
N PRO A 831 16.23 -25.91 -46.38
CA PRO A 831 16.78 -24.64 -45.89
C PRO A 831 16.35 -23.49 -46.80
N LEU A 832 16.77 -22.29 -46.42
CA LEU A 832 16.42 -21.09 -47.17
C LEU A 832 17.36 -20.88 -48.35
N LEU A 833 16.81 -20.31 -49.43
CA LEU A 833 17.59 -20.03 -50.64
C LEU A 833 18.32 -18.70 -50.48
N THR A 834 19.29 -18.71 -49.55
CA THR A 834 20.06 -17.53 -49.24
C THR A 834 21.16 -17.34 -50.28
N PHE A 835 22.07 -16.40 -50.02
CA PHE A 835 23.15 -16.11 -50.94
C PHE A 835 24.40 -15.66 -50.19
N GLU A 839 29.19 -10.56 -52.08
CA GLU A 839 28.95 -11.58 -53.08
C GLU A 839 27.90 -11.12 -54.08
N PRO A 840 28.32 -10.87 -55.33
CA PRO A 840 27.38 -10.42 -56.35
C PRO A 840 26.31 -11.47 -56.62
N LEU A 841 25.08 -10.99 -56.84
CA LEU A 841 23.95 -11.89 -57.07
C LEU A 841 23.86 -12.30 -58.53
N ARG A 842 23.62 -11.32 -59.41
CA ARG A 842 23.31 -11.62 -60.80
C ARG A 842 24.47 -12.33 -61.50
N SER A 843 25.70 -11.91 -61.19
CA SER A 843 26.86 -12.56 -61.81
C SER A 843 26.97 -14.03 -61.41
N VAL A 844 26.44 -14.40 -60.24
CA VAL A 844 26.51 -15.79 -59.81
C VAL A 844 25.63 -16.66 -60.70
N LEU A 845 24.41 -16.20 -60.98
CA LEU A 845 23.48 -16.96 -61.82
C LEU A 845 23.71 -16.67 -63.29
N THR A 857 14.96 -17.81 -76.05
CA THR A 857 13.65 -17.78 -76.70
C THR A 857 12.70 -16.83 -75.97
N PRO A 858 12.39 -15.70 -76.61
CA PRO A 858 11.53 -14.71 -75.96
C PRO A 858 10.13 -15.21 -75.63
N ALA A 859 9.60 -16.17 -76.40
CA ALA A 859 8.23 -16.63 -76.17
C ALA A 859 8.09 -17.29 -74.80
N GLU A 860 9.03 -18.15 -74.43
CA GLU A 860 8.96 -18.81 -73.13
C GLU A 860 9.11 -17.80 -72.00
N LEU A 861 9.97 -16.80 -72.18
CA LEU A 861 10.11 -15.74 -71.20
C LEU A 861 8.80 -14.98 -71.02
N SER A 862 8.12 -14.68 -72.13
CA SER A 862 6.83 -14.01 -72.05
C SER A 862 5.81 -14.87 -71.32
N GLU A 863 5.78 -16.17 -71.62
CA GLU A 863 4.84 -17.07 -70.94
C GLU A 863 5.07 -17.10 -69.44
N LEU A 864 6.34 -17.24 -69.03
CA LEU A 864 6.63 -17.31 -67.59
C LEU A 864 6.35 -15.97 -66.92
N ARG A 865 6.61 -14.85 -67.60
CA ARG A 865 6.28 -13.56 -67.04
C ARG A 865 4.77 -13.41 -66.85
N SER A 866 3.99 -13.87 -67.83
CA SER A 866 2.54 -13.82 -67.70
C SER A 866 2.07 -14.67 -66.54
N THR A 867 2.64 -15.87 -66.37
CA THR A 867 2.26 -16.72 -65.25
C THR A 867 2.60 -16.06 -63.92
N ILE A 868 3.78 -15.45 -63.82
CA ILE A 868 4.19 -14.78 -62.59
C ILE A 868 3.25 -13.64 -62.27
N ILE A 869 2.92 -12.82 -63.27
CA ILE A 869 2.04 -11.69 -63.05
C ILE A 869 0.65 -12.16 -62.63
N ASN A 870 0.14 -13.20 -63.28
CA ASN A 870 -1.17 -13.73 -62.92
C ASN A 870 -1.17 -14.25 -61.49
N LEU A 871 -0.11 -14.97 -61.09
CA LEU A 871 -0.07 -15.54 -59.76
C LEU A 871 0.07 -14.48 -58.69
N LEU A 872 0.86 -13.44 -58.94
CA LEU A 872 1.15 -12.45 -57.90
C LEU A 872 0.06 -11.37 -57.82
N ASP A 873 -0.50 -10.97 -58.95
CA ASP A 873 -1.43 -9.85 -59.02
C ASP A 873 -0.86 -8.59 -58.37
N PRO A 874 0.25 -8.06 -58.90
CA PRO A 874 0.86 -6.88 -58.29
C PRO A 874 0.33 -5.60 -58.92
N PRO A 875 0.63 -4.44 -58.32
CA PRO A 875 0.31 -3.16 -58.98
C PRO A 875 1.10 -3.01 -60.27
N PRO A 876 0.63 -2.17 -61.19
CA PRO A 876 1.27 -2.11 -62.52
C PRO A 876 2.74 -1.75 -62.50
N GLU A 877 3.18 -0.93 -61.55
CA GLU A 877 4.60 -0.57 -61.50
C GLU A 877 5.47 -1.79 -61.23
N VAL A 878 5.04 -2.67 -60.33
CA VAL A 878 5.79 -3.88 -60.04
C VAL A 878 5.83 -4.78 -61.25
N SER A 879 4.72 -4.88 -61.98
CA SER A 879 4.71 -5.67 -63.22
C SER A 879 5.67 -5.10 -64.25
N ALA A 880 5.70 -3.77 -64.39
CA ALA A 880 6.63 -3.14 -65.31
C ALA A 880 8.08 -3.43 -64.91
N LEU A 881 8.36 -3.43 -63.61
CA LEU A 881 9.68 -3.82 -63.13
C LEU A 881 9.97 -5.27 -63.49
N ILE A 882 8.98 -6.15 -63.36
CA ILE A 882 9.18 -7.57 -63.64
C ILE A 882 9.47 -7.81 -65.11
N ASN A 883 8.85 -7.01 -66.00
CA ASN A 883 8.98 -7.23 -67.43
C ASN A 883 10.39 -7.01 -67.96
N LYS A 884 11.34 -6.70 -67.07
CA LYS A 884 12.73 -6.48 -67.45
C LYS A 884 13.64 -7.50 -66.78
N LEU A 885 13.24 -8.77 -66.81
CA LEU A 885 13.99 -9.83 -66.14
C LEU A 885 14.35 -10.93 -67.13
N ASP A 886 15.40 -11.67 -66.79
CA ASP A 886 15.88 -12.79 -67.59
C ASP A 886 15.27 -14.09 -67.08
N PHE A 887 15.80 -15.23 -67.57
CA PHE A 887 15.30 -16.52 -67.14
C PHE A 887 15.62 -16.79 -65.67
N ALA A 888 16.88 -16.59 -65.28
CA ALA A 888 17.36 -17.06 -63.99
C ALA A 888 16.64 -16.37 -62.83
N MET A 889 16.47 -15.04 -62.92
CA MET A 889 15.81 -14.32 -61.85
C MET A 889 14.36 -14.77 -61.67
N SER A 890 13.64 -14.95 -62.79
CA SER A 890 12.25 -15.39 -62.72
C SER A 890 12.16 -16.80 -62.13
N THR A 891 13.07 -17.69 -62.54
CA THR A 891 13.07 -19.04 -61.98
C THR A 891 13.34 -19.01 -60.48
N TYR A 892 14.28 -18.15 -60.05
CA TYR A 892 14.57 -18.03 -58.62
C TYR A 892 13.35 -17.52 -57.85
N LEU A 893 12.68 -16.51 -58.38
CA LEU A 893 11.48 -15.99 -57.72
C LEU A 893 10.40 -17.06 -57.62
N LEU A 894 10.19 -17.82 -58.70
CA LEU A 894 9.18 -18.88 -58.66
C LEU A 894 9.54 -19.96 -57.67
N SER A 895 10.82 -20.35 -57.62
CA SER A 895 11.24 -21.36 -56.65
C SER A 895 11.02 -20.90 -55.23
N VAL A 896 11.36 -19.63 -54.95
CA VAL A 896 11.13 -19.07 -53.62
C VAL A 896 9.64 -19.10 -53.28
N TYR A 897 8.80 -18.70 -54.24
CA TYR A 897 7.36 -18.70 -54.05
C TYR A 897 6.88 -20.10 -53.66
N ARG A 898 7.23 -21.10 -54.47
CA ARG A 898 6.74 -22.46 -54.23
C ARG A 898 7.23 -23.00 -52.89
N LEU A 899 8.53 -22.83 -52.62
CA LEU A 899 9.09 -23.38 -51.39
C LEU A 899 8.46 -22.74 -50.16
N GLU A 900 8.38 -21.41 -50.13
CA GLU A 900 7.83 -20.74 -48.96
C GLU A 900 6.34 -21.04 -48.78
N TYR A 901 5.58 -21.05 -49.88
CA TYR A 901 4.16 -21.38 -49.79
C TYR A 901 3.96 -22.78 -49.23
N MET A 902 4.70 -23.76 -49.76
CA MET A 902 4.55 -25.13 -49.30
C MET A 902 4.95 -25.27 -47.84
N ARG A 903 6.06 -24.63 -47.44
CA ARG A 903 6.52 -24.73 -46.06
C ARG A 903 5.53 -24.10 -45.10
N VAL A 904 5.02 -22.91 -45.44
CA VAL A 904 4.09 -22.24 -44.53
C VAL A 904 2.77 -22.99 -44.47
N LEU A 905 2.38 -23.69 -45.54
CA LEU A 905 1.14 -24.44 -45.48
C LEU A 905 1.27 -25.73 -44.70
N ARG A 906 2.39 -26.44 -44.84
CA ARG A 906 2.49 -27.80 -44.30
C ARG A 906 3.48 -27.93 -43.14
N SER A 907 3.96 -26.82 -42.59
CA SER A 907 4.97 -26.89 -41.54
C SER A 907 4.33 -27.01 -40.16
N THR A 908 5.18 -27.10 -39.13
CA THR A 908 4.71 -27.17 -37.76
C THR A 908 5.56 -26.33 -36.82
N ASP A 909 6.53 -25.57 -37.33
CA ASP A 909 7.34 -24.71 -36.49
C ASP A 909 6.52 -23.52 -36.02
N PRO A 910 6.57 -23.17 -34.72
CA PRO A 910 5.77 -22.03 -34.24
C PRO A 910 6.24 -20.68 -34.79
N ASP A 911 7.34 -20.68 -35.54
CA ASP A 911 7.90 -19.47 -36.14
C ASP A 911 7.52 -19.35 -37.61
N ARG A 912 6.27 -19.70 -37.94
CA ARG A 912 5.85 -19.90 -39.32
C ARG A 912 6.19 -18.72 -40.22
N PHE A 913 5.62 -17.55 -39.93
CA PHE A 913 5.66 -16.45 -40.89
C PHE A 913 6.83 -15.50 -40.68
N GLN A 914 7.56 -15.61 -39.56
CA GLN A 914 8.69 -14.71 -39.33
C GLN A 914 9.96 -15.18 -40.03
N VAL A 915 9.97 -16.37 -40.63
CA VAL A 915 11.12 -16.80 -41.41
C VAL A 915 11.23 -15.98 -42.68
N MET A 916 10.12 -15.47 -43.20
CA MET A 916 10.15 -14.65 -44.40
C MET A 916 10.91 -13.36 -44.16
N PHE A 917 10.85 -12.83 -42.94
CA PHE A 917 11.57 -11.59 -42.62
C PHE A 917 13.08 -11.75 -42.83
N CYS A 918 13.61 -12.96 -42.63
CA CYS A 918 15.04 -13.17 -42.81
C CYS A 918 15.49 -12.94 -44.25
N TYR A 919 14.58 -12.99 -45.21
CA TYR A 919 14.92 -12.69 -46.59
C TYR A 919 15.08 -11.19 -46.84
N PHE A 920 14.71 -10.35 -45.88
CA PHE A 920 14.94 -8.91 -45.97
C PHE A 920 16.30 -8.49 -45.46
N GLU A 921 16.96 -9.34 -44.67
CA GLU A 921 18.23 -9.00 -44.03
C GLU A 921 19.44 -9.46 -44.84
N ASP A 922 19.32 -9.55 -46.16
CA ASP A 922 20.43 -9.92 -47.02
C ASP A 922 20.85 -8.71 -47.84
N LYS A 923 22.15 -8.39 -47.78
CA LYS A 923 22.66 -7.23 -48.50
C LYS A 923 22.53 -7.40 -50.00
N ALA A 924 22.78 -8.61 -50.50
CA ALA A 924 22.85 -8.84 -51.95
C ALA A 924 21.51 -8.51 -52.62
N ILE A 925 20.40 -8.89 -51.99
CA ILE A 925 19.10 -8.55 -52.55
C ILE A 925 18.87 -7.04 -52.52
N GLN A 926 19.39 -6.36 -51.50
CA GLN A 926 19.17 -4.92 -51.37
C GLN A 926 19.93 -4.11 -52.42
N LYS A 927 20.84 -4.74 -53.17
CA LYS A 927 21.63 -4.02 -54.17
C LYS A 927 21.10 -4.19 -55.59
N ASP A 928 20.35 -5.26 -55.86
CA ASP A 928 19.85 -5.50 -57.20
C ASP A 928 18.79 -4.48 -57.58
N LYS A 929 18.67 -4.24 -58.88
CA LYS A 929 17.71 -3.28 -59.40
C LYS A 929 16.59 -3.98 -60.16
N MET A 933 13.37 -6.71 -53.44
CA MET A 933 12.55 -5.77 -52.70
C MET A 933 11.07 -5.88 -53.05
N GLN A 934 10.65 -5.17 -54.10
CA GLN A 934 9.23 -5.10 -54.43
C GLN A 934 8.66 -6.48 -54.73
N CYS A 935 9.39 -7.30 -55.47
CA CYS A 935 8.92 -8.67 -55.72
C CYS A 935 8.85 -9.46 -54.42
N VAL A 936 9.85 -9.30 -53.55
CA VAL A 936 9.90 -10.05 -52.30
C VAL A 936 8.72 -9.66 -51.40
N ILE A 937 8.46 -8.36 -51.27
CA ILE A 937 7.32 -7.95 -50.46
C ILE A 937 6.02 -8.37 -51.12
N ALA A 938 5.98 -8.40 -52.46
CA ALA A 938 4.77 -8.82 -53.15
C ALA A 938 4.43 -10.28 -52.85
N VAL A 939 5.43 -11.16 -52.87
CA VAL A 939 5.16 -12.56 -52.55
C VAL A 939 4.91 -12.73 -51.06
N ALA A 940 5.60 -11.94 -50.22
CA ALA A 940 5.39 -12.03 -48.79
C ALA A 940 3.98 -11.65 -48.39
N ASP A 941 3.37 -10.69 -49.10
CA ASP A 941 1.98 -10.33 -48.82
C ASP A 941 1.06 -11.52 -49.00
N LYS A 942 1.22 -12.25 -50.12
CA LYS A 942 0.38 -13.41 -50.36
C LYS A 942 0.65 -14.51 -49.35
N VAL A 943 1.92 -14.71 -48.98
CA VAL A 943 2.25 -15.71 -47.98
C VAL A 943 1.59 -15.40 -46.64
N PHE A 944 1.65 -14.13 -46.23
CA PHE A 944 1.04 -13.72 -44.97
C PHE A 944 -0.47 -13.87 -45.02
N ASP A 945 -1.08 -13.53 -46.15
CA ASP A 945 -2.53 -13.69 -46.28
C ASP A 945 -2.93 -15.16 -46.19
N ALA A 946 -2.16 -16.03 -46.84
CA ALA A 946 -2.45 -17.46 -46.77
C ALA A 946 -2.32 -17.98 -45.33
N PHE A 947 -1.26 -17.56 -44.62
CA PHE A 947 -1.10 -17.98 -43.24
C PHE A 947 -2.25 -17.49 -42.37
N LEU A 948 -2.66 -16.24 -42.56
CA LEU A 948 -3.77 -15.69 -41.79
C LEU A 948 -5.06 -16.45 -42.06
N ASN A 949 -5.33 -16.76 -43.33
CA ASN A 949 -6.53 -17.53 -43.67
C ASN A 949 -6.48 -18.92 -43.07
N MET A 950 -5.30 -19.53 -43.05
CA MET A 950 -5.16 -20.85 -42.43
C MET A 950 -5.44 -20.78 -40.93
N MET A 951 -4.91 -19.77 -40.25
CA MET A 951 -5.04 -19.69 -38.80
C MET A 951 -6.39 -19.14 -38.35
N ALA A 952 -7.16 -18.53 -39.24
CA ALA A 952 -8.42 -17.91 -38.84
C ALA A 952 -9.45 -18.93 -38.35
N ASP A 953 -9.29 -20.21 -38.68
CA ASP A 953 -10.31 -21.20 -38.33
C ASP A 953 -9.67 -22.47 -37.78
N LYS A 954 -8.57 -22.31 -37.04
CA LYS A 954 -7.91 -23.46 -36.42
C LYS A 954 -8.82 -24.12 -35.38
N ALA A 955 -9.09 -23.40 -34.30
CA ALA A 955 -9.92 -23.88 -33.18
C ALA A 955 -10.15 -22.69 -32.26
N LYS A 956 -10.74 -22.96 -31.09
CA LYS A 956 -10.88 -21.95 -30.04
C LYS A 956 -10.31 -22.48 -28.74
N THR A 957 -9.14 -23.10 -28.80
CA THR A 957 -8.46 -23.62 -27.62
C THR A 957 -7.65 -22.50 -26.96
N LYS A 958 -6.77 -22.87 -26.03
CA LYS A 958 -6.05 -21.89 -25.22
C LYS A 958 -4.76 -21.42 -25.90
N GLU A 959 -3.87 -22.35 -26.24
CA GLU A 959 -2.52 -21.97 -26.67
C GLU A 959 -2.49 -21.17 -27.96
N ASN A 960 -3.55 -21.23 -28.77
CA ASN A 960 -3.63 -20.37 -29.94
C ASN A 960 -3.59 -18.91 -29.56
N GLU A 961 -4.19 -18.55 -28.42
CA GLU A 961 -4.11 -17.18 -27.93
C GLU A 961 -2.67 -16.78 -27.62
N GLU A 962 -1.90 -17.69 -27.01
CA GLU A 962 -0.49 -17.40 -26.74
C GLU A 962 0.28 -17.23 -28.05
N GLU A 963 0.00 -18.07 -29.05
CA GLU A 963 0.67 -17.93 -30.34
C GLU A 963 0.36 -16.58 -30.96
N LEU A 964 -0.91 -16.17 -30.93
CA LEU A 964 -1.30 -14.89 -31.50
C LEU A 964 -0.65 -13.73 -30.75
N GLU A 965 -0.59 -13.82 -29.42
CA GLU A 965 0.04 -12.77 -28.63
C GLU A 965 1.53 -12.65 -28.95
N ARG A 966 2.21 -13.79 -29.10
CA ARG A 966 3.62 -13.75 -29.46
C ARG A 966 3.83 -13.13 -30.84
N HIS A 967 2.97 -13.49 -31.79
CA HIS A 967 3.08 -12.88 -33.13
C HIS A 967 2.83 -11.39 -33.07
N ALA A 968 1.85 -10.96 -32.28
CA ALA A 968 1.58 -9.53 -32.12
C ALA A 968 2.76 -8.81 -31.50
N GLN A 969 3.41 -9.42 -30.51
CA GLN A 969 4.59 -8.83 -29.91
C GLN A 969 5.71 -8.68 -30.94
N PHE A 970 5.92 -9.71 -31.76
CA PHE A 970 6.95 -9.64 -32.79
C PHE A 970 6.63 -8.54 -33.80
N LEU A 971 5.35 -8.37 -34.13
CA LEU A 971 4.96 -7.25 -34.98
C LEU A 971 5.27 -5.92 -34.31
N LEU A 972 4.98 -5.80 -33.01
CA LEU A 972 5.14 -4.54 -32.32
C LEU A 972 6.61 -4.12 -32.22
N VAL A 973 7.51 -5.07 -31.94
CA VAL A 973 8.89 -4.69 -31.69
C VAL A 973 9.54 -4.14 -32.97
N ASN A 974 9.20 -4.71 -34.12
CA ASN A 974 9.81 -4.32 -35.39
C ASN A 974 9.10 -3.16 -36.06
N PHE A 975 8.16 -2.50 -35.38
CA PHE A 975 7.43 -1.39 -35.98
C PHE A 975 8.33 -0.20 -36.27
N ASN A 976 9.50 -0.13 -35.65
CA ASN A 976 10.40 1.02 -35.77
C ASN A 976 11.78 0.58 -36.22
N HIS A 977 11.83 -0.23 -37.28
CA HIS A 977 13.10 -0.71 -37.80
C HIS A 977 13.88 0.44 -38.45
N ILE A 978 15.19 0.23 -38.60
CA ILE A 978 16.07 1.29 -39.10
C ILE A 978 15.88 1.53 -40.60
N HIS A 979 15.36 0.56 -41.34
CA HIS A 979 15.07 0.75 -42.75
C HIS A 979 13.74 1.50 -42.87
N LYS A 980 13.25 1.67 -44.10
CA LYS A 980 12.03 2.41 -44.35
C LYS A 980 10.86 1.53 -44.76
N ARG A 981 11.05 0.65 -45.74
CA ARG A 981 9.97 -0.22 -46.19
C ARG A 981 9.59 -1.23 -45.11
N ILE A 982 10.56 -1.66 -44.29
CA ILE A 982 10.30 -2.67 -43.29
C ILE A 982 9.24 -2.20 -42.30
N ARG A 983 9.38 -0.96 -41.81
CA ARG A 983 8.44 -0.49 -40.80
C ARG A 983 7.06 -0.24 -41.37
N ARG A 984 6.96 0.21 -42.63
CA ARG A 984 5.63 0.42 -43.20
C ARG A 984 4.92 -0.89 -43.50
N VAL A 985 5.65 -1.90 -44.00
CA VAL A 985 5.00 -3.20 -44.18
C VAL A 985 4.65 -3.81 -42.83
N ALA A 986 5.46 -3.59 -41.80
CA ALA A 986 5.12 -4.07 -40.47
C ALA A 986 3.85 -3.38 -39.96
N ASP A 987 3.71 -2.09 -40.22
CA ASP A 987 2.50 -1.38 -39.82
C ASP A 987 1.28 -1.94 -40.53
N LYS A 988 1.41 -2.21 -41.84
CA LYS A 988 0.29 -2.80 -42.58
C LYS A 988 -0.09 -4.16 -42.01
N TYR A 989 0.91 -5.00 -41.73
CA TYR A 989 0.64 -6.33 -41.18
C TYR A 989 -0.02 -6.24 -39.82
N LEU A 990 0.46 -5.32 -38.97
CA LEU A 990 -0.12 -5.15 -37.65
C LEU A 990 -1.57 -4.67 -37.75
N SER A 991 -1.84 -3.73 -38.67
CA SER A 991 -3.21 -3.26 -38.84
C SER A 991 -4.13 -4.39 -39.27
N GLY A 992 -3.68 -5.22 -40.22
CA GLY A 992 -4.51 -6.34 -40.64
C GLY A 992 -4.75 -7.33 -39.52
N LEU A 993 -3.69 -7.68 -38.78
CA LEU A 993 -3.83 -8.64 -37.69
C LEU A 993 -4.76 -8.11 -36.61
N VAL A 994 -4.67 -6.83 -36.29
CA VAL A 994 -5.48 -6.27 -35.23
C VAL A 994 -6.92 -6.00 -35.66
N ASP A 995 -7.17 -5.80 -36.96
CA ASP A 995 -8.56 -5.62 -37.40
C ASP A 995 -9.21 -6.94 -37.80
N LYS A 996 -8.47 -8.04 -37.81
CA LYS A 996 -9.08 -9.36 -37.95
C LYS A 996 -9.38 -10.04 -36.62
N PHE A 997 -8.61 -9.74 -35.57
CA PHE A 997 -8.78 -10.37 -34.26
C PHE A 997 -8.96 -9.27 -33.23
N PRO A 998 -10.18 -8.79 -33.04
CA PRO A 998 -10.40 -7.65 -32.12
C PRO A 998 -10.01 -7.92 -30.68
N HIS A 999 -10.07 -9.17 -30.21
CA HIS A 999 -9.85 -9.43 -28.79
C HIS A 999 -8.39 -9.22 -28.37
N LEU A 1000 -7.48 -9.03 -29.31
CA LEU A 1000 -6.08 -8.76 -28.96
C LEU A 1000 -5.90 -7.37 -28.34
N LEU A 1001 -6.85 -6.46 -28.55
CA LEU A 1001 -6.70 -5.09 -28.06
C LEU A 1001 -6.64 -5.06 -26.54
N TRP A 1002 -7.55 -5.80 -25.88
CA TRP A 1002 -7.59 -5.85 -24.42
C TRP A 1002 -6.84 -7.04 -23.85
N SER A 1003 -5.80 -7.50 -24.54
CA SER A 1003 -4.99 -8.58 -24.02
C SER A 1003 -4.12 -8.09 -22.88
N GLY A 1004 -3.71 -9.02 -22.02
CA GLY A 1004 -2.93 -8.69 -20.85
C GLY A 1004 -1.43 -8.76 -21.00
N THR A 1005 -0.94 -8.93 -22.23
CA THR A 1005 0.50 -9.06 -22.43
C THR A 1005 1.01 -8.06 -23.47
N VAL A 1006 0.13 -7.63 -24.37
CA VAL A 1006 0.52 -6.67 -25.39
C VAL A 1006 0.82 -5.31 -24.77
N LEU A 1007 -0.02 -4.86 -23.85
CA LEU A 1007 0.12 -3.52 -23.26
C LEU A 1007 1.42 -3.38 -22.50
N LYS A 1008 1.81 -4.42 -21.76
CA LYS A 1008 3.06 -4.38 -21.01
C LYS A 1008 4.25 -4.18 -21.94
N THR A 1009 4.30 -4.95 -23.03
CA THR A 1009 5.39 -4.81 -23.99
C THR A 1009 5.38 -3.43 -24.64
N MET A 1010 4.19 -2.93 -24.98
CA MET A 1010 4.08 -1.60 -25.56
C MET A 1010 4.66 -0.54 -24.64
N LEU A 1011 4.26 -0.56 -23.36
CA LEU A 1011 4.73 0.44 -22.42
C LEU A 1011 6.23 0.31 -22.18
N ASP A 1012 6.74 -0.92 -22.10
CA ASP A 1012 8.17 -1.11 -21.91
C ASP A 1012 8.96 -0.57 -23.09
N ILE A 1013 8.49 -0.81 -24.32
CA ILE A 1013 9.16 -0.31 -25.51
C ILE A 1013 9.16 1.21 -25.52
N LEU A 1014 8.02 1.82 -25.17
CA LEU A 1014 7.95 3.27 -25.12
C LEU A 1014 8.91 3.84 -24.09
N GLN A 1015 8.98 3.21 -22.91
CA GLN A 1015 9.91 3.67 -21.88
C GLN A 1015 11.36 3.56 -22.34
N THR A 1016 11.71 2.46 -23.02
CA THR A 1016 13.07 2.30 -23.52
C THR A 1016 13.40 3.38 -24.55
N LEU A 1017 12.47 3.66 -25.46
CA LEU A 1017 12.69 4.71 -26.45
C LEU A 1017 12.90 6.06 -25.80
N SER A 1018 12.05 6.38 -24.80
CA SER A 1018 12.18 7.67 -24.12
C SER A 1018 13.51 7.76 -23.38
N LEU A 1019 13.93 6.68 -22.73
CA LEU A 1019 15.24 6.68 -22.08
C LEU A 1019 16.35 6.89 -23.10
N SER A 1020 16.18 6.35 -24.30
CA SER A 1020 17.15 6.55 -25.36
C SER A 1020 17.14 7.97 -25.91
N LEU A 1021 16.04 8.70 -25.73
CA LEU A 1021 15.93 10.04 -26.33
C LEU A 1021 17.04 10.97 -25.86
N SER A 1022 17.23 11.08 -24.56
CA SER A 1022 18.21 12.02 -23.98
C SER A 1022 19.35 11.20 -23.38
N ALA A 1023 20.36 10.91 -24.20
CA ALA A 1023 21.42 10.00 -23.77
C ALA A 1023 22.81 10.46 -24.23
N ASP A 1024 23.05 11.77 -24.32
CA ASP A 1024 24.38 12.30 -24.62
C ASP A 1024 24.89 11.76 -25.96
N ILE A 1025 24.27 12.30 -27.02
CA ILE A 1025 24.25 11.76 -28.37
C ILE A 1025 25.57 11.16 -28.84
N HIS A 1026 26.70 11.68 -28.37
CA HIS A 1026 28.00 11.25 -28.87
C HIS A 1026 28.57 10.05 -28.12
N LYS A 1027 27.80 9.42 -27.24
CA LYS A 1027 28.25 8.18 -26.64
C LYS A 1027 28.19 7.04 -27.66
N ASP A 1028 28.63 5.87 -27.22
CA ASP A 1028 28.75 4.70 -28.08
C ASP A 1028 27.68 3.67 -27.71
N GLN A 1029 27.66 2.58 -28.48
CA GLN A 1029 26.72 1.48 -28.34
C GLN A 1029 25.28 1.98 -28.31
N PRO A 1030 24.74 2.40 -29.45
CA PRO A 1030 23.33 2.83 -29.50
C PRO A 1030 22.32 1.69 -29.44
N TYR A 1031 22.76 0.47 -29.18
CA TYR A 1031 21.85 -0.65 -29.01
C TYR A 1031 21.12 -0.53 -27.68
N TYR A 1032 20.02 -1.29 -27.56
CA TYR A 1032 19.20 -1.23 -26.35
C TYR A 1032 18.54 -2.58 -26.15
N ASP A 1033 18.10 -2.83 -24.92
CA ASP A 1033 17.52 -4.09 -24.52
C ASP A 1033 16.09 -3.89 -24.02
N ILE A 1034 15.33 -4.99 -24.03
CA ILE A 1034 13.95 -4.98 -23.56
C ILE A 1034 13.81 -6.00 -22.44
N PRO A 1035 13.31 -5.61 -21.28
CA PRO A 1035 13.15 -6.57 -20.18
C PRO A 1035 12.10 -7.62 -20.49
N ASP A 1036 12.27 -8.77 -19.83
CA ASP A 1036 11.40 -9.95 -19.92
C ASP A 1036 10.95 -10.26 -21.35
N ALA A 1037 11.84 -10.07 -22.31
CA ALA A 1037 11.59 -10.40 -23.71
C ALA A 1037 12.91 -10.41 -24.47
N PRO A 1038 13.23 -11.49 -25.18
CA PRO A 1038 14.51 -11.52 -25.92
C PRO A 1038 14.43 -10.73 -27.21
N TYR A 1039 15.00 -9.53 -27.22
CA TYR A 1039 14.98 -8.63 -28.35
C TYR A 1039 16.03 -7.54 -28.12
N ARG A 1040 16.20 -6.69 -29.12
CA ARG A 1040 17.10 -5.56 -29.01
C ARG A 1040 16.62 -4.45 -29.94
N ILE A 1041 17.04 -3.22 -29.65
CA ILE A 1041 16.59 -2.04 -30.36
C ILE A 1041 17.80 -1.22 -30.77
N THR A 1042 17.83 -0.77 -32.02
CA THR A 1042 18.85 0.12 -32.54
C THR A 1042 18.23 1.46 -32.89
N VAL A 1043 19.01 2.53 -32.73
CA VAL A 1043 18.50 3.89 -32.92
C VAL A 1043 19.41 4.61 -33.90
N PRO A 1044 18.88 5.63 -34.60
CA PRO A 1044 19.74 6.45 -35.46
C PRO A 1044 20.62 7.38 -34.65
N ASP A 1045 21.40 8.22 -35.33
CA ASP A 1045 22.35 9.09 -34.64
C ASP A 1045 21.78 10.46 -34.33
N THR A 1046 21.34 11.20 -35.35
CA THR A 1046 20.93 12.58 -35.17
C THR A 1046 19.72 12.69 -34.26
N TYR A 1047 19.66 13.79 -33.51
CA TYR A 1047 18.61 13.98 -32.52
C TYR A 1047 17.23 14.13 -33.19
N GLU A 1048 17.18 14.79 -34.34
CA GLU A 1048 15.90 15.00 -35.02
C GLU A 1048 15.26 13.67 -35.42
N ALA A 1049 16.06 12.73 -35.92
CA ALA A 1049 15.51 11.42 -36.24
C ALA A 1049 14.96 10.74 -35.00
N ARG A 1050 15.68 10.85 -33.88
CA ARG A 1050 15.25 10.21 -32.64
C ARG A 1050 13.91 10.79 -32.17
N GLU A 1051 13.79 12.11 -32.16
CA GLU A 1051 12.55 12.70 -31.68
C GLU A 1051 11.41 12.42 -32.65
N SER A 1052 11.71 12.36 -33.96
CA SER A 1052 10.68 12.00 -34.92
C SER A 1052 10.16 10.60 -34.68
N ILE A 1053 11.05 9.63 -34.46
CA ILE A 1053 10.59 8.26 -34.29
C ILE A 1053 9.84 8.10 -32.97
N VAL A 1054 10.30 8.76 -31.90
CA VAL A 1054 9.57 8.61 -30.64
C VAL A 1054 8.21 9.29 -30.72
N LYS A 1055 8.12 10.44 -31.37
CA LYS A 1055 6.83 11.10 -31.54
C LYS A 1055 5.89 10.25 -32.39
N ASP A 1056 6.42 9.62 -33.44
CA ASP A 1056 5.59 8.76 -34.28
C ASP A 1056 5.08 7.56 -33.50
N PHE A 1057 5.94 6.95 -32.68
CA PHE A 1057 5.51 5.78 -31.92
C PHE A 1057 4.54 6.16 -30.80
N ALA A 1058 4.61 7.39 -30.31
CA ALA A 1058 3.71 7.78 -29.22
C ALA A 1058 2.25 7.99 -29.66
N ALA A 1059 1.84 7.68 -30.89
CA ALA A 1059 0.46 7.89 -31.32
C ALA A 1059 -0.36 6.61 -31.38
N ARG A 1060 0.24 5.52 -31.86
CA ARG A 1060 -0.47 4.25 -31.93
C ARG A 1060 -0.89 3.77 -30.54
N CYS A 1061 0.00 3.93 -29.56
CA CYS A 1061 -0.34 3.53 -28.20
C CYS A 1061 -1.58 4.25 -27.71
N GLY A 1062 -1.63 5.57 -27.88
CA GLY A 1062 -2.79 6.32 -27.45
C GLY A 1062 -4.06 5.94 -28.21
N MET A 1063 -3.94 5.79 -29.53
CA MET A 1063 -5.12 5.47 -30.32
C MET A 1063 -5.71 4.11 -29.94
N ILE A 1064 -4.85 3.10 -29.75
CA ILE A 1064 -5.40 1.80 -29.40
C ILE A 1064 -5.82 1.75 -27.94
N LEU A 1065 -5.21 2.55 -27.06
CA LEU A 1065 -5.68 2.62 -25.69
C LEU A 1065 -7.09 3.21 -25.63
N GLN A 1066 -7.33 4.29 -26.38
CA GLN A 1066 -8.67 4.87 -26.40
C GLN A 1066 -9.66 3.91 -27.06
N GLU A 1067 -9.24 3.20 -28.10
CA GLU A 1067 -10.13 2.25 -28.74
C GLU A 1067 -10.50 1.11 -27.78
N ALA A 1068 -9.53 0.61 -27.02
CA ALA A 1068 -9.80 -0.46 -26.07
C ALA A 1068 -10.70 0.02 -24.94
N MET A 1069 -10.45 1.23 -24.43
CA MET A 1069 -11.32 1.77 -23.39
C MET A 1069 -12.72 2.07 -23.92
N LYS A 1070 -12.87 2.24 -25.22
CA LYS A 1070 -14.20 2.48 -25.80
C LYS A 1070 -15.10 1.26 -25.66
N TRP A 1071 -14.55 0.05 -25.75
CA TRP A 1071 -15.36 -1.17 -25.79
C TRP A 1071 -15.48 -1.86 -24.44
N ALA A 1072 -14.35 -2.23 -23.82
CA ALA A 1072 -14.32 -3.02 -22.60
C ALA A 1072 -13.54 -2.27 -21.54
N PRO A 1073 -14.17 -1.34 -20.82
CA PRO A 1073 -13.41 -0.50 -19.89
C PRO A 1073 -12.89 -1.24 -18.66
N THR A 1074 -13.69 -2.13 -18.07
CA THR A 1074 -13.33 -2.68 -16.78
C THR A 1074 -12.07 -3.54 -16.84
N VAL A 1075 -11.97 -4.40 -17.86
CA VAL A 1075 -10.85 -5.33 -17.92
C VAL A 1075 -9.54 -4.58 -18.14
N THR A 1076 -9.53 -3.61 -19.06
CA THR A 1076 -8.31 -2.85 -19.29
C THR A 1076 -7.98 -1.95 -18.10
N LYS A 1077 -9.01 -1.44 -17.42
CA LYS A 1077 -8.77 -0.65 -16.21
C LYS A 1077 -8.08 -1.49 -15.15
N SER A 1078 -8.56 -2.72 -14.95
CA SER A 1078 -7.93 -3.61 -13.97
C SER A 1078 -6.52 -4.00 -14.40
N HIS A 1079 -6.31 -4.20 -15.71
CA HIS A 1079 -4.97 -4.52 -16.20
C HIS A 1079 -4.01 -3.36 -15.94
N LEU A 1080 -4.45 -2.13 -16.20
CA LEU A 1080 -3.61 -0.97 -15.92
C LEU A 1080 -3.32 -0.85 -14.42
N GLN A 1081 -4.33 -1.09 -13.59
CA GLN A 1081 -4.12 -1.03 -12.14
C GLN A 1081 -3.09 -2.07 -11.70
N GLU A 1082 -3.16 -3.28 -12.26
CA GLU A 1082 -2.19 -4.31 -11.93
C GLU A 1082 -0.79 -3.93 -12.39
N TYR A 1083 -0.68 -3.34 -13.59
CA TYR A 1083 0.63 -2.95 -14.08
C TYR A 1083 1.23 -1.82 -13.27
N LEU A 1084 0.38 -0.94 -12.72
CA LEU A 1084 0.88 0.22 -11.97
C LEU A 1084 1.57 -0.18 -10.67
N ASN A 1085 1.38 -1.40 -10.17
CA ASN A 1085 1.86 -1.80 -8.87
C ASN A 1085 3.12 -2.67 -8.93
N LYS A 1086 3.83 -2.67 -10.06
CA LYS A 1086 5.06 -3.44 -10.14
C LYS A 1086 6.13 -2.82 -9.24
N HIS A 1087 6.82 -3.67 -8.48
CA HIS A 1087 7.75 -3.19 -7.47
C HIS A 1087 8.99 -2.57 -8.11
N GLN A 1088 9.42 -3.11 -9.25
CA GLN A 1088 10.66 -2.64 -9.86
C GLN A 1088 10.55 -1.18 -10.31
N ASN A 1089 9.39 -0.78 -10.85
CA ASN A 1089 9.22 0.57 -11.34
C ASN A 1089 9.17 1.61 -10.23
N TRP A 1090 9.02 1.20 -8.96
CA TRP A 1090 8.90 2.17 -7.89
C TRP A 1090 10.19 2.96 -7.68
N VAL A 1091 11.32 2.25 -7.62
CA VAL A 1091 12.59 2.92 -7.33
C VAL A 1091 12.94 3.90 -8.45
N SER A 1092 12.77 3.48 -9.70
CA SER A 1092 12.99 4.38 -10.83
C SER A 1092 11.86 5.38 -11.01
N GLY A 1093 10.77 5.25 -10.25
CA GLY A 1093 9.67 6.20 -10.37
C GLY A 1093 10.08 7.62 -10.02
N LEU A 1094 11.10 7.78 -9.17
CA LEU A 1094 11.62 9.10 -8.89
C LEU A 1094 12.36 9.70 -10.08
N SER A 1095 12.64 8.90 -11.11
CA SER A 1095 13.13 9.38 -12.38
C SER A 1095 11.93 9.67 -13.29
N GLN A 1096 12.18 9.86 -14.58
CA GLN A 1096 11.12 10.26 -15.50
C GLN A 1096 10.10 9.14 -15.68
N HIS A 1097 10.52 8.02 -16.27
CA HIS A 1097 9.69 6.83 -16.44
C HIS A 1097 8.32 7.18 -17.05
N THR A 1098 8.39 7.60 -18.32
CA THR A 1098 7.20 8.14 -18.98
C THR A 1098 6.11 7.09 -19.17
N GLY A 1099 6.40 5.80 -18.99
CA GLY A 1099 5.37 4.80 -19.15
C GLY A 1099 4.26 4.95 -18.14
N LEU A 1100 4.63 5.12 -16.86
CA LEU A 1100 3.61 5.33 -15.83
C LEU A 1100 2.84 6.61 -16.09
N ALA A 1101 3.54 7.68 -16.51
CA ALA A 1101 2.85 8.93 -16.81
C ALA A 1101 1.85 8.76 -17.94
N MET A 1102 2.22 8.02 -18.98
CA MET A 1102 1.31 7.72 -20.07
C MET A 1102 0.08 6.97 -19.57
N ALA A 1103 0.31 5.96 -18.72
CA ALA A 1103 -0.80 5.18 -18.19
C ALA A 1103 -1.77 6.04 -17.39
N THR A 1104 -1.24 6.83 -16.45
CA THR A 1104 -2.12 7.60 -15.58
C THR A 1104 -2.80 8.73 -16.33
N GLU A 1105 -2.14 9.29 -17.35
CA GLU A 1105 -2.81 10.30 -18.17
C GLU A 1105 -3.91 9.68 -19.01
N SER A 1106 -3.67 8.48 -19.55
CA SER A 1106 -4.69 7.82 -20.34
C SER A 1106 -5.91 7.45 -19.50
N ILE A 1107 -5.68 6.96 -18.28
CA ILE A 1107 -6.81 6.52 -17.46
C ILE A 1107 -7.65 7.72 -17.01
N LEU A 1108 -7.04 8.89 -16.85
CA LEU A 1108 -7.78 10.06 -16.40
C LEU A 1108 -8.40 10.84 -17.56
N HIS A 1109 -7.69 10.93 -18.69
CA HIS A 1109 -8.20 11.67 -19.84
C HIS A 1109 -9.26 10.87 -20.58
N ASP A 1135 -15.60 9.94 -12.18
CA ASP A 1135 -15.64 8.60 -11.61
C ASP A 1135 -14.23 8.07 -11.39
N TYR A 1136 -13.39 8.86 -10.73
CA TYR A 1136 -12.01 8.50 -10.43
C TYR A 1136 -11.82 7.95 -9.03
N SER A 1137 -12.90 7.79 -8.26
CA SER A 1137 -12.77 7.41 -6.86
C SER A 1137 -12.51 5.92 -6.70
N ASN A 1138 -13.35 5.08 -7.32
CA ASN A 1138 -13.21 3.65 -7.17
C ASN A 1138 -11.86 3.15 -7.69
N PHE A 1139 -11.34 3.79 -8.73
CA PHE A 1139 -10.01 3.49 -9.24
C PHE A 1139 -8.96 3.52 -8.12
N MET A 1140 -8.80 4.70 -7.51
CA MET A 1140 -7.78 4.85 -6.47
C MET A 1140 -8.10 4.02 -5.24
N ALA A 1141 -9.40 3.89 -4.90
CA ALA A 1141 -9.76 3.09 -3.74
C ALA A 1141 -9.33 1.65 -3.92
N SER A 1142 -9.65 1.05 -5.06
CA SER A 1142 -9.26 -0.33 -5.32
C SER A 1142 -7.74 -0.46 -5.35
N LEU A 1143 -7.05 0.49 -6.00
CA LEU A 1143 -5.60 0.42 -6.06
C LEU A 1143 -4.98 0.42 -4.67
N ASN A 1144 -5.41 1.36 -3.82
CA ASN A 1144 -4.85 1.47 -2.48
C ASN A 1144 -5.17 0.25 -1.64
N LEU A 1145 -6.40 -0.25 -1.71
CA LEU A 1145 -6.76 -1.43 -0.94
C LEU A 1145 -5.93 -2.62 -1.36
N ARG A 1146 -5.78 -2.82 -2.67
CA ARG A 1146 -4.97 -3.91 -3.19
C ARG A 1146 -3.55 -3.83 -2.65
N ASN A 1147 -2.91 -2.67 -2.81
CA ASN A 1147 -1.52 -2.53 -2.39
C ASN A 1147 -1.37 -2.75 -0.89
N ARG A 1148 -2.22 -2.11 -0.09
CA ARG A 1148 -2.09 -2.19 1.35
C ARG A 1148 -2.27 -3.62 1.85
N TYR A 1149 -3.28 -4.33 1.34
CA TYR A 1149 -3.52 -5.66 1.87
C TYR A 1149 -2.51 -6.68 1.36
N ALA A 1150 -2.01 -6.51 0.12
CA ALA A 1150 -0.90 -7.33 -0.32
C ALA A 1150 0.31 -7.14 0.57
N GLY A 1151 0.61 -5.90 0.93
CA GLY A 1151 1.72 -5.64 1.84
C GLY A 1151 1.51 -6.26 3.20
N GLU A 1152 0.28 -6.18 3.72
CA GLU A 1152 -0.02 -6.78 5.02
C GLU A 1152 0.19 -8.28 4.99
N VAL A 1153 -0.28 -8.95 3.94
CA VAL A 1153 -0.11 -10.40 3.83
C VAL A 1153 1.37 -10.75 3.71
N TYR A 1154 2.13 -9.99 2.92
CA TYR A 1154 3.55 -10.27 2.79
C TYR A 1154 4.28 -10.04 4.10
N GLY A 1155 3.84 -9.08 4.90
CA GLY A 1155 4.41 -8.91 6.22
C GLY A 1155 4.09 -10.07 7.15
N MET A 1156 2.85 -10.57 7.08
CA MET A 1156 2.46 -11.68 7.94
C MET A 1156 3.19 -12.96 7.58
N ILE A 1157 3.46 -13.20 6.30
CA ILE A 1157 4.05 -14.48 5.89
C ILE A 1157 5.52 -14.57 6.24
N ARG A 1158 6.10 -13.53 6.85
CA ARG A 1158 7.53 -13.54 7.16
C ARG A 1158 7.92 -14.70 8.08
N PHE A 1159 7.01 -15.15 8.93
CA PHE A 1159 7.34 -16.19 9.89
C PHE A 1159 6.69 -17.52 9.52
N ASP A 1168 -1.16 -25.39 7.37
CA ASP A 1168 -0.12 -24.37 7.41
C ASP A 1168 -0.61 -23.10 8.08
N LEU A 1169 -1.11 -22.16 7.28
CA LEU A 1169 -1.56 -20.87 7.78
C LEU A 1169 -2.99 -20.52 7.42
N ASN A 1170 -3.65 -21.28 6.54
CA ASN A 1170 -5.00 -20.91 6.13
C ASN A 1170 -5.98 -20.90 7.30
N LYS A 1171 -5.64 -21.58 8.40
CA LYS A 1171 -6.58 -21.76 9.50
C LYS A 1171 -6.99 -20.43 10.13
N MET A 1172 -6.04 -19.53 10.39
CA MET A 1172 -6.41 -18.31 11.10
C MET A 1172 -7.29 -17.40 10.25
N MET A 1173 -7.01 -17.26 8.95
CA MET A 1173 -7.92 -16.43 8.15
C MET A 1173 -9.26 -17.10 7.93
N VAL A 1174 -9.31 -18.44 7.83
CA VAL A 1174 -10.59 -19.12 7.74
C VAL A 1174 -11.42 -18.85 8.99
N GLN A 1175 -10.79 -18.98 10.16
CA GLN A 1175 -11.50 -18.72 11.41
C GLN A 1175 -11.89 -17.25 11.53
N ASP A 1176 -11.05 -16.34 11.03
CA ASP A 1176 -11.39 -14.92 11.07
C ASP A 1176 -12.64 -14.65 10.22
N LEU A 1177 -12.70 -15.23 9.03
CA LEU A 1177 -13.87 -15.05 8.18
C LEU A 1177 -15.11 -15.63 8.84
N HIS A 1178 -14.98 -16.82 9.43
CA HIS A 1178 -16.13 -17.44 10.10
C HIS A 1178 -16.61 -16.59 11.26
N SER A 1179 -15.69 -16.09 12.09
CA SER A 1179 -16.06 -15.27 13.23
C SER A 1179 -16.70 -13.96 12.78
N ALA A 1180 -16.15 -13.34 11.74
CA ALA A 1180 -16.73 -12.10 11.23
C ALA A 1180 -18.14 -12.33 10.72
N LEU A 1181 -18.36 -13.44 9.99
CA LEU A 1181 -19.70 -13.74 9.51
C LEU A 1181 -20.66 -14.01 10.66
N ASP A 1182 -20.20 -14.73 11.69
CA ASP A 1182 -21.06 -15.01 12.83
C ASP A 1182 -21.43 -13.73 13.58
N ARG A 1183 -20.47 -12.84 13.76
CA ARG A 1183 -20.69 -11.60 14.51
C ARG A 1183 -21.34 -10.51 13.68
N SER A 1184 -21.37 -10.66 12.35
CA SER A 1184 -21.94 -9.66 11.44
C SER A 1184 -21.21 -8.32 11.59
N HIS A 1185 -19.90 -8.36 11.34
CA HIS A 1185 -19.06 -7.17 11.41
C HIS A 1185 -18.56 -6.83 10.00
N PRO A 1186 -19.13 -5.81 9.35
CA PRO A 1186 -18.76 -5.55 7.94
C PRO A 1186 -17.29 -5.27 7.71
N GLN A 1187 -16.65 -4.52 8.61
CA GLN A 1187 -15.25 -4.15 8.39
C GLN A 1187 -14.33 -5.36 8.55
N HIS A 1188 -14.55 -6.16 9.58
CA HIS A 1188 -13.83 -7.42 9.71
C HIS A 1188 -14.07 -8.31 8.50
N TYR A 1189 -15.29 -8.29 7.97
CA TYR A 1189 -15.63 -9.08 6.79
C TYR A 1189 -14.78 -8.67 5.58
N THR A 1190 -14.74 -7.36 5.30
CA THR A 1190 -13.95 -6.90 4.16
C THR A 1190 -12.46 -7.17 4.37
N GLN A 1191 -11.96 -6.95 5.58
CA GLN A 1191 -10.55 -7.21 5.84
C GLN A 1191 -10.21 -8.68 5.64
N ALA A 1192 -11.06 -9.58 6.16
CA ALA A 1192 -10.81 -11.01 6.03
C ALA A 1192 -10.86 -11.44 4.57
N MET A 1193 -11.85 -10.96 3.82
CA MET A 1193 -11.94 -11.35 2.41
C MET A 1193 -10.74 -10.85 1.61
N PHE A 1194 -10.32 -9.61 1.85
CA PHE A 1194 -9.17 -9.07 1.13
C PHE A 1194 -7.89 -9.82 1.49
N LYS A 1195 -7.70 -10.13 2.78
CA LYS A 1195 -6.53 -10.91 3.16
C LYS A 1195 -6.57 -12.30 2.54
N LEU A 1196 -7.75 -12.91 2.48
CA LEU A 1196 -7.86 -14.24 1.89
C LEU A 1196 -7.48 -14.23 0.42
N THR A 1197 -8.02 -13.28 -0.34
CA THR A 1197 -7.69 -13.25 -1.76
C THR A 1197 -6.23 -12.86 -1.99
N ALA A 1198 -5.67 -12.01 -1.13
CA ALA A 1198 -4.25 -11.68 -1.25
C ALA A 1198 -3.37 -12.90 -0.99
N MET A 1199 -3.74 -13.71 0.01
CA MET A 1199 -3.00 -14.94 0.27
C MET A 1199 -3.13 -15.91 -0.90
N LEU A 1200 -4.34 -16.05 -1.44
CA LEU A 1200 -4.55 -16.98 -2.55
C LEU A 1200 -3.77 -16.56 -3.79
N ILE A 1201 -3.73 -15.26 -4.08
CA ILE A 1201 -3.10 -14.79 -5.31
C ILE A 1201 -1.60 -15.01 -5.30
N SER A 1202 -0.98 -15.21 -4.15
CA SER A 1202 0.46 -15.41 -4.03
C SER A 1202 0.70 -16.80 -3.46
N SER A 1203 0.76 -17.79 -4.33
CA SER A 1203 1.01 -19.18 -3.95
C SER A 1203 1.38 -19.95 -5.21
N LYS A 1204 1.62 -21.25 -5.04
CA LYS A 1204 2.00 -22.11 -6.14
C LYS A 1204 0.93 -23.13 -6.54
N ASP A 1205 -0.09 -23.33 -5.71
CA ASP A 1205 -1.14 -24.29 -5.98
C ASP A 1205 -2.49 -23.67 -5.74
N CYS A 1206 -3.53 -24.29 -6.32
CA CYS A 1206 -4.87 -23.72 -6.27
C CYS A 1206 -5.43 -23.71 -4.84
N ASP A 1207 -5.16 -24.76 -4.07
CA ASP A 1207 -5.68 -24.90 -2.71
C ASP A 1207 -7.21 -24.77 -2.73
N PRO A 1208 -7.92 -25.79 -3.21
CA PRO A 1208 -9.34 -25.61 -3.58
C PRO A 1208 -10.24 -25.14 -2.46
N GLN A 1209 -9.96 -25.50 -1.19
CA GLN A 1209 -10.82 -25.08 -0.11
C GLN A 1209 -10.85 -23.56 0.04
N LEU A 1210 -9.72 -22.90 -0.20
CA LEU A 1210 -9.69 -21.44 -0.17
C LEU A 1210 -10.60 -20.85 -1.24
N LEU A 1211 -10.55 -21.40 -2.45
CA LEU A 1211 -11.43 -20.92 -3.52
C LEU A 1211 -12.90 -21.16 -3.17
N HIS A 1212 -13.21 -22.33 -2.62
CA HIS A 1212 -14.59 -22.62 -2.24
C HIS A 1212 -15.09 -21.64 -1.18
N HIS A 1213 -14.26 -21.37 -0.17
CA HIS A 1213 -14.67 -20.42 0.86
C HIS A 1213 -14.79 -19.01 0.32
N LEU A 1214 -13.94 -18.64 -0.64
CA LEU A 1214 -14.06 -17.33 -1.27
C LEU A 1214 -15.36 -17.20 -2.04
N CYS A 1215 -15.74 -18.23 -2.77
CA CYS A 1215 -16.94 -18.15 -3.60
C CYS A 1215 -18.22 -18.26 -2.78
N TRP A 1216 -18.20 -19.00 -1.68
CA TRP A 1216 -19.40 -19.21 -0.86
C TRP A 1216 -19.44 -18.31 0.37
N GLY A 1217 -18.58 -17.30 0.42
CA GLY A 1217 -18.57 -16.35 1.51
C GLY A 1217 -19.80 -15.47 1.59
N PRO A 1218 -20.11 -14.74 0.51
CA PRO A 1218 -21.25 -13.81 0.57
C PRO A 1218 -22.59 -14.46 0.83
N LEU A 1219 -22.72 -15.77 0.60
CA LEU A 1219 -24.02 -16.42 0.74
C LEU A 1219 -24.54 -16.39 2.18
N ARG A 1220 -23.66 -16.15 3.15
CA ARG A 1220 -24.08 -16.00 4.54
C ARG A 1220 -24.28 -14.54 4.94
N MET A 1221 -24.06 -13.61 4.01
CA MET A 1221 -24.32 -12.18 4.27
C MET A 1221 -24.77 -11.58 2.93
N PHE A 1222 -26.08 -11.54 2.72
CA PHE A 1222 -26.66 -11.18 1.42
C PHE A 1222 -27.11 -9.72 1.47
N ASN A 1223 -26.14 -8.81 1.41
CA ASN A 1223 -26.39 -7.38 1.40
C ASN A 1223 -25.67 -6.75 0.23
N GLU A 1224 -25.95 -5.45 0.01
CA GLU A 1224 -25.27 -4.71 -1.05
C GLU A 1224 -23.79 -4.57 -0.75
N HIS A 1225 -23.44 -4.28 0.50
CA HIS A 1225 -22.04 -4.09 0.88
C HIS A 1225 -21.22 -5.35 0.64
N GLY A 1226 -21.73 -6.50 1.10
CA GLY A 1226 -21.03 -7.74 0.90
C GLY A 1226 -20.87 -8.10 -0.56
N MET A 1227 -21.91 -7.85 -1.36
CA MET A 1227 -21.83 -8.14 -2.78
C MET A 1227 -20.81 -7.25 -3.48
N GLU A 1228 -20.76 -5.97 -3.11
CA GLU A 1228 -19.76 -5.08 -3.70
C GLU A 1228 -18.36 -5.53 -3.35
N THR A 1229 -18.13 -5.89 -2.08
CA THR A 1229 -16.83 -6.39 -1.66
C THR A 1229 -16.45 -7.65 -2.43
N ALA A 1230 -17.40 -8.58 -2.57
CA ALA A 1230 -17.13 -9.82 -3.28
C ALA A 1230 -16.82 -9.57 -4.74
N LEU A 1231 -17.54 -8.64 -5.38
CA LEU A 1231 -17.27 -8.32 -6.78
C LEU A 1231 -15.87 -7.75 -6.94
N ALA A 1232 -15.47 -6.85 -6.05
CA ALA A 1232 -14.12 -6.30 -6.12
C ALA A 1232 -13.07 -7.39 -5.95
N CYS A 1233 -13.27 -8.27 -4.97
CA CYS A 1233 -12.31 -9.35 -4.73
C CYS A 1233 -12.22 -10.29 -5.92
N TRP A 1234 -13.37 -10.64 -6.51
CA TRP A 1234 -13.38 -11.51 -7.68
C TRP A 1234 -12.67 -10.87 -8.86
N GLU A 1235 -12.90 -9.57 -9.07
CA GLU A 1235 -12.22 -8.88 -10.16
C GLU A 1235 -10.71 -8.89 -9.95
N TRP A 1236 -10.26 -8.61 -8.73
CA TRP A 1236 -8.82 -8.64 -8.47
C TRP A 1236 -8.25 -10.04 -8.69
N LEU A 1237 -8.95 -11.07 -8.21
CA LEU A 1237 -8.45 -12.44 -8.38
C LEU A 1237 -8.37 -12.82 -9.85
N LEU A 1238 -9.40 -12.47 -10.62
CA LEU A 1238 -9.39 -12.79 -12.04
C LEU A 1238 -8.27 -12.08 -12.77
N ALA A 1239 -8.04 -10.81 -12.43
CA ALA A 1239 -6.99 -10.05 -13.10
C ALA A 1239 -5.59 -10.46 -12.64
N GLY A 1240 -5.46 -11.09 -11.48
CA GLY A 1240 -4.15 -11.37 -10.94
C GLY A 1240 -3.49 -12.66 -11.40
N LYS A 1241 -4.14 -13.80 -11.17
CA LYS A 1241 -3.54 -15.09 -11.45
C LYS A 1241 -3.84 -15.54 -12.88
N ASP A 1242 -3.16 -16.59 -13.31
CA ASP A 1242 -3.26 -17.10 -14.66
C ASP A 1242 -3.77 -18.54 -14.66
N GLY A 1243 -4.64 -18.85 -15.63
CA GLY A 1243 -5.18 -20.19 -15.76
C GLY A 1243 -6.05 -20.63 -14.60
N VAL A 1244 -6.95 -19.76 -14.15
CA VAL A 1244 -7.82 -20.05 -13.02
C VAL A 1244 -9.26 -19.74 -13.39
N GLU A 1245 -9.52 -19.52 -14.67
CA GLU A 1245 -10.84 -19.09 -15.11
C GLU A 1245 -11.89 -20.17 -14.87
N VAL A 1246 -11.71 -21.35 -15.47
CA VAL A 1246 -12.77 -22.36 -15.45
C VAL A 1246 -13.12 -22.86 -14.05
N PRO A 1247 -12.17 -23.15 -13.14
CA PRO A 1247 -12.62 -23.61 -11.81
C PRO A 1247 -13.40 -22.54 -11.06
N PHE A 1248 -12.98 -21.28 -11.17
CA PHE A 1248 -13.71 -20.20 -10.53
C PHE A 1248 -15.12 -20.06 -11.11
N MET A 1249 -15.25 -20.18 -12.43
CA MET A 1249 -16.56 -20.11 -13.04
C MET A 1249 -17.44 -21.27 -12.57
N ARG A 1250 -16.86 -22.47 -12.43
CA ARG A 1250 -17.60 -23.61 -11.94
C ARG A 1250 -18.12 -23.35 -10.52
N GLU A 1251 -17.25 -22.83 -9.65
CA GLU A 1251 -17.66 -22.55 -8.28
C GLU A 1251 -18.75 -21.48 -8.24
N MET A 1252 -18.61 -20.43 -9.05
CA MET A 1252 -19.61 -19.38 -9.08
C MET A 1252 -20.96 -19.91 -9.56
N ALA A 1253 -20.94 -20.77 -10.58
CA ALA A 1253 -22.19 -21.37 -11.05
C ALA A 1253 -22.82 -22.24 -9.96
N GLY A 1254 -22.00 -22.99 -9.23
CA GLY A 1254 -22.53 -23.77 -8.13
C GLY A 1254 -23.20 -22.90 -7.07
N ALA A 1255 -22.55 -21.80 -6.70
CA ALA A 1255 -23.14 -20.90 -5.71
C ALA A 1255 -24.44 -20.29 -6.22
N TRP A 1256 -24.47 -19.88 -7.49
CA TRP A 1256 -25.69 -19.31 -8.05
C TRP A 1256 -26.83 -20.32 -8.03
N HIS A 1257 -26.53 -21.58 -8.38
CA HIS A 1257 -27.59 -22.58 -8.36
C HIS A 1257 -28.04 -22.91 -6.94
N MET A 1258 -27.14 -22.83 -5.96
CA MET A 1258 -27.55 -22.98 -4.57
C MET A 1258 -28.53 -21.88 -4.19
N THR A 1259 -28.21 -20.64 -4.57
CA THR A 1259 -29.13 -19.52 -4.34
C THR A 1259 -30.48 -19.77 -4.98
N VAL A 1260 -30.48 -20.29 -6.22
CA VAL A 1260 -31.72 -20.63 -6.90
C VAL A 1260 -32.49 -21.68 -6.11
N GLU A 1261 -31.78 -22.69 -5.59
CA GLU A 1261 -32.43 -23.77 -4.86
C GLU A 1261 -33.13 -23.26 -3.60
N GLN A 1262 -32.47 -22.40 -2.84
CA GLN A 1262 -33.00 -22.00 -1.55
C GLN A 1262 -33.99 -20.83 -1.63
N LYS A 1263 -34.27 -20.30 -2.82
CA LYS A 1263 -35.27 -19.27 -3.02
C LYS A 1263 -34.99 -18.04 -2.16
N PHE A 1264 -33.85 -17.39 -2.43
CA PHE A 1264 -33.36 -16.31 -1.58
C PHE A 1264 -33.91 -14.94 -2.00
N GLY A 1265 -33.62 -14.51 -3.22
CA GLY A 1265 -33.96 -13.16 -3.63
C GLY A 1265 -35.03 -13.06 -4.68
N LEU A 1266 -34.63 -12.89 -5.93
CA LEU A 1266 -35.58 -12.85 -7.03
C LEU A 1266 -36.43 -14.11 -7.10
N PHE A 1267 -35.91 -15.22 -6.59
CA PHE A 1267 -36.60 -16.50 -6.61
C PHE A 1267 -37.36 -16.78 -5.31
N SER A 1268 -37.50 -15.78 -4.45
CA SER A 1268 -38.19 -15.98 -3.17
C SER A 1268 -39.68 -16.21 -3.39
N ALA A 1269 -40.36 -16.63 -2.32
CA ALA A 1269 -41.78 -16.92 -2.40
C ALA A 1269 -42.59 -15.64 -2.53
N GLU A 1270 -43.91 -15.80 -2.60
CA GLU A 1270 -44.82 -14.69 -2.78
C GLU A 1270 -45.78 -14.60 -1.60
N ILE A 1271 -46.00 -13.38 -1.11
CA ILE A 1271 -46.88 -13.12 0.02
C ILE A 1271 -48.02 -12.23 -0.45
N LYS A 1272 -49.25 -12.67 -0.23
CA LYS A 1272 -50.41 -11.89 -0.63
C LYS A 1272 -50.66 -10.75 0.36
N GLU A 1273 -51.16 -9.64 -0.16
CA GLU A 1273 -51.45 -8.47 0.63
C GLU A 1273 -52.95 -8.26 0.76
N ALA A 1274 -53.33 -7.48 1.77
CA ALA A 1274 -54.74 -7.24 2.05
C ALA A 1274 -55.35 -6.31 1.00
N ASP A 1275 -56.69 -6.32 0.96
CA ASP A 1275 -57.44 -5.47 0.05
C ASP A 1275 -58.17 -4.37 0.82
N PRO A 1276 -58.19 -3.15 0.28
CA PRO A 1276 -58.82 -2.04 1.02
C PRO A 1276 -60.29 -2.24 1.28
N LEU A 1277 -61.01 -2.96 0.41
CA LEU A 1277 -62.45 -3.08 0.54
C LEU A 1277 -62.85 -3.83 1.81
N ALA A 1278 -61.99 -4.70 2.31
CA ALA A 1278 -62.28 -5.48 3.52
C ALA A 1278 -61.08 -5.49 4.45
N ALA A 1279 -60.43 -4.34 4.61
CA ALA A 1279 -59.26 -4.20 5.47
C ALA A 1279 -59.59 -3.53 6.80
N SER A 1280 -60.87 -3.43 7.15
CA SER A 1280 -61.26 -2.77 8.38
C SER A 1280 -60.73 -3.51 9.61
N GLU A 1281 -60.38 -4.78 9.48
CA GLU A 1281 -59.82 -5.54 10.58
C GLU A 1281 -58.39 -5.06 10.84
N ALA A 1282 -57.86 -5.40 12.01
CA ALA A 1282 -56.66 -4.78 12.55
C ALA A 1282 -55.42 -4.96 11.69
N SER A 1283 -55.51 -5.68 10.57
CA SER A 1283 -54.42 -5.80 9.61
C SER A 1283 -54.60 -4.74 8.53
N GLN A 1284 -53.96 -3.60 8.72
CA GLN A 1284 -54.10 -2.47 7.81
C GLN A 1284 -53.31 -2.71 6.52
N PRO A 1285 -53.77 -2.17 5.40
CA PRO A 1285 -53.04 -2.33 4.14
C PRO A 1285 -51.78 -1.48 4.09
N LYS A 1286 -50.72 -2.05 3.51
CA LYS A 1286 -49.44 -1.38 3.30
C LYS A 1286 -48.60 -2.20 2.35
N PRO A 1287 -47.85 -1.57 1.44
CA PRO A 1287 -47.05 -2.33 0.48
C PRO A 1287 -45.96 -3.15 1.17
N CYS A 1288 -45.72 -4.34 0.64
CA CYS A 1288 -44.65 -5.22 1.13
C CYS A 1288 -43.88 -5.78 -0.07
N PRO A 1289 -43.14 -4.93 -0.77
CA PRO A 1289 -42.43 -5.37 -1.97
C PRO A 1289 -41.19 -6.17 -1.60
N PRO A 1290 -40.71 -7.03 -2.50
CA PRO A 1290 -39.43 -7.70 -2.26
C PRO A 1290 -38.26 -6.77 -2.54
N GLU A 1291 -37.10 -7.19 -2.04
CA GLU A 1291 -35.87 -6.42 -2.17
C GLU A 1291 -34.84 -7.27 -2.90
N VAL A 1292 -34.52 -6.91 -4.14
CA VAL A 1292 -33.48 -7.58 -4.92
C VAL A 1292 -32.51 -6.52 -5.43
N THR A 1293 -31.51 -6.19 -4.62
CA THR A 1293 -30.34 -5.43 -5.04
C THR A 1293 -29.23 -6.32 -5.59
N PRO A 1294 -28.81 -7.39 -4.89
CA PRO A 1294 -27.58 -8.10 -5.31
C PRO A 1294 -27.66 -8.71 -6.70
N HIS A 1295 -28.81 -9.27 -7.07
CA HIS A 1295 -28.93 -9.88 -8.38
C HIS A 1295 -28.73 -8.84 -9.48
N TYR A 1296 -29.13 -7.60 -9.22
CA TYR A 1296 -29.06 -6.55 -10.22
C TYR A 1296 -27.62 -6.29 -10.67
N ILE A 1297 -26.65 -6.48 -9.79
CA ILE A 1297 -25.25 -6.24 -10.13
C ILE A 1297 -24.57 -7.55 -10.53
N TRP A 1298 -25.03 -8.65 -9.93
CA TRP A 1298 -24.50 -9.96 -10.32
C TRP A 1298 -24.75 -10.22 -11.80
N ILE A 1299 -25.93 -9.84 -12.30
CA ILE A 1299 -26.24 -10.06 -13.70
C ILE A 1299 -25.35 -9.22 -14.61
N ASP A 1300 -25.03 -7.99 -14.19
CA ASP A 1300 -24.12 -7.15 -14.97
C ASP A 1300 -22.73 -7.78 -15.05
N PHE A 1301 -22.25 -8.29 -13.91
CA PHE A 1301 -20.96 -8.99 -13.92
C PHE A 1301 -20.99 -10.17 -14.87
N LEU A 1302 -22.06 -10.97 -14.83
CA LEU A 1302 -22.17 -12.11 -15.72
C LEU A 1302 -22.19 -11.66 -17.18
N VAL A 1303 -22.89 -10.56 -17.47
CA VAL A 1303 -23.00 -10.08 -18.84
C VAL A 1303 -21.62 -9.72 -19.39
N GLN A 1304 -20.86 -8.93 -18.62
CA GLN A 1304 -19.54 -8.53 -19.12
C GLN A 1304 -18.61 -9.74 -19.27
N ARG A 1305 -18.65 -10.67 -18.31
CA ARG A 1305 -17.78 -11.84 -18.41
C ARG A 1305 -18.15 -12.68 -19.63
N PHE A 1306 -19.45 -12.84 -19.90
CA PHE A 1306 -19.86 -13.58 -21.08
C PHE A 1306 -19.44 -12.88 -22.35
N GLU A 1307 -19.51 -11.54 -22.36
CA GLU A 1307 -19.13 -10.81 -23.57
C GLU A 1307 -17.67 -11.06 -23.87
N ILE A 1308 -16.81 -11.09 -22.85
CA ILE A 1308 -15.40 -11.39 -23.07
C ILE A 1308 -15.21 -12.84 -23.51
N ALA A 1309 -15.88 -13.77 -22.83
CA ALA A 1309 -15.67 -15.19 -23.09
C ALA A 1309 -16.22 -15.63 -24.44
N LYS A 1310 -17.13 -14.86 -25.03
CA LYS A 1310 -17.67 -15.23 -26.33
C LYS A 1310 -16.58 -15.25 -27.39
N TYR A 1311 -15.70 -14.24 -27.37
CA TYR A 1311 -14.58 -14.22 -28.30
C TYR A 1311 -13.39 -15.01 -27.77
N CYS A 1312 -13.09 -14.87 -26.47
CA CYS A 1312 -11.86 -15.44 -25.93
C CYS A 1312 -11.80 -16.96 -26.05
N SER A 1313 -12.68 -17.67 -25.35
CA SER A 1313 -12.60 -19.12 -25.22
C SER A 1313 -13.90 -19.77 -25.71
N SER A 1314 -13.97 -21.10 -25.55
CA SER A 1314 -15.13 -21.86 -25.99
C SER A 1314 -15.56 -22.91 -24.97
N ASP A 1315 -15.09 -22.82 -23.73
CA ASP A 1315 -15.51 -23.72 -22.67
C ASP A 1315 -16.47 -23.09 -21.67
N GLN A 1316 -16.35 -21.78 -21.42
CA GLN A 1316 -17.28 -21.10 -20.54
C GLN A 1316 -18.67 -20.97 -21.16
N VAL A 1317 -18.78 -21.15 -22.48
CA VAL A 1317 -20.08 -21.06 -23.13
C VAL A 1317 -21.01 -22.16 -22.61
N GLU A 1318 -20.48 -23.37 -22.46
CA GLU A 1318 -21.29 -24.47 -21.93
C GLU A 1318 -21.73 -24.18 -20.50
N ILE A 1319 -20.84 -23.59 -19.69
CA ILE A 1319 -21.19 -23.25 -18.32
C ILE A 1319 -22.31 -22.22 -18.31
N PHE A 1320 -22.22 -21.20 -19.17
CA PHE A 1320 -23.28 -20.20 -19.24
C PHE A 1320 -24.60 -20.82 -19.69
N SER A 1321 -24.54 -21.72 -20.68
CA SER A 1321 -25.76 -22.37 -21.16
C SER A 1321 -26.39 -23.21 -20.07
N SER A 1322 -25.58 -23.95 -19.31
CA SER A 1322 -26.12 -24.75 -18.21
C SER A 1322 -26.71 -23.87 -17.12
N LEU A 1323 -26.05 -22.75 -16.81
CA LEU A 1323 -26.57 -21.84 -15.78
C LEU A 1323 -27.89 -21.24 -16.20
N LEU A 1324 -28.01 -20.82 -17.46
CA LEU A 1324 -29.26 -20.23 -17.93
C LEU A 1324 -30.37 -21.27 -18.02
N GLN A 1325 -30.03 -22.48 -18.48
CA GLN A 1325 -31.06 -23.48 -18.75
C GLN A 1325 -31.72 -23.98 -17.47
N ARG A 1326 -30.98 -24.02 -16.37
CA ARG A 1326 -31.49 -24.58 -15.13
C ARG A 1326 -32.21 -23.56 -14.26
N SER A 1327 -32.38 -22.33 -14.76
CA SER A 1327 -33.03 -21.27 -14.00
C SER A 1327 -34.50 -21.09 -14.38
N MET A 1328 -34.79 -20.93 -15.66
CA MET A 1328 -36.18 -20.77 -16.08
C MET A 1328 -36.86 -22.13 -16.23
N SER A 1329 -38.18 -22.10 -16.38
CA SER A 1329 -38.95 -23.32 -16.52
C SER A 1329 -40.21 -23.03 -17.32
N LEU A 1330 -40.75 -24.07 -17.93
CA LEU A 1330 -41.94 -23.96 -18.78
C LEU A 1330 -43.19 -24.33 -17.97
N ASN A 1331 -43.50 -23.48 -17.01
CA ASN A 1331 -44.62 -23.71 -16.12
C ASN A 1331 -45.46 -22.44 -15.96
N ILE A 1332 -45.81 -21.82 -17.08
CA ILE A 1332 -46.70 -20.66 -17.02
C ILE A 1332 -48.04 -21.09 -16.45
N GLY A 1333 -48.37 -20.56 -15.28
CA GLY A 1333 -49.57 -21.00 -14.58
C GLY A 1333 -49.90 -20.20 -13.33
N GLY A 1334 -50.53 -20.86 -12.37
CA GLY A 1334 -51.05 -20.18 -11.19
C GLY A 1334 -50.02 -19.64 -10.22
N ALA A 1335 -49.33 -20.54 -9.51
CA ALA A 1335 -48.42 -20.13 -8.44
C ALA A 1335 -47.14 -20.95 -8.48
N LYS A 1336 -46.58 -21.13 -9.68
CA LYS A 1336 -45.34 -21.90 -9.83
C LYS A 1336 -44.65 -21.42 -11.10
N GLY A 1337 -43.64 -20.57 -10.94
CA GLY A 1337 -42.89 -20.07 -12.07
C GLY A 1337 -41.41 -19.94 -11.82
N SER A 1338 -40.97 -20.31 -10.63
CA SER A 1338 -39.56 -20.23 -10.23
C SER A 1338 -39.02 -18.81 -10.34
N MET A 1339 -39.90 -17.81 -10.22
CA MET A 1339 -39.51 -16.41 -10.27
C MET A 1339 -40.63 -15.57 -9.70
N ASN A 1340 -40.27 -14.56 -8.91
CA ASN A 1340 -41.26 -13.67 -8.33
C ASN A 1340 -41.95 -12.86 -9.42
N ARG A 1341 -43.20 -12.49 -9.16
CA ARG A 1341 -44.03 -11.80 -10.15
C ARG A 1341 -44.35 -10.38 -9.75
N HIS A 1342 -43.74 -9.86 -8.69
CA HIS A 1342 -44.00 -8.49 -8.27
C HIS A 1342 -43.48 -7.50 -9.30
N VAL A 1343 -44.12 -6.33 -9.35
CA VAL A 1343 -43.72 -5.30 -10.30
C VAL A 1343 -42.34 -4.78 -9.96
N ALA A 1344 -42.02 -4.69 -8.67
CA ALA A 1344 -40.74 -4.13 -8.24
C ALA A 1344 -39.53 -4.96 -8.64
N ALA A 1345 -39.71 -6.07 -9.36
CA ALA A 1345 -38.62 -6.95 -9.75
C ALA A 1345 -38.69 -7.28 -11.23
N ILE A 1346 -38.91 -6.26 -12.06
CA ILE A 1346 -38.94 -6.45 -13.51
C ILE A 1346 -37.62 -6.09 -14.17
N GLY A 1347 -36.66 -5.59 -13.41
CA GLY A 1347 -35.35 -5.29 -13.95
C GLY A 1347 -34.50 -6.52 -14.21
N PRO A 1348 -34.16 -7.24 -13.14
CA PRO A 1348 -33.33 -8.45 -13.31
C PRO A 1348 -33.95 -9.48 -14.24
N ARG A 1349 -35.27 -9.65 -14.20
CA ARG A 1349 -35.93 -10.64 -15.04
C ARG A 1349 -35.67 -10.37 -16.51
N PHE A 1350 -35.97 -9.15 -16.97
CA PHE A 1350 -35.82 -8.84 -18.38
C PHE A 1350 -34.36 -8.68 -18.76
N LYS A 1351 -33.49 -8.28 -17.81
CA LYS A 1351 -32.06 -8.27 -18.11
C LYS A 1351 -31.54 -9.67 -18.38
N LEU A 1352 -31.96 -10.65 -17.56
CA LEU A 1352 -31.58 -12.03 -17.78
C LEU A 1352 -32.13 -12.56 -19.10
N LEU A 1353 -33.39 -12.23 -19.41
CA LEU A 1353 -33.97 -12.67 -20.67
C LEU A 1353 -33.22 -12.07 -21.86
N THR A 1354 -32.84 -10.79 -21.76
CA THR A 1354 -32.06 -10.16 -22.82
C THR A 1354 -30.70 -10.84 -22.99
N LEU A 1355 -30.06 -11.19 -21.87
CA LEU A 1355 -28.79 -11.91 -21.96
C LEU A 1355 -28.97 -13.26 -22.66
N GLY A 1356 -30.05 -13.98 -22.33
CA GLY A 1356 -30.32 -15.23 -23.01
C GLY A 1356 -30.54 -15.04 -24.50
N LEU A 1357 -31.29 -14.02 -24.88
CA LEU A 1357 -31.50 -13.73 -26.29
C LEU A 1357 -30.19 -13.41 -27.00
N SER A 1358 -29.33 -12.62 -26.34
CA SER A 1358 -28.04 -12.27 -26.93
C SER A 1358 -27.18 -13.52 -27.12
N LEU A 1359 -27.21 -14.44 -26.15
CA LEU A 1359 -26.50 -15.69 -26.32
C LEU A 1359 -27.06 -16.49 -27.49
N LEU A 1360 -28.38 -16.46 -27.66
CA LEU A 1360 -29.00 -17.17 -28.78
C LEU A 1360 -28.62 -16.56 -30.12
N HIS A 1361 -28.40 -15.25 -30.17
CA HIS A 1361 -28.13 -14.56 -31.42
C HIS A 1361 -26.66 -14.52 -31.80
N ALA A 1362 -25.77 -15.10 -30.98
CA ALA A 1362 -24.34 -14.99 -31.22
C ALA A 1362 -23.77 -16.13 -32.07
N ASP A 1363 -24.59 -17.09 -32.48
CA ASP A 1363 -24.17 -18.21 -33.32
C ASP A 1363 -23.01 -18.98 -32.69
N VAL A 1364 -23.28 -19.54 -31.51
CA VAL A 1364 -22.29 -20.27 -30.73
C VAL A 1364 -22.71 -21.73 -30.54
N VAL A 1365 -23.95 -21.96 -30.18
CA VAL A 1365 -24.41 -23.34 -29.94
C VAL A 1365 -24.47 -24.09 -31.27
N PRO A 1366 -23.79 -25.24 -31.38
CA PRO A 1366 -23.67 -25.91 -32.69
C PRO A 1366 -24.97 -26.46 -33.25
N ASN A 1367 -25.66 -27.30 -32.49
CA ASN A 1367 -26.77 -28.08 -33.01
C ASN A 1367 -28.06 -27.25 -32.98
N ALA A 1368 -29.18 -27.90 -33.33
CA ALA A 1368 -30.44 -27.18 -33.53
C ALA A 1368 -31.57 -27.72 -32.68
N THR A 1369 -31.26 -28.46 -31.61
CA THR A 1369 -32.29 -28.89 -30.66
C THR A 1369 -32.20 -28.17 -29.32
N ILE A 1370 -31.03 -27.65 -28.95
CA ILE A 1370 -30.91 -26.85 -27.73
C ILE A 1370 -31.57 -25.49 -27.94
N ARG A 1371 -31.41 -24.92 -29.14
CA ARG A 1371 -31.97 -23.60 -29.43
C ARG A 1371 -33.48 -23.60 -29.30
N ASN A 1372 -34.13 -24.67 -29.75
CA ASN A 1372 -35.58 -24.78 -29.62
C ASN A 1372 -35.99 -24.73 -28.16
N VAL A 1373 -35.31 -25.48 -27.30
CA VAL A 1373 -35.64 -25.52 -25.88
C VAL A 1373 -35.42 -24.14 -25.25
N LEU A 1374 -34.29 -23.50 -25.58
CA LEU A 1374 -33.99 -22.19 -25.00
C LEU A 1374 -35.04 -21.16 -25.40
N ARG A 1375 -35.39 -21.13 -26.69
CA ARG A 1375 -36.40 -20.17 -27.15
C ARG A 1375 -37.74 -20.44 -26.50
N GLU A 1376 -38.12 -21.71 -26.38
CA GLU A 1376 -39.38 -22.06 -25.76
C GLU A 1376 -39.42 -21.63 -24.30
N LYS A 1377 -38.33 -21.85 -23.56
CA LYS A 1377 -38.29 -21.45 -22.17
C LYS A 1377 -38.37 -19.93 -22.02
N ILE A 1378 -37.65 -19.20 -22.88
CA ILE A 1378 -37.68 -17.75 -22.82
C ILE A 1378 -39.10 -17.24 -23.08
N TYR A 1379 -39.75 -17.77 -24.10
CA TYR A 1379 -41.12 -17.38 -24.40
C TYR A 1379 -42.05 -17.70 -23.25
N SER A 1380 -41.87 -18.88 -22.64
CA SER A 1380 -42.73 -19.28 -21.53
C SER A 1380 -42.61 -18.33 -20.35
N THR A 1381 -41.37 -17.96 -20.00
CA THR A 1381 -41.20 -17.03 -18.88
C THR A 1381 -41.78 -15.65 -19.20
N ALA A 1382 -41.53 -15.17 -20.42
CA ALA A 1382 -42.06 -13.86 -20.81
C ALA A 1382 -43.58 -13.85 -20.74
N PHE A 1383 -44.23 -14.91 -21.20
CA PHE A 1383 -45.69 -14.99 -21.09
C PHE A 1383 -46.13 -15.13 -19.64
N ASP A 1384 -45.36 -15.88 -18.84
CA ASP A 1384 -45.73 -16.11 -17.45
C ASP A 1384 -45.78 -14.80 -16.67
N TYR A 1385 -44.91 -13.85 -17.02
CA TYR A 1385 -44.93 -12.58 -16.28
C TYR A 1385 -46.30 -11.91 -16.33
N PHE A 1386 -47.07 -12.11 -17.40
CA PHE A 1386 -48.30 -11.37 -17.65
C PHE A 1386 -49.55 -12.09 -17.16
N SER A 1387 -49.46 -12.85 -16.08
CA SER A 1387 -50.59 -13.64 -15.58
C SER A 1387 -51.04 -13.18 -14.21
N CYS A 1388 -51.12 -11.86 -14.01
CA CYS A 1388 -51.57 -11.28 -12.75
C CYS A 1388 -52.19 -9.93 -13.03
N PRO A 1389 -53.09 -9.47 -12.17
CA PRO A 1389 -53.70 -8.15 -12.38
C PRO A 1389 -52.66 -7.05 -12.34
N PRO A 1390 -52.79 -6.04 -13.21
CA PRO A 1390 -51.80 -4.95 -13.22
C PRO A 1390 -51.80 -4.16 -11.92
N LYS A 1391 -50.63 -3.65 -11.57
CA LYS A 1391 -50.47 -2.83 -10.37
C LYS A 1391 -49.40 -1.78 -10.64
N PHE A 1392 -49.38 -0.75 -9.80
CA PHE A 1392 -48.51 0.38 -10.09
C PHE A 1392 -47.18 0.24 -9.36
N PRO A 1393 -46.10 0.79 -9.93
CA PRO A 1393 -44.78 0.64 -9.31
C PRO A 1393 -44.71 1.34 -7.95
N THR A 1394 -43.86 0.79 -7.08
CA THR A 1394 -43.68 1.31 -5.74
C THR A 1394 -42.25 1.80 -5.46
N GLN A 1395 -41.30 1.54 -6.36
CA GLN A 1395 -39.94 1.99 -6.14
C GLN A 1395 -39.86 3.52 -6.26
N GLY A 1396 -38.70 4.06 -5.92
CA GLY A 1396 -38.50 5.48 -5.89
C GLY A 1396 -38.44 6.10 -7.29
N GLU A 1397 -38.23 7.43 -7.30
CA GLU A 1397 -38.12 8.14 -8.56
C GLU A 1397 -36.93 7.62 -9.37
N LYS A 1398 -35.76 7.55 -8.74
CA LYS A 1398 -34.66 6.82 -9.33
C LYS A 1398 -34.95 5.32 -9.24
N ARG A 1399 -34.19 4.54 -10.01
CA ARG A 1399 -34.37 3.10 -10.20
C ARG A 1399 -35.58 2.77 -11.07
N LEU A 1400 -36.30 3.78 -11.56
CA LEU A 1400 -37.45 3.56 -12.43
C LEU A 1400 -37.14 3.85 -13.89
N ARG A 1401 -36.29 4.85 -14.16
CA ARG A 1401 -35.92 5.17 -15.54
C ARG A 1401 -35.20 4.01 -16.21
N GLU A 1402 -34.24 3.40 -15.48
CA GLU A 1402 -33.45 2.33 -16.07
C GLU A 1402 -34.28 1.09 -16.34
N ASP A 1403 -35.32 0.85 -15.55
CA ASP A 1403 -36.22 -0.27 -15.84
C ASP A 1403 -36.93 -0.08 -17.18
N ILE A 1404 -37.40 1.14 -17.44
CA ILE A 1404 -38.03 1.44 -18.73
C ILE A 1404 -37.01 1.29 -19.86
N SER A 1405 -35.78 1.75 -19.62
CA SER A 1405 -34.73 1.58 -20.64
C SER A 1405 -34.48 0.12 -20.94
N ILE A 1406 -34.42 -0.72 -19.91
CA ILE A 1406 -34.20 -2.15 -20.09
C ILE A 1406 -35.36 -2.78 -20.86
N MET A 1407 -36.59 -2.36 -20.53
CA MET A 1407 -37.75 -2.89 -21.26
C MET A 1407 -37.69 -2.51 -22.73
N ILE A 1408 -37.29 -1.27 -23.02
CA ILE A 1408 -37.17 -0.84 -24.41
C ILE A 1408 -36.10 -1.65 -25.13
N LYS A 1409 -34.97 -1.89 -24.47
CA LYS A 1409 -33.91 -2.70 -25.07
C LYS A 1409 -34.40 -4.11 -25.37
N PHE A 1410 -35.12 -4.73 -24.42
CA PHE A 1410 -35.63 -6.07 -24.66
C PHE A 1410 -36.64 -6.08 -25.78
N TRP A 1411 -37.48 -5.04 -25.87
CA TRP A 1411 -38.44 -4.93 -26.95
C TRP A 1411 -37.73 -4.88 -28.30
N THR A 1412 -36.69 -4.05 -28.40
CA THR A 1412 -35.94 -3.95 -29.66
C THR A 1412 -35.29 -5.28 -30.02
N ALA A 1413 -34.67 -5.95 -29.04
CA ALA A 1413 -34.02 -7.22 -29.30
C ALA A 1413 -35.03 -8.27 -29.75
N MET A 1414 -36.20 -8.31 -29.11
CA MET A 1414 -37.24 -9.23 -29.53
C MET A 1414 -37.72 -8.94 -30.94
N PHE A 1415 -37.88 -7.66 -31.28
CA PHE A 1415 -38.32 -7.30 -32.62
C PHE A 1415 -37.31 -7.73 -33.67
N SER A 1416 -36.02 -7.56 -33.37
CA SER A 1416 -34.99 -7.90 -34.35
C SER A 1416 -34.95 -9.39 -34.66
N ASP A 1417 -35.40 -10.23 -33.73
CA ASP A 1417 -35.30 -11.67 -33.91
C ASP A 1417 -36.18 -12.15 -35.04
N LYS A 1418 -35.57 -12.71 -36.08
CA LYS A 1418 -36.30 -13.32 -37.19
C LYS A 1418 -35.39 -14.35 -37.84
N LYS A 1419 -35.61 -15.62 -37.52
CA LYS A 1419 -34.79 -16.70 -38.07
C LYS A 1419 -35.63 -17.95 -38.30
N ARG A 1477 -40.62 -30.49 -38.72
CA ARG A 1477 -41.48 -29.82 -39.68
C ARG A 1477 -41.24 -28.31 -39.64
N GLY A 1478 -40.95 -27.72 -40.79
CA GLY A 1478 -40.57 -26.32 -40.85
C GLY A 1478 -41.70 -25.32 -40.68
N SER A 1479 -42.72 -25.40 -41.54
CA SER A 1479 -43.78 -24.39 -41.55
C SER A 1479 -44.53 -24.38 -40.23
N GLN A 1480 -44.79 -25.56 -39.65
CA GLN A 1480 -45.49 -25.63 -38.37
C GLN A 1480 -44.77 -24.79 -37.32
N LEU A 1481 -43.48 -25.02 -37.15
CA LEU A 1481 -42.70 -24.27 -36.16
C LEU A 1481 -42.63 -22.80 -36.54
N HIS A 1482 -42.55 -22.50 -37.84
CA HIS A 1482 -42.46 -21.11 -38.27
C HIS A 1482 -43.66 -20.30 -37.81
N LYS A 1483 -44.87 -20.78 -38.11
CA LYS A 1483 -46.06 -20.08 -37.64
C LYS A 1483 -46.17 -20.13 -36.13
N TYR A 1484 -45.84 -21.28 -35.54
CA TYR A 1484 -45.93 -21.47 -34.09
C TYR A 1484 -45.10 -20.45 -33.34
N TYR A 1485 -43.98 -20.01 -33.92
CA TYR A 1485 -43.17 -18.99 -33.29
C TYR A 1485 -43.59 -17.57 -33.67
N MET A 1486 -43.99 -17.37 -34.93
CA MET A 1486 -44.31 -16.02 -35.39
C MET A 1486 -45.52 -15.45 -34.64
N LYS A 1487 -46.57 -16.27 -34.45
CA LYS A 1487 -47.77 -15.76 -33.79
C LYS A 1487 -47.47 -15.31 -32.37
N ARG A 1488 -46.72 -16.13 -31.63
CA ARG A 1488 -46.38 -15.78 -30.25
C ARG A 1488 -45.45 -14.58 -30.20
N ARG A 1489 -44.55 -14.44 -31.18
CA ARG A 1489 -43.72 -13.24 -31.25
C ARG A 1489 -44.58 -11.99 -31.38
N THR A 1490 -45.58 -12.04 -32.26
CA THR A 1490 -46.45 -10.88 -32.45
C THR A 1490 -47.21 -10.54 -31.16
N LEU A 1491 -47.76 -11.57 -30.51
CA LEU A 1491 -48.52 -11.34 -29.28
C LEU A 1491 -47.64 -10.71 -28.21
N LEU A 1492 -46.43 -11.25 -28.03
CA LEU A 1492 -45.51 -10.71 -27.03
C LEU A 1492 -45.14 -9.27 -27.34
N LEU A 1493 -44.90 -8.96 -28.62
CA LEU A 1493 -44.58 -7.59 -29.00
C LEU A 1493 -45.70 -6.64 -28.61
N SER A 1494 -46.94 -7.02 -28.91
CA SER A 1494 -48.08 -6.15 -28.58
C SER A 1494 -48.18 -5.93 -27.07
N LEU A 1495 -48.08 -7.01 -26.29
CA LEU A 1495 -48.20 -6.89 -24.84
C LEU A 1495 -47.11 -6.01 -24.26
N LEU A 1496 -45.87 -6.19 -24.73
CA LEU A 1496 -44.77 -5.39 -24.21
C LEU A 1496 -44.93 -3.92 -24.57
N ALA A 1497 -45.42 -3.64 -25.78
CA ALA A 1497 -45.65 -2.25 -26.16
C ALA A 1497 -46.68 -1.61 -25.24
N THR A 1498 -47.77 -2.32 -24.96
CA THR A 1498 -48.79 -1.77 -24.06
C THR A 1498 -48.22 -1.51 -22.67
N GLU A 1499 -47.45 -2.46 -22.13
CA GLU A 1499 -46.89 -2.30 -20.80
C GLU A 1499 -45.94 -1.11 -20.75
N ILE A 1500 -45.09 -0.96 -21.76
CA ILE A 1500 -44.15 0.15 -21.80
C ILE A 1500 -44.88 1.49 -21.86
N GLU A 1501 -45.94 1.56 -22.67
CA GLU A 1501 -46.70 2.81 -22.75
C GLU A 1501 -47.32 3.16 -21.40
N ARG A 1502 -47.91 2.17 -20.72
CA ARG A 1502 -48.51 2.45 -19.42
C ARG A 1502 -47.47 2.91 -18.41
N LEU A 1503 -46.31 2.24 -18.38
CA LEU A 1503 -45.27 2.60 -17.42
C LEU A 1503 -44.75 4.01 -17.67
N ILE A 1504 -44.46 4.34 -18.93
CA ILE A 1504 -43.94 5.68 -19.22
C ILE A 1504 -45.00 6.74 -18.96
N THR A 1505 -46.28 6.38 -19.11
CA THR A 1505 -47.34 7.32 -18.75
C THR A 1505 -47.32 7.60 -17.25
N TRP A 1506 -47.21 6.55 -16.42
CA TRP A 1506 -47.14 6.77 -14.98
C TRP A 1506 -45.86 7.48 -14.57
N TYR A 1507 -44.79 7.40 -15.37
CA TYR A 1507 -43.52 8.00 -14.98
C TYR A 1507 -43.66 9.48 -14.69
N ASN A 1508 -44.03 10.27 -15.71
CA ASN A 1508 -44.26 11.71 -15.54
C ASN A 1508 -45.68 12.05 -15.98
N PRO A 1509 -46.51 12.60 -15.10
CA PRO A 1509 -47.90 12.91 -15.47
C PRO A 1509 -47.99 13.89 -16.63
N LEU A 1510 -47.39 15.06 -16.47
CA LEU A 1510 -47.37 16.04 -17.55
C LEU A 1510 -46.44 15.59 -18.67
N SER A 1511 -46.57 16.23 -19.82
CA SER A 1511 -45.73 15.88 -20.97
C SER A 1511 -44.26 16.07 -20.64
N ALA A 1512 -43.89 17.25 -20.13
CA ALA A 1512 -42.54 17.57 -19.67
C ALA A 1512 -41.49 17.22 -20.71
N PRO A 1513 -41.39 17.99 -21.80
CA PRO A 1513 -40.38 17.67 -22.82
C PRO A 1513 -38.95 17.74 -22.31
N GLU A 1514 -38.69 18.49 -21.23
CA GLU A 1514 -37.35 18.52 -20.66
C GLU A 1514 -36.94 17.18 -20.08
N LEU A 1515 -37.91 16.40 -19.59
CA LEU A 1515 -37.65 15.09 -18.98
C LEU A 1515 -38.02 14.03 -20.02
N GLU A 1516 -37.04 13.61 -20.80
CA GLU A 1516 -37.25 12.71 -21.93
C GLU A 1516 -36.51 11.40 -21.72
N LEU A 1517 -36.59 10.54 -22.74
CA LEU A 1517 -35.98 9.21 -22.71
C LEU A 1517 -35.34 8.97 -24.07
N ASP A 1518 -34.97 7.71 -24.32
CA ASP A 1518 -34.41 7.34 -25.62
C ASP A 1518 -35.44 7.56 -26.71
N GLN A 1519 -35.02 8.17 -27.82
CA GLN A 1519 -35.94 8.57 -28.88
C GLN A 1519 -36.09 7.52 -29.96
N ALA A 1520 -35.05 6.70 -30.20
CA ALA A 1520 -35.06 5.79 -31.35
C ALA A 1520 -36.20 4.78 -31.25
N GLY A 1521 -36.20 3.97 -30.19
CA GLY A 1521 -37.16 2.88 -30.09
C GLY A 1521 -38.59 3.33 -29.84
N GLU A 1522 -38.77 4.54 -29.30
CA GLU A 1522 -40.12 5.01 -29.00
C GLU A 1522 -40.94 5.19 -30.27
N ASN A 1523 -40.31 5.67 -31.34
CA ASN A 1523 -41.03 5.84 -32.60
C ASN A 1523 -41.49 4.49 -33.14
N SER A 1524 -40.63 3.48 -33.08
CA SER A 1524 -41.02 2.15 -33.53
C SER A 1524 -42.15 1.59 -32.68
N VAL A 1525 -42.08 1.81 -31.36
CA VAL A 1525 -43.13 1.34 -30.47
C VAL A 1525 -44.46 2.00 -30.82
N ALA A 1526 -44.44 3.31 -31.06
CA ALA A 1526 -45.67 4.02 -31.41
C ALA A 1526 -46.22 3.55 -32.76
N ASN A 1527 -45.33 3.30 -33.73
CA ASN A 1527 -45.78 2.81 -35.02
C ASN A 1527 -46.42 1.43 -34.90
N TRP A 1528 -45.83 0.55 -34.09
CA TRP A 1528 -46.44 -0.75 -33.84
C TRP A 1528 -47.77 -0.60 -33.13
N ARG A 1529 -47.87 0.37 -32.22
CA ARG A 1529 -49.15 0.63 -31.55
C ARG A 1529 -50.23 1.01 -32.54
N SER A 1530 -49.90 1.92 -33.47
CA SER A 1530 -50.88 2.29 -34.50
C SER A 1530 -51.22 1.08 -35.38
N LYS A 1531 -50.22 0.30 -35.76
CA LYS A 1531 -50.47 -0.85 -36.63
C LYS A 1531 -51.40 -1.86 -35.99
N TYR A 1532 -51.18 -2.16 -34.71
CA TYR A 1532 -52.05 -3.11 -34.03
C TYR A 1532 -53.37 -2.51 -33.60
N ILE A 1533 -53.48 -1.18 -33.55
CA ILE A 1533 -54.77 -0.56 -33.29
C ILE A 1533 -55.60 -0.39 -34.54
N SER A 1534 -55.00 -0.58 -35.72
CA SER A 1534 -55.70 -0.40 -36.98
C SER A 1534 -56.41 -1.66 -37.48
N LEU A 1535 -56.38 -2.76 -36.74
CA LEU A 1535 -56.97 -4.00 -37.23
C LEU A 1535 -58.49 -4.01 -37.01
N SER A 1536 -59.13 -5.05 -37.54
CA SER A 1536 -60.58 -5.18 -37.57
C SER A 1536 -61.05 -6.18 -36.53
N GLU A 1537 -62.37 -6.41 -36.51
CA GLU A 1537 -62.95 -7.30 -35.51
C GLU A 1537 -62.52 -8.74 -35.75
N LYS A 1538 -62.38 -9.14 -37.01
CA LYS A 1538 -61.82 -10.46 -37.29
C LYS A 1538 -60.31 -10.43 -37.04
N GLN A 1539 -59.71 -11.61 -37.05
CA GLN A 1539 -58.29 -11.82 -36.73
C GLN A 1539 -57.96 -11.21 -35.36
N TRP A 1540 -59.01 -10.93 -34.58
CA TRP A 1540 -58.89 -10.31 -33.26
C TRP A 1540 -59.64 -11.17 -32.27
N LYS A 1541 -60.66 -11.89 -32.75
CA LYS A 1541 -61.34 -12.90 -31.95
C LYS A 1541 -60.56 -14.21 -31.90
N ASP A 1542 -59.49 -14.33 -32.70
CA ASP A 1542 -58.65 -15.52 -32.68
C ASP A 1542 -57.46 -15.39 -31.74
N ASN A 1543 -57.05 -14.16 -31.43
CA ASN A 1543 -56.01 -13.98 -30.40
C ASN A 1543 -56.50 -14.48 -29.06
N VAL A 1544 -57.78 -14.33 -28.76
CA VAL A 1544 -58.35 -14.91 -27.54
C VAL A 1544 -58.23 -16.42 -27.58
N ASN A 1545 -58.50 -17.04 -28.73
CA ASN A 1545 -58.35 -18.48 -28.86
C ASN A 1545 -56.91 -18.90 -28.63
N LEU A 1546 -55.96 -18.17 -29.21
CA LEU A 1546 -54.55 -18.50 -29.01
C LEU A 1546 -54.15 -18.35 -27.55
N ALA A 1547 -54.61 -17.29 -26.89
CA ALA A 1547 -54.28 -17.09 -25.48
C ALA A 1547 -54.86 -18.21 -24.62
N TRP A 1548 -56.09 -18.62 -24.89
CA TRP A 1548 -56.67 -19.75 -24.17
C TRP A 1548 -55.91 -21.04 -24.46
N SER A 1549 -55.40 -21.19 -25.68
CA SER A 1549 -54.57 -22.34 -25.99
C SER A 1549 -53.29 -22.33 -25.16
N ILE A 1550 -52.70 -21.15 -24.96
CA ILE A 1550 -51.50 -21.04 -24.14
C ILE A 1550 -51.82 -21.33 -22.68
N SER A 1551 -52.69 -20.51 -22.09
CA SER A 1551 -53.10 -20.69 -20.70
C SER A 1551 -54.37 -19.89 -20.41
N PRO A 1552 -55.31 -20.46 -19.66
CA PRO A 1552 -56.57 -19.74 -19.38
C PRO A 1552 -56.39 -18.44 -18.61
N TYR A 1553 -55.41 -18.39 -17.70
CA TYR A 1553 -55.26 -17.21 -16.85
C TYR A 1553 -54.91 -15.97 -17.66
N LEU A 1554 -54.03 -16.12 -18.65
CA LEU A 1554 -53.69 -15.00 -19.52
C LEU A 1554 -54.91 -14.52 -20.29
N ALA A 1555 -55.73 -15.44 -20.78
CA ALA A 1555 -56.95 -15.06 -21.47
C ALA A 1555 -57.89 -14.31 -20.54
N VAL A 1556 -57.99 -14.76 -19.29
CA VAL A 1556 -58.85 -14.09 -18.31
C VAL A 1556 -58.37 -12.65 -18.08
N GLN A 1557 -57.05 -12.48 -17.93
CA GLN A 1557 -56.51 -11.16 -17.68
C GLN A 1557 -56.37 -10.29 -18.92
N LEU A 1558 -56.60 -10.86 -20.11
CA LEU A 1558 -56.45 -10.09 -21.34
C LEU A 1558 -57.28 -8.81 -21.39
N PRO A 1559 -58.58 -8.82 -21.09
CA PRO A 1559 -59.35 -7.57 -21.20
C PRO A 1559 -58.92 -6.48 -20.25
N ALA A 1560 -58.23 -6.82 -19.16
CA ALA A 1560 -57.77 -5.79 -18.23
C ALA A 1560 -56.79 -4.84 -18.90
N ARG A 1561 -55.87 -5.36 -19.69
CA ARG A 1561 -55.02 -4.54 -20.54
C ARG A 1561 -55.88 -4.00 -21.67
N PHE A 1562 -56.39 -2.78 -21.50
CA PHE A 1562 -57.56 -2.33 -22.25
C PHE A 1562 -57.31 -2.35 -23.76
N LYS A 1563 -58.24 -2.96 -24.47
CA LYS A 1563 -58.30 -2.92 -25.93
C LYS A 1563 -59.71 -2.48 -26.31
N ASN A 1564 -59.81 -1.41 -27.11
CA ASN A 1564 -61.10 -0.78 -27.38
C ASN A 1564 -61.90 -1.63 -28.37
N THR A 1565 -62.43 -2.73 -27.85
CA THR A 1565 -63.27 -3.64 -28.63
C THR A 1565 -64.05 -4.51 -27.66
N GLU A 1566 -65.36 -4.61 -27.88
CA GLU A 1566 -66.22 -5.41 -27.00
C GLU A 1566 -66.19 -6.90 -27.33
N ALA A 1567 -65.63 -7.29 -28.48
CA ALA A 1567 -65.62 -8.69 -28.86
C ALA A 1567 -64.80 -9.55 -27.90
N ILE A 1568 -63.79 -8.95 -27.27
CA ILE A 1568 -62.96 -9.70 -26.32
C ILE A 1568 -63.82 -10.21 -25.16
N GLY A 1569 -64.68 -9.34 -24.62
CA GLY A 1569 -65.53 -9.75 -23.52
C GLY A 1569 -66.48 -10.87 -23.90
N ASN A 1570 -67.12 -10.74 -25.07
CA ASN A 1570 -68.05 -11.77 -25.51
C ASN A 1570 -67.35 -13.10 -25.73
N GLU A 1571 -66.17 -13.07 -26.36
CA GLU A 1571 -65.44 -14.31 -26.62
C GLU A 1571 -64.99 -14.96 -25.31
N VAL A 1572 -64.51 -14.16 -24.36
CA VAL A 1572 -64.09 -14.71 -23.07
C VAL A 1572 -65.28 -15.30 -22.34
N THR A 1573 -66.43 -14.62 -22.39
CA THR A 1573 -67.63 -15.13 -21.75
C THR A 1573 -68.05 -16.47 -22.36
N ARG A 1574 -68.03 -16.57 -23.69
CA ARG A 1574 -68.36 -17.82 -24.34
C ARG A 1574 -67.39 -18.92 -23.92
N LEU A 1575 -66.09 -18.62 -23.90
CA LEU A 1575 -65.10 -19.63 -23.57
C LEU A 1575 -65.27 -20.12 -22.14
N VAL A 1576 -65.51 -19.21 -21.19
CA VAL A 1576 -65.64 -19.62 -19.80
C VAL A 1576 -66.97 -20.36 -19.60
N ARG A 1577 -68.02 -19.96 -20.31
CA ARG A 1577 -69.30 -20.66 -20.19
C ARG A 1577 -69.21 -22.06 -20.77
N LEU A 1578 -68.35 -22.28 -21.75
CA LEU A 1578 -68.17 -23.64 -22.29
C LEU A 1578 -67.65 -24.59 -21.21
N ASP A 1579 -66.69 -24.14 -20.41
CA ASP A 1579 -66.15 -24.95 -19.31
C ASP A 1579 -65.62 -24.01 -18.25
N PRO A 1580 -66.35 -23.84 -17.13
CA PRO A 1580 -65.92 -22.91 -16.09
C PRO A 1580 -65.03 -23.52 -15.02
N GLY A 1581 -64.82 -24.84 -15.01
CA GLY A 1581 -64.02 -25.47 -13.98
C GLY A 1581 -62.54 -25.16 -14.07
N ALA A 1582 -62.07 -24.73 -15.24
CA ALA A 1582 -60.65 -24.46 -15.41
C ALA A 1582 -60.19 -23.30 -14.54
N VAL A 1583 -60.96 -22.22 -14.49
CA VAL A 1583 -60.58 -21.02 -13.75
C VAL A 1583 -61.34 -20.99 -12.44
N SER A 1584 -60.61 -20.82 -11.34
CA SER A 1584 -61.20 -20.60 -10.03
C SER A 1584 -60.42 -19.53 -9.28
N ASP A 1585 -59.95 -18.51 -9.99
CA ASP A 1585 -59.36 -17.34 -9.37
C ASP A 1585 -60.49 -16.38 -9.01
N VAL A 1586 -60.61 -16.07 -7.73
CA VAL A 1586 -61.88 -15.53 -7.20
C VAL A 1586 -62.29 -14.20 -7.81
N PRO A 1587 -61.44 -13.15 -7.85
CA PRO A 1587 -62.00 -11.78 -7.95
C PRO A 1587 -62.72 -11.49 -9.25
N GLU A 1588 -62.07 -11.70 -10.40
CA GLU A 1588 -62.61 -11.24 -11.67
C GLU A 1588 -63.20 -12.33 -12.54
N ALA A 1589 -62.93 -13.60 -12.24
CA ALA A 1589 -63.38 -14.66 -13.13
C ALA A 1589 -64.88 -14.94 -13.02
N ILE A 1590 -65.47 -14.69 -11.84
CA ILE A 1590 -66.88 -15.00 -11.66
C ILE A 1590 -67.76 -14.01 -12.43
N LYS A 1591 -67.27 -12.79 -12.66
CA LYS A 1591 -68.07 -11.80 -13.37
C LYS A 1591 -68.24 -12.13 -14.85
N PHE A 1592 -67.50 -13.12 -15.36
CA PHE A 1592 -67.69 -13.62 -16.70
C PHE A 1592 -68.69 -14.77 -16.75
N LEU A 1593 -69.19 -15.22 -15.61
CA LEU A 1593 -70.10 -16.35 -15.53
C LEU A 1593 -71.40 -16.03 -14.80
N VAL A 1594 -71.35 -15.21 -13.74
CA VAL A 1594 -72.52 -14.98 -12.91
C VAL A 1594 -73.67 -14.38 -13.70
N THR A 1595 -73.39 -13.69 -14.80
CA THR A 1595 -74.45 -13.14 -15.65
C THR A 1595 -74.59 -14.02 -16.89
N TRP A 1596 -75.41 -15.07 -16.75
CA TRP A 1596 -75.90 -15.77 -17.93
C TRP A 1596 -76.65 -14.82 -18.85
N HIS A 1597 -77.40 -13.89 -18.25
CA HIS A 1597 -78.07 -12.81 -18.95
C HIS A 1597 -78.46 -11.76 -17.92
N THR A 1598 -78.17 -10.49 -18.21
CA THR A 1598 -78.29 -9.45 -17.20
C THR A 1598 -79.73 -9.29 -16.71
N ILE A 1599 -80.68 -9.23 -17.64
CA ILE A 1599 -82.07 -8.99 -17.27
C ILE A 1599 -83.01 -9.97 -17.96
N ASP A 1600 -82.47 -10.81 -18.85
CA ASP A 1600 -83.31 -11.73 -19.59
C ASP A 1600 -83.94 -12.77 -18.67
N ALA A 1601 -83.21 -13.21 -17.65
CA ALA A 1601 -83.74 -14.06 -16.59
C ALA A 1601 -84.29 -15.38 -17.13
N ASP A 1602 -83.37 -16.19 -17.65
CA ASP A 1602 -83.69 -17.52 -18.18
C ASP A 1602 -82.47 -18.41 -18.00
N ALA A 1603 -82.55 -19.63 -18.57
CA ALA A 1603 -81.46 -20.61 -18.61
C ALA A 1603 -80.79 -20.84 -17.25
N PRO A 1604 -81.45 -21.49 -16.30
CA PRO A 1604 -80.77 -21.83 -15.03
C PRO A 1604 -80.07 -23.19 -15.08
N GLU A 1605 -78.96 -23.24 -15.81
CA GLU A 1605 -78.18 -24.47 -15.93
C GLU A 1605 -76.70 -24.15 -15.80
N LEU A 1606 -75.92 -25.21 -15.58
CA LEU A 1606 -74.45 -25.18 -15.46
C LEU A 1606 -73.96 -24.17 -14.43
N SER A 1607 -74.82 -23.69 -13.55
CA SER A 1607 -74.45 -22.69 -12.56
C SER A 1607 -74.06 -23.41 -11.27
N HIS A 1608 -72.88 -24.02 -11.30
CA HIS A 1608 -72.32 -24.69 -10.12
C HIS A 1608 -71.32 -23.73 -9.47
N VAL A 1609 -71.88 -22.71 -8.81
CA VAL A 1609 -71.05 -21.69 -8.15
C VAL A 1609 -70.54 -22.14 -6.79
N LEU A 1610 -70.86 -23.36 -6.36
CA LEU A 1610 -70.47 -23.84 -5.06
C LEU A 1610 -68.97 -24.10 -4.93
N CYS A 1611 -68.24 -24.08 -6.04
CA CYS A 1611 -66.80 -24.32 -6.01
C CYS A 1611 -65.98 -23.05 -5.82
N TRP A 1612 -66.58 -21.88 -6.08
CA TRP A 1612 -65.80 -20.65 -6.13
C TRP A 1612 -65.40 -20.19 -4.73
N ALA A 1613 -64.42 -19.28 -4.70
CA ALA A 1613 -63.87 -18.70 -3.49
C ALA A 1613 -64.60 -17.41 -3.13
N PRO A 1614 -64.56 -17.01 -1.85
CA PRO A 1614 -65.22 -15.76 -1.44
C PRO A 1614 -64.54 -14.54 -2.01
N THR A 1615 -65.34 -13.49 -2.25
CA THR A 1615 -64.87 -12.24 -2.82
C THR A 1615 -65.01 -11.13 -1.77
N ASP A 1616 -64.83 -9.90 -2.22
CA ASP A 1616 -65.07 -8.74 -1.38
C ASP A 1616 -66.57 -8.62 -1.07
N PRO A 1617 -66.92 -8.13 0.11
CA PRO A 1617 -68.35 -8.01 0.49
C PRO A 1617 -69.16 -7.18 -0.49
N PRO A 1618 -68.67 -6.02 -0.96
CA PRO A 1618 -69.54 -5.19 -1.82
C PRO A 1618 -70.01 -5.88 -3.08
N THR A 1619 -69.17 -6.73 -3.68
CA THR A 1619 -69.60 -7.47 -4.86
C THR A 1619 -70.69 -8.47 -4.50
N GLY A 1620 -70.57 -9.12 -3.33
CA GLY A 1620 -71.55 -10.13 -2.95
C GLY A 1620 -72.95 -9.57 -2.78
N LEU A 1621 -73.06 -8.38 -2.20
CA LEU A 1621 -74.37 -7.77 -1.98
C LEU A 1621 -75.05 -7.34 -3.27
N SER A 1622 -74.32 -7.28 -4.39
CA SER A 1622 -74.94 -6.91 -5.65
C SER A 1622 -76.00 -7.90 -6.10
N TYR A 1623 -75.96 -9.14 -5.61
CA TYR A 1623 -76.94 -10.14 -5.99
C TYR A 1623 -78.28 -9.93 -5.30
N PHE A 1624 -78.36 -9.04 -4.32
CA PHE A 1624 -79.61 -8.71 -3.66
C PHE A 1624 -80.14 -7.33 -4.07
N SER A 1625 -79.49 -6.68 -5.03
CA SER A 1625 -79.82 -5.31 -5.41
C SER A 1625 -80.90 -5.32 -6.49
N SER A 1626 -81.16 -4.15 -7.07
CA SER A 1626 -82.16 -3.99 -8.11
C SER A 1626 -81.59 -4.20 -9.51
N MET A 1627 -80.47 -4.93 -9.62
CA MET A 1627 -79.82 -5.20 -10.89
C MET A 1627 -80.05 -6.62 -11.38
N TYR A 1628 -79.94 -7.61 -10.49
CA TYR A 1628 -80.07 -9.01 -10.86
C TYR A 1628 -81.40 -9.58 -10.39
N PRO A 1629 -82.10 -10.34 -11.23
CA PRO A 1629 -83.31 -11.01 -10.79
C PRO A 1629 -82.99 -12.02 -9.70
N PRO A 1630 -83.93 -12.28 -8.80
CA PRO A 1630 -83.66 -13.23 -7.71
C PRO A 1630 -83.41 -14.63 -8.22
N HIS A 1631 -82.55 -15.36 -7.51
CA HIS A 1631 -82.20 -16.73 -7.86
C HIS A 1631 -81.63 -17.42 -6.63
N PRO A 1632 -81.92 -18.70 -6.40
CA PRO A 1632 -81.44 -19.34 -5.17
C PRO A 1632 -79.93 -19.49 -5.09
N LEU A 1633 -79.29 -19.92 -6.19
CA LEU A 1633 -77.85 -20.20 -6.13
C LEU A 1633 -77.05 -18.95 -5.81
N THR A 1634 -77.42 -17.81 -6.41
CA THR A 1634 -76.74 -16.57 -6.10
C THR A 1634 -76.93 -16.19 -4.64
N ALA A 1635 -78.12 -16.44 -4.09
CA ALA A 1635 -78.37 -16.16 -2.68
C ALA A 1635 -77.49 -17.03 -1.78
N GLN A 1636 -77.36 -18.31 -2.11
CA GLN A 1636 -76.47 -19.18 -1.35
C GLN A 1636 -75.04 -18.71 -1.43
N TYR A 1637 -74.60 -18.30 -2.61
CA TYR A 1637 -73.23 -17.80 -2.76
C TYR A 1637 -73.02 -16.54 -1.93
N GLY A 1638 -74.01 -15.65 -1.93
CA GLY A 1638 -73.90 -14.43 -1.16
C GLY A 1638 -73.85 -14.67 0.33
N VAL A 1639 -74.70 -15.56 0.84
CA VAL A 1639 -74.67 -15.85 2.27
C VAL A 1639 -73.35 -16.54 2.63
N LYS A 1640 -72.83 -17.38 1.74
CA LYS A 1640 -71.55 -18.03 2.00
C LYS A 1640 -70.43 -17.00 2.10
N VAL A 1641 -70.36 -16.09 1.14
CA VAL A 1641 -69.27 -15.11 1.16
C VAL A 1641 -69.42 -14.17 2.34
N LEU A 1642 -70.66 -13.84 2.72
CA LEU A 1642 -70.87 -12.96 3.87
C LEU A 1642 -70.61 -13.67 5.20
N ARG A 1643 -70.66 -15.01 5.22
CA ARG A 1643 -70.43 -15.77 6.44
C ARG A 1643 -68.97 -16.16 6.64
N SER A 1644 -68.02 -15.37 6.11
CA SER A 1644 -66.62 -15.73 6.20
C SER A 1644 -65.74 -14.53 6.51
N PHE A 1645 -66.22 -13.58 7.30
CA PHE A 1645 -65.47 -12.39 7.60
C PHE A 1645 -65.47 -12.10 9.10
N PRO A 1646 -64.45 -11.41 9.59
CA PRO A 1646 -64.45 -10.98 10.99
C PRO A 1646 -65.52 -9.94 11.26
N PRO A 1647 -65.97 -9.80 12.50
CA PRO A 1647 -67.10 -8.89 12.78
C PRO A 1647 -66.83 -7.44 12.44
N ASP A 1648 -65.57 -7.02 12.34
CA ASP A 1648 -65.28 -5.61 12.08
C ASP A 1648 -65.77 -5.18 10.69
N ALA A 1649 -65.59 -6.03 9.69
CA ALA A 1649 -66.00 -5.67 8.33
C ALA A 1649 -67.51 -5.52 8.23
N ILE A 1650 -68.26 -6.47 8.79
CA ILE A 1650 -69.71 -6.36 8.76
C ILE A 1650 -70.19 -5.20 9.62
N LEU A 1651 -69.48 -4.91 10.71
CA LEU A 1651 -69.81 -3.71 11.49
C LEU A 1651 -69.64 -2.46 10.65
N PHE A 1652 -68.60 -2.42 9.82
CA PHE A 1652 -68.43 -1.31 8.90
C PHE A 1652 -69.56 -1.25 7.88
N TYR A 1653 -69.95 -2.40 7.35
CA TYR A 1653 -70.90 -2.48 6.23
C TYR A 1653 -72.35 -2.61 6.67
N ILE A 1654 -72.65 -2.45 7.96
CA ILE A 1654 -74.00 -2.63 8.50
C ILE A 1654 -75.10 -1.83 7.78
N PRO A 1655 -74.95 -0.55 7.44
CA PRO A 1655 -76.14 0.20 6.99
C PRO A 1655 -76.76 -0.34 5.72
N GLN A 1656 -76.01 -1.10 4.92
CA GLN A 1656 -76.54 -1.66 3.69
C GLN A 1656 -77.23 -3.00 3.88
N ILE A 1657 -76.83 -3.77 4.90
CA ILE A 1657 -77.42 -5.08 5.13
C ILE A 1657 -78.91 -4.95 5.43
N VAL A 1658 -79.27 -4.00 6.30
CA VAL A 1658 -80.68 -3.82 6.64
C VAL A 1658 -81.48 -3.36 5.43
N GLN A 1659 -80.92 -2.45 4.63
CA GLN A 1659 -81.61 -1.99 3.43
C GLN A 1659 -81.77 -3.12 2.42
N ALA A 1660 -80.88 -4.10 2.44
CA ALA A 1660 -80.99 -5.24 1.55
C ALA A 1660 -82.21 -6.11 1.83
N LEU A 1661 -82.87 -5.94 2.98
CA LEU A 1661 -84.05 -6.73 3.31
C LEU A 1661 -85.24 -6.43 2.42
N ARG A 1662 -85.21 -5.35 1.65
CA ARG A 1662 -86.33 -5.00 0.79
C ARG A 1662 -86.58 -6.07 -0.27
N TYR A 1663 -85.52 -6.67 -0.80
CA TYR A 1663 -85.62 -7.63 -1.88
C TYR A 1663 -85.53 -9.07 -1.41
N ASP A 1664 -85.65 -9.31 -0.11
CA ASP A 1664 -85.50 -10.65 0.46
C ASP A 1664 -86.77 -11.45 0.15
N LYS A 1665 -86.83 -11.96 -1.09
CA LYS A 1665 -87.92 -12.86 -1.46
C LYS A 1665 -87.86 -14.14 -0.64
N MET A 1666 -86.67 -14.69 -0.45
CA MET A 1666 -86.47 -15.87 0.39
C MET A 1666 -86.33 -15.42 1.85
N GLY A 1667 -85.87 -16.33 2.71
CA GLY A 1667 -85.62 -15.97 4.10
C GLY A 1667 -84.15 -15.96 4.47
N TYR A 1668 -83.27 -15.89 3.46
CA TYR A 1668 -81.84 -16.02 3.71
C TYR A 1668 -81.31 -14.84 4.51
N VAL A 1669 -81.64 -13.62 4.09
CA VAL A 1669 -81.08 -12.42 4.72
C VAL A 1669 -81.51 -12.34 6.17
N ARG A 1670 -82.79 -12.56 6.45
CA ARG A 1670 -83.27 -12.46 7.83
C ARG A 1670 -82.63 -13.51 8.73
N GLU A 1671 -82.53 -14.76 8.26
CA GLU A 1671 -81.95 -15.80 9.10
C GLU A 1671 -80.46 -15.55 9.33
N TYR A 1672 -79.76 -15.03 8.32
CA TYR A 1672 -78.38 -14.64 8.53
C TYR A 1672 -78.30 -13.52 9.57
N ILE A 1673 -79.25 -12.58 9.53
CA ILE A 1673 -79.24 -11.48 10.50
C ILE A 1673 -79.41 -12.01 11.91
N LEU A 1674 -80.37 -12.91 12.12
CA LEU A 1674 -80.53 -13.50 13.46
C LEU A 1674 -79.30 -14.30 13.87
N TRP A 1675 -78.71 -15.05 12.93
CA TRP A 1675 -77.52 -15.85 13.27
C TRP A 1675 -76.38 -14.96 13.71
N ALA A 1676 -76.10 -13.89 12.95
CA ALA A 1676 -75.03 -12.97 13.30
C ALA A 1676 -75.32 -12.27 14.63
N ALA A 1677 -76.57 -11.83 14.82
CA ALA A 1677 -76.92 -11.13 16.05
C ALA A 1677 -76.78 -12.04 17.27
N SER A 1678 -77.13 -13.32 17.11
CA SER A 1678 -76.93 -14.27 18.19
C SER A 1678 -75.46 -14.63 18.38
N LYS A 1679 -74.63 -14.42 17.36
CA LYS A 1679 -73.21 -14.74 17.49
C LYS A 1679 -72.49 -13.74 18.39
N SER A 1680 -72.48 -12.46 18.00
CA SER A 1680 -71.79 -11.42 18.73
C SER A 1680 -72.80 -10.46 19.35
N GLN A 1681 -72.30 -9.40 19.98
CA GLN A 1681 -73.14 -8.49 20.75
C GLN A 1681 -73.16 -7.08 20.20
N LEU A 1682 -72.00 -6.48 19.91
CA LEU A 1682 -71.98 -5.10 19.44
C LEU A 1682 -72.74 -4.95 18.13
N LEU A 1683 -72.62 -5.92 17.22
CA LEU A 1683 -73.39 -5.87 15.99
C LEU A 1683 -74.89 -5.93 16.27
N ALA A 1684 -75.29 -6.64 17.32
CA ALA A 1684 -76.71 -6.65 17.69
C ALA A 1684 -77.15 -5.28 18.15
N HIS A 1685 -76.32 -4.57 18.92
CA HIS A 1685 -76.66 -3.22 19.34
C HIS A 1685 -76.79 -2.29 18.13
N GLN A 1686 -75.85 -2.41 17.19
CA GLN A 1686 -75.91 -1.58 16.00
C GLN A 1686 -77.15 -1.88 15.17
N PHE A 1687 -77.49 -3.17 15.05
CA PHE A 1687 -78.77 -3.59 14.50
C PHE A 1687 -79.88 -2.78 15.16
N ILE A 1688 -80.04 -2.96 16.47
CA ILE A 1688 -81.21 -2.43 17.16
C ILE A 1688 -81.29 -0.91 16.97
N TRP A 1689 -80.14 -0.22 17.01
CA TRP A 1689 -80.14 1.21 16.71
C TRP A 1689 -80.64 1.48 15.31
N ASN A 1690 -80.18 0.70 14.32
CA ASN A 1690 -80.51 1.02 12.94
C ASN A 1690 -81.97 0.77 12.61
N MET A 1691 -82.51 -0.39 13.00
CA MET A 1691 -83.95 -0.56 12.76
C MET A 1691 -84.82 0.27 13.69
N LYS A 1692 -84.29 0.79 14.81
CA LYS A 1692 -85.07 1.76 15.56
C LYS A 1692 -85.09 3.11 14.85
N THR A 1693 -83.98 3.49 14.22
CA THR A 1693 -83.92 4.77 13.53
C THR A 1693 -84.72 4.75 12.24
N ASN A 1694 -84.57 3.71 11.44
CA ASN A 1694 -85.07 3.71 10.08
C ASN A 1694 -86.48 3.16 9.94
N ILE A 1695 -87.16 2.85 11.05
CA ILE A 1695 -88.50 2.28 10.95
C ILE A 1695 -89.49 3.30 10.39
N TYR A 1696 -89.31 4.58 10.72
CA TYR A 1696 -90.19 5.63 10.25
C TYR A 1696 -89.60 6.28 9.00
N LEU A 1697 -90.26 7.33 8.52
CA LEU A 1697 -89.86 8.04 7.31
C LEU A 1697 -89.32 9.43 7.58
N ASP A 1698 -90.02 10.23 8.37
CA ASP A 1698 -89.63 11.60 8.66
C ASP A 1698 -88.84 11.67 9.97
N GLU A 1699 -88.22 12.83 10.20
CA GLU A 1699 -87.48 13.05 11.43
C GLU A 1699 -88.41 13.07 12.63
N GLU A 1700 -89.48 13.87 12.56
CA GLU A 1700 -90.48 13.85 13.62
C GLU A 1700 -91.21 12.53 13.66
N GLY A 1701 -91.72 12.08 12.51
CA GLY A 1701 -92.39 10.80 12.41
C GLY A 1701 -93.90 10.91 12.46
N HIS A 1702 -94.53 10.92 11.29
CA HIS A 1702 -96.00 10.91 11.21
C HIS A 1702 -96.53 9.92 10.19
N GLN A 1703 -95.71 9.40 9.29
CA GLN A 1703 -96.10 8.33 8.39
C GLN A 1703 -94.97 7.30 8.38
N LYS A 1704 -95.35 6.02 8.44
CA LYS A 1704 -94.36 4.95 8.43
C LYS A 1704 -94.21 4.38 7.02
N ASP A 1705 -93.13 3.65 6.81
CA ASP A 1705 -92.87 3.07 5.51
C ASP A 1705 -93.90 1.98 5.22
N PRO A 1706 -94.69 2.10 4.14
CA PRO A 1706 -95.68 1.05 3.84
C PRO A 1706 -95.05 -0.25 3.38
N ASP A 1707 -93.78 -0.25 2.98
CA ASP A 1707 -93.18 -1.44 2.39
C ASP A 1707 -92.69 -2.42 3.44
N ILE A 1708 -91.73 -2.00 4.26
CA ILE A 1708 -90.99 -2.91 5.12
C ILE A 1708 -91.09 -2.54 6.60
N GLY A 1709 -92.02 -1.65 6.96
CA GLY A 1709 -92.14 -1.27 8.36
C GLY A 1709 -92.59 -2.43 9.25
N ASP A 1710 -93.54 -3.23 8.76
CA ASP A 1710 -94.15 -4.26 9.60
C ASP A 1710 -93.15 -5.33 10.01
N LEU A 1711 -92.46 -5.92 9.03
CA LEU A 1711 -91.49 -6.95 9.38
C LEU A 1711 -90.25 -6.37 10.04
N LEU A 1712 -89.94 -5.09 9.77
CA LEU A 1712 -88.90 -4.42 10.55
C LEU A 1712 -89.25 -4.42 12.03
N ASP A 1713 -90.46 -3.98 12.36
CA ASP A 1713 -90.87 -3.96 13.76
C ASP A 1713 -90.92 -5.36 14.35
N GLN A 1714 -91.36 -6.33 13.54
CA GLN A 1714 -91.36 -7.72 14.00
C GLN A 1714 -89.96 -8.17 14.37
N LEU A 1715 -88.98 -7.83 13.53
CA LEU A 1715 -87.59 -8.20 13.82
C LEU A 1715 -87.09 -7.49 15.08
N VAL A 1716 -87.41 -6.21 15.24
CA VAL A 1716 -87.00 -5.51 16.46
C VAL A 1716 -87.57 -6.19 17.70
N GLU A 1717 -88.84 -6.57 17.66
CA GLU A 1717 -89.43 -7.26 18.80
C GLU A 1717 -88.78 -8.62 19.03
N GLU A 1718 -88.46 -9.33 17.96
CA GLU A 1718 -87.97 -10.69 18.10
C GLU A 1718 -86.53 -10.74 18.62
N ILE A 1719 -85.67 -9.85 18.12
CA ILE A 1719 -84.24 -9.97 18.41
C ILE A 1719 -83.98 -9.78 19.90
N THR A 1720 -84.60 -8.77 20.50
CA THR A 1720 -84.40 -8.51 21.92
C THR A 1720 -85.31 -9.40 22.75
N GLY A 1721 -84.84 -9.77 23.93
CA GLY A 1721 -85.59 -10.67 24.79
C GLY A 1721 -85.08 -12.10 24.69
N SER A 1722 -84.73 -12.52 23.47
CA SER A 1722 -84.13 -13.83 23.30
C SER A 1722 -82.78 -13.92 24.03
N LEU A 1723 -81.99 -12.86 23.98
CA LEU A 1723 -80.77 -12.78 24.77
C LEU A 1723 -81.11 -12.58 26.24
N SER A 1724 -80.19 -13.02 27.10
CA SER A 1724 -80.41 -12.93 28.54
C SER A 1724 -79.06 -12.88 29.24
N GLY A 1725 -79.09 -12.96 30.57
CA GLY A 1725 -77.88 -13.00 31.36
C GLY A 1725 -77.07 -11.73 31.30
N PRO A 1726 -75.75 -11.87 31.33
CA PRO A 1726 -74.88 -10.68 31.29
C PRO A 1726 -75.09 -9.83 30.05
N ALA A 1727 -75.43 -10.44 28.91
CA ALA A 1727 -75.77 -9.66 27.73
C ALA A 1727 -76.99 -8.78 27.99
N LYS A 1728 -78.01 -9.34 28.65
CA LYS A 1728 -79.18 -8.55 28.98
C LYS A 1728 -78.83 -7.43 29.95
N ASP A 1729 -77.98 -7.71 30.93
CA ASP A 1729 -77.57 -6.67 31.88
C ASP A 1729 -76.83 -5.54 31.16
N PHE A 1730 -75.92 -5.89 30.26
CA PHE A 1730 -75.20 -4.88 29.50
C PHE A 1730 -76.14 -4.06 28.63
N TYR A 1731 -77.09 -4.73 27.97
CA TYR A 1731 -78.07 -4.02 27.14
C TYR A 1731 -78.88 -3.04 27.97
N GLN A 1732 -79.38 -3.49 29.12
CA GLN A 1732 -80.16 -2.61 29.99
C GLN A 1732 -79.33 -1.42 30.44
N ARG A 1733 -78.10 -1.68 30.91
CA ARG A 1733 -77.25 -0.60 31.40
C ARG A 1733 -76.99 0.43 30.30
N GLU A 1734 -76.56 -0.03 29.12
CA GLU A 1734 -76.21 0.90 28.05
C GLU A 1734 -77.41 1.69 27.58
N PHE A 1735 -78.56 1.02 27.40
CA PHE A 1735 -79.73 1.72 26.89
C PHE A 1735 -80.29 2.70 27.91
N ASP A 1736 -80.31 2.33 29.19
CA ASP A 1736 -80.75 3.27 30.22
C ASP A 1736 -79.82 4.48 30.29
N PHE A 1737 -78.51 4.26 30.18
CA PHE A 1737 -77.58 5.37 30.20
C PHE A 1737 -77.79 6.30 29.00
N PHE A 1738 -77.98 5.72 27.82
CA PHE A 1738 -78.22 6.54 26.64
C PHE A 1738 -79.51 7.32 26.75
N ASN A 1739 -80.59 6.69 27.25
CA ASN A 1739 -81.85 7.43 27.40
C ASN A 1739 -81.71 8.55 28.43
N LYS A 1740 -81.00 8.28 29.53
CA LYS A 1740 -80.84 9.29 30.57
C LYS A 1740 -79.95 10.45 30.10
N ILE A 1741 -79.02 10.19 29.17
CA ILE A 1741 -78.23 11.27 28.61
C ILE A 1741 -78.93 11.95 27.43
N THR A 1742 -79.93 11.30 26.84
CA THR A 1742 -80.64 11.90 25.71
C THR A 1742 -81.76 12.81 26.19
N ASN A 1743 -82.47 12.44 27.25
CA ASN A 1743 -83.60 13.26 27.69
C ASN A 1743 -83.16 14.59 28.28
N VAL A 1744 -81.86 14.80 28.53
CA VAL A 1744 -81.39 16.05 29.12
C VAL A 1744 -81.66 17.22 28.19
N SER A 1745 -81.37 17.05 26.89
CA SER A 1745 -81.59 18.13 25.94
C SER A 1745 -83.06 18.51 25.86
N ALA A 1746 -83.94 17.50 25.82
CA ALA A 1746 -85.38 17.79 25.80
C ALA A 1746 -85.83 18.46 27.09
N ILE A 1747 -85.23 18.08 28.23
CA ILE A 1747 -85.59 18.70 29.50
C ILE A 1747 -85.21 20.17 29.50
N ILE A 1748 -84.01 20.49 28.99
CA ILE A 1748 -83.56 21.88 28.95
C ILE A 1748 -84.07 22.64 27.71
N LYS A 1749 -84.86 21.99 26.87
CA LYS A 1749 -85.41 22.66 25.69
C LYS A 1749 -86.25 23.90 26.03
N PRO A 1750 -87.16 23.89 27.01
CA PRO A 1750 -88.02 25.07 27.21
C PRO A 1750 -87.26 26.37 27.49
N TYR A 1751 -86.11 26.30 28.13
CA TYR A 1751 -85.36 27.52 28.43
C TYR A 1751 -84.93 28.20 27.13
N PRO A 1752 -85.11 29.51 27.01
CA PRO A 1752 -84.74 30.21 25.78
C PRO A 1752 -83.23 30.47 25.72
N LYS A 1753 -82.81 30.99 24.57
CA LYS A 1753 -81.40 31.28 24.35
C LYS A 1753 -80.92 32.37 25.30
N GLY A 1754 -79.72 32.18 25.83
CA GLY A 1754 -79.13 33.14 26.74
C GLY A 1754 -78.35 32.41 27.82
N ASP A 1755 -78.04 33.16 28.88
CA ASP A 1755 -77.31 32.59 30.00
C ASP A 1755 -78.16 31.60 30.78
N GLU A 1756 -79.48 31.82 30.83
CA GLU A 1756 -80.35 30.94 31.60
C GLU A 1756 -80.31 29.51 31.07
N ARG A 1757 -80.23 29.34 29.75
CA ARG A 1757 -80.10 28.00 29.18
C ARG A 1757 -78.78 27.37 29.60
N LYS A 1758 -77.71 28.17 29.64
CA LYS A 1758 -76.42 27.64 30.07
C LYS A 1758 -76.48 27.17 31.52
N LYS A 1759 -77.08 27.97 32.40
CA LYS A 1759 -77.17 27.56 33.80
C LYS A 1759 -78.04 26.32 33.97
N ALA A 1760 -79.15 26.26 33.24
CA ALA A 1760 -80.03 25.09 33.32
C ALA A 1760 -79.31 23.84 32.84
N CYS A 1761 -78.57 23.96 31.73
CA CYS A 1761 -77.86 22.80 31.20
C CYS A 1761 -76.73 22.38 32.12
N LEU A 1762 -76.04 23.33 32.76
CA LEU A 1762 -75.00 22.98 33.72
C LEU A 1762 -75.58 22.27 34.93
N SER A 1763 -76.74 22.74 35.43
CA SER A 1763 -77.38 22.06 36.54
C SER A 1763 -77.81 20.65 36.14
N ALA A 1764 -78.33 20.49 34.92
CA ALA A 1764 -78.69 19.16 34.44
C ALA A 1764 -77.47 18.25 34.34
N LEU A 1765 -76.35 18.79 33.83
CA LEU A 1765 -75.13 17.99 33.73
C LEU A 1765 -74.63 17.58 35.10
N SER A 1766 -74.75 18.47 36.09
CA SER A 1766 -74.45 18.08 37.47
C SER A 1766 -75.40 16.99 37.93
N GLU A 1767 -76.68 17.07 37.53
CA GLU A 1767 -77.64 16.03 37.86
C GLU A 1767 -77.31 14.71 37.18
N VAL A 1768 -76.60 14.76 36.05
CA VAL A 1768 -76.31 13.54 35.30
C VAL A 1768 -75.38 12.65 36.10
N LYS A 1769 -75.81 11.40 36.31
CA LYS A 1769 -75.01 10.36 36.93
C LYS A 1769 -74.52 9.37 35.88
N VAL A 1770 -73.38 8.74 36.17
CA VAL A 1770 -72.73 7.82 35.25
C VAL A 1770 -72.61 6.46 35.92
N GLN A 1771 -73.05 5.43 35.23
CA GLN A 1771 -72.85 4.05 35.68
C GLN A 1771 -71.65 3.47 34.95
N PRO A 1772 -70.63 2.99 35.67
CA PRO A 1772 -69.43 2.49 34.98
C PRO A 1772 -69.74 1.28 34.09
N GLY A 1773 -68.98 1.16 33.01
CA GLY A 1773 -69.13 0.08 32.06
C GLY A 1773 -69.73 0.48 30.72
N CYS A 1774 -70.25 1.70 30.61
CA CYS A 1774 -70.88 2.15 29.38
C CYS A 1774 -69.81 2.53 28.35
N TYR A 1775 -70.27 2.89 27.15
CA TYR A 1775 -69.37 3.25 26.07
C TYR A 1775 -70.05 4.26 25.16
N LEU A 1776 -69.25 4.99 24.40
CA LEU A 1776 -69.79 5.93 23.43
C LEU A 1776 -70.06 5.20 22.11
N PRO A 1777 -71.31 5.13 21.66
CA PRO A 1777 -71.62 4.37 20.44
C PRO A 1777 -70.92 4.89 19.20
N SER A 1778 -70.63 6.19 19.11
CA SER A 1778 -69.94 6.71 17.93
C SER A 1778 -68.56 6.10 17.78
N ASN A 1779 -67.92 5.74 18.89
CA ASN A 1779 -66.61 5.08 18.88
C ASN A 1779 -66.72 3.82 19.70
N PRO A 1780 -67.13 2.70 19.09
CA PRO A 1780 -67.32 1.46 19.86
C PRO A 1780 -66.01 0.79 20.25
N GLU A 1781 -64.89 1.49 20.06
CA GLU A 1781 -63.57 0.98 20.37
C GLU A 1781 -62.93 1.71 21.55
N ALA A 1782 -63.74 2.17 22.50
CA ALA A 1782 -63.24 2.90 23.65
C ALA A 1782 -64.21 2.76 24.81
N ILE A 1783 -63.70 2.99 26.02
CA ILE A 1783 -64.49 2.95 27.25
C ILE A 1783 -64.41 4.32 27.90
N VAL A 1784 -65.57 4.90 28.23
CA VAL A 1784 -65.61 6.23 28.80
C VAL A 1784 -65.19 6.17 30.27
N LEU A 1785 -64.45 7.19 30.71
CA LEU A 1785 -64.00 7.28 32.09
C LEU A 1785 -64.81 8.30 32.89
N ASP A 1786 -64.87 9.56 32.43
CA ASP A 1786 -65.63 10.57 33.16
C ASP A 1786 -65.94 11.74 32.24
N ILE A 1787 -66.57 12.77 32.81
CA ILE A 1787 -67.04 13.93 32.07
C ILE A 1787 -66.45 15.20 32.69
N ASP A 1788 -66.54 16.29 31.95
CA ASP A 1788 -66.27 17.63 32.46
C ASP A 1788 -67.61 18.27 32.77
N TYR A 1789 -67.93 18.40 34.06
CA TYR A 1789 -69.27 18.77 34.49
C TYR A 1789 -69.64 20.21 34.15
N LYS A 1790 -68.68 21.07 33.81
CA LYS A 1790 -68.93 22.47 33.52
C LYS A 1790 -68.57 22.81 32.08
N SER A 1791 -68.95 21.95 31.14
CA SER A 1791 -68.69 22.17 29.73
C SER A 1791 -69.95 22.15 28.86
N GLY A 1792 -71.12 21.99 29.45
CA GLY A 1792 -72.36 21.98 28.68
C GLY A 1792 -72.60 23.28 27.95
N THR A 1793 -72.59 23.23 26.62
CA THR A 1793 -72.75 24.45 25.82
C THR A 1793 -73.54 24.17 24.55
N PRO A 1794 -74.71 24.76 24.39
CA PRO A 1794 -75.43 24.66 23.12
C PRO A 1794 -74.81 25.57 22.07
N MET A 1795 -75.08 25.24 20.80
CA MET A 1795 -74.60 26.02 19.68
C MET A 1795 -75.74 26.84 19.08
N GLN A 1796 -75.36 27.88 18.34
CA GLN A 1796 -76.34 28.72 17.68
C GLN A 1796 -76.98 27.99 16.52
N SER A 1797 -78.20 28.42 16.17
CA SER A 1797 -78.93 27.84 15.05
C SER A 1797 -80.02 28.78 14.55
N LYS A 1800 -85.25 23.23 18.88
CA LYS A 1800 -83.92 22.71 18.56
C LYS A 1800 -82.93 23.02 19.68
N ALA A 1801 -82.39 21.97 20.30
CA ALA A 1801 -81.41 22.11 21.38
C ALA A 1801 -80.25 21.16 21.15
N PRO A 1802 -79.41 21.41 20.14
CA PRO A 1802 -78.17 20.65 20.01
C PRO A 1802 -77.12 21.16 20.98
N TYR A 1803 -76.47 20.24 21.68
CA TYR A 1803 -75.57 20.65 22.75
C TYR A 1803 -74.27 19.87 22.69
N LEU A 1804 -73.23 20.48 23.24
CA LEU A 1804 -71.88 19.94 23.22
C LEU A 1804 -71.54 19.31 24.57
N ALA A 1805 -70.65 18.33 24.54
CA ALA A 1805 -70.16 17.69 25.76
C ALA A 1805 -68.73 17.26 25.56
N LYS A 1806 -68.01 17.10 26.68
CA LYS A 1806 -66.63 16.66 26.66
C LYS A 1806 -66.49 15.45 27.58
N PHE A 1807 -65.98 14.35 27.04
CA PHE A 1807 -65.82 13.11 27.77
C PHE A 1807 -64.35 12.69 27.75
N LYS A 1808 -63.81 12.39 28.92
CA LYS A 1808 -62.47 11.81 29.02
C LYS A 1808 -62.63 10.29 29.04
N VAL A 1809 -62.04 9.63 28.04
CA VAL A 1809 -62.21 8.21 27.81
C VAL A 1809 -60.82 7.57 27.64
N LYS A 1810 -60.81 6.25 27.50
CA LYS A 1810 -59.59 5.49 27.26
C LYS A 1810 -59.88 4.44 26.21
N ARG A 1811 -58.99 4.31 25.23
CA ARG A 1811 -59.15 3.35 24.14
C ARG A 1811 -58.42 2.06 24.47
N CYS A 1812 -59.12 0.93 24.33
CA CYS A 1812 -58.55 -0.38 24.61
C CYS A 1812 -58.53 -1.28 23.38
N GLY A 1813 -59.61 -1.35 22.64
CA GLY A 1813 -59.69 -2.18 21.47
C GLY A 1813 -61.14 -2.57 21.19
N VAL A 1814 -61.32 -3.80 20.69
CA VAL A 1814 -62.64 -4.32 20.38
C VAL A 1814 -62.90 -5.57 21.19
N SER A 1815 -62.03 -6.57 21.05
CA SER A 1815 -62.19 -7.81 21.80
C SER A 1815 -62.07 -7.57 23.30
N GLU A 1816 -61.12 -6.73 23.71
CA GLU A 1816 -61.01 -6.37 25.12
C GLU A 1816 -62.25 -5.65 25.61
N LEU A 1817 -62.85 -4.81 24.76
CA LEU A 1817 -64.10 -4.16 25.12
C LEU A 1817 -65.21 -5.19 25.32
N GLU A 1818 -65.26 -6.21 24.46
CA GLU A 1818 -66.23 -7.29 24.64
C GLU A 1818 -66.00 -8.03 25.95
N LYS A 1819 -64.74 -8.32 26.28
CA LYS A 1819 -64.44 -8.99 27.54
C LYS A 1819 -64.88 -8.14 28.73
N GLU A 1820 -64.61 -6.83 28.69
CA GLU A 1820 -65.03 -5.95 29.76
C GLU A 1820 -66.55 -5.90 29.88
N GLY A 1821 -67.24 -5.85 28.74
CA GLY A 1821 -68.70 -5.82 28.77
C GLY A 1821 -69.32 -7.08 29.32
N LEU A 1822 -68.74 -8.24 28.97
CA LEU A 1822 -69.30 -9.50 29.45
C LEU A 1822 -68.93 -9.76 30.92
N ARG A 1823 -67.75 -9.32 31.35
CA ARG A 1823 -67.35 -9.59 32.73
C ARG A 1823 -68.10 -8.72 33.73
N CYS A 1824 -68.59 -7.56 33.31
CA CYS A 1824 -69.30 -6.66 34.21
C CYS A 1824 -70.66 -7.23 34.61
N LYS A 1841 -53.42 6.13 25.37
CA LYS A 1841 -53.95 5.60 26.62
C LYS A 1841 -55.28 6.24 26.97
N ILE A 1842 -55.23 7.42 27.58
CA ILE A 1842 -56.42 8.14 28.02
C ILE A 1842 -56.43 9.49 27.31
N SER A 1843 -57.55 9.82 26.68
CA SER A 1843 -57.69 11.06 25.93
C SER A 1843 -59.02 11.72 26.27
N TRP A 1844 -59.26 12.88 25.66
CA TRP A 1844 -60.47 13.66 25.87
C TRP A 1844 -61.08 13.98 24.51
N GLN A 1845 -62.40 13.81 24.38
CA GLN A 1845 -63.07 14.02 23.10
C GLN A 1845 -64.33 14.86 23.30
N ALA A 1846 -64.65 15.63 22.27
CA ALA A 1846 -65.82 16.51 22.26
C ALA A 1846 -66.87 15.92 21.33
N ALA A 1847 -68.11 15.85 21.82
CA ALA A 1847 -69.23 15.30 21.07
C ALA A 1847 -70.34 16.32 20.98
N ILE A 1848 -71.09 16.26 19.87
CA ILE A 1848 -72.21 17.17 19.61
C ILE A 1848 -73.46 16.31 19.44
N PHE A 1849 -74.49 16.64 20.21
CA PHE A 1849 -75.76 15.93 20.14
C PHE A 1849 -76.77 16.84 19.43
N LYS A 1850 -77.36 16.32 18.35
CA LYS A 1850 -78.26 17.09 17.50
C LYS A 1850 -79.60 16.39 17.41
N VAL A 1851 -80.68 17.19 17.44
CA VAL A 1851 -82.04 16.68 17.29
C VAL A 1851 -82.75 17.51 16.25
N GLY A 1852 -83.26 16.85 15.20
CA GLY A 1852 -84.10 17.53 14.24
C GLY A 1852 -83.58 17.57 12.81
N ASP A 1853 -82.70 16.63 12.43
CA ASP A 1853 -82.19 16.60 11.07
C ASP A 1853 -81.71 15.20 10.75
N ASP A 1854 -81.51 14.95 9.45
CA ASP A 1854 -81.09 13.64 8.95
C ASP A 1854 -79.57 13.52 8.98
N CYS A 1855 -79.10 12.30 9.23
CA CYS A 1855 -77.67 12.02 9.38
C CYS A 1855 -77.28 10.75 8.63
N ARG A 1856 -77.68 10.65 7.37
CA ARG A 1856 -77.42 9.45 6.57
C ARG A 1856 -76.52 9.72 5.37
N GLN A 1857 -76.79 10.79 4.62
CA GLN A 1857 -75.90 11.15 3.51
C GLN A 1857 -74.49 11.43 4.01
N ASP A 1858 -74.37 11.98 5.22
CA ASP A 1858 -73.05 12.15 5.82
C ASP A 1858 -72.39 10.80 6.07
N MET A 1859 -73.15 9.80 6.49
CA MET A 1859 -72.61 8.46 6.67
C MET A 1859 -72.07 7.91 5.36
N LEU A 1860 -72.86 8.04 4.28
CA LEU A 1860 -72.43 7.53 2.98
C LEU A 1860 -71.16 8.24 2.50
N ALA A 1861 -71.12 9.56 2.64
CA ALA A 1861 -69.94 10.31 2.23
C ALA A 1861 -68.73 9.91 3.06
N LEU A 1862 -68.92 9.70 4.37
CA LEU A 1862 -67.81 9.28 5.22
C LEU A 1862 -67.29 7.91 4.81
N GLN A 1863 -68.19 6.99 4.47
CA GLN A 1863 -67.76 5.68 4.01
C GLN A 1863 -66.92 5.80 2.73
N ILE A 1864 -67.38 6.62 1.79
CA ILE A 1864 -66.64 6.79 0.54
C ILE A 1864 -65.26 7.39 0.82
N ILE A 1865 -65.20 8.39 1.70
CA ILE A 1865 -63.94 9.04 2.03
C ILE A 1865 -62.98 8.06 2.68
N ASP A 1866 -63.49 7.22 3.59
CA ASP A 1866 -62.63 6.23 4.23
C ASP A 1866 -62.10 5.23 3.22
N LEU A 1867 -62.93 4.80 2.28
CA LEU A 1867 -62.46 3.91 1.23
C LEU A 1867 -61.34 4.55 0.41
N PHE A 1868 -61.52 5.83 0.04
CA PHE A 1868 -60.49 6.53 -0.72
C PHE A 1868 -59.20 6.63 0.07
N LYS A 1869 -59.28 6.93 1.36
CA LYS A 1869 -58.08 7.02 2.18
C LYS A 1869 -57.37 5.67 2.26
N ASN A 1870 -58.14 4.58 2.39
CA ASN A 1870 -57.52 3.26 2.42
C ASN A 1870 -56.82 2.95 1.10
N ILE A 1871 -57.44 3.31 -0.02
CA ILE A 1871 -56.81 3.09 -1.32
C ILE A 1871 -55.50 3.85 -1.41
N PHE A 1872 -55.52 5.13 -1.03
CA PHE A 1872 -54.32 5.95 -1.11
C PHE A 1872 -53.22 5.41 -0.21
N GLN A 1873 -53.59 4.96 1.00
CA GLN A 1873 -52.59 4.39 1.90
C GLN A 1873 -52.00 3.11 1.34
N LEU A 1874 -52.83 2.26 0.73
CA LEU A 1874 -52.33 1.01 0.19
C LEU A 1874 -51.36 1.26 -0.96
N VAL A 1875 -51.71 2.19 -1.87
CA VAL A 1875 -50.86 2.44 -3.02
C VAL A 1875 -49.51 2.99 -2.58
N GLY A 1876 -49.51 3.94 -1.64
CA GLY A 1876 -48.27 4.49 -1.13
C GLY A 1876 -48.09 5.96 -1.42
N LEU A 1877 -49.19 6.69 -1.51
CA LEU A 1877 -49.14 8.13 -1.75
C LEU A 1877 -49.20 8.89 -0.43
N ASP A 1878 -49.19 10.22 -0.51
CA ASP A 1878 -49.18 11.09 0.66
C ASP A 1878 -50.28 12.14 0.52
N LEU A 1879 -51.48 11.79 0.95
CA LEU A 1879 -52.61 12.71 1.03
C LEU A 1879 -53.12 12.74 2.47
N PHE A 1880 -54.20 13.48 2.71
CA PHE A 1880 -54.73 13.59 4.07
C PHE A 1880 -56.22 13.87 4.04
N VAL A 1881 -57.00 13.00 4.68
CA VAL A 1881 -58.40 13.25 5.00
C VAL A 1881 -58.64 12.81 6.44
N PHE A 1882 -59.69 13.34 7.04
CA PHE A 1882 -60.04 12.98 8.42
C PHE A 1882 -61.45 12.40 8.46
N PRO A 1883 -61.60 11.14 8.87
CA PRO A 1883 -62.94 10.50 8.97
C PRO A 1883 -63.57 10.64 10.35
N TYR A 1884 -64.07 11.84 10.65
CA TYR A 1884 -64.77 12.06 11.91
C TYR A 1884 -66.06 11.24 11.93
N ARG A 1885 -66.32 10.58 13.05
CA ARG A 1885 -67.43 9.63 13.14
C ARG A 1885 -68.77 10.34 13.35
N VAL A 1886 -69.82 9.74 12.81
CA VAL A 1886 -71.18 10.25 12.91
C VAL A 1886 -72.13 9.07 13.01
N VAL A 1887 -73.06 9.13 13.97
CA VAL A 1887 -74.02 8.04 14.19
C VAL A 1887 -75.40 8.64 14.33
N ALA A 1888 -76.41 7.93 13.82
CA ALA A 1888 -77.81 8.30 14.00
C ALA A 1888 -78.47 7.29 14.92
N THR A 1889 -79.07 7.78 16.01
CA THR A 1889 -79.63 6.91 17.03
C THR A 1889 -81.15 6.89 17.07
N ALA A 1890 -81.80 7.93 16.56
CA ALA A 1890 -83.25 8.01 16.54
C ALA A 1890 -83.65 8.96 15.42
N PRO A 1891 -84.90 8.89 14.93
CA PRO A 1891 -85.31 9.80 13.85
C PRO A 1891 -85.06 11.26 14.20
N GLY A 1892 -84.11 11.88 13.50
CA GLY A 1892 -83.69 13.23 13.79
C GLY A 1892 -82.62 13.36 14.86
N CYS A 1893 -82.27 12.28 15.54
CA CYS A 1893 -81.32 12.32 16.65
C CYS A 1893 -79.98 11.75 16.21
N GLY A 1894 -78.93 12.55 16.34
CA GLY A 1894 -77.61 12.16 15.88
C GLY A 1894 -76.53 12.58 16.85
N VAL A 1895 -75.47 11.78 16.88
CA VAL A 1895 -74.27 12.04 17.66
C VAL A 1895 -73.12 12.25 16.68
N ILE A 1896 -72.45 13.39 16.78
CA ILE A 1896 -71.37 13.76 15.88
C ILE A 1896 -70.10 13.89 16.71
N GLU A 1897 -69.08 13.12 16.36
CA GLU A 1897 -67.77 13.30 16.97
C GLU A 1897 -67.11 14.56 16.41
N CYS A 1898 -66.37 15.25 17.27
CA CYS A 1898 -65.72 16.49 16.91
C CYS A 1898 -64.21 16.38 17.11
N ILE A 1899 -63.47 17.04 16.22
CA ILE A 1899 -62.01 17.06 16.31
C ILE A 1899 -61.61 18.03 17.41
N PRO A 1900 -60.86 17.58 18.42
CA PRO A 1900 -60.38 18.51 19.45
C PRO A 1900 -59.49 19.58 18.84
N ASP A 1901 -59.54 20.77 19.46
CA ASP A 1901 -58.78 21.94 18.99
C ASP A 1901 -59.18 22.30 17.56
N CYS A 1902 -60.46 22.61 17.39
CA CYS A 1902 -60.99 23.00 16.10
C CYS A 1902 -60.90 24.52 15.95
N THR A 1903 -60.44 24.97 14.78
CA THR A 1903 -60.28 26.39 14.48
C THR A 1903 -60.89 26.65 13.11
N SER A 1904 -62.17 27.02 13.09
CA SER A 1904 -62.85 27.31 11.84
C SER A 1904 -62.23 28.53 11.17
N ARG A 1905 -61.95 28.42 9.86
CA ARG A 1905 -61.39 29.53 9.12
C ARG A 1905 -62.30 30.75 9.10
N ASP A 1906 -63.60 30.53 8.85
CA ASP A 1906 -64.51 31.66 8.68
C ASP A 1906 -64.64 32.47 9.96
N GLN A 1907 -64.75 31.79 11.10
CA GLN A 1907 -64.90 32.47 12.39
C GLN A 1907 -63.57 32.99 12.94
N LEU A 1908 -62.44 32.58 12.38
CA LEU A 1908 -61.14 33.02 12.87
C LEU A 1908 -60.87 34.46 12.45
N GLY A 1915 -57.02 37.39 3.06
CA GLY A 1915 -56.26 37.55 4.29
C GLY A 1915 -55.54 36.29 4.71
N MET A 1916 -55.76 35.21 3.95
CA MET A 1916 -55.08 33.96 4.21
C MET A 1916 -53.58 34.09 4.07
N TYR A 1917 -53.13 34.78 3.01
CA TYR A 1917 -51.70 35.00 2.82
C TYR A 1917 -51.12 35.81 3.96
N ASP A 1918 -51.83 36.85 4.39
CA ASP A 1918 -51.34 37.69 5.49
C ASP A 1918 -51.24 36.89 6.77
N TYR A 1919 -52.27 36.07 7.07
CA TYR A 1919 -52.25 35.25 8.27
C TYR A 1919 -51.12 34.23 8.22
N PHE A 1920 -50.96 33.56 7.07
CA PHE A 1920 -49.87 32.61 6.91
C PHE A 1920 -48.52 33.26 7.19
N THR A 1921 -48.29 34.43 6.59
CA THR A 1921 -47.02 35.11 6.80
C THR A 1921 -46.82 35.49 8.27
N ARG A 1922 -47.80 36.19 8.86
CA ARG A 1922 -47.59 36.70 10.20
C ARG A 1922 -47.58 35.60 11.25
N GLN A 1923 -48.12 34.42 10.93
CA GLN A 1923 -48.14 33.34 11.90
C GLN A 1923 -46.92 32.44 11.76
N TYR A 1924 -46.45 32.19 10.53
CA TYR A 1924 -45.39 31.23 10.30
C TYR A 1924 -44.11 31.87 9.76
N GLY A 1925 -43.93 33.17 9.95
CA GLY A 1925 -42.68 33.79 9.59
C GLY A 1925 -42.58 34.09 8.11
N ASP A 1926 -41.37 34.47 7.70
CA ASP A 1926 -41.10 34.75 6.30
C ASP A 1926 -41.06 33.45 5.50
N GLU A 1927 -40.96 33.60 4.18
CA GLU A 1927 -40.90 32.44 3.30
C GLU A 1927 -39.64 31.60 3.47
N SER A 1928 -38.62 32.13 4.16
CA SER A 1928 -37.32 31.47 4.24
C SER A 1928 -37.17 30.60 5.49
N THR A 1929 -38.21 30.45 6.30
CA THR A 1929 -38.11 29.62 7.50
C THR A 1929 -38.62 28.22 7.20
N LEU A 1930 -38.69 27.38 8.24
CA LEU A 1930 -39.08 25.98 8.10
C LEU A 1930 -40.58 25.78 8.27
N ALA A 1931 -41.17 26.38 9.29
CA ALA A 1931 -42.59 26.18 9.58
C ALA A 1931 -43.47 26.67 8.44
N PHE A 1932 -43.07 27.75 7.77
CA PHE A 1932 -43.84 28.24 6.63
C PHE A 1932 -43.91 27.18 5.53
N GLN A 1933 -42.76 26.57 5.20
CA GLN A 1933 -42.74 25.56 4.16
C GLN A 1933 -43.51 24.31 4.57
N GLN A 1934 -43.40 23.92 5.85
CA GLN A 1934 -44.17 22.76 6.32
C GLN A 1934 -45.67 23.03 6.23
N ALA A 1935 -46.10 24.23 6.61
CA ALA A 1935 -47.50 24.58 6.50
C ALA A 1935 -47.96 24.59 5.05
N ARG A 1936 -47.12 25.10 4.15
CA ARG A 1936 -47.46 25.09 2.73
C ARG A 1936 -47.61 23.66 2.22
N TYR A 1937 -46.70 22.77 2.62
CA TYR A 1937 -46.79 21.38 2.19
C TYR A 1937 -48.06 20.72 2.69
N ASN A 1938 -48.41 20.95 3.95
CA ASN A 1938 -49.64 20.38 4.50
C ASN A 1938 -50.87 20.96 3.81
N PHE A 1939 -50.84 22.26 3.50
CA PHE A 1939 -51.93 22.89 2.77
C PHE A 1939 -52.13 22.23 1.42
N ILE A 1940 -51.04 22.02 0.67
CA ILE A 1940 -51.14 21.38 -0.64
C ILE A 1940 -51.65 19.94 -0.49
N ARG A 1941 -51.13 19.22 0.50
CA ARG A 1941 -51.53 17.83 0.72
C ARG A 1941 -53.03 17.72 0.94
N SER A 1942 -53.59 18.60 1.77
CA SER A 1942 -55.02 18.55 2.02
C SER A 1942 -55.82 19.04 0.82
N MET A 1943 -55.34 20.11 0.17
CA MET A 1943 -56.11 20.75 -0.90
C MET A 1943 -56.26 19.83 -2.09
N ALA A 1944 -55.19 19.15 -2.50
CA ALA A 1944 -55.27 18.28 -3.67
C ALA A 1944 -56.28 17.16 -3.45
N ALA A 1945 -56.18 16.51 -2.28
CA ALA A 1945 -57.09 15.40 -1.98
C ALA A 1945 -58.53 15.87 -1.94
N TYR A 1946 -58.79 17.01 -1.30
CA TYR A 1946 -60.18 17.45 -1.17
C TYR A 1946 -60.73 17.98 -2.49
N SER A 1947 -59.89 18.59 -3.33
CA SER A 1947 -60.35 19.01 -4.65
C SER A 1947 -60.74 17.79 -5.49
N LEU A 1948 -59.90 16.75 -5.48
CA LEU A 1948 -60.24 15.54 -6.22
C LEU A 1948 -61.52 14.92 -5.67
N LEU A 1949 -61.66 14.88 -4.35
CA LEU A 1949 -62.85 14.30 -3.74
C LEU A 1949 -64.11 15.06 -4.14
N LEU A 1950 -64.06 16.39 -4.09
CA LEU A 1950 -65.24 17.18 -4.42
C LEU A 1950 -65.57 17.07 -5.90
N PHE A 1951 -64.56 17.04 -6.77
CA PHE A 1951 -64.84 16.87 -8.19
C PHE A 1951 -65.49 15.52 -8.47
N LEU A 1952 -65.00 14.46 -7.81
CA LEU A 1952 -65.60 13.15 -8.02
C LEU A 1952 -67.03 13.09 -7.50
N LEU A 1953 -67.30 13.67 -6.33
CA LEU A 1953 -68.59 13.50 -5.69
C LEU A 1953 -69.62 14.58 -6.05
N GLN A 1954 -69.22 15.60 -6.82
CA GLN A 1954 -70.15 16.60 -7.34
C GLN A 1954 -70.93 17.29 -6.22
N ILE A 1955 -70.23 17.65 -5.14
CA ILE A 1955 -70.84 18.42 -4.07
C ILE A 1955 -70.80 19.90 -4.44
N LYS A 1956 -71.96 20.54 -4.43
CA LYS A 1956 -72.10 21.92 -4.88
C LYS A 1956 -72.58 22.80 -3.72
N ASP A 1957 -72.76 24.09 -4.04
CA ASP A 1957 -73.22 25.10 -3.07
C ASP A 1957 -72.27 25.16 -1.87
N ARG A 1958 -70.98 25.31 -2.15
CA ARG A 1958 -69.97 25.43 -1.12
C ARG A 1958 -69.71 26.90 -0.80
N HIS A 1959 -69.47 27.18 0.49
CA HIS A 1959 -69.15 28.53 0.92
C HIS A 1959 -67.96 28.52 1.88
N ASN A 1960 -67.64 29.67 2.46
CA ASN A 1960 -66.49 29.80 3.33
C ASN A 1960 -66.76 29.34 4.76
N GLY A 1961 -67.98 28.93 5.08
CA GLY A 1961 -68.31 28.43 6.40
C GLY A 1961 -68.15 26.94 6.59
N ASN A 1962 -67.85 26.20 5.52
CA ASN A 1962 -67.70 24.75 5.57
C ASN A 1962 -66.25 24.31 5.70
N ILE A 1963 -65.33 25.23 5.95
CA ILE A 1963 -63.91 24.95 5.95
C ILE A 1963 -63.35 25.20 7.34
N MET A 1964 -62.65 24.20 7.89
CA MET A 1964 -61.99 24.30 9.18
C MET A 1964 -60.48 24.13 8.99
N LEU A 1965 -59.71 25.07 9.53
CA LEU A 1965 -58.25 25.07 9.40
C LEU A 1965 -57.64 24.72 10.75
N ASP A 1966 -57.05 23.52 10.84
CA ASP A 1966 -56.42 23.10 12.07
C ASP A 1966 -55.11 23.86 12.29
N LYS A 1967 -54.51 23.64 13.46
CA LYS A 1967 -53.28 24.35 13.81
C LYS A 1967 -52.12 23.97 12.90
N LYS A 1968 -52.05 22.72 12.48
CA LYS A 1968 -50.93 22.28 11.64
C LYS A 1968 -50.92 22.98 10.29
N GLY A 1969 -52.09 23.14 9.68
CA GLY A 1969 -52.17 23.77 8.37
C GLY A 1969 -53.13 23.06 7.44
N HIS A 1970 -53.58 21.88 7.83
CA HIS A 1970 -54.52 21.12 7.00
C HIS A 1970 -55.88 21.80 6.96
N ILE A 1971 -56.65 21.48 5.93
CA ILE A 1971 -57.98 22.02 5.73
C ILE A 1971 -58.98 20.86 5.70
N ILE A 1972 -60.14 21.08 6.31
CA ILE A 1972 -61.15 20.05 6.49
C ILE A 1972 -62.50 20.59 6.05
N HIS A 1973 -63.21 19.83 5.23
CA HIS A 1973 -64.54 20.20 4.75
C HIS A 1973 -65.62 19.53 5.59
N ILE A 1974 -66.75 20.22 5.74
CA ILE A 1974 -67.87 19.77 6.56
C ILE A 1974 -69.15 20.13 5.81
N ASP A 1975 -70.28 19.60 6.29
CA ASP A 1975 -71.62 19.90 5.76
C ASP A 1975 -71.75 19.47 4.30
N PHE A 1976 -71.68 18.15 4.11
CA PHE A 1976 -71.91 17.52 2.81
C PHE A 1976 -73.37 17.16 2.61
N GLY A 1977 -74.30 17.91 3.21
CA GLY A 1977 -75.70 17.56 3.12
C GLY A 1977 -76.24 17.62 1.70
N PHE A 1978 -75.92 18.69 0.97
CA PHE A 1978 -76.34 18.84 -0.42
C PHE A 1978 -75.34 18.12 -1.31
N MET A 1979 -75.80 17.07 -2.00
CA MET A 1979 -74.87 16.23 -2.73
C MET A 1979 -75.60 15.44 -3.81
N PHE A 1980 -74.94 15.29 -4.95
CA PHE A 1980 -75.30 14.45 -6.10
C PHE A 1980 -76.44 14.99 -6.95
N GLU A 1981 -77.21 15.97 -6.45
CA GLU A 1981 -78.19 16.59 -7.32
C GLU A 1981 -78.48 18.05 -7.00
N SER A 1982 -77.79 18.65 -6.02
CA SER A 1982 -78.24 19.91 -5.45
C SER A 1982 -77.14 20.96 -5.51
N SER A 1983 -77.58 22.21 -5.56
CA SER A 1983 -76.68 23.36 -5.59
C SER A 1983 -77.27 24.53 -4.80
N PRO A 1992 -67.08 26.28 -12.73
CA PRO A 1992 -66.95 26.37 -11.27
C PRO A 1992 -66.98 24.99 -10.61
N ASP A 1993 -66.55 23.96 -11.33
CA ASP A 1993 -66.52 22.61 -10.78
C ASP A 1993 -65.50 22.48 -9.65
N ILE A 1994 -64.43 23.29 -9.69
CA ILE A 1994 -63.41 23.31 -8.65
C ILE A 1994 -63.26 24.75 -8.17
N LYS A 1995 -63.36 24.93 -6.84
CA LYS A 1995 -63.23 26.25 -6.26
C LYS A 1995 -61.75 26.67 -6.26
N LEU A 1996 -61.47 27.82 -6.88
CA LEU A 1996 -60.08 28.30 -6.97
C LEU A 1996 -60.13 29.83 -7.00
N THR A 1997 -59.84 30.46 -5.86
CA THR A 1997 -59.74 31.90 -5.79
C THR A 1997 -58.29 32.31 -6.03
N ASP A 1998 -57.96 33.57 -5.75
CA ASP A 1998 -56.63 34.09 -6.00
C ASP A 1998 -55.69 33.99 -4.81
N GLU A 1999 -56.22 33.90 -3.59
CA GLU A 1999 -55.36 33.96 -2.41
C GLU A 1999 -54.46 32.73 -2.27
N MET A 2000 -55.04 31.52 -2.40
CA MET A 2000 -54.20 30.33 -2.31
C MET A 2000 -53.29 30.19 -3.52
N VAL A 2001 -53.74 30.67 -4.69
CA VAL A 2001 -52.88 30.68 -5.87
C VAL A 2001 -51.66 31.57 -5.61
N MET A 2002 -51.88 32.72 -4.97
CA MET A 2002 -50.75 33.57 -4.58
C MET A 2002 -49.83 32.83 -3.61
N ILE A 2003 -50.41 32.29 -2.54
CA ILE A 2003 -49.62 31.63 -1.49
C ILE A 2003 -48.77 30.51 -2.06
N MET A 2004 -49.29 29.77 -3.03
CA MET A 2004 -48.64 28.57 -3.54
C MET A 2004 -47.45 28.89 -4.47
N GLY A 2005 -47.08 30.16 -4.61
CA GLY A 2005 -45.87 30.47 -5.36
C GLY A 2005 -45.91 31.76 -6.16
N GLY A 2006 -47.10 32.35 -6.28
CA GLY A 2006 -47.27 33.55 -7.06
C GLY A 2006 -47.66 33.35 -8.51
N LYS A 2007 -47.52 32.15 -9.05
CA LYS A 2007 -47.83 31.90 -10.45
C LYS A 2007 -48.06 30.41 -10.65
N MET A 2008 -48.74 30.08 -11.75
CA MET A 2008 -48.96 28.69 -12.12
C MET A 2008 -47.71 28.00 -12.63
N GLU A 2009 -46.64 28.75 -12.88
CA GLU A 2009 -45.35 28.17 -13.24
C GLU A 2009 -44.46 27.93 -12.03
N ALA A 2010 -44.95 28.24 -10.83
CA ALA A 2010 -44.20 27.94 -9.62
C ALA A 2010 -44.15 26.45 -9.37
N THR A 2011 -43.08 26.01 -8.72
CA THR A 2011 -42.90 24.58 -8.44
C THR A 2011 -44.03 23.97 -7.62
N PRO A 2012 -44.56 24.62 -6.57
CA PRO A 2012 -45.69 24.00 -5.85
C PRO A 2012 -46.92 23.78 -6.71
N PHE A 2013 -47.17 24.63 -7.71
CA PHE A 2013 -48.27 24.36 -8.63
C PHE A 2013 -48.04 23.07 -9.39
N LYS A 2014 -46.80 22.84 -9.85
CA LYS A 2014 -46.48 21.60 -10.53
C LYS A 2014 -46.66 20.40 -9.60
N TRP A 2015 -46.25 20.55 -8.34
CA TRP A 2015 -46.47 19.49 -7.35
C TRP A 2015 -47.96 19.19 -7.20
N PHE A 2016 -48.77 20.24 -7.09
CA PHE A 2016 -50.22 20.09 -6.95
C PHE A 2016 -50.80 19.33 -8.13
N MET A 2017 -50.41 19.73 -9.35
CA MET A 2017 -50.95 19.10 -10.54
C MET A 2017 -50.56 17.63 -10.63
N GLU A 2018 -49.28 17.32 -10.37
CA GLU A 2018 -48.84 15.93 -10.46
C GLU A 2018 -49.51 15.07 -9.40
N MET A 2019 -49.68 15.59 -8.19
CA MET A 2019 -50.34 14.82 -7.14
C MET A 2019 -51.79 14.55 -7.50
N CYS A 2020 -52.50 15.55 -8.05
CA CYS A 2020 -53.89 15.34 -8.44
C CYS A 2020 -53.99 14.29 -9.54
N VAL A 2021 -53.11 14.37 -10.54
CA VAL A 2021 -53.16 13.40 -11.64
C VAL A 2021 -52.89 11.99 -11.13
N ARG A 2022 -51.88 11.83 -10.26
CA ARG A 2022 -51.56 10.52 -9.74
C ARG A 2022 -52.69 9.97 -8.88
N GLY A 2023 -53.34 10.83 -8.09
CA GLY A 2023 -54.47 10.38 -7.29
C GLY A 2023 -55.62 9.89 -8.15
N TYR A 2024 -55.95 10.63 -9.21
CA TYR A 2024 -57.02 10.20 -10.10
C TYR A 2024 -56.68 8.87 -10.76
N LEU A 2025 -55.42 8.73 -11.22
CA LEU A 2025 -55.02 7.48 -11.87
C LEU A 2025 -55.10 6.31 -10.90
N ALA A 2026 -54.70 6.53 -9.65
CA ALA A 2026 -54.76 5.46 -8.66
C ALA A 2026 -56.20 5.09 -8.32
N VAL A 2027 -57.09 6.08 -8.24
CA VAL A 2027 -58.45 5.83 -7.78
C VAL A 2027 -59.40 5.35 -8.87
N ARG A 2028 -59.01 5.46 -10.14
CA ARG A 2028 -59.90 5.04 -11.23
C ARG A 2028 -60.53 3.65 -11.11
N PRO A 2029 -59.79 2.57 -10.77
CA PRO A 2029 -60.33 1.22 -11.03
C PRO A 2029 -61.32 0.64 -10.02
N TYR A 2030 -61.94 1.46 -9.16
CA TYR A 2030 -62.86 0.92 -8.16
C TYR A 2030 -64.29 1.41 -8.39
N MET A 2031 -64.62 1.70 -9.65
CA MET A 2031 -65.96 2.16 -10.00
C MET A 2031 -67.01 1.11 -9.68
N ASP A 2032 -66.67 -0.18 -9.77
CA ASP A 2032 -67.67 -1.22 -9.52
C ASP A 2032 -68.14 -1.18 -8.07
N ALA A 2033 -67.19 -1.09 -7.13
CA ALA A 2033 -67.56 -0.97 -5.72
C ALA A 2033 -68.31 0.33 -5.46
N VAL A 2034 -67.85 1.43 -6.08
CA VAL A 2034 -68.53 2.71 -5.87
C VAL A 2034 -69.97 2.63 -6.34
N VAL A 2035 -70.19 2.05 -7.53
CA VAL A 2035 -71.52 1.94 -8.10
C VAL A 2035 -72.40 1.05 -7.25
N SER A 2036 -71.87 -0.08 -6.78
CA SER A 2036 -72.67 -0.96 -5.94
C SER A 2036 -73.10 -0.25 -4.66
N LEU A 2037 -72.17 0.46 -4.02
CA LEU A 2037 -72.49 1.16 -2.78
C LEU A 2037 -73.54 2.23 -3.00
N VAL A 2038 -73.42 3.01 -4.08
CA VAL A 2038 -74.39 4.08 -4.32
C VAL A 2038 -75.74 3.50 -4.71
N THR A 2039 -75.76 2.42 -5.50
CA THR A 2039 -77.02 1.85 -5.96
C THR A 2039 -77.78 1.19 -4.82
N LEU A 2040 -77.08 0.59 -3.85
CA LEU A 2040 -77.79 -0.03 -2.74
C LEU A 2040 -78.54 1.01 -1.90
N MET A 2041 -78.06 2.25 -1.88
CA MET A 2041 -78.75 3.32 -1.15
C MET A 2041 -79.71 4.12 -2.01
N LEU A 2042 -79.56 4.06 -3.33
CA LEU A 2042 -80.43 4.77 -4.27
C LEU A 2042 -81.92 4.76 -3.91
N ASP A 2043 -82.42 3.61 -3.42
CA ASP A 2043 -83.86 3.42 -3.30
C ASP A 2043 -84.47 4.24 -2.17
N THR A 2044 -83.69 4.58 -1.15
CA THR A 2044 -84.24 5.10 0.12
C THR A 2044 -84.99 6.42 -0.05
N GLY A 2045 -85.01 6.98 -1.25
CA GLY A 2045 -85.79 8.17 -1.51
C GLY A 2045 -85.31 9.42 -0.80
N LEU A 2046 -83.99 9.59 -0.70
CA LEU A 2046 -83.44 10.82 -0.16
C LEU A 2046 -83.62 11.96 -1.17
N PRO A 2047 -83.57 13.21 -0.72
CA PRO A 2047 -83.78 14.34 -1.64
C PRO A 2047 -82.69 14.48 -2.69
N CYS A 2048 -81.72 13.57 -2.69
CA CYS A 2048 -80.63 13.57 -3.66
C CYS A 2048 -80.83 12.58 -4.79
N PHE A 2049 -81.26 11.35 -4.47
CA PHE A 2049 -81.43 10.30 -5.48
C PHE A 2049 -82.66 10.61 -6.32
N ARG A 2050 -82.43 11.05 -7.56
CA ARG A 2050 -83.51 11.32 -8.49
C ARG A 2050 -83.52 10.38 -9.69
N GLY A 2051 -82.56 9.46 -9.78
CA GLY A 2051 -82.61 8.43 -10.81
C GLY A 2051 -81.49 8.43 -11.82
N GLN A 2052 -81.08 9.61 -12.28
CA GLN A 2052 -80.10 9.74 -13.36
C GLN A 2052 -78.67 9.84 -12.84
N THR A 2053 -78.44 9.69 -11.53
CA THR A 2053 -77.12 9.87 -10.97
C THR A 2053 -76.16 8.78 -11.44
N ILE A 2054 -76.67 7.56 -11.68
CA ILE A 2054 -75.80 6.42 -11.94
C ILE A 2054 -75.03 6.61 -13.25
N LYS A 2055 -75.74 7.02 -14.31
CA LYS A 2055 -75.08 7.16 -15.61
C LYS A 2055 -74.02 8.27 -15.56
N LEU A 2056 -74.35 9.40 -14.93
CA LEU A 2056 -73.39 10.49 -14.82
C LEU A 2056 -72.17 10.08 -14.01
N LEU A 2057 -72.39 9.37 -12.90
CA LEU A 2057 -71.27 8.91 -12.09
C LEU A 2057 -70.39 7.93 -12.86
N LYS A 2058 -71.00 7.02 -13.60
CA LYS A 2058 -70.22 6.07 -14.40
C LYS A 2058 -69.43 6.78 -15.48
N HIS A 2059 -70.04 7.79 -16.13
CA HIS A 2059 -69.35 8.50 -17.20
C HIS A 2059 -68.19 9.33 -16.65
N ARG A 2060 -68.35 9.91 -15.46
CA ARG A 2060 -67.31 10.79 -14.92
C ARG A 2060 -66.03 10.05 -14.61
N PHE A 2061 -66.06 8.72 -14.51
CA PHE A 2061 -64.86 7.94 -14.25
C PHE A 2061 -64.01 7.70 -15.49
N SER A 2062 -64.56 7.95 -16.69
CA SER A 2062 -63.88 7.69 -17.96
C SER A 2062 -63.46 6.22 -18.03
N PRO A 2063 -64.40 5.30 -18.21
CA PRO A 2063 -64.08 3.87 -18.15
C PRO A 2063 -63.59 3.24 -19.45
N ASN A 2064 -63.61 3.97 -20.56
CA ASN A 2064 -63.29 3.38 -21.85
C ASN A 2064 -62.16 4.17 -22.52
N MET A 2065 -61.11 4.46 -21.76
CA MET A 2065 -60.05 5.34 -22.24
C MET A 2065 -58.75 4.94 -21.59
N THR A 2066 -57.64 5.27 -22.26
CA THR A 2066 -56.32 4.86 -21.82
C THR A 2066 -55.72 5.88 -20.85
N GLU A 2067 -54.53 5.56 -20.33
CA GLU A 2067 -53.96 6.32 -19.22
C GLU A 2067 -53.56 7.72 -19.63
N ARG A 2068 -52.85 7.85 -20.75
CA ARG A 2068 -52.41 9.17 -21.19
C ARG A 2068 -53.60 10.08 -21.52
N GLU A 2069 -54.61 9.51 -22.18
CA GLU A 2069 -55.79 10.32 -22.51
C GLU A 2069 -56.55 10.72 -21.24
N ALA A 2070 -56.64 9.82 -20.26
CA ALA A 2070 -57.29 10.19 -19.00
C ALA A 2070 -56.52 11.28 -18.28
N ALA A 2071 -55.19 11.21 -18.29
CA ALA A 2071 -54.38 12.26 -17.69
C ALA A 2071 -54.59 13.58 -18.41
N ASN A 2072 -54.65 13.55 -19.75
CA ASN A 2072 -54.93 14.77 -20.50
C ASN A 2072 -56.28 15.35 -20.13
N PHE A 2073 -57.30 14.50 -20.02
CA PHE A 2073 -58.63 14.97 -19.67
C PHE A 2073 -58.65 15.61 -18.28
N ILE A 2074 -58.00 14.97 -17.31
CA ILE A 2074 -58.04 15.52 -15.95
C ILE A 2074 -57.25 16.82 -15.87
N MET A 2075 -56.12 16.90 -16.59
CA MET A 2075 -55.37 18.16 -16.62
C MET A 2075 -56.18 19.26 -17.27
N LYS A 2076 -56.89 18.95 -18.37
CA LYS A 2076 -57.72 19.95 -19.02
C LYS A 2076 -58.84 20.41 -18.11
N VAL A 2077 -59.46 19.48 -17.37
CA VAL A 2077 -60.52 19.85 -16.44
C VAL A 2077 -59.99 20.77 -15.35
N ILE A 2078 -58.82 20.44 -14.80
CA ILE A 2078 -58.23 21.26 -13.75
C ILE A 2078 -57.91 22.66 -14.29
N GLN A 2079 -57.33 22.73 -15.50
CA GLN A 2079 -57.00 24.02 -16.09
C GLN A 2079 -58.25 24.86 -16.34
N SER A 2080 -59.31 24.24 -16.88
CA SER A 2080 -60.53 24.97 -17.14
C SER A 2080 -61.27 25.35 -15.88
N CYS A 2081 -61.00 24.67 -14.77
CA CYS A 2081 -61.64 25.01 -13.50
C CYS A 2081 -61.04 26.25 -12.83
N PHE A 2082 -60.19 26.99 -13.53
CA PHE A 2082 -59.63 28.24 -13.03
C PHE A 2082 -60.42 29.38 -13.66
N LEU A 2083 -61.32 29.97 -12.88
CA LEU A 2083 -62.17 31.07 -13.32
C LEU A 2083 -62.92 30.74 -14.61
N SER B 27 26.90 32.08 51.54
CA SER B 27 25.71 31.36 51.11
C SER B 27 25.82 29.87 51.43
N ARG B 28 25.72 29.03 50.40
CA ARG B 28 25.80 27.59 50.56
C ARG B 28 27.16 27.03 50.18
N GLY B 29 27.68 27.43 49.03
CA GLY B 29 28.96 26.92 48.56
C GLY B 29 28.78 25.82 47.53
N PHE B 30 29.74 25.75 46.60
CA PHE B 30 29.67 24.74 45.55
C PHE B 30 29.74 23.34 46.12
N TYR B 31 30.66 23.11 47.06
CA TYR B 31 30.82 21.78 47.65
C TYR B 31 29.55 21.34 48.37
N PHE B 32 29.03 22.20 49.25
CA PHE B 32 27.83 21.86 50.00
C PHE B 32 26.65 21.61 49.07
N ASN B 33 26.46 22.49 48.09
CA ASN B 33 25.34 22.34 47.17
C ASN B 33 25.43 21.05 46.38
N THR B 34 26.64 20.73 45.87
CA THR B 34 26.75 19.54 45.05
C THR B 34 26.58 18.26 45.87
N VAL B 35 27.12 18.24 47.10
CA VAL B 35 26.94 17.05 47.91
C VAL B 35 25.48 16.89 48.34
N LEU B 36 24.80 17.99 48.63
CA LEU B 36 23.39 17.91 48.98
C LEU B 36 22.56 17.41 47.79
N SER B 37 22.87 17.91 46.59
CA SER B 37 22.14 17.44 45.41
C SER B 37 22.42 15.96 45.15
N LEU B 38 23.66 15.53 45.34
CA LEU B 38 23.98 14.11 45.17
C LEU B 38 23.22 13.25 46.17
N ALA B 39 23.18 13.67 47.43
CA ALA B 39 22.46 12.91 48.45
C ALA B 39 20.97 12.85 48.13
N ARG B 40 20.39 13.98 47.73
CA ARG B 40 18.97 14.00 47.38
C ARG B 40 18.68 13.10 46.18
N SER B 41 19.56 13.11 45.18
CA SER B 41 19.34 12.29 44.00
C SER B 41 19.46 10.81 44.32
N LEU B 42 20.45 10.42 45.14
CA LEU B 42 20.63 9.01 45.43
C LEU B 42 19.59 8.48 46.41
N ALA B 43 19.09 9.34 47.31
CA ALA B 43 18.10 8.89 48.28
C ALA B 43 16.82 8.41 47.60
N VAL B 44 16.38 9.13 46.56
CA VAL B 44 15.18 8.71 45.83
C VAL B 44 15.45 7.52 44.92
N GLN B 45 16.72 7.21 44.65
CA GLN B 45 17.07 6.11 43.75
C GLN B 45 17.11 4.81 44.52
N ARG B 46 16.22 3.88 44.17
CA ARG B 46 16.16 2.57 44.79
C ARG B 46 16.11 1.51 43.69
N PRO B 47 16.99 0.49 43.73
CA PRO B 47 18.05 0.36 44.73
C PRO B 47 19.37 0.99 44.28
N ALA B 48 20.32 1.08 45.20
CA ALA B 48 21.64 1.62 44.90
C ALA B 48 22.69 0.87 45.71
N SER B 49 23.92 0.91 45.23
CA SER B 49 25.03 0.24 45.91
C SER B 49 25.52 1.14 47.05
N LEU B 50 26.67 0.79 47.63
CA LEU B 50 27.18 1.46 48.82
C LEU B 50 28.29 2.45 48.51
N GLU B 51 28.55 2.74 47.23
CA GLU B 51 29.79 3.41 46.84
C GLU B 51 30.04 4.69 47.62
N LYS B 52 29.06 5.59 47.68
CA LYS B 52 29.26 6.86 48.36
C LYS B 52 29.42 6.67 49.86
N VAL B 53 28.65 5.74 50.44
CA VAL B 53 28.72 5.51 51.89
C VAL B 53 30.09 4.98 52.27
N GLN B 54 30.59 3.99 51.52
CA GLN B 54 31.90 3.44 51.83
C GLN B 54 33.00 4.45 51.57
N LYS B 55 32.85 5.29 50.54
CA LYS B 55 33.85 6.32 50.29
C LYS B 55 33.92 7.32 51.44
N LEU B 56 32.77 7.78 51.92
CA LEU B 56 32.80 8.76 53.01
C LEU B 56 33.27 8.12 54.31
N LEU B 57 32.89 6.86 54.56
CA LEU B 57 33.39 6.17 55.75
C LEU B 57 34.89 5.94 55.65
N CYS B 58 35.41 5.79 54.43
CA CYS B 58 36.86 5.73 54.25
C CYS B 58 37.51 7.08 54.58
N MET B 59 36.90 8.18 54.15
CA MET B 59 37.45 9.47 54.52
C MET B 59 37.01 9.92 55.92
N CYS B 60 36.12 9.17 56.56
CA CYS B 60 35.84 9.39 57.98
C CYS B 60 37.02 8.91 58.80
N PRO B 61 37.42 9.63 59.85
CA PRO B 61 38.66 9.28 60.55
C PRO B 61 38.55 7.97 61.31
N VAL B 62 39.70 7.32 61.47
CA VAL B 62 39.83 6.10 62.24
C VAL B 62 40.78 6.37 63.40
N ASP B 63 40.51 5.72 64.53
CA ASP B 63 41.20 6.01 65.79
C ASP B 63 42.70 5.78 65.63
N PHE B 64 43.47 6.87 65.65
CA PHE B 64 44.92 6.83 65.70
C PHE B 64 45.34 7.41 67.05
N HIS B 65 45.41 6.54 68.05
CA HIS B 65 45.80 6.92 69.42
C HIS B 65 44.83 7.93 70.02
N GLY B 66 43.54 7.63 69.95
CA GLY B 66 42.54 8.37 70.69
C GLY B 66 42.16 9.73 70.17
N ILE B 67 42.53 10.06 68.93
CA ILE B 67 42.26 11.38 68.37
C ILE B 67 41.54 11.21 67.04
N PHE B 68 40.42 11.91 66.88
CA PHE B 68 39.67 11.97 65.64
C PHE B 68 39.82 13.36 65.02
N GLN B 69 39.27 13.51 63.82
CA GLN B 69 39.31 14.78 63.10
C GLN B 69 37.91 15.09 62.57
N LEU B 70 37.55 16.38 62.58
CA LEU B 70 36.23 16.81 62.12
C LEU B 70 36.40 18.19 61.48
N ASP B 71 36.56 18.21 60.16
CA ASP B 71 36.71 19.45 59.41
C ASP B 71 35.38 19.84 58.78
N GLU B 72 35.37 20.99 58.11
CA GLU B 72 34.15 21.49 57.49
C GLU B 72 33.67 20.55 56.39
N ARG B 73 34.59 20.09 55.54
CA ARG B 73 34.21 19.15 54.48
C ARG B 73 33.70 17.84 55.07
N ARG B 74 34.36 17.35 56.11
CA ARG B 74 33.94 16.10 56.74
C ARG B 74 32.55 16.23 57.38
N ARG B 75 32.30 17.35 58.07
CA ARG B 75 30.99 17.56 58.67
C ARG B 75 29.92 17.71 57.59
N ASP B 76 30.26 18.35 56.47
CA ASP B 76 29.33 18.43 55.35
C ASP B 76 29.01 17.04 54.81
N ALA B 77 30.03 16.19 54.70
CA ALA B 77 29.82 14.84 54.19
C ALA B 77 28.92 14.03 55.11
N VAL B 78 29.14 14.11 56.42
CA VAL B 78 28.29 13.32 57.32
C VAL B 78 26.88 13.90 57.37
N ILE B 79 26.73 15.23 57.24
CA ILE B 79 25.39 15.80 57.14
C ILE B 79 24.67 15.29 55.90
N ALA B 80 25.39 15.21 54.78
CA ALA B 80 24.81 14.66 53.56
C ALA B 80 24.40 13.20 53.78
N LEU B 81 25.24 12.43 54.47
CA LEU B 81 24.85 11.10 54.90
C LEU B 81 23.54 11.13 55.68
N GLY B 82 23.40 12.09 56.58
CA GLY B 82 22.19 12.17 57.38
C GLY B 82 20.95 12.41 56.55
N ILE B 83 21.03 13.33 55.58
CA ILE B 83 19.88 13.58 54.71
C ILE B 83 19.57 12.34 53.88
N PHE B 84 20.61 11.68 53.35
CA PHE B 84 20.38 10.49 52.55
C PHE B 84 19.72 9.40 53.38
N LEU B 85 20.14 9.24 54.64
CA LEU B 85 19.55 8.24 55.51
C LEU B 85 18.11 8.59 55.85
N ILE B 86 17.82 9.88 56.06
CA ILE B 86 16.46 10.30 56.39
C ILE B 86 15.52 9.99 55.23
N GLU B 87 15.94 10.27 54.00
CA GLU B 87 15.10 10.02 52.83
C GLU B 87 15.30 8.60 52.28
N SER B 88 16.13 7.79 52.92
CA SER B 88 16.49 6.47 52.42
C SER B 88 15.40 5.42 52.65
N ASP B 89 14.23 5.82 53.14
CA ASP B 89 13.14 4.89 53.44
C ASP B 89 13.61 3.79 54.40
N LEU B 90 14.37 4.18 55.42
CA LEU B 90 14.81 3.28 56.48
C LEU B 90 15.67 2.14 55.93
N GLN B 91 16.80 2.52 55.36
CA GLN B 91 17.73 1.56 54.76
C GLN B 91 19.14 1.79 55.29
N HIS B 92 19.83 0.69 55.59
CA HIS B 92 21.26 0.69 55.90
C HIS B 92 21.59 1.59 57.09
N LYS B 93 21.07 1.20 58.26
CA LYS B 93 21.44 1.84 59.51
C LYS B 93 22.44 1.03 60.31
N ASP B 94 22.50 -0.29 60.11
CA ASP B 94 23.38 -1.13 60.89
C ASP B 94 24.85 -0.78 60.65
N CYS B 95 25.22 -0.50 59.40
CA CYS B 95 26.61 -0.25 59.05
C CYS B 95 27.11 1.13 59.45
N VAL B 96 26.21 2.06 59.78
CA VAL B 96 26.58 3.45 60.01
C VAL B 96 26.34 3.88 61.46
N VAL B 97 25.27 3.39 62.09
CA VAL B 97 24.89 3.90 63.41
C VAL B 97 25.95 3.68 64.48
N PRO B 98 26.46 2.46 64.70
CA PRO B 98 27.39 2.26 65.83
C PRO B 98 28.62 3.14 65.75
N TYR B 99 29.16 3.36 64.56
CA TYR B 99 30.37 4.18 64.47
C TYR B 99 30.06 5.65 64.67
N LEU B 100 28.86 6.12 64.34
CA LEU B 100 28.54 7.50 64.69
C LEU B 100 28.26 7.64 66.18
N LEU B 101 27.78 6.58 66.84
CA LEU B 101 27.79 6.58 68.31
C LEU B 101 29.21 6.65 68.86
N ARG B 102 30.14 5.97 68.18
CA ARG B 102 31.55 6.08 68.55
C ARG B 102 32.03 7.51 68.40
N LEU B 103 31.61 8.19 67.32
CA LEU B 103 31.87 9.62 67.20
C LEU B 103 31.29 10.39 68.39
N LEU B 104 30.07 10.06 68.80
CA LEU B 104 29.46 10.75 69.93
C LEU B 104 30.30 10.60 71.19
N LYS B 105 30.75 9.38 71.47
CA LYS B 105 31.51 9.16 72.71
C LYS B 105 32.93 9.71 72.60
N GLY B 106 33.49 9.80 71.40
CA GLY B 106 34.83 10.32 71.23
C GLY B 106 34.96 11.80 70.97
N LEU B 107 33.84 12.50 70.77
CA LEU B 107 33.90 13.93 70.50
C LEU B 107 34.48 14.80 71.63
N PRO B 108 34.42 14.43 72.93
CA PRO B 108 34.96 15.34 73.96
C PRO B 108 36.44 15.66 73.84
N LYS B 109 37.14 15.09 72.86
CA LYS B 109 38.56 15.37 72.69
C LYS B 109 38.94 15.55 71.22
N VAL B 110 38.04 16.11 70.42
CA VAL B 110 38.31 16.33 69.00
C VAL B 110 39.17 17.57 68.84
N TYR B 111 40.26 17.44 68.06
CA TYR B 111 41.20 18.52 67.86
C TYR B 111 40.62 19.58 66.93
N TRP B 112 41.09 20.81 67.10
CA TRP B 112 40.63 21.95 66.31
C TRP B 112 41.14 21.85 64.89
N VAL B 113 40.24 21.58 63.94
CA VAL B 113 40.56 21.67 62.52
C VAL B 113 39.43 22.39 61.78
N LEU B 125 30.89 31.37 67.80
CA LEU B 125 30.39 30.03 68.05
C LEU B 125 31.07 29.01 67.14
N PRO B 126 31.71 28.00 67.74
CA PRO B 126 32.28 26.92 66.94
C PRO B 126 31.21 26.14 66.21
N VAL B 127 31.65 25.27 65.29
CA VAL B 127 30.71 24.46 64.51
C VAL B 127 30.39 23.14 65.19
N ALA B 128 31.08 22.80 66.28
CA ALA B 128 30.78 21.56 66.99
C ALA B 128 29.37 21.58 67.58
N GLU B 129 28.89 22.75 68.00
CA GLU B 129 27.54 22.87 68.54
C GLU B 129 26.50 22.55 67.46
N SER B 130 26.64 23.15 66.28
CA SER B 130 25.73 22.85 65.18
C SER B 130 25.83 21.39 64.78
N PHE B 131 27.05 20.86 64.76
CA PHE B 131 27.27 19.43 64.57
C PHE B 131 26.40 18.63 65.53
N SER B 132 26.43 19.00 66.81
CA SER B 132 25.72 18.23 67.82
C SER B 132 24.22 18.30 67.63
N PHE B 133 23.66 19.50 67.40
CA PHE B 133 22.21 19.57 67.21
C PHE B 133 21.80 18.78 65.97
N CYS B 134 22.54 18.92 64.88
CA CYS B 134 22.16 18.23 63.65
C CYS B 134 22.21 16.72 63.83
N LEU B 135 23.29 16.19 64.43
CA LEU B 135 23.38 14.75 64.57
C LEU B 135 22.35 14.22 65.56
N VAL B 136 22.09 14.95 66.65
CA VAL B 136 21.09 14.50 67.62
C VAL B 136 19.72 14.43 66.97
N THR B 137 19.36 15.46 66.19
CA THR B 137 18.10 15.42 65.46
C THR B 137 18.08 14.25 64.49
N LEU B 138 19.23 13.96 63.86
CA LEU B 138 19.30 12.85 62.92
C LEU B 138 18.96 11.53 63.61
N LEU B 139 19.63 11.23 64.73
CA LEU B 139 19.33 9.95 65.39
C LEU B 139 17.93 9.94 65.98
N SER B 140 17.45 11.09 66.45
CA SER B 140 16.10 11.13 67.01
C SER B 140 15.07 10.76 65.96
N ASP B 141 15.14 11.40 64.78
CA ASP B 141 14.19 11.05 63.72
C ASP B 141 14.39 9.63 63.24
N VAL B 142 15.64 9.16 63.13
CA VAL B 142 15.87 7.79 62.68
C VAL B 142 15.23 6.80 63.63
N ALA B 143 15.41 7.02 64.95
CA ALA B 143 14.80 6.14 65.92
C ALA B 143 13.28 6.20 65.87
N TYR B 144 12.71 7.40 65.74
CA TYR B 144 11.25 7.50 65.74
C TYR B 144 10.63 6.88 64.50
N ARG B 145 11.31 6.97 63.34
CA ARG B 145 10.73 6.41 62.12
C ARG B 145 10.56 4.91 62.20
N ASP B 146 11.55 4.20 62.74
CA ASP B 146 11.48 2.74 62.82
C ASP B 146 11.03 2.34 64.20
N PRO B 147 9.83 1.76 64.35
CA PRO B 147 9.34 1.41 65.69
C PRO B 147 10.11 0.28 66.34
N SER B 148 10.26 -0.83 65.61
CA SER B 148 10.78 -2.08 66.15
C SER B 148 12.15 -1.94 66.80
N LEU B 149 12.80 -0.79 66.66
CA LEU B 149 14.14 -0.60 67.21
C LEU B 149 14.24 0.50 68.25
N ARG B 150 13.25 1.40 68.33
CA ARG B 150 13.43 2.72 68.95
C ARG B 150 14.24 2.70 70.25
N ASP B 151 13.67 2.06 71.28
CA ASP B 151 14.27 2.14 72.61
C ASP B 151 15.72 1.71 72.59
N GLU B 152 16.04 0.68 71.80
CA GLU B 152 17.41 0.21 71.67
C GLU B 152 18.36 1.38 71.42
N ILE B 153 18.16 2.11 70.31
CA ILE B 153 19.06 3.22 70.03
C ILE B 153 19.04 4.20 71.19
N LEU B 154 17.83 4.49 71.70
CA LEU B 154 17.71 5.44 72.80
C LEU B 154 18.66 5.08 73.93
N GLU B 155 18.72 3.80 74.30
CA GLU B 155 19.51 3.43 75.46
C GLU B 155 20.96 3.83 75.28
N VAL B 156 21.52 3.60 74.08
CA VAL B 156 22.94 3.89 73.91
C VAL B 156 23.20 5.38 74.10
N LEU B 157 22.26 6.23 73.63
CA LEU B 157 22.42 7.66 73.83
C LEU B 157 22.55 7.97 75.32
N LEU B 158 21.67 7.40 76.13
CA LEU B 158 21.69 7.68 77.57
C LEU B 158 23.07 7.43 78.14
N GLN B 159 23.76 6.39 77.63
CA GLN B 159 25.04 6.01 78.18
C GLN B 159 25.96 7.22 78.24
N VAL B 160 26.06 7.96 77.15
CA VAL B 160 27.07 9.01 77.06
C VAL B 160 26.88 10.04 78.17
N LEU B 161 25.62 10.33 78.53
CA LEU B 161 25.40 11.35 79.56
C LEU B 161 26.03 10.97 80.88
N HIS B 162 25.91 9.69 81.29
CA HIS B 162 26.58 9.30 82.52
C HIS B 162 28.08 9.51 82.40
N VAL B 163 28.65 9.16 81.24
CA VAL B 163 30.09 9.33 81.05
C VAL B 163 30.49 10.78 81.27
N LEU B 164 29.57 11.72 81.03
CA LEU B 164 29.89 13.13 81.19
C LEU B 164 30.26 13.45 82.64
N LEU B 165 29.51 12.92 83.60
CA LEU B 165 29.87 13.15 85.00
C LEU B 165 31.29 12.70 85.28
N GLY B 166 31.78 11.74 84.49
CA GLY B 166 33.15 11.26 84.66
C GLY B 166 34.18 12.36 84.61
N MET B 167 34.07 13.28 83.65
CA MET B 167 34.98 14.41 83.67
C MET B 167 34.36 15.68 84.25
N CYS B 168 33.48 15.55 85.24
CA CYS B 168 33.10 16.69 86.07
C CYS B 168 33.89 16.76 87.36
N GLN B 169 34.52 15.66 87.78
CA GLN B 169 35.29 15.60 89.01
C GLN B 169 36.69 15.03 88.78
N ALA B 170 37.23 15.22 87.59
CA ALA B 170 38.56 14.69 87.25
C ALA B 170 39.64 15.40 88.04
N ASP B 175 43.55 17.76 79.36
CA ASP B 175 42.74 18.69 78.57
C ASP B 175 42.12 19.76 79.46
N LYS B 176 42.34 21.03 79.11
CA LYS B 176 41.71 22.14 79.80
C LYS B 176 41.11 23.17 78.84
N GLU B 177 41.35 23.06 77.53
CA GLU B 177 40.73 23.98 76.59
C GLU B 177 39.30 23.54 76.26
N TYR B 178 39.16 22.38 75.63
CA TYR B 178 37.82 21.85 75.37
C TYR B 178 37.13 21.47 76.67
N LEU B 179 37.88 20.86 77.60
CA LEU B 179 37.28 20.35 78.82
C LEU B 179 36.63 21.45 79.65
N CYS B 180 37.06 22.70 79.50
CA CYS B 180 36.49 23.82 80.23
C CYS B 180 35.57 24.67 79.37
N LYS B 181 35.95 24.94 78.13
CA LYS B 181 35.21 25.88 77.30
C LYS B 181 34.10 25.25 76.46
N TYR B 182 34.20 23.96 76.15
CA TYR B 182 33.26 23.34 75.22
C TYR B 182 32.69 22.02 75.73
N ALA B 183 32.95 21.67 76.99
CA ALA B 183 32.33 20.47 77.56
C ALA B 183 30.83 20.69 77.77
N ILE B 184 30.46 21.82 78.35
CA ILE B 184 29.06 22.15 78.61
C ILE B 184 28.35 22.54 77.32
N PRO B 185 29.01 23.23 76.37
CA PRO B 185 28.41 23.35 75.03
C PRO B 185 28.07 22.01 74.39
N CYS B 186 28.85 20.96 74.66
CA CYS B 186 28.47 19.63 74.20
C CYS B 186 27.18 19.17 74.86
N LEU B 187 27.02 19.45 76.15
CA LEU B 187 25.76 19.17 76.84
C LEU B 187 24.60 19.89 76.17
N ILE B 188 24.78 21.18 75.87
CA ILE B 188 23.74 21.96 75.21
C ILE B 188 23.41 21.34 73.86
N GLY B 189 24.43 20.97 73.10
CA GLY B 189 24.20 20.40 71.79
C GLY B 189 23.43 19.08 71.84
N ILE B 190 23.77 18.22 72.80
CA ILE B 190 23.11 16.92 72.87
C ILE B 190 21.76 16.98 73.58
N SER B 191 21.47 18.07 74.30
CA SER B 191 20.21 18.18 75.03
C SER B 191 19.21 19.13 74.39
N ARG B 192 19.63 19.95 73.42
CA ARG B 192 18.70 20.89 72.81
C ARG B 192 17.62 20.22 71.99
N ALA B 193 17.86 18.99 71.52
CA ALA B 193 16.87 18.24 70.74
C ALA B 193 16.84 16.79 71.20
N PHE B 194 16.88 16.57 72.51
CA PHE B 194 16.87 15.20 73.04
C PHE B 194 15.55 14.51 72.74
N GLY B 195 14.45 15.06 73.26
CA GLY B 195 13.15 14.43 73.08
C GLY B 195 12.30 15.11 72.03
N ARG B 196 12.60 16.37 71.73
CA ARG B 196 11.83 17.11 70.74
C ARG B 196 12.03 16.49 69.35
N TYR B 197 10.94 16.40 68.61
CA TYR B 197 10.97 15.82 67.26
C TYR B 197 9.82 16.43 66.45
N SER B 198 9.73 16.00 65.20
CA SER B 198 8.68 16.43 64.29
C SER B 198 7.73 15.26 64.03
N ASN B 199 6.43 15.53 64.12
CA ASN B 199 5.41 14.54 63.82
C ASN B 199 4.72 14.99 62.53
N MET B 200 5.33 14.64 61.40
CA MET B 200 4.85 15.02 60.09
C MET B 200 5.44 14.07 59.06
N GLU B 201 4.94 14.18 57.82
CA GLU B 201 5.49 13.39 56.73
C GLU B 201 6.89 13.85 56.31
N GLU B 202 7.32 15.02 56.77
CA GLU B 202 8.61 15.58 56.40
C GLU B 202 9.49 15.70 57.64
N SER B 203 10.80 15.56 57.43
CA SER B 203 11.75 15.58 58.53
C SER B 203 11.79 16.96 59.20
N LEU B 204 12.39 17.00 60.38
CA LEU B 204 12.61 18.28 61.05
C LEU B 204 13.85 18.99 60.54
N LEU B 205 14.80 18.23 60.00
CA LEU B 205 16.02 18.83 59.46
C LEU B 205 15.77 19.53 58.14
N SER B 206 14.73 19.10 57.41
CA SER B 206 14.50 19.64 56.07
C SER B 206 14.19 21.13 56.09
N LYS B 207 13.41 21.59 57.07
CA LYS B 207 13.11 23.01 57.16
C LYS B 207 14.34 23.83 57.46
N LEU B 208 15.35 23.25 58.10
CA LEU B 208 16.45 24.03 58.67
C LEU B 208 17.64 24.14 57.73
N PHE B 209 18.30 23.03 57.41
CA PHE B 209 19.53 23.12 56.62
C PHE B 209 19.30 23.21 55.11
N PRO B 210 18.60 22.24 54.48
CA PRO B 210 18.68 22.13 53.01
C PRO B 210 18.20 23.34 52.22
N LYS B 211 16.93 23.68 52.37
CA LYS B 211 16.27 24.73 51.57
C LYS B 211 16.56 24.49 50.08
N ILE B 212 16.44 25.51 49.23
CA ILE B 212 16.88 25.41 47.85
C ILE B 212 17.59 26.71 47.49
N GLU B 296 13.43 32.11 59.51
CA GLU B 296 13.06 30.98 60.37
C GLU B 296 14.13 29.86 60.40
N PRO B 297 14.77 29.54 59.27
CA PRO B 297 15.91 28.61 59.34
C PRO B 297 17.00 29.08 60.28
N GLU B 298 17.26 30.39 60.34
CA GLU B 298 18.28 30.92 61.23
C GLU B 298 17.82 30.98 62.68
N TYR B 299 16.51 30.89 62.93
CA TYR B 299 16.01 30.96 64.29
C TYR B 299 16.56 29.82 65.15
N TYR B 300 16.76 28.65 64.54
CA TYR B 300 17.34 27.53 65.25
C TYR B 300 18.86 27.60 65.35
N PHE B 301 19.50 28.50 64.60
CA PHE B 301 20.96 28.57 64.56
C PHE B 301 21.53 29.75 65.31
N SER B 302 21.13 30.97 64.96
CA SER B 302 21.83 32.17 65.39
C SER B 302 21.23 32.82 66.64
N THR B 303 20.12 32.31 67.15
CA THR B 303 19.52 32.88 68.34
C THR B 303 20.27 32.39 69.58
N ILE B 304 19.77 32.77 70.75
CA ILE B 304 20.50 32.59 71.99
C ILE B 304 20.09 31.31 72.72
N SER B 305 18.80 31.00 72.78
CA SER B 305 18.32 29.84 73.52
C SER B 305 17.21 29.13 72.75
N SER B 306 17.40 28.92 71.46
CA SER B 306 16.37 28.29 70.66
C SER B 306 16.25 26.81 70.99
N SER B 307 15.08 26.25 70.66
CA SER B 307 14.83 24.82 70.78
C SER B 307 13.80 24.43 69.73
N PHE B 308 13.82 23.15 69.36
CA PHE B 308 12.93 22.66 68.32
C PHE B 308 11.49 22.60 68.82
N SER B 309 10.57 23.12 68.00
CA SER B 309 9.14 23.12 68.32
C SER B 309 8.86 23.77 69.66
N TYR B 319 1.75 6.98 65.98
CA TYR B 319 1.34 7.17 67.37
C TYR B 319 1.43 5.86 68.15
N LYS B 320 2.64 5.49 68.54
CA LYS B 320 2.86 4.27 69.30
C LYS B 320 3.26 4.50 70.75
N GLU B 321 3.74 5.70 71.10
CA GLU B 321 4.09 6.06 72.47
C GLU B 321 5.13 5.09 73.02
N PHE B 322 6.33 5.17 72.44
CA PHE B 322 7.43 4.26 72.75
C PHE B 322 7.59 4.06 74.26
N ASN B 323 7.65 2.80 74.66
CA ASN B 323 7.73 2.43 76.07
C ASN B 323 9.18 2.58 76.54
N ILE B 324 9.43 3.52 77.42
CA ILE B 324 10.76 3.76 77.99
C ILE B 324 10.70 3.31 79.45
N PRO B 325 11.48 2.30 79.85
CA PRO B 325 11.27 1.68 81.16
C PRO B 325 11.43 2.64 82.33
N LEU B 326 10.82 2.26 83.46
CA LEU B 326 10.74 3.16 84.61
C LEU B 326 12.11 3.45 85.22
N GLU B 327 12.99 2.43 85.27
CA GLU B 327 14.25 2.59 85.98
C GLU B 327 15.13 3.65 85.32
N MET B 328 15.11 3.72 83.98
CA MET B 328 15.92 4.73 83.33
C MET B 328 15.31 6.12 83.49
N LEU B 329 13.98 6.23 83.58
CA LEU B 329 13.38 7.49 84.00
C LEU B 329 13.86 7.88 85.39
N ARG B 330 13.94 6.91 86.31
CA ARG B 330 14.38 7.22 87.67
C ARG B 330 15.82 7.74 87.68
N GLU B 331 16.71 7.06 86.95
CA GLU B 331 18.09 7.56 86.90
C GLU B 331 18.19 8.86 86.13
N LEU B 332 17.27 9.11 85.20
CA LEU B 332 17.23 10.40 84.50
C LEU B 332 16.88 11.52 85.47
N LEU B 333 15.87 11.33 86.31
CA LEU B 333 15.56 12.32 87.32
C LEU B 333 16.70 12.48 88.31
N ASN B 334 17.38 11.37 88.63
CA ASN B 334 18.52 11.46 89.54
C ASN B 334 19.64 12.30 88.94
N LEU B 335 19.95 12.11 87.66
CA LEU B 335 21.01 12.89 87.04
C LEU B 335 20.58 14.34 86.84
N VAL B 336 19.28 14.57 86.61
CA VAL B 336 18.77 15.94 86.54
C VAL B 336 18.98 16.65 87.87
N LYS B 337 18.65 15.96 88.97
CA LYS B 337 18.90 16.53 90.30
C LYS B 337 20.39 16.75 90.52
N LYS B 338 21.22 15.84 90.03
CA LYS B 338 22.66 15.98 90.19
C LYS B 338 23.18 17.22 89.46
N ILE B 339 22.68 17.48 88.24
CA ILE B 339 23.24 18.55 87.42
C ILE B 339 22.64 19.91 87.72
N VAL B 340 21.58 20.00 88.54
CA VAL B 340 21.00 21.28 88.91
C VAL B 340 21.59 21.82 90.21
N GLU B 341 22.66 21.21 90.70
CA GLU B 341 23.35 21.74 91.88
C GLU B 341 23.97 23.10 91.54
N GLU B 342 24.05 23.96 92.56
CA GLU B 342 24.52 25.33 92.40
C GLU B 342 26.01 25.50 92.65
N ALA B 343 26.54 24.79 93.65
CA ALA B 343 27.97 24.92 93.96
C ALA B 343 28.84 24.49 92.80
N VAL B 344 28.42 23.46 92.04
CA VAL B 344 29.19 23.04 90.88
C VAL B 344 29.23 24.15 89.83
N LEU B 345 28.10 24.83 89.62
CA LEU B 345 28.08 25.94 88.66
C LEU B 345 28.96 27.08 89.13
N LYS B 346 28.93 27.39 90.43
CA LYS B 346 29.79 28.46 90.94
C LYS B 346 31.26 28.11 90.77
N SER B 347 31.62 26.86 91.05
CA SER B 347 33.00 26.42 90.86
C SER B 347 33.40 26.48 89.39
N LEU B 348 32.47 26.11 88.50
CA LEU B 348 32.76 26.18 87.06
C LEU B 348 33.00 27.62 86.62
N ASP B 349 32.18 28.54 87.10
CA ASP B 349 32.40 29.96 86.79
C ASP B 349 33.75 30.43 87.32
N ALA B 350 34.10 30.03 88.54
CA ALA B 350 35.38 30.41 89.11
C ALA B 350 36.55 29.87 88.29
N ILE B 351 36.47 28.61 87.86
CA ILE B 351 37.59 28.02 87.13
C ILE B 351 37.68 28.58 85.72
N VAL B 352 36.55 28.91 85.08
CA VAL B 352 36.65 29.54 83.77
C VAL B 352 37.19 30.95 83.89
N ALA B 353 36.87 31.65 84.98
CA ALA B 353 37.49 32.96 85.23
C ALA B 353 39.00 32.81 85.42
N SER B 354 39.41 31.78 86.16
CA SER B 354 40.85 31.53 86.33
C SER B 354 41.51 31.22 84.99
N VAL B 355 40.84 30.46 84.14
CA VAL B 355 41.38 30.15 82.81
C VAL B 355 41.52 31.43 81.99
N MET B 356 40.50 32.28 82.02
CA MET B 356 40.58 33.53 81.25
C MET B 356 41.71 34.41 81.75
N GLU B 357 41.90 34.47 83.08
CA GLU B 357 43.02 35.22 83.62
C GLU B 357 44.36 34.59 83.22
N ALA B 358 44.40 33.26 83.10
CA ALA B 358 45.64 32.61 82.66
C ALA B 358 45.92 32.90 81.19
N ASN B 359 44.90 32.89 80.34
CA ASN B 359 45.07 33.15 78.92
C ASN B 359 43.79 33.71 78.31
N LEU B 364 33.23 28.93 74.37
CA LEU B 364 32.09 29.49 75.08
C LEU B 364 31.41 30.60 74.27
N TYR B 365 30.08 30.54 74.21
CA TYR B 365 29.28 31.57 73.56
C TYR B 365 28.58 32.49 74.54
N TYR B 366 28.36 32.05 75.78
CA TYR B 366 27.73 32.84 76.82
C TYR B 366 28.75 33.15 77.92
N THR B 367 28.26 33.85 78.94
CA THR B 367 29.04 34.12 80.16
C THR B 367 28.41 33.50 81.39
N SER B 368 27.09 33.61 81.54
CA SER B 368 26.34 32.91 82.57
C SER B 368 25.67 31.70 81.92
N PHE B 369 25.96 30.51 82.44
CA PHE B 369 25.56 29.27 81.78
C PHE B 369 24.43 28.53 82.47
N SER B 370 24.20 28.76 83.76
CA SER B 370 23.33 27.89 84.55
C SER B 370 21.89 27.93 84.03
N ASP B 371 21.35 29.12 83.81
CA ASP B 371 19.96 29.24 83.40
C ASP B 371 19.67 28.57 82.06
N PRO B 372 20.51 28.71 81.01
CA PRO B 372 20.26 27.92 79.79
C PRO B 372 20.17 26.43 80.06
N LEU B 373 21.05 25.88 80.90
CA LEU B 373 20.93 24.47 81.28
C LEU B 373 19.58 24.19 81.93
N TYR B 374 19.32 24.84 83.07
CA TYR B 374 18.04 24.74 83.77
C TYR B 374 16.87 24.67 82.79
N LEU B 375 16.80 25.64 81.87
CA LEU B 375 15.72 25.69 80.90
C LEU B 375 15.72 24.47 80.00
N THR B 376 16.90 24.06 79.51
CA THR B 376 16.96 22.95 78.57
C THR B 376 16.51 21.64 79.22
N MET B 377 17.04 21.33 80.41
CA MET B 377 16.62 20.10 81.08
C MET B 377 15.15 20.14 81.46
N PHE B 378 14.65 21.28 81.95
CA PHE B 378 13.24 21.33 82.32
C PHE B 378 12.35 21.17 81.09
N LYS B 379 12.69 21.82 79.98
CA LYS B 379 11.91 21.69 78.76
C LYS B 379 11.96 20.27 78.22
N MET B 380 13.13 19.63 78.27
CA MET B 380 13.23 18.26 77.78
C MET B 380 12.42 17.31 78.65
N LEU B 381 12.42 17.54 79.97
CA LEU B 381 11.59 16.73 80.86
C LEU B 381 10.11 16.91 80.54
N ARG B 382 9.70 18.15 80.25
CA ARG B 382 8.32 18.41 79.83
C ARG B 382 7.99 17.64 78.55
N ASP B 383 8.88 17.74 77.54
CA ASP B 383 8.55 17.19 76.24
C ASP B 383 8.58 15.66 76.22
N THR B 384 9.51 15.04 76.96
CA THR B 384 9.62 13.59 76.88
C THR B 384 8.41 12.87 77.47
N LEU B 385 7.68 13.52 78.38
CA LEU B 385 6.52 12.93 79.04
C LEU B 385 5.26 13.76 78.79
N TYR B 386 5.14 14.30 77.59
CA TYR B 386 3.94 15.07 77.25
C TYR B 386 2.73 14.16 77.10
N TYR B 387 2.90 13.00 76.48
CA TYR B 387 1.79 12.09 76.22
C TYR B 387 1.90 10.76 76.97
N MET B 388 3.00 10.53 77.71
CA MET B 388 3.16 9.31 78.48
C MET B 388 2.34 9.41 79.78
N LYS B 389 1.02 9.29 79.60
CA LYS B 389 0.08 9.41 80.71
C LYS B 389 -0.23 8.03 81.29
N ASP B 390 -1.26 7.97 82.13
CA ASP B 390 -1.76 6.73 82.76
C ASP B 390 -0.64 5.89 83.37
N LEU B 391 0.37 6.55 83.93
CA LEU B 391 1.38 5.87 84.72
C LEU B 391 0.87 5.64 86.14
N PRO B 392 1.43 4.67 86.86
CA PRO B 392 1.00 4.43 88.24
C PRO B 392 1.25 5.65 89.14
N THR B 393 0.76 5.52 90.38
CA THR B 393 0.80 6.65 91.31
C THR B 393 2.22 7.03 91.68
N SER B 394 3.16 6.08 91.67
CA SER B 394 4.52 6.38 92.08
C SER B 394 5.17 7.40 91.15
N PHE B 395 5.00 7.23 89.84
CA PHE B 395 5.64 8.11 88.87
C PHE B 395 5.14 9.55 89.01
N VAL B 396 3.81 9.72 89.02
CA VAL B 396 3.24 11.05 89.11
C VAL B 396 3.54 11.66 90.47
N LYS B 397 3.52 10.85 91.52
CA LYS B 397 3.84 11.36 92.86
C LYS B 397 5.27 11.88 92.94
N GLU B 398 6.22 11.09 92.44
CA GLU B 398 7.62 11.51 92.46
C GLU B 398 7.83 12.78 91.64
N ILE B 399 7.24 12.83 90.44
CA ILE B 399 7.40 14.01 89.60
C ILE B 399 6.78 15.22 90.27
N HIS B 400 5.60 15.06 90.87
CA HIS B 400 4.95 16.19 91.53
C HIS B 400 5.76 16.70 92.71
N ASP B 401 6.30 15.79 93.53
CA ASP B 401 7.12 16.21 94.65
C ASP B 401 8.35 16.98 94.17
N PHE B 402 9.05 16.42 93.18
CA PHE B 402 10.23 17.09 92.64
C PHE B 402 9.87 18.48 92.11
N VAL B 403 8.80 18.56 91.32
CA VAL B 403 8.49 19.80 90.63
C VAL B 403 8.00 20.86 91.63
N LEU B 404 7.22 20.45 92.63
CA LEU B 404 6.76 21.43 93.62
C LEU B 404 7.90 21.90 94.52
N GLU B 405 8.81 20.98 94.88
CA GLU B 405 9.97 21.38 95.67
C GLU B 405 10.80 22.39 94.91
N GLN B 406 11.08 22.11 93.63
CA GLN B 406 11.88 23.05 92.84
C GLN B 406 11.14 24.35 92.61
N PHE B 407 9.82 24.30 92.43
CA PHE B 407 9.04 25.51 92.21
C PHE B 407 9.10 26.43 93.43
N ASN B 408 8.89 25.88 94.63
CA ASN B 408 8.94 26.73 95.80
C ASN B 408 10.36 27.20 96.10
N THR B 409 11.36 26.37 95.80
CA THR B 409 12.75 26.81 95.96
C THR B 409 13.03 28.00 95.05
N SER B 410 12.66 27.89 93.77
CA SER B 410 12.88 28.99 92.83
C SER B 410 12.09 30.22 93.21
N GLN B 411 10.86 30.05 93.71
CA GLN B 411 10.07 31.18 94.18
C GLN B 411 10.77 31.88 95.33
N GLY B 412 11.34 31.11 96.26
CA GLY B 412 12.12 31.72 97.32
C GLY B 412 13.34 32.47 96.79
N GLU B 413 14.00 31.92 95.77
CA GLU B 413 15.18 32.59 95.23
C GLU B 413 14.84 33.85 94.45
N LEU B 414 13.69 33.91 93.79
CA LEU B 414 13.35 35.07 92.97
C LEU B 414 12.66 36.17 93.77
N GLN B 415 12.53 36.01 95.08
CA GLN B 415 11.86 37.02 95.91
C GLN B 415 12.59 38.36 95.89
N LYS B 416 13.85 38.38 95.48
CA LYS B 416 14.64 39.61 95.43
C LYS B 416 14.00 40.66 94.55
N LYS B 432 14.84 36.08 85.68
CA LYS B 432 14.22 36.58 84.45
C LYS B 432 14.00 35.44 83.45
N LEU B 433 15.09 34.80 83.04
CA LEU B 433 15.02 33.72 82.05
C LEU B 433 14.49 32.43 82.64
N ARG B 434 14.30 32.34 83.95
CA ARG B 434 13.73 31.16 84.58
C ARG B 434 12.21 31.12 84.50
N CYS B 435 11.59 32.15 83.93
CA CYS B 435 10.13 32.19 83.85
C CYS B 435 9.59 31.04 82.99
N GLN B 436 10.27 30.72 81.89
CA GLN B 436 9.88 29.58 81.09
C GLN B 436 10.02 28.28 81.88
N ALA B 437 11.06 28.19 82.72
CA ALA B 437 11.21 27.01 83.57
C ALA B 437 10.05 26.90 84.56
N ASN B 438 9.65 28.03 85.16
CA ASN B 438 8.51 27.99 86.07
C ASN B 438 7.23 27.60 85.34
N ALA B 439 7.04 28.11 84.12
CA ALA B 439 5.87 27.73 83.34
C ALA B 439 5.86 26.25 83.03
N ALA B 440 7.02 25.70 82.66
CA ALA B 440 7.10 24.25 82.43
C ALA B 440 6.81 23.47 83.71
N CYS B 441 7.25 24.00 84.85
CA CYS B 441 6.95 23.36 86.13
C CYS B 441 5.45 23.34 86.40
N VAL B 442 4.78 24.47 86.16
CA VAL B 442 3.33 24.53 86.34
C VAL B 442 2.64 23.55 85.40
N ASP B 443 3.11 23.46 84.16
CA ASP B 443 2.55 22.49 83.23
C ASP B 443 2.75 21.07 83.75
N LEU B 444 3.92 20.79 84.34
CA LEU B 444 4.20 19.46 84.87
C LEU B 444 3.23 19.11 86.00
N MET B 445 3.07 20.01 86.97
CA MET B 445 2.15 19.70 88.07
C MET B 445 0.71 19.62 87.59
N VAL B 446 0.33 20.48 86.64
CA VAL B 446 -1.04 20.44 86.11
C VAL B 446 -1.31 19.11 85.42
N TRP B 447 -0.35 18.63 84.64
CA TRP B 447 -0.52 17.32 84.01
C TRP B 447 -0.56 16.20 85.03
N ALA B 448 0.32 16.27 86.03
CA ALA B 448 0.41 15.22 87.05
C ALA B 448 -0.35 15.63 88.31
N VAL B 449 -1.68 15.70 88.16
CA VAL B 449 -2.57 15.96 89.28
C VAL B 449 -3.94 15.42 88.92
N LYS B 450 -4.67 14.92 89.93
CA LYS B 450 -5.96 14.30 89.70
C LYS B 450 -7.02 14.75 90.72
N ASP B 451 -6.75 15.79 91.48
CA ASP B 451 -7.71 16.32 92.45
C ASP B 451 -7.88 17.81 92.24
N GLU B 452 -9.13 18.28 92.32
CA GLU B 452 -9.44 19.68 92.04
C GLU B 452 -9.19 20.60 93.22
N GLN B 453 -9.01 20.06 94.43
CA GLN B 453 -8.64 20.93 95.55
C GLN B 453 -7.23 21.49 95.37
N GLY B 454 -6.29 20.66 94.91
CA GLY B 454 -4.99 21.18 94.53
C GLY B 454 -5.08 22.15 93.38
N ALA B 455 -6.01 21.90 92.46
CA ALA B 455 -6.25 22.84 91.36
C ALA B 455 -6.68 24.20 91.89
N GLU B 456 -7.60 24.21 92.87
CA GLU B 456 -8.05 25.47 93.45
C GLU B 456 -6.93 26.16 94.24
N ASN B 457 -6.10 25.37 94.93
CA ASN B 457 -4.95 25.94 95.62
C ASN B 457 -4.00 26.62 94.65
N LEU B 458 -3.70 25.95 93.53
CA LEU B 458 -2.86 26.56 92.51
C LEU B 458 -3.54 27.80 91.92
N CYS B 459 -4.86 27.75 91.74
CA CYS B 459 -5.59 28.88 91.21
C CYS B 459 -5.46 30.10 92.11
N ILE B 460 -5.65 29.91 93.42
CA ILE B 460 -5.58 31.05 94.33
C ILE B 460 -4.15 31.56 94.45
N LYS B 461 -3.17 30.64 94.44
CA LYS B 461 -1.76 31.07 94.48
C LYS B 461 -1.42 31.91 93.25
N LEU B 462 -1.83 31.46 92.08
CA LEU B 462 -1.55 32.21 90.86
C LEU B 462 -2.31 33.52 90.83
N SER B 463 -3.55 33.53 91.33
CA SER B 463 -4.31 34.78 91.41
C SER B 463 -3.62 35.79 92.31
N GLU B 464 -3.08 35.33 93.43
CA GLU B 464 -2.27 36.22 94.27
C GLU B 464 -1.04 36.70 93.52
N LYS B 465 -0.40 35.81 92.77
CA LYS B 465 0.81 36.18 92.04
C LYS B 465 0.55 37.18 90.92
N LEU B 466 -0.67 37.23 90.38
CA LEU B 466 -0.96 38.15 89.29
C LEU B 466 -0.74 39.60 89.70
N GLN B 467 -1.19 39.98 90.89
CA GLN B 467 -1.07 41.36 91.37
C GLN B 467 0.30 41.68 91.93
N SER B 468 1.29 40.80 91.73
CA SER B 468 2.66 41.02 92.19
C SER B 468 2.72 41.31 93.69
N HIS B 478 8.64 41.49 81.94
CA HIS B 478 8.45 40.07 82.14
C HIS B 478 7.02 39.64 81.84
N LEU B 479 6.47 40.21 80.77
CA LEU B 479 5.15 39.79 80.29
C LEU B 479 5.06 38.29 79.99
N PRO B 480 6.09 37.64 79.42
CA PRO B 480 6.01 36.18 79.26
C PRO B 480 5.67 35.43 80.53
N LEU B 481 6.18 35.88 81.68
CA LEU B 481 5.84 35.23 82.94
C LEU B 481 4.34 35.27 83.21
N LEU B 482 3.74 36.45 83.08
CA LEU B 482 2.32 36.60 83.35
C LEU B 482 1.48 35.80 82.36
N ILE B 483 1.82 35.87 81.07
CA ILE B 483 1.00 35.14 80.10
C ILE B 483 1.17 33.65 80.28
N CYS B 484 2.35 33.20 80.71
CA CYS B 484 2.54 31.78 80.98
C CYS B 484 1.75 31.33 82.20
N CYS B 485 1.67 32.18 83.23
CA CYS B 485 0.84 31.87 84.38
C CYS B 485 -0.62 31.73 83.99
N LEU B 486 -1.12 32.68 83.19
CA LEU B 486 -2.50 32.57 82.74
C LEU B 486 -2.71 31.39 81.80
N GLN B 487 -1.68 31.03 81.01
CA GLN B 487 -1.78 29.84 80.18
C GLN B 487 -1.88 28.57 81.02
N GLY B 488 -1.11 28.50 82.10
CA GLY B 488 -1.25 27.37 83.02
C GLY B 488 -2.62 27.30 83.64
N LEU B 489 -3.17 28.46 84.02
CA LEU B 489 -4.54 28.50 84.53
C LEU B 489 -5.52 28.02 83.47
N GLY B 490 -5.32 28.43 82.22
CA GLY B 490 -6.22 28.02 81.15
C GLY B 490 -6.14 26.52 80.87
N ARG B 491 -4.94 25.95 80.93
CA ARG B 491 -4.82 24.50 80.74
C ARG B 491 -5.46 23.74 81.90
N LEU B 492 -5.30 24.25 83.12
CA LEU B 492 -5.99 23.63 84.25
C LEU B 492 -7.50 23.70 84.07
N CYS B 493 -8.00 24.82 83.54
CA CYS B 493 -9.43 24.95 83.26
C CYS B 493 -9.88 23.98 82.16
N GLU B 494 -9.07 23.85 81.11
CA GLU B 494 -9.48 23.05 79.95
C GLU B 494 -9.40 21.56 80.23
N ARG B 495 -8.51 21.13 81.12
CA ARG B 495 -8.44 19.70 81.42
C ARG B 495 -9.65 19.22 82.19
N PHE B 496 -10.24 20.08 83.03
CA PHE B 496 -11.41 19.72 83.82
C PHE B 496 -12.33 20.94 83.96
N PRO B 497 -13.56 20.87 83.48
CA PRO B 497 -14.43 22.05 83.46
C PRO B 497 -15.09 22.37 84.80
N VAL B 498 -14.88 21.57 85.84
CA VAL B 498 -15.56 21.80 87.11
C VAL B 498 -14.93 22.99 87.84
N VAL B 499 -13.63 22.93 88.08
CA VAL B 499 -12.93 23.98 88.83
C VAL B 499 -13.02 25.32 88.11
N VAL B 500 -13.34 25.32 86.81
CA VAL B 500 -13.52 26.57 86.07
C VAL B 500 -14.60 27.41 86.74
N HIS B 501 -15.63 26.77 87.28
CA HIS B 501 -16.72 27.51 87.90
C HIS B 501 -16.27 28.29 89.13
N SER B 502 -15.09 27.99 89.67
CA SER B 502 -14.55 28.75 90.79
C SER B 502 -13.60 29.86 90.36
N VAL B 503 -13.32 29.99 89.06
CA VAL B 503 -12.33 30.95 88.58
C VAL B 503 -12.88 31.92 87.54
N THR B 504 -14.06 31.67 86.97
CA THR B 504 -14.62 32.59 85.98
C THR B 504 -14.78 34.03 86.50
N PRO B 505 -15.20 34.29 87.75
CA PRO B 505 -15.30 35.70 88.17
C PRO B 505 -13.97 36.42 88.19
N SER B 506 -12.96 35.85 88.84
CA SER B 506 -11.69 36.55 89.06
C SER B 506 -11.08 37.02 87.74
N LEU B 507 -10.97 36.11 86.76
CA LEU B 507 -10.41 36.50 85.47
C LEU B 507 -11.20 37.65 84.86
N ARG B 508 -12.53 37.61 84.98
CA ARG B 508 -13.34 38.74 84.52
C ARG B 508 -12.94 40.01 85.25
N ASP B 509 -12.83 39.95 86.58
CA ASP B 509 -12.40 41.12 87.33
C ASP B 509 -10.99 41.54 86.96
N PHE B 510 -10.23 40.66 86.30
CA PHE B 510 -8.91 41.06 85.82
C PHE B 510 -9.01 42.14 84.74
N LEU B 511 -9.97 42.00 83.82
CA LEU B 511 -9.98 42.87 82.65
C LEU B 511 -11.11 43.90 82.65
N VAL B 512 -12.16 43.71 83.44
CA VAL B 512 -13.22 44.72 83.50
C VAL B 512 -12.74 45.99 84.19
N ILE B 513 -11.66 45.91 84.96
CA ILE B 513 -11.09 47.09 85.60
C ILE B 513 -9.57 47.07 85.45
N SER B 515 -6.38 45.27 88.30
CA SER B 515 -5.23 45.15 87.40
C SER B 515 -4.60 46.51 87.12
N PRO B 516 -3.86 47.04 88.10
CA PRO B 516 -3.24 48.36 87.91
C PRO B 516 -2.29 48.41 86.72
N VAL B 517 -1.50 47.35 86.51
CA VAL B 517 -0.56 47.34 85.39
C VAL B 517 -1.30 47.27 84.06
N LEU B 518 -2.34 46.45 83.99
CA LEU B 518 -3.14 46.37 82.78
C LEU B 518 -3.83 47.70 82.48
N VAL B 519 -4.35 48.36 83.52
CA VAL B 519 -4.99 49.66 83.34
C VAL B 519 -3.99 50.68 82.86
N LYS B 520 -2.78 50.67 83.44
CA LYS B 520 -1.74 51.60 82.99
C LYS B 520 -1.37 51.35 81.53
N LEU B 521 -1.27 50.08 81.14
CA LEU B 521 -0.88 49.74 79.78
C LEU B 521 -2.05 49.78 78.80
N TYR B 522 -3.26 50.09 79.27
CA TYR B 522 -4.39 50.25 78.36
C TYR B 522 -4.12 51.34 77.33
N LYS B 523 -3.43 52.40 77.73
CA LYS B 523 -3.00 53.44 76.80
C LYS B 523 -1.53 53.76 77.00
N LYS B 537 17.40 55.37 76.19
CA LYS B 537 16.48 54.60 75.36
C LYS B 537 16.19 55.30 74.05
N ILE B 538 16.45 54.60 72.94
CA ILE B 538 16.22 55.14 71.61
C ILE B 538 15.24 54.21 70.90
N SER B 539 14.13 54.77 70.42
CA SER B 539 13.11 54.02 69.71
C SER B 539 13.28 54.27 68.21
N VAL B 540 13.56 53.21 67.46
CA VAL B 540 13.77 53.32 66.02
C VAL B 540 12.41 53.31 65.33
N THR B 541 12.14 54.33 64.53
CA THR B 541 10.87 54.45 63.83
C THR B 541 11.09 54.76 62.35
N TYR B 562 1.75 48.89 73.87
CA TYR B 562 0.90 48.91 75.06
C TYR B 562 -0.39 48.13 74.81
N GLU B 563 -0.86 48.13 73.57
CA GLU B 563 -2.03 47.35 73.19
C GLU B 563 -1.71 45.87 72.99
N GLN B 564 -0.43 45.52 72.89
CA GLN B 564 -0.07 44.13 72.60
C GLN B 564 -0.52 43.20 73.72
N LEU B 565 -0.16 43.52 74.96
CA LEU B 565 -0.59 42.70 76.09
C LEU B 565 -2.10 42.72 76.24
N ARG B 566 -2.73 43.86 75.94
CA ARG B 566 -4.18 43.95 76.01
C ARG B 566 -4.85 42.95 75.07
N ASP B 567 -4.44 42.94 73.80
CA ASP B 567 -5.04 42.00 72.85
C ASP B 567 -4.65 40.56 73.17
N ILE B 568 -3.44 40.34 73.69
CA ILE B 568 -3.05 39.00 74.08
C ILE B 568 -3.97 38.47 75.17
N ALA B 569 -4.19 39.27 76.22
CA ALA B 569 -5.07 38.85 77.30
C ALA B 569 -6.51 38.72 76.82
N ILE B 570 -6.93 39.56 75.87
CA ILE B 570 -8.25 39.41 75.29
C ILE B 570 -8.38 38.05 74.62
N ASP B 571 -7.40 37.68 73.80
CA ASP B 571 -7.43 36.35 73.17
C ASP B 571 -7.37 35.24 74.21
N ASN B 572 -6.66 35.47 75.32
CA ASN B 572 -6.56 34.45 76.36
C ASN B 572 -7.91 34.19 77.01
N ILE B 573 -8.60 35.24 77.44
CA ILE B 573 -9.94 35.05 77.99
C ILE B 573 -10.88 34.53 76.93
N CYS B 574 -10.65 34.90 75.66
CA CYS B 574 -11.42 34.36 74.56
C CYS B 574 -11.36 32.84 74.53
N ARG B 575 -10.14 32.29 74.54
CA ARG B 575 -9.98 30.84 74.51
C ARG B 575 -10.50 30.20 75.78
N CYS B 576 -10.25 30.82 76.93
CA CYS B 576 -10.70 30.24 78.19
C CYS B 576 -12.23 30.11 78.23
N LEU B 577 -12.94 31.17 77.81
CA LEU B 577 -14.39 31.09 77.76
C LEU B 577 -14.85 30.09 76.71
N LYS B 578 -14.29 30.14 75.50
CA LYS B 578 -14.73 29.22 74.45
C LYS B 578 -14.48 27.77 74.83
N ALA B 579 -13.55 27.50 75.75
CA ALA B 579 -13.36 26.14 76.26
C ALA B 579 -14.19 25.84 77.49
N GLY B 580 -14.60 26.85 78.26
CA GLY B 580 -15.27 26.61 79.52
C GLY B 580 -16.78 26.72 79.55
N LEU B 581 -17.38 27.48 78.63
CA LEU B 581 -18.82 27.73 78.70
C LEU B 581 -19.64 26.67 77.96
N THR B 582 -19.10 25.46 77.81
CA THR B 582 -19.81 24.40 77.09
C THR B 582 -21.08 23.94 77.80
N VAL B 583 -21.21 24.24 79.10
CA VAL B 583 -22.32 23.69 79.89
C VAL B 583 -23.42 24.73 80.07
N ASP B 584 -23.09 25.86 80.67
CA ASP B 584 -24.11 26.84 81.07
C ASP B 584 -24.68 27.53 79.84
N PRO B 585 -26.00 27.45 79.60
CA PRO B 585 -26.58 28.17 78.47
C PRO B 585 -26.95 29.61 78.82
N VAL B 586 -27.15 29.88 80.11
CA VAL B 586 -27.57 31.20 80.56
C VAL B 586 -26.38 32.12 80.86
N ILE B 587 -25.14 31.62 80.74
CA ILE B 587 -23.98 32.45 81.02
C ILE B 587 -23.82 33.57 80.00
N VAL B 588 -24.40 33.41 78.80
CA VAL B 588 -24.23 34.44 77.77
C VAL B 588 -24.91 35.74 78.19
N GLU B 589 -26.14 35.65 78.70
CA GLU B 589 -26.84 36.87 79.11
C GLU B 589 -26.19 37.48 80.35
N ALA B 590 -25.64 36.65 81.23
CA ALA B 590 -24.88 37.19 82.35
C ALA B 590 -23.66 37.95 81.88
N PHE B 591 -22.96 37.43 80.87
CA PHE B 591 -21.82 38.14 80.30
C PHE B 591 -22.27 39.44 79.64
N LEU B 592 -23.42 39.43 78.96
CA LEU B 592 -23.94 40.65 78.36
C LEU B 592 -24.25 41.69 79.43
N ALA B 593 -24.87 41.26 80.54
CA ALA B 593 -25.15 42.18 81.63
C ALA B 593 -23.87 42.75 82.22
N SER B 594 -22.85 41.90 82.41
CA SER B 594 -21.58 42.37 82.93
C SER B 594 -20.93 43.37 81.97
N LEU B 595 -21.01 43.11 80.67
CA LEU B 595 -20.47 44.06 79.69
C LEU B 595 -21.23 45.37 79.72
N SER B 596 -22.56 45.32 79.87
CA SER B 596 -23.34 46.54 79.98
C SER B 596 -22.97 47.34 81.22
N ASN B 597 -22.75 46.65 82.35
CA ASN B 597 -22.29 47.35 83.55
C ASN B 597 -20.90 47.95 83.35
N ARG B 598 -20.03 47.23 82.64
CA ARG B 598 -18.69 47.73 82.38
C ARG B 598 -18.71 48.99 81.53
N LEU B 599 -19.55 49.02 80.50
CA LEU B 599 -19.55 50.14 79.56
C LEU B 599 -20.45 51.29 80.03
N TYR B 600 -21.75 51.03 80.17
CA TYR B 600 -22.68 52.08 80.55
C TYR B 600 -22.40 52.60 81.96
N ILE B 601 -22.13 51.69 82.90
CA ILE B 601 -21.86 52.08 84.28
C ILE B 601 -20.37 52.10 84.54
N LEU B 611 -9.78 52.12 74.89
CA LEU B 611 -10.33 52.43 76.22
C LEU B 611 -11.50 51.50 76.56
N ILE B 612 -12.32 51.90 77.54
CA ILE B 612 -13.32 50.98 78.09
C ILE B 612 -14.31 50.50 77.04
N PRO B 613 -14.93 51.36 76.21
CA PRO B 613 -15.77 50.83 75.13
C PRO B 613 -15.02 49.95 74.15
N ASP B 614 -13.71 50.18 73.95
CA ASP B 614 -12.95 49.29 73.07
C ASP B 614 -12.91 47.87 73.62
N HIS B 615 -12.67 47.73 74.92
CA HIS B 615 -12.69 46.41 75.54
C HIS B 615 -14.09 45.82 75.50
N THR B 616 -15.11 46.66 75.73
CA THR B 616 -16.49 46.20 75.67
C THR B 616 -16.81 45.62 74.29
N ILE B 617 -16.46 46.36 73.23
CA ILE B 617 -16.76 45.90 71.88
C ILE B 617 -15.88 44.74 71.46
N ARG B 618 -14.67 44.59 72.02
CA ARG B 618 -13.89 43.40 71.71
C ARG B 618 -14.52 42.15 72.34
N ALA B 619 -14.98 42.27 73.59
CA ALA B 619 -15.73 41.17 74.19
C ALA B 619 -16.98 40.86 73.39
N LEU B 620 -17.69 41.91 72.96
CA LEU B 620 -18.87 41.71 72.12
C LEU B 620 -18.51 41.03 70.80
N GLY B 621 -17.35 41.38 70.25
CA GLY B 621 -16.92 40.74 69.00
C GLY B 621 -16.65 39.26 69.17
N HIS B 622 -16.00 38.89 70.28
CA HIS B 622 -15.84 37.45 70.53
C HIS B 622 -17.18 36.77 70.74
N ILE B 623 -18.11 37.43 71.44
CA ILE B 623 -19.44 36.86 71.62
C ILE B 623 -20.11 36.64 70.27
N ALA B 624 -19.90 37.56 69.33
CA ALA B 624 -20.51 37.44 68.01
C ALA B 624 -19.86 36.33 67.19
N VAL B 625 -18.53 36.22 67.25
CA VAL B 625 -17.80 35.33 66.35
C VAL B 625 -17.67 33.92 66.93
N ALA B 626 -17.00 33.79 68.08
CA ALA B 626 -16.67 32.48 68.62
C ALA B 626 -17.89 31.71 69.07
N LEU B 627 -19.03 32.37 69.30
CA LEU B 627 -20.23 31.69 69.73
C LEU B 627 -21.07 31.29 68.53
N ARG B 628 -20.40 30.99 67.42
CA ARG B 628 -21.06 30.52 66.20
C ARG B 628 -21.89 29.27 66.49
N ASP B 629 -21.47 28.47 67.45
CA ASP B 629 -22.20 27.25 67.83
C ASP B 629 -23.12 27.53 69.01
N THR B 630 -24.09 28.41 68.77
CA THR B 630 -25.12 28.74 69.74
C THR B 630 -26.47 28.63 69.05
N PRO B 631 -27.48 28.03 69.68
CA PRO B 631 -28.77 27.84 69.00
C PRO B 631 -29.39 29.15 68.53
N LYS B 632 -29.64 30.07 69.46
CA LYS B 632 -30.09 31.40 69.09
C LYS B 632 -29.59 32.41 70.13
N VAL B 633 -28.40 32.96 69.90
CA VAL B 633 -27.77 33.89 70.83
C VAL B 633 -27.26 35.14 70.12
N MET B 634 -27.22 35.15 68.79
CA MET B 634 -26.79 36.34 68.08
C MET B 634 -27.85 37.44 68.11
N GLU B 635 -29.10 37.10 68.42
CA GLU B 635 -30.15 38.10 68.35
C GLU B 635 -30.13 39.09 69.53
N PRO B 636 -29.78 38.69 70.76
CA PRO B 636 -29.54 39.74 71.78
C PRO B 636 -28.42 40.68 71.40
N ILE B 637 -27.37 40.15 70.75
CA ILE B 637 -26.29 40.99 70.27
C ILE B 637 -26.79 41.97 69.23
N LEU B 638 -27.60 41.48 68.29
CA LEU B 638 -28.19 42.35 67.28
C LEU B 638 -29.05 43.42 67.92
N GLN B 639 -29.85 43.05 68.92
CA GLN B 639 -30.73 44.01 69.57
C GLN B 639 -29.93 45.10 70.28
N ILE B 640 -28.93 44.72 71.08
CA ILE B 640 -28.18 45.72 71.82
C ILE B 640 -27.39 46.60 70.85
N LEU B 641 -26.85 46.01 69.78
CA LEU B 641 -26.15 46.80 68.78
C LEU B 641 -27.07 47.80 68.09
N GLN B 642 -28.33 47.41 67.85
CA GLN B 642 -29.31 48.36 67.37
C GLN B 642 -29.52 49.49 68.38
N GLN B 643 -29.64 49.13 69.66
CA GLN B 643 -29.76 50.16 70.69
C GLN B 643 -28.44 50.90 70.89
N LYS B 644 -27.32 50.19 70.83
CA LYS B 644 -26.01 50.81 71.01
C LYS B 644 -25.60 51.69 69.83
N PHE B 645 -26.33 51.63 68.72
CA PHE B 645 -26.03 52.47 67.57
C PHE B 645 -26.17 53.94 67.93
N CYS B 646 -25.31 54.75 67.33
CA CYS B 646 -25.22 56.19 67.63
C CYS B 646 -24.85 56.41 69.10
N SER B 650 -20.15 59.75 65.33
CA SER B 650 -19.15 59.53 66.37
C SER B 650 -18.10 58.53 65.91
N PRO B 651 -16.83 58.80 66.23
CA PRO B 651 -15.76 57.88 65.85
C PRO B 651 -15.91 56.50 66.47
N LEU B 652 -16.53 56.39 67.64
CA LEU B 652 -16.71 55.09 68.26
C LEU B 652 -17.53 54.17 67.38
N ASP B 653 -18.59 54.70 66.75
CA ASP B 653 -19.38 53.93 65.80
C ASP B 653 -18.51 53.34 64.70
N VAL B 654 -17.43 54.02 64.33
CA VAL B 654 -16.51 53.48 63.33
C VAL B 654 -16.01 52.12 63.78
N LEU B 655 -15.50 52.05 65.02
CA LEU B 655 -15.10 50.76 65.55
C LEU B 655 -16.25 49.78 65.47
N ILE B 656 -17.46 50.24 65.80
CA ILE B 656 -18.63 49.37 65.75
C ILE B 656 -18.82 48.79 64.37
N ILE B 657 -18.70 49.62 63.31
CA ILE B 657 -18.98 49.05 61.99
C ILE B 657 -17.88 48.05 61.61
N ASP B 658 -16.66 48.24 62.13
CA ASP B 658 -15.66 47.20 61.94
C ASP B 658 -16.11 45.89 62.57
N GLN B 659 -16.65 45.97 63.79
CA GLN B 659 -17.28 44.81 64.39
C GLN B 659 -18.45 44.31 63.55
N LEU B 660 -19.13 45.23 62.86
CA LEU B 660 -20.20 44.83 61.96
C LEU B 660 -19.67 43.85 60.91
N GLY B 661 -18.43 44.07 60.44
CA GLY B 661 -17.83 43.13 59.52
C GLY B 661 -17.77 41.73 60.08
N CYS B 662 -17.40 41.61 61.36
CA CYS B 662 -17.41 40.30 62.01
C CYS B 662 -18.79 39.68 61.99
N LEU B 663 -19.84 40.50 62.08
CA LEU B 663 -21.20 39.97 61.97
C LEU B 663 -21.42 39.32 60.61
N VAL B 664 -20.88 39.93 59.55
CA VAL B 664 -20.97 39.34 58.22
C VAL B 664 -20.27 37.99 58.17
N ILE B 665 -19.31 37.76 59.06
CA ILE B 665 -18.65 36.46 59.14
C ILE B 665 -19.67 35.38 59.48
N THR B 666 -20.63 35.70 60.35
CA THR B 666 -21.67 34.74 60.71
C THR B 666 -22.50 34.35 59.49
N GLY B 667 -22.87 35.33 58.66
CA GLY B 667 -23.56 35.05 57.42
C GLY B 667 -24.99 34.56 57.58
N ASN B 668 -25.88 35.43 58.05
CA ASN B 668 -27.28 35.09 58.18
C ASN B 668 -28.13 36.11 57.43
N GLN B 669 -29.34 35.67 57.06
CA GLN B 669 -30.21 36.50 56.23
C GLN B 669 -30.66 37.75 56.97
N TYR B 670 -31.00 37.63 58.25
CA TYR B 670 -31.54 38.76 59.00
C TYR B 670 -30.52 39.89 59.13
N ILE B 671 -29.27 39.54 59.48
CA ILE B 671 -28.22 40.54 59.58
C ILE B 671 -28.00 41.21 58.22
N TYR B 672 -28.01 40.41 57.16
CA TYR B 672 -27.91 40.95 55.81
C TYR B 672 -29.00 41.98 55.54
N GLN B 673 -30.25 41.63 55.83
CA GLN B 673 -31.35 42.55 55.56
C GLN B 673 -31.25 43.82 56.38
N GLU B 674 -30.91 43.69 57.67
CA GLU B 674 -30.82 44.87 58.53
C GLU B 674 -29.68 45.79 58.08
N VAL B 675 -28.51 45.22 57.82
CA VAL B 675 -27.37 46.05 57.42
C VAL B 675 -27.63 46.68 56.06
N TRP B 676 -28.31 45.96 55.17
CA TRP B 676 -28.66 46.54 53.88
C TRP B 676 -29.65 47.69 54.03
N ASN B 677 -30.62 47.55 54.95
CA ASN B 677 -31.56 48.65 55.21
C ASN B 677 -30.83 49.87 55.72
N LEU B 678 -29.93 49.69 56.70
CA LEU B 678 -29.17 50.82 57.21
C LEU B 678 -28.33 51.47 56.12
N PHE B 679 -27.67 50.65 55.29
CA PHE B 679 -26.77 51.20 54.28
C PHE B 679 -27.53 51.90 53.16
N GLN B 680 -28.69 51.36 52.76
CA GLN B 680 -29.48 52.07 51.76
C GLN B 680 -30.06 53.36 52.34
N GLN B 681 -30.41 53.37 53.63
CA GLN B 681 -30.85 54.62 54.25
C GLN B 681 -29.73 55.66 54.23
N ILE B 682 -28.50 55.22 54.55
CA ILE B 682 -27.36 56.14 54.50
C ILE B 682 -27.13 56.63 53.08
N SER B 683 -27.32 55.75 52.09
CA SER B 683 -27.15 56.17 50.70
C SER B 683 -28.20 57.19 50.29
N VAL B 684 -29.45 56.98 50.69
CA VAL B 684 -30.53 57.83 50.20
C VAL B 684 -30.68 59.13 51.00
N LYS B 685 -30.14 59.20 52.23
CA LYS B 685 -30.25 60.45 52.97
C LYS B 685 -29.41 61.55 52.32
N ALA B 686 -28.33 61.18 51.64
CA ALA B 686 -27.49 62.15 50.94
C ALA B 686 -26.77 61.48 49.76
N TYR B 702 -24.62 61.18 59.34
CA TYR B 702 -23.22 61.20 59.74
C TYR B 702 -22.30 61.15 58.52
N ARG B 703 -21.81 62.31 58.09
CA ARG B 703 -20.90 62.35 56.95
C ARG B 703 -19.57 61.68 57.25
N HIS B 704 -19.19 61.56 58.53
CA HIS B 704 -17.92 60.94 58.89
C HIS B 704 -17.90 59.44 58.63
N CYS B 705 -19.04 58.82 58.33
CA CYS B 705 -19.11 57.39 58.10
C CYS B 705 -19.61 57.08 56.69
N SER B 706 -19.17 57.88 55.70
CA SER B 706 -19.44 57.57 54.31
C SER B 706 -18.30 56.75 53.70
N LEU B 707 -17.08 57.29 53.74
CA LEU B 707 -15.93 56.48 53.39
C LEU B 707 -15.83 55.26 54.30
N ALA B 708 -16.32 55.37 55.54
CA ALA B 708 -16.31 54.23 56.45
C ALA B 708 -17.22 53.12 55.94
N VAL B 709 -18.44 53.46 55.51
CA VAL B 709 -19.34 52.41 55.04
C VAL B 709 -18.88 51.86 53.69
N ILE B 710 -18.28 52.69 52.84
CA ILE B 710 -17.78 52.13 51.57
C ILE B 710 -16.59 51.20 51.83
N ASN B 711 -15.75 51.52 52.82
CA ASN B 711 -14.68 50.60 53.19
C ASN B 711 -15.23 49.31 53.79
N ALA B 712 -16.30 49.43 54.58
CA ALA B 712 -16.97 48.24 55.10
C ALA B 712 -17.50 47.38 53.96
N LEU B 713 -18.11 48.00 52.96
CA LEU B 713 -18.56 47.27 51.78
C LEU B 713 -17.40 46.57 51.10
N ALA B 714 -16.28 47.28 50.94
CA ALA B 714 -15.12 46.69 50.27
C ALA B 714 -14.65 45.45 51.01
N ASN B 715 -14.47 45.54 52.34
CA ASN B 715 -13.93 44.40 53.07
C ASN B 715 -14.92 43.24 53.13
N ILE B 716 -16.22 43.54 53.33
CA ILE B 716 -17.19 42.45 53.38
C ILE B 716 -17.25 41.73 52.04
N ALA B 717 -17.28 42.49 50.93
CA ALA B 717 -17.25 41.86 49.63
C ALA B 717 -15.95 41.09 49.41
N ALA B 718 -14.86 41.55 50.03
CA ALA B 718 -13.61 40.80 49.94
C ALA B 718 -13.68 39.48 50.68
N ASN B 719 -14.52 39.38 51.72
CA ASN B 719 -14.58 38.15 52.52
C ASN B 719 -16.00 37.60 52.60
N ILE B 720 -16.67 37.48 51.46
CA ILE B 720 -17.92 36.72 51.35
C ILE B 720 -17.57 35.32 50.82
N GLN B 721 -18.09 34.29 51.49
CA GLN B 721 -17.78 32.91 51.16
C GLN B 721 -19.05 32.06 51.09
N ASP B 722 -20.06 32.55 50.36
CA ASP B 722 -21.29 31.79 50.16
C ASP B 722 -21.90 32.19 48.83
N GLU B 723 -22.10 31.20 47.95
CA GLU B 723 -22.52 31.49 46.57
C GLU B 723 -23.86 32.21 46.52
N HIS B 724 -24.84 31.73 47.29
CA HIS B 724 -26.15 32.36 47.28
C HIS B 724 -26.07 33.81 47.75
N LEU B 725 -25.37 34.04 48.85
CA LEU B 725 -25.18 35.42 49.30
C LEU B 725 -24.30 36.21 48.34
N VAL B 726 -23.37 35.55 47.63
CA VAL B 726 -22.58 36.25 46.62
C VAL B 726 -23.48 36.85 45.54
N ASP B 727 -24.34 36.01 44.96
CA ASP B 727 -25.21 36.50 43.89
C ASP B 727 -26.23 37.49 44.43
N GLU B 728 -26.77 37.23 45.61
CA GLU B 728 -27.72 38.16 46.22
C GLU B 728 -27.09 39.52 46.42
N LEU B 729 -25.89 39.55 46.99
CA LEU B 729 -25.18 40.80 47.22
C LEU B 729 -24.93 41.52 45.91
N LEU B 730 -24.47 40.81 44.88
CA LEU B 730 -24.12 41.50 43.65
C LEU B 730 -25.35 42.13 42.99
N MET B 731 -26.43 41.37 42.82
CA MET B 731 -27.53 41.99 42.08
C MET B 731 -28.28 42.99 42.94
N ASN B 732 -28.33 42.80 44.27
CA ASN B 732 -28.97 43.82 45.11
C ASN B 732 -28.14 45.10 45.15
N LEU B 733 -26.81 44.99 45.14
CA LEU B 733 -25.99 46.19 45.06
C LEU B 733 -26.17 46.90 43.73
N LEU B 734 -26.33 46.14 42.65
CA LEU B 734 -26.63 46.77 41.37
C LEU B 734 -28.00 47.46 41.39
N GLU B 735 -28.98 46.84 42.05
CA GLU B 735 -30.28 47.49 42.23
C GLU B 735 -30.14 48.78 43.04
N LEU B 736 -29.31 48.76 44.08
CA LEU B 736 -29.08 49.97 44.86
C LEU B 736 -28.44 51.06 44.01
N PHE B 737 -27.49 50.67 43.15
CA PHE B 737 -26.86 51.64 42.26
C PHE B 737 -27.91 52.24 41.33
N VAL B 738 -28.80 51.41 40.78
CA VAL B 738 -29.85 51.91 39.90
C VAL B 738 -30.78 52.85 40.65
N GLN B 739 -31.12 52.51 41.89
CA GLN B 739 -31.95 53.37 42.72
C GLN B 739 -31.26 54.70 43.01
N LEU B 740 -29.93 54.71 43.05
CA LEU B 740 -29.17 55.94 43.25
C LEU B 740 -29.18 56.86 42.04
N GLY B 741 -29.93 56.53 40.99
CA GLY B 741 -30.01 57.33 39.79
C GLY B 741 -31.05 58.44 39.81
N LEU B 742 -31.72 58.65 40.95
CA LEU B 742 -32.71 59.70 41.06
C LEU B 742 -32.28 60.75 42.08
N ASN B 766 -17.56 60.18 43.77
CA ASN B 766 -17.65 59.03 44.65
C ASN B 766 -18.41 57.89 44.00
N LEU B 767 -19.06 58.18 42.87
CA LEU B 767 -19.81 57.16 42.15
C LEU B 767 -18.90 56.04 41.67
N GLY B 768 -17.71 56.39 41.18
CA GLY B 768 -16.77 55.39 40.72
C GLY B 768 -16.28 54.49 41.84
N VAL B 769 -16.02 55.07 43.02
CA VAL B 769 -15.52 54.29 44.15
C VAL B 769 -16.43 53.11 44.49
N LEU B 770 -17.65 53.09 43.96
CA LEU B 770 -18.56 51.98 44.19
C LEU B 770 -18.18 50.73 43.39
N ILE B 771 -17.83 50.89 42.12
CA ILE B 771 -17.71 49.73 41.23
C ILE B 771 -16.55 48.79 41.57
N PRO B 772 -15.47 49.21 42.24
CA PRO B 772 -14.47 48.20 42.67
C PRO B 772 -15.06 47.09 43.52
N VAL B 773 -16.02 47.39 44.38
CA VAL B 773 -16.62 46.38 45.25
C VAL B 773 -17.14 45.21 44.42
N ILE B 774 -18.09 45.49 43.53
CA ILE B 774 -18.59 44.45 42.64
C ILE B 774 -17.47 43.88 41.80
N ALA B 775 -16.50 44.72 41.42
CA ALA B 775 -15.36 44.22 40.65
C ALA B 775 -14.63 43.12 41.40
N VAL B 776 -14.53 43.25 42.73
CA VAL B 776 -13.90 42.22 43.54
C VAL B 776 -14.60 40.89 43.35
N LEU B 777 -15.94 40.92 43.25
CA LEU B 777 -16.67 39.69 43.01
C LEU B 777 -16.43 39.16 41.60
N THR B 778 -16.20 40.05 40.63
CA THR B 778 -16.10 39.61 39.24
C THR B 778 -14.93 38.66 39.04
N ARG B 779 -13.80 38.93 39.69
CA ARG B 779 -12.65 38.05 39.57
C ARG B 779 -12.88 36.68 40.21
N ARG B 780 -13.96 36.51 40.98
CA ARG B 780 -14.29 35.20 41.55
C ARG B 780 -15.22 34.42 40.65
N LEU B 781 -16.24 35.07 40.09
CA LEU B 781 -17.19 34.40 39.22
C LEU B 781 -16.65 34.27 37.80
N PRO B 782 -17.00 33.19 37.10
CA PRO B 782 -16.65 33.08 35.68
C PRO B 782 -17.55 33.96 34.84
N PRO B 783 -17.28 34.09 33.54
CA PRO B 783 -18.19 34.85 32.67
C PRO B 783 -19.60 34.27 32.71
N ILE B 784 -20.58 35.17 32.64
CA ILE B 784 -21.99 34.82 32.75
C ILE B 784 -22.60 34.77 31.35
N LYS B 785 -23.24 33.64 31.02
CA LYS B 785 -23.88 33.46 29.73
C LYS B 785 -25.40 33.40 29.81
N GLU B 786 -25.96 32.86 30.89
CA GLU B 786 -27.40 32.75 31.06
C GLU B 786 -27.78 33.26 32.44
N ALA B 787 -28.92 33.93 32.51
CA ALA B 787 -29.36 34.55 33.76
C ALA B 787 -30.84 34.86 33.68
N LYS B 788 -31.43 35.12 34.85
CA LYS B 788 -32.78 35.64 34.90
C LYS B 788 -32.81 37.01 34.24
N PRO B 789 -33.84 37.32 33.44
CA PRO B 789 -33.85 38.60 32.72
C PRO B 789 -33.86 39.83 33.61
N ARG B 790 -34.11 39.69 34.92
CA ARG B 790 -33.92 40.82 35.82
C ARG B 790 -32.46 41.26 35.86
N LEU B 791 -31.54 40.29 35.85
CA LEU B 791 -30.12 40.63 35.85
C LEU B 791 -29.70 41.27 34.53
N GLN B 792 -30.24 40.78 33.41
CA GLN B 792 -30.01 41.45 32.13
C GLN B 792 -30.55 42.87 32.16
N LYS B 793 -31.73 43.05 32.78
CA LYS B 793 -32.32 44.38 32.89
C LYS B 793 -31.41 45.32 33.67
N LEU B 794 -30.95 44.88 34.85
CA LEU B 794 -30.10 45.77 35.65
C LEU B 794 -28.74 45.99 34.99
N PHE B 795 -28.24 45.01 34.23
CA PHE B 795 -26.98 45.23 33.51
C PHE B 795 -27.14 46.28 32.41
N ARG B 796 -28.23 46.21 31.64
CA ARG B 796 -28.44 47.24 30.62
C ARG B 796 -28.72 48.59 31.26
N ASP B 797 -29.35 48.60 32.45
CA ASP B 797 -29.49 49.86 33.19
C ASP B 797 -28.12 50.41 33.60
N PHE B 798 -27.22 49.52 34.04
CA PHE B 798 -25.87 49.96 34.38
C PHE B 798 -25.17 50.57 33.17
N TRP B 799 -25.30 49.93 32.00
CA TRP B 799 -24.62 50.43 30.83
C TRP B 799 -25.23 51.75 30.33
N LEU B 800 -26.55 51.89 30.40
CA LEU B 800 -27.16 53.15 30.00
C LEU B 800 -26.81 54.26 30.99
N TYR B 801 -26.67 53.94 32.27
CA TYR B 801 -26.17 54.91 33.23
C TYR B 801 -24.72 55.30 32.91
N SER B 802 -23.91 54.32 32.52
CA SER B 802 -22.52 54.60 32.20
C SER B 802 -22.41 55.54 31.00
N VAL B 803 -23.22 55.31 29.96
CA VAL B 803 -23.19 56.20 28.80
C VAL B 803 -23.94 57.49 29.04
N LEU B 804 -24.77 57.55 30.10
CA LEU B 804 -25.49 58.78 30.40
C LEU B 804 -24.53 59.90 30.80
N MET B 805 -23.55 59.58 31.63
CA MET B 805 -22.58 60.57 32.10
C MET B 805 -21.18 60.36 31.55
N GLY B 806 -20.90 59.22 30.92
CA GLY B 806 -19.61 59.00 30.30
C GLY B 806 -18.54 58.41 31.19
N PHE B 807 -18.81 57.23 31.77
CA PHE B 807 -17.73 56.48 32.40
C PHE B 807 -16.75 55.92 31.39
N ALA B 808 -17.23 55.59 30.18
CA ALA B 808 -16.39 54.95 29.18
C ALA B 808 -15.27 55.87 28.71
N VAL B 809 -15.57 57.15 28.49
CA VAL B 809 -14.57 58.08 27.98
C VAL B 809 -13.49 58.28 29.02
N GLU B 810 -12.23 58.19 28.59
CA GLU B 810 -11.08 58.23 29.47
C GLU B 810 -10.29 59.50 29.24
N GLY B 811 -10.02 60.24 30.31
CA GLY B 811 -9.26 61.48 30.21
C GLY B 811 -9.33 62.32 31.47
N TRP B 815 -10.93 63.17 36.69
CA TRP B 815 -11.58 62.03 37.31
C TRP B 815 -10.54 61.01 37.79
N PRO B 816 -10.90 60.21 38.78
CA PRO B 816 -9.97 59.17 39.27
C PRO B 816 -9.62 58.19 38.16
N GLU B 817 -8.36 57.72 38.19
CA GLU B 817 -7.83 56.83 37.16
C GLU B 817 -8.00 55.36 37.49
N GLU B 818 -9.02 55.01 38.27
CA GLU B 818 -9.35 53.62 38.55
C GLU B 818 -10.73 53.22 38.06
N TRP B 819 -11.60 54.19 37.73
CA TRP B 819 -12.93 53.87 37.23
C TRP B 819 -12.85 53.13 35.91
N TYR B 820 -11.94 53.55 35.02
CA TYR B 820 -11.78 52.90 33.73
C TYR B 820 -11.33 51.44 33.91
N GLU B 821 -10.39 51.21 34.82
CA GLU B 821 -9.96 49.84 35.09
C GLU B 821 -11.10 49.02 35.68
N GLY B 822 -11.90 49.63 36.57
CA GLY B 822 -13.02 48.92 37.14
C GLY B 822 -14.03 48.49 36.09
N VAL B 823 -14.39 49.41 35.19
CA VAL B 823 -15.34 49.06 34.14
C VAL B 823 -14.74 48.07 33.15
N CYS B 824 -13.43 48.11 32.94
CA CYS B 824 -12.79 47.08 32.12
C CYS B 824 -12.95 45.71 32.77
N GLU B 825 -12.72 45.63 34.08
CA GLU B 825 -12.89 44.36 34.79
C GLU B 825 -14.34 43.90 34.74
N ILE B 826 -15.29 44.83 34.85
CA ILE B 826 -16.70 44.46 34.75
C ILE B 826 -17.00 43.91 33.36
N ALA B 827 -16.54 44.60 32.32
CA ALA B 827 -16.79 44.15 30.95
C ALA B 827 -16.10 42.84 30.63
N THR B 828 -15.04 42.50 31.37
CA THR B 828 -14.39 41.20 31.17
C THR B 828 -15.35 40.05 31.41
N LYS B 829 -16.30 40.21 32.34
CA LYS B 829 -17.24 39.15 32.68
C LYS B 829 -18.69 39.51 32.38
N SER B 830 -18.94 40.65 31.72
CA SER B 830 -20.30 41.08 31.47
C SER B 830 -21.00 40.13 30.48
N PRO B 831 -22.30 39.93 30.65
CA PRO B 831 -23.05 39.08 29.73
C PRO B 831 -23.44 39.85 28.47
N LEU B 832 -24.21 39.18 27.62
CA LEU B 832 -24.63 39.74 26.34
C LEU B 832 -25.91 40.55 26.50
N LEU B 833 -26.03 41.63 25.74
CA LEU B 833 -27.22 42.48 25.77
C LEU B 833 -28.27 41.94 24.80
N THR B 834 -28.77 40.75 25.11
CA THR B 834 -29.75 40.08 24.28
C THR B 834 -31.14 40.62 24.58
N PHE B 835 -32.17 39.97 24.04
CA PHE B 835 -33.54 40.42 24.23
C PHE B 835 -34.49 39.23 24.36
N GLU B 839 -42.41 40.63 20.25
CA GLU B 839 -41.64 41.48 21.13
C GLU B 839 -40.72 42.41 20.33
N PRO B 840 -41.30 43.46 19.75
CA PRO B 840 -40.50 44.37 18.93
C PRO B 840 -39.47 45.13 19.77
N LEU B 841 -38.36 45.49 19.12
CA LEU B 841 -37.32 46.25 19.79
C LEU B 841 -37.78 47.65 20.18
N ARG B 842 -38.81 48.18 19.53
CA ARG B 842 -39.28 49.52 19.85
C ARG B 842 -40.14 49.51 21.11
N SER B 843 -41.09 48.57 21.19
CA SER B 843 -42.00 48.52 22.33
C SER B 843 -41.26 48.13 23.62
N VAL B 844 -40.31 47.22 23.52
CA VAL B 844 -39.58 46.77 24.70
C VAL B 844 -38.80 47.91 25.32
N LEU B 845 -38.13 48.71 24.49
CA LEU B 845 -37.35 49.84 24.99
C LEU B 845 -38.12 51.14 24.80
N THR B 857 -33.92 67.45 24.86
CA THR B 857 -34.03 68.23 23.63
C THR B 857 -33.40 67.48 22.45
N PRO B 858 -33.93 67.70 21.25
CA PRO B 858 -33.39 67.00 20.07
C PRO B 858 -31.96 67.37 19.73
N ALA B 859 -31.43 68.48 20.26
CA ALA B 859 -30.06 68.87 19.95
C ALA B 859 -29.05 67.83 20.43
N GLU B 860 -29.29 67.26 21.62
CA GLU B 860 -28.41 66.20 22.11
C GLU B 860 -28.43 65.00 21.18
N LEU B 861 -29.63 64.62 20.71
CA LEU B 861 -29.72 63.51 19.76
C LEU B 861 -28.97 63.83 18.48
N SER B 862 -29.09 65.06 17.99
CA SER B 862 -28.40 65.44 16.76
C SER B 862 -26.88 65.36 16.93
N GLU B 863 -26.36 65.89 18.05
CA GLU B 863 -24.91 65.88 18.23
C GLU B 863 -24.38 64.47 18.43
N LEU B 864 -25.10 63.64 19.20
CA LEU B 864 -24.64 62.26 19.36
C LEU B 864 -24.69 61.50 18.05
N ARG B 865 -25.72 61.74 17.23
CA ARG B 865 -25.80 61.11 15.91
C ARG B 865 -24.64 61.55 15.02
N SER B 866 -24.28 62.84 15.09
CA SER B 866 -23.13 63.32 14.33
C SER B 866 -21.85 62.63 14.79
N THR B 867 -21.69 62.47 16.11
CA THR B 867 -20.51 61.75 16.61
C THR B 867 -20.49 60.31 16.12
N ILE B 868 -21.65 59.64 16.11
CA ILE B 868 -21.72 58.27 15.63
C ILE B 868 -21.30 58.19 14.17
N ILE B 869 -21.88 59.04 13.33
CA ILE B 869 -21.60 58.97 11.90
C ILE B 869 -20.15 59.37 11.61
N ASN B 870 -19.58 60.24 12.43
CA ASN B 870 -18.18 60.62 12.22
C ASN B 870 -17.23 59.51 12.65
N LEU B 871 -17.50 58.88 13.80
CA LEU B 871 -16.58 57.86 14.30
C LEU B 871 -16.65 56.59 13.46
N LEU B 872 -17.87 56.12 13.15
CA LEU B 872 -18.00 54.88 12.39
C LEU B 872 -17.64 55.09 10.92
N ASP B 873 -17.90 56.26 10.37
CA ASP B 873 -17.68 56.56 8.96
C ASP B 873 -18.32 55.50 8.06
N PRO B 874 -19.65 55.36 8.10
CA PRO B 874 -20.30 54.31 7.34
C PRO B 874 -20.68 54.79 5.95
N PRO B 875 -21.05 53.88 5.04
CA PRO B 875 -21.53 54.29 3.71
C PRO B 875 -22.79 55.13 3.82
N PRO B 876 -23.14 55.87 2.76
CA PRO B 876 -24.24 56.86 2.89
C PRO B 876 -25.59 56.26 3.27
N GLU B 877 -25.93 55.06 2.79
CA GLU B 877 -27.27 54.54 3.03
C GLU B 877 -27.48 54.17 4.49
N VAL B 878 -26.50 53.49 5.09
CA VAL B 878 -26.63 53.14 6.50
C VAL B 878 -26.52 54.40 7.36
N SER B 879 -25.77 55.41 6.90
CA SER B 879 -25.73 56.69 7.60
C SER B 879 -27.11 57.34 7.60
N ALA B 880 -27.80 57.30 6.45
CA ALA B 880 -29.15 57.84 6.39
C ALA B 880 -30.09 57.06 7.29
N LEU B 881 -29.92 55.74 7.36
CA LEU B 881 -30.71 54.93 8.29
C LEU B 881 -30.46 55.37 9.74
N ILE B 882 -29.19 55.62 10.09
CA ILE B 882 -28.85 56.07 11.43
C ILE B 882 -29.49 57.43 11.72
N ASN B 883 -29.49 58.31 10.72
CA ASN B 883 -29.98 59.68 10.91
C ASN B 883 -31.44 59.77 11.31
N LYS B 884 -32.17 58.66 11.34
CA LYS B 884 -33.61 58.70 11.60
C LYS B 884 -33.98 57.81 12.79
N LEU B 885 -33.25 57.93 13.90
CA LEU B 885 -33.51 57.14 15.09
C LEU B 885 -33.74 58.04 16.29
N ASP B 886 -34.29 57.44 17.35
CA ASP B 886 -34.62 58.17 18.57
C ASP B 886 -33.47 58.07 19.56
N PHE B 887 -33.73 58.52 20.80
CA PHE B 887 -32.70 58.51 21.82
C PHE B 887 -32.33 57.08 22.25
N ALA B 888 -33.34 56.27 22.56
CA ALA B 888 -33.10 54.98 23.19
C ALA B 888 -32.29 54.05 22.27
N MET B 889 -32.65 53.99 20.99
CA MET B 889 -31.94 53.10 20.07
C MET B 889 -30.48 53.50 19.92
N SER B 890 -30.22 54.81 19.80
CA SER B 890 -28.85 55.28 19.68
C SER B 890 -28.05 54.98 20.95
N THR B 891 -28.65 55.19 22.13
CA THR B 891 -27.97 54.87 23.37
C THR B 891 -27.65 53.38 23.46
N TYR B 892 -28.60 52.53 23.08
CA TYR B 892 -28.36 51.09 23.11
C TYR B 892 -27.24 50.71 22.15
N LEU B 893 -27.23 51.29 20.96
CA LEU B 893 -26.17 51.01 20.00
C LEU B 893 -24.81 51.41 20.54
N LEU B 894 -24.73 52.60 21.15
CA LEU B 894 -23.47 53.06 21.72
C LEU B 894 -23.01 52.14 22.85
N SER B 895 -23.93 51.72 23.72
CA SER B 895 -23.55 50.82 24.80
C SER B 895 -23.04 49.48 24.26
N VAL B 896 -23.70 48.95 23.23
CA VAL B 896 -23.26 47.70 22.62
C VAL B 896 -21.87 47.86 22.05
N TYR B 897 -21.63 48.96 21.32
CA TYR B 897 -20.31 49.19 20.75
C TYR B 897 -19.24 49.27 21.83
N ARG B 898 -19.50 50.05 22.88
CA ARG B 898 -18.50 50.21 23.93
C ARG B 898 -18.21 48.87 24.60
N LEU B 899 -19.25 48.13 24.97
CA LEU B 899 -19.06 46.87 25.68
C LEU B 899 -18.29 45.86 24.82
N GLU B 900 -18.72 45.69 23.57
CA GLU B 900 -18.07 44.69 22.72
C GLU B 900 -16.64 45.08 22.40
N TYR B 901 -16.39 46.36 22.11
CA TYR B 901 -15.03 46.81 21.85
C TYR B 901 -14.13 46.56 23.05
N MET B 902 -14.59 46.93 24.25
CA MET B 902 -13.79 46.74 25.45
C MET B 902 -13.51 45.26 25.69
N ARG B 903 -14.54 44.42 25.55
CA ARG B 903 -14.37 42.99 25.79
C ARG B 903 -13.37 42.38 24.81
N VAL B 904 -13.54 42.68 23.52
CA VAL B 904 -12.65 42.08 22.53
C VAL B 904 -11.23 42.61 22.67
N LEU B 905 -11.08 43.83 23.20
CA LEU B 905 -9.74 44.38 23.35
C LEU B 905 -9.00 43.81 24.56
N ARG B 906 -9.71 43.63 25.68
CA ARG B 906 -9.02 43.36 26.95
C ARG B 906 -9.31 41.99 27.55
N SER B 907 -10.02 41.11 26.86
CA SER B 907 -10.31 39.79 27.42
C SER B 907 -9.21 38.80 27.04
N THR B 908 -9.38 37.55 27.48
CA THR B 908 -8.46 36.46 27.18
C THR B 908 -9.19 35.23 26.66
N ASP B 909 -10.45 35.38 26.26
CA ASP B 909 -11.22 34.25 25.76
C ASP B 909 -10.86 33.97 24.30
N PRO B 910 -10.53 32.73 23.94
CA PRO B 910 -10.15 32.43 22.55
C PRO B 910 -11.34 32.43 21.59
N ASP B 911 -12.51 32.83 22.07
CA ASP B 911 -13.72 32.92 21.26
C ASP B 911 -14.05 34.37 20.92
N ARG B 912 -13.02 35.15 20.58
CA ARG B 912 -13.14 36.61 20.55
C ARG B 912 -14.26 37.08 19.63
N PHE B 913 -14.13 36.83 18.33
CA PHE B 913 -15.12 37.35 17.38
C PHE B 913 -16.26 36.37 17.10
N GLN B 914 -16.20 35.16 17.66
CA GLN B 914 -17.25 34.17 17.43
C GLN B 914 -18.38 34.25 18.44
N VAL B 915 -18.25 35.05 19.49
CA VAL B 915 -19.35 35.26 20.42
C VAL B 915 -20.23 36.42 19.95
N MET B 916 -19.65 37.36 19.21
CA MET B 916 -20.40 38.49 18.68
C MET B 916 -21.28 38.09 17.50
N PHE B 917 -20.99 36.95 16.87
CA PHE B 917 -21.85 36.44 15.80
C PHE B 917 -23.27 36.17 16.29
N CYS B 918 -23.43 35.89 17.59
CA CYS B 918 -24.76 35.61 18.13
C CYS B 918 -25.71 36.79 18.01
N TYR B 919 -25.18 38.01 17.86
CA TYR B 919 -26.04 39.17 17.69
C TYR B 919 -26.76 39.14 16.34
N PHE B 920 -26.12 38.54 15.31
CA PHE B 920 -26.81 38.35 14.05
C PHE B 920 -28.00 37.41 14.20
N GLU B 921 -27.84 36.35 14.98
CA GLU B 921 -28.88 35.34 15.20
C GLU B 921 -30.02 35.83 16.08
N ASP B 922 -30.06 37.11 16.46
CA ASP B 922 -31.16 37.61 17.26
C ASP B 922 -32.43 37.69 16.43
N LYS B 923 -33.47 36.99 16.89
CA LYS B 923 -34.74 37.00 16.16
C LYS B 923 -35.40 38.36 16.20
N ALA B 924 -35.26 39.08 17.31
CA ALA B 924 -35.90 40.39 17.45
C ALA B 924 -35.39 41.37 16.40
N ILE B 925 -34.07 41.42 16.20
CA ILE B 925 -33.50 42.27 15.18
C ILE B 925 -33.75 41.72 13.78
N GLN B 926 -34.14 40.45 13.67
CA GLN B 926 -34.55 39.90 12.38
C GLN B 926 -35.99 40.25 12.03
N LYS B 927 -36.72 40.91 12.94
CA LYS B 927 -38.10 41.28 12.71
C LYS B 927 -38.35 42.78 12.80
N ASP B 928 -37.37 43.57 13.23
CA ASP B 928 -37.55 45.00 13.37
C ASP B 928 -37.15 45.72 12.07
N LYS B 929 -37.07 47.04 12.12
CA LYS B 929 -36.71 47.82 10.94
C LYS B 929 -36.06 49.14 11.32
N MET B 933 -29.76 44.63 9.81
CA MET B 933 -28.56 44.33 10.57
C MET B 933 -27.50 45.37 10.26
N GLN B 934 -27.89 46.38 9.47
CA GLN B 934 -26.94 47.34 8.91
C GLN B 934 -26.07 47.98 10.00
N CYS B 935 -26.69 48.42 11.09
CA CYS B 935 -25.93 48.97 12.19
C CYS B 935 -25.02 47.91 12.80
N VAL B 936 -25.51 46.69 12.92
CA VAL B 936 -24.71 45.62 13.54
C VAL B 936 -23.51 45.28 12.69
N ILE B 937 -23.67 45.17 11.37
CA ILE B 937 -22.53 44.87 10.51
C ILE B 937 -21.57 46.05 10.46
N ALA B 938 -22.10 47.28 10.49
CA ALA B 938 -21.25 48.46 10.52
C ALA B 938 -20.38 48.49 11.76
N VAL B 939 -20.95 48.15 12.92
CA VAL B 939 -20.16 48.07 14.14
C VAL B 939 -19.29 46.81 14.16
N ALA B 940 -19.64 45.80 13.36
CA ALA B 940 -18.88 44.56 13.33
C ALA B 940 -17.56 44.74 12.58
N ASP B 941 -17.59 45.53 11.51
CA ASP B 941 -16.37 45.70 10.70
C ASP B 941 -15.23 46.28 11.54
N LYS B 942 -15.52 47.31 12.34
CA LYS B 942 -14.48 47.94 13.15
C LYS B 942 -13.94 46.98 14.21
N VAL B 943 -14.82 46.21 14.85
CA VAL B 943 -14.38 45.26 15.87
C VAL B 943 -13.47 44.20 15.24
N PHE B 944 -13.86 43.68 14.08
CA PHE B 944 -13.03 42.68 13.42
C PHE B 944 -11.67 43.26 13.05
N ASP B 945 -11.66 44.49 12.52
CA ASP B 945 -10.40 45.12 12.16
C ASP B 945 -9.51 45.32 13.39
N ALA B 946 -10.11 45.75 14.51
CA ALA B 946 -9.33 45.93 15.73
C ALA B 946 -8.74 44.62 16.22
N PHE B 947 -9.54 43.54 16.19
CA PHE B 947 -9.03 42.24 16.61
C PHE B 947 -7.88 41.78 15.73
N LEU B 948 -8.03 41.94 14.41
CA LEU B 948 -6.96 41.54 13.49
C LEU B 948 -5.70 42.37 13.74
N ASN B 949 -5.85 43.67 13.96
CA ASN B 949 -4.69 44.52 14.23
C ASN B 949 -3.99 44.10 15.52
N MET B 950 -4.78 43.78 16.55
CA MET B 950 -4.19 43.33 17.80
C MET B 950 -3.43 42.02 17.62
N MET B 951 -4.01 41.08 16.87
CA MET B 951 -3.39 39.77 16.69
C MET B 951 -2.19 39.79 15.74
N ALA B 952 -2.10 40.80 14.86
CA ALA B 952 -1.04 40.81 13.86
C ALA B 952 0.36 40.89 14.45
N ASP B 953 0.49 41.35 15.69
CA ASP B 953 1.81 41.54 16.30
C ASP B 953 1.83 40.96 17.71
N LYS B 954 1.31 39.74 17.86
CA LYS B 954 1.30 39.11 19.18
C LYS B 954 2.65 38.50 19.52
N ALA B 955 3.06 37.49 18.77
CA ALA B 955 4.31 36.78 18.98
C ALA B 955 4.52 35.84 17.78
N LYS B 956 5.53 34.99 17.87
CA LYS B 956 5.77 33.95 16.88
C LYS B 956 5.88 32.59 17.57
N THR B 957 5.04 32.37 18.58
CA THR B 957 5.01 31.10 19.30
C THR B 957 4.19 30.09 18.49
N LYS B 958 3.84 28.96 19.12
CA LYS B 958 3.13 27.90 18.43
C LYS B 958 1.61 28.04 18.55
N GLU B 959 1.11 28.41 19.73
CA GLU B 959 -0.33 28.36 19.99
C GLU B 959 -1.13 29.27 19.07
N ASN B 960 -0.56 30.41 18.68
CA ASN B 960 -1.26 31.32 17.79
C ASN B 960 -1.60 30.65 16.46
N GLU B 961 -0.79 29.68 16.04
CA GLU B 961 -1.05 29.00 14.78
C GLU B 961 -2.35 28.21 14.82
N GLU B 962 -2.55 27.39 15.86
CA GLU B 962 -3.82 26.68 15.96
C GLU B 962 -4.98 27.61 16.28
N GLU B 963 -4.72 28.72 16.97
CA GLU B 963 -5.79 29.70 17.17
C GLU B 963 -6.27 30.25 15.83
N LEU B 964 -5.33 30.63 14.97
CA LEU B 964 -5.68 31.12 13.64
C LEU B 964 -6.36 30.04 12.81
N GLU B 965 -5.90 28.79 12.93
CA GLU B 965 -6.52 27.70 12.19
C GLU B 965 -7.95 27.48 12.62
N ARG B 966 -8.22 27.52 13.93
CA ARG B 966 -9.58 27.39 14.41
C ARG B 966 -10.46 28.52 13.92
N HIS B 967 -9.94 29.76 13.95
CA HIS B 967 -10.71 30.89 13.45
C HIS B 967 -11.02 30.72 11.97
N ALA B 968 -10.04 30.27 11.18
CA ALA B 968 -10.25 30.06 9.76
C ALA B 968 -11.29 28.97 9.51
N GLN B 969 -11.24 27.89 10.29
CA GLN B 969 -12.24 26.83 10.14
C GLN B 969 -13.63 27.34 10.45
N PHE B 970 -13.77 28.12 11.53
CA PHE B 970 -15.09 28.66 11.87
C PHE B 970 -15.59 29.58 10.77
N LEU B 971 -14.71 30.40 10.20
CA LEU B 971 -15.11 31.26 9.09
C LEU B 971 -15.51 30.44 7.88
N LEU B 972 -14.81 29.35 7.60
CA LEU B 972 -15.12 28.51 6.45
C LEU B 972 -16.49 27.84 6.61
N VAL B 973 -16.82 27.41 7.83
CA VAL B 973 -18.07 26.67 8.04
C VAL B 973 -19.27 27.54 7.69
N ASN B 974 -19.27 28.79 8.15
CA ASN B 974 -20.40 29.69 7.95
C ASN B 974 -20.36 30.42 6.62
N PHE B 975 -19.56 29.95 5.66
CA PHE B 975 -19.49 30.61 4.36
C PHE B 975 -20.77 30.44 3.56
N ASN B 976 -21.64 29.51 3.93
CA ASN B 976 -22.83 29.18 3.18
C ASN B 976 -24.06 29.13 4.09
N HIS B 977 -24.22 30.17 4.91
CA HIS B 977 -25.36 30.22 5.81
C HIS B 977 -26.66 30.45 5.03
N ILE B 978 -27.77 30.17 5.71
CA ILE B 978 -29.08 30.27 5.05
C ILE B 978 -29.42 31.71 4.71
N HIS B 979 -28.90 32.67 5.47
CA HIS B 979 -29.13 34.08 5.16
C HIS B 979 -28.26 34.51 4.00
N LYS B 980 -28.48 35.74 3.53
CA LYS B 980 -27.74 36.29 2.41
C LYS B 980 -26.57 37.17 2.84
N ARG B 981 -26.83 38.16 3.69
CA ARG B 981 -25.78 39.08 4.10
C ARG B 981 -24.74 38.42 4.98
N ILE B 982 -25.16 37.39 5.74
CA ILE B 982 -24.24 36.71 6.66
C ILE B 982 -23.10 36.06 5.89
N ARG B 983 -23.43 35.33 4.82
CA ARG B 983 -22.38 34.67 4.05
C ARG B 983 -21.53 35.68 3.27
N ARG B 984 -22.11 36.80 2.89
CA ARG B 984 -21.33 37.85 2.22
C ARG B 984 -20.29 38.43 3.17
N VAL B 985 -20.70 38.76 4.40
CA VAL B 985 -19.73 39.30 5.35
C VAL B 985 -18.72 38.22 5.75
N ALA B 986 -19.15 36.95 5.79
CA ALA B 986 -18.21 35.87 6.06
C ALA B 986 -17.16 35.77 4.95
N ASP B 987 -17.59 35.91 3.69
CA ASP B 987 -16.64 35.88 2.59
C ASP B 987 -15.67 37.05 2.67
N LYS B 988 -16.17 38.24 3.01
CA LYS B 988 -15.29 39.39 3.17
C LYS B 988 -14.25 39.15 4.27
N TYR B 989 -14.69 38.63 5.41
CA TYR B 989 -13.78 38.37 6.51
C TYR B 989 -12.75 37.30 6.13
N LEU B 990 -13.19 36.26 5.43
CA LEU B 990 -12.26 35.22 4.99
C LEU B 990 -11.23 35.78 4.02
N SER B 991 -11.66 36.63 3.09
CA SER B 991 -10.70 37.24 2.17
C SER B 991 -9.69 38.09 2.92
N GLY B 992 -10.15 38.89 3.88
CA GLY B 992 -9.22 39.70 4.65
C GLY B 992 -8.23 38.87 5.44
N LEU B 993 -8.72 37.82 6.11
CA LEU B 993 -7.84 36.96 6.89
C LEU B 993 -6.83 36.25 6.00
N VAL B 994 -7.26 35.81 4.82
CA VAL B 994 -6.37 35.04 3.96
C VAL B 994 -5.36 35.94 3.25
N ASP B 995 -5.68 37.20 3.02
CA ASP B 995 -4.70 38.11 2.43
C ASP B 995 -3.88 38.84 3.48
N LYS B 996 -4.19 38.66 4.77
CA LYS B 996 -3.32 39.17 5.83
C LYS B 996 -2.23 38.18 6.21
N PHE B 997 -2.57 36.90 6.37
CA PHE B 997 -1.62 35.86 6.77
C PHE B 997 -1.53 34.84 5.64
N PRO B 998 -0.58 35.01 4.71
CA PRO B 998 -0.52 34.10 3.55
C PRO B 998 -0.19 32.66 3.89
N HIS B 999 0.41 32.39 5.04
CA HIS B 999 0.86 31.03 5.34
C HIS B 999 -0.29 30.08 5.63
N LEU B 1000 -1.52 30.57 5.77
CA LEU B 1000 -2.65 29.70 6.04
C LEU B 1000 -3.01 28.82 4.84
N LEU B 1001 -2.48 29.13 3.65
CA LEU B 1001 -2.83 28.37 2.47
C LEU B 1001 -2.32 26.94 2.56
N TRP B 1002 -1.04 26.76 2.88
CA TRP B 1002 -0.43 25.44 2.94
C TRP B 1002 -0.57 24.79 4.31
N SER B 1003 -1.54 25.23 5.12
CA SER B 1003 -1.79 24.58 6.40
C SER B 1003 -2.35 23.19 6.18
N GLY B 1004 -1.91 22.26 7.03
CA GLY B 1004 -2.33 20.87 6.90
C GLY B 1004 -3.66 20.53 7.51
N THR B 1005 -4.36 21.51 8.07
CA THR B 1005 -5.63 21.28 8.74
C THR B 1005 -6.82 21.92 8.04
N VAL B 1006 -6.61 23.07 7.38
CA VAL B 1006 -7.71 23.74 6.68
C VAL B 1006 -8.19 22.91 5.51
N LEU B 1007 -7.26 22.32 4.75
CA LEU B 1007 -7.62 21.61 3.52
C LEU B 1007 -8.53 20.42 3.81
N LYS B 1008 -8.22 19.66 4.87
CA LYS B 1008 -9.07 18.53 5.22
C LYS B 1008 -10.48 18.99 5.54
N THR B 1009 -10.62 20.06 6.32
CA THR B 1009 -11.94 20.56 6.67
C THR B 1009 -12.72 21.01 5.44
N MET B 1010 -12.06 21.74 4.54
CA MET B 1010 -12.76 22.22 3.34
C MET B 1010 -13.17 21.05 2.45
N LEU B 1011 -12.31 20.03 2.32
CA LEU B 1011 -12.66 18.88 1.50
C LEU B 1011 -13.83 18.10 2.09
N ASP B 1012 -13.82 17.92 3.42
CA ASP B 1012 -14.94 17.23 4.07
C ASP B 1012 -16.23 18.01 3.91
N ILE B 1013 -16.18 19.34 4.04
CA ILE B 1013 -17.37 20.16 3.87
C ILE B 1013 -17.90 20.03 2.44
N LEU B 1014 -17.01 20.08 1.45
CA LEU B 1014 -17.43 19.92 0.07
C LEU B 1014 -18.05 18.55 -0.17
N GLN B 1015 -17.45 17.50 0.41
CA GLN B 1015 -17.99 16.16 0.22
C GLN B 1015 -19.38 16.03 0.85
N THR B 1016 -19.58 16.61 2.03
CA THR B 1016 -20.89 16.58 2.66
C THR B 1016 -21.91 17.33 1.83
N LEU B 1017 -21.53 18.51 1.30
CA LEU B 1017 -22.45 19.26 0.45
C LEU B 1017 -22.82 18.46 -0.80
N SER B 1018 -21.85 17.79 -1.41
CA SER B 1018 -22.14 16.97 -2.59
C SER B 1018 -23.06 15.81 -2.23
N LEU B 1019 -22.82 15.16 -1.09
CA LEU B 1019 -23.67 14.05 -0.66
C LEU B 1019 -25.10 14.52 -0.40
N SER B 1020 -25.26 15.77 0.06
CA SER B 1020 -26.59 16.29 0.34
C SER B 1020 -27.42 16.55 -0.92
N LEU B 1021 -26.81 16.44 -2.11
CA LEU B 1021 -27.51 16.83 -3.33
C LEU B 1021 -28.70 15.92 -3.61
N SER B 1022 -28.46 14.63 -3.81
CA SER B 1022 -29.49 13.68 -4.20
C SER B 1022 -29.83 12.81 -2.99
N ALA B 1023 -30.79 13.28 -2.19
CA ALA B 1023 -31.18 12.58 -0.98
C ALA B 1023 -32.70 12.60 -0.81
N ASP B 1024 -33.44 12.38 -1.90
CA ASP B 1024 -34.90 12.27 -1.85
C ASP B 1024 -35.52 13.54 -1.25
N ILE B 1025 -35.43 14.62 -2.03
CA ILE B 1025 -35.67 16.00 -1.62
C ILE B 1025 -36.80 16.15 -0.61
N HIS B 1026 -37.92 15.46 -0.84
CA HIS B 1026 -39.08 15.62 0.03
C HIS B 1026 -38.94 14.92 1.37
N LYS B 1027 -37.82 14.25 1.64
CA LYS B 1027 -37.62 13.64 2.94
C LYS B 1027 -37.27 14.69 3.99
N ASP B 1028 -37.19 14.24 5.24
CA ASP B 1028 -37.05 15.12 6.39
C ASP B 1028 -35.59 15.14 6.86
N GLN B 1029 -35.36 15.80 8.00
CA GLN B 1029 -34.06 15.97 8.62
C GLN B 1029 -33.06 16.58 7.63
N PRO B 1030 -33.20 17.86 7.30
CA PRO B 1030 -32.25 18.50 6.38
C PRO B 1030 -30.93 18.88 7.03
N TYR B 1031 -30.76 18.62 8.32
CA TYR B 1031 -29.51 18.93 9.00
C TYR B 1031 -28.41 17.94 8.60
N TYR B 1032 -27.17 18.32 8.90
CA TYR B 1032 -26.02 17.47 8.64
C TYR B 1032 -24.97 17.73 9.72
N ASP B 1033 -23.82 17.08 9.58
CA ASP B 1033 -22.74 17.25 10.54
C ASP B 1033 -21.42 16.93 9.87
N ILE B 1034 -20.36 17.52 10.39
CA ILE B 1034 -19.01 17.41 9.83
C ILE B 1034 -18.16 16.58 10.80
N PRO B 1035 -17.49 15.52 10.33
CA PRO B 1035 -16.64 14.74 11.23
C PRO B 1035 -15.43 15.54 11.69
N ASP B 1036 -14.92 15.17 12.85
CA ASP B 1036 -13.71 15.75 13.45
C ASP B 1036 -13.86 17.24 13.76
N ALA B 1037 -15.09 17.71 13.87
CA ALA B 1037 -15.35 19.11 14.21
C ALA B 1037 -16.80 19.27 14.67
N PRO B 1038 -17.05 19.90 15.81
CA PRO B 1038 -18.43 20.08 16.25
C PRO B 1038 -19.14 21.19 15.49
N TYR B 1039 -19.99 20.80 14.54
CA TYR B 1039 -20.67 21.75 13.66
C TYR B 1039 -21.84 21.03 13.01
N ARG B 1040 -22.70 21.80 12.35
CA ARG B 1040 -23.82 21.25 11.60
C ARG B 1040 -24.15 22.16 10.43
N ILE B 1041 -24.80 21.59 9.43
CA ILE B 1041 -25.10 22.28 8.18
C ILE B 1041 -26.57 22.11 7.85
N THR B 1042 -27.23 23.21 7.49
CA THR B 1042 -28.61 23.20 7.03
C THR B 1042 -28.66 23.62 5.57
N VAL B 1043 -29.65 23.08 4.85
CA VAL B 1043 -29.76 23.29 3.41
C VAL B 1043 -31.17 23.74 3.05
N PRO B 1044 -31.36 24.45 1.93
CA PRO B 1044 -32.71 24.80 1.50
C PRO B 1044 -33.49 23.60 0.98
N ASP B 1045 -34.71 23.84 0.49
CA ASP B 1045 -35.58 22.74 0.08
C ASP B 1045 -35.41 22.39 -1.40
N THR B 1046 -35.59 23.37 -2.28
CA THR B 1046 -35.63 23.10 -3.72
C THR B 1046 -34.27 22.60 -4.22
N TYR B 1047 -34.32 21.75 -5.25
CA TYR B 1047 -33.11 21.16 -5.81
C TYR B 1047 -32.21 22.21 -6.43
N GLU B 1048 -32.79 23.16 -7.17
CA GLU B 1048 -31.98 24.14 -7.88
C GLU B 1048 -31.18 25.03 -6.93
N ALA B 1049 -31.75 25.36 -5.76
CA ALA B 1049 -30.99 26.13 -4.77
C ALA B 1049 -29.78 25.35 -4.28
N ARG B 1050 -29.95 24.06 -3.98
CA ARG B 1050 -28.84 23.25 -3.53
C ARG B 1050 -27.77 23.13 -4.60
N GLU B 1051 -28.18 22.94 -5.85
CA GLU B 1051 -27.21 22.86 -6.94
C GLU B 1051 -26.47 24.19 -7.08
N SER B 1052 -27.18 25.30 -6.97
CA SER B 1052 -26.54 26.61 -7.07
C SER B 1052 -25.51 26.81 -5.96
N ILE B 1053 -25.86 26.45 -4.73
CA ILE B 1053 -24.94 26.70 -3.63
C ILE B 1053 -23.71 25.79 -3.73
N VAL B 1054 -23.89 24.53 -4.14
CA VAL B 1054 -22.72 23.66 -4.25
C VAL B 1054 -21.83 24.10 -5.40
N LYS B 1055 -22.42 24.51 -6.52
CA LYS B 1055 -21.63 25.00 -7.64
C LYS B 1055 -20.87 26.27 -7.27
N ASP B 1056 -21.52 27.16 -6.51
CA ASP B 1056 -20.85 28.38 -6.07
C ASP B 1056 -19.70 28.06 -5.12
N PHE B 1057 -19.90 27.10 -4.21
CA PHE B 1057 -18.85 26.77 -3.24
C PHE B 1057 -17.67 26.06 -3.91
N ALA B 1058 -17.93 25.33 -5.00
CA ALA B 1058 -16.86 24.55 -5.62
C ALA B 1058 -15.75 25.43 -6.20
N ALA B 1059 -16.02 26.71 -6.44
CA ALA B 1059 -15.03 27.58 -7.10
C ALA B 1059 -13.90 27.97 -6.15
N ARG B 1060 -14.23 28.31 -4.91
CA ARG B 1060 -13.22 28.79 -3.96
C ARG B 1060 -12.17 27.73 -3.66
N CYS B 1061 -12.60 26.47 -3.56
CA CYS B 1061 -11.66 25.39 -3.28
C CYS B 1061 -10.60 25.31 -4.37
N GLY B 1062 -11.03 25.30 -5.63
CA GLY B 1062 -10.06 25.26 -6.73
C GLY B 1062 -9.20 26.50 -6.78
N MET B 1063 -9.79 27.67 -6.52
CA MET B 1063 -9.02 28.91 -6.54
C MET B 1063 -7.89 28.87 -5.53
N ILE B 1064 -8.21 28.52 -4.28
CA ILE B 1064 -7.16 28.51 -3.26
C ILE B 1064 -6.21 27.35 -3.46
N LEU B 1065 -6.67 26.23 -4.05
CA LEU B 1065 -5.75 25.14 -4.34
C LEU B 1065 -4.71 25.55 -5.38
N GLN B 1066 -5.14 26.22 -6.45
CA GLN B 1066 -4.18 26.70 -7.44
C GLN B 1066 -3.28 27.78 -6.86
N GLU B 1067 -3.82 28.64 -5.99
CA GLU B 1067 -2.99 29.64 -5.33
C GLU B 1067 -1.91 28.99 -4.47
N ALA B 1068 -2.27 27.96 -3.72
CA ALA B 1068 -1.30 27.27 -2.87
C ALA B 1068 -0.25 26.53 -3.71
N MET B 1069 -0.68 25.88 -4.79
CA MET B 1069 0.27 25.19 -5.65
C MET B 1069 1.17 26.15 -6.41
N LYS B 1070 0.76 27.40 -6.56
CA LYS B 1070 1.61 28.38 -7.22
C LYS B 1070 2.86 28.68 -6.40
N TRP B 1071 2.76 28.70 -5.07
CA TRP B 1071 3.86 29.13 -4.23
C TRP B 1071 4.73 27.96 -3.78
N ALA B 1072 4.16 27.01 -3.03
CA ALA B 1072 4.92 25.92 -2.42
C ALA B 1072 4.31 24.59 -2.84
N PRO B 1073 4.78 23.99 -3.93
CA PRO B 1073 4.14 22.77 -4.43
C PRO B 1073 4.42 21.53 -3.61
N THR B 1074 5.65 21.38 -3.10
CA THR B 1074 6.04 20.11 -2.48
C THR B 1074 5.23 19.83 -1.22
N VAL B 1075 5.09 20.83 -0.35
CA VAL B 1075 4.41 20.60 0.91
C VAL B 1075 2.93 20.28 0.70
N THR B 1076 2.26 21.02 -0.19
CA THR B 1076 0.85 20.74 -0.44
C THR B 1076 0.66 19.42 -1.16
N LYS B 1077 1.59 19.05 -2.05
CA LYS B 1077 1.51 17.73 -2.68
C LYS B 1077 1.63 16.62 -1.63
N SER B 1078 2.57 16.78 -0.69
CA SER B 1078 2.71 15.77 0.35
C SER B 1078 1.48 15.71 1.25
N HIS B 1079 0.89 16.88 1.54
CA HIS B 1079 -0.33 16.90 2.34
C HIS B 1079 -1.48 16.20 1.62
N LEU B 1080 -1.61 16.44 0.31
CA LEU B 1080 -2.65 15.77 -0.46
C LEU B 1080 -2.43 14.26 -0.48
N GLN B 1081 -1.18 13.83 -0.65
CA GLN B 1081 -0.89 12.39 -0.64
C GLN B 1081 -1.22 11.79 0.72
N GLU B 1082 -0.90 12.49 1.80
CA GLU B 1082 -1.24 11.98 3.13
C GLU B 1082 -2.74 11.88 3.33
N TYR B 1083 -3.49 12.88 2.86
CA TYR B 1083 -4.94 12.82 2.99
C TYR B 1083 -5.54 11.73 2.12
N LEU B 1084 -4.90 11.41 1.00
CA LEU B 1084 -5.44 10.41 0.08
C LEU B 1084 -5.47 9.03 0.73
N ASN B 1085 -4.50 8.72 1.58
CA ASN B 1085 -4.38 7.39 2.18
C ASN B 1085 -5.23 7.21 3.43
N LYS B 1086 -6.27 8.02 3.62
CA LYS B 1086 -7.14 7.85 4.77
C LYS B 1086 -7.81 6.48 4.74
N HIS B 1087 -7.80 5.81 5.88
CA HIS B 1087 -8.24 4.41 5.92
C HIS B 1087 -9.76 4.28 5.81
N GLN B 1088 -10.51 5.23 6.36
CA GLN B 1088 -11.96 5.12 6.39
C GLN B 1088 -12.63 5.49 5.07
N ASN B 1089 -11.93 6.19 4.18
CA ASN B 1089 -12.53 6.60 2.91
C ASN B 1089 -12.49 5.52 1.85
N TRP B 1090 -11.70 4.45 2.04
CA TRP B 1090 -11.60 3.42 1.01
C TRP B 1090 -12.92 2.68 0.81
N VAL B 1091 -13.60 2.33 1.90
CA VAL B 1091 -14.84 1.56 1.79
C VAL B 1091 -15.90 2.37 1.04
N SER B 1092 -16.03 3.64 1.38
CA SER B 1092 -16.95 4.52 0.65
C SER B 1092 -16.40 4.96 -0.69
N GLY B 1093 -15.15 4.64 -1.01
CA GLY B 1093 -14.58 5.00 -2.30
C GLY B 1093 -15.29 4.36 -3.47
N LEU B 1094 -15.93 3.21 -3.27
CA LEU B 1094 -16.75 2.63 -4.32
C LEU B 1094 -18.03 3.41 -4.56
N SER B 1095 -18.39 4.30 -3.63
CA SER B 1095 -19.42 5.31 -3.88
C SER B 1095 -18.74 6.52 -4.53
N GLN B 1096 -19.44 7.65 -4.58
CA GLN B 1096 -18.90 8.81 -5.30
C GLN B 1096 -17.71 9.41 -4.56
N HIS B 1097 -17.94 9.93 -3.35
CA HIS B 1097 -16.90 10.54 -2.53
C HIS B 1097 -16.13 11.61 -3.31
N THR B 1098 -16.86 12.69 -3.61
CA THR B 1098 -16.38 13.72 -4.53
C THR B 1098 -15.07 14.36 -4.07
N GLY B 1099 -14.73 14.28 -2.78
CA GLY B 1099 -13.50 14.89 -2.32
C GLY B 1099 -12.26 14.29 -2.96
N LEU B 1100 -12.21 12.95 -3.04
CA LEU B 1100 -11.07 12.29 -3.66
C LEU B 1100 -10.94 12.67 -5.13
N ALA B 1101 -12.07 12.71 -5.85
CA ALA B 1101 -12.05 13.11 -7.24
C ALA B 1101 -11.56 14.54 -7.40
N MET B 1102 -12.01 15.44 -6.51
CA MET B 1102 -11.55 16.82 -6.55
C MET B 1102 -10.04 16.89 -6.36
N ALA B 1103 -9.53 16.13 -5.40
CA ALA B 1103 -8.09 16.13 -5.14
C ALA B 1103 -7.31 15.64 -6.35
N THR B 1104 -7.70 14.49 -6.91
CA THR B 1104 -6.91 13.93 -8.01
C THR B 1104 -7.04 14.78 -9.26
N GLU B 1105 -8.18 15.44 -9.47
CA GLU B 1105 -8.29 16.39 -10.57
C GLU B 1105 -7.40 17.59 -10.35
N SER B 1106 -7.33 18.09 -9.11
CA SER B 1106 -6.52 19.26 -8.81
C SER B 1106 -5.04 19.00 -9.02
N ILE B 1107 -4.55 17.84 -8.57
CA ILE B 1107 -3.11 17.58 -8.69
C ILE B 1107 -2.72 17.41 -10.15
N LEU B 1108 -3.53 16.72 -10.94
CA LEU B 1108 -3.20 16.43 -12.33
C LEU B 1108 -3.48 17.59 -13.28
N HIS B 1109 -4.10 18.67 -12.81
CA HIS B 1109 -4.41 19.80 -13.67
C HIS B 1109 -3.54 21.01 -13.32
N ASP B 1135 5.27 15.08 -15.67
CA ASP B 1135 6.00 14.72 -14.46
C ASP B 1135 5.06 14.28 -13.35
N TYR B 1136 4.47 13.11 -13.51
CA TYR B 1136 3.53 12.56 -12.54
C TYR B 1136 4.03 11.27 -11.89
N SER B 1137 5.19 10.75 -12.30
CA SER B 1137 5.65 9.47 -11.79
C SER B 1137 6.00 9.52 -10.31
N ASN B 1138 6.59 10.64 -9.86
CA ASN B 1138 7.00 10.76 -8.46
C ASN B 1138 5.82 10.65 -7.53
N PHE B 1139 4.71 11.28 -7.88
CA PHE B 1139 3.47 11.19 -7.10
C PHE B 1139 3.09 9.74 -6.82
N MET B 1140 2.86 8.98 -7.88
CA MET B 1140 2.42 7.59 -7.74
C MET B 1140 3.45 6.75 -7.03
N ALA B 1141 4.73 6.94 -7.34
CA ALA B 1141 5.78 6.15 -6.72
C ALA B 1141 5.80 6.36 -5.21
N SER B 1142 5.79 7.61 -4.78
CA SER B 1142 5.80 7.91 -3.35
C SER B 1142 4.54 7.37 -2.67
N LEU B 1143 3.38 7.57 -3.29
CA LEU B 1143 2.13 7.09 -2.70
C LEU B 1143 2.16 5.58 -2.50
N ASN B 1144 2.54 4.85 -3.55
CA ASN B 1144 2.54 3.40 -3.48
C ASN B 1144 3.55 2.89 -2.46
N LEU B 1145 4.76 3.46 -2.44
CA LEU B 1145 5.75 3.03 -1.47
C LEU B 1145 5.27 3.27 -0.05
N ARG B 1146 4.71 4.45 0.20
CA ARG B 1146 4.16 4.77 1.52
C ARG B 1146 3.14 3.74 1.95
N ASN B 1147 2.14 3.48 1.10
CA ASN B 1147 1.07 2.57 1.47
C ASN B 1147 1.60 1.16 1.71
N ARG B 1148 2.43 0.66 0.78
CA ARG B 1148 2.90 -0.71 0.87
C ARG B 1148 3.72 -0.92 2.14
N TYR B 1149 4.64 0.01 2.44
CA TYR B 1149 5.50 -0.23 3.59
C TYR B 1149 4.78 0.02 4.91
N ALA B 1150 3.82 0.94 4.95
CA ALA B 1150 2.97 1.06 6.13
C ALA B 1150 2.21 -0.23 6.38
N GLY B 1151 1.67 -0.83 5.32
CA GLY B 1151 0.98 -2.10 5.47
C GLY B 1151 1.89 -3.21 5.95
N GLU B 1152 3.12 -3.26 5.42
CA GLU B 1152 4.08 -4.27 5.85
C GLU B 1152 4.41 -4.13 7.33
N VAL B 1153 4.62 -2.89 7.80
CA VAL B 1153 4.93 -2.68 9.20
C VAL B 1153 3.73 -3.06 10.08
N TYR B 1154 2.52 -2.73 9.64
CA TYR B 1154 1.34 -3.10 10.40
C TYR B 1154 1.18 -4.62 10.47
N GLY B 1155 1.53 -5.31 9.39
CA GLY B 1155 1.52 -6.77 9.43
C GLY B 1155 2.55 -7.32 10.40
N MET B 1156 3.75 -6.71 10.42
CA MET B 1156 4.79 -7.20 11.30
C MET B 1156 4.45 -7.01 12.77
N ILE B 1157 3.86 -5.86 13.13
CA ILE B 1157 3.66 -5.53 14.54
C ILE B 1157 2.61 -6.41 15.20
N ARG B 1158 1.82 -7.14 14.40
CA ARG B 1158 0.69 -7.90 14.95
C ARG B 1158 1.12 -8.84 16.07
N PHE B 1159 2.25 -9.51 15.91
CA PHE B 1159 2.74 -10.41 16.94
C PHE B 1159 3.69 -9.70 17.89
N ASP B 1168 11.79 -5.79 22.75
CA ASP B 1168 11.14 -4.87 21.82
C ASP B 1168 11.46 -5.31 20.39
N LEU B 1169 11.08 -4.49 19.41
CA LEU B 1169 11.21 -4.85 18.00
C LEU B 1169 12.14 -3.95 17.21
N ASN B 1170 12.70 -2.90 17.82
CA ASN B 1170 13.62 -2.04 17.09
C ASN B 1170 14.95 -2.73 16.77
N LYS B 1171 15.32 -3.77 17.53
CA LYS B 1171 16.63 -4.37 17.40
C LYS B 1171 16.82 -4.99 16.02
N MET B 1172 15.84 -5.74 15.54
CA MET B 1172 16.00 -6.39 14.24
C MET B 1172 16.04 -5.36 13.11
N MET B 1173 15.25 -4.30 13.22
CA MET B 1173 15.30 -3.26 12.19
C MET B 1173 16.66 -2.57 12.15
N VAL B 1174 17.21 -2.27 13.33
CA VAL B 1174 18.54 -1.65 13.37
C VAL B 1174 19.58 -2.61 12.81
N GLN B 1175 19.47 -3.90 13.14
CA GLN B 1175 20.40 -4.88 12.60
C GLN B 1175 20.29 -4.99 11.09
N ASP B 1176 19.07 -4.95 10.56
CA ASP B 1176 18.89 -4.99 9.12
C ASP B 1176 19.54 -3.78 8.45
N LEU B 1177 19.34 -2.59 9.03
CA LEU B 1177 19.97 -1.40 8.46
C LEU B 1177 21.49 -1.51 8.50
N HIS B 1178 22.05 -1.98 9.62
CA HIS B 1178 23.50 -2.12 9.73
C HIS B 1178 24.03 -3.14 8.73
N SER B 1179 23.35 -4.28 8.59
CA SER B 1179 23.81 -5.30 7.65
C SER B 1179 23.73 -4.79 6.21
N ALA B 1180 22.65 -4.07 5.87
CA ALA B 1180 22.53 -3.52 4.53
C ALA B 1180 23.64 -2.52 4.24
N LEU B 1181 23.96 -1.66 5.22
CA LEU B 1181 25.05 -0.71 5.03
C LEU B 1181 26.39 -1.42 4.89
N ASP B 1182 26.62 -2.46 5.71
CA ASP B 1182 27.89 -3.18 5.63
C ASP B 1182 28.05 -3.88 4.29
N ARG B 1183 26.98 -4.51 3.80
CA ARG B 1183 27.05 -5.25 2.54
C ARG B 1183 26.96 -4.36 1.31
N SER B 1184 26.57 -3.10 1.48
CA SER B 1184 26.45 -2.14 0.38
C SER B 1184 25.47 -2.65 -0.68
N HIS B 1185 24.22 -2.83 -0.25
CA HIS B 1185 23.16 -3.32 -1.11
C HIS B 1185 22.04 -2.30 -1.15
N PRO B 1186 21.63 -1.80 -2.33
CA PRO B 1186 20.68 -0.68 -2.35
C PRO B 1186 19.27 -1.05 -1.96
N GLN B 1187 18.75 -2.18 -2.45
CA GLN B 1187 17.35 -2.52 -2.19
C GLN B 1187 17.10 -2.77 -0.71
N HIS B 1188 17.98 -3.52 -0.05
CA HIS B 1188 17.87 -3.70 1.38
C HIS B 1188 17.95 -2.37 2.11
N TYR B 1189 18.80 -1.46 1.64
CA TYR B 1189 18.93 -0.14 2.24
C TYR B 1189 17.60 0.60 2.19
N THR B 1190 16.98 0.68 1.01
CA THR B 1190 15.72 1.40 0.89
C THR B 1190 14.62 0.74 1.70
N GLN B 1191 14.55 -0.59 1.68
CA GLN B 1191 13.53 -1.29 2.44
C GLN B 1191 13.69 -1.04 3.93
N ALA B 1192 14.92 -1.10 4.43
CA ALA B 1192 15.17 -0.88 5.85
C ALA B 1192 14.82 0.55 6.25
N MET B 1193 15.21 1.53 5.44
CA MET B 1193 14.90 2.92 5.77
C MET B 1193 13.40 3.17 5.78
N PHE B 1194 12.68 2.64 4.78
CA PHE B 1194 11.24 2.85 4.73
C PHE B 1194 10.54 2.15 5.89
N LYS B 1195 10.97 0.94 6.24
CA LYS B 1195 10.39 0.27 7.41
C LYS B 1195 10.68 1.04 8.68
N LEU B 1196 11.88 1.60 8.80
CA LEU B 1196 12.24 2.36 9.99
C LEU B 1196 11.34 3.59 10.14
N THR B 1197 11.17 4.36 9.07
CA THR B 1197 10.34 5.55 9.18
C THR B 1197 8.88 5.20 9.38
N ALA B 1198 8.41 4.09 8.79
CA ALA B 1198 7.04 3.65 9.02
C ALA B 1198 6.82 3.26 10.48
N MET B 1199 7.80 2.56 11.08
CA MET B 1199 7.69 2.22 12.49
C MET B 1199 7.71 3.46 13.36
N LEU B 1200 8.59 4.42 13.04
CA LEU B 1200 8.68 5.63 13.85
C LEU B 1200 7.40 6.46 13.75
N ILE B 1201 6.79 6.53 12.56
CA ILE B 1201 5.64 7.40 12.36
C ILE B 1201 4.42 6.93 13.14
N SER B 1202 4.38 5.68 13.58
CA SER B 1202 3.24 5.13 14.31
C SER B 1202 3.74 4.63 15.67
N SER B 1203 3.79 5.53 16.64
CA SER B 1203 4.23 5.20 17.99
C SER B 1203 3.69 6.27 18.94
N LYS B 1204 4.19 6.27 20.18
CA LYS B 1204 3.74 7.21 21.19
C LYS B 1204 4.84 8.10 21.74
N ASP B 1205 6.09 7.90 21.33
CA ASP B 1205 7.20 8.67 21.85
C ASP B 1205 8.26 8.83 20.78
N CYS B 1206 9.19 9.77 21.00
CA CYS B 1206 10.20 10.08 20.00
C CYS B 1206 11.14 8.92 19.75
N ASP B 1207 11.52 8.20 20.82
CA ASP B 1207 12.49 7.10 20.73
C ASP B 1207 13.77 7.60 20.09
N PRO B 1208 14.59 8.35 20.83
CA PRO B 1208 15.65 9.16 20.19
C PRO B 1208 16.64 8.38 19.35
N GLN B 1209 16.98 7.14 19.73
CA GLN B 1209 17.98 6.40 18.97
C GLN B 1209 17.49 6.10 17.56
N LEU B 1210 16.18 5.86 17.40
CA LEU B 1210 15.62 5.65 16.07
C LEU B 1210 15.81 6.88 15.19
N LEU B 1211 15.51 8.06 15.74
CA LEU B 1211 15.68 9.30 14.97
C LEU B 1211 17.14 9.54 14.65
N HIS B 1212 18.04 9.28 15.60
CA HIS B 1212 19.46 9.47 15.35
C HIS B 1212 19.96 8.54 14.24
N HIS B 1213 19.52 7.27 14.27
CA HIS B 1213 19.93 6.34 13.22
C HIS B 1213 19.32 6.73 11.87
N LEU B 1214 18.11 7.28 11.87
CA LEU B 1214 17.52 7.76 10.62
C LEU B 1214 18.32 8.92 10.04
N CYS B 1215 18.72 9.87 10.88
CA CYS B 1215 19.45 11.03 10.39
C CYS B 1215 20.89 10.67 10.03
N TRP B 1216 21.56 9.88 10.87
CA TRP B 1216 22.95 9.52 10.68
C TRP B 1216 23.12 8.25 9.84
N GLY B 1217 22.12 7.89 9.05
CA GLY B 1217 22.17 6.70 8.24
C GLY B 1217 22.89 6.89 6.92
N PRO B 1218 22.43 7.84 6.09
CA PRO B 1218 23.04 8.02 4.76
C PRO B 1218 24.52 8.38 4.79
N LEU B 1219 25.05 8.85 5.92
CA LEU B 1219 26.43 9.31 5.97
C LEU B 1219 27.43 8.19 5.73
N ARG B 1220 27.02 6.94 5.86
CA ARG B 1220 27.86 5.79 5.53
C ARG B 1220 27.62 5.26 4.12
N MET B 1221 26.71 5.87 3.37
CA MET B 1221 26.49 5.55 1.95
C MET B 1221 26.20 6.88 1.25
N PHE B 1222 27.26 7.51 0.74
CA PHE B 1222 27.16 8.87 0.23
C PHE B 1222 27.09 8.83 -1.30
N ASN B 1223 25.89 8.54 -1.81
CA ASN B 1223 25.61 8.54 -3.24
C ASN B 1223 24.31 9.32 -3.46
N GLU B 1224 23.93 9.44 -4.74
CA GLU B 1224 22.66 10.08 -5.06
C GLU B 1224 21.46 9.19 -4.75
N HIS B 1225 21.64 7.87 -4.83
CA HIS B 1225 20.56 6.94 -4.50
C HIS B 1225 20.17 7.06 -3.03
N GLY B 1226 21.16 6.97 -2.13
CA GLY B 1226 20.89 7.09 -0.71
C GLY B 1226 20.33 8.45 -0.36
N MET B 1227 20.84 9.51 -1.00
CA MET B 1227 20.33 10.84 -0.72
C MET B 1227 18.87 10.99 -1.16
N GLU B 1228 18.52 10.45 -2.33
CA GLU B 1228 17.13 10.51 -2.78
C GLU B 1228 16.22 9.75 -1.81
N THR B 1229 16.65 8.56 -1.40
CA THR B 1229 15.86 7.78 -0.45
C THR B 1229 15.68 8.53 0.87
N ALA B 1230 16.76 9.12 1.38
CA ALA B 1230 16.70 9.85 2.63
C ALA B 1230 15.79 11.07 2.52
N LEU B 1231 15.85 11.78 1.39
CA LEU B 1231 14.98 12.94 1.21
C LEU B 1231 13.51 12.53 1.19
N ALA B 1232 13.19 11.44 0.49
CA ALA B 1232 11.82 10.96 0.47
C ALA B 1232 11.35 10.57 1.88
N CYS B 1233 12.20 9.84 2.61
CA CYS B 1233 11.83 9.43 3.96
C CYS B 1233 11.64 10.63 4.88
N TRP B 1234 12.51 11.64 4.77
CA TRP B 1234 12.40 12.83 5.59
C TRP B 1234 11.12 13.60 5.27
N GLU B 1235 10.78 13.71 3.99
CA GLU B 1235 9.54 14.37 3.61
C GLU B 1235 8.34 13.65 4.19
N TRP B 1236 8.31 12.32 4.09
CA TRP B 1236 7.19 11.56 4.66
C TRP B 1236 7.11 11.76 6.17
N LEU B 1237 8.25 11.70 6.86
CA LEU B 1237 8.24 11.85 8.31
C LEU B 1237 7.76 13.24 8.71
N LEU B 1238 8.22 14.27 8.03
CA LEU B 1238 7.78 15.63 8.34
C LEU B 1238 6.29 15.80 8.10
N ALA B 1239 5.77 15.23 7.01
CA ALA B 1239 4.36 15.36 6.71
C ALA B 1239 3.47 14.53 7.63
N GLY B 1240 4.00 13.45 8.21
CA GLY B 1240 3.18 12.55 8.97
C GLY B 1240 2.97 12.87 10.44
N LYS B 1241 4.06 12.97 11.19
CA LYS B 1241 3.97 13.11 12.65
C LYS B 1241 3.97 14.57 13.06
N ASP B 1242 3.16 14.89 14.07
CA ASP B 1242 3.00 16.26 14.54
C ASP B 1242 3.99 16.56 15.66
N GLY B 1243 4.50 17.80 15.65
CA GLY B 1243 5.38 18.28 16.71
C GLY B 1243 6.70 17.57 16.81
N VAL B 1244 7.38 17.37 15.68
CA VAL B 1244 8.67 16.68 15.67
C VAL B 1244 9.67 17.49 14.85
N GLU B 1245 9.34 18.75 14.57
CA GLU B 1245 10.16 19.56 13.68
C GLU B 1245 11.52 19.85 14.30
N VAL B 1246 11.56 20.52 15.46
CA VAL B 1246 12.82 21.01 16.00
C VAL B 1246 13.81 19.91 16.34
N PRO B 1247 13.44 18.77 16.95
CA PRO B 1247 14.48 17.75 17.21
C PRO B 1247 15.09 17.20 15.94
N PHE B 1248 14.25 17.00 14.91
CA PHE B 1248 14.76 16.54 13.63
C PHE B 1248 15.70 17.55 13.01
N MET B 1249 15.34 18.83 13.07
CA MET B 1249 16.22 19.87 12.53
C MET B 1249 17.55 19.88 13.27
N ARG B 1250 17.51 19.73 14.60
CA ARG B 1250 18.74 19.67 15.39
C ARG B 1250 19.62 18.52 14.95
N GLU B 1251 19.04 17.33 14.82
CA GLU B 1251 19.82 16.16 14.44
C GLU B 1251 20.41 16.31 13.04
N MET B 1252 19.60 16.82 12.10
CA MET B 1252 20.08 16.99 10.73
C MET B 1252 21.19 18.02 10.65
N ALA B 1253 21.08 19.11 11.42
CA ALA B 1253 22.16 20.09 11.47
C ALA B 1253 23.43 19.48 12.03
N GLY B 1254 23.30 18.65 13.07
CA GLY B 1254 24.47 17.96 13.60
C GLY B 1254 25.14 17.08 12.56
N ALA B 1255 24.34 16.32 11.81
CA ALA B 1255 24.90 15.47 10.75
C ALA B 1255 25.59 16.31 9.69
N TRP B 1256 24.98 17.43 9.29
CA TRP B 1256 25.58 18.29 8.29
C TRP B 1256 26.92 18.84 8.77
N HIS B 1257 27.00 19.23 10.04
CA HIS B 1257 28.28 19.73 10.56
C HIS B 1257 29.32 18.62 10.63
N MET B 1258 28.90 17.39 10.95
CA MET B 1258 29.87 16.29 10.93
C MET B 1258 30.43 16.11 9.54
N THR B 1259 29.56 16.16 8.53
CA THR B 1259 30.01 16.09 7.13
C THR B 1259 30.97 17.24 6.82
N VAL B 1260 30.65 18.43 7.29
CA VAL B 1260 31.51 19.60 7.06
C VAL B 1260 32.89 19.35 7.65
N GLU B 1261 32.94 18.79 8.86
CA GLU B 1261 34.22 18.66 9.55
C GLU B 1261 35.07 17.53 8.98
N GLN B 1262 34.44 16.46 8.49
CA GLN B 1262 35.23 15.36 7.94
C GLN B 1262 35.71 15.59 6.50
N LYS B 1263 35.34 16.70 5.87
CA LYS B 1263 35.82 17.05 4.54
C LYS B 1263 35.45 15.97 3.52
N PHE B 1264 34.15 15.78 3.32
CA PHE B 1264 33.66 14.68 2.50
C PHE B 1264 33.50 15.07 1.03
N GLY B 1265 32.65 16.05 0.74
CA GLY B 1265 32.30 16.38 -0.62
C GLY B 1265 32.83 17.71 -1.09
N LEU B 1266 31.95 18.73 -1.07
CA LEU B 1266 32.35 20.08 -1.44
C LEU B 1266 33.49 20.58 -0.58
N PHE B 1267 33.63 20.05 0.64
CA PHE B 1267 34.66 20.47 1.57
C PHE B 1267 35.89 19.57 1.53
N SER B 1268 35.97 18.67 0.54
CA SER B 1268 37.11 17.76 0.46
C SER B 1268 38.38 18.51 0.09
N ALA B 1269 39.52 17.85 0.33
CA ALA B 1269 40.81 18.46 0.07
C ALA B 1269 41.05 18.60 -1.43
N GLU B 1270 42.04 19.41 -1.78
CA GLU B 1270 42.38 19.70 -3.15
C GLU B 1270 43.60 18.89 -3.58
N ILE B 1271 43.54 18.36 -4.80
CA ILE B 1271 44.62 17.55 -5.36
C ILE B 1271 45.19 18.28 -6.57
N LYS B 1272 46.51 18.49 -6.55
CA LYS B 1272 47.17 19.22 -7.62
C LYS B 1272 47.31 18.32 -8.85
N GLU B 1273 46.87 18.82 -9.99
CA GLU B 1273 46.94 18.07 -11.23
C GLU B 1273 48.28 18.29 -11.92
N ALA B 1274 48.57 17.44 -12.89
CA ALA B 1274 49.83 17.50 -13.62
C ALA B 1274 49.80 18.64 -14.65
N ASP B 1275 51.00 19.05 -15.07
CA ASP B 1275 51.17 20.07 -16.08
C ASP B 1275 51.54 19.43 -17.42
N PRO B 1276 51.13 20.02 -18.54
CA PRO B 1276 51.41 19.38 -19.84
C PRO B 1276 52.81 19.63 -20.36
N LEU B 1277 53.52 20.63 -19.85
CA LEU B 1277 54.82 20.97 -20.41
C LEU B 1277 55.91 20.00 -19.98
N ALA B 1278 55.85 19.50 -18.75
CA ALA B 1278 56.95 18.71 -18.18
C ALA B 1278 56.41 17.48 -17.45
N ALA B 1279 55.46 16.79 -18.07
CA ALA B 1279 54.95 15.53 -17.53
C ALA B 1279 54.87 14.49 -18.64
N SER B 1280 55.94 14.39 -19.43
CA SER B 1280 56.00 13.41 -20.51
C SER B 1280 56.17 11.98 -20.00
N GLU B 1281 56.43 11.80 -18.71
CA GLU B 1281 56.64 10.47 -18.15
C GLU B 1281 55.29 9.78 -17.92
N ALA B 1282 55.30 8.68 -17.18
CA ALA B 1282 54.12 7.85 -16.97
C ALA B 1282 52.96 8.59 -16.33
N SER B 1283 53.17 9.80 -15.82
CA SER B 1283 52.09 10.59 -15.23
C SER B 1283 51.47 11.48 -16.31
N GLN B 1284 50.60 10.88 -17.10
CA GLN B 1284 49.93 11.61 -18.16
C GLN B 1284 48.90 12.57 -17.58
N PRO B 1285 48.64 13.69 -18.26
CA PRO B 1285 47.64 14.66 -17.77
C PRO B 1285 46.23 14.17 -17.99
N LYS B 1286 45.54 13.83 -16.90
CA LYS B 1286 44.15 13.43 -16.93
C LYS B 1286 43.37 14.30 -15.95
N PRO B 1287 42.25 14.88 -16.36
CA PRO B 1287 41.45 15.69 -15.41
C PRO B 1287 40.94 14.83 -14.26
N CYS B 1288 40.93 15.41 -13.07
CA CYS B 1288 40.46 14.74 -11.86
C CYS B 1288 39.55 15.68 -11.08
N PRO B 1289 38.36 15.97 -11.61
CA PRO B 1289 37.45 16.89 -10.92
C PRO B 1289 36.79 16.20 -9.74
N PRO B 1290 36.34 16.97 -8.74
CA PRO B 1290 35.55 16.39 -7.66
C PRO B 1290 34.13 16.11 -8.10
N GLU B 1291 33.44 15.29 -7.29
CA GLU B 1291 32.07 14.90 -7.56
C GLU B 1291 31.20 15.31 -6.38
N VAL B 1292 30.38 16.34 -6.56
CA VAL B 1292 29.44 16.79 -5.54
C VAL B 1292 28.04 16.80 -6.16
N THR B 1293 27.37 15.65 -6.11
CA THR B 1293 25.94 15.55 -6.39
C THR B 1293 25.08 15.77 -5.13
N PRO B 1294 25.34 15.07 -4.01
CA PRO B 1294 24.38 15.12 -2.89
C PRO B 1294 24.16 16.51 -2.31
N HIS B 1295 25.21 17.31 -2.21
CA HIS B 1295 25.05 18.66 -1.67
C HIS B 1295 24.12 19.49 -2.53
N TYR B 1296 24.13 19.25 -3.85
CA TYR B 1296 23.34 20.04 -4.77
C TYR B 1296 21.84 19.88 -4.56
N ILE B 1297 21.40 18.79 -3.92
CA ILE B 1297 19.98 18.59 -3.65
C ILE B 1297 19.69 18.88 -2.18
N TRP B 1298 20.69 18.62 -1.32
CA TRP B 1298 20.56 18.98 0.08
C TRP B 1298 20.32 20.48 0.23
N ILE B 1299 21.00 21.29 -0.59
CA ILE B 1299 20.81 22.74 -0.52
C ILE B 1299 19.39 23.13 -0.91
N ASP B 1300 18.83 22.47 -1.95
CA ASP B 1300 17.46 22.78 -2.34
C ASP B 1300 16.47 22.43 -1.24
N PHE B 1301 16.66 21.28 -0.59
CA PHE B 1301 15.80 20.91 0.53
C PHE B 1301 15.89 21.96 1.64
N LEU B 1302 17.12 22.39 1.96
CA LEU B 1302 17.30 23.43 2.97
C LEU B 1302 16.59 24.72 2.57
N VAL B 1303 16.67 25.09 1.30
CA VAL B 1303 16.08 26.35 0.84
C VAL B 1303 14.57 26.32 1.02
N GLN B 1304 13.93 25.24 0.58
CA GLN B 1304 12.47 25.19 0.70
C GLN B 1304 12.04 25.15 2.17
N ARG B 1305 12.75 24.39 3.00
CA ARG B 1305 12.39 24.33 4.41
C ARG B 1305 12.57 25.68 5.08
N PHE B 1306 13.63 26.41 4.73
CA PHE B 1306 13.82 27.74 5.29
C PHE B 1306 12.73 28.69 4.83
N GLU B 1307 12.32 28.58 3.56
CA GLU B 1307 11.27 29.47 3.07
C GLU B 1307 9.99 29.27 3.86
N ILE B 1308 9.67 28.01 4.18
CA ILE B 1308 8.48 27.75 5.01
C ILE B 1308 8.67 28.27 6.42
N ALA B 1309 9.83 27.97 7.02
CA ALA B 1309 10.05 28.30 8.43
C ALA B 1309 10.22 29.79 8.66
N LYS B 1310 10.49 30.57 7.62
CA LYS B 1310 10.63 32.02 7.79
C LYS B 1310 9.34 32.64 8.31
N TYR B 1311 8.20 32.20 7.77
CA TYR B 1311 6.91 32.69 8.22
C TYR B 1311 6.29 31.80 9.29
N CYS B 1312 6.49 30.49 9.21
CA CYS B 1312 5.77 29.58 10.11
C CYS B 1312 6.15 29.81 11.57
N SER B 1313 7.44 29.80 11.88
CA SER B 1313 7.89 29.85 13.27
C SER B 1313 9.08 30.78 13.38
N SER B 1314 9.69 30.81 14.58
CA SER B 1314 10.84 31.68 14.83
C SER B 1314 11.94 30.99 15.63
N ASP B 1315 11.92 29.67 15.75
CA ASP B 1315 12.96 28.95 16.46
C ASP B 1315 13.96 28.25 15.54
N GLN B 1316 13.53 27.91 14.32
CA GLN B 1316 14.43 27.30 13.35
C GLN B 1316 15.39 28.32 12.74
N VAL B 1317 15.06 29.61 12.84
CA VAL B 1317 15.91 30.65 12.27
C VAL B 1317 17.27 30.64 12.95
N GLU B 1318 17.30 30.49 14.28
CA GLU B 1318 18.56 30.40 15.00
C GLU B 1318 19.37 29.20 14.56
N ILE B 1319 18.71 28.06 14.34
CA ILE B 1319 19.41 26.86 13.89
C ILE B 1319 20.04 27.10 12.52
N PHE B 1320 19.28 27.72 11.61
CA PHE B 1320 19.81 28.00 10.29
C PHE B 1320 20.98 28.97 10.35
N SER B 1321 20.87 30.01 11.17
CA SER B 1321 21.97 30.96 11.31
C SER B 1321 23.22 30.29 11.86
N SER B 1322 23.07 29.46 12.90
CA SER B 1322 24.21 28.76 13.46
C SER B 1322 24.84 27.81 12.46
N LEU B 1323 24.02 27.12 11.67
CA LEU B 1323 24.55 26.23 10.64
C LEU B 1323 25.32 27.01 9.58
N LEU B 1324 24.80 28.18 9.18
CA LEU B 1324 25.45 28.96 8.14
C LEU B 1324 26.76 29.57 8.63
N GLN B 1325 26.78 30.08 9.86
CA GLN B 1325 27.98 30.74 10.36
C GLN B 1325 29.14 29.77 10.49
N ARG B 1326 28.88 28.56 10.98
CA ARG B 1326 29.94 27.58 11.23
C ARG B 1326 30.36 26.83 9.97
N SER B 1327 30.05 27.33 8.78
CA SER B 1327 30.42 26.69 7.53
C SER B 1327 31.45 27.47 6.74
N MET B 1328 31.36 28.79 6.71
CA MET B 1328 32.31 29.64 6.00
C MET B 1328 33.34 30.21 6.97
N SER B 1329 34.39 30.80 6.40
CA SER B 1329 35.46 31.36 7.22
C SER B 1329 36.06 32.55 6.49
N LEU B 1330 36.66 33.46 7.27
CA LEU B 1330 37.30 34.66 6.75
C LEU B 1330 38.80 34.43 6.60
N ASN B 1331 39.17 33.50 5.72
CA ASN B 1331 40.55 33.09 5.53
C ASN B 1331 40.89 33.03 4.05
N ILE B 1332 40.57 34.11 3.32
CA ILE B 1332 40.95 34.20 1.92
C ILE B 1332 42.47 34.19 1.82
N GLY B 1333 43.03 33.15 1.21
CA GLY B 1333 44.46 33.00 1.16
C GLY B 1333 44.96 31.87 0.28
N GLY B 1334 46.06 31.24 0.69
CA GLY B 1334 46.72 30.26 -0.15
C GLY B 1334 45.99 28.95 -0.33
N ALA B 1335 45.87 28.16 0.74
CA ALA B 1335 45.30 26.83 0.60
C ALA B 1335 44.37 26.46 1.76
N LYS B 1336 43.80 27.45 2.45
CA LYS B 1336 42.91 27.20 3.59
C LYS B 1336 41.67 28.08 3.42
N GLY B 1337 40.57 27.47 2.96
CA GLY B 1337 39.33 28.22 2.79
C GLY B 1337 38.10 27.43 3.20
N SER B 1338 38.30 26.20 3.67
CA SER B 1338 37.21 25.33 4.11
C SER B 1338 36.19 25.09 3.00
N MET B 1339 36.63 25.14 1.75
CA MET B 1339 35.77 24.90 0.61
C MET B 1339 36.63 24.72 -0.63
N ASN B 1340 36.23 23.80 -1.50
CA ASN B 1340 37.00 23.54 -2.70
C ASN B 1340 36.93 24.71 -3.67
N ARG B 1341 37.88 24.74 -4.60
CA ARG B 1341 37.99 25.83 -5.56
C ARG B 1341 37.89 25.38 -7.01
N HIS B 1342 37.65 24.10 -7.26
CA HIS B 1342 37.54 23.62 -8.63
C HIS B 1342 36.32 24.23 -9.32
N VAL B 1343 36.43 24.42 -10.64
CA VAL B 1343 35.34 25.02 -11.40
C VAL B 1343 34.12 24.12 -11.38
N ALA B 1344 34.32 22.80 -11.37
CA ALA B 1344 33.21 21.85 -11.39
C ALA B 1344 32.33 21.91 -10.14
N ALA B 1345 32.64 22.79 -9.17
CA ALA B 1345 31.87 22.88 -7.94
C ALA B 1345 31.51 24.33 -7.64
N ILE B 1346 31.04 25.07 -8.65
CA ILE B 1346 30.61 26.45 -8.46
C ILE B 1346 29.10 26.57 -8.29
N GLY B 1347 28.35 25.48 -8.40
CA GLY B 1347 26.93 25.51 -8.19
C GLY B 1347 26.53 25.62 -6.72
N PRO B 1348 26.87 24.59 -5.94
CA PRO B 1348 26.50 24.62 -4.50
C PRO B 1348 27.07 25.83 -3.77
N ARG B 1349 28.29 26.26 -4.11
CA ARG B 1349 28.90 27.42 -3.48
C ARG B 1349 28.00 28.65 -3.59
N PHE B 1350 27.71 29.06 -4.81
CA PHE B 1350 26.92 30.28 -5.01
C PHE B 1350 25.47 30.08 -4.61
N LYS B 1351 24.95 28.85 -4.67
CA LYS B 1351 23.61 28.61 -4.17
C LYS B 1351 23.53 28.86 -2.66
N LEU B 1352 24.52 28.35 -1.92
CA LEU B 1352 24.58 28.59 -0.48
C LEU B 1352 24.75 30.07 -0.18
N LEU B 1353 25.61 30.76 -0.95
CA LEU B 1353 25.81 32.18 -0.74
C LEU B 1353 24.52 32.97 -0.99
N THR B 1354 23.78 32.59 -2.04
CA THR B 1354 22.51 33.23 -2.31
C THR B 1354 21.52 32.99 -1.19
N LEU B 1355 21.49 31.78 -0.64
CA LEU B 1355 20.62 31.49 0.50
C LEU B 1355 20.99 32.38 1.69
N GLY B 1356 22.29 32.53 1.96
CA GLY B 1356 22.71 33.41 3.03
C GLY B 1356 22.29 34.86 2.80
N LEU B 1357 22.44 35.34 1.57
CA LEU B 1357 22.00 36.69 1.25
C LEU B 1357 20.49 36.85 1.44
N SER B 1358 19.72 35.86 1.02
CA SER B 1358 18.27 35.91 1.20
C SER B 1358 17.91 35.93 2.68
N LEU B 1359 18.63 35.17 3.50
CA LEU B 1359 18.41 35.24 4.94
C LEU B 1359 18.72 36.63 5.48
N LEU B 1360 19.80 37.24 4.98
CA LEU B 1360 20.15 38.58 5.43
C LEU B 1360 19.12 39.62 5.00
N HIS B 1361 18.43 39.40 3.89
CA HIS B 1361 17.51 40.38 3.34
C HIS B 1361 16.07 40.22 3.85
N ALA B 1362 15.82 39.27 4.74
CA ALA B 1362 14.46 38.96 5.16
C ALA B 1362 14.04 39.69 6.43
N ASP B 1363 14.91 40.52 7.01
CA ASP B 1363 14.61 41.28 8.22
C ASP B 1363 14.15 40.36 9.36
N VAL B 1364 14.98 39.38 9.68
CA VAL B 1364 14.67 38.39 10.70
C VAL B 1364 15.60 38.48 11.90
N VAL B 1365 16.89 38.68 11.66
CA VAL B 1365 17.85 38.73 12.77
C VAL B 1365 17.62 40.00 13.59
N PRO B 1366 17.45 39.90 14.91
CA PRO B 1366 17.09 41.08 15.70
C PRO B 1366 18.16 42.16 15.80
N ASN B 1367 19.36 41.77 16.24
CA ASN B 1367 20.38 42.75 16.59
C ASN B 1367 21.12 43.24 15.35
N ALA B 1368 22.21 43.98 15.56
CA ALA B 1368 22.93 44.62 14.46
C ALA B 1368 24.42 44.31 14.47
N THR B 1369 24.88 43.38 15.30
CA THR B 1369 26.28 42.98 15.27
C THR B 1369 26.49 41.64 14.57
N ILE B 1370 25.47 40.80 14.50
CA ILE B 1370 25.58 39.54 13.77
C ILE B 1370 25.67 39.80 12.27
N ARG B 1371 24.91 40.80 11.79
CA ARG B 1371 24.82 41.05 10.36
C ARG B 1371 26.18 41.42 9.76
N ASN B 1372 26.97 42.22 10.49
CA ASN B 1372 28.29 42.57 9.98
C ASN B 1372 29.17 41.34 9.82
N VAL B 1373 29.15 40.44 10.80
CA VAL B 1373 29.95 39.22 10.72
C VAL B 1373 29.50 38.36 9.54
N LEU B 1374 28.18 38.21 9.38
CA LEU B 1374 27.66 37.38 8.30
C LEU B 1374 28.05 37.95 6.94
N ARG B 1375 27.87 39.26 6.76
CA ARG B 1375 28.19 39.89 5.48
C ARG B 1375 29.69 39.80 5.21
N GLU B 1376 30.51 39.99 6.24
CA GLU B 1376 31.96 39.88 6.06
C GLU B 1376 32.36 38.47 5.63
N LYS B 1377 31.77 37.46 6.27
CA LYS B 1377 32.09 36.08 5.89
C LYS B 1377 31.66 35.80 4.45
N ILE B 1378 30.48 36.27 4.05
CA ILE B 1378 30.01 36.05 2.69
C ILE B 1378 30.97 36.69 1.69
N TYR B 1379 31.34 37.95 1.95
CA TYR B 1379 32.26 38.64 1.07
C TYR B 1379 33.62 37.94 1.01
N SER B 1380 34.10 37.45 2.15
CA SER B 1380 35.39 36.79 2.19
C SER B 1380 35.37 35.52 1.34
N THR B 1381 34.31 34.72 1.45
CA THR B 1381 34.24 33.50 0.64
C THR B 1381 34.15 33.83 -0.85
N ALA B 1382 33.32 34.83 -1.19
CA ALA B 1382 33.17 35.21 -2.59
C ALA B 1382 34.49 35.68 -3.18
N PHE B 1383 35.26 36.47 -2.42
CA PHE B 1383 36.58 36.88 -2.89
C PHE B 1383 37.55 35.71 -2.95
N ASP B 1384 37.46 34.79 -1.99
CA ASP B 1384 38.36 33.66 -1.94
C ASP B 1384 38.22 32.78 -3.18
N TYR B 1385 37.01 32.71 -3.75
CA TYR B 1385 36.85 31.88 -4.94
C TYR B 1385 37.78 32.31 -6.07
N PHE B 1386 38.14 33.60 -6.14
CA PHE B 1386 38.84 34.17 -7.29
C PHE B 1386 40.36 34.24 -7.10
N SER B 1387 40.94 33.27 -6.40
CA SER B 1387 42.37 33.30 -6.10
C SER B 1387 43.11 32.12 -6.73
N CYS B 1388 42.78 31.81 -7.98
CA CYS B 1388 43.43 30.72 -8.71
C CYS B 1388 43.39 31.04 -10.19
N PRO B 1389 44.32 30.48 -10.96
CA PRO B 1389 44.31 30.71 -12.42
C PRO B 1389 43.04 30.14 -13.05
N PRO B 1390 42.43 30.87 -13.97
CA PRO B 1390 41.20 30.38 -14.60
C PRO B 1390 41.44 29.10 -15.40
N LYS B 1391 40.44 28.22 -15.39
CA LYS B 1391 40.45 27.01 -16.19
C LYS B 1391 39.05 26.81 -16.78
N PHE B 1392 38.90 25.78 -17.60
CA PHE B 1392 37.67 25.63 -18.35
C PHE B 1392 36.82 24.49 -17.79
N PRO B 1393 35.49 24.60 -17.88
CA PRO B 1393 34.63 23.57 -17.28
C PRO B 1393 34.79 22.23 -17.97
N THR B 1394 34.57 21.17 -17.19
CA THR B 1394 34.65 19.80 -17.69
C THR B 1394 33.34 19.03 -17.58
N GLN B 1395 32.32 19.60 -16.96
CA GLN B 1395 31.04 18.92 -16.84
C GLN B 1395 30.37 18.83 -18.21
N GLY B 1396 29.31 18.02 -18.27
CA GLY B 1396 28.66 17.74 -19.53
C GLY B 1396 27.90 18.93 -20.08
N GLU B 1397 27.25 18.70 -21.23
CA GLU B 1397 26.47 19.76 -21.86
C GLU B 1397 25.32 20.20 -20.96
N LYS B 1398 24.64 19.25 -20.33
CA LYS B 1398 23.71 19.56 -19.27
C LYS B 1398 24.47 19.83 -17.97
N ARG B 1399 23.76 20.40 -17.00
CA ARG B 1399 24.29 20.84 -15.71
C ARG B 1399 25.19 22.06 -15.85
N LEU B 1400 25.46 22.53 -17.06
CA LEU B 1400 26.21 23.76 -17.27
C LEU B 1400 25.29 24.98 -17.40
N ARG B 1401 24.09 24.78 -17.94
CA ARG B 1401 23.11 25.85 -17.99
C ARG B 1401 22.70 26.30 -16.59
N GLU B 1402 22.51 25.34 -15.68
CA GLU B 1402 22.06 25.66 -14.33
C GLU B 1402 23.08 26.51 -13.60
N ASP B 1403 24.38 26.23 -13.80
CA ASP B 1403 25.41 27.02 -13.13
C ASP B 1403 25.37 28.47 -13.58
N ILE B 1404 25.22 28.70 -14.89
CA ILE B 1404 25.13 30.07 -15.39
C ILE B 1404 23.89 30.76 -14.84
N SER B 1405 22.77 30.05 -14.81
CA SER B 1405 21.55 30.64 -14.26
C SER B 1405 21.72 31.02 -12.79
N ILE B 1406 22.37 30.15 -12.01
CA ILE B 1406 22.60 30.43 -10.60
C ILE B 1406 23.52 31.62 -10.43
N MET B 1407 24.56 31.71 -11.27
CA MET B 1407 25.46 32.86 -11.19
C MET B 1407 24.73 34.16 -11.52
N ILE B 1408 23.84 34.13 -12.52
CA ILE B 1408 23.06 35.32 -12.86
C ILE B 1408 22.16 35.71 -11.69
N LYS B 1409 21.52 34.73 -11.07
CA LYS B 1409 20.66 35.01 -9.92
C LYS B 1409 21.45 35.64 -8.78
N PHE B 1410 22.63 35.09 -8.49
CA PHE B 1410 23.46 35.64 -7.41
C PHE B 1410 23.91 37.05 -7.75
N TRP B 1411 24.26 37.30 -9.01
CA TRP B 1411 24.65 38.65 -9.43
C TRP B 1411 23.52 39.63 -9.21
N THR B 1412 22.30 39.26 -9.62
CA THR B 1412 21.16 40.14 -9.43
C THR B 1412 20.90 40.41 -7.96
N ALA B 1413 20.96 39.36 -7.14
CA ALA B 1413 20.70 39.52 -5.71
C ALA B 1413 21.75 40.42 -5.06
N MET B 1414 23.02 40.24 -5.43
CA MET B 1414 24.07 41.09 -4.89
C MET B 1414 23.91 42.53 -5.33
N PHE B 1415 23.55 42.76 -6.59
CA PHE B 1415 23.36 44.12 -7.07
C PHE B 1415 22.20 44.81 -6.36
N SER B 1416 21.15 44.06 -6.06
CA SER B 1416 19.99 44.65 -5.39
C SER B 1416 20.26 45.04 -3.95
N ASP B 1417 21.39 44.65 -3.38
CA ASP B 1417 21.68 44.90 -1.98
C ASP B 1417 22.17 46.34 -1.81
N LYS B 1418 21.37 47.17 -1.13
CA LYS B 1418 21.75 48.54 -0.80
C LYS B 1418 21.10 48.88 0.55
N LYS B 1419 21.86 48.70 1.62
CA LYS B 1419 21.35 48.95 2.97
C LYS B 1419 22.45 49.52 3.85
N ARG B 1477 30.09 53.76 13.01
CA ARG B 1477 30.68 54.71 12.08
C ARG B 1477 30.01 54.60 10.72
N GLY B 1478 29.35 55.68 10.30
CA GLY B 1478 28.55 55.66 9.09
C GLY B 1478 29.32 55.68 7.78
N SER B 1479 30.02 56.78 7.51
CA SER B 1479 30.67 56.95 6.21
C SER B 1479 31.77 55.93 6.00
N GLN B 1480 32.56 55.65 7.04
CA GLN B 1480 33.68 54.72 6.90
C GLN B 1480 33.18 53.34 6.50
N LEU B 1481 32.19 52.81 7.23
CA LEU B 1481 31.63 51.50 6.90
C LEU B 1481 30.93 51.53 5.55
N HIS B 1482 30.26 52.64 5.23
CA HIS B 1482 29.56 52.76 3.96
C HIS B 1482 30.52 52.58 2.79
N LYS B 1483 31.61 53.34 2.77
CA LYS B 1483 32.60 53.18 1.71
C LYS B 1483 33.25 51.80 1.77
N TYR B 1484 33.56 51.34 2.98
CA TYR B 1484 34.20 50.04 3.18
C TYR B 1484 33.41 48.93 2.50
N TYR B 1485 32.09 49.02 2.53
CA TYR B 1485 31.28 47.99 1.87
C TYR B 1485 31.04 48.30 0.40
N MET B 1486 30.84 49.56 0.04
CA MET B 1486 30.50 49.90 -1.33
C MET B 1486 31.62 49.56 -2.30
N LYS B 1487 32.86 49.84 -1.93
CA LYS B 1487 33.97 49.56 -2.86
C LYS B 1487 34.08 48.07 -3.15
N ARG B 1488 33.98 47.24 -2.11
CA ARG B 1488 34.01 45.79 -2.30
C ARG B 1488 32.83 45.33 -3.14
N ARG B 1489 31.66 45.92 -2.94
CA ARG B 1489 30.50 45.57 -3.75
C ARG B 1489 30.78 45.81 -5.24
N THR B 1490 31.32 46.98 -5.56
CA THR B 1490 31.61 47.29 -6.96
C THR B 1490 32.63 46.33 -7.55
N LEU B 1491 33.71 46.06 -6.81
CA LEU B 1491 34.74 45.16 -7.32
C LEU B 1491 34.18 43.76 -7.58
N LEU B 1492 33.39 43.25 -6.63
CA LEU B 1492 32.81 41.92 -6.78
C LEU B 1492 31.85 41.87 -7.95
N LEU B 1493 31.05 42.93 -8.14
CA LEU B 1493 30.13 42.97 -9.28
C LEU B 1493 30.89 42.87 -10.59
N SER B 1494 31.97 43.65 -10.72
CA SER B 1494 32.75 43.62 -11.96
C SER B 1494 33.34 42.23 -12.21
N LEU B 1495 33.92 41.63 -11.17
CA LEU B 1495 34.52 40.31 -11.33
C LEU B 1495 33.49 39.27 -11.74
N LEU B 1496 32.32 39.28 -11.10
CA LEU B 1496 31.27 38.32 -11.43
C LEU B 1496 30.78 38.52 -12.86
N ALA B 1497 30.64 39.77 -13.30
CA ALA B 1497 30.22 40.02 -14.67
C ALA B 1497 31.23 39.44 -15.67
N THR B 1498 32.53 39.63 -15.40
CA THR B 1498 33.55 39.08 -16.29
C THR B 1498 33.46 37.56 -16.34
N GLU B 1499 33.32 36.93 -15.17
CA GLU B 1499 33.26 35.46 -15.13
C GLU B 1499 32.04 34.95 -15.90
N ILE B 1500 30.89 35.58 -15.70
CA ILE B 1500 29.68 35.16 -16.39
C ILE B 1500 29.84 35.29 -17.90
N GLU B 1501 30.44 36.40 -18.36
CA GLU B 1501 30.65 36.57 -19.79
C GLU B 1501 31.55 35.47 -20.34
N ARG B 1502 32.64 35.15 -19.64
CA ARG B 1502 33.53 34.10 -20.13
C ARG B 1502 32.82 32.76 -20.20
N LEU B 1503 32.04 32.42 -19.17
CA LEU B 1503 31.35 31.13 -19.16
C LEU B 1503 30.33 31.05 -20.29
N ILE B 1504 29.51 32.10 -20.46
CA ILE B 1504 28.50 32.06 -21.51
C ILE B 1504 29.14 32.06 -22.89
N THR B 1505 30.33 32.65 -23.03
CA THR B 1505 31.05 32.55 -24.29
C THR B 1505 31.48 31.12 -24.57
N TRP B 1506 32.03 30.44 -23.56
CA TRP B 1506 32.42 29.05 -23.76
C TRP B 1506 31.22 28.13 -23.96
N TYR B 1507 30.03 28.54 -23.52
CA TYR B 1507 28.86 27.66 -23.62
C TYR B 1507 28.56 27.30 -25.07
N ASN B 1508 28.45 28.29 -25.95
CA ASN B 1508 28.18 28.05 -27.36
C ASN B 1508 29.15 28.87 -28.21
N PRO B 1509 29.95 28.24 -29.06
CA PRO B 1509 30.89 29.00 -29.90
C PRO B 1509 30.17 29.94 -30.86
N LEU B 1510 29.23 29.40 -31.63
CA LEU B 1510 28.44 30.22 -32.54
C LEU B 1510 27.49 31.11 -31.75
N SER B 1511 26.93 32.10 -32.45
CA SER B 1511 25.95 32.97 -31.80
C SER B 1511 24.74 32.19 -31.32
N ALA B 1512 24.23 31.28 -32.17
CA ALA B 1512 23.13 30.37 -31.83
C ALA B 1512 21.93 31.13 -31.26
N PRO B 1513 21.20 31.86 -32.09
CA PRO B 1513 20.02 32.59 -31.57
C PRO B 1513 18.96 31.68 -30.98
N GLU B 1514 18.84 30.45 -31.50
CA GLU B 1514 17.84 29.52 -30.94
C GLU B 1514 18.17 29.13 -29.52
N LEU B 1515 19.46 28.99 -29.20
CA LEU B 1515 19.90 28.59 -27.86
C LEU B 1515 20.17 29.85 -27.06
N GLU B 1516 19.29 30.15 -26.09
CA GLU B 1516 19.36 31.39 -25.34
C GLU B 1516 19.16 31.12 -23.87
N LEU B 1517 19.32 32.18 -23.07
CA LEU B 1517 19.17 32.10 -21.62
C LEU B 1517 18.17 33.14 -21.14
N ASP B 1518 18.11 33.36 -19.83
CA ASP B 1518 17.21 34.36 -19.28
C ASP B 1518 17.53 35.74 -19.86
N GLN B 1519 16.51 36.42 -20.35
CA GLN B 1519 16.71 37.65 -21.12
C GLN B 1519 17.01 38.85 -20.22
N ALA B 1520 16.36 38.93 -19.05
CA ALA B 1520 16.39 40.16 -18.27
C ALA B 1520 17.79 40.46 -17.73
N GLY B 1521 18.42 39.47 -17.09
CA GLY B 1521 19.66 39.74 -16.37
C GLY B 1521 20.82 40.13 -17.27
N GLU B 1522 20.93 39.48 -18.43
CA GLU B 1522 22.08 39.71 -19.30
C GLU B 1522 22.13 41.14 -19.81
N ASN B 1523 20.98 41.78 -19.99
CA ASN B 1523 20.98 43.18 -20.42
C ASN B 1523 21.65 44.06 -19.38
N SER B 1524 21.29 43.88 -18.10
CA SER B 1524 21.93 44.64 -17.04
C SER B 1524 23.40 44.32 -16.93
N VAL B 1525 23.76 43.05 -17.10
CA VAL B 1525 25.17 42.66 -17.04
C VAL B 1525 25.96 43.36 -18.14
N ALA B 1526 25.41 43.38 -19.36
CA ALA B 1526 26.09 44.03 -20.47
C ALA B 1526 26.18 45.54 -20.26
N ASN B 1527 25.13 46.15 -19.70
CA ASN B 1527 25.18 47.58 -19.42
C ASN B 1527 26.27 47.91 -18.40
N TRP B 1528 26.36 47.10 -17.34
CA TRP B 1528 27.44 47.30 -16.37
C TRP B 1528 28.80 47.10 -17.01
N ARG B 1529 28.91 46.12 -17.91
CA ARG B 1529 30.17 45.89 -18.61
C ARG B 1529 30.57 47.11 -19.43
N SER B 1530 29.62 47.69 -20.15
CA SER B 1530 29.90 48.90 -20.91
C SER B 1530 30.31 50.05 -20.00
N LYS B 1531 29.60 50.21 -18.88
CA LYS B 1531 29.92 51.28 -17.95
C LYS B 1531 31.34 51.14 -17.40
N TYR B 1532 31.74 49.92 -17.05
CA TYR B 1532 33.06 49.71 -16.46
C TYR B 1532 34.17 49.62 -17.50
N ILE B 1533 33.84 49.39 -18.78
CA ILE B 1533 34.89 49.48 -19.80
C ILE B 1533 35.03 50.91 -20.30
N SER B 1534 34.06 51.77 -20.02
CA SER B 1534 34.12 53.17 -20.45
C SER B 1534 34.58 54.10 -19.32
N LEU B 1535 35.53 53.67 -18.50
CA LEU B 1535 36.07 54.52 -17.45
C LEU B 1535 37.52 54.91 -17.75
N SER B 1536 37.99 55.94 -17.06
CA SER B 1536 39.24 56.61 -17.41
C SER B 1536 40.45 55.81 -16.91
N GLU B 1537 41.64 56.33 -17.22
CA GLU B 1537 42.87 55.67 -16.80
C GLU B 1537 43.00 55.65 -15.28
N LYS B 1538 42.60 56.74 -14.62
CA LYS B 1538 42.68 56.80 -13.18
C LYS B 1538 41.65 55.87 -12.55
N GLN B 1539 41.60 55.88 -11.22
CA GLN B 1539 40.76 55.00 -10.40
C GLN B 1539 40.94 53.52 -10.77
N TRP B 1540 42.03 53.20 -11.46
CA TRP B 1540 42.44 51.82 -11.72
C TRP B 1540 43.52 51.36 -10.77
N LYS B 1541 44.51 52.21 -10.49
CA LYS B 1541 45.49 51.91 -9.46
C LYS B 1541 44.82 51.79 -8.09
N ASP B 1542 43.71 52.51 -7.89
CA ASP B 1542 42.94 52.35 -6.67
C ASP B 1542 42.39 50.94 -6.55
N ASN B 1543 41.93 50.37 -7.67
CA ASN B 1543 41.49 48.97 -7.65
C ASN B 1543 42.63 48.03 -7.29
N VAL B 1544 43.81 48.27 -7.85
CA VAL B 1544 44.96 47.43 -7.53
C VAL B 1544 45.36 47.59 -6.07
N ASN B 1545 45.32 48.83 -5.56
CA ASN B 1545 45.64 49.05 -4.16
C ASN B 1545 44.66 48.35 -3.24
N LEU B 1546 43.37 48.41 -3.57
CA LEU B 1546 42.37 47.70 -2.78
C LEU B 1546 42.57 46.20 -2.84
N ALA B 1547 42.89 45.67 -4.03
CA ALA B 1547 43.11 44.23 -4.16
C ALA B 1547 44.31 43.79 -3.33
N TRP B 1548 45.40 44.56 -3.35
CA TRP B 1548 46.55 44.23 -2.51
C TRP B 1548 46.21 44.38 -1.03
N SER B 1549 45.34 45.32 -0.68
CA SER B 1549 44.90 45.45 0.70
C SER B 1549 44.14 44.22 1.15
N ILE B 1550 43.32 43.65 0.27
CA ILE B 1550 42.56 42.45 0.62
C ILE B 1550 43.50 41.27 0.76
N SER B 1551 44.19 40.89 -0.33
CA SER B 1551 45.12 39.78 -0.30
C SER B 1551 46.03 39.86 -1.51
N PRO B 1552 47.32 39.59 -1.37
CA PRO B 1552 48.24 39.70 -2.52
C PRO B 1552 47.91 38.77 -3.67
N TYR B 1553 47.40 37.57 -3.39
CA TYR B 1553 47.16 36.60 -4.45
C TYR B 1553 46.11 37.10 -5.45
N LEU B 1554 45.05 37.74 -4.95
CA LEU B 1554 44.05 38.31 -5.83
C LEU B 1554 44.65 39.38 -6.73
N ALA B 1555 45.52 40.23 -6.17
CA ALA B 1555 46.19 41.24 -6.99
C ALA B 1555 47.08 40.59 -8.05
N VAL B 1556 47.77 39.52 -7.68
CA VAL B 1556 48.62 38.82 -8.65
C VAL B 1556 47.79 38.26 -9.80
N GLN B 1557 46.65 37.65 -9.48
CA GLN B 1557 45.80 37.06 -10.51
C GLN B 1557 44.91 38.08 -11.22
N LEU B 1558 44.88 39.32 -10.76
CA LEU B 1558 44.03 40.33 -11.38
C LEU B 1558 44.29 40.53 -12.88
N PRO B 1559 45.53 40.70 -13.35
CA PRO B 1559 45.72 40.93 -14.79
C PRO B 1559 45.34 39.75 -15.67
N ALA B 1560 45.20 38.55 -15.11
CA ALA B 1560 44.83 37.40 -15.92
C ALA B 1560 43.46 37.59 -16.57
N ARG B 1561 42.50 38.11 -15.81
CA ARG B 1561 41.23 38.54 -16.39
C ARG B 1561 41.51 39.80 -17.19
N PHE B 1562 41.60 39.64 -18.51
CA PHE B 1562 42.21 40.68 -19.35
C PHE B 1562 41.42 41.98 -19.29
N LYS B 1563 42.13 43.07 -19.05
CA LYS B 1563 41.60 44.43 -19.14
C LYS B 1563 42.47 45.20 -20.11
N ASN B 1564 41.84 45.95 -21.01
CA ASN B 1564 42.58 46.63 -22.06
C ASN B 1564 43.31 47.86 -21.50
N THR B 1565 44.27 47.63 -20.61
CA THR B 1565 45.05 48.69 -20.00
C THR B 1565 46.33 48.10 -19.44
N GLU B 1566 47.45 48.78 -19.71
CA GLU B 1566 48.76 48.30 -19.27
C GLU B 1566 49.17 48.82 -17.90
N ALA B 1567 48.46 49.82 -17.36
CA ALA B 1567 48.84 50.37 -16.06
C ALA B 1567 48.77 49.33 -14.95
N ILE B 1568 47.87 48.36 -15.09
CA ILE B 1568 47.77 47.30 -14.09
C ILE B 1568 49.09 46.56 -13.97
N GLY B 1569 49.72 46.24 -15.11
CA GLY B 1569 50.97 45.53 -15.07
C GLY B 1569 52.07 46.30 -14.35
N ASN B 1570 52.23 47.58 -14.70
CA ASN B 1570 53.28 48.38 -14.07
C ASN B 1570 53.02 48.54 -12.57
N GLU B 1571 51.77 48.77 -12.19
CA GLU B 1571 51.45 48.90 -10.77
C GLU B 1571 51.75 47.60 -10.02
N VAL B 1572 51.40 46.46 -10.61
CA VAL B 1572 51.69 45.18 -9.97
C VAL B 1572 53.19 44.96 -9.83
N THR B 1573 53.95 45.29 -10.88
CA THR B 1573 55.40 45.14 -10.80
C THR B 1573 56.00 46.03 -9.71
N ARG B 1574 55.51 47.27 -9.61
CA ARG B 1574 55.98 48.14 -8.53
C ARG B 1574 55.66 47.54 -7.17
N LEU B 1575 54.43 47.04 -7.01
CA LEU B 1575 54.03 46.50 -5.71
C LEU B 1575 54.87 45.30 -5.33
N VAL B 1576 55.12 44.38 -6.27
CA VAL B 1576 55.91 43.20 -5.91
C VAL B 1576 57.37 43.59 -5.70
N ARG B 1577 57.88 44.55 -6.47
CA ARG B 1577 59.26 44.98 -6.28
C ARG B 1577 59.48 45.58 -4.90
N LEU B 1578 58.48 46.31 -4.40
CA LEU B 1578 58.61 46.88 -3.06
C LEU B 1578 58.74 45.80 -2.00
N ASP B 1579 57.98 44.71 -2.12
CA ASP B 1579 58.04 43.60 -1.17
C ASP B 1579 57.81 42.29 -1.91
N PRO B 1580 58.88 41.63 -2.35
CA PRO B 1580 58.72 40.38 -3.12
C PRO B 1580 58.55 39.14 -2.27
N GLY B 1581 58.76 39.20 -0.96
CA GLY B 1581 58.70 38.00 -0.14
C GLY B 1581 57.29 37.50 0.13
N ALA B 1582 56.28 38.33 -0.13
CA ALA B 1582 54.91 37.93 0.18
C ALA B 1582 54.44 36.78 -0.72
N VAL B 1583 54.77 36.82 -2.00
CA VAL B 1583 54.27 35.85 -2.97
C VAL B 1583 55.32 34.77 -3.21
N SER B 1584 54.86 33.52 -3.29
CA SER B 1584 55.73 32.41 -3.65
C SER B 1584 55.03 31.41 -4.58
N ASP B 1585 54.06 31.89 -5.36
CA ASP B 1585 53.47 31.08 -6.43
C ASP B 1585 54.23 31.42 -7.71
N VAL B 1586 55.26 30.63 -7.98
CA VAL B 1586 56.31 31.06 -8.91
C VAL B 1586 55.82 31.27 -10.34
N PRO B 1587 55.12 30.33 -10.99
CA PRO B 1587 55.03 30.39 -12.46
C PRO B 1587 54.36 31.65 -12.99
N GLU B 1588 53.37 32.19 -12.28
CA GLU B 1588 52.67 33.39 -12.72
C GLU B 1588 53.13 34.64 -11.99
N ALA B 1589 54.20 34.54 -11.20
CA ALA B 1589 54.69 35.68 -10.43
C ALA B 1589 56.12 36.06 -10.71
N ILE B 1590 56.95 35.14 -11.20
CA ILE B 1590 58.35 35.50 -11.48
C ILE B 1590 58.45 36.46 -12.64
N LYS B 1591 57.47 36.44 -13.54
CA LYS B 1591 57.46 37.38 -14.67
C LYS B 1591 57.20 38.81 -14.23
N PHE B 1592 56.79 39.03 -12.98
CA PHE B 1592 56.58 40.36 -12.45
C PHE B 1592 57.81 40.90 -11.71
N LEU B 1593 58.85 40.09 -11.55
CA LEU B 1593 60.05 40.50 -10.82
C LEU B 1593 61.34 40.28 -11.60
N VAL B 1594 61.42 39.19 -12.40
CA VAL B 1594 62.68 38.79 -12.99
C VAL B 1594 63.24 39.87 -13.90
N THR B 1595 62.39 40.69 -14.50
CA THR B 1595 62.85 41.77 -15.37
C THR B 1595 62.84 43.08 -14.57
N TRP B 1596 64.06 43.53 -14.20
CA TRP B 1596 64.22 44.89 -13.73
C TRP B 1596 63.95 45.88 -14.84
N HIS B 1597 64.37 45.56 -16.05
CA HIS B 1597 64.12 46.35 -17.25
C HIS B 1597 64.11 45.40 -18.44
N THR B 1598 63.58 45.87 -19.56
CA THR B 1598 63.47 45.05 -20.75
C THR B 1598 64.85 44.61 -21.25
N ILE B 1599 65.67 45.56 -21.68
CA ILE B 1599 67.01 45.28 -22.16
C ILE B 1599 68.06 46.22 -21.57
N ASP B 1600 67.68 47.10 -20.66
CA ASP B 1600 68.62 48.11 -20.15
C ASP B 1600 69.79 47.47 -19.40
N ALA B 1601 69.56 46.34 -18.73
CA ALA B 1601 70.60 45.56 -18.08
C ALA B 1601 71.36 46.39 -17.05
N ASP B 1602 70.63 46.81 -16.01
CA ASP B 1602 71.21 47.59 -14.92
C ASP B 1602 70.46 47.25 -13.64
N ALA B 1603 70.67 48.07 -12.61
CA ALA B 1603 69.98 47.97 -11.33
C ALA B 1603 69.96 46.54 -10.75
N PRO B 1604 71.12 45.96 -10.47
CA PRO B 1604 71.13 44.60 -9.88
C PRO B 1604 70.85 44.64 -8.38
N GLU B 1605 69.56 44.77 -8.03
CA GLU B 1605 69.15 44.92 -6.65
C GLU B 1605 67.95 44.04 -6.38
N LEU B 1606 67.76 43.70 -5.10
CA LEU B 1606 66.60 42.96 -4.58
C LEU B 1606 66.33 41.69 -5.38
N SER B 1607 67.37 41.08 -5.94
CA SER B 1607 67.23 39.83 -6.68
C SER B 1607 67.64 38.66 -5.78
N HIS B 1608 66.84 38.45 -4.74
CA HIS B 1608 67.01 37.29 -3.86
C HIS B 1608 66.11 36.14 -4.29
N VAL B 1609 66.30 35.74 -5.55
CA VAL B 1609 65.47 34.72 -6.18
C VAL B 1609 65.68 33.33 -5.59
N LEU B 1610 66.68 33.15 -4.74
CA LEU B 1610 66.98 31.81 -4.20
C LEU B 1610 65.84 31.27 -3.35
N CYS B 1611 64.96 32.15 -2.86
CA CYS B 1611 63.89 31.70 -1.96
C CYS B 1611 62.77 30.96 -2.68
N TRP B 1612 62.72 31.03 -4.00
CA TRP B 1612 61.51 30.65 -4.72
C TRP B 1612 61.59 29.23 -5.24
N ALA B 1613 60.53 28.81 -5.94
CA ALA B 1613 60.28 27.42 -6.33
C ALA B 1613 60.47 27.22 -7.83
N PRO B 1614 60.72 25.99 -8.26
CA PRO B 1614 60.93 25.72 -9.69
C PRO B 1614 59.65 25.90 -10.51
N THR B 1615 59.86 26.19 -11.79
CA THR B 1615 58.77 26.33 -12.76
C THR B 1615 59.00 25.42 -13.96
N ASP B 1616 58.24 25.61 -15.03
CA ASP B 1616 58.36 24.79 -16.23
C ASP B 1616 59.71 25.01 -16.90
N PRO B 1617 60.28 23.97 -17.50
CA PRO B 1617 61.61 24.07 -18.14
C PRO B 1617 61.67 25.14 -19.22
N PRO B 1618 60.64 25.29 -20.08
CA PRO B 1618 60.75 26.32 -21.13
C PRO B 1618 60.98 27.71 -20.61
N THR B 1619 60.37 28.07 -19.47
CA THR B 1619 60.63 29.39 -18.90
C THR B 1619 62.03 29.47 -18.33
N GLY B 1620 62.56 28.37 -17.80
CA GLY B 1620 63.91 28.39 -17.25
C GLY B 1620 64.97 28.70 -18.28
N LEU B 1621 64.85 28.10 -19.46
CA LEU B 1621 65.83 28.32 -20.53
C LEU B 1621 65.72 29.70 -21.15
N SER B 1622 64.68 30.47 -20.83
CA SER B 1622 64.53 31.81 -21.39
C SER B 1622 65.64 32.74 -20.94
N TYR B 1623 66.32 32.43 -19.83
CA TYR B 1623 67.39 33.29 -19.33
C TYR B 1623 68.72 33.06 -20.03
N PHE B 1624 68.78 32.10 -20.96
CA PHE B 1624 69.98 31.86 -21.75
C PHE B 1624 69.81 32.26 -23.21
N SER B 1625 68.67 32.82 -23.59
CA SER B 1625 68.40 33.18 -24.97
C SER B 1625 68.91 34.59 -25.24
N SER B 1626 68.55 35.14 -26.40
CA SER B 1626 68.94 36.49 -26.78
C SER B 1626 68.04 37.56 -26.17
N MET B 1627 66.95 37.17 -25.51
CA MET B 1627 66.01 38.14 -24.94
C MET B 1627 66.59 38.80 -23.69
N TYR B 1628 67.24 38.02 -22.82
CA TYR B 1628 67.68 38.56 -21.55
C TYR B 1628 69.20 38.71 -21.50
N PRO B 1629 69.70 39.83 -21.00
CA PRO B 1629 71.14 39.98 -20.81
C PRO B 1629 71.64 39.00 -19.77
N PRO B 1630 72.90 38.59 -19.86
CA PRO B 1630 73.44 37.62 -18.90
C PRO B 1630 73.50 38.19 -17.49
N HIS B 1631 73.32 37.30 -16.52
CA HIS B 1631 73.38 37.65 -15.10
C HIS B 1631 73.57 36.38 -14.27
N PRO B 1632 74.48 36.40 -13.29
CA PRO B 1632 74.75 35.16 -12.53
C PRO B 1632 73.55 34.60 -11.79
N LEU B 1633 72.71 35.47 -11.19
CA LEU B 1633 71.62 34.99 -10.37
C LEU B 1633 70.58 34.23 -11.19
N THR B 1634 70.20 34.78 -12.34
CA THR B 1634 69.27 34.09 -13.22
C THR B 1634 69.86 32.76 -13.69
N ALA B 1635 71.17 32.72 -13.94
CA ALA B 1635 71.81 31.48 -14.34
C ALA B 1635 71.73 30.44 -13.23
N GLN B 1636 71.96 30.85 -11.98
CA GLN B 1636 71.84 29.92 -10.85
C GLN B 1636 70.41 29.41 -10.72
N TYR B 1637 69.42 30.30 -10.86
CA TYR B 1637 68.04 29.86 -10.81
C TYR B 1637 67.73 28.87 -11.92
N GLY B 1638 68.22 29.14 -13.12
CA GLY B 1638 67.98 28.24 -14.24
C GLY B 1638 68.61 26.88 -14.05
N VAL B 1639 69.86 26.84 -13.59
CA VAL B 1639 70.49 25.55 -13.39
C VAL B 1639 69.78 24.78 -12.28
N LYS B 1640 69.30 25.47 -11.24
CA LYS B 1640 68.53 24.79 -10.20
C LYS B 1640 67.25 24.18 -10.76
N VAL B 1641 66.46 24.97 -11.48
CA VAL B 1641 65.17 24.47 -11.95
C VAL B 1641 65.38 23.35 -12.95
N LEU B 1642 66.44 23.42 -13.76
CA LEU B 1642 66.76 22.31 -14.65
C LEU B 1642 67.21 21.08 -13.86
N ARG B 1643 67.91 21.30 -12.74
CA ARG B 1643 68.40 20.20 -11.92
C ARG B 1643 67.28 19.51 -11.16
N SER B 1644 66.13 20.16 -11.00
CA SER B 1644 65.05 19.61 -10.18
C SER B 1644 64.01 18.86 -11.01
N PHE B 1645 64.42 18.12 -12.03
CA PHE B 1645 63.47 17.41 -12.89
C PHE B 1645 63.94 15.99 -13.14
N PRO B 1646 63.02 15.06 -13.39
CA PRO B 1646 63.40 13.67 -13.69
C PRO B 1646 64.04 13.56 -15.07
N PRO B 1647 64.82 12.51 -15.30
CA PRO B 1647 65.58 12.41 -16.56
C PRO B 1647 64.72 12.36 -17.81
N ASP B 1648 63.48 11.86 -17.74
CA ASP B 1648 62.67 11.67 -18.94
C ASP B 1648 62.34 13.02 -19.59
N ALA B 1649 61.98 14.02 -18.79
CA ALA B 1649 61.68 15.33 -19.35
C ALA B 1649 62.92 15.96 -20.00
N ILE B 1650 64.08 15.77 -19.39
CA ILE B 1650 65.32 16.28 -19.97
C ILE B 1650 65.61 15.57 -21.29
N LEU B 1651 65.36 14.26 -21.35
CA LEU B 1651 65.54 13.54 -22.60
C LEU B 1651 64.60 14.09 -23.67
N PHE B 1652 63.37 14.40 -23.28
CA PHE B 1652 62.42 14.98 -24.23
C PHE B 1652 62.89 16.35 -24.73
N TYR B 1653 63.45 17.16 -23.83
CA TYR B 1653 63.88 18.52 -24.15
C TYR B 1653 65.34 18.60 -24.59
N ILE B 1654 65.98 17.46 -24.84
CA ILE B 1654 67.41 17.37 -25.11
C ILE B 1654 67.93 18.29 -26.22
N PRO B 1655 67.26 18.46 -27.38
CA PRO B 1655 67.92 19.23 -28.45
C PRO B 1655 68.23 20.68 -28.09
N GLN B 1656 67.40 21.31 -27.26
CA GLN B 1656 67.52 22.75 -27.05
C GLN B 1656 68.71 23.11 -26.17
N ILE B 1657 69.17 22.18 -25.33
CA ILE B 1657 70.26 22.49 -24.40
C ILE B 1657 71.56 22.78 -25.15
N VAL B 1658 71.89 21.96 -26.15
CA VAL B 1658 73.12 22.19 -26.90
C VAL B 1658 73.05 23.49 -27.68
N GLN B 1659 71.87 23.86 -28.18
CA GLN B 1659 71.72 25.16 -28.83
C GLN B 1659 71.91 26.30 -27.84
N ALA B 1660 71.33 26.17 -26.64
CA ALA B 1660 71.50 27.20 -25.62
C ALA B 1660 72.93 27.28 -25.11
N LEU B 1661 73.72 26.22 -25.33
CA LEU B 1661 75.13 26.25 -24.94
C LEU B 1661 75.90 27.35 -25.67
N ARG B 1662 75.36 27.87 -26.77
CA ARG B 1662 76.03 28.93 -27.52
C ARG B 1662 76.32 30.14 -26.64
N TYR B 1663 75.35 30.54 -25.82
CA TYR B 1663 75.45 31.75 -25.01
C TYR B 1663 76.03 31.47 -23.62
N ASP B 1664 76.74 30.36 -23.45
CA ASP B 1664 77.28 30.01 -22.14
C ASP B 1664 78.51 30.86 -21.82
N LYS B 1665 78.31 32.14 -21.52
CA LYS B 1665 79.41 32.97 -21.06
C LYS B 1665 79.94 32.49 -19.71
N MET B 1666 79.09 31.80 -18.94
CA MET B 1666 79.48 31.25 -17.65
C MET B 1666 80.01 29.83 -17.86
N GLY B 1667 80.16 29.08 -16.77
CA GLY B 1667 80.58 27.70 -16.89
C GLY B 1667 79.57 26.73 -16.31
N TYR B 1668 78.33 27.19 -16.11
CA TYR B 1668 77.31 26.35 -15.49
C TYR B 1668 76.80 25.29 -16.46
N VAL B 1669 76.61 25.66 -17.74
CA VAL B 1669 75.97 24.76 -18.69
C VAL B 1669 76.81 23.52 -18.91
N ARG B 1670 78.13 23.68 -19.08
CA ARG B 1670 78.97 22.53 -19.39
C ARG B 1670 79.08 21.58 -18.20
N GLU B 1671 79.26 22.13 -16.99
CA GLU B 1671 79.34 21.25 -15.82
C GLU B 1671 78.01 20.53 -15.59
N TYR B 1672 76.89 21.23 -15.77
CA TYR B 1672 75.60 20.57 -15.64
C TYR B 1672 75.43 19.48 -16.69
N ILE B 1673 75.86 19.75 -17.92
CA ILE B 1673 75.64 18.80 -19.00
C ILE B 1673 76.49 17.56 -18.79
N LEU B 1674 77.73 17.71 -18.31
CA LEU B 1674 78.55 16.53 -18.05
C LEU B 1674 78.03 15.76 -16.84
N TRP B 1675 77.55 16.46 -15.81
CA TRP B 1675 76.97 15.77 -14.67
C TRP B 1675 75.73 14.98 -15.07
N ALA B 1676 74.87 15.57 -15.90
CA ALA B 1676 73.68 14.86 -16.37
C ALA B 1676 74.06 13.67 -17.23
N ALA B 1677 75.07 13.83 -18.10
CA ALA B 1677 75.52 12.71 -18.92
C ALA B 1677 76.07 11.59 -18.06
N SER B 1678 76.77 11.93 -16.97
CA SER B 1678 77.29 10.92 -16.07
C SER B 1678 76.24 10.34 -15.14
N LYS B 1679 75.08 10.98 -15.00
CA LYS B 1679 74.05 10.48 -14.11
C LYS B 1679 73.50 9.13 -14.59
N SER B 1680 73.12 9.04 -15.86
CA SER B 1680 72.61 7.81 -16.44
C SER B 1680 73.13 7.68 -17.86
N GLN B 1681 72.71 6.61 -18.54
CA GLN B 1681 73.35 6.16 -19.77
C GLN B 1681 72.66 6.61 -21.04
N LEU B 1682 71.34 6.40 -21.15
CA LEU B 1682 70.64 6.61 -22.41
C LEU B 1682 70.73 8.06 -22.86
N LEU B 1683 70.54 9.01 -21.93
CA LEU B 1683 70.64 10.41 -22.29
C LEU B 1683 72.04 10.77 -22.76
N ALA B 1684 73.06 10.09 -22.24
CA ALA B 1684 74.42 10.31 -22.72
C ALA B 1684 74.57 9.86 -24.17
N HIS B 1685 73.95 8.73 -24.53
CA HIS B 1685 73.97 8.29 -25.92
C HIS B 1685 73.25 9.29 -26.82
N GLN B 1686 72.09 9.78 -26.39
CA GLN B 1686 71.38 10.78 -27.17
C GLN B 1686 72.23 12.05 -27.32
N PHE B 1687 72.88 12.47 -26.24
CA PHE B 1687 73.87 13.54 -26.26
C PHE B 1687 74.86 13.32 -27.39
N ILE B 1688 75.65 12.25 -27.27
CA ILE B 1688 76.77 12.05 -28.18
C ILE B 1688 76.29 12.00 -29.62
N TRP B 1689 75.11 11.41 -29.85
CA TRP B 1689 74.52 11.45 -31.18
C TRP B 1689 74.22 12.89 -31.61
N ASN B 1690 73.70 13.71 -30.71
CA ASN B 1690 73.26 15.05 -31.11
C ASN B 1690 74.45 15.97 -31.40
N MET B 1691 75.47 15.98 -30.53
CA MET B 1691 76.64 16.78 -30.89
C MET B 1691 77.52 16.13 -31.95
N LYS B 1692 77.31 14.84 -32.26
CA LYS B 1692 77.96 14.30 -33.45
C LYS B 1692 77.27 14.79 -34.72
N THR B 1693 75.95 14.94 -34.67
CA THR B 1693 75.23 15.44 -35.84
C THR B 1693 75.43 16.95 -36.01
N ASN B 1694 75.44 17.71 -34.93
CA ASN B 1694 75.38 19.16 -34.99
C ASN B 1694 76.75 19.83 -35.10
N ILE B 1695 77.84 19.07 -35.01
CA ILE B 1695 79.17 19.68 -35.05
C ILE B 1695 79.41 20.32 -36.42
N TYR B 1696 79.04 19.62 -37.50
CA TYR B 1696 79.23 20.15 -38.84
C TYR B 1696 78.03 21.05 -39.18
N LEU B 1697 77.97 21.55 -40.41
CA LEU B 1697 76.89 22.44 -40.82
C LEU B 1697 76.06 21.88 -41.96
N ASP B 1698 76.72 21.40 -43.03
CA ASP B 1698 76.02 20.96 -44.22
C ASP B 1698 75.48 19.55 -44.03
N GLU B 1699 74.86 19.00 -45.08
CA GLU B 1699 74.33 17.65 -45.03
C GLU B 1699 75.45 16.62 -44.90
N GLU B 1700 76.63 16.91 -45.44
CA GLU B 1700 77.80 16.05 -45.25
C GLU B 1700 78.92 16.73 -44.49
N GLY B 1701 79.07 18.05 -44.66
CA GLY B 1701 80.10 18.79 -43.96
C GLY B 1701 81.19 19.30 -44.88
N HIS B 1702 81.09 20.57 -45.26
CA HIS B 1702 82.09 21.21 -46.11
C HIS B 1702 82.60 22.52 -45.51
N GLN B 1703 81.74 23.28 -44.84
CA GLN B 1703 82.12 24.48 -44.10
C GLN B 1703 81.41 24.39 -42.75
N LYS B 1704 82.10 23.82 -41.77
CA LYS B 1704 81.50 23.57 -40.46
C LYS B 1704 81.25 24.88 -39.72
N ASP B 1705 80.72 24.76 -38.52
CA ASP B 1705 80.42 25.92 -37.68
C ASP B 1705 81.70 26.68 -37.35
N PRO B 1706 81.76 27.98 -37.62
CA PRO B 1706 82.96 28.77 -37.29
C PRO B 1706 82.92 29.45 -35.94
N ASP B 1707 81.97 29.12 -35.07
CA ASP B 1707 81.80 29.82 -33.79
C ASP B 1707 82.13 28.97 -32.59
N ILE B 1708 81.46 27.83 -32.41
CA ILE B 1708 81.64 27.00 -31.22
C ILE B 1708 81.96 25.57 -31.61
N GLY B 1709 82.50 25.39 -32.82
CA GLY B 1709 82.84 24.05 -33.26
C GLY B 1709 83.93 23.39 -32.41
N ASP B 1710 84.98 24.13 -32.10
CA ASP B 1710 86.12 23.58 -31.36
C ASP B 1710 85.71 23.13 -29.97
N LEU B 1711 84.99 23.99 -29.24
CA LEU B 1711 84.46 23.58 -27.95
C LEU B 1711 83.53 22.39 -28.10
N LEU B 1712 82.79 22.34 -29.20
CA LEU B 1712 81.88 21.23 -29.45
C LEU B 1712 82.63 19.90 -29.48
N ASP B 1713 83.60 19.76 -30.39
CA ASP B 1713 84.22 18.44 -30.49
C ASP B 1713 85.13 18.17 -29.30
N GLN B 1714 85.67 19.22 -28.67
CA GLN B 1714 86.43 19.01 -27.44
C GLN B 1714 85.55 18.38 -26.36
N LEU B 1715 84.34 18.91 -26.18
CA LEU B 1715 83.42 18.31 -25.23
C LEU B 1715 83.03 16.91 -25.65
N VAL B 1716 82.83 16.70 -26.96
CA VAL B 1716 82.43 15.38 -27.45
C VAL B 1716 83.47 14.33 -27.12
N GLU B 1717 84.75 14.64 -27.34
CA GLU B 1717 85.79 13.68 -27.02
C GLU B 1717 86.01 13.58 -25.52
N GLU B 1718 85.71 14.65 -24.78
CA GLU B 1718 85.91 14.61 -23.33
C GLU B 1718 84.89 13.71 -22.65
N ILE B 1719 83.62 13.80 -23.04
CA ILE B 1719 82.58 13.05 -22.32
C ILE B 1719 82.76 11.55 -22.55
N THR B 1720 83.00 11.16 -23.81
CA THR B 1720 83.15 9.75 -24.12
C THR B 1720 84.48 9.21 -23.59
N GLY B 1721 84.54 7.88 -23.47
CA GLY B 1721 85.73 7.23 -22.96
C GLY B 1721 85.77 7.15 -21.45
N SER B 1722 85.25 8.18 -20.77
CA SER B 1722 85.22 8.18 -19.32
C SER B 1722 84.37 7.04 -18.78
N LEU B 1723 83.22 6.80 -19.42
CA LEU B 1723 82.39 5.65 -19.05
C LEU B 1723 83.11 4.36 -19.39
N SER B 1724 83.02 3.39 -18.49
CA SER B 1724 83.77 2.15 -18.62
C SER B 1724 82.85 0.98 -18.30
N GLY B 1725 83.44 -0.22 -18.26
CA GLY B 1725 82.72 -1.43 -17.92
C GLY B 1725 81.58 -1.73 -18.88
N PRO B 1726 80.44 -2.16 -18.32
CA PRO B 1726 79.29 -2.47 -19.17
C PRO B 1726 78.82 -1.29 -20.00
N ALA B 1727 78.96 -0.07 -19.47
CA ALA B 1727 78.61 1.12 -20.25
C ALA B 1727 79.48 1.21 -21.50
N LYS B 1728 80.79 1.00 -21.35
CA LYS B 1728 81.69 1.04 -22.51
C LYS B 1728 81.37 -0.09 -23.48
N ASP B 1729 81.10 -1.29 -22.96
CA ASP B 1729 80.77 -2.41 -23.84
C ASP B 1729 79.50 -2.13 -24.64
N PHE B 1730 78.47 -1.59 -23.98
CA PHE B 1730 77.23 -1.26 -24.68
C PHE B 1730 77.45 -0.14 -25.69
N TYR B 1731 78.27 0.85 -25.34
CA TYR B 1731 78.63 1.91 -26.29
C TYR B 1731 79.24 1.33 -27.55
N GLN B 1732 80.26 0.48 -27.38
CA GLN B 1732 80.92 -0.11 -28.55
C GLN B 1732 79.95 -0.99 -29.35
N ARG B 1733 79.15 -1.80 -28.66
CA ARG B 1733 78.20 -2.67 -29.35
C ARG B 1733 77.22 -1.86 -30.18
N GLU B 1734 76.61 -0.83 -29.58
CA GLU B 1734 75.62 -0.04 -30.30
C GLU B 1734 76.26 0.67 -31.48
N PHE B 1735 77.46 1.24 -31.30
CA PHE B 1735 78.08 1.98 -32.39
C PHE B 1735 78.45 1.05 -33.55
N ASP B 1736 79.08 -0.09 -33.25
CA ASP B 1736 79.47 -0.98 -34.34
C ASP B 1736 78.26 -1.58 -35.04
N PHE B 1737 77.21 -1.91 -34.27
CA PHE B 1737 75.98 -2.43 -34.86
C PHE B 1737 75.33 -1.40 -35.76
N PHE B 1738 75.29 -0.14 -35.32
CA PHE B 1738 74.74 0.95 -36.12
C PHE B 1738 75.51 1.10 -37.42
N ASN B 1739 76.85 1.14 -37.33
CA ASN B 1739 77.66 1.30 -38.53
C ASN B 1739 77.46 0.13 -39.49
N LYS B 1740 77.42 -1.10 -38.95
CA LYS B 1740 77.24 -2.27 -39.80
C LYS B 1740 75.90 -2.25 -40.52
N ILE B 1741 74.83 -1.89 -39.81
CA ILE B 1741 73.52 -1.89 -40.46
C ILE B 1741 73.39 -0.75 -41.45
N THR B 1742 74.05 0.38 -41.20
CA THR B 1742 73.89 1.54 -42.07
C THR B 1742 74.90 1.61 -43.20
N ASN B 1743 75.91 0.73 -43.24
CA ASN B 1743 76.76 0.67 -44.42
C ASN B 1743 76.02 0.19 -45.65
N VAL B 1744 74.90 -0.52 -45.47
CA VAL B 1744 74.19 -1.10 -46.60
C VAL B 1744 73.61 -0.03 -47.50
N SER B 1745 73.11 1.06 -46.93
CA SER B 1745 72.53 2.13 -47.74
C SER B 1745 73.58 2.75 -48.65
N ALA B 1746 74.76 3.03 -48.11
CA ALA B 1746 75.84 3.58 -48.93
C ALA B 1746 76.35 2.56 -49.94
N ILE B 1747 76.34 1.27 -49.58
CA ILE B 1747 76.78 0.24 -50.51
C ILE B 1747 75.85 0.15 -51.71
N ILE B 1748 74.53 0.18 -51.47
CA ILE B 1748 73.56 -0.08 -52.53
C ILE B 1748 73.03 1.18 -53.21
N LYS B 1749 73.36 2.36 -52.70
CA LYS B 1749 72.86 3.59 -53.32
C LYS B 1749 73.32 3.76 -54.77
N PRO B 1750 74.60 3.59 -55.12
CA PRO B 1750 75.02 3.85 -56.50
C PRO B 1750 74.66 2.76 -57.51
N TYR B 1751 73.80 1.80 -57.14
CA TYR B 1751 73.46 0.74 -58.07
C TYR B 1751 72.56 1.29 -59.19
N PRO B 1752 72.69 0.77 -60.41
CA PRO B 1752 71.91 1.29 -61.52
C PRO B 1752 70.42 1.01 -61.36
N LYS B 1753 69.61 1.94 -61.88
CA LYS B 1753 68.16 1.83 -61.75
C LYS B 1753 67.65 0.65 -62.56
N GLY B 1754 66.90 -0.23 -61.91
CA GLY B 1754 66.31 -1.37 -62.59
C GLY B 1754 66.24 -2.56 -61.67
N ASP B 1755 66.13 -3.74 -62.30
CA ASP B 1755 66.01 -4.99 -61.55
C ASP B 1755 67.34 -5.42 -60.93
N GLU B 1756 68.45 -5.06 -61.55
CA GLU B 1756 69.75 -5.34 -60.95
C GLU B 1756 69.89 -4.64 -59.60
N ARG B 1757 69.37 -3.42 -59.51
CA ARG B 1757 69.33 -2.72 -58.23
C ARG B 1757 68.59 -3.54 -57.18
N LYS B 1758 67.42 -4.08 -57.54
CA LYS B 1758 66.62 -4.80 -56.57
C LYS B 1758 67.29 -6.11 -56.15
N LYS B 1759 67.89 -6.84 -57.09
CA LYS B 1759 68.61 -8.05 -56.72
C LYS B 1759 69.80 -7.74 -55.82
N ALA B 1760 70.59 -6.73 -56.18
CA ALA B 1760 71.76 -6.39 -55.38
C ALA B 1760 71.35 -5.91 -53.99
N CYS B 1761 70.31 -5.09 -53.90
CA CYS B 1761 69.87 -4.60 -52.60
C CYS B 1761 69.31 -5.74 -51.75
N LEU B 1762 68.57 -6.67 -52.36
CA LEU B 1762 68.08 -7.81 -51.61
C LEU B 1762 69.23 -8.65 -51.06
N SER B 1763 70.26 -8.88 -51.87
CA SER B 1763 71.42 -9.62 -51.38
C SER B 1763 72.10 -8.87 -50.24
N ALA B 1764 72.28 -7.56 -50.39
CA ALA B 1764 72.97 -6.78 -49.35
C ALA B 1764 72.17 -6.79 -48.05
N LEU B 1765 70.85 -6.64 -48.14
CA LEU B 1765 70.01 -6.71 -46.94
C LEU B 1765 69.96 -8.12 -46.37
N SER B 1766 70.22 -9.14 -47.19
CA SER B 1766 70.41 -10.48 -46.66
C SER B 1766 71.77 -10.65 -45.99
N GLU B 1767 72.74 -9.80 -46.30
CA GLU B 1767 74.06 -9.88 -45.67
C GLU B 1767 74.06 -9.48 -44.20
N VAL B 1768 72.95 -8.95 -43.68
CA VAL B 1768 72.91 -8.41 -42.32
C VAL B 1768 73.10 -9.52 -41.30
N LYS B 1769 73.39 -9.13 -40.05
CA LYS B 1769 73.60 -10.08 -38.96
C LYS B 1769 72.89 -9.57 -37.71
N VAL B 1770 72.54 -10.49 -36.82
CA VAL B 1770 71.79 -10.19 -35.61
C VAL B 1770 72.75 -9.87 -34.48
N GLN B 1771 72.43 -8.83 -33.70
CA GLN B 1771 73.22 -8.45 -32.54
C GLN B 1771 72.29 -8.32 -31.34
N PRO B 1772 72.45 -9.15 -30.32
CA PRO B 1772 71.57 -9.05 -29.14
C PRO B 1772 71.87 -7.84 -28.29
N GLY B 1773 70.85 -7.41 -27.54
CA GLY B 1773 70.97 -6.34 -26.58
C GLY B 1773 70.76 -4.94 -27.12
N CYS B 1774 71.15 -4.69 -28.37
CA CYS B 1774 71.06 -3.36 -28.94
C CYS B 1774 69.60 -2.96 -29.15
N TYR B 1775 69.34 -1.65 -29.08
CA TYR B 1775 68.02 -1.10 -29.28
C TYR B 1775 68.02 -0.14 -30.47
N LEU B 1776 66.86 0.00 -31.11
CA LEU B 1776 66.73 0.91 -32.23
C LEU B 1776 66.75 2.35 -31.74
N PRO B 1777 67.25 3.28 -32.56
CA PRO B 1777 67.50 4.65 -32.05
C PRO B 1777 66.24 5.41 -31.66
N SER B 1778 65.20 5.37 -32.51
CA SER B 1778 64.08 6.28 -32.35
C SER B 1778 63.33 6.04 -31.03
N ASN B 1779 62.94 4.80 -30.79
CA ASN B 1779 62.07 4.49 -29.65
C ASN B 1779 62.83 3.68 -28.61
N PRO B 1780 63.21 4.29 -27.48
CA PRO B 1780 63.83 3.52 -26.39
C PRO B 1780 62.85 2.83 -25.46
N GLU B 1781 61.57 2.79 -25.80
CA GLU B 1781 60.55 2.18 -24.95
C GLU B 1781 60.30 0.71 -25.26
N ALA B 1782 60.89 0.18 -26.33
CA ALA B 1782 60.70 -1.21 -26.72
C ALA B 1782 62.03 -1.80 -27.17
N ILE B 1783 62.24 -3.07 -26.84
CA ILE B 1783 63.48 -3.78 -27.16
C ILE B 1783 63.17 -4.81 -28.25
N VAL B 1784 64.02 -4.84 -29.27
CA VAL B 1784 63.83 -5.76 -30.39
C VAL B 1784 63.97 -7.20 -29.91
N LEU B 1785 63.01 -8.04 -30.29
CA LEU B 1785 63.09 -9.47 -29.97
C LEU B 1785 63.77 -10.25 -31.08
N ASP B 1786 63.53 -9.90 -32.34
CA ASP B 1786 64.15 -10.60 -33.45
C ASP B 1786 64.21 -9.66 -34.66
N ILE B 1787 65.09 -10.02 -35.60
CA ILE B 1787 65.30 -9.25 -36.81
C ILE B 1787 64.87 -10.08 -38.01
N ASP B 1788 64.02 -9.50 -38.85
CA ASP B 1788 63.62 -10.14 -40.10
C ASP B 1788 64.63 -9.79 -41.18
N TYR B 1789 64.90 -10.78 -42.05
CA TYR B 1789 65.99 -10.66 -43.01
C TYR B 1789 65.52 -10.14 -44.37
N LYS B 1790 64.60 -10.85 -45.01
CA LYS B 1790 64.21 -10.54 -46.38
C LYS B 1790 63.11 -9.46 -46.46
N SER B 1791 62.58 -9.03 -45.32
CA SER B 1791 61.59 -7.94 -45.35
C SER B 1791 62.20 -6.62 -45.80
N GLY B 1792 63.51 -6.46 -45.68
CA GLY B 1792 64.17 -5.23 -46.07
C GLY B 1792 64.05 -4.92 -47.55
N THR B 1793 63.59 -3.70 -47.86
CA THR B 1793 63.46 -3.20 -49.22
C THR B 1793 63.94 -1.76 -49.27
N PRO B 1794 64.40 -1.29 -50.43
CA PRO B 1794 64.79 0.11 -50.54
C PRO B 1794 63.61 1.01 -50.89
N MET B 1795 63.58 2.18 -50.28
CA MET B 1795 62.50 3.14 -50.50
C MET B 1795 62.81 4.02 -51.70
N GLN B 1796 61.76 4.66 -52.22
CA GLN B 1796 61.86 5.56 -53.35
C GLN B 1796 62.05 6.98 -52.84
N SER B 1797 63.13 7.63 -53.28
CA SER B 1797 63.43 8.99 -52.85
C SER B 1797 64.43 9.65 -53.80
N LYS B 1800 69.54 9.17 -54.10
CA LYS B 1800 69.21 8.86 -52.71
C LYS B 1800 68.46 7.55 -52.62
N ALA B 1801 69.00 6.62 -51.82
CA ALA B 1801 68.45 5.27 -51.70
C ALA B 1801 68.26 4.93 -50.22
N PRO B 1802 67.20 5.44 -49.60
CA PRO B 1802 66.85 4.99 -48.25
C PRO B 1802 66.35 3.55 -48.28
N TYR B 1803 66.47 2.87 -47.14
CA TYR B 1803 66.07 1.47 -47.10
C TYR B 1803 65.22 1.19 -45.87
N LEU B 1804 64.60 0.02 -45.86
CA LEU B 1804 63.66 -0.39 -44.82
C LEU B 1804 64.30 -1.41 -43.90
N ALA B 1805 63.88 -1.38 -42.64
CA ALA B 1805 64.29 -2.39 -41.66
C ALA B 1805 63.10 -2.74 -40.79
N LYS B 1806 62.73 -4.01 -40.76
CA LYS B 1806 61.59 -4.50 -39.99
C LYS B 1806 62.09 -5.38 -38.85
N PHE B 1807 61.56 -5.14 -37.66
CA PHE B 1807 61.98 -5.86 -36.47
C PHE B 1807 60.77 -6.36 -35.69
N LYS B 1808 60.85 -7.61 -35.24
CA LYS B 1808 59.88 -8.16 -34.31
C LYS B 1808 60.24 -7.65 -32.92
N VAL B 1809 59.39 -6.79 -32.36
CA VAL B 1809 59.70 -6.04 -31.16
C VAL B 1809 58.67 -6.35 -30.08
N LYS B 1810 59.08 -6.15 -28.82
CA LYS B 1810 58.21 -6.29 -27.67
C LYS B 1810 58.33 -5.02 -26.83
N ARG B 1811 57.19 -4.46 -26.43
CA ARG B 1811 57.15 -3.20 -25.70
C ARG B 1811 57.19 -3.49 -24.21
N CYS B 1812 58.28 -3.08 -23.55
CA CYS B 1812 58.47 -3.33 -22.13
C CYS B 1812 58.48 -2.06 -21.30
N GLY B 1813 59.37 -1.11 -21.61
CA GLY B 1813 59.47 0.10 -20.81
C GLY B 1813 60.81 0.78 -21.02
N VAL B 1814 61.31 1.40 -19.95
CA VAL B 1814 62.55 2.17 -20.03
C VAL B 1814 63.58 1.61 -19.05
N SER B 1815 63.24 1.59 -17.76
CA SER B 1815 64.20 1.13 -16.75
C SER B 1815 64.50 -0.36 -16.91
N GLU B 1816 63.46 -1.18 -17.03
CA GLU B 1816 63.67 -2.60 -17.30
C GLU B 1816 64.35 -2.80 -18.65
N LEU B 1817 64.07 -1.93 -19.62
CA LEU B 1817 64.80 -1.97 -20.88
C LEU B 1817 66.29 -1.71 -20.67
N GLU B 1818 66.62 -0.74 -19.82
CA GLU B 1818 68.03 -0.46 -19.53
C GLU B 1818 68.69 -1.67 -18.86
N LYS B 1819 68.01 -2.28 -17.89
CA LYS B 1819 68.58 -3.44 -17.21
C LYS B 1819 68.79 -4.60 -18.17
N GLU B 1820 67.80 -4.87 -19.02
CA GLU B 1820 67.92 -5.96 -19.98
C GLU B 1820 69.02 -5.70 -21.00
N GLY B 1821 69.15 -4.46 -21.47
CA GLY B 1821 70.24 -4.12 -22.36
C GLY B 1821 71.59 -4.28 -21.71
N LEU B 1822 71.69 -3.92 -20.42
CA LEU B 1822 72.94 -4.13 -19.69
C LEU B 1822 73.23 -5.62 -19.49
N ARG B 1823 72.19 -6.44 -19.40
CA ARG B 1823 72.40 -7.88 -19.26
C ARG B 1823 72.74 -8.51 -20.62
N CYS B 1824 71.84 -8.39 -21.58
CA CYS B 1824 72.06 -8.98 -22.91
C CYS B 1824 72.78 -8.01 -23.83
N LYS B 1841 51.39 -6.69 -26.96
CA LYS B 1841 52.58 -5.86 -26.75
C LYS B 1841 53.65 -6.18 -27.78
N ILE B 1842 53.57 -7.38 -28.36
CA ILE B 1842 54.53 -7.83 -29.36
C ILE B 1842 54.03 -7.41 -30.73
N SER B 1843 54.85 -6.65 -31.45
CA SER B 1843 54.44 -6.08 -32.73
C SER B 1843 55.62 -6.11 -33.69
N TRP B 1844 55.42 -5.52 -34.87
CA TRP B 1844 56.47 -5.36 -35.87
C TRP B 1844 56.69 -3.88 -36.12
N GLN B 1845 57.94 -3.45 -36.08
CA GLN B 1845 58.31 -2.06 -36.32
C GLN B 1845 59.09 -1.95 -37.62
N ALA B 1846 58.63 -1.09 -38.52
CA ALA B 1846 59.28 -0.84 -39.80
C ALA B 1846 59.85 0.57 -39.76
N ALA B 1847 61.15 0.68 -40.04
CA ALA B 1847 61.86 1.95 -39.96
C ALA B 1847 62.54 2.25 -41.30
N ILE B 1848 62.52 3.52 -41.68
CA ILE B 1848 63.18 4.00 -42.89
C ILE B 1848 64.51 4.63 -42.49
N PHE B 1849 65.60 4.14 -43.08
CA PHE B 1849 66.92 4.71 -42.88
C PHE B 1849 67.26 5.55 -44.11
N LYS B 1850 67.58 6.83 -43.86
CA LYS B 1850 67.85 7.78 -44.93
C LYS B 1850 69.22 8.41 -44.70
N VAL B 1851 69.93 8.70 -45.79
CA VAL B 1851 71.21 9.39 -45.73
C VAL B 1851 71.24 10.47 -46.80
N GLY B 1852 71.62 11.68 -46.41
CA GLY B 1852 71.78 12.76 -47.37
C GLY B 1852 71.03 14.04 -47.06
N ASP B 1853 70.24 14.05 -45.99
CA ASP B 1853 69.46 15.23 -45.66
C ASP B 1853 69.24 15.28 -44.15
N ASP B 1854 68.94 16.49 -43.67
CA ASP B 1854 68.69 16.75 -42.26
C ASP B 1854 67.25 17.17 -42.05
N CYS B 1855 66.69 16.80 -40.89
CA CYS B 1855 65.26 16.96 -40.62
C CYS B 1855 65.04 17.56 -39.23
N ARG B 1856 65.77 18.63 -38.92
CA ARG B 1856 65.56 19.33 -37.65
C ARG B 1856 64.21 20.04 -37.61
N GLN B 1857 63.76 20.54 -38.76
CA GLN B 1857 62.47 21.21 -38.81
C GLN B 1857 61.34 20.26 -38.45
N ASP B 1858 61.46 18.99 -38.88
CA ASP B 1858 60.49 17.98 -38.46
C ASP B 1858 60.55 17.75 -36.94
N MET B 1859 61.74 17.86 -36.35
CA MET B 1859 61.84 17.75 -34.90
C MET B 1859 61.08 18.88 -34.21
N LEU B 1860 61.25 20.11 -34.69
CA LEU B 1860 60.49 21.22 -34.12
C LEU B 1860 58.98 20.98 -34.30
N ALA B 1861 58.60 20.50 -35.49
CA ALA B 1861 57.19 20.23 -35.76
C ALA B 1861 56.62 19.22 -34.78
N LEU B 1862 57.32 18.10 -34.54
CA LEU B 1862 56.76 17.09 -33.68
C LEU B 1862 56.80 17.51 -32.21
N GLN B 1863 57.76 18.36 -31.84
CA GLN B 1863 57.70 18.98 -30.51
C GLN B 1863 56.39 19.74 -30.34
N ILE B 1864 56.06 20.60 -31.31
CA ILE B 1864 54.81 21.36 -31.23
C ILE B 1864 53.61 20.43 -31.24
N ILE B 1865 53.67 19.36 -32.03
CA ILE B 1865 52.55 18.42 -32.11
C ILE B 1865 52.31 17.76 -30.76
N ASP B 1866 53.39 17.31 -30.12
CA ASP B 1866 53.26 16.69 -28.80
C ASP B 1866 52.68 17.66 -27.79
N LEU B 1867 53.14 18.92 -27.82
CA LEU B 1867 52.60 19.91 -26.91
C LEU B 1867 51.09 20.09 -27.12
N PHE B 1868 50.66 20.21 -28.38
CA PHE B 1868 49.25 20.40 -28.65
C PHE B 1868 48.43 19.19 -28.23
N LYS B 1869 48.96 17.98 -28.46
CA LYS B 1869 48.25 16.77 -28.06
C LYS B 1869 48.08 16.72 -26.55
N ASN B 1870 49.14 17.08 -25.81
CA ASN B 1870 49.03 17.10 -24.35
C ASN B 1870 48.01 18.12 -23.88
N ILE B 1871 47.99 19.30 -24.51
CA ILE B 1871 47.00 20.32 -24.16
C ILE B 1871 45.59 19.76 -24.35
N PHE B 1872 45.33 19.17 -25.52
CA PHE B 1872 44.00 18.67 -25.82
C PHE B 1872 43.60 17.54 -24.88
N GLN B 1873 44.54 16.65 -24.54
CA GLN B 1873 44.23 15.58 -23.60
C GLN B 1873 43.90 16.14 -22.22
N LEU B 1874 44.68 17.12 -21.76
CA LEU B 1874 44.44 17.68 -20.43
C LEU B 1874 43.08 18.37 -20.37
N VAL B 1875 42.73 19.14 -21.39
CA VAL B 1875 41.44 19.84 -21.38
C VAL B 1875 40.30 18.83 -21.44
N GLY B 1876 40.46 17.78 -22.23
CA GLY B 1876 39.44 16.75 -22.33
C GLY B 1876 38.62 16.81 -23.60
N LEU B 1877 39.27 17.05 -24.74
CA LEU B 1877 38.62 17.07 -26.03
C LEU B 1877 38.95 15.79 -26.79
N ASP B 1878 38.45 15.70 -28.03
CA ASP B 1878 38.61 14.51 -28.87
C ASP B 1878 39.14 14.92 -30.25
N LEU B 1879 40.46 15.06 -30.36
CA LEU B 1879 41.12 15.34 -31.63
C LEU B 1879 42.29 14.38 -31.79
N PHE B 1880 42.61 14.05 -33.04
CA PHE B 1880 43.59 13.02 -33.34
C PHE B 1880 44.80 13.60 -34.05
N VAL B 1881 45.99 13.34 -33.49
CA VAL B 1881 47.26 13.61 -34.14
C VAL B 1881 48.19 12.45 -33.84
N PHE B 1882 49.04 12.10 -34.80
CA PHE B 1882 49.97 10.99 -34.61
C PHE B 1882 51.40 11.50 -34.58
N PRO B 1883 52.03 11.56 -33.39
CA PRO B 1883 53.45 11.98 -33.29
C PRO B 1883 54.45 10.83 -33.45
N TYR B 1884 54.68 10.43 -34.70
CA TYR B 1884 55.66 9.40 -34.97
C TYR B 1884 57.08 9.92 -34.71
N ARG B 1885 57.96 9.01 -34.31
CA ARG B 1885 59.31 9.37 -33.91
C ARG B 1885 60.20 9.59 -35.13
N VAL B 1886 61.28 10.33 -34.91
CA VAL B 1886 62.34 10.52 -35.91
C VAL B 1886 63.59 10.98 -35.18
N VAL B 1887 64.74 10.45 -35.60
CA VAL B 1887 66.00 10.75 -34.94
C VAL B 1887 67.08 11.01 -35.99
N ALA B 1888 67.76 12.14 -35.87
CA ALA B 1888 68.92 12.43 -36.70
C ALA B 1888 70.17 11.99 -35.96
N THR B 1889 70.90 11.04 -36.54
CA THR B 1889 72.03 10.42 -35.85
C THR B 1889 73.38 10.85 -36.36
N ALA B 1890 73.46 11.43 -37.55
CA ALA B 1890 74.71 11.87 -38.15
C ALA B 1890 74.38 12.91 -39.21
N PRO B 1891 75.37 13.71 -39.65
CA PRO B 1891 75.10 14.68 -40.71
C PRO B 1891 74.46 14.03 -41.92
N GLY B 1892 73.20 14.38 -42.16
CA GLY B 1892 72.45 13.81 -43.27
C GLY B 1892 71.85 12.45 -43.02
N CYS B 1893 72.09 11.84 -41.86
CA CYS B 1893 71.65 10.48 -41.57
C CYS B 1893 70.50 10.52 -40.57
N GLY B 1894 69.37 9.93 -40.97
CA GLY B 1894 68.18 9.97 -40.15
C GLY B 1894 67.46 8.64 -40.15
N VAL B 1895 66.75 8.39 -39.05
CA VAL B 1895 65.91 7.21 -38.89
C VAL B 1895 64.49 7.70 -38.65
N ILE B 1896 63.55 7.22 -39.47
CA ILE B 1896 62.16 7.64 -39.42
C ILE B 1896 61.29 6.41 -39.16
N GLU B 1897 60.26 6.59 -38.33
CA GLU B 1897 59.29 5.54 -38.06
C GLU B 1897 58.12 5.71 -39.01
N CYS B 1898 57.92 4.74 -39.90
CA CYS B 1898 56.84 4.78 -40.85
C CYS B 1898 55.56 4.24 -40.24
N ILE B 1899 54.43 4.65 -40.81
CA ILE B 1899 53.11 4.24 -40.35
C ILE B 1899 52.68 3.03 -41.19
N PRO B 1900 52.45 1.87 -40.57
CA PRO B 1900 51.97 0.72 -41.36
C PRO B 1900 50.57 0.95 -41.87
N ASP B 1901 50.24 0.27 -42.97
CA ASP B 1901 48.93 0.34 -43.62
C ASP B 1901 48.60 1.78 -44.02
N CYS B 1902 49.42 2.31 -44.93
CA CYS B 1902 49.27 3.66 -45.45
C CYS B 1902 48.66 3.61 -46.84
N THR B 1903 47.56 4.35 -47.03
CA THR B 1903 46.86 4.42 -48.32
C THR B 1903 46.69 5.90 -48.67
N SER B 1904 47.70 6.46 -49.33
CA SER B 1904 47.69 7.88 -49.64
C SER B 1904 46.68 8.19 -50.75
N ARG B 1905 46.42 9.49 -50.93
CA ARG B 1905 45.42 9.92 -51.92
C ARG B 1905 45.87 9.58 -53.34
N ASP B 1906 47.18 9.66 -53.61
CA ASP B 1906 47.67 9.41 -54.96
C ASP B 1906 47.37 7.98 -55.41
N GLN B 1907 47.39 7.02 -54.47
CA GLN B 1907 47.09 5.63 -54.82
C GLN B 1907 45.62 5.43 -55.16
N LEU B 1908 44.75 6.32 -54.74
CA LEU B 1908 43.32 6.20 -55.04
C LEU B 1908 43.04 6.50 -56.50
N GLY B 1915 36.42 8.79 -57.40
CA GLY B 1915 36.46 9.76 -56.32
C GLY B 1915 36.48 9.14 -54.94
N MET B 1916 37.04 9.87 -53.98
CA MET B 1916 37.09 9.36 -52.62
C MET B 1916 35.71 9.32 -51.97
N TYR B 1917 34.83 10.26 -52.30
CA TYR B 1917 33.46 10.14 -51.80
C TYR B 1917 32.76 8.92 -52.38
N ASP B 1918 33.02 8.61 -53.65
CA ASP B 1918 32.51 7.37 -54.23
C ASP B 1918 33.08 6.15 -53.52
N TYR B 1919 34.37 6.19 -53.18
CA TYR B 1919 34.99 5.09 -52.44
C TYR B 1919 34.31 4.88 -51.10
N PHE B 1920 34.10 5.97 -50.35
CA PHE B 1920 33.41 5.86 -49.07
C PHE B 1920 31.98 5.35 -49.23
N THR B 1921 31.26 5.83 -50.25
CA THR B 1921 29.90 5.35 -50.47
C THR B 1921 29.90 3.86 -50.77
N ARG B 1922 30.80 3.41 -51.65
CA ARG B 1922 30.86 1.98 -51.97
C ARG B 1922 31.23 1.15 -50.76
N GLN B 1923 32.14 1.66 -49.92
CA GLN B 1923 32.61 0.89 -48.77
C GLN B 1923 31.57 0.83 -47.65
N TYR B 1924 30.77 1.89 -47.45
CA TYR B 1924 29.92 1.95 -46.27
C TYR B 1924 28.45 2.16 -46.61
N GLY B 1925 28.02 1.85 -47.82
CA GLY B 1925 26.60 1.95 -48.08
C GLY B 1925 26.13 3.40 -48.07
N ASP B 1926 24.85 3.57 -47.76
CA ASP B 1926 24.25 4.89 -47.63
C ASP B 1926 24.44 5.38 -46.20
N GLU B 1927 23.73 6.45 -45.82
CA GLU B 1927 23.79 6.97 -44.47
C GLU B 1927 23.23 6.02 -43.43
N SER B 1928 22.54 4.96 -43.84
CA SER B 1928 21.91 4.02 -42.92
C SER B 1928 22.88 2.98 -42.37
N THR B 1929 24.19 3.19 -42.49
CA THR B 1929 25.19 2.29 -41.95
C THR B 1929 25.99 3.02 -40.88
N LEU B 1930 26.13 2.38 -39.71
CA LEU B 1930 26.81 3.02 -38.59
C LEU B 1930 28.27 3.29 -38.89
N ALA B 1931 28.92 2.38 -39.63
CA ALA B 1931 30.32 2.56 -39.97
C ALA B 1931 30.55 3.79 -40.83
N PHE B 1932 29.59 4.13 -41.69
CA PHE B 1932 29.71 5.31 -42.54
C PHE B 1932 29.88 6.57 -41.70
N GLN B 1933 28.95 6.80 -40.76
CA GLN B 1933 29.05 7.99 -39.93
C GLN B 1933 30.18 7.89 -38.90
N GLN B 1934 30.56 6.68 -38.49
CA GLN B 1934 31.74 6.57 -37.63
C GLN B 1934 33.01 7.03 -38.35
N ALA B 1935 33.16 6.60 -39.60
CA ALA B 1935 34.29 7.07 -40.41
C ALA B 1935 34.20 8.57 -40.65
N ARG B 1936 32.99 9.08 -40.89
CA ARG B 1936 32.81 10.51 -41.06
C ARG B 1936 33.26 11.27 -39.81
N TYR B 1937 32.88 10.78 -38.63
CA TYR B 1937 33.27 11.43 -37.39
C TYR B 1937 34.79 11.40 -37.19
N ASN B 1938 35.42 10.27 -37.49
CA ASN B 1938 36.87 10.18 -37.37
C ASN B 1938 37.55 11.16 -38.34
N PHE B 1939 37.05 11.23 -39.57
CA PHE B 1939 37.60 12.16 -40.54
C PHE B 1939 37.45 13.60 -40.08
N ILE B 1940 36.29 13.95 -39.51
CA ILE B 1940 36.06 15.32 -39.05
C ILE B 1940 37.00 15.65 -37.88
N ARG B 1941 37.13 14.73 -36.93
CA ARG B 1941 37.95 14.99 -35.75
C ARG B 1941 39.43 15.04 -36.07
N SER B 1942 39.85 14.41 -37.17
CA SER B 1942 41.24 14.59 -37.60
C SER B 1942 41.40 15.88 -38.41
N MET B 1943 40.43 16.18 -39.28
CA MET B 1943 40.55 17.32 -40.17
C MET B 1943 40.54 18.63 -39.41
N ALA B 1944 39.69 18.75 -38.39
CA ALA B 1944 39.64 20.00 -37.63
C ALA B 1944 40.97 20.28 -36.96
N ALA B 1945 41.55 19.26 -36.31
CA ALA B 1945 42.84 19.41 -35.66
C ALA B 1945 43.91 19.82 -36.65
N TYR B 1946 43.97 19.14 -37.81
CA TYR B 1946 45.05 19.43 -38.73
C TYR B 1946 44.83 20.76 -39.45
N SER B 1947 43.58 21.20 -39.64
CA SER B 1947 43.33 22.51 -40.20
C SER B 1947 43.79 23.61 -39.25
N LEU B 1948 43.47 23.48 -37.96
CA LEU B 1948 43.96 24.46 -36.98
C LEU B 1948 45.48 24.44 -36.94
N LEU B 1949 46.08 23.25 -37.02
CA LEU B 1949 47.53 23.12 -37.01
C LEU B 1949 48.15 23.83 -38.20
N LEU B 1950 47.60 23.61 -39.39
CA LEU B 1950 48.15 24.24 -40.59
C LEU B 1950 47.99 25.75 -40.54
N PHE B 1951 46.84 26.24 -40.05
CA PHE B 1951 46.65 27.68 -39.93
C PHE B 1951 47.67 28.28 -38.98
N LEU B 1952 47.95 27.60 -37.88
CA LEU B 1952 48.93 28.13 -36.93
C LEU B 1952 50.37 28.03 -37.45
N LEU B 1953 50.68 27.01 -38.25
CA LEU B 1953 52.05 26.68 -38.57
C LEU B 1953 52.48 27.06 -39.99
N GLN B 1954 51.58 27.56 -40.83
CA GLN B 1954 51.92 27.98 -42.19
C GLN B 1954 52.62 26.86 -42.96
N ILE B 1955 51.94 25.72 -43.05
CA ILE B 1955 52.48 24.55 -43.74
C ILE B 1955 52.26 24.71 -45.24
N LYS B 1956 53.32 24.50 -46.01
CA LYS B 1956 53.28 24.58 -47.46
C LYS B 1956 53.56 23.21 -48.07
N ASP B 1957 53.38 23.13 -49.39
CA ASP B 1957 53.55 21.89 -50.16
C ASP B 1957 52.64 20.79 -49.63
N ARG B 1958 51.33 21.04 -49.71
CA ARG B 1958 50.31 20.08 -49.30
C ARG B 1958 49.69 19.46 -50.55
N HIS B 1959 50.35 18.42 -51.05
CA HIS B 1959 49.88 17.70 -52.23
C HIS B 1959 49.31 16.35 -51.82
N ASN B 1960 48.73 15.65 -52.80
CA ASN B 1960 48.01 14.41 -52.56
C ASN B 1960 48.93 13.20 -52.44
N GLY B 1961 50.23 13.37 -52.62
CA GLY B 1961 51.16 12.27 -52.50
C GLY B 1961 51.71 12.10 -51.10
N ASN B 1962 51.94 13.20 -50.41
CA ASN B 1962 52.52 13.18 -49.07
C ASN B 1962 51.47 13.18 -47.97
N ILE B 1963 50.18 13.17 -48.31
CA ILE B 1963 49.10 13.03 -47.33
C ILE B 1963 48.60 11.60 -47.40
N MET B 1964 48.48 10.96 -46.24
CA MET B 1964 48.18 9.53 -46.18
C MET B 1964 46.84 9.30 -45.48
N LEU B 1965 45.98 8.51 -46.10
CA LEU B 1965 44.68 8.18 -45.55
C LEU B 1965 44.71 6.74 -45.04
N ASP B 1966 44.23 6.55 -43.82
CA ASP B 1966 44.28 5.25 -43.17
C ASP B 1966 42.96 4.49 -43.36
N LYS B 1967 42.97 3.23 -42.94
CA LYS B 1967 41.77 2.39 -43.06
C LYS B 1967 40.65 2.89 -42.14
N LYS B 1968 41.00 3.55 -41.04
CA LYS B 1968 39.99 4.02 -40.11
C LYS B 1968 39.24 5.24 -40.66
N GLY B 1969 39.87 5.99 -41.55
CA GLY B 1969 39.27 7.19 -42.11
C GLY B 1969 39.99 8.48 -41.77
N HIS B 1970 41.11 8.43 -41.05
CA HIS B 1970 41.84 9.63 -40.69
C HIS B 1970 42.74 10.09 -41.84
N ILE B 1971 43.25 11.31 -41.70
CA ILE B 1971 44.17 11.90 -42.67
C ILE B 1971 45.42 12.34 -41.92
N ILE B 1972 46.58 11.97 -42.43
CA ILE B 1972 47.86 12.26 -41.78
C ILE B 1972 48.72 13.07 -42.75
N HIS B 1973 49.20 14.22 -42.27
CA HIS B 1973 50.13 15.04 -43.01
C HIS B 1973 51.56 14.68 -42.64
N ILE B 1974 52.43 14.62 -43.64
CA ILE B 1974 53.86 14.37 -43.48
C ILE B 1974 54.62 15.40 -44.32
N ASP B 1975 55.94 15.29 -44.31
CA ASP B 1975 56.82 16.21 -45.04
C ASP B 1975 56.65 17.66 -44.55
N PHE B 1976 57.04 17.88 -43.30
CA PHE B 1976 57.00 19.19 -42.67
C PHE B 1976 58.27 20.00 -42.92
N GLY B 1977 58.99 19.72 -44.00
CA GLY B 1977 60.23 20.40 -44.30
C GLY B 1977 60.14 21.91 -44.31
N PHE B 1978 59.35 22.48 -45.22
CA PHE B 1978 59.27 23.93 -45.37
C PHE B 1978 58.63 24.54 -44.13
N MET B 1979 59.34 25.44 -43.47
CA MET B 1979 58.97 25.93 -42.13
C MET B 1979 58.92 27.46 -42.12
N PHE B 1980 57.70 28.00 -42.22
CA PHE B 1980 57.37 29.40 -41.94
C PHE B 1980 57.89 30.39 -42.99
N GLU B 1981 58.79 29.95 -43.86
CA GLU B 1981 59.35 30.89 -44.82
C GLU B 1981 59.67 30.28 -46.18
N SER B 1982 59.37 29.01 -46.41
CA SER B 1982 59.79 28.34 -47.63
C SER B 1982 58.62 27.58 -48.24
N SER B 1983 58.72 27.32 -49.53
CA SER B 1983 57.67 26.62 -50.26
C SER B 1983 58.24 25.89 -51.49
N PRO B 1992 46.24 30.49 -51.38
CA PRO B 1992 45.66 29.19 -51.03
C PRO B 1992 45.90 28.81 -49.57
N ASP B 1993 45.17 29.45 -48.65
CA ASP B 1993 45.33 29.16 -47.24
C ASP B 1993 44.91 27.73 -46.91
N ILE B 1994 43.73 27.32 -47.39
CA ILE B 1994 43.19 25.99 -47.12
C ILE B 1994 42.75 25.37 -48.45
N LYS B 1995 43.17 24.14 -48.69
CA LYS B 1995 42.77 23.40 -49.88
C LYS B 1995 41.51 22.60 -49.55
N LEU B 1996 40.38 23.01 -50.11
CA LEU B 1996 39.09 22.36 -49.89
C LEU B 1996 38.54 21.90 -51.23
N THR B 1997 38.12 20.64 -51.29
CA THR B 1997 37.61 20.03 -52.50
C THR B 1997 36.09 19.85 -52.40
N ASP B 1998 35.45 19.84 -53.58
CA ASP B 1998 33.99 19.79 -53.63
C ASP B 1998 33.46 18.53 -52.97
N GLU B 1999 34.10 17.38 -53.21
CA GLU B 1999 33.56 16.13 -52.71
C GLU B 1999 33.62 16.06 -51.19
N MET B 2000 34.74 16.46 -50.59
CA MET B 2000 34.83 16.38 -49.12
C MET B 2000 34.09 17.53 -48.45
N VAL B 2001 33.83 18.62 -49.17
CA VAL B 2001 32.89 19.62 -48.64
C VAL B 2001 31.47 19.06 -48.67
N MET B 2002 31.12 18.32 -49.72
CA MET B 2002 29.79 17.72 -49.79
C MET B 2002 29.61 16.67 -48.70
N ILE B 2003 30.64 15.85 -48.45
CA ILE B 2003 30.55 14.75 -47.51
C ILE B 2003 29.97 15.20 -46.16
N MET B 2004 30.22 16.43 -45.77
CA MET B 2004 29.72 16.97 -44.51
C MET B 2004 28.20 17.19 -44.50
N GLY B 2005 27.44 16.75 -45.51
CA GLY B 2005 25.99 16.90 -45.50
C GLY B 2005 25.42 17.71 -46.65
N GLY B 2006 26.25 18.23 -47.55
CA GLY B 2006 25.78 18.97 -48.69
C GLY B 2006 25.95 20.47 -48.57
N LYS B 2007 25.66 21.00 -47.38
CA LYS B 2007 25.69 22.44 -47.15
C LYS B 2007 26.09 22.69 -45.71
N MET B 2008 26.48 23.94 -45.43
CA MET B 2008 26.92 24.29 -44.08
C MET B 2008 25.78 24.17 -43.08
N GLU B 2009 24.53 24.23 -43.54
CA GLU B 2009 23.39 24.02 -42.65
C GLU B 2009 23.35 22.60 -42.10
N ALA B 2010 24.05 21.66 -42.72
CA ALA B 2010 24.09 20.30 -42.21
C ALA B 2010 24.80 20.26 -40.86
N THR B 2011 24.34 19.36 -40.00
CA THR B 2011 24.90 19.26 -38.65
C THR B 2011 26.40 19.00 -38.61
N PRO B 2012 27.01 18.14 -39.44
CA PRO B 2012 28.46 17.94 -39.34
C PRO B 2012 29.27 19.21 -39.53
N PHE B 2013 28.81 20.13 -40.38
CA PHE B 2013 29.53 21.40 -40.53
C PHE B 2013 29.50 22.20 -39.24
N LYS B 2014 28.35 22.22 -38.56
CA LYS B 2014 28.27 22.91 -37.28
C LYS B 2014 29.17 22.24 -36.24
N TRP B 2015 29.23 20.91 -36.26
CA TRP B 2015 30.15 20.18 -35.38
C TRP B 2015 31.58 20.63 -35.64
N PHE B 2016 31.96 20.71 -36.92
CA PHE B 2016 33.31 21.12 -37.29
C PHE B 2016 33.62 22.53 -36.79
N MET B 2017 32.68 23.46 -36.98
CA MET B 2017 32.87 24.83 -36.52
C MET B 2017 33.06 24.89 -35.01
N GLU B 2018 32.17 24.23 -34.26
CA GLU B 2018 32.27 24.28 -32.82
C GLU B 2018 33.58 23.65 -32.34
N MET B 2019 33.99 22.55 -32.98
CA MET B 2019 35.20 21.86 -32.57
C MET B 2019 36.43 22.73 -32.79
N CYS B 2020 36.52 23.36 -33.97
CA CYS B 2020 37.70 24.19 -34.24
C CYS B 2020 37.74 25.42 -33.35
N VAL B 2021 36.58 26.04 -33.09
CA VAL B 2021 36.56 27.21 -32.21
C VAL B 2021 37.01 26.83 -30.80
N ARG B 2022 36.49 25.71 -30.28
CA ARG B 2022 36.87 25.29 -28.94
C ARG B 2022 38.36 24.93 -28.88
N GLY B 2023 38.88 24.29 -29.92
CA GLY B 2023 40.30 23.99 -29.93
C GLY B 2023 41.17 25.23 -29.90
N TYR B 2024 40.81 26.24 -30.70
CA TYR B 2024 41.57 27.48 -30.70
C TYR B 2024 41.50 28.17 -29.33
N LEU B 2025 40.30 28.20 -28.73
CA LEU B 2025 40.16 28.83 -27.43
C LEU B 2025 40.98 28.10 -26.37
N ALA B 2026 41.03 26.77 -26.43
CA ALA B 2026 41.82 26.01 -25.48
C ALA B 2026 43.31 26.23 -25.68
N VAL B 2027 43.76 26.33 -26.94
CA VAL B 2027 45.19 26.40 -27.21
C VAL B 2027 45.76 27.81 -27.07
N ARG B 2028 44.90 28.84 -27.02
CA ARG B 2028 45.37 30.21 -26.95
C ARG B 2028 46.44 30.52 -25.89
N PRO B 2029 46.30 30.10 -24.61
CA PRO B 2029 47.11 30.72 -23.55
C PRO B 2029 48.54 30.22 -23.37
N TYR B 2030 49.14 29.52 -24.34
CA TYR B 2030 50.49 29.00 -24.20
C TYR B 2030 51.49 29.69 -25.14
N MET B 2031 51.22 30.96 -25.43
CA MET B 2031 52.07 31.70 -26.36
C MET B 2031 53.48 31.88 -25.82
N ASP B 2032 53.63 32.08 -24.50
CA ASP B 2032 54.95 32.31 -23.95
C ASP B 2032 55.84 31.09 -24.14
N ALA B 2033 55.30 29.90 -23.84
CA ALA B 2033 56.06 28.68 -24.04
C ALA B 2033 56.38 28.47 -25.52
N VAL B 2034 55.39 28.68 -26.40
CA VAL B 2034 55.65 28.45 -27.81
C VAL B 2034 56.70 29.42 -28.34
N VAL B 2035 56.66 30.67 -27.86
CA VAL B 2035 57.61 31.68 -28.33
C VAL B 2035 59.01 31.36 -27.83
N SER B 2036 59.14 30.95 -26.57
CA SER B 2036 60.46 30.57 -26.07
C SER B 2036 61.02 29.40 -26.86
N LEU B 2037 60.18 28.39 -27.12
CA LEU B 2037 60.65 27.21 -27.85
C LEU B 2037 61.11 27.57 -29.25
N VAL B 2038 60.34 28.41 -29.96
CA VAL B 2038 60.75 28.76 -31.31
C VAL B 2038 61.98 29.66 -31.31
N THR B 2039 62.06 30.60 -30.36
CA THR B 2039 63.16 31.56 -30.33
C THR B 2039 64.49 30.87 -30.02
N LEU B 2040 64.48 29.91 -29.11
CA LEU B 2040 65.74 29.27 -28.72
C LEU B 2040 66.40 28.56 -29.90
N MET B 2041 65.60 28.14 -30.89
CA MET B 2041 66.14 27.48 -32.08
C MET B 2041 66.15 28.39 -33.31
N LEU B 2042 65.58 29.59 -33.21
CA LEU B 2042 65.54 30.51 -34.36
C LEU B 2042 66.92 30.76 -34.94
N ASP B 2043 67.79 31.40 -34.16
CA ASP B 2043 69.05 31.92 -34.71
C ASP B 2043 70.17 30.89 -34.55
N THR B 2044 70.10 29.87 -35.39
CA THR B 2044 71.17 28.88 -35.50
C THR B 2044 71.79 28.85 -36.90
N GLY B 2045 71.39 29.77 -37.77
CA GLY B 2045 71.92 29.81 -39.12
C GLY B 2045 71.10 29.10 -40.17
N LEU B 2046 69.87 28.71 -39.85
CA LEU B 2046 69.04 27.99 -40.82
C LEU B 2046 68.57 28.94 -41.91
N PRO B 2047 68.79 28.61 -43.19
CA PRO B 2047 68.31 29.49 -44.27
C PRO B 2047 66.81 29.62 -44.35
N CYS B 2048 66.05 28.71 -43.74
CA CYS B 2048 64.60 28.73 -43.79
C CYS B 2048 63.98 29.72 -42.81
N PHE B 2049 64.77 30.62 -42.23
CA PHE B 2049 64.26 31.59 -41.27
C PHE B 2049 64.96 32.92 -41.50
N ARG B 2050 64.18 34.01 -41.48
CA ARG B 2050 64.71 35.35 -41.68
C ARG B 2050 64.93 36.10 -40.38
N GLY B 2051 63.91 36.14 -39.51
CA GLY B 2051 64.07 36.78 -38.22
C GLY B 2051 62.87 37.58 -37.73
N GLN B 2052 62.01 38.02 -38.65
CA GLN B 2052 60.85 38.81 -38.29
C GLN B 2052 59.60 37.97 -38.07
N THR B 2053 59.69 36.65 -38.25
CA THR B 2053 58.51 35.79 -38.15
C THR B 2053 57.96 35.76 -36.73
N ILE B 2054 58.79 36.10 -35.75
CA ILE B 2054 58.35 36.10 -34.35
C ILE B 2054 57.19 37.08 -34.15
N LYS B 2055 57.26 38.26 -34.77
CA LYS B 2055 56.23 39.27 -34.55
C LYS B 2055 54.88 38.81 -35.10
N LEU B 2056 54.86 38.29 -36.33
CA LEU B 2056 53.61 37.80 -36.90
C LEU B 2056 53.10 36.59 -36.12
N LEU B 2057 54.00 35.73 -35.64
CA LEU B 2057 53.57 34.57 -34.85
C LEU B 2057 52.91 35.03 -33.56
N LYS B 2058 53.49 36.02 -32.89
CA LYS B 2058 52.90 36.56 -31.69
C LYS B 2058 51.55 37.23 -31.98
N HIS B 2059 51.47 37.98 -33.08
CA HIS B 2059 50.22 38.64 -33.42
C HIS B 2059 49.12 37.65 -33.81
N ARG B 2060 49.50 36.49 -34.33
CA ARG B 2060 48.50 35.53 -34.79
C ARG B 2060 47.60 35.06 -33.66
N PHE B 2061 48.11 34.99 -32.44
CA PHE B 2061 47.33 34.51 -31.31
C PHE B 2061 46.32 35.54 -30.80
N SER B 2062 46.49 36.81 -31.16
CA SER B 2062 45.66 37.91 -30.68
C SER B 2062 45.68 37.96 -29.15
N PRO B 2063 46.82 38.35 -28.54
CA PRO B 2063 46.91 38.32 -27.08
C PRO B 2063 46.11 39.40 -26.38
N ASN B 2064 45.82 40.52 -27.06
CA ASN B 2064 45.13 41.64 -26.45
C ASN B 2064 43.63 41.64 -26.75
N MET B 2065 43.01 40.46 -26.80
CA MET B 2065 41.66 40.34 -27.31
C MET B 2065 40.86 39.44 -26.37
N THR B 2066 39.55 39.65 -26.34
CA THR B 2066 38.69 38.90 -25.44
C THR B 2066 38.10 37.68 -26.15
N GLU B 2067 37.34 36.89 -25.40
CA GLU B 2067 36.91 35.57 -25.87
C GLU B 2067 35.95 35.67 -27.03
N ARG B 2068 34.91 36.51 -26.91
CA ARG B 2068 33.92 36.60 -27.97
C ARG B 2068 34.54 37.16 -29.25
N GLU B 2069 35.41 38.15 -29.13
CA GLU B 2069 36.05 38.73 -30.31
C GLU B 2069 37.01 37.74 -30.95
N ALA B 2070 37.71 36.93 -30.14
CA ALA B 2070 38.57 35.89 -30.70
C ALA B 2070 37.76 34.85 -31.45
N ALA B 2071 36.60 34.47 -30.90
CA ALA B 2071 35.72 33.54 -31.60
C ALA B 2071 35.24 34.13 -32.92
N ASN B 2072 34.87 35.42 -32.92
CA ASN B 2072 34.47 36.07 -34.16
C ASN B 2072 35.61 36.07 -35.18
N PHE B 2073 36.83 36.35 -34.73
CA PHE B 2073 37.97 36.38 -35.62
C PHE B 2073 38.22 35.01 -36.24
N ILE B 2074 38.18 33.95 -35.43
CA ILE B 2074 38.43 32.63 -35.96
C ILE B 2074 37.30 32.18 -36.89
N MET B 2075 36.06 32.58 -36.58
CA MET B 2075 34.96 32.30 -37.49
C MET B 2075 35.16 32.98 -38.83
N LYS B 2076 35.56 34.25 -38.82
CA LYS B 2076 35.82 34.97 -40.06
C LYS B 2076 36.94 34.31 -40.85
N VAL B 2077 38.01 33.93 -40.16
CA VAL B 2077 39.16 33.31 -40.83
C VAL B 2077 38.73 32.02 -41.51
N ILE B 2078 37.95 31.19 -40.81
CA ILE B 2078 37.54 29.91 -41.41
C ILE B 2078 36.56 30.15 -42.56
N GLN B 2079 35.65 31.12 -42.40
CA GLN B 2079 34.66 31.38 -43.44
C GLN B 2079 35.31 31.92 -44.71
N SER B 2080 36.37 32.71 -44.59
CA SER B 2080 37.01 33.30 -45.74
C SER B 2080 37.85 32.29 -46.55
N CYS B 2081 37.80 31.01 -46.21
CA CYS B 2081 38.60 30.00 -46.89
C CYS B 2081 37.76 28.74 -47.13
N PHE B 2082 36.54 28.92 -47.61
CA PHE B 2082 35.66 27.79 -47.88
C PHE B 2082 35.75 27.40 -49.35
N LEU B 2083 35.88 26.10 -49.60
CA LEU B 2083 35.97 25.55 -50.97
C LEU B 2083 37.02 26.28 -51.81
N TYR C 136 -124.25 -34.70 -14.14
CA TYR C 136 -124.46 -34.49 -12.71
C TYR C 136 -125.11 -35.71 -12.08
N ARG C 137 -125.91 -36.44 -12.87
CA ARG C 137 -126.52 -37.66 -12.36
C ARG C 137 -125.50 -38.79 -12.23
N LEU C 138 -124.43 -38.74 -13.01
CA LEU C 138 -123.43 -39.80 -12.98
C LEU C 138 -122.72 -39.85 -11.63
N ARG C 139 -122.32 -38.68 -11.10
CA ARG C 139 -121.73 -38.66 -9.77
C ARG C 139 -122.76 -39.08 -8.72
N VAL C 140 -124.04 -38.80 -8.96
CA VAL C 140 -125.08 -39.21 -8.03
C VAL C 140 -125.16 -40.74 -7.95
N ILE C 141 -125.17 -41.40 -9.11
CA ILE C 141 -125.24 -42.86 -9.08
C ILE C 141 -123.93 -43.45 -8.59
N ALA C 142 -122.79 -42.77 -8.81
CA ALA C 142 -121.53 -43.24 -8.26
C ALA C 142 -121.55 -43.22 -6.73
N GLU C 143 -122.03 -42.12 -6.15
CA GLU C 143 -122.19 -42.06 -4.71
C GLU C 143 -123.22 -43.06 -4.23
N ALA C 144 -124.23 -43.35 -5.06
CA ALA C 144 -125.19 -44.39 -4.72
C ALA C 144 -124.53 -45.77 -4.63
N TYR C 145 -123.64 -46.08 -5.57
CA TYR C 145 -122.90 -47.33 -5.50
C TYR C 145 -122.00 -47.35 -4.27
N ALA C 146 -121.37 -46.22 -3.95
CA ALA C 146 -120.51 -46.16 -2.76
C ALA C 146 -121.32 -46.43 -1.50
N THR C 147 -122.50 -45.81 -1.39
CA THR C 147 -123.36 -46.04 -0.22
C THR C 147 -123.88 -47.47 -0.19
N LYS C 148 -124.17 -48.03 -1.37
CA LYS C 148 -124.62 -49.42 -1.45
C LYS C 148 -123.54 -50.36 -0.93
N GLY C 149 -122.28 -50.13 -1.31
CA GLY C 149 -121.20 -50.95 -0.79
C GLY C 149 -120.99 -50.75 0.70
N LEU C 150 -121.12 -49.51 1.18
CA LEU C 150 -120.97 -49.23 2.60
C LEU C 150 -122.05 -49.94 3.41
N CYS C 151 -123.27 -50.03 2.86
CA CYS C 151 -124.34 -50.76 3.53
C CYS C 151 -124.13 -52.27 3.44
N LEU C 152 -123.68 -52.75 2.28
CA LEU C 152 -123.48 -54.18 2.07
C LEU C 152 -122.34 -54.74 2.90
N GLU C 153 -121.39 -53.90 3.31
CA GLU C 153 -120.30 -54.38 4.15
C GLU C 153 -120.81 -54.87 5.51
N LYS C 154 -122.02 -54.49 5.89
CA LYS C 154 -122.60 -54.89 7.18
C LYS C 154 -123.52 -56.10 7.06
N LEU C 155 -123.63 -56.70 5.88
CA LEU C 155 -124.51 -57.84 5.67
C LEU C 155 -123.70 -59.13 5.62
N PRO C 156 -123.91 -60.06 6.56
CA PRO C 156 -123.19 -61.34 6.57
C PRO C 156 -123.65 -62.29 5.47
N ASP C 167 -120.32 -64.25 -4.20
CA ASP C 167 -119.50 -63.13 -3.76
C ASP C 167 -120.10 -61.79 -4.20
N ARG C 168 -120.67 -61.07 -3.24
CA ARG C 168 -121.18 -59.72 -3.52
C ARG C 168 -120.06 -58.70 -3.60
N GLU C 169 -118.89 -59.01 -3.02
CA GLU C 169 -117.79 -58.06 -3.02
C GLU C 169 -117.30 -57.76 -4.42
N GLN C 170 -117.25 -58.78 -5.29
CA GLN C 170 -116.85 -58.53 -6.67
C GLN C 170 -117.89 -57.70 -7.41
N ASP C 171 -119.17 -57.83 -7.07
CA ASP C 171 -120.19 -56.96 -7.64
C ASP C 171 -119.98 -55.52 -7.21
N VAL C 172 -119.64 -55.31 -5.93
CA VAL C 172 -119.32 -53.97 -5.46
C VAL C 172 -118.08 -53.44 -6.18
N ILE C 173 -117.10 -54.32 -6.43
CA ILE C 173 -115.92 -53.91 -7.18
C ILE C 173 -116.31 -53.46 -8.59
N THR C 174 -117.19 -54.22 -9.24
CA THR C 174 -117.61 -53.86 -10.60
C THR C 174 -118.35 -52.52 -10.63
N CYS C 175 -119.22 -52.29 -9.65
CA CYS C 175 -119.91 -50.99 -9.61
C CYS C 175 -118.91 -49.88 -9.34
N TYR C 176 -117.87 -50.17 -8.56
CA TYR C 176 -116.79 -49.19 -8.36
C TYR C 176 -116.07 -48.89 -9.67
N GLU C 177 -115.78 -49.92 -10.47
CA GLU C 177 -115.10 -49.68 -11.75
C GLU C 177 -115.95 -48.82 -12.66
N LYS C 178 -117.25 -49.12 -12.76
CA LYS C 178 -118.07 -48.31 -13.65
C LYS C 178 -118.26 -46.90 -13.11
N ALA C 179 -118.31 -46.74 -11.78
CA ALA C 179 -118.37 -45.40 -11.19
C ALA C 179 -117.11 -44.61 -11.53
N GLY C 180 -115.94 -45.24 -11.42
CA GLY C 180 -114.71 -44.55 -11.80
C GLY C 180 -114.69 -44.19 -13.27
N ASP C 181 -115.16 -45.11 -14.12
CA ASP C 181 -115.19 -44.85 -15.56
C ASP C 181 -116.09 -43.66 -15.88
N ILE C 182 -117.29 -43.62 -15.29
CA ILE C 182 -118.20 -42.52 -15.59
C ILE C 182 -117.71 -41.22 -14.99
N ALA C 183 -117.04 -41.28 -13.83
CA ALA C 183 -116.45 -40.07 -13.26
C ALA C 183 -115.35 -39.51 -14.17
N LEU C 184 -114.49 -40.38 -14.69
CA LEU C 184 -113.46 -39.93 -15.62
C LEU C 184 -114.08 -39.37 -16.90
N LEU C 185 -115.13 -40.01 -17.39
CA LEU C 185 -115.81 -39.50 -18.59
C LEU C 185 -116.40 -38.13 -18.33
N TYR C 186 -117.03 -37.93 -17.17
CA TYR C 186 -117.59 -36.63 -16.84
C TYR C 186 -116.51 -35.57 -16.72
N LEU C 187 -115.36 -35.94 -16.13
CA LEU C 187 -114.25 -35.01 -16.05
C LEU C 187 -113.76 -34.61 -17.43
N GLN C 188 -113.66 -35.59 -18.34
CA GLN C 188 -113.26 -35.27 -19.71
C GLN C 188 -114.25 -34.34 -20.38
N GLU C 189 -115.56 -34.61 -20.21
CA GLU C 189 -116.56 -33.76 -20.82
C GLU C 189 -116.52 -32.34 -20.26
N ILE C 190 -116.35 -32.19 -18.95
CA ILE C 190 -116.35 -30.86 -18.37
C ILE C 190 -115.08 -30.09 -18.75
N GLU C 191 -113.93 -30.79 -18.84
CA GLU C 191 -112.72 -30.11 -19.28
C GLU C 191 -112.77 -29.77 -20.77
N ARG C 192 -113.58 -30.49 -21.55
CA ARG C 192 -113.84 -30.06 -22.92
C ARG C 192 -114.77 -28.84 -22.93
N VAL C 193 -115.76 -28.83 -22.03
CA VAL C 193 -116.78 -27.78 -22.05
C VAL C 193 -116.21 -26.45 -21.60
N ILE C 194 -115.32 -26.46 -20.60
CA ILE C 194 -114.89 -25.21 -19.96
C ILE C 194 -114.33 -24.21 -20.96
N LEU C 195 -113.77 -24.69 -22.08
CA LEU C 195 -113.33 -23.78 -23.12
C LEU C 195 -114.50 -23.00 -23.71
N SER C 196 -115.62 -23.66 -23.94
CA SER C 196 -116.80 -23.01 -24.49
C SER C 196 -117.82 -22.72 -23.39
N GLU C 213 -117.90 -30.17 -9.37
CA GLU C 213 -116.69 -29.42 -9.06
C GLU C 213 -115.64 -30.31 -8.40
N LEU C 214 -115.80 -30.55 -7.10
CA LEU C 214 -114.87 -31.39 -6.35
C LEU C 214 -115.68 -32.15 -5.30
N GLY C 215 -116.02 -33.39 -5.61
CA GLY C 215 -116.75 -34.23 -4.69
C GLY C 215 -115.86 -34.82 -3.61
N PHE C 216 -116.44 -35.75 -2.86
CA PHE C 216 -115.74 -36.34 -1.72
C PHE C 216 -115.65 -37.86 -1.78
N PHE C 217 -116.68 -38.54 -2.26
CA PHE C 217 -116.72 -40.00 -2.20
C PHE C 217 -116.47 -40.69 -3.52
N LEU C 218 -116.43 -39.94 -4.63
CA LEU C 218 -116.11 -40.57 -5.92
C LEU C 218 -114.68 -41.11 -5.92
N GLU C 219 -113.74 -40.36 -5.36
CA GLU C 219 -112.37 -40.87 -5.26
C GLU C 219 -112.30 -42.06 -4.34
N THR C 220 -113.10 -42.08 -3.27
CA THR C 220 -113.15 -43.25 -2.40
C THR C 220 -113.64 -44.48 -3.16
N GLY C 221 -114.72 -44.32 -3.94
CA GLY C 221 -115.22 -45.42 -4.73
C GLY C 221 -114.20 -45.90 -5.77
N LEU C 222 -113.43 -44.96 -6.32
CA LEU C 222 -112.41 -45.32 -7.29
C LEU C 222 -111.24 -46.06 -6.63
N GLN C 223 -110.88 -45.67 -5.41
CA GLN C 223 -109.64 -46.14 -4.80
C GLN C 223 -109.82 -47.44 -4.00
N ARG C 224 -110.95 -47.59 -3.30
CA ARG C 224 -111.14 -48.80 -2.49
C ARG C 224 -111.12 -50.06 -3.35
N ALA C 225 -111.43 -49.95 -4.65
CA ALA C 225 -111.34 -51.10 -5.53
C ALA C 225 -109.92 -51.67 -5.56
N HIS C 226 -108.93 -50.80 -5.85
CA HIS C 226 -107.56 -51.29 -5.88
C HIS C 226 -107.04 -51.55 -4.47
N VAL C 227 -107.59 -50.87 -3.46
CA VAL C 227 -107.22 -51.18 -2.08
C VAL C 227 -107.56 -52.63 -1.76
N LEU C 228 -108.79 -53.04 -2.08
CA LEU C 228 -109.18 -54.44 -1.90
C LEU C 228 -108.36 -55.35 -2.80
N TYR C 229 -108.10 -54.92 -4.04
CA TYR C 229 -107.30 -55.71 -4.97
C TYR C 229 -105.96 -56.10 -4.35
N PHE C 230 -105.23 -55.11 -3.83
CA PHE C 230 -103.88 -55.35 -3.33
C PHE C 230 -103.84 -55.73 -1.87
N LYS C 231 -104.97 -55.69 -1.16
CA LYS C 231 -105.01 -56.26 0.19
C LYS C 231 -105.52 -57.69 0.21
N ASN C 232 -106.15 -58.15 -0.87
CA ASN C 232 -106.60 -59.53 -0.98
C ASN C 232 -105.68 -60.36 -1.87
N GLY C 233 -104.55 -59.81 -2.29
CA GLY C 233 -103.60 -60.55 -3.11
C GLY C 233 -103.87 -60.53 -4.60
N ASN C 234 -104.90 -59.82 -5.06
CA ASN C 234 -105.22 -59.74 -6.48
C ASN C 234 -104.23 -58.78 -7.17
N LEU C 235 -102.98 -59.23 -7.22
CA LEU C 235 -101.91 -58.37 -7.74
C LEU C 235 -102.06 -58.11 -9.24
N THR C 236 -102.42 -59.14 -10.01
CA THR C 236 -102.49 -58.98 -11.47
C THR C 236 -103.61 -58.03 -11.86
N ARG C 237 -104.82 -58.24 -11.33
CA ARG C 237 -105.92 -57.33 -11.63
C ARG C 237 -105.65 -55.94 -11.07
N GLY C 238 -104.99 -55.85 -9.91
CA GLY C 238 -104.67 -54.55 -9.35
C GLY C 238 -103.73 -53.75 -10.23
N VAL C 239 -102.66 -54.40 -10.70
CA VAL C 239 -101.72 -53.69 -11.57
C VAL C 239 -102.36 -53.38 -12.92
N GLY C 240 -103.21 -54.27 -13.43
CA GLY C 240 -103.92 -53.97 -14.67
C GLY C 240 -104.81 -52.76 -14.54
N ARG C 241 -105.57 -52.68 -13.45
CA ARG C 241 -106.42 -51.51 -13.23
C ARG C 241 -105.62 -50.25 -13.00
N PHE C 242 -104.48 -50.36 -12.31
CA PHE C 242 -103.57 -49.22 -12.17
C PHE C 242 -103.12 -48.73 -13.55
N ARG C 243 -102.73 -49.66 -14.42
CA ARG C 243 -102.28 -49.30 -15.75
C ARG C 243 -103.39 -48.63 -16.54
N GLU C 244 -104.60 -49.18 -16.48
CA GLU C 244 -105.72 -48.60 -17.21
C GLU C 244 -106.07 -47.22 -16.69
N LEU C 245 -105.99 -47.02 -15.37
CA LEU C 245 -106.21 -45.69 -14.82
C LEU C 245 -105.15 -44.72 -15.31
N LEU C 246 -103.89 -45.18 -15.40
CA LEU C 246 -102.84 -44.34 -15.96
C LEU C 246 -103.08 -44.04 -17.44
N ARG C 247 -103.78 -44.93 -18.15
CA ARG C 247 -104.04 -44.70 -19.56
C ARG C 247 -104.95 -43.50 -19.81
N ALA C 248 -105.68 -43.05 -18.80
CA ALA C 248 -106.56 -41.90 -18.97
C ALA C 248 -105.75 -40.64 -19.23
N VAL C 249 -106.25 -39.81 -20.16
CA VAL C 249 -105.57 -38.57 -20.49
C VAL C 249 -105.65 -37.61 -19.31
N GLU C 250 -104.50 -37.05 -18.93
CA GLU C 250 -104.44 -36.18 -17.76
C GLU C 250 -105.17 -34.87 -18.02
N THR C 251 -105.92 -34.42 -17.01
CA THR C 251 -106.52 -33.11 -16.99
C THR C 251 -105.98 -32.33 -15.79
N ARG C 252 -106.50 -31.12 -15.60
CA ARG C 252 -106.03 -30.25 -14.52
C ARG C 252 -106.49 -30.72 -13.14
N THR C 253 -107.18 -31.85 -13.04
CA THR C 253 -107.71 -32.33 -11.76
C THR C 253 -107.24 -33.71 -11.36
N THR C 254 -106.34 -34.33 -12.14
CA THR C 254 -105.90 -35.70 -11.85
C THR C 254 -104.39 -35.81 -11.67
N GLN C 255 -103.68 -34.69 -11.57
CA GLN C 255 -102.22 -34.74 -11.50
C GLN C 255 -101.74 -35.41 -10.22
N ASN C 256 -102.37 -35.11 -9.07
CA ASN C 256 -101.95 -35.73 -7.82
C ASN C 256 -102.32 -37.20 -7.78
N LEU C 257 -103.47 -37.57 -8.36
CA LEU C 257 -103.85 -38.97 -8.43
C LEU C 257 -102.83 -39.76 -9.25
N ARG C 258 -102.44 -39.21 -10.41
CA ARG C 258 -101.47 -39.94 -11.22
C ARG C 258 -100.09 -39.95 -10.58
N MET C 259 -99.73 -38.88 -9.85
CA MET C 259 -98.58 -38.91 -8.95
C MET C 259 -98.58 -40.16 -8.07
N THR C 260 -99.63 -40.29 -7.26
CA THR C 260 -99.67 -41.35 -6.26
C THR C 260 -99.66 -42.72 -6.92
N ILE C 261 -100.50 -42.91 -7.95
CA ILE C 261 -100.59 -44.22 -8.59
C ILE C 261 -99.30 -44.57 -9.31
N ALA C 262 -98.65 -43.58 -9.94
CA ALA C 262 -97.38 -43.83 -10.60
C ALA C 262 -96.31 -44.22 -9.61
N ARG C 263 -96.23 -43.51 -8.47
CA ARG C 263 -95.23 -43.84 -7.46
C ARG C 263 -95.45 -45.26 -6.94
N GLN C 264 -96.69 -45.61 -6.60
CA GLN C 264 -96.96 -46.94 -6.08
C GLN C 264 -96.68 -48.01 -7.12
N LEU C 265 -97.04 -47.77 -8.38
CA LEU C 265 -96.75 -48.73 -9.44
C LEU C 265 -95.26 -48.93 -9.61
N ALA C 266 -94.49 -47.85 -9.59
CA ALA C 266 -93.04 -47.97 -9.71
C ALA C 266 -92.46 -48.80 -8.57
N GLU C 267 -92.91 -48.53 -7.34
CA GLU C 267 -92.41 -49.29 -6.20
C GLU C 267 -92.74 -50.78 -6.35
N ILE C 268 -94.00 -51.10 -6.62
CA ILE C 268 -94.41 -52.50 -6.64
C ILE C 268 -93.75 -53.24 -7.80
N LEU C 269 -93.56 -52.56 -8.94
CA LEU C 269 -92.90 -53.20 -10.06
C LEU C 269 -91.42 -53.41 -9.78
N LEU C 270 -90.78 -52.49 -9.06
CA LEU C 270 -89.36 -52.64 -8.77
C LEU C 270 -89.09 -53.71 -7.72
N ARG C 271 -89.98 -53.86 -6.74
CA ARG C 271 -89.74 -54.78 -5.63
C ARG C 271 -90.79 -55.89 -5.55
N GLY C 272 -91.44 -56.22 -6.66
CA GLY C 272 -92.50 -57.21 -6.59
C GLY C 272 -92.29 -58.49 -7.38
N MET C 273 -91.58 -58.41 -8.51
CA MET C 273 -91.46 -59.56 -9.39
C MET C 273 -90.22 -59.41 -10.26
N CYS C 274 -89.87 -60.50 -10.94
CA CYS C 274 -88.71 -60.52 -11.82
C CYS C 274 -89.08 -60.01 -13.21
N GLU C 275 -88.12 -60.09 -14.13
CA GLU C 275 -88.32 -59.60 -15.49
C GLU C 275 -89.21 -60.53 -16.32
N GLN C 276 -89.15 -61.83 -16.06
CA GLN C 276 -89.85 -62.82 -16.87
C GLN C 276 -91.33 -62.96 -16.51
N SER C 277 -91.90 -61.99 -15.80
CA SER C 277 -93.30 -62.00 -15.40
C SER C 277 -93.96 -60.66 -15.70
N TYR C 278 -93.75 -60.16 -16.92
CA TYR C 278 -94.25 -58.85 -17.31
C TYR C 278 -94.46 -58.83 -18.82
N TRP C 279 -95.48 -58.10 -19.25
CA TRP C 279 -95.75 -57.91 -20.67
C TRP C 279 -96.21 -56.48 -20.91
N ASN C 280 -96.29 -56.12 -22.20
CA ASN C 280 -96.57 -54.74 -22.58
C ASN C 280 -97.95 -54.31 -22.09
N PRO C 281 -98.15 -53.01 -21.85
CA PRO C 281 -99.46 -52.54 -21.35
C PRO C 281 -100.62 -52.87 -22.28
N LEU C 282 -100.40 -52.82 -23.60
CA LEU C 282 -101.48 -53.13 -24.52
C LEU C 282 -101.84 -54.60 -24.49
N GLU C 283 -100.85 -55.47 -24.34
CA GLU C 283 -101.06 -56.91 -24.36
C GLU C 283 -101.42 -57.42 -22.97
N ASP C 284 -101.80 -58.69 -22.90
CA ASP C 284 -102.23 -59.32 -21.65
C ASP C 284 -101.57 -60.68 -21.51
N PRO C 285 -100.74 -60.89 -20.48
CA PRO C 285 -100.08 -62.19 -20.24
C PRO C 285 -101.07 -63.33 -20.00
N PHE C 319 -95.13 -44.49 -27.42
CA PHE C 319 -93.98 -45.28 -27.02
C PHE C 319 -94.41 -46.57 -26.33
N CYS C 320 -93.74 -47.67 -26.68
CA CYS C 320 -94.07 -48.99 -26.13
C CYS C 320 -92.88 -49.54 -25.36
N PRO C 321 -92.96 -49.61 -24.03
CA PRO C 321 -91.86 -50.22 -23.27
C PRO C 321 -91.77 -51.72 -23.52
N GLN C 322 -90.56 -52.25 -23.37
CA GLN C 322 -90.30 -53.68 -23.55
C GLN C 322 -89.82 -54.38 -22.30
N GLU C 323 -89.27 -53.67 -21.32
CA GLU C 323 -88.83 -54.26 -20.07
C GLU C 323 -89.21 -53.33 -18.93
N ASN C 324 -89.34 -53.91 -17.73
CA ASN C 324 -90.00 -53.22 -16.63
C ASN C 324 -89.24 -51.96 -16.20
N THR C 325 -87.91 -52.03 -16.14
CA THR C 325 -87.16 -50.86 -15.72
C THR C 325 -87.29 -49.72 -16.71
N GLU C 326 -87.56 -50.02 -17.99
CA GLU C 326 -87.78 -48.96 -18.97
C GLU C 326 -89.04 -48.16 -18.66
N GLU C 327 -90.15 -48.85 -18.40
CA GLU C 327 -91.38 -48.13 -18.06
C GLU C 327 -91.24 -47.44 -16.70
N ALA C 328 -90.52 -48.06 -15.76
CA ALA C 328 -90.29 -47.41 -14.48
C ALA C 328 -89.50 -46.12 -14.67
N LEU C 329 -88.47 -46.15 -15.51
CA LEU C 329 -87.68 -44.95 -15.79
C LEU C 329 -88.53 -43.88 -16.44
N LEU C 330 -89.37 -44.26 -17.41
CA LEU C 330 -90.24 -43.28 -18.05
C LEU C 330 -91.18 -42.64 -17.04
N LEU C 331 -91.76 -43.45 -16.16
CA LEU C 331 -92.64 -42.95 -15.12
C LEU C 331 -91.90 -41.98 -14.20
N LEU C 332 -90.68 -42.33 -13.80
CA LEU C 332 -89.91 -41.45 -12.93
C LEU C 332 -89.59 -40.13 -13.62
N LEU C 333 -89.22 -40.18 -14.91
CA LEU C 333 -88.91 -38.95 -15.62
C LEU C 333 -90.13 -38.05 -15.70
N ILE C 334 -91.28 -38.59 -16.10
CA ILE C 334 -92.45 -37.72 -16.23
C ILE C 334 -92.84 -37.15 -14.86
N SER C 335 -92.83 -38.00 -13.82
CA SER C 335 -93.20 -37.55 -12.48
C SER C 335 -92.31 -36.42 -12.01
N GLU C 336 -90.99 -36.61 -12.08
CA GLU C 336 -90.08 -35.57 -11.63
C GLU C 336 -90.18 -34.33 -12.52
N SER C 337 -90.40 -34.50 -13.82
CA SER C 337 -90.41 -33.37 -14.74
C SER C 337 -91.58 -32.43 -14.45
N MET C 338 -92.77 -32.97 -14.23
CA MET C 338 -93.88 -32.09 -13.92
C MET C 338 -94.14 -31.98 -12.42
N ALA C 339 -93.24 -32.53 -11.59
CA ALA C 339 -93.18 -32.28 -10.15
C ALA C 339 -92.29 -31.10 -9.80
N ASN C 340 -91.22 -30.89 -10.56
CA ASN C 340 -90.24 -29.86 -10.21
C ASN C 340 -90.82 -28.46 -10.18
N ARG C 341 -92.07 -28.26 -10.58
CA ARG C 341 -92.68 -26.94 -10.63
C ARG C 341 -93.59 -26.64 -9.44
N ASP C 342 -93.66 -27.53 -8.45
CA ASP C 342 -94.39 -27.26 -7.22
C ASP C 342 -93.46 -27.10 -6.02
N ALA C 343 -92.21 -26.76 -6.26
CA ALA C 343 -91.21 -26.71 -5.20
C ALA C 343 -91.43 -25.50 -4.30
N VAL C 344 -90.80 -25.56 -3.12
CA VAL C 344 -90.88 -24.49 -2.14
C VAL C 344 -89.58 -23.70 -2.00
N LEU C 345 -88.45 -24.25 -2.46
CA LEU C 345 -87.21 -23.49 -2.67
C LEU C 345 -86.69 -22.84 -1.39
N SER C 346 -86.88 -23.53 -0.26
CA SER C 346 -86.20 -23.22 1.00
C SER C 346 -86.32 -21.74 1.39
N ARG C 347 -87.57 -21.30 1.60
CA ARG C 347 -87.79 -19.95 2.12
C ARG C 347 -87.69 -19.92 3.64
N ILE C 348 -88.51 -20.73 4.30
CA ILE C 348 -88.63 -20.80 5.76
C ILE C 348 -88.79 -19.40 6.38
N PRO C 349 -89.78 -18.58 5.97
CA PRO C 349 -90.03 -17.35 6.73
C PRO C 349 -90.62 -17.65 8.09
N GLU C 350 -91.73 -18.39 8.10
CA GLU C 350 -92.34 -18.87 9.34
C GLU C 350 -92.83 -20.31 9.28
N HIS C 351 -93.10 -20.86 8.09
CA HIS C 351 -93.69 -22.18 7.94
C HIS C 351 -92.65 -23.17 7.39
N LYS C 352 -92.77 -24.43 7.83
CA LYS C 352 -91.78 -25.43 7.48
C LYS C 352 -92.39 -26.74 7.01
N SER C 353 -93.63 -27.03 7.42
CA SER C 353 -94.20 -28.37 7.21
C SER C 353 -94.32 -28.71 5.73
N ASP C 354 -94.83 -27.77 4.93
CA ASP C 354 -94.93 -28.02 3.49
C ASP C 354 -93.56 -28.23 2.88
N ARG C 355 -92.56 -27.47 3.36
CA ARG C 355 -91.19 -27.68 2.91
C ARG C 355 -90.70 -29.07 3.26
N LEU C 356 -91.04 -29.56 4.45
CA LEU C 356 -90.65 -30.92 4.83
C LEU C 356 -91.30 -31.96 3.92
N ILE C 357 -92.58 -31.79 3.61
CA ILE C 357 -93.25 -32.74 2.72
C ILE C 357 -92.62 -32.72 1.33
N SER C 358 -92.33 -31.52 0.81
CA SER C 358 -91.70 -31.42 -0.50
C SER C 358 -90.32 -32.06 -0.51
N LEU C 359 -89.54 -31.86 0.56
CA LEU C 359 -88.24 -32.47 0.66
C LEU C 359 -88.34 -33.99 0.73
N GLN C 360 -89.33 -34.51 1.46
CA GLN C 360 -89.55 -35.95 1.52
C GLN C 360 -89.86 -36.51 0.14
N SER C 361 -90.74 -35.83 -0.61
CA SER C 361 -91.08 -36.31 -1.94
C SER C 361 -89.87 -36.28 -2.87
N ALA C 362 -89.08 -35.20 -2.82
CA ALA C 362 -87.88 -35.14 -3.64
C ALA C 362 -86.89 -36.24 -3.26
N SER C 363 -86.70 -36.46 -1.95
CA SER C 363 -85.77 -37.49 -1.50
C SER C 363 -86.20 -38.86 -1.99
N VAL C 364 -87.49 -39.18 -1.89
CA VAL C 364 -87.93 -40.51 -2.29
C VAL C 364 -87.85 -40.67 -3.81
N VAL C 365 -88.22 -39.65 -4.59
CA VAL C 365 -88.16 -39.81 -6.04
C VAL C 365 -86.73 -40.00 -6.50
N TYR C 366 -85.79 -39.23 -5.93
CA TYR C 366 -84.40 -39.41 -6.31
C TYR C 366 -83.83 -40.71 -5.78
N ASP C 367 -84.36 -41.22 -4.65
CA ASP C 367 -83.94 -42.51 -4.15
C ASP C 367 -84.33 -43.62 -5.12
N LEU C 368 -85.57 -43.59 -5.62
CA LEU C 368 -85.96 -44.57 -6.64
C LEU C 368 -85.14 -44.41 -7.92
N LEU C 369 -84.85 -43.17 -8.33
CA LEU C 369 -84.01 -42.98 -9.51
C LEU C 369 -82.63 -43.61 -9.31
N THR C 370 -82.03 -43.39 -8.14
CA THR C 370 -80.71 -43.94 -7.86
C THR C 370 -80.74 -45.47 -7.84
N ILE C 371 -81.73 -46.05 -7.15
CA ILE C 371 -81.76 -47.51 -7.06
C ILE C 371 -82.06 -48.13 -8.42
N ALA C 372 -82.80 -47.43 -9.28
CA ALA C 372 -83.07 -47.95 -10.60
C ALA C 372 -81.83 -47.91 -11.49
N LEU C 373 -81.10 -46.78 -11.45
CA LEU C 373 -80.01 -46.60 -12.40
C LEU C 373 -78.68 -47.22 -11.94
N GLY C 374 -78.49 -47.40 -10.63
CA GLY C 374 -77.21 -47.90 -10.16
C GLY C 374 -76.94 -49.34 -10.55
N ARG C 375 -77.98 -50.19 -10.49
CA ARG C 375 -77.80 -51.62 -10.74
C ARG C 375 -77.32 -51.90 -12.15
N ARG C 376 -77.71 -51.07 -13.11
CA ARG C 376 -77.37 -51.28 -14.52
C ARG C 376 -76.05 -50.65 -14.92
N GLY C 377 -75.32 -50.06 -13.98
CA GLY C 377 -74.01 -49.51 -14.27
C GLY C 377 -74.00 -48.29 -15.18
N GLN C 378 -74.98 -47.41 -15.04
CA GLN C 378 -75.03 -46.15 -15.78
C GLN C 378 -74.91 -45.03 -14.78
N TYR C 379 -73.76 -44.34 -14.78
CA TYR C 379 -73.46 -43.34 -13.77
C TYR C 379 -73.45 -41.91 -14.28
N GLU C 380 -73.24 -41.70 -15.58
CA GLU C 380 -73.17 -40.33 -16.10
C GLU C 380 -74.51 -39.62 -15.96
N MET C 381 -75.59 -40.25 -16.43
CA MET C 381 -76.90 -39.64 -16.35
C MET C 381 -77.35 -39.49 -14.90
N LEU C 382 -77.00 -40.45 -14.05
CA LEU C 382 -77.27 -40.32 -12.62
C LEU C 382 -76.58 -39.10 -12.02
N SER C 383 -75.31 -38.91 -12.36
CA SER C 383 -74.58 -37.76 -11.84
C SER C 383 -75.20 -36.46 -12.31
N GLU C 384 -75.58 -36.39 -13.59
CA GLU C 384 -76.25 -35.19 -14.09
C GLU C 384 -77.59 -34.98 -13.40
N CYS C 385 -78.31 -36.07 -13.10
CA CYS C 385 -79.60 -35.95 -12.40
C CYS C 385 -79.41 -35.34 -11.02
N LEU C 386 -78.45 -35.85 -10.25
CA LEU C 386 -78.20 -35.26 -8.93
C LEU C 386 -77.69 -33.83 -9.04
N GLU C 387 -76.87 -33.54 -10.05
CA GLU C 387 -76.40 -32.17 -10.24
C GLU C 387 -77.58 -31.22 -10.47
N ARG C 388 -78.53 -31.63 -11.30
CA ARG C 388 -79.73 -30.82 -11.49
C ARG C 388 -80.54 -30.72 -10.20
N ALA C 389 -80.65 -31.82 -9.46
CA ALA C 389 -81.42 -31.84 -8.22
C ALA C 389 -80.80 -30.98 -7.13
N MET C 390 -79.52 -30.64 -7.27
CA MET C 390 -78.78 -30.01 -6.18
C MET C 390 -79.35 -28.67 -5.74
N LYS C 391 -80.36 -28.14 -6.43
CA LYS C 391 -80.88 -26.81 -6.12
C LYS C 391 -81.54 -26.76 -4.74
N PHE C 392 -82.29 -27.80 -4.37
CA PHE C 392 -83.11 -27.73 -3.17
C PHE C 392 -82.26 -27.64 -1.91
N ALA C 393 -81.22 -28.47 -1.81
CA ALA C 393 -80.50 -28.63 -0.55
C ALA C 393 -79.75 -27.37 -0.17
N PHE C 394 -79.79 -27.03 1.12
CA PHE C 394 -79.01 -25.94 1.68
C PHE C 394 -78.13 -26.36 2.84
N GLU C 395 -78.66 -27.18 3.77
CA GLU C 395 -77.89 -27.71 4.89
C GLU C 395 -78.24 -29.17 5.14
N GLU C 396 -78.35 -29.96 4.07
CA GLU C 396 -78.75 -31.37 4.19
C GLU C 396 -77.59 -32.26 3.76
N PHE C 397 -77.24 -33.21 4.62
CA PHE C 397 -76.05 -34.02 4.40
C PHE C 397 -76.25 -35.06 3.30
N HIS C 398 -77.46 -35.58 3.16
CA HIS C 398 -77.68 -36.76 2.34
C HIS C 398 -77.37 -36.49 0.87
N LEU C 399 -77.92 -35.41 0.31
CA LEU C 399 -77.71 -35.14 -1.11
C LEU C 399 -76.26 -34.80 -1.40
N TRP C 400 -75.59 -34.05 -0.52
CA TRP C 400 -74.18 -33.78 -0.72
C TRP C 400 -73.37 -35.08 -0.74
N TYR C 401 -73.65 -35.98 0.19
CA TYR C 401 -72.93 -37.26 0.25
C TYR C 401 -73.16 -38.07 -1.02
N GLN C 402 -74.42 -38.17 -1.46
CA GLN C 402 -74.72 -38.98 -2.64
C GLN C 402 -74.13 -38.36 -3.90
N PHE C 403 -74.17 -37.03 -4.03
CA PHE C 403 -73.59 -36.38 -5.18
C PHE C 403 -72.08 -36.58 -5.21
N ALA C 404 -71.41 -36.48 -4.06
CA ALA C 404 -69.98 -36.71 -4.02
C ALA C 404 -69.65 -38.15 -4.40
N LEU C 405 -70.42 -39.12 -3.90
CA LEU C 405 -70.18 -40.51 -4.24
C LEU C 405 -70.37 -40.75 -5.73
N SER C 406 -71.43 -40.20 -6.31
CA SER C 406 -71.69 -40.38 -7.73
C SER C 406 -70.60 -39.75 -8.58
N LEU C 407 -70.15 -38.55 -8.20
CA LEU C 407 -69.08 -37.91 -8.95
C LEU C 407 -67.79 -38.70 -8.86
N MET C 408 -67.45 -39.19 -7.67
CA MET C 408 -66.21 -39.96 -7.52
C MET C 408 -66.28 -41.31 -8.20
N ALA C 409 -67.48 -41.86 -8.38
CA ALA C 409 -67.65 -43.14 -9.06
C ALA C 409 -67.80 -43.02 -10.56
N ALA C 410 -67.76 -41.78 -11.10
CA ALA C 410 -67.95 -41.56 -12.53
C ALA C 410 -66.65 -41.25 -13.26
N GLY C 411 -65.60 -40.86 -12.57
CA GLY C 411 -64.34 -40.55 -13.20
C GLY C 411 -63.80 -39.18 -12.89
N LYS C 412 -64.69 -38.19 -12.79
CA LYS C 412 -64.27 -36.85 -12.42
C LYS C 412 -63.82 -36.83 -10.96
N SER C 413 -62.75 -36.10 -10.68
CA SER C 413 -62.10 -36.17 -9.37
C SER C 413 -62.10 -34.85 -8.62
N ALA C 414 -61.71 -33.75 -9.27
CA ALA C 414 -61.55 -32.48 -8.54
C ALA C 414 -62.87 -32.01 -7.95
N ARG C 415 -63.95 -32.08 -8.71
CA ARG C 415 -65.27 -31.72 -8.18
C ARG C 415 -65.64 -32.60 -7.01
N ALA C 416 -65.35 -33.90 -7.12
CA ALA C 416 -65.58 -34.82 -6.00
C ALA C 416 -64.76 -34.40 -4.78
N VAL C 417 -63.52 -33.96 -5.00
CA VAL C 417 -62.68 -33.54 -3.88
C VAL C 417 -63.29 -32.32 -3.19
N LYS C 418 -63.76 -31.35 -3.97
CA LYS C 418 -64.32 -30.14 -3.38
C LYS C 418 -65.61 -30.45 -2.60
N VAL C 419 -66.50 -31.25 -3.20
CA VAL C 419 -67.73 -31.62 -2.50
C VAL C 419 -67.40 -32.42 -1.25
N LEU C 420 -66.38 -33.27 -1.31
CA LEU C 420 -65.99 -34.07 -0.16
C LEU C 420 -65.45 -33.18 0.95
N LYS C 421 -64.72 -32.12 0.57
CA LYS C 421 -64.25 -31.14 1.56
C LYS C 421 -65.43 -30.46 2.24
N GLU C 422 -66.44 -30.07 1.47
CA GLU C 422 -67.62 -29.48 2.09
C GLU C 422 -68.31 -30.49 3.01
N CYS C 423 -68.26 -31.78 2.65
CA CYS C 423 -68.80 -32.81 3.53
C CYS C 423 -68.02 -32.90 4.84
N ILE C 424 -66.69 -32.75 4.77
CA ILE C 424 -65.90 -32.61 6.00
C ILE C 424 -66.44 -31.45 6.82
N ARG C 425 -66.70 -30.32 6.17
CA ARG C 425 -67.17 -29.15 6.91
C ARG C 425 -68.50 -29.42 7.59
N LEU C 426 -69.41 -30.10 6.91
CA LEU C 426 -70.78 -30.23 7.42
C LEU C 426 -70.84 -31.07 8.71
N LYS C 427 -70.25 -32.26 8.68
CA LYS C 427 -70.41 -33.22 9.78
C LYS C 427 -69.08 -33.89 10.08
N PRO C 428 -68.39 -33.46 11.14
CA PRO C 428 -67.06 -34.02 11.47
C PRO C 428 -67.14 -35.21 12.43
N ASP C 429 -67.80 -36.28 11.98
CA ASP C 429 -67.84 -37.52 12.75
C ASP C 429 -67.27 -38.71 11.99
N ASP C 430 -67.60 -38.86 10.71
CA ASP C 430 -67.11 -39.99 9.93
C ASP C 430 -65.65 -39.80 9.54
N ALA C 431 -64.90 -40.89 9.57
CA ALA C 431 -63.51 -40.89 9.14
C ALA C 431 -63.31 -41.47 7.75
N THR C 432 -64.33 -42.11 7.18
CA THR C 432 -64.19 -42.71 5.86
C THR C 432 -64.10 -41.64 4.77
N ILE C 433 -64.82 -40.54 4.94
CA ILE C 433 -64.84 -39.50 3.90
C ILE C 433 -63.47 -38.86 3.71
N PRO C 434 -62.75 -38.43 4.75
CA PRO C 434 -61.37 -37.97 4.53
C PRO C 434 -60.46 -39.07 3.98
N LEU C 435 -60.72 -40.33 4.32
CA LEU C 435 -59.95 -41.43 3.75
C LEU C 435 -60.12 -41.48 2.24
N LEU C 436 -61.37 -41.36 1.76
CA LEU C 436 -61.62 -41.34 0.33
C LEU C 436 -60.96 -40.12 -0.33
N ALA C 437 -61.05 -38.97 0.34
CA ALA C 437 -60.42 -37.77 -0.22
C ALA C 437 -58.92 -37.96 -0.36
N ALA C 438 -58.27 -38.51 0.67
CA ALA C 438 -56.83 -38.77 0.61
C ALA C 438 -56.49 -39.79 -0.47
N LYS C 439 -57.31 -40.83 -0.60
CA LYS C 439 -57.06 -41.85 -1.62
C LYS C 439 -57.13 -41.24 -3.02
N LEU C 440 -58.12 -40.38 -3.26
CA LEU C 440 -58.20 -39.70 -4.54
C LEU C 440 -57.05 -38.71 -4.73
N CYS C 441 -56.56 -38.11 -3.64
CA CYS C 441 -55.54 -37.07 -3.76
C CYS C 441 -54.24 -37.65 -4.29
N MET C 442 -53.84 -38.83 -3.83
CA MET C 442 -52.59 -39.44 -4.26
C MET C 442 -52.75 -40.35 -5.46
N GLY C 443 -53.91 -40.32 -6.12
CA GLY C 443 -54.13 -41.11 -7.31
C GLY C 443 -53.54 -40.46 -8.55
N SER C 444 -54.32 -40.44 -9.64
CA SER C 444 -53.84 -39.84 -10.88
C SER C 444 -53.69 -38.32 -10.77
N LEU C 445 -54.34 -37.69 -9.81
CA LEU C 445 -54.24 -36.24 -9.65
C LEU C 445 -52.82 -35.84 -9.24
N HIS C 446 -52.19 -36.65 -8.38
CA HIS C 446 -50.82 -36.41 -7.90
C HIS C 446 -50.73 -35.13 -7.07
N TRP C 447 -51.70 -34.93 -6.18
CA TRP C 447 -51.61 -33.90 -5.16
C TRP C 447 -51.22 -34.56 -3.85
N LEU C 448 -50.14 -34.08 -3.24
CA LEU C 448 -49.52 -34.76 -2.10
C LEU C 448 -49.74 -34.06 -0.77
N GLU C 449 -49.73 -32.73 -0.73
CA GLU C 449 -49.91 -32.02 0.53
C GLU C 449 -51.29 -32.27 1.11
N GLU C 450 -52.33 -32.24 0.27
CA GLU C 450 -53.67 -32.50 0.76
C GLU C 450 -53.81 -33.92 1.29
N ALA C 451 -53.11 -34.88 0.69
CA ALA C 451 -53.16 -36.25 1.19
C ALA C 451 -52.65 -36.32 2.62
N GLU C 452 -51.52 -35.66 2.90
CA GLU C 452 -51.01 -35.65 4.26
C GLU C 452 -51.91 -34.86 5.19
N LYS C 453 -52.57 -33.82 4.68
CA LYS C 453 -53.51 -33.07 5.51
C LYS C 453 -54.67 -33.96 5.96
N PHE C 454 -55.28 -34.67 5.02
CA PHE C 454 -56.39 -35.56 5.36
C PHE C 454 -55.92 -36.71 6.25
N ALA C 455 -54.72 -37.24 6.00
CA ALA C 455 -54.20 -38.32 6.85
C ALA C 455 -54.01 -37.84 8.28
N LYS C 456 -53.45 -36.63 8.46
CA LYS C 456 -53.29 -36.08 9.79
C LYS C 456 -54.65 -35.86 10.44
N THR C 457 -55.63 -35.40 9.66
CA THR C 457 -56.97 -35.17 10.20
C THR C 457 -57.59 -36.48 10.71
N VAL C 458 -57.53 -37.54 9.90
CA VAL C 458 -58.16 -38.79 10.31
C VAL C 458 -57.41 -39.42 11.47
N VAL C 459 -56.09 -39.33 11.47
CA VAL C 459 -55.32 -39.89 12.58
C VAL C 459 -55.58 -39.12 13.88
N ASP C 460 -55.76 -37.81 13.78
CA ASP C 460 -55.93 -36.95 14.94
C ASP C 460 -57.38 -36.88 15.42
N VAL C 461 -58.18 -37.89 15.13
CA VAL C 461 -59.58 -37.91 15.57
C VAL C 461 -59.66 -37.95 17.09
N THR C 465 -62.19 -46.25 15.41
CA THR C 465 -61.57 -47.31 16.19
C THR C 465 -60.16 -47.61 15.67
N SER C 466 -59.60 -48.74 16.12
CA SER C 466 -58.25 -49.12 15.70
C SER C 466 -58.20 -49.40 14.20
N GLU C 467 -59.24 -50.05 13.66
CA GLU C 467 -59.25 -50.43 12.26
C GLU C 467 -59.23 -49.23 11.33
N PHE C 468 -59.55 -48.04 11.83
CA PHE C 468 -59.53 -46.83 11.02
C PHE C 468 -58.24 -46.03 11.19
N LYS C 469 -57.73 -45.91 12.42
CA LYS C 469 -56.45 -45.24 12.59
C LYS C 469 -55.31 -46.04 11.96
N ALA C 470 -55.46 -47.37 11.87
CA ALA C 470 -54.46 -48.15 11.14
C ALA C 470 -54.44 -47.77 9.67
N LYS C 471 -55.61 -47.61 9.06
CA LYS C 471 -55.67 -47.18 7.66
C LYS C 471 -55.11 -45.77 7.50
N GLY C 472 -55.41 -44.90 8.47
CA GLY C 472 -54.84 -43.56 8.41
C GLY C 472 -53.32 -43.56 8.46
N TYR C 473 -52.75 -44.39 9.35
CA TYR C 473 -51.30 -44.52 9.41
C TYR C 473 -50.73 -45.07 8.10
N LEU C 474 -51.42 -46.06 7.52
CA LEU C 474 -50.99 -46.61 6.24
C LEU C 474 -50.96 -45.53 5.15
N ALA C 475 -52.02 -44.73 5.09
CA ALA C 475 -52.07 -43.66 4.09
C ALA C 475 -50.97 -42.63 4.32
N LEU C 476 -50.73 -42.27 5.58
CA LEU C 476 -49.66 -41.33 5.88
C LEU C 476 -48.30 -41.89 5.46
N GLY C 477 -48.07 -43.17 5.73
CA GLY C 477 -46.81 -43.77 5.32
C GLY C 477 -46.64 -43.80 3.81
N LEU C 478 -47.71 -44.13 3.09
CA LEU C 478 -47.63 -44.14 1.63
C LEU C 478 -47.33 -42.74 1.08
N THR C 479 -47.99 -41.72 1.64
CA THR C 479 -47.74 -40.35 1.21
C THR C 479 -46.30 -39.96 1.47
N TYR C 480 -45.79 -40.29 2.66
CA TYR C 480 -44.40 -39.97 2.99
C TYR C 480 -43.43 -40.68 2.05
N SER C 481 -43.71 -41.95 1.73
CA SER C 481 -42.83 -42.69 0.82
C SER C 481 -42.82 -42.06 -0.57
N LEU C 482 -43.98 -41.66 -1.08
CA LEU C 482 -44.02 -41.01 -2.38
C LEU C 482 -43.29 -39.68 -2.36
N GLN C 483 -43.46 -38.89 -1.29
CA GLN C 483 -42.72 -37.64 -1.16
C GLN C 483 -41.22 -37.88 -1.14
N ALA C 484 -40.79 -38.95 -0.46
CA ALA C 484 -39.37 -39.31 -0.47
C ALA C 484 -38.91 -39.65 -1.88
N THR C 485 -39.72 -40.42 -2.62
CA THR C 485 -39.38 -40.75 -3.99
C THR C 485 -39.32 -39.53 -4.90
N ASP C 486 -40.03 -38.46 -4.54
CA ASP C 486 -40.04 -37.25 -5.36
C ASP C 486 -39.07 -36.18 -4.87
N ALA C 487 -38.14 -36.53 -3.97
CA ALA C 487 -37.22 -35.55 -3.41
C ALA C 487 -36.14 -35.19 -4.44
N SER C 488 -35.40 -34.13 -4.13
CA SER C 488 -34.35 -33.63 -5.02
C SER C 488 -33.00 -33.45 -4.36
N LEU C 489 -32.90 -33.43 -3.04
CA LEU C 489 -31.64 -33.32 -2.33
C LEU C 489 -31.42 -34.58 -1.49
N ARG C 490 -30.38 -34.59 -0.66
CA ARG C 490 -29.89 -35.83 -0.06
C ARG C 490 -30.60 -36.18 1.26
N GLY C 491 -30.49 -35.30 2.26
CA GLY C 491 -30.93 -35.67 3.60
C GLY C 491 -32.41 -35.95 3.69
N MET C 492 -33.22 -35.16 2.99
CA MET C 492 -34.67 -35.27 3.10
C MET C 492 -35.18 -36.64 2.68
N GLN C 493 -34.50 -37.30 1.74
CA GLN C 493 -34.90 -38.64 1.35
C GLN C 493 -34.82 -39.60 2.53
N GLU C 494 -33.69 -39.58 3.24
CA GLU C 494 -33.56 -40.46 4.40
C GLU C 494 -34.50 -40.05 5.52
N VAL C 495 -34.73 -38.75 5.70
CA VAL C 495 -35.68 -38.31 6.73
C VAL C 495 -37.06 -38.87 6.45
N LEU C 496 -37.54 -38.71 5.21
CA LEU C 496 -38.86 -39.21 4.87
C LEU C 496 -38.90 -40.73 4.91
N GLN C 497 -37.80 -41.40 4.56
CA GLN C 497 -37.78 -42.86 4.63
C GLN C 497 -37.89 -43.35 6.06
N ARG C 498 -37.18 -42.73 7.00
CA ARG C 498 -37.29 -43.14 8.39
C ARG C 498 -38.67 -42.83 8.95
N LYS C 499 -39.24 -41.68 8.58
CA LYS C 499 -40.62 -41.39 8.96
C LYS C 499 -41.57 -42.46 8.44
N ALA C 500 -41.41 -42.84 7.18
CA ALA C 500 -42.31 -43.83 6.57
C ALA C 500 -42.18 -45.19 7.25
N LEU C 501 -40.95 -45.62 7.54
CA LEU C 501 -40.79 -46.92 8.18
C LEU C 501 -41.32 -46.90 9.61
N LEU C 502 -41.16 -45.77 10.32
CA LEU C 502 -41.75 -45.66 11.65
C LEU C 502 -43.26 -45.77 11.60
N ALA C 503 -43.89 -45.04 10.67
CA ALA C 503 -45.34 -45.11 10.54
C ALA C 503 -45.80 -46.50 10.15
N PHE C 504 -45.07 -47.15 9.23
CA PHE C 504 -45.42 -48.50 8.81
C PHE C 504 -45.30 -49.47 9.97
N GLN C 505 -44.27 -49.32 10.80
CA GLN C 505 -44.12 -50.17 11.98
C GLN C 505 -45.28 -49.97 12.94
N ARG C 506 -45.68 -48.73 13.16
CA ARG C 506 -46.82 -48.46 14.03
C ARG C 506 -48.09 -49.11 13.49
N ALA C 507 -48.34 -48.95 12.19
CA ALA C 507 -49.54 -49.53 11.59
C ALA C 507 -49.52 -51.06 11.68
N HIS C 508 -48.36 -51.67 11.44
CA HIS C 508 -48.24 -53.12 11.53
C HIS C 508 -48.48 -53.60 12.96
N SER C 509 -47.95 -52.87 13.95
CA SER C 509 -48.15 -53.26 15.34
C SER C 509 -49.62 -53.14 15.73
N LEU C 510 -50.31 -52.11 15.25
CA LEU C 510 -51.69 -51.89 15.66
C LEU C 510 -52.65 -52.95 15.14
N SER C 511 -52.28 -53.69 14.09
CA SER C 511 -53.18 -54.71 13.55
C SER C 511 -52.35 -55.90 13.05
N PRO C 512 -52.62 -57.11 13.53
CA PRO C 512 -51.76 -58.25 13.20
C PRO C 512 -52.23 -59.08 12.02
N THR C 513 -53.41 -58.78 11.48
CA THR C 513 -54.02 -59.60 10.44
C THR C 513 -54.36 -58.75 9.21
N ASP C 514 -53.41 -57.93 8.77
CA ASP C 514 -53.55 -57.14 7.55
C ASP C 514 -52.33 -57.46 6.69
N HIS C 515 -52.54 -58.18 5.60
CA HIS C 515 -51.42 -58.57 4.74
C HIS C 515 -50.89 -57.39 3.93
N GLN C 516 -51.75 -56.41 3.61
CA GLN C 516 -51.30 -55.25 2.87
C GLN C 516 -50.28 -54.44 3.66
N ALA C 517 -50.54 -54.24 4.95
CA ALA C 517 -49.61 -53.47 5.78
C ALA C 517 -48.25 -54.17 5.87
N ALA C 518 -48.26 -55.49 6.09
CA ALA C 518 -47.01 -56.23 6.15
C ALA C 518 -46.28 -56.19 4.82
N PHE C 519 -47.01 -56.33 3.72
CA PHE C 519 -46.39 -56.28 2.40
C PHE C 519 -45.74 -54.94 2.15
N TYR C 520 -46.43 -53.85 2.48
CA TYR C 520 -45.86 -52.52 2.24
C TYR C 520 -44.70 -52.22 3.18
N LEU C 521 -44.76 -52.72 4.42
CA LEU C 521 -43.62 -52.58 5.32
C LEU C 521 -42.40 -53.33 4.78
N ALA C 522 -42.61 -54.55 4.26
CA ALA C 522 -41.52 -55.29 3.68
C ALA C 522 -40.96 -54.59 2.45
N LEU C 523 -41.85 -53.99 1.64
CA LEU C 523 -41.38 -53.23 0.47
C LEU C 523 -40.53 -52.05 0.90
N GLN C 524 -40.98 -51.32 1.91
CA GLN C 524 -40.21 -50.17 2.40
C GLN C 524 -38.87 -50.61 2.96
N LEU C 525 -38.85 -51.75 3.66
CA LEU C 525 -37.58 -52.28 4.16
C LEU C 525 -36.65 -52.66 3.01
N ALA C 526 -37.19 -53.29 1.97
CA ALA C 526 -36.38 -53.65 0.82
C ALA C 526 -35.84 -52.42 0.09
N ILE C 527 -36.59 -51.33 0.11
CA ILE C 527 -36.08 -50.08 -0.45
C ILE C 527 -34.81 -49.64 0.27
N SER C 528 -34.66 -50.02 1.54
CA SER C 528 -33.52 -49.62 2.34
C SER C 528 -32.38 -50.64 2.32
N ARG C 529 -32.49 -51.67 1.47
CA ARG C 529 -31.46 -52.69 1.22
C ARG C 529 -31.29 -53.69 2.35
N GLN C 530 -32.16 -53.70 3.35
CA GLN C 530 -32.09 -54.70 4.42
C GLN C 530 -32.89 -55.92 3.99
N ILE C 531 -32.17 -56.96 3.56
CA ILE C 531 -32.78 -58.13 2.91
C ILE C 531 -33.45 -59.08 3.89
N PRO C 532 -32.75 -59.62 4.91
CA PRO C 532 -33.34 -60.74 5.69
C PRO C 532 -34.65 -60.39 6.38
N GLU C 533 -34.73 -59.24 7.04
CA GLU C 533 -35.98 -58.86 7.69
C GLU C 533 -37.09 -58.68 6.67
N ALA C 534 -36.77 -58.08 5.52
CA ALA C 534 -37.78 -57.90 4.49
C ALA C 534 -38.29 -59.24 3.97
N LEU C 535 -37.40 -60.20 3.74
CA LEU C 535 -37.84 -61.49 3.21
C LEU C 535 -38.66 -62.26 4.25
N GLY C 536 -38.28 -62.15 5.53
CA GLY C 536 -39.11 -62.74 6.56
C GLY C 536 -40.50 -62.12 6.61
N TYR C 537 -40.57 -60.80 6.49
CA TYR C 537 -41.86 -60.11 6.54
C TYR C 537 -42.74 -60.50 5.36
N VAL C 538 -42.17 -60.58 4.15
CA VAL C 538 -42.99 -60.97 3.01
C VAL C 538 -43.37 -62.44 3.13
N ARG C 539 -42.53 -63.26 3.78
CA ARG C 539 -42.92 -64.63 4.06
C ARG C 539 -44.16 -64.69 4.95
N GLN C 540 -44.18 -63.86 6.00
CA GLN C 540 -45.37 -63.80 6.85
C GLN C 540 -46.59 -63.32 6.06
N ALA C 541 -46.40 -62.30 5.22
CA ALA C 541 -47.51 -61.77 4.44
C ALA C 541 -48.06 -62.82 3.48
N LEU C 542 -47.16 -63.57 2.82
CA LEU C 542 -47.58 -64.63 1.93
C LEU C 542 -48.29 -65.75 2.70
N GLN C 543 -47.86 -66.01 3.93
CA GLN C 543 -48.60 -66.95 4.78
C GLN C 543 -50.02 -66.44 5.05
N LEU C 544 -50.16 -65.11 5.23
CA LEU C 544 -51.50 -64.55 5.40
C LEU C 544 -52.35 -64.76 4.16
N GLN C 545 -51.78 -64.55 2.97
CA GLN C 545 -52.50 -64.74 1.72
C GLN C 545 -51.50 -65.08 0.63
N GLY C 546 -51.75 -66.20 -0.07
CA GLY C 546 -50.80 -66.68 -1.05
C GLY C 546 -51.31 -66.70 -2.48
N ASP C 547 -52.36 -65.92 -2.76
CA ASP C 547 -52.92 -65.85 -4.10
C ASP C 547 -52.73 -64.47 -4.72
N ASP C 548 -51.80 -63.67 -4.18
CA ASP C 548 -51.57 -62.32 -4.67
C ASP C 548 -50.66 -62.37 -5.90
N ALA C 549 -50.30 -61.20 -6.43
CA ALA C 549 -49.33 -61.08 -7.51
C ALA C 549 -48.14 -60.23 -7.10
N ASN C 550 -48.38 -59.11 -6.41
CA ASN C 550 -47.29 -58.26 -5.96
C ASN C 550 -46.40 -58.99 -4.96
N SER C 551 -46.99 -59.81 -4.09
CA SER C 551 -46.19 -60.55 -3.12
C SER C 551 -45.23 -61.50 -3.80
N LEU C 552 -45.73 -62.28 -4.77
CA LEU C 552 -44.86 -63.20 -5.50
C LEU C 552 -43.82 -62.44 -6.31
N HIS C 553 -44.20 -61.32 -6.90
CA HIS C 553 -43.24 -60.53 -7.66
C HIS C 553 -42.11 -60.02 -6.76
N LEU C 554 -42.46 -59.54 -5.56
CA LEU C 554 -41.44 -59.07 -4.63
C LEU C 554 -40.57 -60.22 -4.13
N LEU C 555 -41.18 -61.39 -3.91
CA LEU C 555 -40.38 -62.56 -3.52
C LEU C 555 -39.38 -62.92 -4.59
N ALA C 556 -39.82 -62.92 -5.86
CA ALA C 556 -38.91 -63.21 -6.96
C ALA C 556 -37.80 -62.16 -7.05
N LEU C 557 -38.16 -60.88 -6.84
CA LEU C 557 -37.16 -59.83 -6.88
C LEU C 557 -36.12 -60.00 -5.77
N LEU C 558 -36.58 -60.36 -4.57
CA LEU C 558 -35.65 -60.59 -3.46
C LEU C 558 -34.76 -61.78 -3.75
N LEU C 559 -35.32 -62.85 -4.32
CA LEU C 559 -34.52 -64.02 -4.68
C LEU C 559 -33.46 -63.65 -5.70
N SER C 560 -33.83 -62.85 -6.70
CA SER C 560 -32.85 -62.40 -7.70
C SER C 560 -31.76 -61.55 -7.06
N ALA C 561 -32.15 -60.66 -6.13
CA ALA C 561 -31.16 -59.86 -5.43
C ALA C 561 -30.26 -60.69 -4.53
N GLN C 562 -30.72 -61.87 -4.12
CA GLN C 562 -29.92 -62.80 -3.32
C GLN C 562 -29.04 -63.69 -4.21
N LYS C 563 -29.15 -63.56 -5.53
CA LYS C 563 -28.41 -64.36 -6.50
C LYS C 563 -28.76 -65.85 -6.36
N HIS C 564 -30.05 -66.13 -6.53
CA HIS C 564 -30.57 -67.50 -6.70
C HIS C 564 -31.51 -67.41 -7.88
N TYR C 565 -30.96 -67.56 -9.09
CA TYR C 565 -31.67 -67.17 -10.30
C TYR C 565 -32.80 -68.14 -10.64
N HIS C 566 -32.53 -69.44 -10.60
CA HIS C 566 -33.47 -70.40 -11.15
C HIS C 566 -34.69 -70.59 -10.25
N ASP C 567 -34.54 -70.44 -8.93
CA ASP C 567 -35.69 -70.49 -8.05
C ASP C 567 -36.64 -69.33 -8.33
N ALA C 568 -36.09 -68.13 -8.52
CA ALA C 568 -36.91 -66.99 -8.91
C ALA C 568 -37.55 -67.22 -10.27
N LEU C 569 -36.82 -67.87 -11.20
CA LEU C 569 -37.40 -68.21 -12.49
C LEU C 569 -38.62 -69.12 -12.31
N ASN C 570 -38.51 -70.13 -11.45
CA ASN C 570 -39.66 -71.00 -11.20
C ASN C 570 -40.82 -70.21 -10.61
N ILE C 571 -40.53 -69.34 -9.64
CA ILE C 571 -41.57 -68.55 -8.99
C ILE C 571 -42.31 -67.72 -10.03
N ILE C 572 -41.56 -67.05 -10.90
CA ILE C 572 -42.17 -66.31 -12.01
C ILE C 572 -42.96 -67.25 -12.92
N ASP C 573 -42.50 -68.50 -13.06
CA ASP C 573 -43.22 -69.43 -13.92
C ASP C 573 -44.63 -69.71 -13.41
N MET C 574 -44.78 -70.09 -12.13
CA MET C 574 -46.17 -70.29 -11.73
C MET C 574 -46.92 -68.98 -11.49
N ALA C 575 -46.20 -67.87 -11.29
CA ALA C 575 -46.87 -66.57 -11.26
C ALA C 575 -47.56 -66.29 -12.58
N LEU C 576 -46.85 -66.52 -13.70
CA LEU C 576 -47.49 -66.40 -15.00
C LEU C 576 -48.53 -67.48 -15.23
N SER C 577 -48.34 -68.66 -14.64
CA SER C 577 -49.35 -69.72 -14.75
C SER C 577 -50.68 -69.26 -14.17
N GLU C 578 -50.63 -68.60 -13.01
CA GLU C 578 -51.86 -68.08 -12.41
C GLU C 578 -52.40 -66.86 -13.15
N TYR C 579 -51.52 -66.03 -13.71
CA TYR C 579 -51.93 -64.82 -14.43
C TYR C 579 -51.33 -64.86 -15.83
N PRO C 580 -52.03 -65.47 -16.79
CA PRO C 580 -51.47 -65.62 -18.14
C PRO C 580 -51.58 -64.38 -19.01
N GLU C 581 -51.98 -63.23 -18.48
CA GLU C 581 -52.15 -62.02 -19.28
C GLU C 581 -51.55 -60.81 -18.57
N ASN C 582 -50.39 -60.98 -17.96
CA ASN C 582 -49.69 -59.88 -17.30
C ASN C 582 -48.62 -59.31 -18.21
N PHE C 583 -48.12 -58.13 -17.83
CA PHE C 583 -47.12 -57.42 -18.63
C PHE C 583 -45.81 -57.21 -17.90
N ILE C 584 -45.85 -56.73 -16.65
CA ILE C 584 -44.62 -56.49 -15.91
C ILE C 584 -43.89 -57.79 -15.63
N LEU C 585 -44.64 -58.84 -15.28
CA LEU C 585 -44.03 -60.15 -15.06
C LEU C 585 -43.33 -60.64 -16.31
N LEU C 586 -43.87 -60.34 -17.49
CA LEU C 586 -43.21 -60.72 -18.74
C LEU C 586 -41.85 -60.03 -18.87
N PHE C 587 -41.79 -58.74 -18.55
CA PHE C 587 -40.52 -58.03 -18.63
C PHE C 587 -39.52 -58.59 -17.64
N SER C 588 -39.96 -58.87 -16.41
CA SER C 588 -39.06 -59.43 -15.41
C SER C 588 -38.55 -60.80 -15.84
N LYS C 589 -39.43 -61.63 -16.40
CA LYS C 589 -39.01 -62.95 -16.86
C LYS C 589 -38.04 -62.84 -18.03
N VAL C 590 -38.28 -61.88 -18.93
CA VAL C 590 -37.35 -61.67 -20.05
C VAL C 590 -35.97 -61.29 -19.54
N LYS C 591 -35.93 -60.35 -18.57
CA LYS C 591 -34.65 -59.94 -18.01
C LYS C 591 -33.94 -61.11 -17.33
N LEU C 592 -34.69 -61.90 -16.55
CA LEU C 592 -34.08 -63.03 -15.87
C LEU C 592 -33.55 -64.08 -16.85
N GLN C 593 -34.34 -64.38 -17.89
CA GLN C 593 -33.92 -65.35 -18.90
C GLN C 593 -32.65 -64.87 -19.61
N SER C 594 -32.62 -63.60 -20.00
CA SER C 594 -31.41 -63.06 -20.63
C SER C 594 -30.22 -63.08 -19.69
N LEU C 595 -30.47 -62.91 -18.39
CA LEU C 595 -29.38 -62.91 -17.42
C LEU C 595 -28.85 -64.31 -17.14
N CYS C 596 -29.69 -65.34 -17.26
CA CYS C 596 -29.32 -66.68 -16.82
C CYS C 596 -29.00 -67.63 -17.96
N ARG C 597 -29.94 -67.87 -18.87
CA ARG C 597 -29.81 -68.97 -19.84
C ARG C 597 -29.23 -68.54 -21.17
N GLY C 598 -29.91 -67.64 -21.88
CA GLY C 598 -29.47 -67.26 -23.20
C GLY C 598 -30.49 -66.43 -23.96
N PRO C 599 -30.03 -65.75 -25.02
CA PRO C 599 -30.93 -64.84 -25.76
C PRO C 599 -32.05 -65.54 -26.50
N ASP C 600 -31.95 -66.84 -26.78
CA ASP C 600 -32.96 -67.52 -27.58
C ASP C 600 -34.32 -67.50 -26.90
N GLU C 601 -34.37 -67.93 -25.65
CA GLU C 601 -35.64 -67.91 -24.92
C GLU C 601 -36.14 -66.50 -24.69
N ALA C 602 -35.24 -65.54 -24.52
CA ALA C 602 -35.65 -64.14 -24.40
C ALA C 602 -36.36 -63.66 -25.66
N LEU C 603 -35.80 -63.99 -26.82
CA LEU C 603 -36.45 -63.62 -28.08
C LEU C 603 -37.78 -64.33 -28.24
N LEU C 604 -37.85 -65.61 -27.84
CA LEU C 604 -39.10 -66.34 -27.91
C LEU C 604 -40.17 -65.66 -27.06
N THR C 605 -39.82 -65.28 -25.83
CA THR C 605 -40.77 -64.62 -24.94
C THR C 605 -41.17 -63.26 -25.50
N CYS C 606 -40.22 -62.53 -26.08
CA CYS C 606 -40.54 -61.23 -26.67
C CYS C 606 -41.55 -61.38 -27.80
N LYS C 607 -41.35 -62.36 -28.67
CA LYS C 607 -42.30 -62.56 -29.76
C LYS C 607 -43.65 -63.03 -29.23
N HIS C 608 -43.65 -63.85 -28.18
CA HIS C 608 -44.90 -64.30 -27.58
C HIS C 608 -45.68 -63.12 -27.01
N MET C 609 -44.99 -62.22 -26.32
CA MET C 609 -45.65 -61.04 -25.75
C MET C 609 -46.11 -60.07 -26.83
N LEU C 610 -45.36 -59.95 -27.93
CA LEU C 610 -45.83 -59.17 -29.07
C LEU C 610 -47.13 -59.75 -29.62
N GLN C 611 -47.18 -61.09 -29.75
CA GLN C 611 -48.41 -61.73 -30.21
C GLN C 611 -49.56 -61.51 -29.24
N ILE C 612 -49.26 -61.54 -27.94
CA ILE C 612 -50.30 -61.28 -26.93
C ILE C 612 -50.87 -59.87 -27.10
N TRP C 613 -49.99 -58.88 -27.27
CA TRP C 613 -50.49 -57.52 -27.46
C TRP C 613 -51.29 -57.41 -28.75
N LYS C 614 -50.84 -58.06 -29.82
CA LYS C 614 -51.58 -58.02 -31.07
C LYS C 614 -52.97 -58.63 -30.91
N SER C 615 -53.07 -59.73 -30.17
CA SER C 615 -54.37 -60.35 -29.95
C SER C 615 -55.27 -59.48 -29.09
N CYS C 616 -54.71 -58.83 -28.06
CA CYS C 616 -55.52 -58.11 -27.10
C CYS C 616 -56.04 -56.79 -27.65
N TYR C 617 -55.43 -56.24 -28.69
CA TYR C 617 -55.82 -54.95 -29.23
C TYR C 617 -56.15 -55.07 -30.72
N ASN C 618 -56.64 -53.97 -31.28
CA ASN C 618 -57.03 -53.93 -32.68
C ASN C 618 -55.87 -53.45 -33.55
N GLY C 687 -57.48 -46.94 -27.48
CA GLY C 687 -58.06 -45.80 -26.80
C GLY C 687 -57.04 -44.86 -26.21
N PRO C 688 -56.58 -45.16 -25.00
CA PRO C 688 -55.57 -44.30 -24.36
C PRO C 688 -54.20 -44.40 -25.01
N LEU C 689 -53.26 -43.57 -24.56
CA LEU C 689 -51.93 -43.53 -25.15
C LEU C 689 -50.97 -44.57 -24.57
N HIS C 690 -51.33 -45.21 -23.46
CA HIS C 690 -50.41 -46.14 -22.81
C HIS C 690 -50.19 -47.45 -23.58
N PRO C 691 -51.14 -47.94 -24.39
CA PRO C 691 -50.79 -49.10 -25.24
C PRO C 691 -49.62 -48.80 -26.18
N TRP C 692 -49.52 -47.58 -26.70
CA TRP C 692 -48.38 -47.22 -27.53
C TRP C 692 -47.09 -47.23 -26.72
N MET C 693 -47.15 -46.77 -25.47
CA MET C 693 -46.01 -46.88 -24.57
C MET C 693 -45.59 -48.34 -24.40
N THR C 694 -46.58 -49.22 -24.21
CA THR C 694 -46.27 -50.64 -24.04
C THR C 694 -45.62 -51.22 -25.28
N LEU C 695 -46.13 -50.88 -26.46
CA LEU C 695 -45.54 -51.36 -27.71
C LEU C 695 -44.12 -50.86 -27.88
N ALA C 696 -43.89 -49.57 -27.60
CA ALA C 696 -42.54 -49.02 -27.71
C ALA C 696 -41.59 -49.69 -26.73
N GLN C 697 -42.04 -49.93 -25.51
CA GLN C 697 -41.19 -50.62 -24.54
C GLN C 697 -40.91 -52.05 -24.97
N ILE C 698 -41.89 -52.71 -25.58
CA ILE C 698 -41.66 -54.04 -26.13
C ILE C 698 -40.54 -54.01 -27.16
N TRP C 699 -40.61 -53.06 -28.09
CA TRP C 699 -39.59 -52.98 -29.14
C TRP C 699 -38.22 -52.65 -28.54
N LEU C 700 -38.17 -51.73 -27.57
CA LEU C 700 -36.90 -51.39 -26.95
C LEU C 700 -36.31 -52.58 -26.19
N HIS C 701 -37.14 -53.33 -25.47
CA HIS C 701 -36.66 -54.51 -24.77
C HIS C 701 -36.13 -55.55 -25.76
N ALA C 702 -36.81 -55.70 -26.91
CA ALA C 702 -36.31 -56.61 -27.94
C ALA C 702 -34.96 -56.16 -28.46
N ALA C 703 -34.80 -54.85 -28.70
CA ALA C 703 -33.54 -54.35 -29.23
C ALA C 703 -32.41 -54.47 -28.22
N GLU C 704 -32.72 -54.38 -26.93
CA GLU C 704 -31.67 -54.48 -25.90
C GLU C 704 -30.98 -55.84 -25.95
N VAL C 705 -31.71 -56.90 -26.29
CA VAL C 705 -31.09 -58.22 -26.43
C VAL C 705 -30.09 -58.20 -27.58
N TYR C 706 -30.45 -57.58 -28.70
CA TYR C 706 -29.53 -57.47 -29.82
C TYR C 706 -28.29 -56.68 -29.45
N ILE C 707 -28.46 -55.63 -28.65
CA ILE C 707 -27.31 -54.84 -28.22
C ILE C 707 -26.34 -55.69 -27.41
N GLY C 708 -26.88 -56.59 -26.58
CA GLY C 708 -26.06 -57.43 -25.75
C GLY C 708 -25.34 -58.56 -26.45
N ILE C 709 -25.49 -58.69 -27.77
CA ILE C 709 -24.84 -59.75 -28.51
C ILE C 709 -23.97 -59.25 -29.65
N GLY C 710 -24.15 -58.01 -30.11
CA GLY C 710 -23.27 -57.46 -31.13
C GLY C 710 -23.78 -57.59 -32.55
N LYS C 711 -25.03 -57.21 -32.79
CA LYS C 711 -25.63 -57.25 -34.12
C LYS C 711 -26.26 -55.87 -34.40
N PRO C 712 -25.44 -54.91 -34.84
CA PRO C 712 -25.93 -53.53 -34.96
C PRO C 712 -27.09 -53.34 -35.93
N ALA C 713 -27.15 -54.10 -37.02
CA ALA C 713 -28.15 -53.82 -38.06
C ALA C 713 -29.56 -54.10 -37.56
N GLU C 714 -29.77 -55.25 -36.92
CA GLU C 714 -31.09 -55.58 -36.39
C GLU C 714 -31.50 -54.61 -35.29
N ALA C 715 -30.54 -54.21 -34.45
CA ALA C 715 -30.83 -53.21 -33.42
C ALA C 715 -31.25 -51.90 -34.05
N THR C 716 -30.57 -51.48 -35.12
CA THR C 716 -30.95 -50.24 -35.79
C THR C 716 -32.34 -50.34 -36.38
N ALA C 717 -32.66 -51.47 -37.01
CA ALA C 717 -34.00 -51.65 -37.57
C ALA C 717 -35.07 -51.57 -36.48
N CYS C 718 -34.84 -52.28 -35.37
CA CYS C 718 -35.83 -52.28 -34.29
C CYS C 718 -35.98 -50.91 -33.66
N THR C 719 -34.87 -50.20 -33.46
CA THR C 719 -34.97 -48.88 -32.83
C THR C 719 -35.61 -47.86 -33.77
N GLN C 720 -35.38 -47.98 -35.08
CA GLN C 720 -36.09 -47.10 -36.01
C GLN C 720 -37.58 -47.41 -36.00
N GLU C 721 -37.95 -48.69 -35.97
CA GLU C 721 -39.36 -49.06 -35.89
C GLU C 721 -40.00 -48.48 -34.64
N ALA C 722 -39.30 -48.57 -33.50
CA ALA C 722 -39.82 -47.99 -32.26
C ALA C 722 -39.93 -46.48 -32.37
N ALA C 723 -38.92 -45.84 -32.96
CA ALA C 723 -38.90 -44.38 -33.10
C ALA C 723 -39.93 -43.86 -34.08
N ASN C 724 -40.51 -44.71 -34.92
CA ASN C 724 -41.58 -44.25 -35.81
C ASN C 724 -42.73 -43.62 -35.03
N LEU C 725 -43.00 -44.09 -33.82
CA LEU C 725 -44.11 -43.56 -33.04
C LEU C 725 -43.72 -42.23 -32.36
N PHE C 726 -42.73 -42.27 -31.49
CA PHE C 726 -42.29 -41.09 -30.76
C PHE C 726 -40.88 -40.71 -31.18
N PRO C 727 -40.68 -39.56 -31.85
CA PRO C 727 -39.34 -39.17 -32.28
C PRO C 727 -38.52 -38.44 -31.24
N MET C 728 -39.12 -37.97 -30.14
CA MET C 728 -38.43 -37.15 -29.16
C MET C 728 -38.25 -37.82 -27.81
N SER C 729 -38.48 -39.14 -27.72
CA SER C 729 -38.27 -39.84 -26.47
C SER C 729 -36.78 -39.91 -26.14
N HIS C 730 -36.46 -39.80 -24.85
CA HIS C 730 -35.06 -39.79 -24.44
C HIS C 730 -34.44 -41.19 -24.49
N ASN C 731 -35.21 -42.23 -24.17
CA ASN C 731 -34.66 -43.57 -24.16
C ASN C 731 -34.33 -44.06 -25.58
N VAL C 732 -35.09 -43.63 -26.58
CA VAL C 732 -34.74 -43.98 -27.95
C VAL C 732 -33.43 -43.31 -28.35
N LEU C 733 -33.20 -42.08 -27.88
CA LEU C 733 -31.91 -41.42 -28.12
C LEU C 733 -30.79 -42.15 -27.38
N TYR C 734 -31.07 -42.65 -26.19
CA TYR C 734 -30.08 -43.46 -25.47
C TYR C 734 -29.73 -44.72 -26.26
N MET C 735 -30.73 -45.39 -26.83
CA MET C 735 -30.48 -46.57 -27.64
C MET C 735 -29.68 -46.21 -28.89
N ARG C 736 -29.99 -45.08 -29.51
CA ARG C 736 -29.22 -44.62 -30.67
C ARG C 736 -27.77 -44.39 -30.29
N GLY C 737 -27.53 -43.75 -29.14
CA GLY C 737 -26.17 -43.58 -28.67
C GLY C 737 -25.48 -44.91 -28.42
N GLN C 738 -26.22 -45.89 -27.88
CA GLN C 738 -25.65 -47.21 -27.65
C GLN C 738 -25.20 -47.85 -28.96
N ILE C 739 -26.06 -47.81 -29.98
CA ILE C 739 -25.69 -48.44 -31.25
C ILE C 739 -24.53 -47.69 -31.91
N ALA C 740 -24.52 -46.36 -31.79
CA ALA C 740 -23.41 -45.59 -32.36
C ALA C 740 -22.10 -45.91 -31.65
N GLU C 741 -22.14 -46.06 -30.32
CA GLU C 741 -20.94 -46.43 -29.58
C GLU C 741 -20.46 -47.82 -29.95
N LEU C 742 -21.39 -48.77 -30.11
CA LEU C 742 -21.01 -50.11 -30.53
C LEU C 742 -20.40 -50.10 -31.92
N ARG C 743 -20.89 -49.21 -32.80
CA ARG C 743 -20.34 -49.13 -34.14
C ARG C 743 -18.87 -48.71 -34.11
N GLY C 744 -18.52 -47.76 -33.26
CA GLY C 744 -17.13 -47.34 -33.13
C GLY C 744 -16.89 -45.88 -33.40
N SER C 745 -17.91 -45.04 -33.20
CA SER C 745 -17.80 -43.61 -33.38
C SER C 745 -17.86 -42.91 -32.04
N MET C 746 -16.91 -42.02 -31.79
CA MET C 746 -16.83 -41.28 -30.53
C MET C 746 -17.41 -39.87 -30.65
N ASP C 747 -18.13 -39.58 -31.72
CA ASP C 747 -18.76 -38.28 -31.93
C ASP C 747 -20.28 -38.37 -31.95
N GLU C 748 -20.83 -39.28 -32.75
CA GLU C 748 -22.29 -39.44 -32.80
C GLU C 748 -22.85 -39.88 -31.46
N ALA C 749 -22.12 -40.75 -30.75
CA ALA C 749 -22.56 -41.15 -29.42
C ALA C 749 -22.62 -39.96 -28.47
N ARG C 750 -21.59 -39.10 -28.52
CA ARG C 750 -21.59 -37.89 -27.70
C ARG C 750 -22.78 -37.00 -28.05
N ARG C 751 -23.03 -36.82 -29.34
CA ARG C 751 -24.16 -35.98 -29.76
C ARG C 751 -25.48 -36.55 -29.27
N TRP C 752 -25.68 -37.86 -29.43
CA TRP C 752 -26.93 -38.48 -29.00
C TRP C 752 -27.11 -38.36 -27.49
N TYR C 753 -26.04 -38.59 -26.73
CA TYR C 753 -26.13 -38.50 -25.28
C TYR C 753 -26.46 -37.08 -24.84
N GLU C 754 -25.82 -36.08 -25.46
CA GLU C 754 -26.11 -34.70 -25.12
C GLU C 754 -27.56 -34.34 -25.46
N GLU C 755 -28.03 -34.76 -26.63
CA GLU C 755 -29.42 -34.49 -27.00
C GLU C 755 -30.38 -35.14 -26.03
N ALA C 756 -30.10 -36.37 -25.62
CA ALA C 756 -30.96 -37.05 -24.66
C ALA C 756 -30.96 -36.33 -23.32
N LEU C 757 -29.79 -35.90 -22.85
CA LEU C 757 -29.72 -35.19 -21.58
C LEU C 757 -30.37 -33.82 -21.63
N ALA C 758 -30.48 -33.22 -22.82
CA ALA C 758 -31.14 -31.94 -22.94
C ALA C 758 -32.65 -32.02 -22.77
N ILE C 759 -33.23 -33.22 -22.82
CA ILE C 759 -34.67 -33.39 -22.71
C ILE C 759 -35.04 -33.69 -21.25
N SER C 760 -34.46 -34.75 -20.70
CA SER C 760 -34.71 -35.14 -19.31
C SER C 760 -33.39 -35.11 -18.55
N PRO C 761 -33.09 -34.03 -17.83
CA PRO C 761 -31.80 -33.89 -17.16
C PRO C 761 -31.64 -34.76 -15.91
N THR C 762 -32.56 -35.69 -15.64
CA THR C 762 -32.47 -36.55 -14.47
C THR C 762 -32.19 -38.00 -14.84
N HIS C 763 -31.74 -38.26 -16.07
CA HIS C 763 -31.39 -39.60 -16.49
C HIS C 763 -29.94 -39.90 -16.07
N VAL C 764 -29.73 -41.07 -15.47
CA VAL C 764 -28.43 -41.41 -14.91
C VAL C 764 -27.55 -42.13 -15.92
N LYS C 765 -28.13 -43.02 -16.72
CA LYS C 765 -27.32 -43.79 -17.67
C LYS C 765 -26.65 -42.88 -18.69
N SER C 766 -27.38 -41.88 -19.19
CA SER C 766 -26.81 -41.00 -20.21
C SER C 766 -25.62 -40.23 -19.66
N MET C 767 -25.75 -39.66 -18.46
CA MET C 767 -24.63 -38.92 -17.89
C MET C 767 -23.48 -39.85 -17.54
N GLN C 768 -23.77 -41.08 -17.11
CA GLN C 768 -22.70 -42.03 -16.84
C GLN C 768 -21.89 -42.32 -18.11
N ARG C 769 -22.56 -42.63 -19.21
CA ARG C 769 -21.86 -42.91 -20.46
C ARG C 769 -21.11 -41.68 -20.96
N LEU C 770 -21.73 -40.50 -20.87
CA LEU C 770 -21.07 -39.28 -21.30
C LEU C 770 -19.81 -39.01 -20.48
N ALA C 771 -19.89 -39.23 -19.17
CA ALA C 771 -18.72 -39.07 -18.32
C ALA C 771 -17.63 -40.06 -18.70
N LEU C 772 -18.01 -41.30 -18.99
CA LEU C 772 -17.02 -42.31 -19.38
C LEU C 772 -16.29 -41.90 -20.66
N ILE C 773 -17.04 -41.49 -21.68
CA ILE C 773 -16.40 -41.14 -22.95
C ILE C 773 -15.58 -39.86 -22.80
N LEU C 774 -16.06 -38.90 -22.00
CA LEU C 774 -15.30 -37.68 -21.77
C LEU C 774 -14.00 -37.97 -21.04
N HIS C 775 -14.05 -38.86 -20.04
CA HIS C 775 -12.84 -39.22 -19.32
C HIS C 775 -11.83 -39.92 -20.24
N GLN C 776 -12.32 -40.84 -21.07
CA GLN C 776 -11.41 -41.49 -22.01
C GLN C 776 -10.90 -40.53 -23.08
N LEU C 777 -11.62 -39.43 -23.31
CA LEU C 777 -11.16 -38.44 -24.28
C LEU C 777 -9.96 -37.66 -23.78
N GLY C 778 -10.01 -37.20 -22.53
CA GLY C 778 -8.90 -36.45 -21.97
C GLY C 778 -9.29 -35.30 -21.06
N ARG C 779 -10.48 -34.73 -21.28
CA ARG C 779 -10.96 -33.64 -20.43
C ARG C 779 -11.33 -34.19 -19.06
N TYR C 780 -10.52 -33.88 -18.06
CA TYR C 780 -10.69 -34.42 -16.71
C TYR C 780 -11.42 -33.46 -15.77
N SER C 781 -11.93 -32.35 -16.28
CA SER C 781 -12.61 -31.36 -15.44
C SER C 781 -14.11 -31.63 -15.33
N LEU C 782 -14.78 -31.74 -16.47
CA LEU C 782 -16.24 -31.86 -16.47
C LEU C 782 -16.69 -33.21 -15.92
N ALA C 783 -15.87 -34.24 -16.07
CA ALA C 783 -16.27 -35.58 -15.62
C ALA C 783 -16.53 -35.61 -14.13
N GLU C 784 -15.68 -34.97 -13.34
CA GLU C 784 -15.88 -34.93 -11.90
C GLU C 784 -17.18 -34.22 -11.54
N LYS C 785 -17.48 -33.11 -12.21
CA LYS C 785 -18.72 -32.38 -11.95
C LYS C 785 -19.94 -33.23 -12.28
N ILE C 786 -19.90 -33.92 -13.43
CA ILE C 786 -21.03 -34.76 -13.82
C ILE C 786 -21.20 -35.90 -12.84
N LEU C 787 -20.09 -36.48 -12.36
CA LEU C 787 -20.18 -37.55 -11.37
C LEU C 787 -20.78 -37.05 -10.07
N ARG C 788 -20.38 -35.86 -9.62
CA ARG C 788 -20.95 -35.31 -8.40
C ARG C 788 -22.45 -35.04 -8.55
N ASP C 789 -22.85 -34.51 -9.71
CA ASP C 789 -24.28 -34.31 -9.95
C ASP C 789 -25.04 -35.64 -9.93
N ALA C 790 -24.47 -36.66 -10.56
CA ALA C 790 -25.12 -37.97 -10.61
C ALA C 790 -25.27 -38.56 -9.22
N VAL C 791 -24.22 -38.48 -8.39
CA VAL C 791 -24.32 -39.03 -7.05
C VAL C 791 -25.27 -38.20 -6.19
N GLN C 792 -25.36 -36.90 -6.46
CA GLN C 792 -26.34 -36.07 -5.76
C GLN C 792 -27.76 -36.51 -6.11
N VAL C 793 -28.03 -36.78 -7.38
CA VAL C 793 -29.37 -37.18 -7.79
C VAL C 793 -29.74 -38.54 -7.20
N ASN C 794 -28.86 -39.51 -7.33
CA ASN C 794 -29.08 -40.84 -6.78
C ASN C 794 -27.76 -41.38 -6.24
N SER C 795 -27.85 -42.15 -5.17
CA SER C 795 -26.68 -42.66 -4.46
C SER C 795 -26.81 -44.16 -4.22
N THR C 796 -27.24 -44.90 -5.24
CA THR C 796 -27.38 -46.34 -5.11
C THR C 796 -26.86 -47.08 -6.35
N ALA C 797 -26.33 -46.38 -7.34
CA ALA C 797 -25.79 -46.99 -8.55
C ALA C 797 -24.29 -47.19 -8.38
N HIS C 798 -23.85 -48.45 -8.40
CA HIS C 798 -22.44 -48.75 -8.17
C HIS C 798 -21.55 -48.25 -9.30
N GLU C 799 -22.06 -48.24 -10.53
CA GLU C 799 -21.27 -47.77 -11.65
C GLU C 799 -20.84 -46.32 -11.47
N VAL C 800 -21.68 -45.51 -10.83
CA VAL C 800 -21.31 -44.12 -10.56
C VAL C 800 -20.08 -44.07 -9.66
N TRP C 801 -20.09 -44.85 -8.58
CA TRP C 801 -18.95 -44.88 -7.67
C TRP C 801 -17.70 -45.41 -8.37
N ASN C 802 -17.86 -46.46 -9.19
CA ASN C 802 -16.72 -47.03 -9.89
C ASN C 802 -16.10 -46.03 -10.85
N GLY C 803 -16.93 -45.32 -11.62
CA GLY C 803 -16.40 -44.31 -12.51
C GLY C 803 -15.76 -43.16 -11.77
N LEU C 804 -16.35 -42.75 -10.65
CA LEU C 804 -15.78 -41.69 -9.83
C LEU C 804 -14.39 -42.08 -9.34
N GLY C 805 -14.26 -43.31 -8.84
CA GLY C 805 -12.96 -43.77 -8.38
C GLY C 805 -11.95 -43.89 -9.50
N GLU C 806 -12.39 -44.37 -10.67
CA GLU C 806 -11.48 -44.47 -11.80
C GLU C 806 -10.99 -43.10 -12.24
N VAL C 807 -11.87 -42.10 -12.25
CA VAL C 807 -11.44 -40.74 -12.58
C VAL C 807 -10.47 -40.22 -11.53
N LEU C 808 -10.77 -40.45 -10.26
CA LEU C 808 -9.91 -39.95 -9.19
C LEU C 808 -8.54 -40.63 -9.19
N GLN C 809 -8.45 -41.86 -9.68
CA GLN C 809 -7.17 -42.55 -9.72
C GLN C 809 -6.18 -41.83 -10.63
N ALA C 810 -6.66 -41.23 -11.73
CA ALA C 810 -5.78 -40.49 -12.62
C ALA C 810 -5.25 -39.21 -12.01
N GLN C 811 -5.79 -38.78 -10.86
CA GLN C 811 -5.34 -37.56 -10.21
C GLN C 811 -4.20 -37.84 -9.23
N GLY C 812 -4.42 -38.73 -8.26
CA GLY C 812 -3.40 -39.07 -7.30
C GLY C 812 -3.92 -39.29 -5.90
N ASN C 813 -5.12 -38.78 -5.61
CA ASN C 813 -5.74 -38.94 -4.29
C ASN C 813 -6.41 -40.31 -4.23
N ASP C 814 -5.57 -41.35 -4.20
CA ASP C 814 -6.05 -42.72 -4.32
C ASP C 814 -6.70 -43.26 -3.05
N ALA C 815 -6.58 -42.56 -1.91
CA ALA C 815 -7.29 -42.98 -0.72
C ALA C 815 -8.79 -42.88 -0.91
N ALA C 816 -9.25 -41.72 -1.39
CA ALA C 816 -10.66 -41.55 -1.70
C ALA C 816 -11.09 -42.48 -2.83
N ALA C 817 -10.19 -42.78 -3.76
CA ALA C 817 -10.51 -43.75 -4.81
C ALA C 817 -10.76 -45.14 -4.23
N THR C 818 -9.91 -45.57 -3.29
CA THR C 818 -10.13 -46.86 -2.64
C THR C 818 -11.42 -46.86 -1.85
N GLU C 819 -11.73 -45.76 -1.16
CA GLU C 819 -12.99 -45.66 -0.44
C GLU C 819 -14.17 -45.76 -1.39
N CYS C 820 -14.08 -45.12 -2.56
CA CYS C 820 -15.14 -45.19 -3.54
C CYS C 820 -15.30 -46.61 -4.08
N PHE C 821 -14.18 -47.31 -4.29
CA PHE C 821 -14.25 -48.70 -4.74
C PHE C 821 -14.92 -49.58 -3.69
N LEU C 822 -14.58 -49.36 -2.41
CA LEU C 822 -15.23 -50.07 -1.32
C LEU C 822 -16.73 -49.82 -1.31
N THR C 823 -17.12 -48.55 -1.47
CA THR C 823 -18.53 -48.20 -1.53
C THR C 823 -19.21 -48.89 -2.70
N ALA C 824 -18.54 -48.90 -3.86
CA ALA C 824 -19.13 -49.48 -5.06
C ALA C 824 -19.39 -50.96 -4.89
N LEU C 825 -18.41 -51.72 -4.37
CA LEU C 825 -18.63 -53.15 -4.28
C LEU C 825 -19.59 -53.50 -3.15
N GLU C 826 -19.57 -52.76 -2.04
CA GLU C 826 -20.55 -53.05 -1.00
C GLU C 826 -21.97 -52.72 -1.46
N LEU C 827 -22.13 -51.71 -2.31
CA LEU C 827 -23.45 -51.44 -2.88
C LEU C 827 -23.86 -52.52 -3.88
N GLU C 828 -22.92 -52.95 -4.73
CA GLU C 828 -23.23 -53.97 -5.71
C GLU C 828 -23.50 -55.33 -5.08
N ALA C 829 -23.05 -55.55 -3.84
CA ALA C 829 -23.26 -56.84 -3.18
C ALA C 829 -24.73 -57.22 -3.05
N SER C 830 -25.64 -56.25 -3.12
CA SER C 830 -27.07 -56.51 -2.94
C SER C 830 -27.88 -55.81 -4.03
N SER C 831 -27.45 -55.96 -5.29
CA SER C 831 -28.25 -55.29 -6.31
C SER C 831 -29.25 -56.24 -6.94
N PRO C 832 -30.47 -55.78 -7.20
CA PRO C 832 -31.49 -56.64 -7.81
C PRO C 832 -31.49 -56.55 -9.33
N ALA C 833 -32.32 -57.40 -9.93
CA ALA C 833 -32.42 -57.42 -11.40
C ALA C 833 -33.04 -56.13 -11.92
N VAL C 834 -34.13 -55.67 -11.29
CA VAL C 834 -34.78 -54.43 -11.68
C VAL C 834 -35.07 -53.63 -10.42
N PRO C 835 -35.18 -52.30 -10.55
CA PRO C 835 -35.45 -51.48 -9.37
C PRO C 835 -36.76 -51.86 -8.70
N PHE C 836 -36.77 -51.75 -7.37
CA PHE C 836 -37.91 -52.20 -6.58
C PHE C 836 -39.13 -51.31 -6.74
N THR C 837 -38.96 -50.09 -7.21
CA THR C 837 -40.08 -49.15 -7.33
C THR C 837 -41.02 -49.46 -8.49
N ILE C 838 -40.85 -50.60 -9.18
CA ILE C 838 -41.74 -50.94 -10.27
C ILE C 838 -43.14 -51.23 -9.75
N ILE C 839 -43.24 -51.92 -8.61
CA ILE C 839 -44.55 -52.26 -8.05
C ILE C 839 -45.29 -50.98 -7.67
N PRO C 840 -46.55 -50.81 -8.07
CA PRO C 840 -47.23 -49.54 -7.82
C PRO C 840 -47.43 -49.27 -6.33
N ARG C 841 -47.33 -47.99 -5.97
CA ARG C 841 -47.57 -47.54 -4.59
C ARG C 841 -48.97 -46.91 -4.55
N VAL C 842 -49.97 -47.76 -4.40
CA VAL C 842 -51.36 -47.36 -4.47
C VAL C 842 -52.13 -48.00 -3.32
N LEU C 843 -52.99 -47.23 -2.67
CA LEU C 843 -53.81 -47.71 -1.57
C LEU C 843 -54.63 -48.93 -1.99
N GLY D 7 -80.96 -94.17 -0.45
CA GLY D 7 -81.85 -93.08 -0.07
C GLY D 7 -83.10 -93.01 -0.94
N VAL D 8 -83.97 -92.03 -0.64
CA VAL D 8 -85.19 -91.87 -1.41
C VAL D 8 -84.87 -91.43 -2.84
N VAL D 9 -84.13 -90.32 -2.97
CA VAL D 9 -83.74 -89.85 -4.30
C VAL D 9 -82.76 -90.82 -4.93
N GLU D 10 -81.92 -91.47 -4.13
CA GLU D 10 -80.98 -92.45 -4.67
C GLU D 10 -81.72 -93.60 -5.35
N GLU D 11 -82.70 -94.20 -4.66
CA GLU D 11 -83.47 -95.27 -5.28
C GLU D 11 -84.37 -94.76 -6.39
N TRP D 12 -84.81 -93.49 -6.30
CA TRP D 12 -85.58 -92.91 -7.38
C TRP D 12 -84.76 -92.84 -8.67
N LEU D 13 -83.49 -92.43 -8.56
CA LEU D 13 -82.60 -92.46 -9.72
C LEU D 13 -82.32 -93.89 -10.16
N SER D 14 -82.13 -94.79 -9.19
CA SER D 14 -81.82 -96.19 -9.53
C SER D 14 -82.93 -96.82 -10.36
N GLU D 15 -84.19 -96.57 -9.99
CA GLU D 15 -85.30 -97.05 -10.79
C GLU D 15 -85.52 -96.21 -12.04
N PHE D 16 -85.10 -94.94 -12.02
CA PHE D 16 -85.27 -94.07 -13.20
C PHE D 16 -84.39 -94.52 -14.35
N LYS D 17 -83.15 -94.89 -14.06
CA LYS D 17 -82.20 -95.30 -15.10
C LYS D 17 -82.55 -96.68 -15.64
N LEU D 24 -95.26 -83.52 -19.93
CA LEU D 24 -93.93 -84.10 -19.75
C LEU D 24 -93.19 -83.56 -18.51
N PRO D 25 -93.34 -82.27 -18.18
CA PRO D 25 -92.81 -81.80 -16.89
C PRO D 25 -93.42 -82.50 -15.68
N ASN D 26 -94.50 -83.24 -15.85
CA ASN D 26 -95.20 -83.93 -14.77
C ASN D 26 -94.41 -85.10 -14.19
N TYR D 27 -93.16 -85.32 -14.58
CA TYR D 27 -92.38 -86.40 -13.99
C TYR D 27 -92.19 -86.18 -12.49
N ALA D 28 -91.90 -84.94 -12.10
CA ALA D 28 -91.77 -84.58 -10.70
C ALA D 28 -92.87 -83.67 -10.19
N THR D 29 -93.57 -82.97 -11.07
CA THR D 29 -94.63 -82.05 -10.66
C THR D 29 -95.82 -82.81 -10.08
N LYS D 34 -91.18 -83.00 -7.27
CA LYS D 34 -91.70 -83.73 -6.12
C LYS D 34 -91.51 -82.91 -4.84
N SER D 35 -92.46 -83.02 -3.93
CA SER D 35 -92.46 -82.24 -2.69
C SER D 35 -91.59 -82.87 -1.59
N SER D 36 -90.67 -83.76 -1.94
CA SER D 36 -89.78 -84.38 -0.97
C SER D 36 -88.33 -84.40 -1.39
N LEU D 37 -88.00 -83.94 -2.60
CA LEU D 37 -86.63 -84.04 -3.09
C LEU D 37 -85.76 -82.89 -2.58
N VAL D 38 -86.26 -81.66 -2.71
CA VAL D 38 -85.41 -80.48 -2.55
C VAL D 38 -84.74 -80.45 -1.18
N SER D 39 -85.50 -80.75 -0.13
CA SER D 39 -84.93 -80.75 1.22
C SER D 39 -83.82 -81.78 1.35
N SER D 40 -84.05 -82.98 0.83
CA SER D 40 -83.03 -84.03 0.91
C SER D 40 -81.78 -83.66 0.12
N LEU D 41 -81.95 -83.09 -1.07
CA LEU D 41 -80.80 -82.67 -1.86
C LEU D 41 -80.02 -81.57 -1.16
N TYR D 42 -80.72 -80.62 -0.52
CA TYR D 42 -80.04 -79.59 0.25
C TYR D 42 -79.26 -80.18 1.42
N LYS D 43 -79.86 -81.14 2.14
CA LYS D 43 -79.15 -81.78 3.23
C LYS D 43 -77.97 -82.63 2.74
N VAL D 44 -78.02 -83.07 1.48
CA VAL D 44 -76.91 -83.85 0.93
C VAL D 44 -75.65 -83.00 0.85
N ILE D 45 -75.78 -81.78 0.33
CA ILE D 45 -74.62 -80.91 0.13
C ILE D 45 -74.13 -80.32 1.45
N GLN D 46 -74.90 -80.46 2.53
CA GLN D 46 -74.52 -79.88 3.81
C GLN D 46 -73.17 -80.42 4.28
N GLU D 47 -73.09 -81.72 4.54
CA GLU D 47 -71.82 -82.30 4.94
C GLU D 47 -70.96 -82.61 3.71
N PRO D 48 -69.63 -82.47 3.84
CA PRO D 48 -68.76 -82.83 2.72
C PRO D 48 -68.48 -84.32 2.59
N GLN D 49 -68.98 -85.14 3.51
CA GLN D 49 -68.75 -86.58 3.48
C GLN D 49 -69.91 -87.24 2.74
N SER D 50 -69.81 -87.25 1.42
CA SER D 50 -70.81 -87.88 0.56
C SER D 50 -70.10 -88.72 -0.50
N GLU D 51 -70.45 -90.01 -0.56
CA GLU D 51 -69.84 -90.89 -1.55
C GLU D 51 -70.42 -90.65 -2.94
N LEU D 52 -71.67 -90.18 -3.03
CA LEU D 52 -72.34 -89.97 -4.30
C LEU D 52 -72.44 -88.50 -4.68
N LEU D 53 -71.61 -87.65 -4.07
CA LEU D 53 -71.71 -86.21 -4.29
C LEU D 53 -71.45 -85.84 -5.75
N GLU D 54 -70.34 -86.30 -6.30
CA GLU D 54 -70.03 -85.98 -7.70
C GLU D 54 -70.95 -86.69 -8.69
N PRO D 55 -71.34 -87.96 -8.50
CA PRO D 55 -72.36 -88.54 -9.40
C PRO D 55 -73.66 -87.76 -9.39
N VAL D 56 -74.18 -87.37 -8.22
CA VAL D 56 -75.39 -86.56 -8.24
C VAL D 56 -75.14 -85.17 -8.80
N CYS D 57 -73.90 -84.68 -8.71
CA CYS D 57 -73.56 -83.42 -9.34
C CYS D 57 -73.70 -83.49 -10.86
N HIS D 58 -73.08 -84.50 -11.49
CA HIS D 58 -73.23 -84.55 -12.95
C HIS D 58 -74.62 -85.04 -13.34
N GLN D 59 -75.34 -85.69 -12.42
CA GLN D 59 -76.76 -85.98 -12.66
C GLN D 59 -77.59 -84.70 -12.67
N LEU D 60 -77.26 -83.74 -11.80
CA LEU D 60 -77.87 -82.42 -11.89
C LEU D 60 -77.50 -81.74 -13.19
N PHE D 61 -76.26 -81.92 -13.64
CA PHE D 61 -75.90 -81.47 -14.98
C PHE D 61 -76.80 -82.09 -16.04
N GLU D 62 -77.06 -83.40 -15.91
CA GLU D 62 -77.95 -84.09 -16.86
C GLU D 62 -79.36 -83.50 -16.83
N PHE D 63 -79.87 -83.19 -15.64
CA PHE D 63 -81.15 -82.48 -15.55
C PHE D 63 -81.09 -81.14 -16.28
N TYR D 64 -80.01 -80.39 -16.07
CA TYR D 64 -79.90 -79.09 -16.72
C TYR D 64 -79.81 -79.24 -18.23
N ARG D 65 -79.35 -80.39 -18.72
CA ARG D 65 -79.36 -80.63 -20.17
C ARG D 65 -80.78 -80.64 -20.71
N SER D 66 -81.72 -81.20 -19.96
CA SER D 66 -83.12 -81.19 -20.36
C SER D 66 -83.60 -79.75 -20.51
N GLY D 67 -83.93 -79.34 -21.74
CA GLY D 67 -84.38 -77.98 -21.97
C GLY D 67 -85.73 -77.67 -21.38
N GLU D 68 -86.42 -78.67 -20.83
CA GLU D 68 -87.74 -78.43 -20.24
C GLU D 68 -87.59 -77.55 -19.00
N GLU D 69 -88.51 -76.60 -18.84
CA GLU D 69 -88.24 -75.41 -18.02
C GLU D 69 -88.26 -75.70 -16.52
N GLN D 70 -89.24 -76.48 -16.04
CA GLN D 70 -89.47 -76.59 -14.60
C GLN D 70 -88.26 -77.18 -13.89
N LEU D 71 -87.60 -78.17 -14.50
CA LEU D 71 -86.45 -78.79 -13.86
C LEU D 71 -85.33 -77.77 -13.64
N LEU D 72 -84.99 -77.00 -14.67
CA LEU D 72 -83.95 -76.00 -14.52
C LEU D 72 -84.37 -74.92 -13.52
N GLN D 73 -85.63 -74.50 -13.56
CA GLN D 73 -86.10 -73.46 -12.65
C GLN D 73 -86.04 -73.91 -11.19
N PHE D 74 -86.40 -75.17 -10.93
CA PHE D 74 -86.45 -75.69 -9.58
C PHE D 74 -85.15 -76.35 -9.14
N THR D 75 -84.13 -76.39 -10.01
CA THR D 75 -82.81 -76.85 -9.60
C THR D 75 -81.75 -75.75 -9.62
N LEU D 76 -82.04 -74.59 -10.21
CA LEU D 76 -81.08 -73.50 -10.20
C LEU D 76 -80.87 -72.89 -8.82
N GLN D 77 -81.84 -73.05 -7.92
CA GLN D 77 -81.76 -72.43 -6.59
C GLN D 77 -80.68 -73.05 -5.71
N PHE D 78 -80.10 -74.19 -6.11
CA PHE D 78 -79.07 -74.84 -5.31
C PHE D 78 -77.69 -74.19 -5.46
N LEU D 79 -77.50 -73.30 -6.42
CA LEU D 79 -76.15 -72.80 -6.71
C LEU D 79 -75.47 -72.07 -5.56
N PRO D 80 -76.12 -71.17 -4.79
CA PRO D 80 -75.37 -70.46 -3.75
C PRO D 80 -74.78 -71.38 -2.68
N GLU D 81 -75.48 -72.46 -2.34
CA GLU D 81 -74.99 -73.35 -1.28
C GLU D 81 -73.68 -74.02 -1.69
N LEU D 82 -73.64 -74.59 -2.90
CA LEU D 82 -72.40 -75.20 -3.37
C LEU D 82 -71.33 -74.15 -3.62
N ILE D 83 -71.72 -72.97 -4.10
CA ILE D 83 -70.77 -71.89 -4.36
C ILE D 83 -70.05 -71.51 -3.07
N TRP D 84 -70.77 -71.46 -1.96
CA TRP D 84 -70.10 -71.27 -0.68
C TRP D 84 -69.28 -72.49 -0.31
N CYS D 85 -69.92 -73.65 -0.18
CA CYS D 85 -69.30 -74.82 0.43
C CYS D 85 -68.02 -75.23 -0.31
N TYR D 86 -68.15 -75.62 -1.57
CA TYR D 86 -67.03 -76.24 -2.27
C TYR D 86 -66.17 -75.25 -3.02
N LEU D 87 -66.46 -73.96 -2.96
CA LEU D 87 -65.55 -72.94 -3.44
C LEU D 87 -64.93 -72.12 -2.30
N ALA D 88 -65.27 -72.44 -1.05
CA ALA D 88 -64.56 -71.90 0.10
C ALA D 88 -63.82 -72.94 0.90
N VAL D 89 -64.26 -74.20 0.88
CA VAL D 89 -63.54 -75.25 1.60
C VAL D 89 -62.41 -75.80 0.76
N SER D 90 -62.72 -76.27 -0.45
CA SER D 90 -61.67 -76.70 -1.37
C SER D 90 -60.77 -75.53 -1.75
N ALA D 91 -61.38 -74.36 -2.01
CA ALA D 91 -60.62 -73.14 -2.26
C ALA D 91 -60.58 -72.30 -0.98
N SER D 92 -59.73 -72.74 -0.05
CA SER D 92 -59.58 -72.08 1.23
C SER D 92 -58.54 -70.96 1.16
N VAL D 95 -59.67 -78.02 2.08
CA VAL D 95 -58.83 -79.13 2.50
C VAL D 95 -58.87 -80.24 1.44
N HIS D 96 -60.07 -80.73 1.16
CA HIS D 96 -60.27 -81.75 0.15
C HIS D 96 -60.75 -81.12 -1.15
N SER D 97 -60.24 -81.61 -2.27
CA SER D 97 -60.52 -81.06 -3.59
C SER D 97 -61.29 -82.09 -4.41
N SER D 98 -62.60 -81.87 -4.56
CA SER D 98 -63.41 -82.73 -5.42
C SER D 98 -63.04 -82.56 -6.88
N GLY D 99 -62.95 -81.31 -7.34
CA GLY D 99 -62.38 -81.01 -8.64
C GLY D 99 -63.28 -81.16 -9.84
N CYS D 100 -64.58 -81.42 -9.66
CA CYS D 100 -65.49 -81.59 -10.77
C CYS D 100 -66.66 -80.62 -10.77
N ILE D 101 -67.05 -80.08 -9.61
CA ILE D 101 -68.15 -79.12 -9.57
C ILE D 101 -67.81 -77.86 -10.36
N GLU D 102 -66.54 -77.46 -10.34
CA GLU D 102 -66.12 -76.33 -11.15
C GLU D 102 -66.34 -76.60 -12.64
N ALA D 103 -66.11 -77.85 -13.06
CA ALA D 103 -66.40 -78.21 -14.45
C ALA D 103 -67.90 -78.08 -14.74
N LEU D 104 -68.74 -78.47 -13.78
CA LEU D 104 -70.18 -78.29 -13.95
C LEU D 104 -70.54 -76.83 -14.12
N LEU D 105 -69.96 -75.97 -13.27
CA LEU D 105 -70.23 -74.54 -13.36
C LEU D 105 -69.78 -73.97 -14.70
N LEU D 106 -68.60 -74.38 -15.16
CA LEU D 106 -68.10 -73.92 -16.45
C LEU D 106 -69.00 -74.37 -17.58
N GLY D 107 -69.45 -75.63 -17.53
CA GLY D 107 -70.36 -76.12 -18.56
C GLY D 107 -71.67 -75.38 -18.58
N VAL D 108 -72.22 -75.09 -17.40
CA VAL D 108 -73.46 -74.32 -17.31
C VAL D 108 -73.24 -72.91 -17.88
N TYR D 109 -72.10 -72.30 -17.56
CA TYR D 109 -71.79 -70.98 -18.09
C TYR D 109 -71.73 -70.99 -19.61
N ASN D 110 -71.03 -71.98 -20.18
CA ASN D 110 -70.92 -72.05 -21.63
C ASN D 110 -72.28 -72.28 -22.28
N LEU D 111 -73.08 -73.20 -21.70
CA LEU D 111 -74.41 -73.46 -22.25
C LEU D 111 -75.28 -72.22 -22.20
N GLU D 112 -75.21 -71.46 -21.11
CA GLU D 112 -76.06 -70.27 -20.99
C GLU D 112 -75.61 -69.18 -21.94
N ILE D 113 -74.30 -68.89 -21.99
CA ILE D 113 -73.84 -67.77 -22.79
C ILE D 113 -73.95 -68.08 -24.28
N VAL D 114 -73.71 -69.32 -24.68
CA VAL D 114 -73.65 -69.67 -26.09
C VAL D 114 -75.02 -70.08 -26.63
N ASP D 115 -75.71 -70.98 -25.92
CA ASP D 115 -76.90 -71.63 -26.47
C ASP D 115 -78.14 -70.79 -26.16
N LYS D 116 -78.51 -69.93 -27.10
CA LYS D 116 -79.86 -69.40 -27.19
C LYS D 116 -80.53 -69.80 -28.50
N GLN D 117 -79.90 -69.50 -29.64
CA GLN D 117 -80.26 -70.07 -30.92
C GLN D 117 -79.05 -70.36 -31.80
N GLY D 118 -77.83 -70.14 -31.30
CA GLY D 118 -76.63 -70.30 -32.08
C GLY D 118 -75.75 -69.07 -32.07
N HIS D 119 -76.08 -68.11 -31.22
CA HIS D 119 -75.37 -66.84 -31.15
C HIS D 119 -75.17 -66.43 -29.70
N THR D 120 -74.23 -65.51 -29.49
CA THR D 120 -73.94 -64.98 -28.17
C THR D 120 -74.84 -63.79 -27.86
N LYS D 121 -75.28 -63.70 -26.61
CA LYS D 121 -76.23 -62.66 -26.23
C LYS D 121 -75.57 -61.29 -26.15
N VAL D 122 -76.33 -60.27 -26.53
CA VAL D 122 -75.97 -58.88 -26.29
C VAL D 122 -77.18 -58.26 -25.59
N LEU D 123 -77.20 -58.29 -24.26
CA LEU D 123 -78.30 -57.73 -23.50
C LEU D 123 -78.25 -56.21 -23.57
N SER D 124 -79.39 -55.59 -23.88
CA SER D 124 -79.40 -54.16 -24.15
C SER D 124 -80.81 -53.62 -23.97
N PHE D 125 -80.88 -52.30 -23.76
CA PHE D 125 -82.14 -51.58 -23.69
C PHE D 125 -81.88 -50.12 -24.01
N THR D 126 -82.95 -49.39 -24.30
CA THR D 126 -82.87 -47.98 -24.65
C THR D 126 -83.54 -47.13 -23.58
N ILE D 127 -82.88 -46.05 -23.18
CA ILE D 127 -83.43 -45.14 -22.18
C ILE D 127 -84.56 -44.33 -22.82
N PRO D 128 -85.58 -43.97 -22.06
CA PRO D 128 -86.69 -43.18 -22.62
C PRO D 128 -86.29 -41.73 -22.83
N SER D 129 -87.27 -40.93 -23.25
CA SER D 129 -87.07 -39.51 -23.49
C SER D 129 -88.34 -38.77 -23.12
N LEU D 130 -88.31 -37.44 -23.27
CA LEU D 130 -89.45 -36.59 -22.94
C LEU D 130 -89.94 -35.74 -24.10
N SER D 131 -89.21 -35.69 -25.21
CA SER D 131 -89.61 -34.91 -26.38
C SER D 131 -90.41 -35.73 -27.39
N LYS D 132 -90.68 -37.00 -27.10
CA LYS D 132 -91.39 -37.90 -27.99
C LYS D 132 -92.65 -38.41 -27.32
N PRO D 133 -93.79 -38.43 -28.03
CA PRO D 133 -95.04 -38.87 -27.39
C PRO D 133 -94.95 -40.32 -26.92
N SER D 134 -95.56 -40.58 -25.76
CA SER D 134 -95.55 -41.90 -25.15
C SER D 134 -96.98 -42.33 -24.86
N VAL D 135 -97.14 -43.54 -24.34
CA VAL D 135 -98.46 -44.09 -24.05
C VAL D 135 -99.14 -43.40 -22.88
N TYR D 136 -98.43 -42.55 -22.13
CA TYR D 136 -99.02 -41.86 -20.99
C TYR D 136 -98.87 -40.36 -21.01
N HIS D 137 -98.12 -39.79 -21.95
CA HIS D 137 -97.84 -38.36 -21.93
C HIS D 137 -97.68 -37.84 -23.35
N GLU D 138 -97.59 -36.53 -23.47
CA GLU D 138 -97.38 -35.83 -24.73
C GLU D 138 -96.25 -34.83 -24.59
N PRO D 139 -95.53 -34.55 -25.68
CA PRO D 139 -94.50 -33.50 -25.65
C PRO D 139 -94.98 -32.13 -26.08
N SER D 140 -96.25 -32.00 -26.50
CA SER D 140 -96.76 -30.72 -26.95
C SER D 140 -96.78 -29.69 -25.81
N SER D 141 -97.19 -30.11 -24.62
CA SER D 141 -97.26 -29.21 -23.48
C SER D 141 -95.95 -29.18 -22.72
N LEU D 157 -83.05 -41.75 -26.37
CA LEU D 157 -83.36 -42.38 -27.66
C LEU D 157 -82.18 -43.20 -28.16
N SER D 158 -81.16 -43.35 -27.32
CA SER D 158 -79.94 -44.05 -27.68
C SER D 158 -79.93 -45.45 -27.07
N LYS D 159 -79.33 -46.38 -27.81
CA LYS D 159 -79.23 -47.77 -27.36
C LYS D 159 -78.02 -47.92 -26.45
N VAL D 160 -78.21 -48.57 -25.30
CA VAL D 160 -77.13 -48.85 -24.37
C VAL D 160 -77.04 -50.36 -24.17
N VAL D 161 -75.83 -50.81 -23.82
CA VAL D 161 -75.55 -52.23 -23.61
C VAL D 161 -75.00 -52.40 -22.21
N TYR D 162 -75.54 -53.37 -21.47
CA TYR D 162 -75.14 -53.61 -20.10
C TYR D 162 -74.54 -54.98 -19.87
N SER D 163 -74.44 -55.82 -20.88
CA SER D 163 -73.82 -57.13 -20.73
C SER D 163 -73.40 -57.66 -22.10
N GLY D 164 -72.48 -58.61 -22.07
CA GLY D 164 -72.03 -59.29 -23.28
C GLY D 164 -71.11 -58.43 -24.13
N PRO D 165 -70.32 -59.08 -25.00
CA PRO D 165 -70.25 -60.55 -25.11
C PRO D 165 -69.30 -61.16 -24.08
N HIS D 166 -69.53 -62.43 -23.73
CA HIS D 166 -68.68 -63.16 -22.79
C HIS D 166 -68.10 -64.39 -23.47
N PRO D 167 -66.84 -64.33 -23.91
CA PRO D 167 -66.23 -65.53 -24.52
C PRO D 167 -66.12 -66.68 -23.54
N GLN D 168 -66.19 -67.89 -24.07
CA GLN D 168 -66.18 -69.08 -23.24
C GLN D 168 -64.82 -69.26 -22.55
N ARG D 169 -64.83 -70.05 -21.48
CA ARG D 169 -63.65 -70.28 -20.66
C ARG D 169 -63.34 -71.77 -20.63
N GLU D 170 -62.14 -72.09 -20.11
CA GLU D 170 -61.67 -73.47 -20.02
C GLU D 170 -61.20 -73.88 -18.63
N MET D 171 -60.90 -72.93 -17.74
CA MET D 171 -60.47 -73.26 -16.38
C MET D 171 -60.71 -72.05 -15.50
N LEU D 172 -61.14 -72.30 -14.26
CA LEU D 172 -61.41 -71.24 -13.30
C LEU D 172 -60.08 -70.73 -12.75
N THR D 173 -59.56 -69.67 -13.35
CA THR D 173 -58.33 -69.05 -12.89
C THR D 173 -58.64 -67.98 -11.85
N ALA D 174 -57.61 -67.55 -11.13
CA ALA D 174 -57.73 -66.48 -10.16
C ALA D 174 -57.87 -65.11 -10.81
N GLN D 175 -57.95 -65.07 -12.13
CA GLN D 175 -58.06 -63.82 -12.88
C GLN D 175 -59.42 -63.63 -13.54
N ASN D 176 -60.24 -64.68 -13.64
CA ASN D 176 -61.51 -64.58 -14.33
C ASN D 176 -62.66 -65.28 -13.62
N ARG D 177 -62.42 -65.93 -12.48
CA ARG D 177 -63.48 -66.70 -11.83
C ARG D 177 -64.60 -65.80 -11.32
N PHE D 178 -64.27 -64.59 -10.88
CA PHE D 178 -65.31 -63.73 -10.32
C PHE D 178 -66.24 -63.20 -11.39
N GLU D 179 -65.74 -63.00 -12.62
CA GLU D 179 -66.61 -62.59 -13.70
C GLU D 179 -67.70 -63.63 -13.95
N VAL D 180 -67.31 -64.91 -14.02
CA VAL D 180 -68.31 -65.95 -14.20
C VAL D 180 -69.19 -66.09 -12.97
N LEU D 181 -68.66 -65.78 -11.78
CA LEU D 181 -69.50 -65.82 -10.59
C LEU D 181 -70.62 -64.78 -10.67
N THR D 182 -70.27 -63.54 -11.06
CA THR D 182 -71.31 -62.52 -11.22
C THR D 182 -72.27 -62.86 -12.35
N PHE D 183 -71.77 -63.47 -13.44
CA PHE D 183 -72.67 -63.86 -14.51
C PHE D 183 -73.67 -64.90 -14.03
N LEU D 184 -73.21 -65.90 -13.28
CA LEU D 184 -74.12 -66.90 -12.73
C LEU D 184 -75.11 -66.26 -11.76
N LEU D 185 -74.63 -65.32 -10.95
CA LEU D 185 -75.51 -64.65 -9.99
C LEU D 185 -76.59 -63.85 -10.74
N LEU D 186 -76.22 -63.17 -11.81
CA LEU D 186 -77.19 -62.43 -12.61
C LEU D 186 -78.21 -63.37 -13.25
N CYS D 187 -77.74 -64.50 -13.78
CA CYS D 187 -78.65 -65.47 -14.40
C CYS D 187 -79.64 -66.02 -13.38
N TYR D 188 -79.15 -66.33 -12.17
CA TYR D 188 -80.05 -66.75 -11.11
C TYR D 188 -80.99 -65.63 -10.68
N ASN D 189 -80.51 -64.39 -10.72
CA ASN D 189 -81.32 -63.23 -10.35
C ASN D 189 -82.51 -63.09 -11.30
N ALA D 190 -82.27 -63.36 -12.60
CA ALA D 190 -83.29 -63.12 -13.62
C ALA D 190 -84.62 -63.80 -13.32
N ALA D 191 -84.66 -64.80 -12.44
CA ALA D 191 -85.88 -65.57 -12.19
C ALA D 191 -86.11 -65.82 -10.70
N LEU D 192 -86.04 -64.76 -9.89
CA LEU D 192 -86.29 -64.90 -8.46
C LEU D 192 -87.74 -65.21 -8.10
N THR D 193 -88.66 -65.13 -9.06
CA THR D 193 -90.07 -65.30 -8.74
C THR D 193 -90.39 -66.71 -8.24
N TYR D 194 -89.76 -67.73 -8.84
CA TYR D 194 -90.19 -69.11 -8.65
C TYR D 194 -89.43 -69.85 -7.55
N MET D 195 -88.50 -69.18 -6.81
CA MET D 195 -87.83 -69.91 -5.76
C MET D 195 -88.55 -69.76 -4.41
N PRO D 196 -88.43 -70.77 -3.55
CA PRO D 196 -89.11 -70.74 -2.26
C PRO D 196 -88.36 -69.88 -1.24
N SER D 197 -88.92 -69.83 -0.03
CA SER D 197 -88.38 -69.00 1.03
C SER D 197 -87.12 -69.57 1.65
N VAL D 198 -86.98 -70.90 1.70
CA VAL D 198 -85.79 -71.51 2.26
C VAL D 198 -84.56 -71.11 1.45
N SER D 199 -84.70 -71.06 0.12
CA SER D 199 -83.61 -70.61 -0.72
C SER D 199 -83.24 -69.17 -0.41
N LEU D 200 -84.23 -68.31 -0.17
CA LEU D 200 -83.95 -66.92 0.18
C LEU D 200 -83.22 -66.82 1.51
N GLN D 201 -83.64 -67.61 2.51
CA GLN D 201 -82.97 -67.59 3.80
C GLN D 201 -81.52 -68.05 3.67
N SER D 202 -81.30 -69.13 2.92
CA SER D 202 -79.94 -69.61 2.73
C SER D 202 -79.09 -68.58 1.99
N LEU D 203 -79.65 -67.97 0.95
CA LEU D 203 -78.93 -66.95 0.18
C LEU D 203 -78.53 -65.78 1.06
N CYS D 204 -79.46 -65.32 1.91
CA CYS D 204 -79.14 -64.24 2.83
C CYS D 204 -78.04 -64.65 3.81
N GLN D 205 -78.09 -65.90 4.29
CA GLN D 205 -77.07 -66.38 5.21
C GLN D 205 -75.68 -66.36 4.56
N ILE D 206 -75.57 -66.87 3.33
CA ILE D 206 -74.29 -66.81 2.62
C ILE D 206 -73.87 -65.36 2.40
N CYS D 207 -74.78 -64.54 1.88
CA CYS D 207 -74.44 -63.15 1.58
C CYS D 207 -73.98 -62.39 2.80
N SER D 208 -74.44 -62.80 3.99
CA SER D 208 -73.97 -62.18 5.22
C SER D 208 -72.60 -62.72 5.63
N ARG D 209 -72.48 -64.05 5.71
CA ARG D 209 -71.28 -64.64 6.29
C ARG D 209 -70.06 -64.57 5.38
N ILE D 210 -70.23 -64.42 4.06
CA ILE D 210 -69.07 -64.47 3.17
C ILE D 210 -68.18 -63.25 3.37
N CYS D 211 -68.78 -62.07 3.53
CA CYS D 211 -68.06 -60.80 3.50
C CYS D 211 -67.51 -60.39 4.86
N VAL D 212 -67.72 -61.20 5.90
CA VAL D 212 -67.28 -60.84 7.24
C VAL D 212 -66.51 -62.01 7.85
N CYS D 213 -66.21 -63.01 7.03
CA CYS D 213 -65.61 -64.23 7.54
C CYS D 213 -64.22 -64.01 8.12
N GLY D 214 -63.38 -63.22 7.43
CA GLY D 214 -62.00 -63.05 7.84
C GLY D 214 -61.70 -61.74 8.54
N TYR D 215 -62.69 -61.16 9.19
CA TYR D 215 -62.58 -59.86 9.83
C TYR D 215 -63.05 -59.95 11.28
N PRO D 216 -62.62 -59.03 12.14
CA PRO D 216 -62.94 -59.16 13.58
C PRO D 216 -64.43 -59.21 13.87
N ARG D 217 -65.25 -58.58 13.04
CA ARG D 217 -66.69 -58.51 13.28
C ARG D 217 -67.31 -59.91 13.38
N GLN D 218 -66.62 -60.93 12.88
CA GLN D 218 -67.13 -62.29 12.98
C GLN D 218 -67.34 -62.70 14.45
N HIS D 219 -66.43 -62.29 15.33
CA HIS D 219 -66.63 -62.61 16.75
C HIS D 219 -67.82 -61.88 17.36
N VAL D 220 -68.29 -60.79 16.73
CA VAL D 220 -69.57 -60.23 17.12
C VAL D 220 -70.70 -61.15 16.70
N ARG D 221 -70.61 -61.73 15.50
CA ARG D 221 -71.63 -62.65 15.02
C ARG D 221 -71.43 -64.07 15.53
N LYS D 222 -70.24 -64.39 16.05
CA LYS D 222 -69.91 -65.73 16.54
C LYS D 222 -70.17 -66.79 15.48
N TYR D 223 -69.54 -66.61 14.33
CA TYR D 223 -69.59 -67.56 13.22
C TYR D 223 -68.27 -68.29 13.13
N LYS D 224 -68.33 -69.63 13.07
CA LYS D 224 -67.15 -70.48 13.10
C LYS D 224 -66.90 -71.06 11.71
N GLY D 225 -65.79 -71.79 11.59
CA GLY D 225 -65.40 -72.40 10.34
C GLY D 225 -63.93 -72.20 10.03
N ILE D 226 -63.63 -71.64 8.85
CA ILE D 226 -62.28 -71.33 8.45
C ILE D 226 -62.11 -69.81 8.44
N SER D 227 -61.08 -69.33 9.13
CA SER D 227 -60.83 -67.90 9.25
C SER D 227 -59.99 -67.45 8.06
N SER D 228 -60.67 -66.97 7.02
CA SER D 228 -59.99 -66.49 5.83
C SER D 228 -60.85 -65.42 5.17
N ARG D 229 -60.23 -64.64 4.29
CA ARG D 229 -60.89 -63.58 3.56
C ARG D 229 -60.94 -63.93 2.08
N ILE D 230 -62.10 -63.75 1.47
CA ILE D 230 -62.33 -64.06 0.06
C ILE D 230 -62.36 -62.75 -0.71
N PRO D 231 -61.49 -62.56 -1.71
CA PRO D 231 -61.39 -61.26 -2.42
C PRO D 231 -62.51 -61.00 -3.41
N VAL D 232 -63.66 -60.59 -2.88
CA VAL D 232 -64.84 -60.28 -3.70
C VAL D 232 -64.63 -58.98 -4.44
N SER D 233 -65.47 -58.71 -5.42
CA SER D 233 -65.40 -57.50 -6.25
C SER D 233 -66.64 -56.64 -6.04
N SER D 234 -66.66 -55.49 -6.71
CA SER D 234 -67.76 -54.54 -6.54
C SER D 234 -69.03 -55.03 -7.23
N GLY D 235 -68.91 -55.56 -8.45
CA GLY D 235 -70.08 -56.07 -9.15
C GLY D 235 -70.73 -57.22 -8.40
N PHE D 236 -69.92 -58.07 -7.77
CA PHE D 236 -70.45 -59.16 -6.96
C PHE D 236 -71.32 -58.59 -5.83
N MET D 237 -70.83 -57.54 -5.17
CA MET D 237 -71.58 -56.90 -4.10
C MET D 237 -72.89 -56.29 -4.62
N VAL D 238 -72.83 -55.63 -5.77
CA VAL D 238 -74.04 -55.03 -6.34
C VAL D 238 -75.07 -56.10 -6.65
N GLN D 239 -74.62 -57.21 -7.24
CA GLN D 239 -75.55 -58.27 -7.63
C GLN D 239 -76.15 -58.96 -6.42
N MET D 240 -75.39 -59.16 -5.33
CA MET D 240 -76.04 -59.70 -4.13
C MET D 240 -76.96 -58.67 -3.51
N LEU D 241 -76.65 -57.38 -3.64
CA LEU D 241 -77.50 -56.34 -3.07
C LEU D 241 -78.85 -56.31 -3.76
N THR D 242 -78.88 -56.57 -5.07
CA THR D 242 -80.16 -56.64 -5.78
C THR D 242 -81.05 -57.72 -5.19
N GLY D 243 -80.51 -58.93 -4.99
CA GLY D 243 -81.29 -60.00 -4.40
C GLY D 243 -81.69 -59.72 -2.97
N ILE D 244 -80.80 -59.07 -2.21
CA ILE D 244 -81.12 -58.71 -0.83
C ILE D 244 -82.28 -57.72 -0.80
N TYR D 245 -82.26 -56.74 -1.71
CA TYR D 245 -83.37 -55.79 -1.79
C TYR D 245 -84.67 -56.49 -2.12
N PHE D 246 -84.64 -57.43 -3.08
CA PHE D 246 -85.87 -58.13 -3.42
C PHE D 246 -86.37 -58.97 -2.24
N ALA D 247 -85.46 -59.64 -1.54
CA ALA D 247 -85.86 -60.48 -0.41
C ALA D 247 -86.27 -59.67 0.81
N PHE D 248 -85.92 -58.39 0.85
CA PHE D 248 -86.30 -57.55 1.99
C PHE D 248 -87.81 -57.42 2.15
N TYR D 249 -88.58 -57.67 1.09
CA TYR D 249 -90.02 -57.48 1.11
C TYR D 249 -90.78 -58.80 0.97
N ASN D 250 -90.23 -59.88 1.53
CA ASN D 250 -90.87 -61.18 1.54
C ASN D 250 -90.77 -61.82 2.92
N GLY D 251 -91.06 -61.03 3.95
CA GLY D 251 -91.05 -61.49 5.32
C GLY D 251 -89.70 -61.49 6.01
N GLU D 252 -88.64 -61.85 5.27
CA GLU D 252 -87.30 -61.91 5.84
C GLU D 252 -86.84 -60.49 6.16
N TRP D 253 -86.76 -60.16 7.46
CA TRP D 253 -86.42 -58.82 7.89
C TRP D 253 -85.11 -58.77 8.66
N ASP D 254 -84.96 -59.55 9.73
CA ASP D 254 -83.77 -59.44 10.57
C ASP D 254 -82.53 -59.94 9.85
N LEU D 255 -82.63 -61.07 9.13
CA LEU D 255 -81.47 -61.61 8.42
C LEU D 255 -81.01 -60.65 7.34
N ALA D 256 -81.95 -60.09 6.57
CA ALA D 256 -81.57 -59.13 5.54
C ALA D 256 -80.99 -57.86 6.14
N GLN D 257 -81.53 -57.42 7.28
CA GLN D 257 -81.01 -56.24 7.95
C GLN D 257 -79.55 -56.46 8.37
N LYS D 258 -79.27 -57.57 9.04
CA LYS D 258 -77.91 -57.84 9.48
C LYS D 258 -76.97 -58.02 8.27
N ALA D 259 -77.45 -58.68 7.21
CA ALA D 259 -76.64 -58.85 6.01
C ALA D 259 -76.28 -57.51 5.39
N LEU D 260 -77.25 -56.58 5.33
CA LEU D 260 -76.97 -55.24 4.86
C LEU D 260 -75.95 -54.55 5.76
N ASP D 261 -76.05 -54.78 7.06
CA ASP D 261 -75.09 -54.19 8.00
C ASP D 261 -73.68 -54.67 7.68
N ASP D 262 -73.49 -55.99 7.52
CA ASP D 262 -72.16 -56.49 7.21
C ASP D 262 -71.68 -55.98 5.85
N ILE D 263 -72.59 -55.91 4.88
CA ILE D 263 -72.22 -55.45 3.54
C ILE D 263 -71.70 -54.03 3.60
N ILE D 264 -72.44 -53.13 4.25
CA ILE D 264 -72.01 -51.74 4.30
C ILE D 264 -70.74 -51.61 5.13
N TYR D 265 -70.59 -52.41 6.19
CA TYR D 265 -69.35 -52.37 6.98
C TYR D 265 -68.14 -52.75 6.13
N ARG D 266 -68.26 -53.86 5.40
CA ARG D 266 -67.14 -54.31 4.57
C ARG D 266 -66.85 -53.33 3.44
N ALA D 267 -67.91 -52.77 2.84
CA ALA D 267 -67.71 -51.80 1.77
C ALA D 267 -67.00 -50.54 2.29
N GLN D 268 -67.38 -50.08 3.48
CA GLN D 268 -66.71 -48.95 4.09
C GLN D 268 -65.26 -49.27 4.39
N LEU D 269 -64.99 -50.50 4.86
CA LEU D 269 -63.62 -50.89 5.14
C LEU D 269 -62.76 -50.94 3.87
N GLU D 270 -63.32 -51.45 2.78
CA GLU D 270 -62.56 -51.67 1.55
C GLU D 270 -62.57 -50.48 0.60
N LEU D 271 -63.31 -49.42 0.92
CA LEU D 271 -63.35 -48.20 0.11
C LEU D 271 -63.89 -48.48 -1.29
N TYR D 272 -65.09 -49.05 -1.34
CA TYR D 272 -65.78 -49.33 -2.60
C TYR D 272 -66.96 -48.36 -2.75
N PRO D 273 -66.89 -47.40 -3.69
CA PRO D 273 -67.92 -46.34 -3.74
C PRO D 273 -69.32 -46.81 -4.08
N GLU D 274 -69.48 -47.49 -5.22
CA GLU D 274 -70.82 -47.82 -5.70
C GLU D 274 -71.61 -48.74 -4.76
N PRO D 275 -71.06 -49.83 -4.20
CA PRO D 275 -71.87 -50.61 -3.25
C PRO D 275 -72.28 -49.81 -2.04
N LEU D 276 -71.41 -48.93 -1.55
CA LEU D 276 -71.77 -48.09 -0.41
C LEU D 276 -72.90 -47.13 -0.79
N LEU D 277 -72.84 -46.56 -2.00
CA LEU D 277 -73.92 -45.69 -2.45
C LEU D 277 -75.24 -46.42 -2.54
N VAL D 278 -75.22 -47.63 -3.10
CA VAL D 278 -76.45 -48.40 -3.23
C VAL D 278 -76.99 -48.79 -1.86
N ALA D 279 -76.11 -49.19 -0.94
CA ALA D 279 -76.54 -49.54 0.40
C ALA D 279 -77.14 -48.34 1.12
N ASN D 280 -76.55 -47.16 0.96
CA ASN D 280 -77.11 -45.96 1.56
C ASN D 280 -78.48 -45.64 0.98
N ALA D 281 -78.63 -45.80 -0.34
CA ALA D 281 -79.94 -45.59 -0.96
C ALA D 281 -80.98 -46.55 -0.42
N ILE D 282 -80.60 -47.81 -0.23
CA ILE D 282 -81.52 -48.79 0.33
C ILE D 282 -81.90 -48.41 1.76
N LYS D 283 -80.90 -48.04 2.56
CA LYS D 283 -81.13 -47.74 3.97
C LYS D 283 -82.04 -46.52 4.14
N ALA D 284 -81.82 -45.48 3.33
CA ALA D 284 -82.58 -44.24 3.48
C ALA D 284 -83.97 -44.31 2.86
N SER D 285 -84.47 -45.50 2.54
CA SER D 285 -85.77 -45.67 1.92
C SER D 285 -86.56 -46.74 2.64
N LEU D 286 -86.60 -46.66 3.97
CA LEU D 286 -87.29 -47.63 4.80
C LEU D 286 -88.35 -46.96 5.65
N PRO D 287 -89.45 -47.66 5.98
CA PRO D 287 -90.51 -47.08 6.83
C PRO D 287 -90.07 -46.91 8.28
N TYR E 136 114.72 61.72 -15.17
CA TYR E 136 115.94 60.96 -14.87
C TYR E 136 116.25 61.00 -13.39
N ARG E 137 115.85 62.09 -12.73
CA ARG E 137 116.08 62.23 -11.29
C ARG E 137 115.31 61.16 -10.53
N LEU E 138 114.08 60.86 -10.95
CA LEU E 138 113.27 59.87 -10.25
C LEU E 138 113.90 58.48 -10.34
N ARG E 139 114.40 58.10 -11.52
CA ARG E 139 115.07 56.81 -11.67
C ARG E 139 116.34 56.76 -10.84
N VAL E 140 117.09 57.87 -10.80
CA VAL E 140 118.30 57.94 -9.99
C VAL E 140 117.96 57.73 -8.51
N ILE E 141 116.90 58.40 -8.04
CA ILE E 141 116.51 58.26 -6.65
C ILE E 141 116.01 56.84 -6.35
N ALA E 142 115.33 56.22 -7.32
CA ALA E 142 114.89 54.84 -7.12
C ALA E 142 116.08 53.90 -6.99
N GLU E 143 117.09 54.06 -7.86
CA GLU E 143 118.30 53.25 -7.76
C GLU E 143 119.02 53.50 -6.44
N ALA E 144 119.09 54.76 -6.02
CA ALA E 144 119.71 55.09 -4.75
C ALA E 144 118.97 54.47 -3.58
N TYR E 145 117.63 54.49 -3.62
CA TYR E 145 116.83 53.85 -2.59
C TYR E 145 117.10 52.35 -2.54
N ALA E 146 117.15 51.70 -3.70
CA ALA E 146 117.42 50.26 -3.72
C ALA E 146 118.78 49.96 -3.12
N THR E 147 119.82 50.66 -3.59
CA THR E 147 121.18 50.39 -3.11
C THR E 147 121.32 50.71 -1.62
N LYS E 148 120.74 51.83 -1.18
CA LYS E 148 120.85 52.22 0.22
C LYS E 148 120.07 51.28 1.13
N GLY E 149 118.91 50.82 0.68
CA GLY E 149 118.19 49.82 1.45
C GLY E 149 118.97 48.52 1.57
N LEU E 150 119.59 48.09 0.47
CA LEU E 150 120.45 46.91 0.54
C LEU E 150 121.57 47.10 1.56
N CYS E 151 122.32 48.20 1.42
CA CYS E 151 123.48 48.45 2.26
C CYS E 151 123.11 48.83 3.69
N LEU E 152 121.84 49.13 3.96
CA LEU E 152 121.42 49.53 5.29
C LEU E 152 120.67 48.42 6.03
N GLU E 153 120.11 47.45 5.32
CA GLU E 153 119.40 46.34 5.94
C GLU E 153 120.09 45.01 5.76
N LYS E 154 120.42 44.64 4.52
CA LYS E 154 120.93 43.29 4.26
C LYS E 154 122.44 43.20 4.52
N LEU E 155 123.22 43.97 3.78
CA LEU E 155 124.68 43.94 3.91
C LEU E 155 125.16 45.18 4.63
N PRO E 156 125.81 45.05 5.79
CA PRO E 156 126.32 46.21 6.54
C PRO E 156 127.62 46.76 5.97
N ASP E 167 126.15 56.98 15.67
CA ASP E 167 124.84 56.35 15.60
C ASP E 167 124.43 56.09 14.15
N ARG E 168 124.65 54.86 13.69
CA ARG E 168 124.25 54.49 12.34
C ARG E 168 122.74 54.52 12.18
N GLU E 169 122.00 54.07 13.20
CA GLU E 169 120.56 53.86 13.07
C GLU E 169 119.80 55.15 12.81
N GLN E 170 120.27 56.28 13.36
CA GLN E 170 119.57 57.54 13.13
C GLN E 170 119.62 57.95 11.67
N ASP E 171 120.82 57.94 11.08
CA ASP E 171 120.94 58.23 9.65
C ASP E 171 120.22 57.18 8.82
N VAL E 172 120.19 55.94 9.29
CA VAL E 172 119.54 54.86 8.56
C VAL E 172 118.03 55.12 8.46
N ILE E 173 117.40 55.44 9.60
CA ILE E 173 115.97 55.71 9.59
C ILE E 173 115.66 57.02 8.88
N THR E 174 116.56 58.00 8.96
CA THR E 174 116.36 59.23 8.19
C THR E 174 116.38 58.94 6.70
N CYS E 175 117.29 58.06 6.26
CA CYS E 175 117.34 57.68 4.85
C CYS E 175 116.05 56.97 4.43
N TYR E 176 115.56 56.04 5.26
CA TYR E 176 114.30 55.38 4.91
C TYR E 176 113.15 56.37 4.83
N GLU E 177 113.06 57.30 5.78
CA GLU E 177 111.95 58.24 5.78
C GLU E 177 112.01 59.17 4.56
N LYS E 178 113.21 59.65 4.23
CA LYS E 178 113.35 60.50 3.05
C LYS E 178 113.02 59.72 1.78
N ALA E 179 113.46 58.46 1.70
CA ALA E 179 113.14 57.64 0.53
C ALA E 179 111.65 57.43 0.40
N GLY E 180 110.95 57.18 1.51
CA GLY E 180 109.51 57.01 1.47
C GLY E 180 108.79 58.28 1.06
N ASP E 181 109.24 59.44 1.57
CA ASP E 181 108.64 60.70 1.16
C ASP E 181 108.86 60.95 -0.33
N ILE E 182 110.06 60.64 -0.84
CA ILE E 182 110.30 60.80 -2.27
C ILE E 182 109.48 59.81 -3.08
N ALA E 183 109.21 58.62 -2.54
CA ALA E 183 108.32 57.68 -3.23
C ALA E 183 106.90 58.23 -3.31
N LEU E 184 106.42 58.84 -2.24
CA LEU E 184 105.10 59.46 -2.27
C LEU E 184 105.06 60.60 -3.28
N LEU E 185 106.11 61.43 -3.31
CA LEU E 185 106.20 62.48 -4.31
C LEU E 185 106.32 61.90 -5.72
N TYR E 186 106.93 60.73 -5.85
CA TYR E 186 106.99 60.03 -7.13
C TYR E 186 105.60 59.65 -7.61
N LEU E 187 104.79 59.10 -6.70
CA LEU E 187 103.41 58.79 -7.03
C LEU E 187 102.65 60.04 -7.44
N GLN E 188 102.84 61.13 -6.69
CA GLN E 188 102.18 62.38 -7.02
C GLN E 188 102.60 62.89 -8.40
N GLU E 189 103.89 62.78 -8.72
CA GLU E 189 104.39 63.26 -10.01
C GLU E 189 103.88 62.39 -11.16
N ILE E 190 103.77 61.08 -10.96
CA ILE E 190 103.15 60.24 -11.99
C ILE E 190 101.70 60.65 -12.21
N GLU E 191 100.97 60.91 -11.12
CA GLU E 191 99.59 61.36 -11.28
C GLU E 191 99.53 62.71 -11.98
N ARG E 192 100.51 63.58 -11.75
CA ARG E 192 100.54 64.87 -12.43
C ARG E 192 100.80 64.71 -13.92
N VAL E 193 101.82 63.90 -14.28
CA VAL E 193 102.14 63.70 -15.69
C VAL E 193 101.09 62.86 -16.41
N ILE E 194 100.21 62.19 -15.67
CA ILE E 194 99.06 61.53 -16.29
C ILE E 194 98.18 62.56 -17.00
N LEU E 195 98.11 63.78 -16.46
CA LEU E 195 97.30 64.82 -17.06
C LEU E 195 97.73 65.15 -18.49
N SER E 196 98.97 64.86 -18.86
CA SER E 196 99.46 65.10 -20.20
C SER E 196 98.76 64.19 -21.22
N GLU E 213 107.91 49.24 -14.91
CA GLU E 213 107.28 49.96 -13.81
C GLU E 213 108.29 50.29 -12.72
N LEU E 214 107.86 50.13 -11.47
CA LEU E 214 108.72 50.40 -10.32
C LEU E 214 109.37 49.12 -9.83
N GLY E 215 110.41 49.28 -9.01
CA GLY E 215 111.10 48.13 -8.46
C GLY E 215 110.27 47.43 -7.39
N PHE E 216 110.65 46.17 -7.14
CA PHE E 216 109.96 45.35 -6.15
C PHE E 216 110.38 45.69 -4.72
N PHE E 217 111.39 46.53 -4.54
CA PHE E 217 111.94 46.79 -3.21
C PHE E 217 110.98 47.54 -2.30
N LEU E 218 109.89 48.08 -2.81
CA LEU E 218 108.87 48.65 -1.93
C LEU E 218 108.27 47.58 -1.02
N GLU E 219 107.85 46.45 -1.62
CA GLU E 219 107.34 45.35 -0.81
C GLU E 219 108.43 44.74 0.05
N THR E 220 109.68 44.74 -0.43
CA THR E 220 110.79 44.23 0.38
C THR E 220 110.96 45.08 1.64
N GLY E 221 110.93 46.41 1.49
CA GLY E 221 111.02 47.29 2.63
C GLY E 221 109.80 47.27 3.52
N LEU E 222 108.64 46.91 2.97
CA LEU E 222 107.45 46.74 3.80
C LEU E 222 107.49 45.43 4.59
N GLN E 223 108.10 44.39 4.03
CA GLN E 223 108.08 43.05 4.64
C GLN E 223 109.25 42.85 5.60
N ARG E 224 110.48 43.06 5.12
CA ARG E 224 111.65 42.82 5.97
C ARG E 224 111.67 43.75 7.18
N ALA E 225 111.09 44.95 7.04
CA ALA E 225 110.99 45.85 8.19
C ALA E 225 110.22 45.20 9.33
N HIS E 226 109.01 44.69 9.04
CA HIS E 226 108.22 44.04 10.08
C HIS E 226 108.85 42.71 10.50
N VAL E 227 109.58 42.05 9.59
CA VAL E 227 110.26 40.81 9.94
C VAL E 227 111.31 41.08 11.03
N LEU E 228 112.08 42.14 10.85
CA LEU E 228 113.04 42.55 11.87
C LEU E 228 112.36 43.17 13.09
N TYR E 229 111.13 43.69 12.92
CA TYR E 229 110.40 44.26 14.04
C TYR E 229 109.88 43.21 15.00
N PHE E 230 109.80 41.95 14.58
CA PHE E 230 109.44 40.88 15.51
C PHE E 230 110.46 40.78 16.63
N LYS E 231 111.72 41.14 16.36
CA LYS E 231 112.72 41.26 17.41
C LYS E 231 112.43 42.44 18.33
N ASN E 232 111.88 43.53 17.79
CA ASN E 232 111.64 44.75 18.53
C ASN E 232 110.20 44.89 19.02
N GLY E 233 109.22 44.48 18.21
CA GLY E 233 107.83 44.67 18.57
C GLY E 233 107.40 46.11 18.59
N ASN E 234 107.92 46.93 17.67
CA ASN E 234 107.62 48.36 17.63
C ASN E 234 106.36 48.60 16.80
N LEU E 235 105.24 48.13 17.34
CA LEU E 235 103.97 48.28 16.64
C LEU E 235 103.47 49.72 16.67
N THR E 236 103.85 50.48 17.71
CA THR E 236 103.32 51.84 17.86
C THR E 236 103.78 52.75 16.72
N ARG E 237 105.04 52.64 16.31
CA ARG E 237 105.53 53.47 15.22
C ARG E 237 104.80 53.16 13.92
N GLY E 238 104.59 51.87 13.63
CA GLY E 238 103.84 51.51 12.45
C GLY E 238 102.41 51.99 12.50
N VAL E 239 101.78 51.91 13.67
CA VAL E 239 100.42 52.42 13.83
C VAL E 239 100.38 53.91 13.55
N GLY E 240 101.35 54.66 14.07
CA GLY E 240 101.38 56.10 13.81
C GLY E 240 101.57 56.41 12.34
N ARG E 241 102.53 55.74 11.69
CA ARG E 241 102.78 56.01 10.28
C ARG E 241 101.57 55.67 9.41
N PHE E 242 100.90 54.55 9.70
CA PHE E 242 99.76 54.15 8.90
C PHE E 242 98.51 54.97 9.22
N ARG E 243 98.41 55.51 10.44
CA ARG E 243 97.38 56.53 10.70
C ARG E 243 97.65 57.76 9.87
N GLU E 244 98.92 58.15 9.72
CA GLU E 244 99.28 59.21 8.79
C GLU E 244 99.05 58.78 7.34
N LEU E 245 99.16 57.49 7.06
CA LEU E 245 99.10 56.95 5.69
C LEU E 245 97.72 56.38 5.36
N LEU E 246 96.64 56.99 5.87
CA LEU E 246 95.30 56.49 5.64
C LEU E 246 94.44 57.44 4.81
N ARG E 247 94.94 58.64 4.50
CA ARG E 247 94.19 59.66 3.79
C ARG E 247 94.43 59.61 2.27
N ALA E 248 95.11 58.58 1.78
CA ALA E 248 95.48 58.51 0.38
C ALA E 248 94.25 58.35 -0.51
N VAL E 249 94.28 59.02 -1.67
CA VAL E 249 93.19 58.94 -2.64
C VAL E 249 93.34 57.67 -3.45
N GLU E 250 92.22 57.03 -3.76
CA GLU E 250 92.21 55.73 -4.43
C GLU E 250 92.59 55.90 -5.90
N THR E 251 93.71 55.32 -6.30
CA THR E 251 94.17 55.33 -7.68
C THR E 251 94.13 53.93 -8.26
N ARG E 252 93.97 53.86 -9.59
CA ARG E 252 93.78 52.57 -10.25
C ARG E 252 95.09 51.79 -10.39
N THR E 253 96.21 52.49 -10.59
CA THR E 253 97.45 51.80 -10.96
C THR E 253 98.08 51.06 -9.78
N THR E 254 98.17 51.70 -8.62
CA THR E 254 98.92 51.16 -7.49
C THR E 254 98.05 50.39 -6.50
N GLN E 255 96.75 50.23 -6.81
CA GLN E 255 95.80 49.75 -5.82
C GLN E 255 96.24 48.44 -5.16
N ASN E 256 96.91 47.57 -5.94
CA ASN E 256 97.33 46.28 -5.41
C ASN E 256 98.11 46.44 -4.11
N LEU E 257 99.11 47.33 -4.10
CA LEU E 257 99.87 47.53 -2.86
C LEU E 257 98.96 48.03 -1.75
N ARG E 258 98.10 49.00 -2.08
CA ARG E 258 97.16 49.54 -1.10
C ARG E 258 96.24 48.47 -0.55
N MET E 259 96.08 47.35 -1.26
CA MET E 259 95.37 46.22 -0.68
C MET E 259 96.07 45.78 0.60
N THR E 260 97.30 45.27 0.44
CA THR E 260 97.90 44.44 1.48
C THR E 260 98.01 45.20 2.80
N ILE E 261 98.63 46.39 2.76
CA ILE E 261 98.83 47.18 3.97
C ILE E 261 97.53 47.27 4.76
N ALA E 262 96.43 47.60 4.06
CA ALA E 262 95.16 47.83 4.74
C ALA E 262 94.83 46.67 5.66
N ARG E 263 94.88 45.45 5.10
CA ARG E 263 94.57 44.25 5.88
C ARG E 263 95.30 44.28 7.22
N GLN E 264 96.64 44.33 7.16
CA GLN E 264 97.40 44.18 8.39
C GLN E 264 97.06 45.30 9.37
N LEU E 265 96.85 46.51 8.88
CA LEU E 265 96.58 47.62 9.79
C LEU E 265 95.31 47.35 10.57
N ALA E 266 94.28 46.82 9.89
CA ALA E 266 93.02 46.54 10.57
C ALA E 266 93.23 45.62 11.76
N GLU E 267 94.21 44.71 11.67
CA GLU E 267 94.50 43.82 12.78
C GLU E 267 94.84 44.61 14.04
N ILE E 268 95.80 45.54 13.92
CA ILE E 268 96.15 46.33 15.10
C ILE E 268 95.03 47.31 15.43
N LEU E 269 94.11 47.53 14.51
CA LEU E 269 92.93 48.35 14.78
C LEU E 269 91.78 47.53 15.34
N LEU E 270 91.99 46.25 15.60
CA LEU E 270 90.91 45.42 16.14
C LEU E 270 91.27 44.73 17.44
N ARG E 271 92.53 44.31 17.61
CA ARG E 271 92.93 43.61 18.81
C ARG E 271 94.25 44.07 19.40
N GLY E 272 95.02 44.93 18.72
CA GLY E 272 96.31 45.34 19.27
C GLY E 272 96.17 46.18 20.51
N MET E 273 95.26 47.15 20.50
CA MET E 273 95.11 48.09 21.59
C MET E 273 93.64 48.27 21.94
N CYS E 274 93.39 48.75 23.16
CA CYS E 274 92.06 49.00 23.67
C CYS E 274 91.79 50.50 23.72
N GLU E 275 90.66 50.88 24.33
CA GLU E 275 90.33 52.29 24.47
C GLU E 275 91.37 53.04 25.31
N GLN E 276 92.00 52.36 26.26
CA GLN E 276 93.01 52.97 27.12
C GLN E 276 94.39 53.01 26.49
N SER E 277 94.57 52.40 25.31
CA SER E 277 95.86 52.33 24.64
C SER E 277 95.78 52.93 23.24
N TYR E 278 94.99 54.00 23.09
CA TYR E 278 94.74 54.58 21.78
C TYR E 278 94.92 56.10 21.84
N TRP E 279 95.33 56.67 20.71
CA TRP E 279 95.49 58.11 20.55
C TRP E 279 94.66 58.57 19.36
N ASN E 280 93.88 59.62 19.55
CA ASN E 280 93.00 60.12 18.51
C ASN E 280 93.81 60.74 17.37
N PRO E 281 93.28 60.73 16.14
CA PRO E 281 93.99 61.36 15.02
C PRO E 281 94.26 62.84 15.25
N LEU E 282 93.37 63.53 15.96
CA LEU E 282 93.61 64.92 16.33
C LEU E 282 94.53 65.07 17.52
N GLU E 283 94.88 63.97 18.19
CA GLU E 283 95.75 63.99 19.36
C GLU E 283 97.17 63.63 18.97
N ASP E 284 98.13 64.23 19.68
CA ASP E 284 99.53 63.91 19.45
C ASP E 284 99.87 62.52 19.97
N PRO E 285 100.87 61.86 19.38
CA PRO E 285 101.28 60.52 19.84
C PRO E 285 101.88 60.56 21.25
N PHE E 319 86.48 63.51 10.74
CA PHE E 319 85.74 62.77 11.76
C PHE E 319 86.71 62.16 12.77
N CYS E 320 86.44 62.41 14.05
CA CYS E 320 87.37 62.05 15.12
C CYS E 320 86.90 60.81 15.83
N PRO E 321 87.55 59.66 15.65
CA PRO E 321 87.15 58.45 16.37
C PRO E 321 87.84 58.33 17.73
N GLN E 322 87.07 58.06 18.78
CA GLN E 322 87.62 57.98 20.12
C GLN E 322 88.37 56.68 20.39
N GLU E 323 88.20 55.66 19.55
CA GLU E 323 88.88 54.39 19.74
C GLU E 323 89.23 53.79 18.39
N ASN E 324 89.83 52.60 18.42
CA ASN E 324 90.28 51.91 17.22
C ASN E 324 89.15 51.24 16.45
N THR E 325 87.97 51.08 17.07
CA THR E 325 86.88 50.39 16.41
C THR E 325 86.42 51.15 15.17
N GLU E 326 86.26 52.47 15.26
CA GLU E 326 85.83 53.24 14.10
C GLU E 326 86.89 53.26 13.01
N GLU E 327 88.16 53.36 13.39
CA GLU E 327 89.24 53.27 12.40
C GLU E 327 89.17 51.94 11.65
N ALA E 328 89.03 50.85 12.40
CA ALA E 328 88.93 49.53 11.77
C ALA E 328 87.72 49.44 10.88
N LEU E 329 86.60 50.04 11.30
CA LEU E 329 85.38 49.97 10.49
C LEU E 329 85.53 50.73 9.19
N LEU E 330 86.13 51.92 9.22
CA LEU E 330 86.36 52.66 7.97
C LEU E 330 87.32 51.91 7.07
N LEU E 331 88.43 51.41 7.64
CA LEU E 331 89.38 50.62 6.86
C LEU E 331 88.70 49.42 6.22
N LEU E 332 87.83 48.75 6.97
CA LEU E 332 87.20 47.54 6.48
C LEU E 332 86.13 47.86 5.45
N LEU E 333 85.48 49.02 5.56
CA LEU E 333 84.57 49.47 4.51
C LEU E 333 85.33 49.67 3.21
N ILE E 334 86.48 50.33 3.27
CA ILE E 334 87.29 50.48 2.06
C ILE E 334 87.72 49.11 1.53
N SER E 335 88.17 48.24 2.44
CA SER E 335 88.63 46.92 2.03
C SER E 335 87.53 46.13 1.35
N GLU E 336 86.31 46.21 1.87
CA GLU E 336 85.16 45.61 1.18
C GLU E 336 84.91 46.26 -0.16
N SER E 337 85.14 47.58 -0.27
CA SER E 337 84.95 48.24 -1.55
C SER E 337 85.84 47.65 -2.64
N MET E 338 87.15 47.57 -2.38
CA MET E 338 87.98 46.93 -3.42
C MET E 338 87.81 45.42 -3.46
N ALA E 339 87.38 44.77 -2.38
CA ALA E 339 87.08 43.35 -2.46
C ALA E 339 85.96 43.08 -3.46
N ASN E 340 84.92 43.92 -3.44
CA ASN E 340 83.88 43.85 -4.45
C ASN E 340 84.42 44.22 -5.83
N ARG E 341 85.28 45.26 -5.90
CA ARG E 341 85.67 45.79 -7.20
C ARG E 341 86.67 44.93 -7.95
N ASP E 342 87.54 44.18 -7.26
CA ASP E 342 88.59 43.42 -7.95
C ASP E 342 88.62 41.95 -7.54
N ALA E 343 87.45 41.37 -7.27
CA ALA E 343 87.38 39.95 -7.02
C ALA E 343 87.35 39.19 -8.35
N VAL E 344 87.30 37.86 -8.26
CA VAL E 344 87.19 37.05 -9.47
C VAL E 344 85.85 37.30 -10.15
N LEU E 345 84.84 37.70 -9.38
CA LEU E 345 83.49 38.04 -9.86
C LEU E 345 82.83 36.88 -10.60
N SER E 346 83.32 35.66 -10.41
CA SER E 346 82.72 34.43 -10.95
C SER E 346 82.48 34.53 -12.47
N ARG E 347 83.58 34.67 -13.21
CA ARG E 347 83.49 34.51 -14.65
C ARG E 347 83.37 33.04 -15.03
N ILE E 348 84.05 32.17 -14.29
CA ILE E 348 84.04 30.71 -14.41
C ILE E 348 83.97 30.20 -15.84
N PRO E 349 84.83 30.67 -16.76
CA PRO E 349 84.83 30.06 -18.09
C PRO E 349 85.50 28.69 -18.11
N GLU E 350 86.62 28.55 -17.42
CA GLU E 350 87.35 27.30 -17.24
C GLU E 350 87.75 27.15 -15.77
N HIS E 351 86.77 27.33 -14.88
CA HIS E 351 87.03 27.51 -13.46
C HIS E 351 87.53 26.23 -12.80
N LYS E 352 88.85 26.05 -12.76
CA LYS E 352 89.45 24.93 -12.07
C LYS E 352 90.57 25.33 -11.11
N SER E 353 91.38 26.34 -11.47
CA SER E 353 92.54 26.69 -10.68
C SER E 353 92.75 28.20 -10.60
N ASP E 354 91.67 28.98 -10.62
CA ASP E 354 91.75 30.43 -10.66
C ASP E 354 90.74 31.06 -9.70
N ARG E 355 90.69 30.58 -8.45
CA ARG E 355 89.72 31.09 -7.49
C ARG E 355 90.30 31.39 -6.11
N LEU E 356 91.52 30.95 -5.81
CA LEU E 356 91.99 30.95 -4.43
C LEU E 356 92.08 32.36 -3.85
N ILE E 357 92.70 33.28 -4.59
CA ILE E 357 93.00 34.61 -4.03
C ILE E 357 91.72 35.36 -3.71
N SER E 358 90.79 35.41 -4.67
CA SER E 358 89.54 36.14 -4.45
C SER E 358 88.72 35.51 -3.34
N LEU E 359 88.64 34.18 -3.31
CA LEU E 359 87.89 33.50 -2.26
C LEU E 359 88.46 33.83 -0.88
N GLN E 360 89.78 33.72 -0.74
CA GLN E 360 90.40 34.01 0.55
C GLN E 360 90.19 35.46 0.96
N SER E 361 90.35 36.40 0.01
CA SER E 361 90.19 37.82 0.33
C SER E 361 88.76 38.11 0.78
N ALA E 362 87.77 37.60 0.04
CA ALA E 362 86.38 37.84 0.41
C ALA E 362 86.07 37.24 1.77
N SER E 363 86.48 35.99 2.01
CA SER E 363 86.19 35.33 3.27
C SER E 363 86.82 36.09 4.44
N VAL E 364 88.08 36.51 4.28
CA VAL E 364 88.76 37.17 5.39
C VAL E 364 88.14 38.53 5.66
N VAL E 365 87.84 39.31 4.60
CA VAL E 365 87.27 40.63 4.83
C VAL E 365 85.90 40.50 5.49
N TYR E 366 85.13 39.49 5.10
CA TYR E 366 83.80 39.33 5.70
C TYR E 366 83.91 38.86 7.15
N ASP E 367 84.91 38.04 7.47
CA ASP E 367 85.01 37.58 8.86
C ASP E 367 85.46 38.71 9.79
N LEU E 368 86.41 39.55 9.36
CA LEU E 368 86.67 40.73 10.19
C LEU E 368 85.49 41.70 10.19
N LEU E 369 84.68 41.74 9.13
CA LEU E 369 83.47 42.56 9.19
C LEU E 369 82.56 42.09 10.32
N THR E 370 82.34 40.78 10.39
CA THR E 370 81.52 40.23 11.46
C THR E 370 82.14 40.48 12.83
N ILE E 371 83.46 40.34 12.93
CA ILE E 371 84.14 40.59 14.20
C ILE E 371 83.96 42.03 14.63
N ALA E 372 84.11 42.97 13.69
CA ALA E 372 84.01 44.38 14.02
C ALA E 372 82.59 44.77 14.42
N LEU E 373 81.59 44.24 13.73
CA LEU E 373 80.22 44.65 14.01
C LEU E 373 79.56 43.90 15.15
N GLY E 374 80.01 42.67 15.45
CA GLY E 374 79.38 41.91 16.50
C GLY E 374 79.87 42.23 17.89
N ARG E 375 81.09 42.77 18.01
CA ARG E 375 81.65 43.07 19.32
C ARG E 375 80.89 44.20 20.01
N ARG E 376 80.33 45.14 19.24
CA ARG E 376 79.65 46.29 19.82
C ARG E 376 78.13 46.21 19.70
N GLY E 377 77.60 45.08 19.22
CA GLY E 377 76.17 44.85 19.29
C GLY E 377 75.32 45.54 18.24
N GLN E 378 75.76 45.58 17.00
CA GLN E 378 74.95 46.07 15.88
C GLN E 378 74.84 44.95 14.86
N TYR E 379 73.61 44.54 14.55
CA TYR E 379 73.37 43.32 13.79
C TYR E 379 72.70 43.54 12.44
N GLU E 380 71.89 44.59 12.30
CA GLU E 380 71.10 44.77 11.08
C GLU E 380 71.99 45.00 9.87
N MET E 381 72.93 45.95 9.97
CA MET E 381 73.75 46.32 8.82
C MET E 381 74.65 45.15 8.42
N LEU E 382 75.01 44.30 9.39
CA LEU E 382 75.74 43.07 9.07
C LEU E 382 74.94 42.19 8.12
N SER E 383 73.67 41.98 8.42
CA SER E 383 72.81 41.19 7.55
C SER E 383 72.64 41.86 6.19
N GLU E 384 72.53 43.19 6.18
CA GLU E 384 72.45 43.91 4.90
C GLU E 384 73.69 43.66 4.06
N CYS E 385 74.87 43.73 4.69
CA CYS E 385 76.12 43.50 3.96
C CYS E 385 76.20 42.07 3.44
N LEU E 386 75.80 41.09 4.25
CA LEU E 386 75.85 39.71 3.81
C LEU E 386 74.90 39.47 2.64
N GLU E 387 73.69 40.03 2.70
CA GLU E 387 72.77 39.92 1.59
C GLU E 387 73.33 40.57 0.33
N ARG E 388 73.96 41.73 0.48
CA ARG E 388 74.56 42.40 -0.67
C ARG E 388 75.70 41.58 -1.27
N ALA E 389 76.46 40.89 -0.42
CA ALA E 389 77.61 40.11 -0.86
C ALA E 389 77.27 38.69 -1.27
N MET E 390 76.02 38.26 -1.09
CA MET E 390 75.63 36.88 -1.39
C MET E 390 75.83 36.52 -2.86
N LYS E 391 75.93 37.50 -3.76
CA LYS E 391 76.06 37.22 -5.18
C LYS E 391 77.31 36.43 -5.51
N PHE E 392 78.36 36.58 -4.71
CA PHE E 392 79.68 36.10 -5.10
C PHE E 392 79.78 34.56 -5.04
N ALA E 393 79.25 33.95 -3.98
CA ALA E 393 79.51 32.54 -3.73
C ALA E 393 78.41 31.65 -4.29
N PHE E 394 78.75 30.38 -4.49
CA PHE E 394 77.82 29.39 -5.02
C PHE E 394 77.81 28.06 -4.28
N GLU E 395 78.88 27.68 -3.57
CA GLU E 395 78.89 26.40 -2.85
C GLU E 395 79.42 26.46 -1.43
N GLU E 396 80.00 27.57 -0.97
CA GLU E 396 80.63 27.58 0.35
C GLU E 396 79.57 27.54 1.43
N PHE E 397 79.59 26.47 2.24
CA PHE E 397 78.53 26.28 3.23
C PHE E 397 78.68 27.22 4.42
N HIS E 398 79.91 27.61 4.76
CA HIS E 398 80.12 28.38 5.98
C HIS E 398 79.52 29.78 5.88
N LEU E 399 79.58 30.40 4.70
CA LEU E 399 78.97 31.72 4.57
C LEU E 399 77.45 31.64 4.51
N TRP E 400 76.90 30.56 3.97
CA TRP E 400 75.45 30.33 4.13
C TRP E 400 75.09 30.20 5.60
N TYR E 401 75.92 29.49 6.37
CA TYR E 401 75.68 29.35 7.82
C TYR E 401 75.70 30.71 8.50
N GLN E 402 76.70 31.54 8.19
CA GLN E 402 76.80 32.85 8.81
C GLN E 402 75.62 33.75 8.41
N PHE E 403 75.20 33.68 7.14
CA PHE E 403 74.06 34.46 6.69
C PHE E 403 72.79 34.03 7.42
N ALA E 404 72.60 32.72 7.58
CA ALA E 404 71.43 32.23 8.31
C ALA E 404 71.46 32.68 9.77
N LEU E 405 72.63 32.62 10.40
CA LEU E 405 72.75 33.08 11.78
C LEU E 405 72.46 34.57 11.91
N SER E 406 72.94 35.36 10.95
CA SER E 406 72.65 36.79 10.96
C SER E 406 71.16 37.06 10.81
N LEU E 407 70.50 36.33 9.93
CA LEU E 407 69.04 36.46 9.80
C LEU E 407 68.34 36.04 11.10
N MET E 408 68.83 34.98 11.73
CA MET E 408 68.28 34.55 13.02
C MET E 408 68.36 35.67 14.05
N ALA E 409 69.54 36.27 14.20
CA ALA E 409 69.74 37.31 15.19
C ALA E 409 69.06 38.63 14.82
N ALA E 410 68.63 38.79 13.57
CA ALA E 410 68.00 40.03 13.14
C ALA E 410 66.50 40.04 13.34
N GLY E 411 65.90 38.94 13.79
CA GLY E 411 64.48 38.87 14.03
C GLY E 411 63.63 38.36 12.88
N LYS E 412 64.23 38.12 11.71
CA LYS E 412 63.48 37.59 10.59
C LYS E 412 63.20 36.11 10.79
N SER E 413 62.11 35.64 10.19
CA SER E 413 61.68 34.26 10.37
C SER E 413 61.70 33.43 9.09
N ALA E 414 61.03 33.88 8.03
CA ALA E 414 60.85 33.03 6.85
C ALA E 414 62.16 32.83 6.11
N ARG E 415 62.90 33.91 5.85
CA ARG E 415 64.17 33.79 5.15
C ARG E 415 65.14 32.91 5.94
N ALA E 416 65.12 33.05 7.26
CA ALA E 416 66.00 32.24 8.11
C ALA E 416 65.72 30.75 7.92
N VAL E 417 64.45 30.34 8.01
CA VAL E 417 64.14 28.93 7.91
C VAL E 417 64.38 28.41 6.49
N LYS E 418 64.14 29.24 5.47
CA LYS E 418 64.39 28.78 4.11
C LYS E 418 65.88 28.56 3.86
N VAL E 419 66.72 29.52 4.27
CA VAL E 419 68.16 29.35 4.12
C VAL E 419 68.64 28.16 4.96
N LEU E 420 68.03 27.97 6.13
CA LEU E 420 68.41 26.87 7.00
C LEU E 420 68.08 25.53 6.34
N LYS E 421 66.93 25.46 5.67
CA LYS E 421 66.57 24.27 4.91
C LYS E 421 67.56 24.02 3.77
N GLU E 422 68.00 25.08 3.10
CA GLU E 422 69.02 24.93 2.07
C GLU E 422 70.30 24.34 2.67
N CYS E 423 70.67 24.81 3.87
CA CYS E 423 71.84 24.27 4.55
C CYS E 423 71.65 22.80 4.89
N ILE E 424 70.44 22.41 5.30
CA ILE E 424 70.12 20.99 5.47
C ILE E 424 70.39 20.24 4.18
N ARG E 425 69.93 20.78 3.06
CA ARG E 425 70.12 20.12 1.78
C ARG E 425 71.60 19.93 1.47
N LEU E 426 72.43 20.92 1.82
CA LEU E 426 73.84 20.84 1.46
C LEU E 426 74.59 19.85 2.35
N LYS E 427 74.63 20.11 3.65
CA LYS E 427 75.45 19.32 4.57
C LYS E 427 74.55 18.45 5.44
N PRO E 428 74.65 17.12 5.34
CA PRO E 428 73.70 16.23 6.03
C PRO E 428 74.14 15.72 7.39
N ASP E 429 75.23 16.22 7.97
CA ASP E 429 75.77 15.65 9.20
C ASP E 429 75.28 16.36 10.45
N ASP E 430 75.43 17.69 10.52
CA ASP E 430 75.13 18.42 11.75
C ASP E 430 73.64 18.41 12.05
N ALA E 431 73.31 18.34 13.35
CA ALA E 431 71.93 18.38 13.82
C ALA E 431 71.55 19.69 14.49
N THR E 432 72.53 20.55 14.79
CA THR E 432 72.21 21.84 15.41
C THR E 432 71.39 22.70 14.46
N ILE E 433 71.65 22.61 13.16
CA ILE E 433 70.88 23.40 12.19
C ILE E 433 69.41 22.99 12.18
N PRO E 434 69.06 21.71 12.07
CA PRO E 434 67.63 21.35 12.23
C PRO E 434 67.09 21.67 13.61
N LEU E 435 67.94 21.63 14.65
CA LEU E 435 67.47 22.02 15.98
C LEU E 435 67.01 23.48 15.99
N LEU E 436 67.83 24.37 15.44
CA LEU E 436 67.44 25.79 15.38
C LEU E 436 66.22 25.98 14.49
N ALA E 437 66.15 25.25 13.37
CA ALA E 437 64.98 25.37 12.51
C ALA E 437 63.71 24.97 13.24
N ALA E 438 63.75 23.86 13.98
CA ALA E 438 62.60 23.42 14.76
C ALA E 438 62.25 24.43 15.84
N LYS E 439 63.26 24.98 16.51
CA LYS E 439 62.99 25.98 17.55
C LYS E 439 62.31 27.21 16.97
N LEU E 440 62.75 27.66 15.79
CA LEU E 440 62.09 28.78 15.14
C LEU E 440 60.66 28.43 14.73
N CYS E 441 60.45 27.20 14.25
CA CYS E 441 59.16 26.84 13.68
C CYS E 441 58.03 26.99 14.70
N MET E 442 58.23 26.49 15.92
CA MET E 442 57.21 26.57 16.95
C MET E 442 57.23 27.89 17.70
N GLY E 443 57.97 28.88 17.22
CA GLY E 443 58.09 30.14 17.90
C GLY E 443 56.94 31.10 17.61
N SER E 444 57.28 32.35 17.28
CA SER E 444 56.26 33.37 17.07
C SER E 444 55.40 33.06 15.85
N LEU E 445 56.02 32.61 14.76
CA LEU E 445 55.29 32.42 13.51
C LEU E 445 54.32 31.25 13.57
N HIS E 446 54.47 30.35 14.54
CA HIS E 446 53.49 29.31 14.84
C HIS E 446 53.26 28.37 13.66
N TRP E 447 54.33 27.69 13.26
CA TRP E 447 54.26 26.57 12.32
C TRP E 447 54.63 25.30 13.06
N LEU E 448 53.81 24.26 12.90
CA LEU E 448 53.96 23.06 13.72
C LEU E 448 54.33 21.81 12.95
N GLU E 449 53.92 21.67 11.68
CA GLU E 449 54.25 20.47 10.92
C GLU E 449 55.74 20.41 10.62
N GLU E 450 56.31 21.51 10.12
CA GLU E 450 57.74 21.54 9.84
C GLU E 450 58.56 21.26 11.09
N ALA E 451 58.05 21.67 12.25
CA ALA E 451 58.72 21.38 13.51
C ALA E 451 58.84 19.87 13.73
N GLU E 452 57.75 19.14 13.49
CA GLU E 452 57.82 17.69 13.69
C GLU E 452 58.66 17.02 12.61
N LYS E 453 58.66 17.56 11.39
CA LYS E 453 59.56 17.03 10.36
C LYS E 453 61.01 17.16 10.80
N PHE E 454 61.40 18.35 11.26
CA PHE E 454 62.77 18.55 11.70
C PHE E 454 63.10 17.71 12.92
N ALA E 455 62.13 17.54 13.82
CA ALA E 455 62.34 16.69 15.00
C ALA E 455 62.59 15.24 14.59
N LYS E 456 61.82 14.73 13.64
CA LYS E 456 62.08 13.38 13.14
C LYS E 456 63.44 13.27 12.49
N THR E 457 63.82 14.27 11.69
CA THR E 457 65.11 14.23 11.02
C THR E 457 66.27 14.23 12.01
N VAL E 458 66.18 15.04 13.06
CA VAL E 458 67.25 15.05 14.05
C VAL E 458 67.22 13.77 14.89
N VAL E 459 66.04 13.21 15.14
CA VAL E 459 65.94 11.99 15.93
C VAL E 459 66.59 10.81 15.20
N ASP E 460 66.32 10.67 13.90
CA ASP E 460 66.83 9.52 13.15
C ASP E 460 68.17 9.80 12.49
N VAL E 461 68.99 10.67 13.08
CA VAL E 461 70.31 10.99 12.55
C VAL E 461 71.19 9.76 12.49
N THR E 465 78.37 12.24 21.39
CA THR E 465 77.34 11.99 22.39
C THR E 465 75.95 11.93 21.76
N SER E 466 75.04 11.22 22.42
CA SER E 466 73.66 11.10 21.96
C SER E 466 72.71 11.99 22.75
N GLU E 467 73.26 12.94 23.53
CA GLU E 467 72.42 13.89 24.24
C GLU E 467 71.58 14.74 23.28
N PHE E 468 72.11 14.99 22.07
CA PHE E 468 71.33 15.69 21.06
C PHE E 468 70.07 14.93 20.70
N LYS E 469 70.12 13.60 20.72
CA LYS E 469 68.91 12.81 20.50
C LYS E 469 67.90 13.02 21.61
N ALA E 470 68.37 13.16 22.85
CA ALA E 470 67.47 13.47 23.95
C ALA E 470 66.83 14.84 23.77
N LYS E 471 67.61 15.82 23.33
CA LYS E 471 67.04 17.14 23.07
C LYS E 471 66.02 17.09 21.94
N GLY E 472 66.30 16.28 20.91
CA GLY E 472 65.32 16.10 19.84
C GLY E 472 64.04 15.45 20.33
N TYR E 473 64.16 14.47 21.23
CA TYR E 473 62.98 13.87 21.83
C TYR E 473 62.19 14.90 22.62
N LEU E 474 62.89 15.76 23.38
CA LEU E 474 62.22 16.81 24.14
C LEU E 474 61.48 17.77 23.23
N ALA E 475 62.12 18.18 22.13
CA ALA E 475 61.48 19.08 21.19
C ALA E 475 60.26 18.43 20.54
N LEU E 476 60.37 17.14 20.19
CA LEU E 476 59.23 16.43 19.62
C LEU E 476 58.07 16.37 20.61
N GLY E 477 58.38 16.11 21.88
CA GLY E 477 57.33 16.10 22.89
C GLY E 477 56.68 17.45 23.06
N LEU E 478 57.47 18.52 23.05
CA LEU E 478 56.91 19.87 23.15
C LEU E 478 55.98 20.16 21.97
N THR E 479 56.40 19.80 20.76
CA THR E 479 55.56 20.01 19.59
C THR E 479 54.27 19.21 19.70
N TYR E 480 54.36 17.97 20.16
CA TYR E 480 53.15 17.16 20.31
C TYR E 480 52.21 17.76 21.34
N SER E 481 52.74 18.26 22.45
CA SER E 481 51.90 18.90 23.46
C SER E 481 51.23 20.15 22.91
N LEU E 482 51.98 20.96 22.15
CA LEU E 482 51.40 22.16 21.56
C LEU E 482 50.29 21.82 20.57
N GLN E 483 50.48 20.74 19.79
CA GLN E 483 49.40 20.26 18.93
C GLN E 483 48.20 19.81 19.76
N ALA E 484 48.46 19.14 20.88
CA ALA E 484 47.37 18.66 21.73
C ALA E 484 46.54 19.81 22.27
N THR E 485 47.19 20.91 22.66
CA THR E 485 46.45 22.07 23.15
C THR E 485 45.52 22.62 22.08
N ASP E 486 45.95 22.61 20.83
CA ASP E 486 45.15 23.14 19.73
C ASP E 486 44.12 22.14 19.22
N ALA E 487 44.15 20.90 19.70
CA ALA E 487 43.21 19.88 19.23
C ALA E 487 41.78 20.22 19.63
N SER E 488 40.83 19.77 18.82
CA SER E 488 39.42 20.09 19.03
C SER E 488 38.69 19.02 19.83
N LEU E 489 38.69 17.78 19.33
CA LEU E 489 37.91 16.71 19.94
C LEU E 489 38.74 15.97 20.99
N ARG E 490 38.06 15.14 21.78
CA ARG E 490 38.67 14.52 22.95
C ARG E 490 39.67 13.43 22.55
N GLY E 491 39.28 12.57 21.60
CA GLY E 491 40.05 11.38 21.29
C GLY E 491 41.48 11.63 20.89
N MET E 492 41.68 12.29 19.75
CA MET E 492 43.04 12.60 19.31
C MET E 492 43.76 13.50 20.31
N GLN E 493 43.02 14.30 21.07
CA GLN E 493 43.65 15.11 22.11
C GLN E 493 44.34 14.22 23.14
N GLU E 494 43.62 13.24 23.68
CA GLU E 494 44.25 12.30 24.62
C GLU E 494 45.33 11.46 23.94
N VAL E 495 45.14 11.13 22.67
CA VAL E 495 46.15 10.37 21.94
C VAL E 495 47.47 11.13 21.92
N LEU E 496 47.43 12.40 21.51
CA LEU E 496 48.64 13.22 21.49
C LEU E 496 49.17 13.45 22.89
N GLN E 497 48.27 13.54 23.89
CA GLN E 497 48.72 13.72 25.26
C GLN E 497 49.56 12.55 25.73
N ARG E 498 49.11 11.32 25.50
CA ARG E 498 49.91 10.18 25.96
C ARG E 498 51.13 9.97 25.09
N LYS E 499 51.06 10.34 23.81
CA LYS E 499 52.26 10.30 22.96
C LYS E 499 53.34 11.23 23.52
N ALA E 500 52.95 12.45 23.87
CA ALA E 500 53.90 13.39 24.45
C ALA E 500 54.39 12.92 25.81
N LEU E 501 53.50 12.29 26.59
CA LEU E 501 53.92 11.78 27.89
C LEU E 501 54.99 10.70 27.74
N LEU E 502 54.78 9.76 26.82
CA LEU E 502 55.76 8.70 26.62
C LEU E 502 57.06 9.26 26.06
N ALA E 503 56.98 10.22 25.14
CA ALA E 503 58.20 10.85 24.62
C ALA E 503 58.98 11.55 25.72
N PHE E 504 58.27 12.28 26.59
CA PHE E 504 58.92 12.97 27.71
C PHE E 504 59.56 11.96 28.66
N GLN E 505 58.86 10.86 28.93
CA GLN E 505 59.42 9.82 29.80
C GLN E 505 60.70 9.24 29.21
N ARG E 506 60.68 8.96 27.89
CA ARG E 506 61.88 8.43 27.24
C ARG E 506 63.04 9.44 27.31
N ALA E 507 62.74 10.72 27.05
CA ALA E 507 63.79 11.74 27.09
C ALA E 507 64.36 11.88 28.49
N HIS E 508 63.51 11.84 29.51
CA HIS E 508 63.99 11.91 30.88
C HIS E 508 64.83 10.69 31.24
N SER E 509 64.42 9.51 30.78
CA SER E 509 65.16 8.29 31.08
C SER E 509 66.53 8.29 30.42
N LEU E 510 66.63 8.86 29.21
CA LEU E 510 67.88 8.85 28.48
C LEU E 510 68.98 9.61 29.23
N SER E 511 68.64 10.76 29.81
CA SER E 511 69.60 11.57 30.54
C SER E 511 68.99 11.99 31.87
N PRO E 512 69.59 11.63 33.01
CA PRO E 512 69.02 11.97 34.31
C PRO E 512 69.45 13.33 34.87
N THR E 513 70.05 14.19 34.06
CA THR E 513 70.51 15.49 34.54
C THR E 513 69.93 16.62 33.70
N ASP E 514 68.62 16.59 33.46
CA ASP E 514 67.93 17.58 32.64
C ASP E 514 66.82 18.19 33.47
N HIS E 515 67.12 19.29 34.17
CA HIS E 515 66.12 19.92 35.01
C HIS E 515 64.98 20.49 34.17
N GLN E 516 65.29 21.07 33.00
CA GLN E 516 64.24 21.60 32.15
C GLN E 516 63.32 20.49 31.64
N ALA E 517 63.91 19.35 31.23
CA ALA E 517 63.11 18.25 30.73
C ALA E 517 62.22 17.68 31.82
N ALA E 518 62.76 17.54 33.04
CA ALA E 518 61.94 17.06 34.15
C ALA E 518 60.83 18.05 34.48
N PHE E 519 61.14 19.35 34.43
CA PHE E 519 60.13 20.36 34.68
C PHE E 519 59.00 20.28 33.67
N TYR E 520 59.34 20.13 32.38
CA TYR E 520 58.31 20.05 31.36
C TYR E 520 57.54 18.73 31.42
N LEU E 521 58.20 17.65 31.82
CA LEU E 521 57.50 16.39 32.02
C LEU E 521 56.49 16.50 33.16
N ALA E 522 56.89 17.14 34.26
CA ALA E 522 55.96 17.38 35.36
C ALA E 522 54.82 18.28 34.91
N LEU E 523 55.11 19.28 34.10
CA LEU E 523 54.05 20.13 33.54
C LEU E 523 53.05 19.29 32.74
N GLN E 524 53.57 18.41 31.87
CA GLN E 524 52.70 17.61 31.02
C GLN E 524 51.86 16.65 31.85
N LEU E 525 52.46 15.98 32.83
CA LEU E 525 51.69 15.02 33.62
C LEU E 525 50.75 15.73 34.59
N ALA E 526 51.01 16.99 34.92
CA ALA E 526 50.06 17.75 35.72
C ALA E 526 48.75 17.96 34.98
N ILE E 527 48.79 18.03 33.65
CA ILE E 527 47.57 18.09 32.87
C ILE E 527 46.76 16.81 33.00
N SER E 528 47.41 15.71 33.37
CA SER E 528 46.73 14.45 33.63
C SER E 528 46.25 14.33 35.08
N ARG E 529 46.46 15.38 35.89
CA ARG E 529 45.97 15.42 37.28
C ARG E 529 46.57 14.30 38.13
N GLN E 530 47.86 14.05 37.95
CA GLN E 530 48.62 13.13 38.79
C GLN E 530 49.57 13.98 39.63
N ILE E 531 49.10 14.39 40.80
CA ILE E 531 49.83 15.36 41.63
C ILE E 531 51.01 14.77 42.40
N PRO E 532 50.98 13.50 42.92
CA PRO E 532 52.09 13.06 43.77
C PRO E 532 53.41 12.96 43.02
N GLU E 533 53.41 12.25 41.88
CA GLU E 533 54.63 12.16 41.10
C GLU E 533 55.01 13.50 40.51
N ALA E 534 54.05 14.39 40.29
CA ALA E 534 54.37 15.75 39.88
C ALA E 534 55.19 16.45 40.96
N LEU E 535 54.78 16.33 42.21
CA LEU E 535 55.55 16.91 43.31
C LEU E 535 56.91 16.27 43.41
N GLY E 536 57.00 14.94 43.25
CA GLY E 536 58.29 14.28 43.29
C GLY E 536 59.23 14.75 42.20
N TYR E 537 58.72 14.89 40.98
CA TYR E 537 59.56 15.29 39.87
C TYR E 537 59.98 16.76 39.98
N VAL E 538 59.08 17.63 40.44
CA VAL E 538 59.49 19.02 40.63
C VAL E 538 60.48 19.13 41.79
N ARG E 539 60.37 18.25 42.80
CA ARG E 539 61.38 18.21 43.85
C ARG E 539 62.73 17.81 43.29
N GLN E 540 62.75 16.80 42.42
CA GLN E 540 63.99 16.42 41.77
C GLN E 540 64.57 17.59 40.97
N ALA E 541 63.70 18.30 40.24
CA ALA E 541 64.15 19.44 39.47
C ALA E 541 64.75 20.53 40.36
N LEU E 542 64.10 20.81 41.49
CA LEU E 542 64.58 21.89 42.34
C LEU E 542 65.86 21.52 43.07
N GLN E 543 66.02 20.25 43.46
CA GLN E 543 67.32 19.87 44.02
C GLN E 543 68.39 19.88 42.94
N LEU E 544 68.02 19.60 41.69
CA LEU E 544 68.95 19.82 40.59
C LEU E 544 69.17 21.31 40.35
N GLN E 545 68.08 22.09 40.36
CA GLN E 545 68.18 23.55 40.20
C GLN E 545 66.92 24.16 40.81
N GLY E 546 67.08 24.83 41.95
CA GLY E 546 65.97 25.41 42.68
C GLY E 546 65.90 26.92 42.69
N ASP E 547 66.60 27.62 41.81
CA ASP E 547 66.57 29.08 41.75
C ASP E 547 65.95 29.59 40.46
N ASP E 548 64.98 28.85 39.91
CA ASP E 548 64.29 29.22 38.68
C ASP E 548 62.86 29.63 39.01
N ALA E 549 62.42 30.75 38.43
CA ALA E 549 61.11 31.29 38.75
C ALA E 549 59.99 30.33 38.30
N ASN E 550 60.16 29.68 37.17
CA ASN E 550 59.12 28.79 36.65
C ASN E 550 58.85 27.64 37.60
N SER E 551 59.91 27.05 38.17
CA SER E 551 59.73 25.93 39.09
C SER E 551 58.97 26.37 40.34
N LEU E 552 59.32 27.53 40.90
CA LEU E 552 58.61 28.01 42.08
C LEU E 552 57.16 28.33 41.74
N HIS E 553 56.90 28.89 40.55
CA HIS E 553 55.53 29.15 40.15
C HIS E 553 54.72 27.86 40.05
N LEU E 554 55.32 26.82 39.45
CA LEU E 554 54.63 25.54 39.37
C LEU E 554 54.38 24.96 40.75
N LEU E 555 55.36 25.09 41.65
CA LEU E 555 55.16 24.63 43.02
C LEU E 555 54.01 25.39 43.69
N ALA E 556 53.92 26.70 43.44
CA ALA E 556 52.83 27.49 44.01
C ALA E 556 51.49 27.01 43.49
N LEU E 557 51.38 26.74 42.18
CA LEU E 557 50.12 26.23 41.64
C LEU E 557 49.80 24.85 42.21
N LEU E 558 50.80 23.99 42.36
CA LEU E 558 50.55 22.66 42.93
C LEU E 558 50.08 22.76 44.37
N LEU E 559 50.70 23.64 45.16
CA LEU E 559 50.27 23.81 46.55
C LEU E 559 48.88 24.44 46.63
N SER E 560 48.54 25.31 45.69
CA SER E 560 47.18 25.82 45.61
C SER E 560 46.19 24.69 45.32
N ALA E 561 46.57 23.79 44.42
CA ALA E 561 45.77 22.59 44.20
C ALA E 561 45.74 21.69 45.43
N GLN E 562 46.71 21.82 46.33
CA GLN E 562 46.73 21.10 47.59
C GLN E 562 45.88 21.79 48.67
N LYS E 563 45.28 22.94 48.33
CA LYS E 563 44.40 23.71 49.20
C LYS E 563 45.14 24.36 50.37
N HIS E 564 46.47 24.37 50.36
CA HIS E 564 47.25 25.07 51.37
C HIS E 564 47.51 26.48 50.86
N TYR E 565 46.68 27.43 51.30
CA TYR E 565 46.69 28.77 50.73
C TYR E 565 47.74 29.68 51.34
N HIS E 566 47.90 29.65 52.67
CA HIS E 566 48.76 30.64 53.33
C HIS E 566 50.23 30.39 53.02
N ASP E 567 50.67 29.13 53.09
CA ASP E 567 52.06 28.81 52.77
C ASP E 567 52.37 29.07 51.31
N ALA E 568 51.43 28.74 50.42
CA ALA E 568 51.61 29.06 49.01
C ALA E 568 51.74 30.56 48.79
N LEU E 569 50.92 31.35 49.49
CA LEU E 569 51.02 32.80 49.38
C LEU E 569 52.37 33.29 49.90
N ASN E 570 52.87 32.69 50.98
CA ASN E 570 54.19 33.05 51.49
C ASN E 570 55.28 32.77 50.46
N ILE E 571 55.20 31.61 49.79
CA ILE E 571 56.18 31.28 48.76
C ILE E 571 56.10 32.27 47.61
N ILE E 572 54.86 32.59 47.19
CA ILE E 572 54.69 33.60 46.14
C ILE E 572 55.32 34.92 46.59
N ASP E 573 55.14 35.27 47.86
CA ASP E 573 55.60 36.55 48.37
C ASP E 573 57.12 36.63 48.32
N MET E 574 57.81 35.58 48.78
CA MET E 574 59.27 35.68 48.74
C MET E 574 59.77 35.55 47.31
N ALA E 575 58.99 34.92 46.43
CA ALA E 575 59.33 34.92 45.01
C ALA E 575 59.38 36.34 44.46
N LEU E 576 58.32 37.13 44.67
CA LEU E 576 58.40 38.52 44.19
C LEU E 576 59.33 39.36 45.04
N SER E 577 59.58 38.98 46.30
CA SER E 577 60.60 39.68 47.07
C SER E 577 61.96 39.53 46.39
N GLU E 578 62.18 38.39 45.73
CA GLU E 578 63.37 38.25 44.91
C GLU E 578 63.22 38.98 43.57
N TYR E 579 62.22 38.58 42.78
CA TYR E 579 62.01 39.16 41.46
C TYR E 579 60.75 40.02 41.46
N PRO E 580 60.88 41.35 41.42
CA PRO E 580 59.72 42.24 41.58
C PRO E 580 59.04 42.68 40.29
N GLU E 581 59.39 42.13 39.13
CA GLU E 581 58.86 42.63 37.86
C GLU E 581 58.25 41.50 37.03
N ASN E 582 57.60 40.53 37.68
CA ASN E 582 57.01 39.39 37.00
C ASN E 582 55.51 39.42 37.20
N PHE E 583 54.77 39.73 36.13
CA PHE E 583 53.35 40.03 36.24
C PHE E 583 52.52 38.80 36.62
N ILE E 584 52.83 37.63 36.04
CA ILE E 584 51.96 36.48 36.23
C ILE E 584 51.96 36.01 37.68
N LEU E 585 53.11 36.08 38.35
CA LEU E 585 53.16 35.77 39.78
C LEU E 585 52.29 36.75 40.57
N LEU E 586 52.30 38.03 40.18
CA LEU E 586 51.43 38.99 40.84
C LEU E 586 49.96 38.65 40.64
N PHE E 587 49.59 38.23 39.42
CA PHE E 587 48.20 37.84 39.18
C PHE E 587 47.80 36.64 40.04
N SER E 588 48.68 35.65 40.13
CA SER E 588 48.40 34.50 40.98
C SER E 588 48.28 34.90 42.45
N LYS E 589 49.15 35.81 42.89
CA LYS E 589 49.08 36.31 44.26
C LYS E 589 47.76 37.02 44.52
N VAL E 590 47.30 37.82 43.55
CA VAL E 590 46.01 38.48 43.67
C VAL E 590 44.91 37.45 43.82
N LYS E 591 44.95 36.40 43.00
CA LYS E 591 43.93 35.36 43.08
C LYS E 591 43.91 34.69 44.44
N LEU E 592 45.09 34.29 44.95
CA LEU E 592 45.13 33.62 46.24
C LEU E 592 44.71 34.55 47.38
N GLN E 593 45.15 35.80 47.34
CA GLN E 593 44.77 36.75 48.38
C GLN E 593 43.27 36.97 48.41
N SER E 594 42.65 37.11 47.23
CA SER E 594 41.19 37.20 47.18
C SER E 594 40.54 35.92 47.67
N LEU E 595 41.17 34.77 47.42
CA LEU E 595 40.61 33.50 47.87
C LEU E 595 40.58 33.39 49.39
N CYS E 596 41.67 33.79 50.05
CA CYS E 596 41.82 33.51 51.48
C CYS E 596 41.84 34.78 52.33
N ARG E 597 42.75 35.72 52.06
CA ARG E 597 43.00 36.81 52.99
C ARG E 597 41.95 37.92 52.96
N GLY E 598 41.07 37.94 51.96
CA GLY E 598 40.07 38.97 51.87
C GLY E 598 40.37 40.00 50.81
N PRO E 599 39.36 40.81 50.47
CA PRO E 599 39.50 41.74 49.34
C PRO E 599 40.50 42.86 49.56
N ASP E 600 40.77 43.25 50.81
CA ASP E 600 41.64 44.40 51.04
C ASP E 600 43.06 44.15 50.54
N GLU E 601 43.59 42.95 50.81
CA GLU E 601 44.93 42.63 50.30
C GLU E 601 44.94 42.59 48.77
N ALA E 602 43.84 42.11 48.17
CA ALA E 602 43.76 42.09 46.72
C ALA E 602 43.79 43.51 46.15
N LEU E 603 43.06 44.44 46.78
CA LEU E 603 43.06 45.81 46.30
C LEU E 603 44.43 46.47 46.51
N LEU E 604 45.11 46.14 47.61
CA LEU E 604 46.47 46.62 47.80
C LEU E 604 47.39 46.11 46.69
N THR E 605 47.26 44.83 46.35
CA THR E 605 48.07 44.28 45.27
C THR E 605 47.70 44.90 43.93
N CYS E 606 46.45 45.30 43.75
CA CYS E 606 46.05 45.93 42.49
C CYS E 606 46.62 47.35 42.37
N LYS E 607 46.59 48.12 43.46
CA LYS E 607 47.24 49.43 43.38
C LYS E 607 48.75 49.28 43.23
N HIS E 608 49.32 48.22 43.79
CA HIS E 608 50.73 47.91 43.53
C HIS E 608 50.95 47.57 42.06
N MET E 609 50.01 46.83 41.45
CA MET E 609 50.03 46.59 40.01
C MET E 609 50.13 47.89 39.24
N LEU E 610 49.25 48.83 39.56
CA LEU E 610 49.23 50.11 38.85
C LEU E 610 50.54 50.86 39.06
N GLN E 611 51.05 50.86 40.29
CA GLN E 611 52.31 51.56 40.58
C GLN E 611 53.46 50.97 39.76
N ILE E 612 53.56 49.64 39.73
CA ILE E 612 54.65 49.00 39.00
C ILE E 612 54.52 49.24 37.51
N TRP E 613 53.30 49.19 36.98
CA TRP E 613 53.12 49.45 35.55
C TRP E 613 53.52 50.88 35.21
N LYS E 614 53.15 51.84 36.06
CA LYS E 614 53.55 53.22 35.82
C LYS E 614 55.06 53.38 35.90
N SER E 615 55.70 52.70 36.84
CA SER E 615 57.15 52.80 36.98
C SER E 615 57.87 52.21 35.77
N CYS E 616 57.38 51.08 35.26
CA CYS E 616 58.07 50.38 34.18
C CYS E 616 57.97 51.13 32.85
N TYR E 617 56.91 51.89 32.64
CA TYR E 617 56.64 52.54 31.38
C TYR E 617 56.47 54.05 31.59
N ASN E 618 56.03 54.74 30.55
CA ASN E 618 55.81 56.18 30.62
C ASN E 618 54.47 56.50 31.26
N GLY E 687 56.51 49.92 18.03
CA GLY E 687 55.67 50.06 19.21
C GLY E 687 54.77 48.85 19.44
N PRO E 688 55.20 47.95 20.33
CA PRO E 688 54.40 46.77 20.63
C PRO E 688 53.09 47.14 21.33
N LEU E 689 52.07 46.33 21.09
CA LEU E 689 50.73 46.59 21.61
C LEU E 689 50.38 45.76 22.85
N HIS E 690 51.25 44.85 23.27
CA HIS E 690 50.94 44.03 24.44
C HIS E 690 50.89 44.79 25.77
N PRO E 691 51.58 45.92 25.97
CA PRO E 691 51.31 46.71 27.19
C PRO E 691 49.86 47.12 27.32
N TRP E 692 49.19 47.41 26.20
CA TRP E 692 47.76 47.71 26.26
C TRP E 692 46.98 46.50 26.78
N MET E 693 47.33 45.30 26.33
CA MET E 693 46.71 44.09 26.85
C MET E 693 46.94 43.95 28.35
N THR E 694 48.17 44.21 28.80
CA THR E 694 48.46 44.08 30.23
C THR E 694 47.64 45.08 31.05
N LEU E 695 47.57 46.33 30.58
CA LEU E 695 46.79 47.34 31.30
C LEU E 695 45.30 46.96 31.34
N ALA E 696 44.77 46.49 30.21
CA ALA E 696 43.37 46.07 30.18
C ALA E 696 43.13 44.90 31.12
N GLN E 697 44.07 43.95 31.18
CA GLN E 697 43.93 42.82 32.09
C GLN E 697 43.96 43.28 33.54
N ILE E 698 44.81 44.26 33.87
CA ILE E 698 44.84 44.80 35.23
C ILE E 698 43.48 45.41 35.58
N TRP E 699 42.94 46.22 34.67
CA TRP E 699 41.65 46.85 34.93
C TRP E 699 40.55 45.80 35.07
N LEU E 700 40.58 44.77 34.23
CA LEU E 700 39.58 43.71 34.32
C LEU E 700 39.71 42.92 35.62
N HIS E 701 40.93 42.70 36.11
CA HIS E 701 41.11 42.05 37.40
C HIS E 701 40.55 42.90 38.53
N ALA E 702 40.76 44.22 38.46
CA ALA E 702 40.15 45.11 39.45
C ALA E 702 38.63 45.01 39.40
N ALA E 703 38.06 44.99 38.19
CA ALA E 703 36.62 44.82 38.05
C ALA E 703 36.16 43.47 38.58
N GLU E 704 36.99 42.44 38.45
CA GLU E 704 36.65 41.14 39.02
C GLU E 704 36.61 41.20 40.54
N VAL E 705 37.57 41.90 41.15
CA VAL E 705 37.51 42.10 42.60
C VAL E 705 36.23 42.83 42.98
N TYR E 706 35.88 43.87 42.23
CA TYR E 706 34.68 44.64 42.55
C TYR E 706 33.42 43.78 42.42
N ILE E 707 33.32 42.99 41.36
CA ILE E 707 32.14 42.14 41.18
C ILE E 707 32.10 41.06 42.26
N GLY E 708 33.27 40.64 42.76
CA GLY E 708 33.30 39.73 43.88
C GLY E 708 32.79 40.38 45.16
N ILE E 709 33.06 41.66 45.34
CA ILE E 709 32.58 42.36 46.53
C ILE E 709 31.14 42.84 46.37
N GLY E 710 30.75 43.33 45.20
CA GLY E 710 29.37 43.70 44.96
C GLY E 710 29.09 45.18 44.91
N LYS E 711 29.95 45.96 44.27
CA LYS E 711 29.73 47.38 44.03
C LYS E 711 29.74 47.65 42.54
N PRO E 712 28.66 48.15 41.95
CA PRO E 712 28.60 48.28 40.49
C PRO E 712 29.22 49.57 39.96
N ALA E 713 29.35 50.60 40.80
CA ALA E 713 29.79 51.91 40.34
C ALA E 713 31.20 51.89 39.76
N GLU E 714 32.20 51.60 40.60
CA GLU E 714 33.56 51.59 40.11
C GLU E 714 33.83 50.40 39.20
N ALA E 715 33.07 49.31 39.34
CA ALA E 715 33.18 48.22 38.38
C ALA E 715 32.81 48.69 36.98
N THR E 716 31.71 49.43 36.86
CA THR E 716 31.32 49.98 35.57
C THR E 716 32.33 51.02 35.09
N ALA E 717 32.87 51.83 36.00
CA ALA E 717 33.88 52.80 35.62
C ALA E 717 35.10 52.10 35.03
N CYS E 718 35.58 51.05 35.70
CA CYS E 718 36.74 50.31 35.23
C CYS E 718 36.46 49.61 33.90
N THR E 719 35.26 49.03 33.76
CA THR E 719 34.96 48.35 32.50
C THR E 719 34.82 49.34 31.36
N GLN E 720 34.32 50.56 31.62
CA GLN E 720 34.30 51.59 30.59
C GLN E 720 35.70 52.03 30.22
N GLU E 721 36.58 52.17 31.23
CA GLU E 721 37.97 52.53 30.94
C GLU E 721 38.63 51.47 30.08
N ALA E 722 38.38 50.19 30.39
CA ALA E 722 38.93 49.10 29.57
C ALA E 722 38.35 49.13 28.15
N ALA E 723 37.04 49.35 28.03
CA ALA E 723 36.40 49.39 26.73
C ALA E 723 36.85 50.58 25.89
N ASN E 724 37.40 51.63 26.53
CA ASN E 724 37.92 52.76 25.77
C ASN E 724 38.97 52.31 24.76
N LEU E 725 39.84 51.38 25.14
CA LEU E 725 40.89 50.92 24.25
C LEU E 725 40.32 49.96 23.19
N PHE E 726 39.78 48.83 23.64
CA PHE E 726 39.23 47.82 22.73
C PHE E 726 37.74 47.66 22.99
N PRO E 727 36.87 48.10 22.08
CA PRO E 727 35.42 47.97 22.28
C PRO E 727 34.81 46.66 21.78
N MET E 728 35.61 45.75 21.22
CA MET E 728 35.07 44.55 20.59
C MET E 728 35.57 43.24 21.21
N SER E 729 36.40 43.29 22.24
CA SER E 729 36.88 42.07 22.86
C SER E 729 35.75 41.34 23.58
N HIS E 730 35.89 40.02 23.69
CA HIS E 730 34.85 39.21 24.30
C HIS E 730 34.84 39.30 25.82
N ASN E 731 36.02 39.44 26.44
CA ASN E 731 36.08 39.44 27.90
C ASN E 731 35.41 40.66 28.51
N VAL E 732 35.53 41.82 27.87
CA VAL E 732 34.85 43.00 28.38
C VAL E 732 33.33 42.81 28.29
N LEU E 733 32.85 42.17 27.22
CA LEU E 733 31.43 41.87 27.12
C LEU E 733 30.99 40.88 28.18
N TYR E 734 31.85 39.90 28.50
CA TYR E 734 31.53 38.96 29.58
C TYR E 734 31.43 39.68 30.92
N MET E 735 32.36 40.59 31.20
CA MET E 735 32.30 41.38 32.43
C MET E 735 31.04 42.23 32.47
N ARG E 736 30.67 42.82 31.33
CA ARG E 736 29.46 43.63 31.25
C ARG E 736 28.23 42.78 31.53
N GLY E 737 28.19 41.56 30.99
CA GLY E 737 27.09 40.66 31.29
C GLY E 737 27.02 40.27 32.75
N GLN E 738 28.19 40.07 33.37
CA GLN E 738 28.21 39.78 34.81
C GLN E 738 27.65 40.95 35.61
N ILE E 739 28.02 42.17 35.23
CA ILE E 739 27.49 43.36 35.91
C ILE E 739 25.98 43.45 35.70
N ALA E 740 25.51 43.12 34.50
CA ALA E 740 24.07 43.15 34.24
C ALA E 740 23.34 42.13 35.09
N GLU E 741 23.93 40.94 35.27
CA GLU E 741 23.33 39.95 36.15
C GLU E 741 23.26 40.45 37.59
N LEU E 742 24.35 41.06 38.07
CA LEU E 742 24.36 41.54 39.44
C LEU E 742 23.32 42.63 39.65
N ARG E 743 23.17 43.53 38.68
CA ARG E 743 22.24 44.64 38.83
C ARG E 743 20.80 44.13 39.00
N GLY E 744 20.46 43.04 38.32
CA GLY E 744 19.15 42.44 38.50
C GLY E 744 18.34 42.37 37.23
N SER E 745 19.03 42.32 36.09
CA SER E 745 18.41 42.24 34.78
C SER E 745 18.91 41.00 34.05
N MET E 746 18.03 40.39 33.25
CA MET E 746 18.35 39.13 32.62
C MET E 746 18.36 39.18 31.09
N ASP E 747 17.41 39.87 30.47
CA ASP E 747 17.36 39.88 29.00
C ASP E 747 18.57 40.57 28.41
N GLU E 748 18.99 41.69 28.99
CA GLU E 748 20.18 42.38 28.50
C GLU E 748 21.44 41.55 28.74
N ALA E 749 21.48 40.81 29.84
CA ALA E 749 22.62 39.91 30.09
C ALA E 749 22.72 38.87 28.99
N ARG E 750 21.59 38.26 28.62
CA ARG E 750 21.63 37.25 27.56
C ARG E 750 21.94 37.89 26.21
N ARG E 751 21.50 39.13 25.98
CA ARG E 751 21.87 39.83 24.75
C ARG E 751 23.37 40.05 24.68
N TRP E 752 23.97 40.50 25.78
CA TRP E 752 25.42 40.72 25.81
C TRP E 752 26.16 39.40 25.62
N TYR E 753 25.68 38.32 26.23
CA TYR E 753 26.33 37.02 26.07
C TYR E 753 26.25 36.54 24.63
N GLU E 754 25.09 36.71 23.99
CA GLU E 754 24.97 36.33 22.59
C GLU E 754 25.88 37.15 21.70
N GLU E 755 26.00 38.45 21.98
CA GLU E 755 26.92 39.28 21.23
C GLU E 755 28.36 38.81 21.41
N ALA E 756 28.73 38.46 22.64
CA ALA E 756 30.11 38.04 22.91
C ALA E 756 30.42 36.69 22.25
N LEU E 757 29.45 35.78 22.24
CA LEU E 757 29.71 34.43 21.74
C LEU E 757 29.90 34.39 20.23
N ALA E 758 29.44 35.41 19.52
CA ALA E 758 29.64 35.47 18.07
C ALA E 758 31.05 35.86 17.68
N ILE E 759 31.85 36.36 18.60
CA ILE E 759 33.23 36.76 18.30
C ILE E 759 34.20 35.60 18.51
N SER E 760 34.13 34.95 19.66
CA SER E 760 35.01 33.83 19.99
C SER E 760 34.13 32.66 20.43
N PRO E 761 33.65 31.86 19.47
CA PRO E 761 32.78 30.72 19.82
C PRO E 761 33.45 29.64 20.63
N THR E 762 34.73 29.78 20.98
CA THR E 762 35.43 28.82 21.81
C THR E 762 35.50 29.23 23.27
N HIS E 763 34.95 30.38 23.63
CA HIS E 763 34.86 30.76 25.04
C HIS E 763 33.93 29.80 25.77
N VAL E 764 34.27 29.49 27.01
CA VAL E 764 33.62 28.42 27.76
C VAL E 764 32.69 28.95 28.84
N LYS E 765 33.03 30.07 29.48
CA LYS E 765 32.19 30.57 30.57
C LYS E 765 30.85 31.07 30.05
N SER E 766 30.86 31.74 28.90
CA SER E 766 29.63 32.30 28.36
C SER E 766 28.61 31.21 28.05
N MET E 767 29.07 30.05 27.55
CA MET E 767 28.16 28.97 27.24
C MET E 767 27.39 28.52 28.49
N GLN E 768 28.12 28.26 29.58
CA GLN E 768 27.46 27.76 30.79
C GLN E 768 26.58 28.84 31.41
N ARG E 769 27.00 30.11 31.37
CA ARG E 769 26.17 31.17 31.94
C ARG E 769 24.88 31.34 31.14
N LEU E 770 24.98 31.32 29.81
CA LEU E 770 23.78 31.42 28.98
C LEU E 770 22.89 30.19 29.14
N ALA E 771 23.49 29.02 29.34
CA ALA E 771 22.70 27.83 29.61
C ALA E 771 21.93 27.97 30.92
N LEU E 772 22.58 28.53 31.94
CA LEU E 772 21.87 28.78 33.19
C LEU E 772 20.73 29.76 33.00
N ILE E 773 20.96 30.84 32.24
CA ILE E 773 19.92 31.83 31.99
C ILE E 773 18.75 31.18 31.25
N LEU E 774 19.04 30.37 30.24
CA LEU E 774 17.98 29.70 29.49
C LEU E 774 17.22 28.71 30.37
N HIS E 775 17.93 27.99 31.24
CA HIS E 775 17.26 27.10 32.18
C HIS E 775 16.34 27.86 33.11
N GLN E 776 16.71 29.07 33.49
CA GLN E 776 15.81 29.91 34.28
C GLN E 776 14.64 30.45 33.46
N LEU E 777 14.47 30.05 32.19
CA LEU E 777 13.38 30.53 31.36
C LEU E 777 12.40 29.45 30.93
N GLY E 778 12.80 28.19 30.92
CA GLY E 778 11.94 27.09 30.52
C GLY E 778 12.42 26.31 29.32
N ARG E 779 13.22 26.90 28.45
CA ARG E 779 13.79 26.19 27.31
C ARG E 779 14.90 25.27 27.79
N TYR E 780 14.82 23.99 27.43
CA TYR E 780 15.68 22.96 28.00
C TYR E 780 16.62 22.34 26.99
N SER E 781 16.12 21.96 25.81
CA SER E 781 16.95 21.25 24.83
C SER E 781 18.10 22.12 24.35
N LEU E 782 17.87 23.43 24.18
CA LEU E 782 18.94 24.31 23.76
C LEU E 782 20.05 24.37 24.81
N ALA E 783 19.68 24.46 26.09
CA ALA E 783 20.70 24.44 27.13
C ALA E 783 21.45 23.12 27.15
N GLU E 784 20.72 22.02 26.96
CA GLU E 784 21.37 20.70 26.94
C GLU E 784 22.38 20.58 25.81
N LYS E 785 22.00 21.03 24.61
CA LYS E 785 22.90 20.93 23.47
C LYS E 785 24.10 21.88 23.63
N ILE E 786 23.87 23.07 24.20
CA ILE E 786 24.97 23.99 24.45
C ILE E 786 25.96 23.37 25.43
N LEU E 787 25.47 22.74 26.49
CA LEU E 787 26.36 22.10 27.44
C LEU E 787 27.08 20.90 26.83
N ARG E 788 26.40 20.17 25.93
CA ARG E 788 27.07 19.08 25.23
C ARG E 788 28.21 19.60 24.36
N ASP E 789 27.98 20.71 23.65
CA ASP E 789 29.06 21.33 22.89
C ASP E 789 30.19 21.77 23.81
N ALA E 790 29.85 22.33 24.96
CA ALA E 790 30.88 22.78 25.89
C ALA E 790 31.74 21.63 26.39
N VAL E 791 31.10 20.51 26.75
CA VAL E 791 31.89 19.37 27.22
C VAL E 791 32.67 18.75 26.07
N GLN E 792 32.16 18.84 24.84
CA GLN E 792 32.93 18.41 23.69
C GLN E 792 34.19 19.24 23.54
N VAL E 793 34.08 20.56 23.70
CA VAL E 793 35.24 21.42 23.52
C VAL E 793 36.26 21.19 24.63
N ASN E 794 35.82 21.17 25.88
CA ASN E 794 36.70 20.97 27.02
C ASN E 794 36.02 20.06 28.02
N SER E 795 36.83 19.27 28.74
CA SER E 795 36.31 18.30 29.69
C SER E 795 37.07 18.33 31.01
N THR E 796 37.61 19.48 31.40
CA THR E 796 38.33 19.62 32.66
C THR E 796 37.67 20.59 33.61
N ALA E 797 36.46 21.07 33.30
CA ALA E 797 35.74 22.01 34.15
C ALA E 797 34.62 21.29 34.88
N HIS E 798 34.43 21.65 36.15
CA HIS E 798 33.43 21.00 36.98
C HIS E 798 32.07 21.69 36.96
N GLU E 799 32.04 23.01 36.81
CA GLU E 799 30.76 23.72 36.84
C GLU E 799 29.87 23.33 35.68
N VAL E 800 30.44 23.06 34.51
CA VAL E 800 29.63 22.59 33.38
C VAL E 800 29.01 21.25 33.71
N TRP E 801 29.79 20.35 34.32
CA TRP E 801 29.25 19.06 34.74
C TRP E 801 28.12 19.23 35.75
N ASN E 802 28.31 20.14 36.71
CA ASN E 802 27.28 20.37 37.73
C ASN E 802 26.00 20.90 37.09
N GLY E 803 26.13 21.84 36.15
CA GLY E 803 24.95 22.35 35.47
C GLY E 803 24.26 21.30 34.63
N LEU E 804 25.04 20.44 33.98
CA LEU E 804 24.47 19.35 33.20
C LEU E 804 23.70 18.39 34.09
N GLY E 805 24.26 18.07 35.26
CA GLY E 805 23.53 17.24 36.21
C GLY E 805 22.27 17.92 36.70
N GLU E 806 22.33 19.23 36.93
CA GLU E 806 21.16 19.96 37.40
C GLU E 806 20.04 19.94 36.38
N VAL E 807 20.36 20.15 35.10
CA VAL E 807 19.32 20.13 34.07
C VAL E 807 18.82 18.70 33.85
N LEU E 808 19.72 17.72 33.91
CA LEU E 808 19.30 16.33 33.78
C LEU E 808 18.37 15.91 34.92
N GLN E 809 18.52 16.53 36.09
CA GLN E 809 17.60 16.28 37.19
C GLN E 809 16.16 16.61 36.78
N ALA E 810 15.97 17.73 36.09
CA ALA E 810 14.65 18.04 35.55
C ALA E 810 14.30 17.13 34.37
N GLN E 811 15.30 16.71 33.59
CA GLN E 811 15.02 15.85 32.44
C GLN E 811 14.42 14.51 32.87
N GLY E 812 14.99 13.89 33.91
CA GLY E 812 14.48 12.65 34.47
C GLY E 812 15.51 11.53 34.55
N ASN E 813 16.51 11.56 33.68
CA ASN E 813 17.53 10.51 33.65
C ASN E 813 18.46 10.73 34.83
N ASP E 814 18.08 10.16 35.98
CA ASP E 814 18.75 10.48 37.24
C ASP E 814 20.09 9.77 37.40
N ALA E 815 20.24 8.55 36.86
CA ALA E 815 21.48 7.81 37.06
C ALA E 815 22.67 8.52 36.42
N ALA E 816 22.53 8.94 35.17
CA ALA E 816 23.59 9.70 34.52
C ALA E 816 23.83 11.02 35.22
N ALA E 817 22.77 11.63 35.78
CA ALA E 817 22.94 12.86 36.54
C ALA E 817 23.83 12.63 37.75
N THR E 818 23.60 11.54 38.48
CA THR E 818 24.44 11.22 39.63
C THR E 818 25.86 10.93 39.19
N GLU E 819 26.02 10.24 38.06
CA GLU E 819 27.37 9.98 37.54
C GLU E 819 28.09 11.28 37.22
N CYS E 820 27.39 12.23 36.60
CA CYS E 820 28.00 13.54 36.34
C CYS E 820 28.31 14.28 37.63
N PHE E 821 27.47 14.14 38.66
CA PHE E 821 27.74 14.80 39.93
C PHE E 821 29.02 14.26 40.57
N LEU E 822 29.19 12.93 40.56
CA LEU E 822 30.41 12.37 41.15
C LEU E 822 31.63 12.72 40.30
N THR E 823 31.47 12.73 38.97
CA THR E 823 32.55 13.20 38.11
C THR E 823 32.93 14.63 38.48
N ALA E 824 31.94 15.48 38.71
CA ALA E 824 32.20 16.87 39.04
C ALA E 824 32.94 17.01 40.36
N LEU E 825 32.53 16.26 41.39
CA LEU E 825 33.19 16.45 42.68
C LEU E 825 34.61 15.89 42.65
N GLU E 826 34.82 14.75 41.97
CA GLU E 826 36.18 14.24 41.88
C GLU E 826 37.07 15.12 41.03
N LEU E 827 36.51 15.80 40.03
CA LEU E 827 37.29 16.77 39.27
C LEU E 827 37.64 17.98 40.11
N GLU E 828 36.68 18.50 40.86
CA GLU E 828 36.90 19.67 41.70
C GLU E 828 37.83 19.36 42.86
N ALA E 829 38.01 18.08 43.21
CA ALA E 829 38.84 17.72 44.35
C ALA E 829 40.26 18.28 44.23
N SER E 830 40.77 18.45 43.01
CA SER E 830 42.11 18.97 42.81
C SER E 830 42.12 20.03 41.71
N SER E 831 41.12 20.91 41.72
CA SER E 831 41.07 22.00 40.74
C SER E 831 41.96 23.14 41.19
N PRO E 832 42.91 23.58 40.37
CA PRO E 832 43.82 24.64 40.78
C PRO E 832 43.17 26.02 40.66
N ALA E 833 43.80 27.00 41.32
CA ALA E 833 43.31 28.38 41.24
C ALA E 833 43.47 28.94 39.84
N VAL E 834 44.58 28.63 39.18
CA VAL E 834 44.86 29.14 37.82
C VAL E 834 45.13 27.95 36.91
N PRO E 835 44.59 27.93 35.70
CA PRO E 835 44.91 26.84 34.77
C PRO E 835 46.40 26.75 34.49
N PHE E 836 46.89 25.53 34.33
CA PHE E 836 48.33 25.28 34.23
C PHE E 836 48.94 25.82 32.94
N THR E 837 48.13 26.01 31.89
CA THR E 837 48.66 26.43 30.60
C THR E 837 49.15 27.88 30.59
N ILE E 838 49.13 28.58 31.72
CA ILE E 838 49.62 29.95 31.76
C ILE E 838 51.13 29.99 31.53
N ILE E 839 51.85 29.02 32.09
CA ILE E 839 53.31 29.00 31.96
C ILE E 839 53.68 28.81 30.49
N PRO E 840 54.59 29.62 29.93
CA PRO E 840 54.93 29.49 28.52
C PRO E 840 55.57 28.13 28.21
N ARG E 841 55.28 27.63 27.02
CA ARG E 841 55.80 26.35 26.55
C ARG E 841 56.72 26.61 25.37
N VAL E 842 57.99 26.91 25.68
CA VAL E 842 59.00 27.17 24.66
C VAL E 842 60.30 26.50 25.09
N LEU E 843 61.21 26.34 24.13
CA LEU E 843 62.54 25.80 24.42
C LEU E 843 63.36 26.77 25.26
N GLY F 7 101.40 34.51 57.59
CA GLY F 7 102.18 34.79 56.39
C GLY F 7 102.75 36.19 56.36
N VAL F 8 102.36 36.96 55.35
CA VAL F 8 102.84 38.33 55.20
C VAL F 8 101.71 39.36 55.28
N VAL F 9 100.45 38.95 55.17
CA VAL F 9 99.34 39.91 55.17
C VAL F 9 99.22 40.61 56.51
N GLU F 10 99.48 39.88 57.61
CA GLU F 10 99.38 40.48 58.94
C GLU F 10 100.39 41.62 59.09
N GLU F 11 101.65 41.37 58.74
CA GLU F 11 102.66 42.43 58.81
C GLU F 11 102.36 43.54 57.82
N TRP F 12 101.82 43.19 56.65
CA TRP F 12 101.48 44.18 55.65
C TRP F 12 100.43 45.15 56.17
N LEU F 13 99.39 44.62 56.83
CA LEU F 13 98.36 45.48 57.39
C LEU F 13 98.86 46.23 58.62
N SER F 14 99.76 45.63 59.39
CA SER F 14 100.33 46.34 60.53
C SER F 14 101.13 47.56 60.08
N GLU F 15 101.95 47.40 59.04
CA GLU F 15 102.74 48.52 58.54
C GLU F 15 101.91 49.49 57.72
N PHE F 16 100.82 49.02 57.09
CA PHE F 16 100.03 49.89 56.22
C PHE F 16 99.31 50.97 57.02
N LYS F 17 98.66 50.59 58.11
CA LYS F 17 97.91 51.55 58.92
C LYS F 17 98.76 52.06 60.07
N LEU F 24 104.64 60.44 48.11
CA LEU F 24 103.24 60.09 48.36
C LEU F 24 102.61 59.28 47.21
N PRO F 25 102.72 59.73 45.95
CA PRO F 25 102.16 58.94 44.84
C PRO F 25 102.86 57.60 44.63
N ASN F 26 104.08 57.42 45.15
CA ASN F 26 104.84 56.19 44.99
C ASN F 26 104.64 55.23 46.16
N TYR F 27 103.62 55.46 46.98
CA TYR F 27 103.35 54.58 48.12
C TYR F 27 102.94 53.18 47.70
N ALA F 28 102.57 52.97 46.44
CA ALA F 28 102.18 51.66 45.94
C ALA F 28 103.36 50.83 45.46
N THR F 29 104.51 51.45 45.19
CA THR F 29 105.69 50.71 44.74
C THR F 29 106.95 51.54 44.95
N LYS F 34 104.13 47.44 47.20
CA LYS F 34 105.54 47.80 47.04
C LYS F 34 106.29 46.73 46.28
N SER F 35 107.50 46.41 46.75
CA SER F 35 108.31 45.38 46.11
C SER F 35 107.82 43.98 46.47
N SER F 36 107.28 43.79 47.67
CA SER F 36 106.81 42.49 48.12
C SER F 36 105.40 42.16 47.65
N LEU F 37 104.86 42.97 46.73
CA LEU F 37 103.49 42.73 46.26
C LEU F 37 103.36 41.37 45.59
N VAL F 38 104.30 41.04 44.69
CA VAL F 38 104.23 39.78 43.97
C VAL F 38 104.42 38.61 44.93
N SER F 39 105.37 38.72 45.86
CA SER F 39 105.60 37.64 46.81
C SER F 39 104.38 37.39 47.68
N SER F 40 103.79 38.46 48.22
CA SER F 40 102.60 38.32 49.04
C SER F 40 101.44 37.74 48.22
N LEU F 41 101.28 38.20 46.98
CA LEU F 41 100.24 37.67 46.11
C LEU F 41 100.39 36.17 45.93
N TYR F 42 101.58 35.73 45.52
CA TYR F 42 101.79 34.31 45.29
C TYR F 42 101.68 33.49 46.58
N LYS F 43 102.00 34.10 47.72
CA LYS F 43 101.93 33.37 48.98
C LYS F 43 100.50 33.19 49.48
N VAL F 44 99.66 34.23 49.39
CA VAL F 44 98.39 34.22 50.08
C VAL F 44 97.18 34.17 49.14
N ILE F 45 97.26 34.78 47.95
CA ILE F 45 96.06 34.97 47.13
C ILE F 45 95.53 33.67 46.53
N GLN F 46 96.33 32.60 46.54
CA GLN F 46 95.88 31.33 45.96
C GLN F 46 94.66 30.80 46.70
N GLU F 47 94.68 30.84 48.04
CA GLU F 47 93.52 30.37 48.78
C GLU F 47 92.66 31.56 49.18
N PRO F 48 91.33 31.49 48.97
CA PRO F 48 90.45 32.59 49.37
C PRO F 48 89.80 32.42 50.74
N GLN F 49 89.96 31.26 51.36
CA GLN F 49 89.28 30.99 52.63
C GLN F 49 90.04 31.59 53.81
N SER F 50 90.27 32.90 53.75
CA SER F 50 90.90 33.66 54.82
C SER F 50 89.93 34.78 55.20
N GLU F 51 89.11 34.52 56.23
CA GLU F 51 88.12 35.52 56.66
C GLU F 51 88.80 36.78 57.18
N LEU F 52 90.03 36.68 57.68
CA LEU F 52 90.78 37.86 58.08
C LEU F 52 91.05 38.79 56.91
N LEU F 53 90.96 38.29 55.68
CA LEU F 53 91.11 39.13 54.50
C LEU F 53 89.81 39.84 54.12
N GLU F 54 88.70 39.55 54.80
CA GLU F 54 87.45 40.25 54.50
C GLU F 54 87.57 41.77 54.64
N PRO F 55 88.22 42.33 55.66
CA PRO F 55 88.54 43.76 55.58
C PRO F 55 89.70 44.03 54.64
N VAL F 56 90.68 43.12 54.58
CA VAL F 56 91.88 43.34 53.78
C VAL F 56 91.51 43.51 52.31
N CYS F 57 90.64 42.64 51.80
CA CYS F 57 90.15 42.84 50.43
C CYS F 57 89.40 44.16 50.32
N HIS F 58 88.56 44.46 51.32
CA HIS F 58 87.97 45.80 51.38
C HIS F 58 89.03 46.87 51.58
N GLN F 59 90.12 46.53 52.26
CA GLN F 59 91.27 47.41 52.30
C GLN F 59 91.83 47.62 50.90
N LEU F 60 91.90 46.53 50.11
CA LEU F 60 92.20 46.67 48.69
C LEU F 60 91.21 47.61 48.03
N PHE F 61 89.95 47.53 48.45
CA PHE F 61 88.90 48.42 47.94
C PHE F 61 89.22 49.88 48.26
N GLU F 62 89.87 50.13 49.40
CA GLU F 62 90.29 51.49 49.72
C GLU F 62 91.31 52.02 48.72
N PHE F 63 92.12 51.14 48.13
CA PHE F 63 93.03 51.61 47.10
C PHE F 63 92.29 52.21 45.92
N TYR F 64 90.99 51.92 45.78
CA TYR F 64 90.20 52.49 44.70
C TYR F 64 89.68 53.89 44.98
N ARG F 65 89.82 54.41 46.21
CA ARG F 65 89.33 55.78 46.44
C ARG F 65 90.22 56.84 45.79
N SER F 66 91.40 56.46 45.31
CA SER F 66 92.25 57.39 44.58
C SER F 66 91.89 57.40 43.10
N GLY F 67 92.16 58.52 42.45
CA GLY F 67 92.01 58.65 41.02
C GLY F 67 93.20 58.18 40.23
N GLU F 68 94.24 57.69 40.89
CA GLU F 68 95.44 57.24 40.22
C GLU F 68 95.21 55.88 39.57
N GLU F 69 95.84 55.66 38.41
CA GLU F 69 95.53 54.48 37.59
C GLU F 69 96.15 53.21 38.17
N GLN F 70 97.36 53.30 38.73
CA GLN F 70 98.04 52.09 39.21
C GLN F 70 97.27 51.44 40.35
N LEU F 71 96.73 52.24 41.27
CA LEU F 71 95.89 51.69 42.33
C LEU F 71 94.60 51.08 41.76
N LEU F 72 94.10 51.63 40.66
CA LEU F 72 92.94 51.05 40.00
C LEU F 72 93.27 49.72 39.34
N GLN F 73 94.51 49.54 38.87
CA GLN F 73 94.85 48.37 38.07
C GLN F 73 95.08 47.14 38.95
N PHE F 74 96.05 47.20 39.86
CA PHE F 74 96.43 46.02 40.62
C PHE F 74 95.34 45.54 41.58
N THR F 75 94.33 46.37 41.85
CA THR F 75 93.18 45.96 42.65
C THR F 75 92.09 45.31 41.80
N LEU F 76 92.29 45.20 40.49
CA LEU F 76 91.27 44.73 39.57
C LEU F 76 91.50 43.30 39.09
N GLN F 77 92.75 42.83 39.03
CA GLN F 77 93.04 41.49 38.54
C GLN F 77 92.63 40.40 39.51
N PHE F 78 92.36 40.74 40.77
CA PHE F 78 92.11 39.72 41.78
C PHE F 78 90.70 39.14 41.69
N LEU F 79 89.75 39.91 41.16
CA LEU F 79 88.35 39.55 41.30
C LEU F 79 87.87 38.32 40.52
N PRO F 80 88.46 37.93 39.38
CA PRO F 80 87.95 36.71 38.71
C PRO F 80 88.03 35.44 39.57
N GLU F 81 89.15 35.25 40.28
CA GLU F 81 89.30 34.01 41.05
C GLU F 81 88.38 33.99 42.26
N LEU F 82 88.24 35.12 42.95
CA LEU F 82 87.29 35.20 44.05
C LEU F 82 85.86 35.07 43.54
N ILE F 83 85.58 35.57 42.34
CA ILE F 83 84.27 35.39 41.73
C ILE F 83 83.99 33.91 41.53
N TRP F 84 84.95 33.18 40.97
CA TRP F 84 84.78 31.73 40.79
C TRP F 84 84.53 31.04 42.13
N CYS F 85 85.39 31.31 43.12
CA CYS F 85 85.31 30.61 44.40
C CYS F 85 84.00 30.90 45.10
N TYR F 86 83.62 32.18 45.23
CA TYR F 86 82.43 32.52 45.99
C TYR F 86 81.15 32.42 45.16
N LEU F 87 81.25 32.22 43.84
CA LEU F 87 80.08 31.83 43.06
C LEU F 87 79.80 30.35 43.25
N ALA F 88 80.85 29.53 43.35
CA ALA F 88 80.66 28.15 43.77
C ALA F 88 80.11 28.09 45.19
N VAL F 89 80.61 28.96 46.07
CA VAL F 89 80.15 28.99 47.45
C VAL F 89 78.71 29.49 47.55
N SER F 90 78.33 30.42 46.69
CA SER F 90 77.06 31.15 46.87
C SER F 90 75.85 30.21 46.77
N ALA F 91 75.86 29.31 45.80
CA ALA F 91 74.71 28.47 45.51
C ALA F 91 75.03 26.98 45.71
N SER F 92 75.70 26.66 46.81
CA SER F 92 76.02 25.28 47.12
C SER F 92 75.56 24.93 48.54
N VAL F 95 85.06 25.06 51.44
CA VAL F 95 83.85 24.27 51.58
C VAL F 95 82.77 25.09 52.27
N HIS F 96 83.16 25.83 53.31
CA HIS F 96 82.21 26.69 54.01
C HIS F 96 81.75 27.82 53.08
N SER F 97 80.46 28.14 53.15
CA SER F 97 79.84 29.11 52.27
C SER F 97 79.55 30.38 53.05
N SER F 98 80.28 31.46 52.72
CA SER F 98 80.07 32.77 53.33
C SER F 98 79.59 33.79 52.30
N GLY F 99 80.34 33.99 51.23
CA GLY F 99 79.93 34.88 50.16
C GLY F 99 79.65 36.31 50.56
N CYS F 100 80.69 37.04 50.98
CA CYS F 100 80.56 38.42 51.41
C CYS F 100 81.30 39.37 50.48
N ILE F 101 81.50 38.98 49.22
CA ILE F 101 82.13 39.84 48.23
C ILE F 101 81.16 40.78 47.55
N GLU F 102 79.87 40.68 47.87
CA GLU F 102 78.88 41.55 47.24
C GLU F 102 79.13 43.02 47.56
N ALA F 103 79.63 43.32 48.77
CA ALA F 103 79.98 44.69 49.10
C ALA F 103 81.09 45.21 48.20
N LEU F 104 82.13 44.39 47.98
CA LEU F 104 83.20 44.78 47.07
C LEU F 104 82.67 44.99 45.66
N LEU F 105 81.79 44.09 45.21
CA LEU F 105 81.31 44.17 43.84
C LEU F 105 80.46 45.43 43.64
N LEU F 106 79.60 45.73 44.61
CA LEU F 106 78.83 46.97 44.58
C LEU F 106 79.74 48.18 44.60
N GLY F 107 80.79 48.15 45.43
CA GLY F 107 81.70 49.28 45.50
C GLY F 107 82.40 49.55 44.19
N VAL F 108 82.90 48.49 43.53
CA VAL F 108 83.58 48.69 42.25
C VAL F 108 82.58 49.13 41.19
N TYR F 109 81.35 48.62 41.24
CA TYR F 109 80.32 49.10 40.33
C TYR F 109 80.06 50.59 40.51
N ASN F 110 79.92 51.03 41.76
CA ASN F 110 79.76 52.46 42.03
C ASN F 110 80.92 53.25 41.47
N LEU F 111 82.15 52.84 41.80
CA LEU F 111 83.33 53.54 41.31
C LEU F 111 83.35 53.60 39.78
N GLU F 112 82.79 52.60 39.11
CA GLU F 112 82.71 52.63 37.66
C GLU F 112 81.52 53.46 37.21
N ILE F 113 80.63 53.87 38.13
CA ILE F 113 79.49 54.69 37.75
C ILE F 113 79.42 56.04 38.47
N VAL F 114 80.08 56.22 39.61
CA VAL F 114 79.83 57.42 40.41
C VAL F 114 80.50 58.65 39.80
N ASP F 115 81.80 58.57 39.53
CA ASP F 115 82.60 59.78 39.27
C ASP F 115 83.44 59.65 37.99
N LYS F 116 82.81 59.93 36.85
CA LYS F 116 83.55 60.41 35.68
C LYS F 116 82.96 61.74 35.25
N GLN F 117 81.63 61.78 35.17
CA GLN F 117 80.89 62.97 34.72
C GLN F 117 79.63 63.18 35.56
N GLY F 118 79.55 62.58 36.74
CA GLY F 118 78.36 62.65 37.56
C GLY F 118 77.28 61.65 37.22
N HIS F 119 77.57 60.67 36.36
CA HIS F 119 76.57 59.71 35.95
C HIS F 119 77.26 58.41 35.54
N THR F 120 76.45 57.37 35.38
CA THR F 120 76.94 56.07 34.93
C THR F 120 77.60 56.21 33.56
N LYS F 121 78.63 55.40 33.32
CA LYS F 121 79.44 55.51 32.11
C LYS F 121 78.60 55.06 30.92
N VAL F 122 77.75 55.98 30.45
CA VAL F 122 76.91 55.73 29.29
C VAL F 122 77.76 55.94 28.04
N LEU F 123 78.38 54.87 27.56
CA LEU F 123 79.25 54.93 26.40
C LEU F 123 78.39 54.86 25.14
N SER F 124 78.40 55.93 24.35
CA SER F 124 77.56 56.05 23.17
C SER F 124 78.32 56.84 22.12
N PHE F 125 78.67 56.18 21.01
CA PHE F 125 79.43 56.79 19.95
C PHE F 125 78.55 57.07 18.74
N THR F 126 79.02 57.95 17.87
CA THR F 126 78.34 58.23 16.61
C THR F 126 78.81 57.24 15.57
N ILE F 127 77.88 56.53 14.94
CA ILE F 127 78.21 55.45 14.02
C ILE F 127 78.99 56.01 12.83
N PRO F 128 79.88 55.24 12.21
CA PRO F 128 80.54 55.70 10.99
C PRO F 128 79.50 55.97 9.91
N SER F 129 79.73 57.05 9.17
CA SER F 129 78.80 57.48 8.12
C SER F 129 79.26 56.86 6.81
N LEU F 130 78.64 55.73 6.44
CA LEU F 130 79.03 55.04 5.22
C LEU F 130 78.76 55.89 3.98
N SER F 131 77.66 56.62 3.98
CA SER F 131 77.23 57.39 2.81
C SER F 131 77.50 58.89 2.95
N LYS F 132 78.47 59.27 3.78
CA LYS F 132 78.83 60.66 3.95
C LYS F 132 80.33 60.85 3.77
N PRO F 133 80.76 61.87 3.02
CA PRO F 133 82.19 62.10 2.84
C PRO F 133 82.88 62.41 4.16
N SER F 134 84.13 61.97 4.26
CA SER F 134 84.94 62.20 5.45
C SER F 134 86.40 62.38 5.01
N VAL F 135 87.29 62.45 5.99
CA VAL F 135 88.70 62.66 5.69
C VAL F 135 89.31 61.45 5.00
N TYR F 136 88.90 60.24 5.40
CA TYR F 136 89.53 59.02 4.94
C TYR F 136 88.77 58.32 3.83
N HIS F 137 87.45 58.20 3.94
CA HIS F 137 86.65 57.55 2.90
C HIS F 137 85.58 58.54 2.44
N GLU F 138 85.43 58.67 1.12
CA GLU F 138 84.50 59.62 0.51
C GLU F 138 83.60 58.89 -0.46
N PRO F 139 82.36 58.59 -0.06
CA PRO F 139 81.41 57.91 -0.97
C PRO F 139 80.70 58.83 -1.95
N SER F 140 80.90 60.14 -1.87
CA SER F 140 80.23 61.06 -2.79
C SER F 140 80.83 60.98 -4.18
N SER F 141 82.07 60.50 -4.31
CA SER F 141 82.72 60.39 -5.60
C SER F 141 82.04 59.37 -6.50
N LEU F 157 75.46 59.63 10.01
CA LEU F 157 75.31 60.30 11.30
C LEU F 157 74.18 59.68 12.11
N SER F 158 74.52 58.87 13.10
CA SER F 158 73.54 58.25 13.97
C SER F 158 74.19 57.95 15.32
N LYS F 159 73.42 58.08 16.38
CA LYS F 159 73.90 57.87 17.75
C LYS F 159 73.29 56.58 18.30
N VAL F 160 74.15 55.69 18.77
CA VAL F 160 73.73 54.44 19.39
C VAL F 160 74.33 54.35 20.78
N VAL F 161 73.50 54.06 21.77
CA VAL F 161 73.96 53.89 23.15
C VAL F 161 74.35 52.43 23.35
N TYR F 162 75.63 52.12 23.19
CA TYR F 162 76.09 50.74 23.27
C TYR F 162 76.54 50.34 24.68
N SER F 163 76.54 51.28 25.63
CA SER F 163 76.82 50.92 27.01
C SER F 163 76.07 51.86 27.94
N GLY F 164 75.41 51.30 28.94
CA GLY F 164 74.69 52.07 29.93
C GLY F 164 73.35 52.56 29.40
N PRO F 165 72.56 53.21 30.28
CA PRO F 165 72.86 53.40 31.70
C PRO F 165 72.41 52.21 32.54
N HIS F 166 72.30 52.40 33.85
CA HIS F 166 71.82 51.35 34.74
C HIS F 166 71.26 51.95 36.02
N PRO F 167 70.04 51.59 36.41
CA PRO F 167 69.49 52.10 37.66
C PRO F 167 70.21 51.54 38.87
N GLN F 168 70.16 52.30 39.97
CA GLN F 168 70.79 51.87 41.20
C GLN F 168 70.17 50.57 41.70
N ARG F 169 71.02 49.63 42.11
CA ARG F 169 70.59 48.36 42.65
C ARG F 169 71.08 48.23 44.09
N GLU F 170 70.46 47.31 44.83
CA GLU F 170 70.71 47.17 46.27
C GLU F 170 71.49 45.92 46.62
N MET F 171 71.01 44.75 46.21
CA MET F 171 71.65 43.49 46.62
C MET F 171 71.64 42.56 45.40
N LEU F 172 72.04 41.31 45.61
CA LEU F 172 72.39 40.43 44.50
C LEU F 172 72.14 38.97 44.86
N THR F 173 71.35 38.29 44.04
CA THR F 173 71.16 36.83 44.12
C THR F 173 71.16 36.30 42.70
N ALA F 174 70.71 35.05 42.55
CA ALA F 174 70.53 34.44 41.24
C ALA F 174 69.30 34.97 40.49
N GLN F 175 68.64 36.00 41.02
CA GLN F 175 67.53 36.62 40.32
C GLN F 175 67.96 37.19 38.97
N ASN F 176 68.89 38.15 39.01
CA ASN F 176 69.41 38.81 37.82
C ASN F 176 70.93 38.90 37.94
N ARG F 177 71.55 37.79 38.35
CA ARG F 177 72.99 37.77 38.55
C ARG F 177 73.75 38.04 37.26
N PHE F 178 73.43 37.27 36.21
CA PHE F 178 74.28 37.22 35.03
C PHE F 178 74.28 38.56 34.28
N GLU F 179 73.15 39.26 34.27
CA GLU F 179 73.12 40.56 33.61
C GLU F 179 73.99 41.58 34.35
N VAL F 180 73.98 41.58 35.68
CA VAL F 180 74.80 42.55 36.39
C VAL F 180 76.28 42.17 36.33
N LEU F 181 76.59 40.87 36.24
CA LEU F 181 77.98 40.51 35.98
C LEU F 181 78.42 40.93 34.58
N THR F 182 77.52 40.88 33.59
CA THR F 182 77.85 41.48 32.30
C THR F 182 78.10 42.97 32.45
N PHE F 183 77.26 43.66 33.23
CA PHE F 183 77.42 45.11 33.38
C PHE F 183 78.73 45.48 34.07
N LEU F 184 79.20 44.67 35.01
CA LEU F 184 80.45 45.02 35.67
C LEU F 184 81.68 44.43 34.99
N LEU F 185 81.48 43.40 34.15
CA LEU F 185 82.51 42.98 33.22
C LEU F 185 82.76 44.04 32.16
N LEU F 186 81.78 44.95 31.96
CA LEU F 186 82.06 46.11 31.11
C LEU F 186 83.34 46.84 31.55
N CYS F 187 83.59 46.92 32.86
CA CYS F 187 84.80 47.57 33.36
C CYS F 187 86.05 46.86 32.87
N TYR F 188 86.07 45.52 32.96
CA TYR F 188 87.19 44.76 32.39
C TYR F 188 87.29 44.98 30.89
N ASN F 189 86.15 45.02 30.21
CA ASN F 189 86.12 45.32 28.78
C ASN F 189 86.79 46.64 28.47
N ALA F 190 86.76 47.58 29.42
CA ALA F 190 87.49 48.82 29.30
C ALA F 190 88.91 48.74 29.87
N ALA F 191 89.33 47.57 30.35
CA ALA F 191 90.59 47.41 31.09
C ALA F 191 91.37 46.19 30.60
N LEU F 192 91.56 46.08 29.29
CA LEU F 192 92.11 44.86 28.70
C LEU F 192 93.64 44.84 28.64
N THR F 193 94.25 45.80 27.96
CA THR F 193 95.64 45.66 27.53
C THR F 193 96.64 45.83 28.67
N TYR F 194 96.41 46.80 29.57
CA TYR F 194 97.43 47.15 30.56
C TYR F 194 97.68 46.04 31.57
N MET F 195 96.84 45.01 31.62
CA MET F 195 96.88 44.03 32.66
C MET F 195 98.05 43.07 32.46
N PRO F 196 98.65 42.56 33.55
CA PRO F 196 99.78 41.62 33.39
C PRO F 196 99.35 40.26 32.84
N SER F 197 100.34 39.40 32.57
CA SER F 197 100.05 38.11 31.96
C SER F 197 99.33 37.16 32.92
N VAL F 198 99.63 37.26 34.22
CA VAL F 198 99.00 36.37 35.20
C VAL F 198 97.49 36.57 35.20
N SER F 199 97.04 37.82 35.11
CA SER F 199 95.61 38.11 35.14
C SER F 199 94.90 37.46 33.95
N LEU F 200 95.45 37.63 32.74
CA LEU F 200 94.80 37.05 31.56
C LEU F 200 94.85 35.53 31.60
N GLN F 201 95.97 34.96 32.06
CA GLN F 201 96.06 33.51 32.17
C GLN F 201 95.01 32.96 33.12
N SER F 202 94.88 33.59 34.30
CA SER F 202 93.88 33.15 35.26
C SER F 202 92.47 33.31 34.70
N LEU F 203 92.20 34.44 34.05
CA LEU F 203 90.88 34.66 33.45
C LEU F 203 90.55 33.56 32.46
N CYS F 204 91.49 33.26 31.55
CA CYS F 204 91.24 32.25 30.54
C CYS F 204 90.99 30.89 31.17
N GLN F 205 91.88 30.45 32.06
CA GLN F 205 91.72 29.10 32.63
C GLN F 205 90.45 28.99 33.46
N ILE F 206 90.15 30.01 34.27
CA ILE F 206 88.96 29.95 35.12
C ILE F 206 87.70 29.93 34.29
N CYS F 207 87.58 30.87 33.33
CA CYS F 207 86.37 30.92 32.52
C CYS F 207 86.22 29.67 31.66
N SER F 208 87.33 29.04 31.26
CA SER F 208 87.24 27.75 30.60
C SER F 208 86.73 26.69 31.59
N ARG F 209 87.09 26.81 32.85
CA ARG F 209 86.68 25.84 33.86
C ARG F 209 85.30 26.12 34.45
N ILE F 210 84.62 27.18 34.01
CA ILE F 210 83.25 27.44 34.42
C ILE F 210 82.25 27.32 33.28
N CYS F 211 82.71 27.37 32.03
CA CYS F 211 81.78 27.35 30.90
C CYS F 211 81.03 26.03 30.82
N VAL F 212 81.71 24.92 31.07
CA VAL F 212 81.12 23.60 30.95
C VAL F 212 81.36 22.83 32.25
N CYS F 213 81.46 23.57 33.36
CA CYS F 213 81.83 22.96 34.63
C CYS F 213 80.79 21.94 35.10
N GLY F 214 79.51 22.25 34.93
CA GLY F 214 78.46 21.36 35.40
C GLY F 214 78.21 20.17 34.49
N TYR F 215 79.27 19.71 33.83
CA TYR F 215 79.20 18.63 32.87
C TYR F 215 80.45 17.77 33.04
N PRO F 216 80.44 16.53 32.50
CA PRO F 216 81.56 15.61 32.75
C PRO F 216 82.91 16.09 32.23
N ARG F 217 82.97 17.29 31.66
CA ARG F 217 84.26 17.86 31.29
C ARG F 217 85.12 18.20 32.51
N GLN F 218 84.55 18.18 33.71
CA GLN F 218 85.36 18.32 34.91
C GLN F 218 86.43 17.24 34.99
N HIS F 219 86.12 16.04 34.48
CA HIS F 219 87.11 14.96 34.50
C HIS F 219 88.21 15.18 33.47
N VAL F 220 87.83 15.65 32.27
CA VAL F 220 88.85 15.88 31.25
C VAL F 220 89.75 17.05 31.66
N ARG F 221 89.21 18.05 32.34
CA ARG F 221 90.04 19.09 32.94
C ARG F 221 90.57 18.70 34.31
N LYS F 222 90.05 17.62 34.90
CA LYS F 222 90.57 16.97 36.12
C LYS F 222 90.92 17.98 37.21
N TYR F 223 90.03 18.95 37.43
CA TYR F 223 90.17 19.85 38.56
C TYR F 223 89.30 19.35 39.70
N LYS F 224 89.92 19.11 40.86
CA LYS F 224 89.20 18.55 42.00
C LYS F 224 88.42 19.64 42.71
N GLY F 225 87.12 19.42 42.90
CA GLY F 225 86.27 20.39 43.55
C GLY F 225 84.79 20.17 43.29
N ILE F 226 84.06 21.26 43.06
CA ILE F 226 82.62 21.21 42.84
C ILE F 226 82.34 21.30 41.34
N SER F 227 81.51 20.39 40.84
CA SER F 227 81.11 20.35 39.44
C SER F 227 79.65 20.80 39.35
N SER F 228 79.45 22.10 39.22
CA SER F 228 78.12 22.69 39.12
C SER F 228 78.08 23.68 37.96
N ARG F 229 76.90 23.84 37.37
CA ARG F 229 76.71 24.69 36.20
C ARG F 229 76.01 25.98 36.60
N ILE F 230 76.55 27.09 36.15
CA ILE F 230 76.02 28.42 36.43
C ILE F 230 75.49 28.99 35.11
N PRO F 231 74.17 29.16 34.95
CA PRO F 231 73.58 29.55 33.65
C PRO F 231 73.83 31.00 33.25
N VAL F 232 75.02 31.24 32.70
CA VAL F 232 75.43 32.58 32.34
C VAL F 232 74.71 33.03 31.06
N SER F 233 74.52 34.34 30.93
CA SER F 233 73.74 34.91 29.84
C SER F 233 74.60 35.06 28.57
N SER F 234 74.08 35.80 27.59
CA SER F 234 74.70 35.84 26.27
C SER F 234 75.74 36.96 26.15
N GLY F 235 75.46 38.14 26.70
CA GLY F 235 76.42 39.24 26.60
C GLY F 235 77.76 38.89 27.22
N PHE F 236 77.73 38.18 28.35
CA PHE F 236 78.95 37.64 28.94
C PHE F 236 79.70 36.77 27.93
N MET F 237 78.96 35.98 27.15
CA MET F 237 79.60 35.09 26.19
C MET F 237 80.33 35.86 25.11
N VAL F 238 79.70 36.90 24.54
CA VAL F 238 80.38 37.66 23.50
C VAL F 238 81.54 38.46 24.08
N GLN F 239 81.40 38.96 25.31
CA GLN F 239 82.51 39.65 25.95
C GLN F 239 83.71 38.72 26.14
N MET F 240 83.46 37.47 26.54
CA MET F 240 84.57 36.53 26.66
C MET F 240 85.12 36.09 25.31
N LEU F 241 84.29 36.05 24.27
CA LEU F 241 84.83 35.82 22.93
C LEU F 241 85.79 36.93 22.54
N THR F 242 85.43 38.18 22.85
CA THR F 242 86.35 39.29 22.59
C THR F 242 87.62 39.15 23.44
N GLY F 243 87.47 38.75 24.70
CA GLY F 243 88.62 38.57 25.57
C GLY F 243 89.59 37.52 25.06
N ILE F 244 89.06 36.35 24.68
CA ILE F 244 89.92 35.32 24.12
C ILE F 244 90.47 35.76 22.77
N TYR F 245 89.76 36.65 22.07
CA TYR F 245 90.31 37.20 20.83
C TYR F 245 91.60 37.98 21.10
N PHE F 246 91.60 38.84 22.12
CA PHE F 246 92.88 39.47 22.47
C PHE F 246 93.90 38.45 22.96
N ALA F 247 93.46 37.51 23.80
CA ALA F 247 94.39 36.54 24.37
C ALA F 247 94.99 35.59 23.34
N PHE F 248 94.42 35.53 22.14
CA PHE F 248 94.91 34.60 21.13
C PHE F 248 96.37 34.88 20.77
N TYR F 249 96.71 36.14 20.55
CA TYR F 249 98.00 36.52 19.96
C TYR F 249 99.15 36.52 20.96
N ASN F 250 98.88 36.59 22.26
CA ASN F 250 99.91 36.87 23.26
C ASN F 250 100.44 35.60 23.91
N GLY F 251 100.54 34.51 23.15
CA GLY F 251 101.21 33.32 23.64
C GLY F 251 100.33 32.11 23.84
N GLU F 252 99.11 32.31 24.34
CA GLU F 252 98.23 31.19 24.61
C GLU F 252 97.81 30.54 23.30
N TRP F 253 98.21 29.28 23.10
CA TRP F 253 97.93 28.57 21.85
C TRP F 253 97.36 27.18 22.05
N ASP F 254 97.20 26.72 23.28
CA ASP F 254 96.46 25.50 23.57
C ASP F 254 95.32 25.74 24.55
N LEU F 255 95.58 26.48 25.63
CA LEU F 255 94.51 26.83 26.57
C LEU F 255 93.42 27.61 25.86
N ALA F 256 93.80 28.59 25.04
CA ALA F 256 92.82 29.33 24.26
C ALA F 256 92.08 28.40 23.31
N GLN F 257 92.77 27.40 22.75
CA GLN F 257 92.12 26.51 21.81
C GLN F 257 91.01 25.70 22.46
N LYS F 258 91.32 25.00 23.55
CA LYS F 258 90.19 24.23 24.09
C LYS F 258 89.24 25.08 24.92
N ALA F 259 89.63 26.30 25.31
CA ALA F 259 88.65 27.24 25.86
C ALA F 259 87.62 27.64 24.80
N LEU F 260 88.09 27.95 23.59
CA LEU F 260 87.18 28.16 22.48
C LEU F 260 86.34 26.91 22.22
N ASP F 261 86.95 25.74 22.39
CA ASP F 261 86.26 24.48 22.12
C ASP F 261 85.06 24.33 23.07
N ASP F 262 85.26 24.44 24.39
CA ASP F 262 84.10 24.25 25.24
C ASP F 262 83.15 25.45 25.18
N ILE F 263 83.66 26.63 24.80
CA ILE F 263 82.77 27.77 24.62
C ILE F 263 81.79 27.50 23.47
N ILE F 264 82.29 27.03 22.34
CA ILE F 264 81.40 26.74 21.21
C ILE F 264 80.52 25.54 21.55
N TYR F 265 81.03 24.59 22.32
CA TYR F 265 80.20 23.46 22.75
C TYR F 265 79.00 23.95 23.57
N ARG F 266 79.26 24.80 24.57
CA ARG F 266 78.17 25.29 25.41
C ARG F 266 77.22 26.19 24.62
N ALA F 267 77.75 27.00 23.71
CA ALA F 267 76.88 27.83 22.88
C ALA F 267 75.97 26.98 22.00
N GLN F 268 76.51 25.89 21.44
CA GLN F 268 75.69 24.97 20.67
C GLN F 268 74.64 24.30 21.55
N LEU F 269 75.01 23.95 22.77
CA LEU F 269 74.06 23.33 23.70
C LEU F 269 72.93 24.28 24.05
N GLU F 270 73.24 25.55 24.27
CA GLU F 270 72.26 26.53 24.74
C GLU F 270 71.51 27.23 23.61
N LEU F 271 71.90 26.99 22.36
CA LEU F 271 71.23 27.59 21.19
C LEU F 271 71.28 29.12 21.24
N TYR F 272 72.48 29.66 21.44
CA TYR F 272 72.68 31.10 21.41
C TYR F 272 73.21 31.49 20.03
N PRO F 273 72.45 32.23 19.23
CA PRO F 273 72.87 32.49 17.84
C PRO F 273 74.13 33.33 17.71
N GLU F 274 74.14 34.53 18.31
CA GLU F 274 75.25 35.46 18.10
C GLU F 274 76.60 34.98 18.65
N PRO F 275 76.71 34.42 19.86
CA PRO F 275 78.03 33.92 20.27
C PRO F 275 78.53 32.80 19.37
N LEU F 276 77.62 31.93 18.93
CA LEU F 276 77.99 30.90 17.98
C LEU F 276 78.50 31.50 16.68
N LEU F 277 77.82 32.55 16.20
CA LEU F 277 78.24 33.19 14.96
C LEU F 277 79.63 33.79 15.08
N VAL F 278 79.89 34.52 16.17
CA VAL F 278 81.18 35.17 16.31
C VAL F 278 82.29 34.14 16.53
N ALA F 279 82.00 33.09 17.30
CA ALA F 279 83.00 32.05 17.51
C ALA F 279 83.33 31.33 16.21
N ASN F 280 82.31 31.03 15.40
CA ASN F 280 82.56 30.40 14.11
C ASN F 280 83.35 31.33 13.20
N ALA F 281 83.04 32.63 13.23
CA ALA F 281 83.76 33.57 12.39
C ALA F 281 85.24 33.64 12.76
N ILE F 282 85.53 33.70 14.06
CA ILE F 282 86.94 33.81 14.47
C ILE F 282 87.67 32.49 14.23
N LYS F 283 87.02 31.36 14.50
CA LYS F 283 87.70 30.08 14.37
C LYS F 283 87.94 29.70 12.92
N ALA F 284 86.97 29.99 12.05
CA ALA F 284 87.08 29.62 10.64
C ALA F 284 88.15 30.40 9.90
N SER F 285 88.67 31.48 10.49
CA SER F 285 89.72 32.27 9.87
C SER F 285 91.11 31.87 10.32
N LEU F 286 91.25 30.69 10.94
CA LEU F 286 92.52 30.19 11.43
C LEU F 286 92.86 28.86 10.75
N PRO F 287 94.15 28.60 10.49
CA PRO F 287 94.58 27.34 9.88
C PRO F 287 94.87 26.26 10.91
N ASP G 16 28.78 90.05 -6.59
CA ASP G 16 29.96 89.42 -7.17
C ASP G 16 29.56 88.38 -8.20
N ALA G 17 30.34 88.31 -9.29
CA ALA G 17 29.96 87.48 -10.43
C ALA G 17 29.84 86.02 -10.03
N ASP G 18 30.84 85.48 -9.34
CA ASP G 18 30.76 84.08 -8.95
C ASP G 18 29.60 83.83 -8.00
N GLU G 19 29.23 84.82 -7.18
CA GLU G 19 28.08 84.65 -6.31
C GLU G 19 26.77 84.62 -7.11
N ILE G 20 26.62 85.51 -8.09
CA ILE G 20 25.40 85.47 -8.91
C ILE G 20 25.32 84.13 -9.64
N LYS G 21 26.45 83.64 -10.15
CA LYS G 21 26.46 82.37 -10.86
C LYS G 21 26.09 81.22 -9.93
N ARG G 22 26.64 81.21 -8.71
CA ARG G 22 26.32 80.12 -7.80
C ARG G 22 24.85 80.17 -7.40
N LEU G 23 24.30 81.36 -7.19
CA LEU G 23 22.89 81.42 -6.82
C LEU G 23 21.99 80.98 -7.97
N GLY G 24 22.37 81.33 -9.20
CA GLY G 24 21.63 80.82 -10.35
C GLY G 24 21.64 79.31 -10.42
N LYS G 25 22.83 78.73 -10.27
CA LYS G 25 22.94 77.27 -10.37
C LYS G 25 22.21 76.57 -9.23
N ARG G 26 22.29 77.09 -8.01
CA ARG G 26 21.59 76.43 -6.91
C ARG G 26 20.08 76.57 -7.05
N PHE G 27 19.60 77.76 -7.42
CA PHE G 27 18.18 77.94 -7.66
C PHE G 27 17.68 76.94 -8.70
N LYS G 28 18.38 76.87 -9.84
CA LYS G 28 17.96 75.94 -10.89
C LYS G 28 17.99 74.49 -10.42
N LYS G 29 19.02 74.11 -9.66
CA LYS G 29 19.12 72.73 -9.18
C LYS G 29 18.03 72.38 -8.18
N LEU G 30 17.63 73.31 -7.32
CA LEU G 30 16.57 73.02 -6.38
C LEU G 30 15.18 73.03 -7.02
N ASP G 31 14.99 73.73 -8.13
CA ASP G 31 13.66 73.85 -8.73
C ASP G 31 13.40 72.62 -9.60
N LEU G 32 13.10 71.51 -8.94
CA LEU G 32 13.08 70.22 -9.63
C LEU G 32 12.06 70.21 -10.77
N ASP G 33 10.91 70.84 -10.55
CA ASP G 33 9.84 70.88 -11.55
C ASP G 33 9.89 72.14 -12.40
N ASN G 34 10.95 72.94 -12.28
CA ASN G 34 11.17 74.12 -13.12
C ASN G 34 9.97 75.05 -13.11
N SER G 35 9.38 75.25 -11.92
CA SER G 35 8.26 76.16 -11.79
C SER G 35 8.67 77.59 -11.47
N GLY G 36 9.95 77.83 -11.21
CA GLY G 36 10.42 79.14 -10.82
C GLY G 36 10.29 79.47 -9.35
N SER G 37 9.75 78.56 -8.54
CA SER G 37 9.64 78.77 -7.10
C SER G 37 9.91 77.46 -6.38
N LEU G 38 10.46 77.56 -5.17
CA LEU G 38 10.84 76.40 -4.39
C LEU G 38 9.75 76.09 -3.38
N SER G 39 9.18 74.91 -3.45
CA SER G 39 8.15 74.48 -2.51
C SER G 39 8.80 73.76 -1.34
N VAL G 40 7.99 73.49 -0.31
CA VAL G 40 8.51 72.74 0.83
C VAL G 40 8.93 71.34 0.39
N GLU G 41 8.09 70.69 -0.42
CA GLU G 41 8.42 69.38 -0.96
C GLU G 41 9.74 69.42 -1.71
N GLU G 42 10.01 70.52 -2.43
CA GLU G 42 11.22 70.63 -3.23
C GLU G 42 12.46 70.70 -2.34
N PHE G 43 12.37 71.45 -1.22
CA PHE G 43 13.44 71.43 -0.24
C PHE G 43 13.59 70.03 0.34
N MET G 44 12.46 69.39 0.67
CA MET G 44 12.46 68.07 1.30
C MET G 44 12.94 66.98 0.35
N SER G 45 13.11 67.28 -0.93
CA SER G 45 13.69 66.29 -1.83
C SER G 45 15.15 66.01 -1.45
N LEU G 46 15.79 66.95 -0.76
CA LEU G 46 17.15 66.78 -0.28
C LEU G 46 17.13 65.84 0.92
N PRO G 47 17.83 64.70 0.88
CA PRO G 47 17.69 63.71 1.97
C PRO G 47 18.01 64.25 3.35
N GLU G 48 19.06 65.07 3.50
CA GLU G 48 19.40 65.56 4.83
C GLU G 48 18.38 66.56 5.36
N LEU G 49 17.50 67.08 4.50
CA LEU G 49 16.39 67.93 4.92
C LEU G 49 15.16 67.14 5.32
N GLN G 50 15.04 65.88 4.93
CA GLN G 50 13.83 65.11 5.19
C GLN G 50 13.63 64.86 6.67
N GLN G 51 14.70 64.82 7.45
CA GLN G 51 14.63 64.58 8.88
C GLN G 51 14.95 65.83 9.71
N ASN G 52 14.99 67.00 9.09
CA ASN G 52 15.19 68.24 9.86
C ASN G 52 13.82 68.81 10.21
N PRO G 53 13.44 68.82 11.49
CA PRO G 53 12.06 69.19 11.86
C PRO G 53 11.76 70.68 11.75
N LEU G 54 12.73 71.52 11.42
CA LEU G 54 12.50 72.96 11.34
C LEU G 54 12.45 73.50 9.91
N VAL G 55 12.39 72.61 8.91
CA VAL G 55 12.40 73.05 7.51
C VAL G 55 11.20 73.95 7.21
N GLN G 56 10.01 73.52 7.62
CA GLN G 56 8.80 74.28 7.31
C GLN G 56 8.80 75.66 7.97
N ARG G 57 9.40 75.78 9.16
CA ARG G 57 9.47 77.09 9.80
C ARG G 57 10.39 78.05 9.04
N VAL G 58 11.56 77.57 8.63
CA VAL G 58 12.48 78.45 7.90
C VAL G 58 11.86 78.85 6.57
N ILE G 59 11.25 77.89 5.87
CA ILE G 59 10.58 78.21 4.61
C ILE G 59 9.49 79.26 4.84
N ASP G 60 8.67 79.07 5.88
CA ASP G 60 7.61 80.04 6.18
C ASP G 60 8.18 81.42 6.43
N ILE G 61 9.34 81.50 7.11
CA ILE G 61 9.95 82.81 7.36
C ILE G 61 10.41 83.41 6.04
N PHE G 62 11.04 82.61 5.19
CA PHE G 62 11.46 83.07 3.86
C PHE G 62 10.25 83.55 3.05
N ASP G 63 9.10 82.89 3.24
CA ASP G 63 7.88 83.17 2.45
C ASP G 63 7.22 84.42 2.99
N THR G 64 7.82 85.58 2.67
CA THR G 64 7.34 86.83 3.24
C THR G 64 5.95 87.18 2.72
N ASP G 65 5.56 86.66 1.56
CA ASP G 65 4.24 86.90 1.00
C ASP G 65 3.27 85.77 1.31
N GLY G 66 3.73 84.74 2.04
CA GLY G 66 2.85 83.73 2.58
C GLY G 66 2.23 82.79 1.57
N ASN G 67 2.80 82.69 0.37
CA ASN G 67 2.25 81.80 -0.65
C ASN G 67 2.82 80.38 -0.58
N GLY G 68 3.61 80.05 0.44
CA GLY G 68 4.07 78.71 0.66
C GLY G 68 5.37 78.34 -0.05
N GLU G 69 5.86 79.19 -0.94
CA GLU G 69 7.06 78.92 -1.71
C GLU G 69 8.01 80.11 -1.66
N VAL G 70 9.25 79.87 -2.05
CA VAL G 70 10.31 80.88 -2.04
C VAL G 70 10.61 81.24 -3.48
N ASP G 71 10.29 82.47 -3.86
CA ASP G 71 10.65 82.99 -5.16
C ASP G 71 12.07 83.54 -5.12
N PHE G 72 12.54 84.02 -6.28
CA PHE G 72 13.94 84.43 -6.37
C PHE G 72 14.19 85.67 -5.52
N LYS G 73 13.26 86.63 -5.53
CA LYS G 73 13.40 87.82 -4.69
C LYS G 73 13.54 87.44 -3.22
N GLU G 74 12.63 86.61 -2.71
CA GLU G 74 12.74 86.13 -1.33
C GLU G 74 14.07 85.43 -1.08
N PHE G 75 14.52 84.62 -2.05
CA PHE G 75 15.78 83.90 -1.89
C PHE G 75 16.94 84.87 -1.73
N ILE G 76 16.97 85.90 -2.58
CA ILE G 76 18.05 86.88 -2.56
C ILE G 76 18.03 87.68 -1.27
N GLU G 77 16.85 88.17 -0.88
CA GLU G 77 16.78 88.96 0.34
C GLU G 77 17.16 88.13 1.56
N GLY G 78 16.75 86.85 1.58
CA GLY G 78 17.13 85.98 2.68
C GLY G 78 18.62 85.73 2.76
N VAL G 79 19.24 85.39 1.63
CA VAL G 79 20.68 85.16 1.64
C VAL G 79 21.44 86.44 1.96
N SER G 80 20.90 87.61 1.61
CA SER G 80 21.61 88.86 1.81
C SER G 80 21.81 89.19 3.29
N GLN G 81 20.99 88.64 4.19
CA GLN G 81 21.15 88.90 5.61
CA GLN G 81 21.15 88.90 5.61
C GLN G 81 22.28 88.08 6.24
N PHE G 82 22.88 87.15 5.51
CA PHE G 82 23.96 86.33 6.02
C PHE G 82 25.30 86.68 5.36
N SER G 83 25.41 87.87 4.78
CA SER G 83 26.64 88.28 4.13
C SER G 83 27.69 88.66 5.18
N VAL G 84 28.97 88.50 4.81
CA VAL G 84 30.07 88.86 5.70
C VAL G 84 30.02 90.35 6.04
N LYS G 85 29.51 91.17 5.12
CA LYS G 85 29.46 92.61 5.33
C LYS G 85 28.32 93.04 6.24
N GLY G 86 27.38 92.14 6.52
CA GLY G 86 26.29 92.47 7.42
C GLY G 86 26.78 92.73 8.84
N ASP G 87 26.14 93.68 9.50
CA ASP G 87 26.54 94.11 10.83
C ASP G 87 25.84 93.28 11.90
N LYS G 88 26.19 93.54 13.16
CA LYS G 88 25.66 92.78 14.28
C LYS G 88 24.13 92.87 14.34
N GLU G 89 23.60 94.09 14.21
CA GLU G 89 22.16 94.30 14.29
C GLU G 89 21.41 93.45 13.28
N GLN G 90 21.97 93.28 12.08
CA GLN G 90 21.29 92.48 11.06
C GLN G 90 21.16 91.03 11.51
N LYS G 91 22.23 90.46 12.06
CA LYS G 91 22.18 89.07 12.54
C LYS G 91 21.21 88.94 13.71
N LEU G 92 21.35 89.80 14.71
CA LEU G 92 20.45 89.68 15.86
C LEU G 92 19.00 89.91 15.45
N ARG G 93 18.76 90.73 14.42
CA ARG G 93 17.40 90.95 13.98
C ARG G 93 16.87 89.75 13.20
N PHE G 94 17.74 89.02 12.51
CA PHE G 94 17.30 87.76 11.91
C PHE G 94 16.91 86.76 12.99
N ALA G 95 17.74 86.64 14.02
CA ALA G 95 17.40 85.76 15.14
C ALA G 95 16.09 86.19 15.78
N PHE G 96 15.91 87.50 15.99
CA PHE G 96 14.66 88.04 16.50
C PHE G 96 13.48 87.62 15.61
N ARG G 97 13.64 87.73 14.30
CA ARG G 97 12.58 87.37 13.36
C ARG G 97 12.30 85.88 13.33
N ILE G 98 13.26 85.07 13.77
CA ILE G 98 13.03 83.63 13.91
C ILE G 98 11.88 83.36 14.87
N TYR G 99 11.82 84.08 15.99
CA TYR G 99 10.76 83.82 16.95
C TYR G 99 9.45 84.49 16.55
N ASP G 100 9.52 85.64 15.89
CA ASP G 100 8.35 86.46 15.60
C ASP G 100 7.62 85.98 14.34
N MET G 101 6.94 84.84 14.49
CA MET G 101 6.27 84.21 13.35
C MET G 101 5.33 85.19 12.66
N ASP G 102 4.59 85.99 13.42
CA ASP G 102 3.56 86.85 12.87
C ASP G 102 4.11 88.22 12.46
N LYS G 103 5.41 88.45 12.64
CA LYS G 103 6.11 89.62 12.10
C LYS G 103 5.59 90.95 12.64
N ASP G 104 5.10 90.99 13.88
CA ASP G 104 4.66 92.28 14.42
C ASP G 104 5.74 93.00 15.22
N GLY G 105 6.92 92.41 15.36
CA GLY G 105 8.01 93.02 16.10
C GLY G 105 8.05 92.75 17.58
N TYR G 106 7.20 91.86 18.09
CA TYR G 106 7.16 91.54 19.51
C TYR G 106 6.89 90.05 19.70
N ILE G 107 7.63 89.43 20.62
CA ILE G 107 7.35 88.03 20.96
C ILE G 107 6.24 88.03 22.01
N SER G 108 5.09 87.49 21.64
CA SER G 108 3.93 87.36 22.50
C SER G 108 3.82 85.95 23.06
N ASN G 109 2.93 85.80 24.05
CA ASN G 109 2.79 84.52 24.75
C ASN G 109 2.52 83.38 23.77
N GLY G 110 1.50 83.54 22.93
CA GLY G 110 1.11 82.45 22.05
C GLY G 110 2.25 82.00 21.13
N GLU G 111 2.93 82.97 20.50
CA GLU G 111 4.00 82.61 19.59
C GLU G 111 5.24 82.13 20.34
N LEU G 112 5.49 82.64 21.54
CA LEU G 112 6.60 82.13 22.34
C LEU G 112 6.36 80.67 22.69
N PHE G 113 5.14 80.33 23.07
CA PHE G 113 4.78 78.93 23.32
C PHE G 113 4.99 78.10 22.06
N GLN G 114 4.45 78.58 20.93
CA GLN G 114 4.51 77.82 19.69
C GLN G 114 5.96 77.54 19.28
N VAL G 115 6.80 78.58 19.33
CA VAL G 115 8.20 78.42 18.92
C VAL G 115 8.96 77.52 19.88
N LEU G 116 8.75 77.66 21.18
CA LEU G 116 9.41 76.70 22.05
C LEU G 116 8.93 75.28 21.79
N LYS G 117 7.63 75.09 21.54
CA LYS G 117 7.14 73.73 21.27
C LYS G 117 7.74 73.15 19.99
N MET G 118 7.87 73.97 18.94
CA MET G 118 8.52 73.49 17.71
C MET G 118 9.96 73.09 17.97
N MET G 119 10.70 73.90 18.74
CA MET G 119 12.12 73.63 18.90
C MET G 119 12.41 72.47 19.87
N VAL G 120 11.61 72.30 20.92
CA VAL G 120 11.99 71.32 21.94
C VAL G 120 11.37 69.94 21.75
N GLY G 121 10.27 69.83 21.00
CA GLY G 121 9.60 68.54 20.86
C GLY G 121 9.27 67.91 22.20
N ASN G 122 9.83 66.72 22.45
CA ASN G 122 9.55 65.96 23.66
C ASN G 122 10.59 66.18 24.75
N ASN G 123 11.55 67.07 24.53
CA ASN G 123 12.57 67.38 25.52
C ASN G 123 12.02 68.09 26.74
N LEU G 124 10.80 68.60 26.68
CA LEU G 124 10.12 69.17 27.84
C LEU G 124 8.67 68.73 27.84
N LYS G 125 8.13 68.52 29.04
CA LYS G 125 6.71 68.25 29.18
C LYS G 125 5.93 69.55 29.00
N ASP G 126 4.68 69.42 28.53
CA ASP G 126 3.86 70.60 28.30
C ASP G 126 3.73 71.46 29.56
N THR G 127 3.63 70.81 30.73
CA THR G 127 3.50 71.57 31.97
C THR G 127 4.77 72.38 32.25
N GLN G 128 5.93 71.74 32.16
CA GLN G 128 7.18 72.44 32.43
C GLN G 128 7.40 73.57 31.44
N LEU G 129 7.14 73.31 30.16
CA LEU G 129 7.35 74.34 29.15
C LEU G 129 6.41 75.51 29.36
N GLN G 130 5.14 75.24 29.67
CA GLN G 130 4.20 76.33 29.88
C GLN G 130 4.59 77.13 31.11
N GLN G 131 5.10 76.46 32.14
CA GLN G 131 5.52 77.14 33.37
C GLN G 131 6.69 78.07 33.09
N ILE G 132 7.68 77.58 32.34
CA ILE G 132 8.86 78.41 32.10
C ILE G 132 8.56 79.50 31.08
N VAL G 133 7.62 79.27 30.15
CA VAL G 133 7.16 80.36 29.28
C VAL G 133 6.53 81.46 30.12
N ASP G 134 5.62 81.08 31.02
CA ASP G 134 5.00 82.05 31.92
C ASP G 134 6.04 82.84 32.69
N LYS G 135 7.01 82.13 33.29
CA LYS G 135 7.98 82.79 34.15
C LYS G 135 8.91 83.70 33.36
N THR G 136 9.29 83.31 32.13
CA THR G 136 10.12 84.19 31.32
C THR G 136 9.36 85.43 30.90
N ILE G 137 8.09 85.27 30.52
CA ILE G 137 7.27 86.43 30.16
C ILE G 137 7.16 87.39 31.34
N ILE G 138 6.86 86.85 32.52
CA ILE G 138 6.67 87.69 33.71
C ILE G 138 7.97 88.42 34.06
N ASN G 139 9.08 87.68 34.15
CA ASN G 139 10.32 88.33 34.58
C ASN G 139 10.88 89.28 33.54
N ALA G 140 10.66 89.02 32.25
CA ALA G 140 11.26 89.86 31.21
C ALA G 140 10.37 90.99 30.71
N ASP G 141 9.05 90.93 30.92
CA ASP G 141 8.18 92.01 30.50
C ASP G 141 8.31 93.19 31.46
N LYS G 142 8.79 94.33 30.94
CA LYS G 142 9.01 95.51 31.77
C LYS G 142 8.00 96.62 31.54
N ASP G 143 7.31 96.62 30.41
CA ASP G 143 6.30 97.64 30.13
C ASP G 143 4.87 97.13 30.31
N GLY G 144 4.71 95.85 30.64
CA GLY G 144 3.44 95.28 31.05
C GLY G 144 2.54 94.83 29.93
N ASP G 145 2.97 94.94 28.67
CA ASP G 145 2.14 94.54 27.55
C ASP G 145 2.17 93.03 27.30
N GLY G 146 2.89 92.26 28.11
CA GLY G 146 2.86 90.82 27.98
C GLY G 146 3.74 90.26 26.89
N ARG G 147 4.55 91.10 26.25
CA ARG G 147 5.42 90.68 25.16
C ARG G 147 6.78 91.37 25.31
N ILE G 148 7.75 90.88 24.54
CA ILE G 148 9.15 91.26 24.69
C ILE G 148 9.53 92.13 23.50
N SER G 149 9.79 93.41 23.76
CA SER G 149 10.25 94.34 22.76
C SER G 149 11.73 94.13 22.43
N PHE G 150 12.16 94.80 21.36
CA PHE G 150 13.56 94.76 20.93
C PHE G 150 14.50 95.30 22.00
N GLU G 151 14.09 96.37 22.68
CA GLU G 151 14.92 96.94 23.74
C GLU G 151 15.18 95.93 24.85
N GLU G 152 14.12 95.26 25.31
CA GLU G 152 14.29 94.22 26.33
C GLU G 152 15.16 93.09 25.82
N PHE G 153 14.99 92.71 24.54
CA PHE G 153 15.81 91.66 23.98
C PHE G 153 17.29 92.02 24.04
N CYS G 154 17.64 93.24 23.62
CA CYS G 154 19.06 93.59 23.65
C CYS G 154 19.55 93.75 25.07
N ALA G 155 18.69 94.21 25.99
CA ALA G 155 19.03 94.25 27.39
C ALA G 155 19.40 92.88 27.92
N VAL G 156 18.75 91.84 27.41
CA VAL G 156 18.98 90.48 27.89
C VAL G 156 20.17 89.82 27.22
N VAL G 157 20.31 89.93 25.90
CA VAL G 157 21.27 89.13 25.16
C VAL G 157 22.47 89.92 24.65
N GLY G 158 22.45 91.25 24.74
CA GLY G 158 23.50 92.03 24.10
C GLY G 158 24.91 91.64 24.51
N GLY G 159 25.08 91.16 25.74
CA GLY G 159 26.38 90.82 26.28
C GLY G 159 26.89 89.41 26.04
N LEU G 160 26.17 88.58 25.28
CA LEU G 160 26.57 87.19 25.13
C LEU G 160 27.54 86.93 23.98
N ASP G 161 27.69 87.87 23.04
CA ASP G 161 28.65 87.78 21.92
C ASP G 161 28.32 86.59 21.01
N ILE G 162 27.02 86.32 20.87
CA ILE G 162 26.52 85.28 19.97
C ILE G 162 26.61 85.69 18.51
N HIS G 163 26.67 86.99 18.21
CA HIS G 163 26.79 87.46 16.84
C HIS G 163 28.02 86.89 16.14
N LYS G 164 29.08 86.59 16.88
CA LYS G 164 30.27 86.03 16.26
C LYS G 164 30.04 84.66 15.62
N LYS G 165 29.05 83.88 16.07
CA LYS G 165 28.90 82.56 15.46
C LYS G 165 27.99 82.56 14.23
N MET G 166 27.15 83.58 14.03
CA MET G 166 26.21 83.58 12.92
C MET G 166 26.81 84.22 11.68
N VAL G 167 27.85 83.58 11.16
CA VAL G 167 28.60 84.07 10.01
C VAL G 167 28.67 82.92 9.01
N VAL G 168 28.41 83.24 7.73
CA VAL G 168 28.39 82.25 6.66
C VAL G 168 29.17 82.79 5.47
N ASP G 169 29.96 81.92 4.84
CA ASP G 169 30.72 82.27 3.64
C ASP G 169 29.90 81.86 2.42
N VAL G 170 29.50 82.85 1.63
CA VAL G 170 28.75 82.61 0.40
C VAL G 170 29.70 82.31 -0.76
N LEU H 10 -24.30 -34.48 -86.35
CA LEU H 10 -24.71 -35.80 -85.91
C LEU H 10 -26.21 -35.86 -85.68
N SER H 11 -26.82 -36.99 -86.04
CA SER H 11 -28.25 -37.18 -85.82
C SER H 11 -28.59 -37.08 -84.35
N THR H 12 -29.73 -36.46 -84.04
CA THR H 12 -30.20 -36.36 -82.67
C THR H 12 -31.06 -37.56 -82.28
N THR H 13 -31.41 -38.43 -83.24
CA THR H 13 -32.21 -39.61 -82.99
C THR H 13 -31.43 -40.90 -83.20
N ASP H 14 -30.77 -41.03 -84.35
CA ASP H 14 -29.95 -42.21 -84.63
C ASP H 14 -28.74 -42.25 -83.70
N ARG H 15 -28.21 -43.47 -83.55
CA ARG H 15 -27.12 -43.74 -82.62
C ARG H 15 -25.80 -43.24 -83.17
N VAL H 16 -24.96 -42.71 -82.28
CA VAL H 16 -23.69 -42.10 -82.69
C VAL H 16 -22.68 -43.19 -83.05
N VAL H 17 -22.49 -44.18 -82.19
CA VAL H 17 -21.42 -45.15 -82.42
C VAL H 17 -22.04 -46.35 -83.13
N LYS H 18 -22.15 -46.23 -84.45
CA LYS H 18 -22.89 -47.16 -85.28
C LYS H 18 -22.22 -48.53 -85.43
N ALA H 19 -20.92 -48.63 -85.17
CA ALA H 19 -20.26 -49.93 -85.29
C ALA H 19 -20.73 -50.96 -84.27
N VAL H 20 -21.29 -50.54 -83.14
CA VAL H 20 -21.88 -51.53 -82.23
C VAL H 20 -23.25 -51.90 -82.78
N PRO H 21 -23.50 -53.17 -83.11
CA PRO H 21 -24.83 -53.55 -83.59
C PRO H 21 -25.86 -53.53 -82.47
N PHE H 22 -27.03 -53.01 -82.78
CA PHE H 22 -28.11 -52.96 -81.80
C PHE H 22 -28.64 -54.36 -81.48
N PRO H 23 -28.70 -54.75 -80.21
CA PRO H 23 -29.12 -56.10 -79.88
C PRO H 23 -30.55 -56.33 -80.32
N PRO H 24 -30.89 -57.56 -80.70
CA PRO H 24 -32.29 -57.85 -81.04
C PRO H 24 -33.19 -57.75 -79.82
N SER H 25 -34.38 -57.20 -80.04
CA SER H 25 -35.41 -57.13 -79.01
C SER H 25 -36.33 -58.35 -79.01
N HIS H 26 -36.07 -59.33 -79.86
CA HIS H 26 -36.81 -60.59 -79.85
C HIS H 26 -36.06 -61.55 -78.93
N ARG H 27 -36.53 -61.67 -77.70
CA ARG H 27 -35.98 -62.66 -76.77
C ARG H 27 -36.11 -64.05 -77.39
N LEU H 28 -34.98 -64.76 -77.42
CA LEU H 28 -34.95 -66.06 -78.08
C LEU H 28 -35.81 -67.07 -77.34
N THR H 29 -36.51 -67.91 -78.11
CA THR H 29 -37.37 -68.94 -77.58
C THR H 29 -36.62 -70.27 -77.49
N ALA H 30 -37.27 -71.26 -76.88
CA ALA H 30 -36.66 -72.57 -76.68
C ALA H 30 -36.31 -73.23 -78.00
N LYS H 31 -37.19 -73.13 -78.99
CA LYS H 31 -36.93 -73.72 -80.31
C LYS H 31 -35.72 -73.07 -80.99
N GLU H 32 -35.45 -71.80 -80.71
CA GLU H 32 -34.30 -71.16 -81.34
C GLU H 32 -32.97 -71.51 -80.69
N VAL H 33 -32.98 -72.03 -79.47
CA VAL H 33 -31.77 -72.33 -78.74
C VAL H 33 -31.50 -73.83 -78.62
N PHE H 34 -32.53 -74.67 -78.71
CA PHE H 34 -32.42 -76.11 -78.60
C PHE H 34 -32.92 -76.76 -79.88
N ASP H 35 -32.11 -77.67 -80.43
CA ASP H 35 -32.38 -78.30 -81.72
C ASP H 35 -33.42 -79.41 -81.52
N ASN H 36 -33.64 -80.22 -82.56
CA ASN H 36 -34.72 -81.20 -82.52
C ASN H 36 -34.54 -82.22 -81.41
N ASP H 37 -33.30 -82.50 -81.02
CA ASP H 37 -33.03 -83.48 -79.98
C ASP H 37 -32.83 -82.83 -78.61
N GLY H 38 -33.11 -81.53 -78.50
CA GLY H 38 -32.91 -80.83 -77.25
C GLY H 38 -31.48 -80.42 -76.96
N LYS H 39 -30.59 -80.52 -77.95
CA LYS H 39 -29.28 -80.04 -77.52
C LYS H 39 -29.14 -78.53 -77.76
N PRO H 40 -28.54 -77.84 -76.79
CA PRO H 40 -28.29 -76.40 -76.95
C PRO H 40 -27.39 -76.10 -78.13
N ARG H 41 -27.70 -75.02 -78.85
CA ARG H 41 -26.86 -74.56 -79.95
C ARG H 41 -25.90 -73.55 -79.33
N VAL H 42 -24.84 -74.11 -78.72
CA VAL H 42 -23.98 -73.32 -77.87
C VAL H 42 -23.12 -72.31 -78.62
N ASP H 43 -22.86 -72.49 -79.92
CA ASP H 43 -22.17 -71.43 -80.65
C ASP H 43 -23.06 -70.19 -80.79
N ILE H 44 -24.31 -70.40 -81.18
CA ILE H 44 -25.29 -69.31 -81.23
C ILE H 44 -25.45 -68.67 -79.85
N LEU H 45 -25.67 -69.50 -78.83
CA LEU H 45 -25.87 -68.99 -77.48
C LEU H 45 -24.65 -68.20 -76.99
N LYS H 46 -23.45 -68.71 -77.28
CA LYS H 46 -22.23 -68.03 -76.87
C LYS H 46 -22.10 -66.68 -77.57
N ALA H 47 -22.36 -66.64 -78.87
CA ALA H 47 -22.29 -65.37 -79.59
C ALA H 47 -23.32 -64.37 -79.04
N HIS H 48 -24.53 -64.85 -78.76
CA HIS H 48 -25.55 -63.95 -78.26
C HIS H 48 -25.18 -63.41 -76.88
N LEU H 49 -24.73 -64.29 -75.98
CA LEU H 49 -24.38 -63.82 -74.65
C LEU H 49 -23.14 -62.94 -74.66
N MET H 50 -22.17 -63.20 -75.55
CA MET H 50 -21.02 -62.29 -75.66
C MET H 50 -21.45 -60.95 -76.21
N LYS H 51 -22.61 -60.90 -76.89
CA LYS H 51 -23.15 -59.64 -77.38
C LYS H 51 -24.07 -58.99 -76.36
N GLU H 52 -24.06 -59.49 -75.12
CA GLU H 52 -24.97 -59.06 -74.05
C GLU H 52 -26.44 -59.33 -74.40
N GLY H 53 -26.70 -60.32 -75.25
CA GLY H 53 -28.08 -60.69 -75.52
C GLY H 53 -28.70 -61.45 -74.37
N ARG H 54 -30.03 -61.36 -74.28
CA ARG H 54 -30.78 -62.01 -73.21
C ARG H 54 -31.67 -63.10 -73.78
N LEU H 55 -32.12 -63.98 -72.91
CA LEU H 55 -33.09 -65.01 -73.23
C LEU H 55 -34.48 -64.64 -72.74
N GLU H 56 -35.49 -65.27 -73.34
CA GLU H 56 -36.83 -65.24 -72.77
C GLU H 56 -36.82 -65.86 -71.38
N GLU H 57 -37.65 -65.30 -70.50
CA GLU H 57 -37.68 -65.78 -69.11
C GLU H 57 -37.98 -67.28 -69.02
N SER H 58 -38.96 -67.76 -69.78
CA SER H 58 -39.33 -69.17 -69.69
C SER H 58 -38.22 -70.12 -70.14
N VAL H 59 -37.38 -69.70 -71.09
CA VAL H 59 -36.32 -70.60 -71.54
C VAL H 59 -35.17 -70.64 -70.53
N ALA H 60 -34.78 -69.47 -70.01
CA ALA H 60 -33.79 -69.46 -68.93
C ALA H 60 -34.26 -70.30 -67.75
N LEU H 61 -35.53 -70.16 -67.35
CA LEU H 61 -36.02 -70.94 -66.22
C LEU H 61 -36.05 -72.43 -66.54
N ARG H 62 -36.40 -72.79 -67.77
CA ARG H 62 -36.39 -74.20 -68.14
C ARG H 62 -34.99 -74.78 -68.11
N ILE H 63 -34.02 -74.05 -68.65
CA ILE H 63 -32.62 -74.50 -68.61
C ILE H 63 -32.14 -74.67 -67.18
N ILE H 64 -32.39 -73.68 -66.33
CA ILE H 64 -31.88 -73.72 -64.96
C ILE H 64 -32.51 -74.88 -64.19
N THR H 65 -33.83 -75.06 -64.31
CA THR H 65 -34.47 -76.11 -63.51
C THR H 65 -34.16 -77.51 -64.04
N GLU H 66 -34.01 -77.69 -65.36
CA GLU H 66 -33.61 -79.01 -65.84
C GLU H 66 -32.17 -79.32 -65.43
N GLY H 67 -31.28 -78.31 -65.46
CA GLY H 67 -29.94 -78.54 -64.97
C GLY H 67 -29.93 -78.87 -63.48
N ALA H 68 -30.75 -78.17 -62.71
CA ALA H 68 -30.85 -78.48 -61.29
C ALA H 68 -31.28 -79.92 -61.11
N SER H 69 -32.25 -80.37 -61.92
CA SER H 69 -32.76 -81.74 -61.82
C SER H 69 -31.67 -82.74 -62.19
N ILE H 70 -30.79 -82.37 -63.11
CA ILE H 70 -29.67 -83.23 -63.46
C ILE H 70 -28.70 -83.32 -62.28
N LEU H 71 -28.34 -82.18 -61.69
CA LEU H 71 -27.46 -82.25 -60.52
C LEU H 71 -28.13 -83.09 -59.44
N ARG H 72 -29.45 -82.92 -59.28
CA ARG H 72 -30.20 -83.62 -58.25
C ARG H 72 -30.10 -85.12 -58.44
N GLN H 73 -29.97 -85.56 -59.69
CA GLN H 73 -29.88 -86.99 -59.96
C GLN H 73 -28.43 -87.49 -59.90
N GLU H 74 -27.48 -86.58 -59.71
CA GLU H 74 -26.07 -86.90 -59.59
C GLU H 74 -25.72 -87.21 -58.14
N LYS H 75 -24.60 -87.88 -57.95
CA LYS H 75 -24.18 -88.20 -56.59
C LYS H 75 -23.59 -86.97 -55.91
N ASN H 76 -23.61 -86.98 -54.57
CA ASN H 76 -22.91 -85.97 -53.79
C ASN H 76 -21.43 -85.88 -54.19
N LEU H 77 -20.79 -87.02 -54.41
CA LEU H 77 -19.36 -87.07 -54.70
C LEU H 77 -19.19 -87.66 -56.09
N LEU H 78 -18.88 -86.80 -57.04
CA LEU H 78 -18.65 -87.23 -58.42
C LEU H 78 -17.34 -88.01 -58.53
N ASP H 79 -17.37 -89.11 -59.27
CA ASP H 79 -16.16 -89.90 -59.52
C ASP H 79 -15.64 -89.53 -60.91
N ILE H 80 -14.97 -88.37 -60.97
CA ILE H 80 -14.34 -87.87 -62.19
C ILE H 80 -12.88 -88.32 -62.28
N ASP H 81 -12.59 -89.08 -63.33
CA ASP H 81 -11.26 -89.57 -63.69
C ASP H 81 -10.41 -88.48 -64.36
N ALA H 82 -9.10 -88.62 -64.20
CA ALA H 82 -8.15 -87.86 -65.00
C ALA H 82 -8.19 -88.37 -66.44
N PRO H 83 -7.80 -87.54 -67.43
CA PRO H 83 -7.28 -86.15 -67.44
C PRO H 83 -8.37 -85.11 -67.22
N VAL H 84 -7.99 -83.94 -66.72
CA VAL H 84 -8.97 -82.88 -66.49
C VAL H 84 -8.26 -81.52 -66.41
N THR H 85 -8.98 -80.48 -66.84
CA THR H 85 -8.50 -79.11 -66.68
C THR H 85 -9.34 -78.52 -65.55
N VAL H 86 -8.67 -78.10 -64.48
CA VAL H 86 -9.29 -77.58 -63.27
C VAL H 86 -9.18 -76.07 -63.25
N CYS H 87 -10.29 -75.41 -62.92
CA CYS H 87 -10.44 -73.97 -63.02
C CYS H 87 -10.97 -73.47 -61.69
N GLY H 88 -10.49 -72.31 -61.26
CA GLY H 88 -10.91 -71.67 -60.04
C GLY H 88 -11.92 -70.57 -60.29
N ASP H 89 -11.92 -69.57 -59.40
CA ASP H 89 -12.99 -68.60 -59.35
C ASP H 89 -13.16 -67.88 -60.68
N ILE H 90 -14.41 -67.60 -61.03
CA ILE H 90 -14.74 -66.84 -62.23
C ILE H 90 -15.30 -65.47 -61.87
N HIS H 91 -16.15 -65.39 -60.86
CA HIS H 91 -16.69 -64.12 -60.38
C HIS H 91 -17.21 -63.25 -61.51
N GLY H 92 -18.11 -63.83 -62.32
CA GLY H 92 -18.84 -63.07 -63.33
C GLY H 92 -18.03 -62.54 -64.48
N GLN H 93 -16.80 -63.01 -64.68
CA GLN H 93 -15.95 -62.53 -65.76
C GLN H 93 -16.14 -63.43 -66.99
N PHE H 94 -17.31 -63.24 -67.63
CA PHE H 94 -17.72 -64.14 -68.70
C PHE H 94 -16.72 -64.15 -69.85
N PHE H 95 -16.18 -62.99 -70.21
CA PHE H 95 -15.26 -62.96 -71.33
C PHE H 95 -13.92 -63.58 -70.95
N ASP H 96 -13.65 -63.65 -69.64
CA ASP H 96 -12.49 -64.39 -69.16
C ASP H 96 -12.80 -65.87 -69.05
N LEU H 97 -14.04 -66.24 -68.74
CA LEU H 97 -14.40 -67.65 -68.90
C LEU H 97 -14.19 -68.12 -70.33
N MET H 98 -14.60 -67.29 -71.31
CA MET H 98 -14.35 -67.58 -72.72
C MET H 98 -12.87 -67.72 -73.00
N LYS H 99 -12.04 -66.82 -72.46
CA LYS H 99 -10.60 -66.96 -72.66
C LYS H 99 -10.08 -68.22 -72.00
N LEU H 100 -10.61 -68.56 -70.82
CA LEU H 100 -10.21 -69.78 -70.14
C LEU H 100 -10.45 -70.99 -71.02
N PHE H 101 -11.61 -71.03 -71.67
CA PHE H 101 -11.92 -72.17 -72.56
C PHE H 101 -11.08 -72.13 -73.84
N GLU H 102 -10.71 -70.93 -74.30
CA GLU H 102 -9.78 -70.82 -75.41
C GLU H 102 -8.40 -71.40 -75.07
N VAL H 103 -7.91 -71.11 -73.86
CA VAL H 103 -6.58 -71.56 -73.46
C VAL H 103 -6.60 -73.05 -73.12
N GLY H 104 -7.62 -73.50 -72.40
CA GLY H 104 -7.69 -74.89 -71.98
C GLY H 104 -8.16 -75.82 -73.07
N GLY H 105 -8.91 -75.30 -74.03
CA GLY H 105 -9.43 -76.13 -75.09
C GLY H 105 -10.94 -76.23 -75.04
N SER H 106 -11.53 -76.47 -76.21
CA SER H 106 -12.98 -76.51 -76.34
C SER H 106 -13.55 -77.63 -75.47
N PRO H 107 -14.65 -77.40 -74.78
CA PRO H 107 -15.32 -78.49 -74.05
C PRO H 107 -15.77 -79.62 -74.96
N ALA H 108 -15.84 -79.39 -76.28
CA ALA H 108 -16.14 -80.48 -77.19
C ALA H 108 -15.12 -81.61 -77.09
N ASN H 109 -13.89 -81.29 -76.68
CA ASN H 109 -12.86 -82.32 -76.55
C ASN H 109 -11.96 -82.10 -75.34
N THR H 110 -12.43 -81.38 -74.33
CA THR H 110 -11.64 -81.11 -73.13
C THR H 110 -12.56 -81.30 -71.93
N ARG H 111 -12.12 -82.13 -70.97
CA ARG H 111 -12.87 -82.30 -69.75
C ARG H 111 -12.57 -81.17 -68.77
N TYR H 112 -13.60 -80.67 -68.10
CA TYR H 112 -13.49 -79.50 -67.25
C TYR H 112 -14.12 -79.73 -65.89
N LEU H 113 -13.52 -79.12 -64.87
CA LEU H 113 -14.10 -79.05 -63.53
C LEU H 113 -13.96 -77.60 -63.05
N PHE H 114 -15.07 -76.98 -62.73
CA PHE H 114 -15.12 -75.63 -62.18
C PHE H 114 -15.44 -75.64 -60.70
N LEU H 115 -14.72 -74.82 -59.95
CA LEU H 115 -14.79 -74.79 -58.49
C LEU H 115 -15.70 -73.69 -57.94
N GLY H 116 -16.52 -73.06 -58.78
CA GLY H 116 -17.50 -72.14 -58.22
C GLY H 116 -17.16 -70.68 -58.45
N ASP H 117 -17.94 -69.84 -57.76
CA ASP H 117 -17.93 -68.38 -57.87
C ASP H 117 -18.14 -67.88 -59.30
N TYR H 118 -19.32 -68.21 -59.83
CA TYR H 118 -19.80 -67.76 -61.13
C TYR H 118 -20.38 -66.35 -61.04
N VAL H 119 -20.79 -65.97 -59.83
CA VAL H 119 -21.60 -64.82 -59.47
C VAL H 119 -20.77 -64.04 -58.46
N ASP H 120 -21.21 -62.84 -58.07
CA ASP H 120 -20.43 -62.06 -57.10
C ASP H 120 -19.25 -61.36 -57.74
N ARG H 121 -19.36 -60.02 -57.81
CA ARG H 121 -18.36 -59.06 -58.32
C ARG H 121 -18.30 -58.88 -59.82
N GLY H 122 -18.26 -59.93 -60.64
CA GLY H 122 -18.41 -59.68 -62.07
C GLY H 122 -19.86 -59.48 -62.47
N TYR H 123 -20.04 -58.62 -63.47
CA TYR H 123 -21.34 -58.15 -63.92
C TYR H 123 -21.89 -58.94 -65.11
N PHE H 124 -21.36 -60.12 -65.37
CA PHE H 124 -21.89 -61.04 -66.37
C PHE H 124 -22.21 -62.38 -65.73
N SER H 125 -22.74 -62.34 -64.51
CA SER H 125 -23.04 -63.57 -63.79
C SER H 125 -24.13 -64.38 -64.49
N ILE H 126 -25.17 -63.73 -65.01
CA ILE H 126 -26.25 -64.50 -65.62
C ILE H 126 -25.79 -65.13 -66.94
N GLU H 127 -24.90 -64.45 -67.67
CA GLU H 127 -24.34 -65.04 -68.89
C GLU H 127 -23.46 -66.24 -68.55
N CYS H 128 -22.66 -66.13 -67.49
CA CYS H 128 -21.89 -67.25 -66.99
C CYS H 128 -22.78 -68.43 -66.66
N VAL H 129 -23.87 -68.18 -65.92
CA VAL H 129 -24.79 -69.24 -65.54
C VAL H 129 -25.38 -69.89 -66.79
N LEU H 130 -25.87 -69.08 -67.73
CA LEU H 130 -26.53 -69.63 -68.91
C LEU H 130 -25.56 -70.46 -69.75
N TYR H 131 -24.31 -69.99 -69.88
CA TYR H 131 -23.34 -70.70 -70.72
C TYR H 131 -22.89 -71.98 -70.05
N LEU H 132 -22.61 -71.93 -68.75
CA LEU H 132 -22.18 -73.12 -68.04
C LEU H 132 -23.30 -74.16 -68.00
N TRP H 133 -24.53 -73.69 -67.82
CA TRP H 133 -25.68 -74.59 -67.86
C TRP H 133 -25.83 -75.24 -69.24
N ALA H 134 -25.59 -74.48 -70.32
CA ALA H 134 -25.64 -75.07 -71.65
C ALA H 134 -24.57 -76.15 -71.83
N LEU H 135 -23.35 -75.89 -71.34
CA LEU H 135 -22.31 -76.92 -71.42
C LEU H 135 -22.67 -78.14 -70.58
N LYS H 136 -23.29 -77.90 -69.42
CA LYS H 136 -23.75 -79.00 -68.58
C LYS H 136 -24.82 -79.82 -69.29
N ILE H 137 -25.70 -79.15 -70.04
CA ILE H 137 -26.69 -79.86 -70.85
C ILE H 137 -26.00 -80.73 -71.89
N LEU H 138 -24.96 -80.18 -72.54
CA LEU H 138 -24.35 -80.93 -73.63
C LEU H 138 -23.42 -82.03 -73.14
N TYR H 139 -22.75 -81.82 -72.00
CA TYR H 139 -21.77 -82.77 -71.48
C TYR H 139 -22.08 -83.14 -70.03
N PRO H 140 -23.24 -83.76 -69.79
CA PRO H 140 -23.69 -83.92 -68.39
C PRO H 140 -22.78 -84.77 -67.53
N LYS H 141 -22.01 -85.68 -68.15
CA LYS H 141 -21.13 -86.57 -67.39
C LYS H 141 -19.66 -86.30 -67.68
N THR H 142 -19.34 -85.21 -68.37
CA THR H 142 -17.95 -84.83 -68.59
C THR H 142 -17.63 -83.40 -68.18
N LEU H 143 -18.62 -82.57 -67.90
CA LEU H 143 -18.39 -81.21 -67.41
C LEU H 143 -19.12 -81.01 -66.09
N PHE H 144 -18.37 -80.59 -65.08
CA PHE H 144 -18.86 -80.48 -63.70
C PHE H 144 -18.59 -79.10 -63.14
N LEU H 145 -19.52 -78.65 -62.30
CA LEU H 145 -19.56 -77.31 -61.73
C LEU H 145 -19.73 -77.49 -60.24
N LEU H 146 -18.82 -76.91 -59.46
CA LEU H 146 -18.96 -76.92 -58.02
C LEU H 146 -19.52 -75.62 -57.45
N ARG H 147 -19.97 -75.72 -56.20
CA ARG H 147 -20.48 -74.59 -55.42
C ARG H 147 -19.36 -73.82 -54.73
N GLY H 148 -19.42 -72.49 -54.81
CA GLY H 148 -18.61 -71.64 -53.96
C GLY H 148 -19.45 -71.05 -52.84
N ASN H 149 -18.76 -70.29 -51.97
CA ASN H 149 -19.44 -69.72 -50.80
C ASN H 149 -20.38 -68.57 -51.14
N HIS H 150 -20.23 -67.95 -52.31
CA HIS H 150 -21.14 -66.89 -52.74
C HIS H 150 -22.43 -67.41 -53.36
N GLU H 151 -22.54 -68.71 -53.60
CA GLU H 151 -23.73 -69.32 -54.20
C GLU H 151 -24.76 -69.60 -53.10
N CYS H 152 -25.28 -68.51 -52.54
CA CYS H 152 -26.23 -68.54 -51.44
C CYS H 152 -27.00 -67.23 -51.45
N ARG H 153 -28.08 -67.18 -50.66
CA ARG H 153 -28.92 -65.99 -50.66
C ARG H 153 -28.29 -64.83 -49.93
N HIS H 154 -27.57 -65.08 -48.83
CA HIS H 154 -27.01 -63.98 -48.05
C HIS H 154 -26.14 -63.09 -48.93
N LEU H 155 -25.21 -63.68 -49.67
CA LEU H 155 -24.29 -62.84 -50.42
C LEU H 155 -24.88 -62.37 -51.74
N THR H 156 -25.71 -63.20 -52.39
CA THR H 156 -26.24 -62.76 -53.68
C THR H 156 -27.30 -61.68 -53.50
N GLU H 157 -27.92 -61.65 -52.32
CA GLU H 157 -28.85 -60.58 -51.96
C GLU H 157 -28.12 -59.37 -51.40
N TYR H 158 -26.91 -59.58 -50.85
CA TYR H 158 -26.09 -58.47 -50.37
C TYR H 158 -25.40 -57.75 -51.52
N PHE H 159 -24.77 -58.52 -52.41
CA PHE H 159 -24.21 -57.97 -53.65
C PHE H 159 -25.29 -57.78 -54.71
N THR H 160 -24.89 -57.74 -55.98
CA THR H 160 -25.70 -57.19 -57.06
C THR H 160 -26.38 -58.25 -57.92
N PHE H 161 -26.19 -59.54 -57.62
CA PHE H 161 -26.72 -60.57 -58.51
C PHE H 161 -28.24 -60.51 -58.55
N LYS H 162 -28.86 -60.28 -57.39
CA LYS H 162 -30.32 -60.21 -57.32
C LYS H 162 -30.84 -59.03 -58.13
N GLN H 163 -30.21 -57.86 -57.97
CA GLN H 163 -30.58 -56.71 -58.78
C GLN H 163 -30.37 -56.99 -60.26
N GLU H 164 -29.29 -57.69 -60.61
CA GLU H 164 -29.04 -58.03 -62.01
C GLU H 164 -30.18 -58.89 -62.56
N CYS H 165 -30.59 -59.90 -61.79
CA CYS H 165 -31.71 -60.73 -62.21
C CYS H 165 -32.98 -59.91 -62.37
N LYS H 166 -33.23 -58.98 -61.44
CA LYS H 166 -34.48 -58.22 -61.52
C LYS H 166 -34.46 -57.21 -62.66
N ILE H 167 -33.28 -56.70 -63.04
CA ILE H 167 -33.19 -55.80 -64.17
C ILE H 167 -33.35 -56.55 -65.48
N LYS H 168 -32.66 -57.69 -65.62
CA LYS H 168 -32.63 -58.39 -66.90
C LYS H 168 -33.73 -59.44 -67.02
N TYR H 169 -34.16 -60.03 -65.91
CA TYR H 169 -35.15 -61.10 -65.95
C TYR H 169 -36.27 -60.82 -64.95
N SER H 170 -36.24 -61.50 -63.81
CA SER H 170 -37.25 -61.29 -62.78
C SER H 170 -36.69 -61.78 -61.44
N GLU H 171 -37.37 -61.40 -60.36
CA GLU H 171 -37.01 -61.91 -59.04
C GLU H 171 -37.23 -63.42 -58.94
N ARG H 172 -38.30 -63.92 -59.56
CA ARG H 172 -38.56 -65.35 -59.50
C ARG H 172 -37.50 -66.14 -60.26
N VAL H 173 -37.00 -65.60 -61.37
CA VAL H 173 -35.89 -66.22 -62.06
C VAL H 173 -34.67 -66.27 -61.15
N TYR H 174 -34.45 -65.20 -60.38
CA TYR H 174 -33.39 -65.22 -59.38
C TYR H 174 -33.57 -66.33 -58.37
N ASP H 175 -34.78 -66.47 -57.81
CA ASP H 175 -35.00 -67.51 -56.80
C ASP H 175 -34.80 -68.90 -57.38
N ALA H 176 -35.24 -69.11 -58.63
CA ALA H 176 -35.03 -70.41 -59.28
C ALA H 176 -33.54 -70.68 -59.49
N CYS H 177 -32.79 -69.65 -59.90
CA CYS H 177 -31.34 -69.81 -60.05
C CYS H 177 -30.72 -70.18 -58.71
N MET H 178 -31.18 -69.54 -57.64
CA MET H 178 -30.62 -69.77 -56.32
C MET H 178 -30.89 -71.20 -55.88
N ASP H 179 -32.08 -71.73 -56.18
CA ASP H 179 -32.36 -73.12 -55.84
C ASP H 179 -31.52 -74.07 -56.68
N ALA H 180 -31.24 -73.70 -57.93
CA ALA H 180 -30.33 -74.52 -58.70
C ALA H 180 -28.96 -74.52 -58.04
N PHE H 181 -28.50 -73.34 -57.61
CA PHE H 181 -27.19 -73.30 -56.95
C PHE H 181 -27.23 -74.16 -55.69
N ASP H 182 -28.40 -74.21 -55.04
CA ASP H 182 -28.61 -75.04 -53.87
C ASP H 182 -28.45 -76.52 -54.23
N CYS H 183 -28.61 -76.86 -55.50
CA CYS H 183 -28.49 -78.24 -55.95
C CYS H 183 -27.04 -78.63 -56.23
N LEU H 184 -26.12 -77.67 -56.23
CA LEU H 184 -24.73 -77.91 -56.61
C LEU H 184 -24.06 -78.91 -55.67
N PRO H 185 -23.41 -79.95 -56.18
CA PRO H 185 -22.57 -80.80 -55.34
C PRO H 185 -21.52 -79.99 -54.56
N LEU H 186 -21.06 -80.59 -53.46
CA LEU H 186 -20.14 -79.92 -52.55
C LEU H 186 -18.67 -80.27 -52.71
N ALA H 187 -18.33 -81.42 -53.30
CA ALA H 187 -16.93 -81.86 -53.29
C ALA H 187 -16.69 -82.83 -54.43
N ALA H 188 -15.40 -83.02 -54.75
CA ALA H 188 -14.98 -84.03 -55.72
C ALA H 188 -13.81 -84.84 -55.18
N LEU H 189 -13.85 -86.16 -55.39
CA LEU H 189 -12.72 -87.05 -55.19
C LEU H 189 -12.05 -87.30 -56.53
N MET H 190 -10.84 -86.78 -56.71
CA MET H 190 -10.15 -86.77 -57.98
C MET H 190 -9.03 -87.80 -58.01
N ASN H 191 -9.12 -88.74 -58.95
CA ASN H 191 -8.11 -89.79 -59.16
C ASN H 191 -7.76 -90.51 -57.87
N GLN H 192 -8.71 -90.58 -56.93
CA GLN H 192 -8.50 -91.22 -55.63
C GLN H 192 -7.33 -90.58 -54.89
N GLN H 193 -6.94 -89.37 -55.27
CA GLN H 193 -5.77 -88.71 -54.70
C GLN H 193 -6.07 -87.32 -54.13
N PHE H 194 -7.02 -86.60 -54.72
CA PHE H 194 -7.22 -85.20 -54.40
C PHE H 194 -8.65 -84.93 -53.98
N LEU H 195 -8.83 -84.21 -52.88
CA LEU H 195 -10.13 -83.64 -52.54
C LEU H 195 -10.22 -82.24 -53.14
N CYS H 196 -11.24 -82.02 -53.95
CA CYS H 196 -11.40 -80.75 -54.66
C CYS H 196 -12.64 -80.07 -54.12
N VAL H 197 -12.45 -78.86 -53.61
CA VAL H 197 -13.47 -78.02 -53.00
C VAL H 197 -13.17 -76.58 -53.35
N HIS H 198 -14.15 -75.71 -53.13
CA HIS H 198 -13.93 -74.28 -53.34
C HIS H 198 -12.98 -73.70 -52.29
N GLY H 199 -13.30 -73.88 -51.01
CA GLY H 199 -12.53 -73.24 -49.96
C GLY H 199 -11.46 -74.15 -49.38
N GLY H 200 -11.88 -75.24 -48.73
CA GLY H 200 -10.91 -76.18 -48.20
C GLY H 200 -11.44 -77.16 -47.17
N LEU H 201 -10.67 -77.39 -46.12
CA LEU H 201 -10.96 -78.42 -45.13
C LEU H 201 -11.80 -77.89 -43.99
N SER H 202 -12.28 -78.83 -43.15
CA SER H 202 -13.17 -78.59 -42.04
C SER H 202 -12.67 -79.49 -40.91
N PRO H 203 -12.73 -79.04 -39.66
CA PRO H 203 -12.44 -79.95 -38.55
C PRO H 203 -13.33 -81.17 -38.51
N GLU H 204 -14.54 -81.08 -39.06
CA GLU H 204 -15.51 -82.17 -39.01
C GLU H 204 -15.50 -83.06 -40.26
N ILE H 205 -14.52 -82.92 -41.15
CA ILE H 205 -14.42 -83.77 -42.33
C ILE H 205 -13.08 -84.50 -42.30
N ASN H 206 -13.12 -85.78 -41.94
CA ASN H 206 -11.93 -86.62 -41.94
C ASN H 206 -11.91 -87.61 -43.09
N THR H 207 -13.07 -87.88 -43.70
CA THR H 207 -13.19 -88.82 -44.80
C THR H 207 -14.13 -88.24 -45.83
N LEU H 208 -14.06 -88.76 -47.06
CA LEU H 208 -15.02 -88.37 -48.09
C LEU H 208 -16.45 -88.72 -47.70
N ASP H 209 -16.64 -89.78 -46.92
CA ASP H 209 -17.99 -90.15 -46.51
C ASP H 209 -18.62 -89.08 -45.63
N ASP H 210 -17.83 -88.29 -44.91
CA ASP H 210 -18.44 -87.21 -44.14
C ASP H 210 -19.05 -86.16 -45.06
N ILE H 211 -18.48 -86.00 -46.25
CA ILE H 211 -19.04 -85.09 -47.25
C ILE H 211 -20.26 -85.72 -47.90
N ARG H 212 -20.14 -87.01 -48.24
CA ARG H 212 -21.23 -87.73 -48.91
C ARG H 212 -22.51 -87.74 -48.08
N LYS H 213 -22.39 -87.66 -46.75
CA LYS H 213 -23.53 -87.78 -45.86
C LYS H 213 -24.26 -86.45 -45.65
N LEU H 214 -23.70 -85.34 -46.12
CA LEU H 214 -24.34 -84.05 -45.93
C LEU H 214 -25.66 -83.96 -46.71
N ASP H 215 -26.57 -83.13 -46.21
CA ASP H 215 -27.76 -82.71 -46.94
C ASP H 215 -27.50 -81.35 -47.55
N ARG H 216 -27.32 -81.31 -48.87
CA ARG H 216 -26.93 -80.09 -49.56
C ARG H 216 -28.13 -79.30 -50.09
N PHE H 217 -29.33 -79.88 -50.07
CA PHE H 217 -30.48 -79.26 -50.74
C PHE H 217 -31.13 -78.25 -49.79
N LYS H 218 -30.44 -77.12 -49.65
CA LYS H 218 -30.81 -76.14 -48.63
C LYS H 218 -29.94 -74.89 -48.81
N GLU H 219 -30.39 -73.80 -48.21
CA GLU H 219 -29.53 -72.65 -48.02
C GLU H 219 -28.35 -73.04 -47.14
N PRO H 220 -27.13 -72.64 -47.49
CA PRO H 220 -25.97 -72.99 -46.66
C PRO H 220 -26.13 -72.48 -45.25
N PRO H 221 -25.89 -73.33 -44.24
CA PRO H 221 -26.03 -72.90 -42.86
C PRO H 221 -24.92 -71.92 -42.46
N ALA H 222 -25.12 -71.32 -41.29
CA ALA H 222 -24.18 -70.38 -40.70
C ALA H 222 -22.95 -71.07 -40.11
N TYR H 223 -22.97 -72.39 -39.96
CA TYR H 223 -21.84 -73.10 -39.37
C TYR H 223 -21.87 -74.56 -39.78
N GLY H 224 -20.73 -75.23 -39.56
CA GLY H 224 -20.58 -76.64 -39.85
C GLY H 224 -19.65 -76.96 -41.00
N PRO H 225 -19.51 -78.26 -41.29
CA PRO H 225 -18.49 -78.68 -42.27
C PRO H 225 -18.70 -78.19 -43.69
N MET H 226 -19.94 -78.19 -44.19
CA MET H 226 -20.19 -77.68 -45.54
C MET H 226 -19.82 -76.20 -45.64
N CYS H 227 -20.19 -75.41 -44.63
CA CYS H 227 -19.78 -74.01 -44.57
C CYS H 227 -18.27 -73.91 -44.66
N ASP H 228 -17.56 -74.73 -43.87
CA ASP H 228 -16.10 -74.61 -43.82
C ASP H 228 -15.52 -74.98 -45.17
N ILE H 229 -16.08 -76.00 -45.81
CA ILE H 229 -15.66 -76.41 -47.15
C ILE H 229 -15.75 -75.25 -48.11
N LEU H 230 -16.82 -74.46 -48.00
CA LEU H 230 -17.02 -73.34 -48.93
C LEU H 230 -16.22 -72.10 -48.55
N TRP H 231 -15.83 -71.96 -47.28
CA TRP H 231 -15.39 -70.67 -46.74
C TRP H 231 -13.95 -70.63 -46.26
N SER H 232 -13.30 -71.78 -46.05
CA SER H 232 -12.02 -71.80 -45.36
C SER H 232 -10.90 -71.38 -46.30
N ASP H 233 -9.79 -70.94 -45.71
CA ASP H 233 -8.61 -70.48 -46.44
C ASP H 233 -7.35 -71.13 -45.90
N PRO H 234 -6.30 -71.21 -46.71
CA PRO H 234 -4.96 -71.51 -46.19
C PRO H 234 -4.44 -70.38 -45.32
N PRO H 235 -3.52 -70.69 -44.40
CA PRO H 235 -3.06 -69.66 -43.45
C PRO H 235 -2.12 -68.66 -44.10
N GLU H 236 -1.80 -67.62 -43.33
CA GLU H 236 -0.93 -66.56 -43.81
C GLU H 236 0.52 -67.01 -43.95
N ASN H 237 1.02 -67.73 -42.95
CA ASN H 237 2.41 -68.18 -42.92
C ASN H 237 2.48 -69.66 -43.31
N PHE H 238 3.38 -69.99 -44.22
CA PHE H 238 3.52 -71.34 -44.74
C PHE H 238 4.92 -71.86 -44.45
N GLY H 239 5.01 -73.06 -43.90
CA GLY H 239 6.27 -73.70 -43.61
C GLY H 239 6.89 -73.36 -42.27
N ASN H 240 6.41 -72.31 -41.60
CA ASN H 240 6.93 -71.90 -40.30
C ASN H 240 5.83 -71.93 -39.24
N GLU H 241 4.88 -72.85 -39.38
CA GLU H 241 3.73 -72.92 -38.47
C GLU H 241 4.17 -73.60 -37.18
N LYS H 242 4.69 -72.79 -36.26
CA LYS H 242 5.01 -73.30 -34.93
C LYS H 242 3.76 -73.67 -34.14
N THR H 243 2.60 -73.10 -34.51
CA THR H 243 1.36 -73.43 -33.84
C THR H 243 0.99 -74.88 -34.05
N GLN H 244 0.28 -75.45 -33.08
CA GLN H 244 -0.06 -76.86 -33.09
C GLN H 244 -1.53 -77.13 -33.36
N GLU H 245 -2.39 -76.11 -33.37
CA GLU H 245 -3.80 -76.34 -33.63
C GLU H 245 -4.06 -76.47 -35.12
N HIS H 246 -4.80 -77.51 -35.49
CA HIS H 246 -5.06 -77.80 -36.90
C HIS H 246 -5.91 -76.69 -37.55
N PHE H 247 -6.97 -76.26 -36.86
CA PHE H 247 -7.88 -75.23 -37.35
C PHE H 247 -8.01 -74.10 -36.33
N THR H 248 -7.79 -72.86 -36.77
CA THR H 248 -7.93 -71.73 -35.87
C THR H 248 -8.88 -70.69 -36.46
N HIS H 249 -9.53 -69.95 -35.56
CA HIS H 249 -10.52 -68.95 -35.94
C HIS H 249 -10.00 -67.85 -36.86
N ASN H 250 -10.71 -67.65 -37.96
CA ASN H 250 -10.39 -66.65 -38.99
C ASN H 250 -10.98 -65.32 -38.52
N THR H 251 -10.16 -64.45 -37.93
CA THR H 251 -10.74 -63.21 -37.43
C THR H 251 -11.09 -62.22 -38.54
N VAL H 252 -10.56 -62.42 -39.75
CA VAL H 252 -10.91 -61.53 -40.86
C VAL H 252 -12.31 -61.83 -41.40
N ARG H 253 -12.66 -63.11 -41.60
CA ARG H 253 -13.95 -63.45 -42.19
C ARG H 253 -15.10 -63.48 -41.19
N GLY H 254 -14.81 -63.72 -39.92
CA GLY H 254 -15.82 -63.89 -38.90
C GLY H 254 -16.49 -65.25 -38.81
N CYS H 255 -16.07 -66.25 -39.59
CA CYS H 255 -16.63 -67.58 -39.43
C CYS H 255 -15.65 -68.60 -39.99
N SER H 256 -15.90 -69.87 -39.69
CA SER H 256 -15.13 -71.02 -40.14
C SER H 256 -13.67 -70.88 -39.68
N TYR H 257 -12.73 -71.51 -40.38
CA TYR H 257 -11.37 -71.67 -39.84
C TYR H 257 -10.31 -71.58 -40.93
N PHE H 258 -9.09 -71.25 -40.51
CA PHE H 258 -7.88 -71.62 -41.24
C PHE H 258 -7.44 -73.01 -40.83
N TYR H 259 -6.97 -73.80 -41.79
CA TYR H 259 -6.37 -75.10 -41.52
C TYR H 259 -4.88 -75.04 -41.79
N SER H 260 -4.12 -75.78 -41.00
CA SER H 260 -2.66 -75.77 -41.01
C SER H 260 -2.09 -76.89 -41.88
N TYR H 261 -0.79 -76.75 -42.15
CA TYR H 261 -0.05 -77.76 -42.90
C TYR H 261 -0.03 -79.14 -42.23
N PRO H 262 0.19 -79.27 -40.91
CA PRO H 262 0.06 -80.61 -40.30
C PRO H 262 -1.33 -81.20 -40.48
N ALA H 263 -2.38 -80.39 -40.35
CA ALA H 263 -3.75 -80.87 -40.60
C ALA H 263 -3.88 -81.49 -41.98
N VAL H 264 -3.39 -80.78 -43.00
CA VAL H 264 -3.49 -81.27 -44.37
C VAL H 264 -2.68 -82.56 -44.53
N CYS H 265 -1.46 -82.58 -43.99
CA CYS H 265 -0.63 -83.77 -44.17
C CYS H 265 -1.26 -84.98 -43.48
N GLU H 266 -1.85 -84.76 -42.31
CA GLU H 266 -2.51 -85.86 -41.60
C GLU H 266 -3.72 -86.37 -42.37
N PHE H 267 -4.54 -85.45 -42.88
CA PHE H 267 -5.69 -85.87 -43.68
C PHE H 267 -5.24 -86.66 -44.90
N LEU H 268 -4.23 -86.16 -45.62
CA LEU H 268 -3.77 -86.83 -46.83
C LEU H 268 -3.24 -88.22 -46.52
N GLN H 269 -2.42 -88.34 -45.47
CA GLN H 269 -1.85 -89.63 -45.12
C GLN H 269 -2.93 -90.61 -44.68
N HIS H 270 -3.85 -90.16 -43.83
CA HIS H 270 -4.89 -91.05 -43.33
C HIS H 270 -5.81 -91.51 -44.45
N ASN H 271 -6.03 -90.67 -45.45
CA ASN H 271 -6.93 -90.98 -46.55
C ASN H 271 -6.20 -91.36 -47.83
N ASN H 272 -4.87 -91.48 -47.78
CA ASN H 272 -4.06 -91.91 -48.91
C ASN H 272 -4.23 -90.94 -50.08
N LEU H 273 -4.23 -89.65 -49.77
CA LEU H 273 -4.37 -88.60 -50.76
C LEU H 273 -3.04 -87.88 -50.95
N LEU H 274 -2.85 -87.28 -52.12
CA LEU H 274 -1.60 -86.56 -52.38
C LEU H 274 -1.65 -85.08 -52.00
N SER H 275 -2.77 -84.40 -52.24
CA SER H 275 -2.87 -82.97 -51.97
C SER H 275 -4.34 -82.57 -52.06
N ILE H 276 -4.60 -81.26 -52.03
CA ILE H 276 -5.94 -80.70 -52.10
C ILE H 276 -5.94 -79.51 -53.06
N LEU H 277 -6.92 -79.46 -53.94
CA LEU H 277 -7.06 -78.41 -54.95
C LEU H 277 -8.18 -77.45 -54.55
N ARG H 278 -7.87 -76.16 -54.51
CA ARG H 278 -8.84 -75.18 -54.05
C ARG H 278 -8.62 -73.85 -54.77
N ALA H 279 -9.49 -72.89 -54.43
CA ALA H 279 -9.54 -71.57 -55.05
C ALA H 279 -9.61 -70.48 -53.98
N HIS H 280 -10.53 -69.52 -54.19
CA HIS H 280 -11.06 -68.65 -53.14
C HIS H 280 -10.18 -67.46 -52.80
N GLU H 281 -8.90 -67.47 -53.13
CA GLU H 281 -8.03 -66.33 -52.88
C GLU H 281 -7.31 -65.93 -54.15
N ALA H 282 -7.47 -64.67 -54.54
CA ALA H 282 -6.81 -64.14 -55.73
C ALA H 282 -5.29 -64.24 -55.61
N GLN H 283 -4.63 -64.52 -56.73
CA GLN H 283 -3.18 -64.62 -56.79
C GLN H 283 -2.66 -63.83 -57.98
N ASP H 284 -1.56 -63.10 -57.77
CA ASP H 284 -1.00 -62.29 -58.84
C ASP H 284 -0.63 -63.14 -60.06
N ALA H 285 -0.14 -64.36 -59.84
CA ALA H 285 0.27 -65.23 -60.92
C ALA H 285 -0.82 -66.19 -61.38
N GLY H 286 -1.96 -66.20 -60.68
CA GLY H 286 -3.01 -67.17 -60.92
C GLY H 286 -2.87 -68.49 -60.19
N TYR H 287 -1.81 -68.68 -59.42
CA TYR H 287 -1.61 -69.91 -58.67
C TYR H 287 -0.64 -69.68 -57.53
N ARG H 288 -0.69 -70.54 -56.53
CA ARG H 288 0.34 -70.58 -55.50
C ARG H 288 0.56 -72.02 -55.07
N MET H 289 1.81 -72.44 -55.03
CA MET H 289 2.20 -73.75 -54.52
C MET H 289 2.76 -73.60 -53.10
N TYR H 290 2.14 -74.26 -52.13
CA TYR H 290 2.55 -74.09 -50.74
C TYR H 290 3.54 -75.18 -50.35
N PRO H 299 4.30 -81.62 -52.23
CA PRO H 299 3.63 -80.44 -51.68
C PRO H 299 2.23 -80.75 -51.19
N SER H 300 1.91 -80.32 -49.96
CA SER H 300 0.60 -80.61 -49.40
C SER H 300 -0.53 -79.77 -49.99
N LEU H 301 -0.25 -78.59 -50.55
CA LEU H 301 -1.35 -77.74 -50.96
C LEU H 301 -1.00 -76.88 -52.18
N ILE H 302 -1.98 -76.70 -53.05
CA ILE H 302 -1.88 -75.82 -54.22
C ILE H 302 -3.19 -75.06 -54.34
N THR H 303 -3.12 -73.73 -54.42
CA THR H 303 -4.28 -72.90 -54.72
C THR H 303 -4.21 -72.47 -56.19
N ILE H 304 -5.34 -72.56 -56.88
CA ILE H 304 -5.47 -72.11 -58.26
C ILE H 304 -6.60 -71.08 -58.35
N PHE H 305 -6.35 -70.01 -59.10
CA PHE H 305 -7.26 -68.87 -59.20
C PHE H 305 -7.31 -68.40 -60.64
N SER H 306 -8.50 -68.48 -61.24
CA SER H 306 -8.68 -68.34 -62.67
C SER H 306 -9.43 -67.07 -63.05
N ALA H 307 -9.46 -66.07 -62.17
CA ALA H 307 -10.17 -64.83 -62.47
C ALA H 307 -9.18 -63.70 -62.70
N PRO H 308 -8.83 -63.41 -63.95
CA PRO H 308 -7.84 -62.37 -64.24
C PRO H 308 -8.43 -60.97 -64.08
N ASN H 309 -7.52 -60.02 -63.81
CA ASN H 309 -7.86 -58.62 -63.54
C ASN H 309 -9.08 -58.50 -62.64
N TYR H 310 -9.01 -59.17 -61.49
CA TYR H 310 -10.10 -59.21 -60.52
C TYR H 310 -10.61 -57.81 -60.21
N LEU H 311 -11.93 -57.65 -60.27
CA LEU H 311 -12.64 -56.40 -60.03
C LEU H 311 -12.27 -55.31 -61.03
N ASP H 312 -11.73 -55.69 -62.18
CA ASP H 312 -11.25 -54.77 -63.21
C ASP H 312 -10.12 -53.87 -62.73
N VAL H 313 -9.49 -54.18 -61.59
CA VAL H 313 -8.45 -53.31 -61.05
C VAL H 313 -7.25 -54.10 -60.57
N TYR H 314 -7.44 -55.40 -60.27
CA TYR H 314 -6.35 -56.15 -59.66
C TYR H 314 -5.17 -56.31 -60.62
N ASN H 315 -5.44 -56.37 -61.93
CA ASN H 315 -4.40 -56.53 -62.95
C ASN H 315 -3.70 -57.88 -62.85
N ASN H 316 -4.37 -58.89 -62.29
CA ASN H 316 -3.75 -60.20 -62.13
C ASN H 316 -3.93 -61.05 -63.39
N LYS H 317 -3.00 -61.99 -63.57
CA LYS H 317 -3.16 -63.09 -64.50
C LYS H 317 -4.10 -64.16 -63.94
N ALA H 318 -4.66 -64.95 -64.85
CA ALA H 318 -5.37 -66.17 -64.51
C ALA H 318 -4.52 -67.40 -64.83
N ALA H 319 -4.90 -68.53 -64.23
CA ALA H 319 -4.28 -69.81 -64.56
C ALA H 319 -5.32 -70.91 -64.47
N VAL H 320 -5.01 -72.03 -65.14
CA VAL H 320 -5.70 -73.30 -64.92
C VAL H 320 -4.68 -74.38 -64.62
N LEU H 321 -5.17 -75.44 -63.98
CA LEU H 321 -4.37 -76.61 -63.60
C LEU H 321 -4.81 -77.78 -64.46
N LYS H 322 -3.94 -78.25 -65.36
CA LYS H 322 -4.22 -79.45 -66.13
C LYS H 322 -3.61 -80.64 -65.40
N TYR H 323 -4.48 -81.47 -64.83
CA TYR H 323 -4.10 -82.68 -64.12
C TYR H 323 -4.25 -83.91 -65.00
N GLU H 324 -3.12 -84.53 -65.33
CA GLU H 324 -3.07 -85.63 -66.28
C GLU H 324 -1.79 -86.40 -66.05
N ASN H 325 -1.89 -87.73 -66.09
CA ASN H 325 -0.75 -88.62 -65.92
C ASN H 325 0.01 -88.30 -64.65
N ASN H 326 -0.73 -88.06 -63.56
CA ASN H 326 -0.16 -87.73 -62.26
C ASN H 326 0.81 -86.55 -62.37
N VAL H 327 0.51 -85.62 -63.29
CA VAL H 327 1.25 -84.38 -63.44
C VAL H 327 0.28 -83.21 -63.34
N MET H 328 0.66 -82.20 -62.56
CA MET H 328 -0.07 -80.94 -62.42
C MET H 328 0.60 -79.84 -63.24
N ASN H 329 0.07 -79.55 -64.43
CA ASN H 329 0.69 -78.65 -65.38
C ASN H 329 -0.09 -77.34 -65.25
N ILE H 330 0.56 -76.31 -64.69
CA ILE H 330 -0.03 -74.99 -64.62
C ILE H 330 0.09 -74.28 -65.97
N ARG H 331 -1.06 -73.85 -66.51
CA ARG H 331 -1.15 -73.08 -67.75
C ARG H 331 -1.71 -71.71 -67.42
N GLN H 332 -0.90 -70.67 -67.61
CA GLN H 332 -1.34 -69.30 -67.35
C GLN H 332 -1.95 -68.67 -68.60
N PHE H 333 -2.79 -67.67 -68.36
CA PHE H 333 -3.31 -66.81 -69.43
C PHE H 333 -3.65 -65.44 -68.86
N ASN H 334 -3.61 -64.44 -69.72
CA ASN H 334 -3.95 -63.07 -69.38
C ASN H 334 -5.45 -62.81 -69.52
N CYS H 335 -5.88 -61.67 -68.96
CA CYS H 335 -7.27 -61.23 -69.04
C CYS H 335 -7.63 -60.76 -70.46
N SER H 336 -8.94 -60.72 -70.71
CA SER H 336 -9.50 -60.30 -71.98
C SER H 336 -10.46 -59.12 -71.78
N PRO H 337 -10.63 -58.27 -72.80
CA PRO H 337 -11.58 -57.16 -72.69
C PRO H 337 -13.00 -57.65 -72.43
N HIS H 338 -13.79 -56.82 -71.76
CA HIS H 338 -15.20 -57.10 -71.55
C HIS H 338 -15.99 -55.80 -71.62
N PRO H 339 -17.30 -55.90 -71.90
CA PRO H 339 -18.13 -54.69 -71.95
C PRO H 339 -18.31 -54.05 -70.58
N TYR H 340 -18.58 -52.74 -70.62
CA TYR H 340 -18.65 -51.95 -69.40
C TYR H 340 -20.08 -51.89 -68.88
N TRP H 341 -20.21 -51.88 -67.55
CA TRP H 341 -21.48 -51.65 -66.86
C TRP H 341 -21.26 -50.62 -65.76
N LEU H 342 -22.23 -49.73 -65.58
CA LEU H 342 -22.21 -48.88 -64.39
C LEU H 342 -22.44 -49.74 -63.16
N PRO H 343 -21.94 -49.33 -62.00
CA PRO H 343 -22.15 -50.12 -60.78
C PRO H 343 -23.61 -50.43 -60.49
N ASN H 344 -23.84 -51.70 -60.12
CA ASN H 344 -25.14 -52.23 -59.71
C ASN H 344 -26.19 -52.15 -60.82
N PHE H 345 -25.78 -52.15 -62.09
CA PHE H 345 -26.74 -52.17 -63.20
C PHE H 345 -27.72 -51.00 -63.10
N MET H 346 -27.28 -49.89 -62.53
CA MET H 346 -28.13 -48.71 -62.37
C MET H 346 -28.47 -48.06 -63.69
N ASP H 347 -29.73 -47.64 -63.80
CA ASP H 347 -30.26 -46.93 -64.96
C ASP H 347 -29.93 -45.44 -64.89
N VAL H 348 -30.09 -44.77 -66.03
CA VAL H 348 -29.66 -43.38 -66.16
C VAL H 348 -30.56 -42.44 -65.38
N PHE H 349 -31.82 -42.83 -65.14
CA PHE H 349 -32.71 -41.96 -64.36
C PHE H 349 -32.28 -41.90 -62.90
N THR H 350 -32.12 -43.06 -62.27
CA THR H 350 -31.61 -43.08 -60.90
C THR H 350 -30.29 -42.33 -60.77
N TRP H 351 -29.41 -42.47 -61.76
CA TRP H 351 -28.12 -41.80 -61.68
C TRP H 351 -28.25 -40.28 -61.78
N SER H 352 -29.02 -39.79 -62.75
CA SER H 352 -28.97 -38.35 -63.04
C SER H 352 -30.03 -37.51 -62.35
N LEU H 353 -31.19 -38.09 -62.01
CA LEU H 353 -32.27 -37.28 -61.46
C LEU H 353 -31.92 -36.56 -60.15
N PRO H 354 -31.20 -37.18 -59.20
CA PRO H 354 -30.78 -36.42 -58.01
C PRO H 354 -29.98 -35.17 -58.32
N PHE H 355 -29.06 -35.26 -59.28
CA PHE H 355 -28.27 -34.09 -59.66
C PHE H 355 -29.14 -33.03 -60.30
N VAL H 356 -30.09 -33.43 -61.14
CA VAL H 356 -31.01 -32.47 -61.75
C VAL H 356 -31.78 -31.73 -60.67
N GLY H 357 -32.39 -32.47 -59.74
CA GLY H 357 -33.15 -31.83 -58.68
C GLY H 357 -32.29 -30.94 -57.81
N GLU H 358 -31.04 -31.36 -57.57
CA GLU H 358 -30.12 -30.57 -56.76
C GLU H 358 -29.80 -29.25 -57.44
N LYS H 359 -29.50 -29.29 -58.74
CA LYS H 359 -29.02 -28.09 -59.39
C LYS H 359 -30.18 -27.15 -59.68
N VAL H 360 -31.37 -27.69 -59.94
CA VAL H 360 -32.53 -26.84 -60.15
C VAL H 360 -32.93 -26.16 -58.84
N THR H 361 -32.84 -26.89 -57.72
CA THR H 361 -33.11 -26.26 -56.43
C THR H 361 -32.08 -25.18 -56.13
N GLU H 362 -30.80 -25.45 -56.41
CA GLU H 362 -29.76 -24.45 -56.19
C GLU H 362 -30.02 -23.19 -57.01
N MET H 363 -30.38 -23.36 -58.28
CA MET H 363 -30.69 -22.21 -59.13
C MET H 363 -31.84 -21.42 -58.55
N LEU H 364 -32.93 -22.10 -58.18
CA LEU H 364 -34.10 -21.39 -57.63
C LEU H 364 -33.69 -20.60 -56.38
N VAL H 365 -32.90 -21.24 -55.51
CA VAL H 365 -32.41 -20.57 -54.29
C VAL H 365 -31.64 -19.31 -54.65
N ASN H 366 -30.80 -19.38 -55.68
CA ASN H 366 -30.01 -18.21 -56.06
C ASN H 366 -30.90 -17.14 -56.67
N VAL H 367 -31.90 -17.54 -57.46
CA VAL H 367 -32.83 -16.60 -58.05
C VAL H 367 -33.57 -15.83 -56.96
N LEU H 368 -33.93 -16.50 -55.86
CA LEU H 368 -34.71 -15.85 -54.81
C LEU H 368 -33.86 -15.09 -53.81
N ASN H 369 -32.61 -15.46 -53.59
CA ASN H 369 -31.81 -14.83 -52.54
C ASN H 369 -31.12 -13.56 -53.01
N ILE H 370 -31.73 -12.85 -53.97
CA ILE H 370 -31.23 -11.57 -54.45
C ILE H 370 -30.81 -10.65 -53.31
N ASP I 16 -54.49 -11.42 -53.48
CA ASP I 16 -54.70 -10.29 -52.57
C ASP I 16 -54.31 -8.97 -53.23
N ALA I 17 -55.09 -7.93 -52.93
CA ALA I 17 -54.93 -6.66 -53.63
C ALA I 17 -53.54 -6.07 -53.41
N ASP I 18 -53.09 -6.02 -52.15
CA ASP I 18 -51.78 -5.45 -51.87
C ASP I 18 -50.67 -6.26 -52.52
N GLU I 19 -50.87 -7.57 -52.70
CA GLU I 19 -49.88 -8.36 -53.42
C GLU I 19 -49.84 -7.95 -54.88
N ILE I 20 -51.01 -7.73 -55.48
CA ILE I 20 -51.07 -7.27 -56.86
C ILE I 20 -50.35 -5.95 -57.00
N LYS I 21 -50.55 -5.05 -56.04
CA LYS I 21 -49.89 -3.75 -56.10
C LYS I 21 -48.37 -3.89 -55.99
N ARG I 22 -47.90 -4.76 -55.08
CA ARG I 22 -46.46 -4.92 -54.93
C ARG I 22 -45.85 -5.57 -56.17
N LEU I 23 -46.55 -6.53 -56.78
CA LEU I 23 -46.01 -7.13 -58.00
C LEU I 23 -46.02 -6.12 -59.14
N GLY I 24 -47.04 -5.25 -59.19
CA GLY I 24 -47.03 -4.17 -60.17
C GLY I 24 -45.82 -3.27 -60.02
N LYS I 25 -45.52 -2.89 -58.77
CA LYS I 25 -44.39 -2.00 -58.53
C LYS I 25 -43.08 -2.71 -58.88
N ARG I 26 -42.97 -3.99 -58.59
CA ARG I 26 -41.75 -4.72 -58.92
C ARG I 26 -41.63 -4.85 -60.43
N PHE I 27 -42.74 -5.15 -61.11
CA PHE I 27 -42.76 -5.21 -62.57
C PHE I 27 -42.22 -3.91 -63.15
N LYS I 28 -42.75 -2.78 -62.67
CA LYS I 28 -42.30 -1.48 -63.16
C LYS I 28 -40.81 -1.27 -62.91
N LYS I 29 -40.33 -1.70 -61.75
CA LYS I 29 -38.91 -1.55 -61.43
C LYS I 29 -38.03 -2.42 -62.33
N LEU I 30 -38.51 -3.61 -62.68
CA LEU I 30 -37.79 -4.55 -63.54
C LEU I 30 -37.76 -4.20 -65.03
N ASP I 31 -38.70 -3.41 -65.56
CA ASP I 31 -38.71 -3.18 -67.00
C ASP I 31 -37.72 -2.06 -67.33
N LEU I 32 -36.44 -2.44 -67.33
CA LEU I 32 -35.34 -1.48 -67.35
C LEU I 32 -35.42 -0.56 -68.56
N ASP I 33 -35.80 -1.08 -69.72
CA ASP I 33 -35.87 -0.26 -70.92
C ASP I 33 -37.26 0.31 -71.14
N ASN I 34 -38.16 0.14 -70.16
CA ASN I 34 -39.50 0.72 -70.15
C ASN I 34 -40.28 0.40 -71.43
N SER I 35 -40.18 -0.83 -71.91
CA SER I 35 -40.94 -1.22 -73.09
C SER I 35 -42.31 -1.79 -72.74
N GLY I 36 -42.58 -2.02 -71.46
CA GLY I 36 -43.81 -2.64 -71.02
C GLY I 36 -43.80 -4.15 -71.08
N SER I 37 -42.71 -4.74 -71.53
CA SER I 37 -42.53 -6.19 -71.60
C SER I 37 -41.09 -6.53 -71.25
N LEU I 38 -40.89 -7.70 -70.67
CA LEU I 38 -39.56 -8.12 -70.22
C LEU I 38 -38.92 -9.00 -71.28
N SER I 39 -37.76 -8.57 -71.77
CA SER I 39 -37.00 -9.32 -72.76
C SER I 39 -36.01 -10.25 -72.07
N VAL I 40 -35.39 -11.12 -72.88
CA VAL I 40 -34.38 -12.02 -72.35
C VAL I 40 -33.19 -11.25 -71.80
N GLU I 41 -32.73 -10.22 -72.52
CA GLU I 41 -31.63 -9.39 -72.06
C GLU I 41 -31.92 -8.80 -70.68
N GLU I 42 -33.16 -8.40 -70.41
CA GLU I 42 -33.48 -7.79 -69.13
C GLU I 42 -33.40 -8.81 -67.99
N PHE I 43 -33.85 -10.04 -68.22
CA PHE I 43 -33.64 -11.09 -67.23
C PHE I 43 -32.14 -11.33 -67.04
N MET I 44 -31.40 -11.41 -68.13
CA MET I 44 -29.97 -11.69 -68.09
C MET I 44 -29.16 -10.54 -67.50
N SER I 45 -29.78 -9.38 -67.26
CA SER I 45 -29.07 -8.30 -66.58
C SER I 45 -28.76 -8.65 -65.13
N LEU I 46 -29.48 -9.59 -64.55
CA LEU I 46 -29.21 -10.03 -63.19
C LEU I 46 -27.97 -10.93 -63.21
N PRO I 47 -26.90 -10.59 -62.50
CA PRO I 47 -25.65 -11.36 -62.64
C PRO I 47 -25.81 -12.84 -62.32
N GLU I 48 -26.55 -13.19 -61.28
CA GLU I 48 -26.71 -14.60 -60.93
C GLU I 48 -27.55 -15.35 -61.94
N LEU I 49 -28.27 -14.65 -62.80
CA LEU I 49 -29.01 -15.27 -63.90
C LEU I 49 -28.16 -15.48 -65.15
N GLN I 50 -27.02 -14.80 -65.28
CA GLN I 50 -26.24 -14.90 -66.50
C GLN I 50 -25.67 -16.31 -66.67
N GLN I 51 -25.46 -17.02 -65.57
CA GLN I 51 -24.93 -18.38 -65.57
C GLN I 51 -25.99 -19.40 -65.20
N ASN I 52 -27.25 -19.00 -65.16
CA ASN I 52 -28.34 -19.93 -64.89
C ASN I 52 -28.87 -20.50 -66.21
N PRO I 53 -28.69 -21.79 -66.47
CA PRO I 53 -29.00 -22.36 -67.80
C PRO I 53 -30.49 -22.51 -68.11
N LEU I 54 -31.41 -22.22 -67.20
CA LEU I 54 -32.83 -22.38 -67.49
C LEU I 54 -33.56 -21.07 -67.71
N VAL I 55 -32.83 -19.96 -67.86
CA VAL I 55 -33.48 -18.66 -68.03
C VAL I 55 -34.35 -18.67 -69.29
N GLN I 56 -33.79 -19.16 -70.39
CA GLN I 56 -34.53 -19.17 -71.66
C GLN I 56 -35.75 -20.07 -71.55
N ARG I 57 -35.67 -21.14 -70.75
CA ARG I 57 -36.83 -22.00 -70.56
C ARG I 57 -37.93 -21.25 -69.81
N VAL I 58 -37.57 -20.54 -68.74
CA VAL I 58 -38.60 -19.81 -67.98
C VAL I 58 -39.24 -18.73 -68.86
N ILE I 59 -38.43 -17.97 -69.61
CA ILE I 59 -39.02 -16.98 -70.51
C ILE I 59 -39.95 -17.64 -71.51
N ASP I 60 -39.52 -18.75 -72.14
CA ASP I 60 -40.35 -19.43 -73.12
C ASP I 60 -41.67 -19.92 -72.52
N ILE I 61 -41.64 -20.43 -71.29
CA ILE I 61 -42.89 -20.88 -70.68
C ILE I 61 -43.79 -19.69 -70.37
N PHE I 62 -43.20 -18.62 -69.82
CA PHE I 62 -43.95 -17.40 -69.55
C PHE I 62 -44.53 -16.83 -70.83
N ASP I 63 -43.82 -16.96 -71.95
CA ASP I 63 -44.22 -16.36 -73.22
C ASP I 63 -45.31 -17.19 -73.89
N THR I 64 -46.52 -17.10 -73.33
CA THR I 64 -47.60 -17.95 -73.83
C THR I 64 -48.01 -17.56 -75.23
N ASP I 65 -47.76 -16.31 -75.64
CA ASP I 65 -48.08 -15.85 -76.98
C ASP I 65 -46.90 -15.89 -77.93
N GLY I 66 -45.73 -16.32 -77.48
CA GLY I 66 -44.62 -16.59 -78.37
C GLY I 66 -43.96 -15.39 -79.00
N ASN I 67 -44.17 -14.18 -78.47
CA ASN I 67 -43.57 -12.99 -79.05
C ASN I 67 -42.17 -12.67 -78.52
N GLY I 68 -41.57 -13.56 -77.73
CA GLY I 68 -40.20 -13.38 -77.31
C GLY I 68 -40.01 -12.56 -76.05
N GLU I 69 -41.06 -11.93 -75.54
CA GLU I 69 -41.01 -11.07 -74.36
C GLU I 69 -42.11 -11.47 -73.39
N VAL I 70 -42.00 -10.98 -72.16
CA VAL I 70 -42.96 -11.28 -71.10
C VAL I 70 -43.75 -10.01 -70.81
N ASP I 71 -45.04 -10.03 -71.14
CA ASP I 71 -45.94 -8.94 -70.80
C ASP I 71 -46.45 -9.11 -69.36
N PHE I 72 -47.25 -8.14 -68.92
CA PHE I 72 -47.67 -8.13 -67.51
C PHE I 72 -48.59 -9.30 -67.20
N LYS I 73 -49.53 -9.61 -68.10
CA LYS I 73 -50.41 -10.76 -67.90
C LYS I 73 -49.60 -12.04 -67.73
N GLU I 74 -48.68 -12.30 -68.67
CA GLU I 74 -47.80 -13.45 -68.56
C GLU I 74 -47.01 -13.43 -67.24
N PHE I 75 -46.51 -12.26 -66.86
CA PHE I 75 -45.73 -12.15 -65.62
C PHE I 75 -46.55 -12.55 -64.41
N ILE I 76 -47.77 -12.04 -64.31
CA ILE I 76 -48.60 -12.33 -63.14
C ILE I 76 -49.00 -13.80 -63.13
N GLU I 77 -49.45 -14.34 -64.27
CA GLU I 77 -49.85 -15.74 -64.28
C GLU I 77 -48.67 -16.65 -63.99
N GLY I 78 -47.49 -16.30 -64.50
CA GLY I 78 -46.31 -17.09 -64.24
C GLY I 78 -45.94 -17.11 -62.77
N VAL I 79 -45.92 -15.94 -62.13
CA VAL I 79 -45.60 -15.96 -60.71
C VAL I 79 -46.70 -16.71 -59.95
N SER I 80 -47.93 -16.64 -60.46
CA SER I 80 -49.07 -17.27 -59.79
C SER I 80 -48.95 -18.78 -59.83
N GLN I 81 -48.29 -19.32 -60.85
CA GLN I 81 -48.26 -20.77 -61.05
CA GLN I 81 -48.27 -20.78 -61.04
C GLN I 81 -47.68 -21.50 -59.83
N PHE I 82 -46.63 -20.94 -59.23
CA PHE I 82 -45.99 -21.57 -58.08
C PHE I 82 -46.76 -21.34 -56.77
N SER I 83 -48.03 -21.00 -56.84
CA SER I 83 -48.81 -20.77 -55.64
C SER I 83 -49.14 -22.09 -54.95
N VAL I 84 -49.33 -22.02 -53.64
CA VAL I 84 -49.68 -23.18 -52.83
C VAL I 84 -51.00 -23.80 -53.26
N LYS I 85 -51.93 -22.99 -53.79
CA LYS I 85 -53.24 -23.52 -54.15
C LYS I 85 -53.27 -24.29 -55.47
N GLY I 86 -52.22 -24.23 -56.29
CA GLY I 86 -52.21 -25.00 -57.52
C GLY I 86 -52.18 -26.49 -57.24
N ASP I 87 -52.88 -27.26 -58.08
CA ASP I 87 -52.98 -28.69 -57.85
C ASP I 87 -51.85 -29.45 -58.55
N LYS I 88 -51.82 -30.77 -58.33
CA LYS I 88 -50.76 -31.61 -58.87
C LYS I 88 -50.69 -31.58 -60.39
N GLU I 89 -51.85 -31.75 -61.06
CA GLU I 89 -51.88 -31.76 -62.51
C GLU I 89 -51.31 -30.49 -63.10
N GLN I 90 -51.59 -29.34 -62.49
CA GLN I 90 -51.08 -28.07 -63.00
C GLN I 90 -49.57 -28.03 -62.96
N LYS I 91 -48.97 -28.47 -61.85
CA LYS I 91 -47.51 -28.50 -61.72
C LYS I 91 -46.90 -29.47 -62.71
N LEU I 92 -47.40 -30.71 -62.76
CA LEU I 92 -46.81 -31.69 -63.66
C LEU I 92 -46.96 -31.25 -65.12
N ARG I 93 -48.02 -30.51 -65.44
CA ARG I 93 -48.18 -30.04 -66.81
C ARG I 93 -47.24 -28.88 -67.09
N PHE I 94 -46.90 -28.09 -66.06
CA PHE I 94 -45.87 -27.09 -66.21
C PHE I 94 -44.51 -27.72 -66.48
N ALA I 95 -44.16 -28.75 -65.72
CA ALA I 95 -42.90 -29.45 -65.99
C ALA I 95 -42.89 -30.02 -67.40
N PHE I 96 -44.01 -30.63 -67.81
CA PHE I 96 -44.11 -31.11 -69.19
C PHE I 96 -43.84 -29.97 -70.16
N ARG I 97 -44.45 -28.80 -69.92
CA ARG I 97 -44.23 -27.68 -70.83
C ARG I 97 -42.81 -27.16 -70.74
N ILE I 98 -42.12 -27.42 -69.62
CA ILE I 98 -40.70 -27.13 -69.51
C ILE I 98 -39.95 -27.93 -70.54
N TYR I 99 -40.32 -29.20 -70.70
CA TYR I 99 -39.62 -30.03 -71.67
C TYR I 99 -40.12 -29.77 -73.09
N ASP I 100 -41.40 -29.44 -73.24
CA ASP I 100 -42.09 -29.32 -74.53
C ASP I 100 -41.85 -27.94 -75.16
N MET I 101 -40.64 -27.76 -75.68
CA MET I 101 -40.25 -26.45 -76.23
C MET I 101 -41.21 -25.95 -77.30
N ASP I 102 -41.67 -26.83 -78.19
CA ASP I 102 -42.47 -26.41 -79.33
C ASP I 102 -43.97 -26.38 -79.07
N LYS I 103 -44.41 -26.69 -77.84
CA LYS I 103 -45.79 -26.49 -77.41
C LYS I 103 -46.77 -27.31 -78.25
N ASP I 104 -46.34 -28.47 -78.73
CA ASP I 104 -47.24 -29.36 -79.47
C ASP I 104 -47.91 -30.41 -78.60
N GLY I 105 -47.63 -30.43 -77.30
CA GLY I 105 -48.21 -31.42 -76.42
C GLY I 105 -47.43 -32.71 -76.30
N TYR I 106 -46.23 -32.77 -76.86
CA TYR I 106 -45.39 -33.96 -76.82
C TYR I 106 -43.94 -33.56 -76.63
N ILE I 107 -43.23 -34.28 -75.76
CA ILE I 107 -41.80 -34.07 -75.57
C ILE I 107 -41.09 -34.89 -76.64
N SER I 108 -40.40 -34.20 -77.56
CA SER I 108 -39.66 -34.89 -78.60
C SER I 108 -38.16 -34.96 -78.29
N ASN I 109 -37.48 -35.80 -79.07
CA ASN I 109 -36.07 -36.08 -78.88
C ASN I 109 -35.21 -34.81 -78.92
N GLY I 110 -35.37 -34.02 -79.98
CA GLY I 110 -34.51 -32.86 -80.19
C GLY I 110 -34.53 -31.86 -79.05
N GLU I 111 -35.71 -31.52 -78.55
CA GLU I 111 -35.75 -30.51 -77.48
C GLU I 111 -35.25 -31.07 -76.16
N LEU I 112 -35.47 -32.37 -75.91
CA LEU I 112 -34.92 -33.01 -74.73
C LEU I 112 -33.40 -33.00 -74.77
N PHE I 113 -32.83 -33.30 -75.94
CA PHE I 113 -31.38 -33.23 -76.13
C PHE I 113 -30.88 -31.81 -75.91
N GLN I 114 -31.53 -30.83 -76.54
CA GLN I 114 -31.06 -29.45 -76.45
C GLN I 114 -31.04 -28.98 -75.00
N VAL I 115 -32.13 -29.24 -74.27
CA VAL I 115 -32.22 -28.78 -72.89
C VAL I 115 -31.23 -29.52 -71.99
N LEU I 116 -31.07 -30.83 -72.17
CA LEU I 116 -30.05 -31.51 -71.37
C LEU I 116 -28.64 -31.00 -71.69
N LYS I 117 -28.35 -30.75 -72.96
CA LYS I 117 -27.02 -30.24 -73.29
C LYS I 117 -26.80 -28.88 -72.66
N MET I 118 -27.84 -28.05 -72.65
CA MET I 118 -27.79 -26.75 -71.98
C MET I 118 -27.52 -26.91 -70.49
N MET I 119 -28.17 -27.88 -69.85
CA MET I 119 -28.09 -28.03 -68.40
C MET I 119 -26.78 -28.65 -67.94
N VAL I 120 -26.21 -29.58 -68.69
CA VAL I 120 -25.05 -30.32 -68.18
C VAL I 120 -23.73 -29.70 -68.63
N GLY I 121 -23.72 -28.94 -69.72
CA GLY I 121 -22.52 -28.34 -70.28
C GLY I 121 -21.40 -29.31 -70.57
N ASN I 122 -20.23 -29.11 -69.96
CA ASN I 122 -19.06 -29.93 -70.22
C ASN I 122 -18.83 -31.03 -69.20
N ASN I 123 -19.72 -31.22 -68.24
CA ASN I 123 -19.54 -32.31 -67.28
C ASN I 123 -19.70 -33.68 -67.92
N LEU I 124 -20.30 -33.75 -69.11
CA LEU I 124 -20.39 -34.97 -69.90
C LEU I 124 -20.11 -34.62 -71.36
N LYS I 125 -19.49 -35.58 -72.06
CA LYS I 125 -19.29 -35.46 -73.50
C LYS I 125 -20.57 -35.72 -74.29
N ASP I 126 -20.64 -35.12 -75.48
CA ASP I 126 -21.79 -35.22 -76.36
C ASP I 126 -22.19 -36.65 -76.65
N THR I 127 -21.22 -37.56 -76.75
CA THR I 127 -21.53 -38.95 -77.03
C THR I 127 -22.35 -39.53 -75.88
N GLN I 128 -21.91 -39.28 -74.65
CA GLN I 128 -22.64 -39.79 -73.48
C GLN I 128 -24.05 -39.22 -73.44
N LEU I 129 -24.21 -37.92 -73.73
CA LEU I 129 -25.56 -37.35 -73.68
C LEU I 129 -26.46 -37.98 -74.72
N GLN I 130 -25.94 -38.18 -75.94
CA GLN I 130 -26.77 -38.80 -76.97
C GLN I 130 -27.12 -40.23 -76.58
N GLN I 131 -26.17 -40.92 -75.94
CA GLN I 131 -26.39 -42.29 -75.51
C GLN I 131 -27.50 -42.37 -74.47
N ILE I 132 -27.46 -41.47 -73.48
CA ILE I 132 -28.47 -41.55 -72.43
C ILE I 132 -29.81 -41.04 -72.94
N VAL I 133 -29.81 -40.11 -73.90
CA VAL I 133 -31.06 -39.73 -74.55
C VAL I 133 -31.67 -40.93 -75.27
N ASP I 134 -30.85 -41.64 -76.05
CA ASP I 134 -31.29 -42.86 -76.73
C ASP I 134 -31.89 -43.84 -75.72
N LYS I 135 -31.17 -44.07 -74.62
CA LYS I 135 -31.60 -45.09 -73.66
C LYS I 135 -32.88 -44.66 -72.97
N THR I 136 -33.04 -43.35 -72.70
CA THR I 136 -34.28 -42.87 -72.09
C THR I 136 -35.44 -43.02 -73.06
N ILE I 137 -35.22 -42.73 -74.35
CA ILE I 137 -36.26 -42.91 -75.35
C ILE I 137 -36.69 -44.37 -75.40
N ILE I 138 -35.71 -45.28 -75.45
CA ILE I 138 -36.02 -46.71 -75.55
C ILE I 138 -36.77 -47.20 -74.31
N ASN I 139 -36.24 -46.90 -73.12
CA ASN I 139 -36.83 -47.42 -71.90
C ASN I 139 -38.18 -46.77 -71.57
N ALA I 140 -38.40 -45.53 -71.95
CA ALA I 140 -39.64 -44.85 -71.58
C ALA I 140 -40.74 -44.97 -72.62
N ASP I 141 -40.40 -45.28 -73.87
CA ASP I 141 -41.41 -45.45 -74.90
C ASP I 141 -42.11 -46.79 -74.69
N LYS I 142 -43.41 -46.75 -74.39
CA LYS I 142 -44.15 -47.97 -74.12
C LYS I 142 -45.14 -48.34 -75.23
N ASP I 143 -45.52 -47.38 -76.07
CA ASP I 143 -46.43 -47.62 -77.18
C ASP I 143 -45.72 -47.66 -78.53
N GLY I 144 -44.41 -47.45 -78.55
CA GLY I 144 -43.60 -47.66 -79.72
C GLY I 144 -43.54 -46.50 -80.69
N ASP I 145 -44.19 -45.38 -80.39
CA ASP I 145 -44.18 -44.23 -81.29
C ASP I 145 -42.91 -43.40 -81.19
N GLY I 146 -41.95 -43.79 -80.35
CA GLY I 146 -40.67 -43.10 -80.32
C GLY I 146 -40.63 -41.82 -79.53
N ARG I 147 -41.70 -41.49 -78.81
CA ARG I 147 -41.76 -40.25 -78.03
C ARG I 147 -42.41 -40.52 -76.69
N ILE I 148 -42.29 -39.56 -75.78
CA ILE I 148 -42.67 -39.70 -74.39
C ILE I 148 -43.91 -38.85 -74.17
N SER I 149 -45.05 -39.49 -73.94
CA SER I 149 -46.25 -38.75 -73.62
C SER I 149 -46.22 -38.24 -72.17
N PHE I 150 -47.17 -37.35 -71.87
CA PHE I 150 -47.34 -36.81 -70.53
C PHE I 150 -47.65 -37.92 -69.52
N GLU I 151 -48.49 -38.89 -69.92
CA GLU I 151 -48.84 -40.00 -69.05
C GLU I 151 -47.61 -40.82 -68.64
N GLU I 152 -46.76 -41.17 -69.61
CA GLU I 152 -45.53 -41.90 -69.26
C GLU I 152 -44.64 -41.08 -68.34
N PHE I 153 -44.54 -39.77 -68.59
CA PHE I 153 -43.73 -38.92 -67.72
C PHE I 153 -44.26 -38.98 -66.29
N CYS I 154 -45.57 -38.84 -66.12
CA CYS I 154 -46.09 -38.85 -64.76
C CYS I 154 -45.98 -40.24 -64.16
N ALA I 155 -46.09 -41.29 -64.98
CA ALA I 155 -45.85 -42.65 -64.51
C ALA I 155 -44.46 -42.78 -63.92
N VAL I 156 -43.51 -42.03 -64.45
CA VAL I 156 -42.13 -42.12 -64.00
C VAL I 156 -41.87 -41.25 -62.78
N VAL I 157 -42.39 -40.02 -62.76
CA VAL I 157 -41.97 -39.06 -61.73
C VAL I 157 -43.03 -38.75 -60.67
N GLY I 158 -44.28 -39.22 -60.82
CA GLY I 158 -45.34 -38.80 -59.91
C GLY I 158 -45.03 -39.01 -58.44
N GLY I 159 -44.24 -40.02 -58.13
CA GLY I 159 -43.90 -40.41 -56.77
C GLY I 159 -42.72 -39.70 -56.15
N LEU I 160 -42.14 -38.72 -56.84
CA LEU I 160 -40.93 -38.07 -56.34
C LEU I 160 -41.20 -36.90 -55.40
N ASP I 161 -42.42 -36.38 -55.38
CA ASP I 161 -42.79 -35.30 -54.46
C ASP I 161 -41.98 -34.03 -54.72
N ILE I 162 -41.68 -33.79 -56.00
CA ILE I 162 -40.98 -32.57 -56.38
C ILE I 162 -41.90 -31.35 -56.31
N HIS I 163 -43.21 -31.56 -56.40
CA HIS I 163 -44.16 -30.44 -56.27
C HIS I 163 -44.00 -29.71 -54.94
N LYS I 164 -43.58 -30.42 -53.89
CA LYS I 164 -43.38 -29.79 -52.59
C LYS I 164 -42.28 -28.75 -52.61
N LYS I 165 -41.32 -28.85 -53.54
CA LYS I 165 -40.20 -27.93 -53.60
C LYS I 165 -40.51 -26.70 -54.46
N MET I 166 -41.53 -26.78 -55.31
CA MET I 166 -41.84 -25.70 -56.25
C MET I 166 -42.84 -24.72 -55.62
N VAL I 167 -42.38 -24.07 -54.55
CA VAL I 167 -43.20 -23.13 -53.79
C VAL I 167 -42.45 -21.82 -53.64
N VAL I 168 -43.17 -20.71 -53.85
CA VAL I 168 -42.61 -19.36 -53.77
C VAL I 168 -43.57 -18.50 -52.96
N ASP I 169 -43.02 -17.66 -52.09
CA ASP I 169 -43.80 -16.75 -51.27
C ASP I 169 -43.86 -15.39 -51.97
N VAL I 170 -45.07 -14.98 -52.35
CA VAL I 170 -45.27 -13.67 -52.98
C VAL I 170 -45.46 -12.60 -51.91
N LEU J 10 -5.06 72.74 20.05
CA LEU J 10 -4.93 73.23 21.42
C LEU J 10 -4.69 74.73 21.41
N SER J 11 -5.29 75.45 22.36
CA SER J 11 -5.07 76.89 22.45
C SER J 11 -3.61 77.22 22.68
N THR J 12 -3.15 78.29 22.03
CA THR J 12 -1.80 78.81 22.20
C THR J 12 -1.68 79.85 23.31
N THR J 13 -2.80 80.29 23.89
CA THR J 13 -2.80 81.28 24.96
C THR J 13 -3.27 80.73 26.31
N ASP J 14 -4.41 80.06 26.35
CA ASP J 14 -4.89 79.46 27.59
C ASP J 14 -3.96 78.35 28.06
N ARG J 15 -4.04 78.07 29.36
CA ARG J 15 -3.12 77.13 29.98
C ARG J 15 -3.52 75.70 29.63
N VAL J 16 -2.50 74.86 29.41
CA VAL J 16 -2.76 73.49 28.98
C VAL J 16 -3.24 72.63 30.15
N VAL J 17 -2.51 72.65 31.26
CA VAL J 17 -2.80 71.75 32.38
C VAL J 17 -3.63 72.46 33.43
N LYS J 18 -4.95 72.49 33.23
CA LYS J 18 -5.80 73.34 34.07
C LYS J 18 -5.94 72.81 35.49
N ALA J 19 -5.68 71.52 35.72
CA ALA J 19 -5.76 71.00 37.08
C ALA J 19 -4.68 71.59 37.99
N VAL J 20 -3.59 72.08 37.43
CA VAL J 20 -2.54 72.79 38.18
C VAL J 20 -3.03 74.21 38.41
N PRO J 21 -3.18 74.67 39.66
CA PRO J 21 -3.59 76.05 39.87
C PRO J 21 -2.45 77.00 39.54
N PHE J 22 -2.78 78.08 38.86
CA PHE J 22 -1.79 79.10 38.52
C PHE J 22 -1.34 79.83 39.77
N PRO J 23 -0.04 79.92 40.03
CA PRO J 23 0.41 80.55 41.26
C PRO J 23 0.04 82.02 41.26
N PRO J 24 -0.25 82.59 42.44
CA PRO J 24 -0.54 84.02 42.49
C PRO J 24 0.68 84.86 42.14
N SER J 25 0.44 85.94 41.39
CA SER J 25 1.47 86.91 41.08
C SER J 25 1.52 88.06 42.09
N HIS J 26 0.40 88.32 42.78
CA HIS J 26 0.32 89.47 43.65
C HIS J 26 1.32 89.37 44.79
N ARG J 27 2.05 90.46 45.03
CA ARG J 27 3.03 90.53 46.10
C ARG J 27 2.34 90.99 47.37
N LEU J 28 2.49 90.22 48.45
CA LEU J 28 1.79 90.54 49.70
C LEU J 28 2.36 91.83 50.28
N THR J 29 1.48 92.65 50.84
CA THR J 29 1.93 93.89 51.43
C THR J 29 2.19 93.69 52.92
N ALA J 30 2.77 94.73 53.54
CA ALA J 30 3.12 94.65 54.95
C ALA J 30 1.90 94.44 55.83
N LYS J 31 0.80 95.14 55.55
CA LYS J 31 -0.42 94.96 56.34
C LYS J 31 -1.00 93.56 56.20
N GLU J 32 -0.80 92.89 55.06
CA GLU J 32 -1.34 91.55 54.91
C GLU J 32 -0.50 90.46 55.56
N VAL J 33 0.77 90.73 55.86
CA VAL J 33 1.64 89.69 56.41
C VAL J 33 2.00 89.94 57.88
N PHE J 34 1.95 91.18 58.36
CA PHE J 34 2.29 91.51 59.74
C PHE J 34 1.09 92.16 60.41
N ASP J 35 0.73 91.67 61.60
CA ASP J 35 -0.46 92.16 62.28
C ASP J 35 -0.10 93.48 62.96
N ASN J 36 -1.00 93.99 63.80
CA ASN J 36 -0.81 95.32 64.37
C ASN J 36 0.46 95.39 65.22
N ASP J 37 0.89 94.27 65.81
CA ASP J 37 2.07 94.24 66.65
C ASP J 37 3.34 93.79 65.91
N GLY J 38 3.28 93.64 64.59
CA GLY J 38 4.45 93.19 63.86
C GLY J 38 4.75 91.70 63.87
N LYS J 39 3.82 90.86 64.33
CA LYS J 39 4.21 89.46 64.23
C LYS J 39 3.82 88.87 62.88
N PRO J 40 4.67 88.04 62.29
CA PRO J 40 4.32 87.41 61.02
C PRO J 40 3.09 86.51 61.16
N ARG J 41 2.24 86.56 60.14
CA ARG J 41 1.06 85.70 60.07
C ARG J 41 1.49 84.47 59.30
N VAL J 42 2.13 83.54 60.01
CA VAL J 42 2.81 82.43 59.36
C VAL J 42 1.88 81.42 58.70
N ASP J 43 0.62 81.30 59.08
CA ASP J 43 -0.26 80.41 58.33
C ASP J 43 -0.55 80.94 56.92
N ILE J 44 -0.91 82.22 56.79
CA ILE J 44 -1.08 82.82 55.47
C ILE J 44 0.22 82.74 54.69
N LEU J 45 1.34 83.15 55.32
CA LEU J 45 2.64 83.15 54.65
C LEU J 45 3.02 81.75 54.20
N LYS J 46 2.75 80.74 55.03
CA LYS J 46 3.07 79.37 54.67
C LYS J 46 2.21 78.91 53.49
N ALA J 47 0.92 79.26 53.47
CA ALA J 47 0.08 78.89 52.33
C ALA J 47 0.57 79.56 51.05
N HIS J 48 0.94 80.84 51.15
CA HIS J 48 1.39 81.58 49.97
C HIS J 48 2.69 80.99 49.45
N LEU J 49 3.64 80.72 50.35
CA LEU J 49 4.92 80.15 49.92
C LEU J 49 4.71 78.75 49.38
N MET J 50 3.73 78.01 49.93
CA MET J 50 3.40 76.69 49.41
C MET J 50 2.83 76.81 48.01
N LYS J 51 2.28 77.96 47.65
CA LYS J 51 1.80 78.22 46.31
C LYS J 51 2.85 78.83 45.40
N GLU J 52 4.12 78.86 45.82
CA GLU J 52 5.19 79.56 45.10
C GLU J 52 4.92 81.06 45.01
N GLY J 53 4.17 81.61 45.96
CA GLY J 53 3.94 83.04 46.00
C GLY J 53 5.16 83.82 46.49
N ARG J 54 5.25 85.07 46.06
CA ARG J 54 6.36 85.95 46.42
C ARG J 54 5.88 87.09 47.30
N LEU J 55 6.84 87.73 47.97
CA LEU J 55 6.61 88.93 48.76
C LEU J 55 7.06 90.19 48.03
N GLU J 56 6.52 91.32 48.47
CA GLU J 56 7.07 92.61 48.10
C GLU J 56 8.51 92.69 48.60
N GLU J 57 9.37 93.35 47.83
CA GLU J 57 10.78 93.43 48.19
C GLU J 57 10.98 94.01 49.59
N SER J 58 10.25 95.08 49.92
CA SER J 58 10.43 95.71 51.23
C SER J 58 10.04 94.78 52.36
N VAL J 59 9.10 93.86 52.13
CA VAL J 59 8.68 92.94 53.18
C VAL J 59 9.70 91.84 53.37
N ALA J 60 10.23 91.31 52.26
CA ALA J 60 11.33 90.36 52.37
C ALA J 60 12.52 90.98 53.10
N LEU J 61 12.86 92.23 52.77
CA LEU J 61 14.00 92.84 53.44
C LEU J 61 13.71 93.06 54.93
N ARG J 62 12.47 93.42 55.28
CA ARG J 62 12.13 93.59 56.68
C ARG J 62 12.20 92.28 57.47
N ILE J 63 11.66 91.19 56.90
CA ILE J 63 11.76 89.88 57.54
C ILE J 63 13.23 89.49 57.72
N ILE J 64 14.03 89.66 56.67
CA ILE J 64 15.42 89.21 56.71
C ILE J 64 16.20 90.00 57.76
N THR J 65 16.02 91.31 57.80
CA THR J 65 16.79 92.12 58.74
C THR J 65 16.31 91.95 60.18
N GLU J 66 15.00 91.75 60.40
CA GLU J 66 14.55 91.48 61.76
C GLU J 66 15.06 90.13 62.26
N GLY J 67 15.04 89.11 61.39
CA GLY J 67 15.60 87.83 61.79
C GLY J 67 17.10 87.93 62.04
N ALA J 68 17.81 88.67 61.19
CA ALA J 68 19.23 88.85 61.43
C ALA J 68 19.49 89.52 62.78
N SER J 69 18.68 90.54 63.12
CA SER J 69 18.87 91.23 64.39
C SER J 69 18.59 90.32 65.57
N ILE J 70 17.64 89.40 65.43
CA ILE J 70 17.37 88.45 66.50
C ILE J 70 18.53 87.48 66.64
N LEU J 71 19.01 86.92 65.52
CA LEU J 71 20.16 86.03 65.63
C LEU J 71 21.33 86.79 66.23
N ARG J 72 21.51 88.05 65.83
CA ARG J 72 22.61 88.88 66.29
C ARG J 72 22.59 89.06 67.80
N GLN J 73 21.40 89.05 68.41
CA GLN J 73 21.33 89.25 69.85
C GLN J 73 21.45 87.95 70.65
N GLU J 74 21.54 86.81 69.99
CA GLU J 74 21.69 85.54 70.70
C GLU J 74 23.16 85.25 70.98
N LYS J 75 23.39 84.37 71.95
CA LYS J 75 24.74 83.97 72.32
C LYS J 75 25.29 82.97 71.32
N ASN J 76 26.62 82.86 71.26
CA ASN J 76 27.21 81.78 70.46
C ASN J 76 26.65 80.42 70.89
N LEU J 77 26.52 80.21 72.19
CA LEU J 77 26.07 78.93 72.75
C LEU J 77 24.79 79.24 73.52
N LEU J 78 23.64 78.90 72.93
CA LEU J 78 22.37 79.12 73.60
C LEU J 78 22.18 78.14 74.76
N ASP J 79 21.45 78.59 75.77
CA ASP J 79 21.03 77.74 76.90
C ASP J 79 19.57 77.34 76.66
N ILE J 80 19.37 76.09 76.25
CA ILE J 80 18.06 75.60 75.80
C ILE J 80 17.73 74.35 76.61
N ASP J 81 16.65 74.40 77.37
CA ASP J 81 16.16 73.24 78.11
C ASP J 81 15.45 72.25 77.20
N ALA J 82 15.48 70.98 77.60
CA ALA J 82 14.61 69.98 77.01
C ALA J 82 13.17 70.23 77.43
N PRO J 83 12.19 69.76 76.64
CA PRO J 83 12.28 69.01 75.38
C PRO J 83 12.64 69.86 74.18
N VAL J 84 13.22 69.23 73.15
CA VAL J 84 13.60 69.92 71.93
C VAL J 84 13.71 68.90 70.82
N THR J 85 13.38 69.32 69.60
CA THR J 85 13.58 68.51 68.40
C THR J 85 14.75 69.09 67.62
N VAL J 86 15.79 68.28 67.42
CA VAL J 86 17.01 68.71 66.75
C VAL J 86 16.98 68.17 65.33
N CYS J 87 17.31 69.04 64.38
CA CYS J 87 17.18 68.80 62.96
C CYS J 87 18.49 69.15 62.26
N GLY J 88 18.85 68.35 61.27
CA GLY J 88 20.04 68.54 60.46
C GLY J 88 19.76 69.22 59.14
N ASP J 89 20.59 68.90 58.15
CA ASP J 89 20.63 69.66 56.91
C ASP J 89 19.28 69.72 56.22
N ILE J 90 18.99 70.88 55.63
CA ILE J 90 17.80 71.09 54.83
C ILE J 90 18.12 71.24 53.36
N HIS J 91 19.19 71.99 53.05
CA HIS J 91 19.69 72.16 51.67
C HIS J 91 18.56 72.52 50.71
N GLY J 92 17.80 73.57 51.05
CA GLY J 92 16.85 74.12 50.12
C GLY J 92 15.65 73.25 49.82
N GLN J 93 15.43 72.20 50.60
CA GLN J 93 14.32 71.27 50.38
C GLN J 93 13.11 71.73 51.20
N PHE J 94 12.50 72.82 50.72
CA PHE J 94 11.46 73.48 51.50
C PHE J 94 10.29 72.54 51.78
N PHE J 95 9.90 71.73 50.80
CA PHE J 95 8.76 70.84 51.00
C PHE J 95 9.13 69.69 51.92
N ASP J 96 10.42 69.42 52.04
CA ASP J 96 10.89 68.48 53.05
C ASP J 96 11.03 69.16 54.39
N LEU J 97 11.35 70.46 54.41
CA LEU J 97 11.22 71.21 55.66
C LEU J 97 9.79 71.15 56.18
N MET J 98 8.81 71.30 55.27
CA MET J 98 7.40 71.16 55.62
C MET J 98 7.11 69.79 56.20
N LYS J 99 7.66 68.74 55.59
CA LYS J 99 7.47 67.40 56.16
C LYS J 99 8.16 67.29 57.51
N LEU J 100 9.33 67.91 57.67
CA LEU J 100 10.05 67.88 58.94
C LEU J 100 9.19 68.46 60.04
N PHE J 101 8.53 69.60 59.76
CA PHE J 101 7.67 70.22 60.77
C PHE J 101 6.41 69.41 61.00
N GLU J 102 5.92 68.70 59.98
CA GLU J 102 4.83 67.76 60.18
C GLU J 102 5.21 66.64 61.14
N VAL J 103 6.42 66.10 60.99
CA VAL J 103 6.86 64.98 61.82
C VAL J 103 7.20 65.44 63.23
N GLY J 104 7.91 66.57 63.35
CA GLY J 104 8.33 67.04 64.67
C GLY J 104 7.25 67.73 65.47
N GLY J 105 6.27 68.32 64.80
CA GLY J 105 5.25 69.02 65.56
C GLY J 105 5.29 70.52 65.29
N SER J 106 4.14 71.15 65.47
CA SER J 106 4.00 72.57 65.18
C SER J 106 4.94 73.37 66.07
N PRO J 107 5.63 74.38 65.52
CA PRO J 107 6.43 75.29 66.37
C PRO J 107 5.61 76.04 67.41
N ALA J 108 4.29 76.09 67.27
CA ALA J 108 3.47 76.72 68.31
C ALA J 108 3.66 76.03 69.66
N ASN J 109 4.01 74.73 69.66
CA ASN J 109 4.19 74.01 70.92
C ASN J 109 5.35 73.03 70.85
N THR J 110 6.31 73.23 69.95
CA THR J 110 7.45 72.33 69.82
C THR J 110 8.73 73.14 69.69
N ARG J 111 9.71 72.81 70.52
CA ARG J 111 11.02 73.43 70.43
C ARG J 111 11.86 72.76 69.35
N TYR J 112 12.58 73.56 68.58
CA TYR J 112 13.30 73.08 67.41
C TYR J 112 14.74 73.57 67.43
N LEU J 113 15.64 72.72 66.92
CA LEU J 113 17.03 73.10 66.67
C LEU J 113 17.45 72.59 65.30
N PHE J 114 17.87 73.51 64.44
CA PHE J 114 18.38 73.19 63.11
C PHE J 114 19.90 73.31 63.08
N LEU J 115 20.56 72.34 62.44
CA LEU J 115 22.02 72.26 62.44
C LEU J 115 22.65 72.84 61.18
N GLY J 116 21.90 73.57 60.35
CA GLY J 116 22.49 74.28 59.25
C GLY J 116 22.24 73.63 57.89
N ASP J 117 22.95 74.16 56.91
CA ASP J 117 22.84 73.83 55.49
C ASP J 117 21.41 73.98 54.95
N TYR J 118 20.92 75.22 55.05
CA TYR J 118 19.61 75.60 54.51
C TYR J 118 19.68 75.88 53.00
N VAL J 119 20.87 76.21 52.53
CA VAL J 119 21.18 76.78 51.21
C VAL J 119 22.19 75.86 50.53
N ASP J 120 22.47 76.16 49.25
CA ASP J 120 23.42 75.37 48.46
C ASP J 120 22.88 74.05 47.91
N ARG J 121 22.43 74.16 46.66
CA ARG J 121 21.89 73.19 45.71
C ARG J 121 20.43 72.81 45.91
N GLY J 122 19.77 73.21 47.00
CA GLY J 122 18.33 73.06 47.00
C GLY J 122 17.73 74.21 46.22
N TYR J 123 16.62 73.94 45.53
CA TYR J 123 16.11 74.99 44.66
C TYR J 123 15.02 75.83 45.31
N PHE J 124 14.84 75.71 46.61
CA PHE J 124 13.97 76.55 47.41
C PHE J 124 14.73 77.18 48.57
N SER J 125 15.98 77.58 48.33
CA SER J 125 16.77 78.15 49.42
C SER J 125 16.18 79.45 49.95
N ILE J 126 15.72 80.33 49.05
CA ILE J 126 15.20 81.61 49.54
C ILE J 126 13.87 81.41 50.27
N GLU J 127 13.06 80.44 49.84
CA GLU J 127 11.83 80.13 50.56
C GLU J 127 12.11 79.53 51.93
N CYS J 128 13.11 78.64 52.00
CA CYS J 128 13.58 78.12 53.29
C CYS J 128 14.00 79.24 54.22
N VAL J 129 14.84 80.16 53.72
CA VAL J 129 15.31 81.28 54.53
C VAL J 129 14.14 82.13 55.00
N LEU J 130 13.24 82.47 54.08
CA LEU J 130 12.13 83.37 54.44
C LEU J 130 11.22 82.73 55.48
N TYR J 131 10.94 81.43 55.34
CA TYR J 131 10.03 80.77 56.27
C TYR J 131 10.68 80.56 57.63
N LEU J 132 11.94 80.12 57.64
CA LEU J 132 12.63 79.91 58.89
C LEU J 132 12.85 81.23 59.62
N TRP J 133 13.18 82.30 58.90
CA TRP J 133 13.32 83.60 59.53
C TRP J 133 11.99 84.09 60.10
N ALA J 134 10.88 83.85 59.39
CA ALA J 134 9.59 84.22 59.96
C ALA J 134 9.28 83.44 61.23
N LEU J 135 9.57 82.14 61.23
CA LEU J 135 9.35 81.36 62.45
C LEU J 135 10.26 81.81 63.58
N LYS J 136 11.52 82.15 63.28
CA LYS J 136 12.43 82.65 64.30
C LYS J 136 11.99 83.99 64.88
N ILE J 137 11.50 84.91 64.04
CA ILE J 137 10.97 86.15 64.58
C ILE J 137 9.74 85.88 65.45
N LEU J 138 8.84 84.99 64.99
CA LEU J 138 7.60 84.77 65.72
C LEU J 138 7.84 83.90 66.95
N TYR J 139 8.80 82.99 66.88
CA TYR J 139 9.08 82.00 67.93
C TYR J 139 10.54 82.07 68.35
N PRO J 140 10.98 83.22 68.89
CA PRO J 140 12.42 83.44 69.08
C PRO J 140 13.06 82.46 70.06
N LYS J 141 12.29 81.89 70.98
CA LYS J 141 12.82 80.99 71.99
C LYS J 141 12.34 79.55 71.84
N THR J 142 11.67 79.20 70.73
CA THR J 142 11.29 77.81 70.50
C THR J 142 11.74 77.25 69.16
N LEU J 143 12.22 78.07 68.24
CA LEU J 143 12.77 77.58 66.98
C LEU J 143 14.18 78.12 66.86
N PHE J 144 15.15 77.23 66.65
CA PHE J 144 16.54 77.64 66.68
C PHE J 144 17.27 77.20 65.42
N LEU J 145 18.19 78.03 64.96
CA LEU J 145 18.89 77.84 63.69
C LEU J 145 20.38 78.01 63.94
N LEU J 146 21.17 77.00 63.58
CA LEU J 146 22.61 77.13 63.63
C LEU J 146 23.19 77.37 62.24
N ARG J 147 24.44 77.83 62.21
CA ARG J 147 25.15 78.02 60.96
C ARG J 147 25.82 76.71 60.52
N GLY J 148 25.67 76.37 59.24
CA GLY J 148 26.47 75.34 58.63
C GLY J 148 27.57 75.92 57.74
N ASN J 149 28.39 75.02 57.21
CA ASN J 149 29.51 75.43 56.37
C ASN J 149 29.09 75.93 54.99
N HIS J 150 27.89 75.60 54.54
CA HIS J 150 27.43 76.12 53.26
C HIS J 150 26.85 77.52 53.37
N GLU J 151 26.68 78.02 54.60
CA GLU J 151 26.14 79.35 54.89
C GLU J 151 27.26 80.39 54.85
N CYS J 152 27.80 80.62 53.66
CA CYS J 152 28.91 81.54 53.50
C CYS J 152 28.96 82.02 52.05
N ARG J 153 29.78 83.04 51.81
CA ARG J 153 29.87 83.61 50.49
C ARG J 153 30.64 82.70 49.55
N HIS J 154 31.70 82.06 50.04
CA HIS J 154 32.53 81.22 49.20
C HIS J 154 31.68 80.15 48.52
N LEU J 155 30.87 79.44 49.30
CA LEU J 155 30.13 78.32 48.76
C LEU J 155 28.87 78.80 48.05
N THR J 156 28.22 79.86 48.54
CA THR J 156 26.99 80.28 47.89
C THR J 156 27.30 80.93 46.54
N GLU J 157 28.53 81.44 46.38
CA GLU J 157 28.98 81.96 45.10
C GLU J 157 29.51 80.82 44.24
N TYR J 158 29.95 79.73 44.87
CA TYR J 158 30.39 78.55 44.13
C TYR J 158 29.19 77.73 43.66
N PHE J 159 28.25 77.47 44.57
CA PHE J 159 26.96 76.84 44.25
C PHE J 159 25.93 77.82 43.69
N THR J 160 24.65 77.47 43.79
CA THR J 160 23.57 78.05 43.01
C THR J 160 22.72 79.06 43.76
N PHE J 161 23.03 79.34 45.03
CA PHE J 161 22.15 80.20 45.83
C PHE J 161 22.08 81.62 45.27
N LYS J 162 23.21 82.14 44.78
CA LYS J 162 23.24 83.50 44.25
C LYS J 162 22.33 83.62 43.02
N GLN J 163 22.42 82.65 42.10
CA GLN J 163 21.52 82.66 40.96
C GLN J 163 20.07 82.60 41.41
N GLU J 164 19.76 81.81 42.43
CA GLU J 164 18.38 81.73 42.92
C GLU J 164 17.91 83.09 43.42
N CYS J 165 18.76 83.78 44.20
CA CYS J 165 18.39 85.11 44.67
C CYS J 165 18.16 86.06 43.50
N LYS J 166 19.03 86.00 42.48
CA LYS J 166 18.89 86.94 41.37
C LYS J 166 17.69 86.62 40.49
N ILE J 167 17.30 85.34 40.41
CA ILE J 167 16.12 84.98 39.64
C ILE J 167 14.83 85.39 40.36
N LYS J 168 14.74 85.09 41.67
CA LYS J 168 13.46 85.31 42.33
C LYS J 168 13.37 86.69 42.98
N TYR J 169 14.49 87.27 43.41
CA TYR J 169 14.44 88.55 44.11
C TYR J 169 15.46 89.51 43.51
N SER J 170 16.59 89.70 44.20
CA SER J 170 17.65 90.56 43.74
C SER J 170 18.94 90.14 44.43
N GLU J 171 20.06 90.65 43.91
CA GLU J 171 21.34 90.43 44.58
C GLU J 171 21.38 91.10 45.94
N ARG J 172 20.62 92.19 46.12
CA ARG J 172 20.53 92.83 47.43
C ARG J 172 19.91 91.89 48.45
N VAL J 173 18.89 91.13 48.05
CA VAL J 173 18.32 90.12 48.92
C VAL J 173 19.35 89.06 49.27
N TYR J 174 20.19 88.68 48.30
CA TYR J 174 21.29 87.77 48.59
C TYR J 174 22.22 88.34 49.65
N ASP J 175 22.61 89.61 49.50
CA ASP J 175 23.52 90.21 50.48
C ASP J 175 22.87 90.26 51.85
N ALA J 176 21.55 90.52 51.89
CA ALA J 176 20.83 90.52 53.16
C ALA J 176 20.85 89.13 53.78
N CYS J 177 20.68 88.09 52.94
CA CYS J 177 20.78 86.72 53.44
C CYS J 177 22.16 86.46 54.03
N MET J 178 23.21 86.94 53.35
CA MET J 178 24.58 86.70 53.82
C MET J 178 24.82 87.37 55.16
N ASP J 179 24.30 88.59 55.32
CA ASP J 179 24.44 89.28 56.59
C ASP J 179 23.62 88.61 57.68
N ALA J 180 22.45 88.08 57.35
CA ALA J 180 21.70 87.32 58.34
C ALA J 180 22.45 86.04 58.72
N PHE J 181 23.01 85.35 57.73
CA PHE J 181 23.74 84.11 57.99
C PHE J 181 24.94 84.37 58.89
N ASP J 182 25.56 85.55 58.77
CA ASP J 182 26.67 85.89 59.64
C ASP J 182 26.24 85.94 61.10
N CYS J 183 24.95 86.15 61.36
CA CYS J 183 24.40 86.23 62.70
C CYS J 183 24.03 84.88 63.28
N LEU J 184 24.05 83.81 62.48
CA LEU J 184 23.58 82.52 62.94
C LEU J 184 24.43 82.02 64.10
N PRO J 185 23.82 81.59 65.21
CA PRO J 185 24.58 80.91 66.26
C PRO J 185 25.31 79.69 65.74
N LEU J 186 26.36 79.31 66.48
CA LEU J 186 27.26 78.23 66.12
C LEU J 186 26.97 76.92 66.84
N ALA J 187 26.29 76.96 67.98
CA ALA J 187 26.16 75.79 68.83
C ALA J 187 24.94 75.95 69.72
N ALA J 188 24.49 74.81 70.27
CA ALA J 188 23.42 74.81 71.27
C ALA J 188 23.80 73.93 72.45
N LEU J 189 23.51 74.43 73.65
CA LEU J 189 23.54 73.65 74.88
C LEU J 189 22.14 73.17 75.21
N MET J 190 21.92 71.86 75.09
CA MET J 190 20.60 71.27 75.20
C MET J 190 20.49 70.56 76.54
N ASN J 191 19.49 70.97 77.33
CA ASN J 191 19.19 70.41 78.66
C ASN J 191 20.42 70.38 79.55
N GLN J 192 21.34 71.33 79.33
CA GLN J 192 22.59 71.43 80.10
C GLN J 192 23.40 70.14 80.02
N GLN J 193 23.14 69.32 79.01
CA GLN J 193 23.78 68.02 78.89
C GLN J 193 24.47 67.80 77.55
N PHE J 194 23.97 68.40 76.48
CA PHE J 194 24.44 68.06 75.14
C PHE J 194 24.92 69.31 74.41
N LEU J 195 26.11 69.22 73.81
CA LEU J 195 26.57 70.21 72.85
C LEU J 195 26.19 69.80 71.43
N CYS J 196 25.46 70.67 70.74
CA CYS J 196 24.93 70.42 69.41
C CYS J 196 25.59 71.40 68.43
N VAL J 197 26.23 70.87 67.39
CA VAL J 197 26.93 71.68 66.40
C VAL J 197 26.74 71.06 65.03
N HIS J 198 27.03 71.85 63.99
CA HIS J 198 26.98 71.36 62.62
C HIS J 198 28.11 70.37 62.32
N GLY J 199 29.36 70.77 62.53
CA GLY J 199 30.48 69.95 62.12
C GLY J 199 31.08 69.09 63.20
N GLY J 200 31.66 69.70 64.22
CA GLY J 200 32.22 68.95 65.33
C GLY J 200 33.17 69.74 66.19
N LEU J 201 34.28 69.10 66.57
CA LEU J 201 35.21 69.67 67.52
C LEU J 201 36.31 70.44 66.80
N SER J 202 37.11 71.18 67.57
CA SER J 202 38.13 72.04 66.98
C SER J 202 39.40 71.98 67.83
N PRO J 203 40.57 72.00 67.19
CA PRO J 203 41.82 72.14 67.96
C PRO J 203 41.91 73.42 68.79
N GLU J 204 41.22 74.49 68.39
CA GLU J 204 41.30 75.77 69.08
C GLU J 204 40.18 76.00 70.10
N ILE J 205 39.39 74.99 70.43
CA ILE J 205 38.33 75.12 71.43
C ILE J 205 38.60 74.10 72.54
N ASN J 206 39.11 74.58 73.66
CA ASN J 206 39.34 73.74 74.84
C ASN J 206 38.32 73.98 75.94
N THR J 207 37.64 75.13 75.90
CA THR J 207 36.64 75.50 76.90
C THR J 207 35.47 76.14 76.18
N LEU J 208 34.32 76.19 76.87
CA LEU J 208 33.17 76.91 76.33
C LEU J 208 33.48 78.39 76.13
N ASP J 209 34.35 78.95 76.97
CA ASP J 209 34.71 80.36 76.81
C ASP J 209 35.43 80.59 75.50
N ASP J 210 36.11 79.57 74.96
CA ASP J 210 36.73 79.76 73.65
C ASP J 210 35.68 79.92 72.57
N ILE J 211 34.50 79.33 72.75
CA ILE J 211 33.42 79.53 71.80
C ILE J 211 32.78 80.91 72.01
N ARG J 212 32.53 81.26 73.28
CA ARG J 212 31.90 82.54 73.58
C ARG J 212 32.73 83.73 73.08
N LYS J 213 34.05 83.58 73.01
CA LYS J 213 34.94 84.68 72.67
C LYS J 213 35.14 84.88 71.18
N LEU J 214 34.64 83.99 70.33
CA LEU J 214 34.83 84.16 68.89
C LEU J 214 34.06 85.37 68.39
N ASP J 215 34.56 85.95 67.30
CA ASP J 215 33.82 86.94 66.52
C ASP J 215 33.20 86.24 65.32
N ARG J 216 31.89 86.04 65.37
CA ARG J 216 31.18 85.28 64.34
C ARG J 216 30.60 86.15 63.25
N PHE J 217 30.61 87.47 63.43
CA PHE J 217 29.87 88.38 62.53
C PHE J 217 30.72 88.73 61.31
N LYS J 218 30.81 87.76 60.40
CA LYS J 218 31.72 87.84 59.26
C LYS J 218 31.46 86.63 58.38
N GLU J 219 31.90 86.74 57.12
CA GLU J 219 31.99 85.55 56.28
C GLU J 219 32.98 84.54 56.86
N PRO J 220 32.62 83.25 56.91
CA PRO J 220 33.53 82.23 57.43
C PRO J 220 34.81 82.19 56.61
N PRO J 221 35.98 82.18 57.24
CA PRO J 221 37.23 82.13 56.46
C PRO J 221 37.41 80.77 55.80
N ALA J 222 38.39 80.70 54.90
CA ALA J 222 38.72 79.46 54.21
C ALA J 222 39.45 78.46 55.11
N TYR J 223 39.92 78.92 56.26
CA TYR J 223 40.66 78.11 57.24
C TYR J 223 40.53 78.82 58.58
N GLY J 224 40.86 78.09 59.64
CA GLY J 224 40.81 78.68 60.96
C GLY J 224 39.67 78.09 61.77
N PRO J 225 39.47 78.59 62.98
CA PRO J 225 38.51 77.94 63.89
C PRO J 225 37.09 77.95 63.38
N MET J 226 36.64 79.06 62.78
CA MET J 226 35.29 79.10 62.24
C MET J 226 35.11 78.06 61.14
N CYS J 227 36.09 77.97 60.23
CA CYS J 227 36.06 76.93 59.20
C CYS J 227 35.97 75.53 59.79
N ASP J 228 36.83 75.20 60.77
CA ASP J 228 36.82 73.82 61.25
C ASP J 228 35.51 73.52 61.97
N ILE J 229 35.00 74.50 62.73
CA ILE J 229 33.72 74.31 63.41
C ILE J 229 32.65 73.96 62.39
N LEU J 230 32.66 74.63 61.24
CA LEU J 230 31.63 74.39 60.24
C LEU J 230 31.87 73.16 59.38
N TRP J 231 33.13 72.71 59.23
CA TRP J 231 33.46 71.79 58.15
C TRP J 231 33.98 70.42 58.59
N SER J 232 34.39 70.24 59.84
CA SER J 232 35.11 69.00 60.09
C SER J 232 34.12 67.83 60.25
N ASP J 233 34.64 66.64 60.00
CA ASP J 233 33.90 65.39 60.10
C ASP J 233 34.68 64.36 60.89
N PRO J 234 34.01 63.39 61.49
CA PRO J 234 34.71 62.19 61.94
C PRO J 234 35.22 61.40 60.75
N PRO J 235 36.27 60.60 60.93
CA PRO J 235 36.75 59.78 59.81
C PRO J 235 35.70 58.76 59.39
N GLU J 236 35.70 58.42 58.10
CA GLU J 236 34.78 57.40 57.60
C GLU J 236 35.05 56.05 58.26
N ASN J 237 36.27 55.82 58.76
CA ASN J 237 36.60 54.63 59.54
C ASN J 237 36.66 54.92 61.03
N PHE J 238 35.80 55.81 61.51
CA PHE J 238 35.83 56.22 62.91
C PHE J 238 35.52 55.04 63.82
N GLY J 239 36.36 54.84 64.83
CA GLY J 239 36.18 53.79 65.80
C GLY J 239 36.79 52.45 65.41
N ASN J 240 37.17 52.28 64.15
CA ASN J 240 37.78 51.03 63.69
C ASN J 240 39.18 51.28 63.13
N GLN J 244 46.40 57.01 66.24
CA GLN J 244 46.72 57.54 67.55
C GLN J 244 46.78 59.07 67.55
N GLU J 245 46.74 59.66 66.35
CA GLU J 245 46.79 61.12 66.24
C GLU J 245 45.42 61.71 66.50
N HIS J 246 45.38 62.73 67.36
CA HIS J 246 44.11 63.33 67.74
C HIS J 246 43.42 64.01 66.56
N PHE J 247 44.19 64.78 65.78
CA PHE J 247 43.68 65.50 64.62
C PHE J 247 44.51 65.16 63.39
N THR J 248 43.84 64.76 62.30
CA THR J 248 44.52 64.43 61.07
C THR J 248 43.88 65.20 59.92
N HIS J 249 44.67 65.48 58.87
CA HIS J 249 44.18 66.26 57.74
C HIS J 249 42.96 65.59 57.10
N ASN J 250 41.89 66.38 56.92
CA ASN J 250 40.66 65.84 56.35
C ASN J 250 40.80 65.84 54.83
N THR J 251 41.17 64.68 54.27
CA THR J 251 41.37 64.59 52.84
C THR J 251 40.08 64.55 52.03
N VAL J 252 38.95 64.25 52.66
CA VAL J 252 37.69 64.25 51.92
C VAL J 252 37.19 65.67 51.66
N ARG J 253 37.27 66.53 52.67
CA ARG J 253 36.76 67.90 52.54
C ARG J 253 37.76 68.85 51.91
N GLY J 254 39.06 68.56 52.00
CA GLY J 254 40.06 69.49 51.55
C GLY J 254 40.37 70.60 52.53
N CYS J 255 39.77 70.57 53.72
CA CYS J 255 40.05 71.53 54.76
C CYS J 255 39.69 70.90 56.10
N SER J 256 40.11 71.57 57.17
CA SER J 256 39.81 71.18 58.56
C SER J 256 40.37 69.76 58.78
N TYR J 257 39.81 69.01 59.72
CA TYR J 257 40.46 67.81 60.21
C TYR J 257 39.44 66.71 60.50
N PHE J 258 39.92 65.48 60.49
CA PHE J 258 39.30 64.37 61.20
C PHE J 258 39.77 64.37 62.65
N TYR J 259 38.84 64.07 63.56
CA TYR J 259 39.15 63.87 64.97
C TYR J 259 38.96 62.41 65.34
N SER J 260 39.80 61.93 66.24
CA SER J 260 39.85 60.53 66.64
C SER J 260 39.01 60.24 67.88
N TYR J 261 38.80 58.94 68.11
CA TYR J 261 38.09 58.50 69.30
C TYR J 261 38.77 58.92 70.61
N PRO J 262 40.09 58.79 70.78
CA PRO J 262 40.71 59.34 71.99
C PRO J 262 40.44 60.83 72.14
N ALA J 263 40.51 61.58 71.03
CA ALA J 263 40.18 63.01 71.05
C ALA J 263 38.79 63.25 71.61
N VAL J 264 37.80 62.49 71.12
CA VAL J 264 36.43 62.67 71.58
C VAL J 264 36.31 62.32 73.06
N CYS J 265 36.93 61.22 73.49
CA CYS J 265 36.80 60.81 74.89
C CYS J 265 37.45 61.85 75.79
N GLU J 266 38.57 62.42 75.36
CA GLU J 266 39.26 63.44 76.13
C GLU J 266 38.40 64.69 76.24
N PHE J 267 37.81 65.11 75.12
CA PHE J 267 36.91 66.27 75.14
C PHE J 267 35.75 66.03 76.10
N LEU J 268 35.14 64.84 76.03
CA LEU J 268 34.00 64.55 76.89
C LEU J 268 34.39 64.63 78.35
N GLN J 269 35.51 64.00 78.71
CA GLN J 269 35.92 64.01 80.12
C GLN J 269 36.27 65.42 80.58
N HIS J 270 37.04 66.15 79.77
CA HIS J 270 37.46 67.49 80.16
C HIS J 270 36.29 68.47 80.27
N ASN J 271 35.26 68.32 79.45
CA ASN J 271 34.14 69.26 79.46
C ASN J 271 32.89 68.71 80.13
N ASN J 272 32.95 67.51 80.71
CA ASN J 272 31.82 66.95 81.44
C ASN J 272 30.59 66.82 80.54
N LEU J 273 30.80 66.35 79.31
CA LEU J 273 29.72 66.18 78.35
C LEU J 273 29.41 64.71 78.14
N LEU J 274 28.17 64.43 77.74
CA LEU J 274 27.73 63.06 77.50
C LEU J 274 27.92 62.58 76.07
N SER J 275 27.72 63.44 75.07
CA SER J 275 27.82 63.03 73.67
C SER J 275 27.84 64.26 72.78
N ILE J 276 28.21 64.05 71.51
CA ILE J 276 28.28 65.10 70.51
C ILE J 276 27.41 64.72 69.32
N LEU J 277 26.82 65.73 68.68
CA LEU J 277 25.84 65.56 67.62
C LEU J 277 26.15 66.52 66.48
N ARG J 278 26.28 66.00 65.27
CA ARG J 278 26.66 66.84 64.14
C ARG J 278 25.99 66.29 62.88
N ALA J 279 26.22 66.96 61.75
CA ALA J 279 25.54 66.54 60.52
C ALA J 279 26.47 66.40 59.31
N HIS J 280 26.04 66.94 58.17
CA HIS J 280 26.89 67.27 57.02
C HIS J 280 27.23 66.11 56.09
N GLU J 281 27.11 64.84 56.51
CA GLU J 281 27.40 63.72 55.63
C GLU J 281 26.23 62.75 55.60
N ALA J 282 25.70 62.48 54.40
CA ALA J 282 24.58 61.56 54.23
C ALA J 282 24.91 60.14 54.71
N GLN J 283 23.89 59.50 55.28
CA GLN J 283 23.93 58.13 55.78
C GLN J 283 22.70 57.38 55.29
N ASP J 284 22.90 56.13 54.89
CA ASP J 284 21.79 55.33 54.35
C ASP J 284 20.63 55.20 55.33
N ALA J 285 20.92 55.12 56.63
CA ALA J 285 19.83 54.97 57.60
C ALA J 285 19.36 56.30 58.18
N GLY J 286 20.01 57.41 57.83
CA GLY J 286 19.73 58.70 58.42
C GLY J 286 20.45 59.00 59.72
N TYR J 287 21.23 58.06 60.23
CA TYR J 287 21.97 58.26 61.47
C TYR J 287 23.12 57.25 61.50
N ARG J 288 24.12 57.53 62.32
CA ARG J 288 25.12 56.52 62.59
C ARG J 288 25.62 56.62 64.03
N MET J 289 25.65 55.47 64.72
CA MET J 289 26.22 55.35 66.04
C MET J 289 27.60 54.71 65.93
N TYR J 290 28.62 55.42 66.39
CA TYR J 290 30.01 54.99 66.28
C TYR J 290 30.42 54.28 67.56
N ARG J 291 31.73 54.02 67.70
CA ARG J 291 32.24 53.26 68.82
C ARG J 291 31.92 53.94 70.14
N LYS J 292 31.41 53.15 71.09
CA LYS J 292 31.00 53.68 72.38
C LYS J 292 32.22 54.07 73.22
N SER J 293 32.00 55.02 74.13
CA SER J 293 33.06 55.46 75.02
C SER J 293 33.37 54.39 76.06
N GLN J 294 34.61 54.39 76.53
CA GLN J 294 35.06 53.43 77.53
C GLN J 294 34.42 53.71 78.89
N THR J 296 30.38 51.85 80.09
CA THR J 296 29.07 52.34 80.46
C THR J 296 28.01 51.89 79.45
N GLY J 297 28.48 51.50 78.26
CA GLY J 297 27.59 51.10 77.19
C GLY J 297 26.94 52.23 76.43
N PHE J 298 27.24 53.47 76.78
CA PHE J 298 26.65 54.61 76.08
C PHE J 298 27.48 54.93 74.85
N PRO J 299 26.87 55.03 73.67
CA PRO J 299 27.59 55.46 72.48
C PRO J 299 28.27 56.80 72.70
N SER J 300 29.55 56.90 72.33
CA SER J 300 30.29 58.13 72.55
C SER J 300 29.87 59.21 71.58
N LEU J 301 29.31 58.84 70.43
CA LEU J 301 28.99 59.78 69.37
C LEU J 301 27.75 59.28 68.65
N ILE J 302 26.89 60.20 68.24
CA ILE J 302 25.72 59.88 67.44
C ILE J 302 25.62 60.95 66.36
N THR J 303 25.55 60.52 65.11
CA THR J 303 25.29 61.42 63.99
C THR J 303 23.83 61.31 63.54
N ILE J 304 23.19 62.47 63.34
CA ILE J 304 21.83 62.61 62.83
C ILE J 304 21.83 63.49 61.59
N PHE J 305 21.08 63.09 60.57
CA PHE J 305 21.10 63.75 59.26
C PHE J 305 19.69 63.86 58.68
N SER J 306 19.25 65.10 58.46
CA SER J 306 17.84 65.42 58.19
C SER J 306 17.61 65.89 56.77
N ALA J 307 18.53 65.58 55.85
CA ALA J 307 18.39 66.01 54.45
C ALA J 307 18.07 64.80 53.57
N PRO J 308 16.79 64.56 53.28
CA PRO J 308 16.42 63.38 52.49
C PRO J 308 16.72 63.54 51.01
N ASN J 309 16.90 62.39 50.35
CA ASN J 309 17.27 62.32 48.94
C ASN J 309 18.33 63.36 48.58
N TYR J 310 19.44 63.33 49.32
CA TYR J 310 20.53 64.29 49.15
C TYR J 310 20.93 64.39 47.68
N LEU J 311 21.03 65.64 47.20
CA LEU J 311 21.40 65.98 45.84
C LEU J 311 20.38 65.47 44.81
N ASP J 312 19.16 65.17 45.25
CA ASP J 312 18.09 64.60 44.44
C ASP J 312 18.42 63.23 43.84
N VAL J 313 19.46 62.55 44.31
CA VAL J 313 19.84 61.29 43.69
C VAL J 313 20.17 60.23 44.74
N TYR J 314 20.54 60.66 45.95
CA TYR J 314 21.01 59.69 46.94
C TYR J 314 19.91 58.71 47.37
N ASN J 315 18.64 59.15 47.36
CA ASN J 315 17.50 58.33 47.77
C ASN J 315 17.57 57.96 49.25
N ASN J 316 18.24 58.77 50.06
CA ASN J 316 18.36 58.48 51.48
C ASN J 316 17.16 59.02 52.24
N LYS J 317 16.88 58.40 53.39
CA LYS J 317 15.99 58.96 54.39
C LYS J 317 16.66 60.09 55.17
N ALA J 318 15.82 60.95 55.75
CA ALA J 318 16.19 61.93 56.75
C ALA J 318 15.70 61.51 58.13
N ALA J 319 16.28 62.12 59.17
CA ALA J 319 15.77 61.90 60.51
C ALA J 319 15.93 63.19 61.33
N VAL J 320 15.14 63.29 62.39
CA VAL J 320 15.35 64.26 63.47
C VAL J 320 15.36 63.53 64.81
N LEU J 321 15.96 64.18 65.82
CA LEU J 321 16.02 63.62 67.17
C LEU J 321 15.15 64.45 68.11
N LYS J 322 14.05 63.88 68.58
CA LYS J 322 13.21 64.54 69.59
C LYS J 322 13.65 64.05 70.98
N TYR J 323 14.26 64.96 71.74
CA TYR J 323 14.70 64.68 73.09
C TYR J 323 13.66 65.25 74.05
N GLU J 324 12.98 64.35 74.78
CA GLU J 324 11.84 64.71 75.60
C GLU J 324 11.61 63.63 76.63
N ASN J 325 11.31 64.05 77.87
CA ASN J 325 11.01 63.13 78.97
C ASN J 325 12.15 62.12 79.14
N ASN J 326 13.38 62.61 79.08
CA ASN J 326 14.59 61.81 79.20
C ASN J 326 14.58 60.63 78.23
N VAL J 327 13.96 60.82 77.07
CA VAL J 327 13.98 59.84 75.98
C VAL J 327 14.49 60.54 74.73
N MET J 328 15.42 59.89 74.02
CA MET J 328 15.91 60.37 72.74
C MET J 328 15.26 59.56 71.62
N ASN J 329 14.21 60.09 71.01
CA ASN J 329 13.40 59.36 70.04
C ASN J 329 13.82 59.85 68.66
N ILE J 330 14.50 58.99 67.91
CA ILE J 330 14.83 59.31 66.52
C ILE J 330 13.59 59.06 65.66
N ARG J 331 13.16 60.09 64.93
CA ARG J 331 12.04 59.98 63.99
C ARG J 331 12.54 60.26 62.58
N GLN J 332 12.51 59.23 61.74
CA GLN J 332 12.92 59.38 60.35
C GLN J 332 11.72 59.76 59.48
N PHE J 333 12.02 60.36 58.34
CA PHE J 333 11.02 60.63 57.31
C PHE J 333 11.69 60.64 55.94
N ASN J 334 10.91 60.31 54.92
CA ASN J 334 11.33 60.32 53.53
C ASN J 334 11.17 61.70 52.91
N CYS J 335 11.77 61.87 51.73
CA CYS J 335 11.65 63.11 50.97
C CYS J 335 10.25 63.26 50.38
N SER J 336 9.92 64.50 50.01
CA SER J 336 8.63 64.82 49.42
C SER J 336 8.81 65.45 48.04
N PRO J 337 7.82 65.30 47.15
CA PRO J 337 7.91 65.94 45.83
C PRO J 337 8.03 67.46 45.93
N HIS J 338 8.68 68.04 44.95
CA HIS J 338 8.79 69.49 44.83
C HIS J 338 8.75 69.89 43.36
N PRO J 339 8.40 71.14 43.08
CA PRO J 339 8.37 71.62 41.69
C PRO J 339 9.77 71.71 41.10
N TYR J 340 9.82 71.64 39.77
CA TYR J 340 11.08 71.56 39.05
C TYR J 340 11.62 72.92 38.64
N TRP J 341 12.94 73.04 38.68
CA TRP J 341 13.73 74.16 38.19
C TRP J 341 14.85 73.59 37.34
N LEU J 342 15.17 74.25 36.23
CA LEU J 342 16.38 73.88 35.51
C LEU J 342 17.62 74.20 36.34
N PRO J 343 18.72 73.47 36.12
CA PRO J 343 19.95 73.74 36.87
C PRO J 343 20.40 75.20 36.82
N ASN J 344 20.79 75.70 37.99
CA ASN J 344 21.33 77.05 38.21
C ASN J 344 20.32 78.13 37.85
N PHE J 345 19.03 77.81 37.94
CA PHE J 345 17.93 78.76 37.75
C PHE J 345 17.96 79.49 36.41
N MET J 346 18.48 78.85 35.35
CA MET J 346 18.50 79.47 34.03
C MET J 346 17.11 79.63 33.44
N ASP J 347 16.89 80.78 32.79
CA ASP J 347 15.64 81.07 32.10
C ASP J 347 15.67 80.40 30.73
N VAL J 348 14.50 80.28 30.11
CA VAL J 348 14.40 79.49 28.89
C VAL J 348 15.10 80.16 27.70
N PHE J 349 15.23 81.49 27.70
CA PHE J 349 15.95 82.11 26.59
C PHE J 349 17.44 81.81 26.64
N THR J 350 18.08 82.08 27.78
CA THR J 350 19.49 81.72 27.97
C THR J 350 19.72 80.24 27.71
N TRP J 351 18.79 79.39 28.15
CA TRP J 351 18.93 77.95 27.98
C TRP J 351 18.85 77.53 26.52
N SER J 352 17.87 78.07 25.78
CA SER J 352 17.55 77.53 24.46
C SER J 352 18.24 78.24 23.31
N LEU J 353 18.61 79.52 23.45
CA LEU J 353 19.15 80.24 22.30
C LEU J 353 20.40 79.60 21.70
N PRO J 354 21.37 79.09 22.48
CA PRO J 354 22.50 78.39 21.84
C PRO J 354 22.07 77.23 20.95
N PHE J 355 21.11 76.43 21.41
CA PHE J 355 20.62 75.31 20.61
C PHE J 355 19.89 75.79 19.37
N VAL J 356 19.09 76.84 19.50
CA VAL J 356 18.39 77.41 18.34
C VAL J 356 19.41 77.85 17.29
N GLY J 357 20.39 78.65 17.71
CA GLY J 357 21.39 79.12 16.77
C GLY J 357 22.20 77.99 16.15
N GLU J 358 22.47 76.94 16.93
CA GLU J 358 23.21 75.80 16.42
C GLU J 358 22.42 75.08 15.35
N LYS J 359 21.15 74.80 15.61
CA LYS J 359 20.40 73.95 14.69
C LYS J 359 19.98 74.74 13.45
N VAL J 360 19.70 76.04 13.62
CA VAL J 360 19.37 76.86 12.46
C VAL J 360 20.60 77.05 11.58
N THR J 361 21.78 77.25 12.18
CA THR J 361 22.99 77.35 11.39
C THR J 361 23.28 76.04 10.66
N GLU J 362 23.12 74.90 11.34
CA GLU J 362 23.34 73.62 10.68
C GLU J 362 22.40 73.44 9.50
N MET J 363 21.12 73.76 9.70
CA MET J 363 20.16 73.66 8.61
C MET J 363 20.57 74.55 7.44
N LEU J 364 20.86 75.83 7.71
CA LEU J 364 21.22 76.74 6.62
C LEU J 364 22.46 76.28 5.87
N VAL J 365 23.51 75.86 6.59
CA VAL J 365 24.72 75.37 5.93
C VAL J 365 24.42 74.17 5.05
N ASN J 366 23.59 73.23 5.53
CA ASN J 366 23.33 72.06 4.68
C ASN J 366 22.44 72.41 3.49
N VAL J 367 21.42 73.25 3.67
CA VAL J 367 20.58 73.63 2.53
C VAL J 367 21.42 74.35 1.48
N LEU J 368 22.36 75.20 1.90
CA LEU J 368 23.15 76.00 0.98
C LEU J 368 24.36 75.26 0.44
N ASN J 369 24.91 74.31 1.21
CA ASN J 369 26.15 73.65 0.83
C ASN J 369 26.12 72.18 1.20
CA CA K . 1.81 79.42 4.67
CA CA L . 1.80 87.47 27.38
CA CA M . 5.92 73.34 -6.68
CA CA N . -2.07 86.85 18.62
CA CA O . -43.27 -23.22 -78.15
CA CA P . -39.01 -52.05 -74.63
CA CA Q . -34.33 -6.34 -73.95
CA CA R . -38.10 -39.35 -80.83
#